data_6YFF
#
_entry.id   6YFF
#
_cell.length_a   296.937
_cell.length_b   306.875
_cell.length_c   322.559
_cell.angle_alpha   90.000
_cell.angle_beta   90.000
_cell.angle_gamma   90.000
#
_symmetry.space_group_name_H-M   'I 2 2 2'
#
_entity_poly.entity_id   1
_entity_poly.type   'polypeptide(L)'
_entity_poly.pdbx_seq_one_letter_code
;PKIANIVINDGTKDITLQPVNIDREGVAHFREKDVSILEAIRLTVQLRQPSVNGNVYRCKAKLVVPVVEVVGNVRTTVRT
LTETTEVLFTQDSLGTERQRVANLTKSLAGHATLMSVVQDASPIYG
;
_entity_poly.pdbx_strand_id   AA,AB,AC,AD,AE,AF,AG,AH,AI,AJ,AK,AL,AM,AN,AO,AP,AQ,AR,AS,AT,AU,AV,AW,AX,AY,AZ,BA,BB,BC,BD,BE,BF,BG,BH,BI,BJ,BK,BL,BM,BN,BO,BP,BQ,BR,BS
#
# COMPACT_ATOMS: atom_id res chain seq x y z
N PRO A 1 2.63 -55.08 -45.87
CA PRO A 1 2.97 -56.25 -46.69
C PRO A 1 2.15 -57.48 -46.30
N LYS A 2 2.13 -58.50 -47.15
CA LYS A 2 1.32 -59.68 -46.87
C LYS A 2 1.85 -60.43 -45.65
N ILE A 3 0.96 -61.19 -45.02
CA ILE A 3 1.31 -61.93 -43.81
C ILE A 3 1.83 -63.31 -44.21
N ALA A 4 2.99 -63.68 -43.66
CA ALA A 4 3.70 -64.87 -44.10
C ALA A 4 4.79 -65.19 -43.07
N ASN A 5 5.46 -66.32 -43.27
CA ASN A 5 6.55 -66.69 -42.37
C ASN A 5 7.64 -65.64 -42.41
N ILE A 6 8.16 -65.29 -41.22
CA ILE A 6 9.31 -64.43 -41.10
C ILE A 6 10.47 -65.31 -40.69
N VAL A 7 11.47 -65.42 -41.56
CA VAL A 7 12.63 -66.26 -41.27
C VAL A 7 13.81 -65.37 -40.92
N ILE A 8 14.25 -65.45 -39.66
CA ILE A 8 15.38 -64.67 -39.18
C ILE A 8 16.48 -65.65 -38.77
N ASN A 9 17.67 -65.12 -38.50
CA ASN A 9 18.84 -65.92 -38.18
C ASN A 9 19.44 -65.47 -36.85
N ASP A 10 19.92 -66.43 -36.05
CA ASP A 10 20.54 -66.14 -34.76
C ASP A 10 22.07 -66.27 -34.79
N GLY A 11 22.66 -66.14 -35.97
CA GLY A 11 24.09 -66.28 -36.17
C GLY A 11 24.56 -67.69 -36.41
N THR A 12 23.75 -68.67 -36.04
CA THR A 12 24.07 -70.09 -36.19
C THR A 12 23.02 -70.81 -37.03
N LYS A 13 21.74 -70.60 -36.72
CA LYS A 13 20.62 -71.33 -37.27
C LYS A 13 19.54 -70.32 -37.65
N ASP A 14 18.73 -70.66 -38.65
CA ASP A 14 17.60 -69.81 -39.05
C ASP A 14 16.34 -70.28 -38.35
N ILE A 15 15.75 -69.38 -37.58
CA ILE A 15 14.49 -69.62 -36.90
C ILE A 15 13.36 -69.09 -37.76
N THR A 16 12.36 -69.94 -37.98
CA THR A 16 11.18 -69.61 -38.77
C THR A 16 10.02 -69.27 -37.84
N LEU A 17 9.57 -68.02 -37.88
CA LEU A 17 8.44 -67.54 -37.09
C LEU A 17 7.21 -67.57 -37.97
N GLN A 18 6.24 -68.40 -37.60
CA GLN A 18 4.99 -68.58 -38.35
C GLN A 18 3.94 -67.59 -37.89
N PRO A 19 3.15 -67.08 -38.83
CA PRO A 19 2.05 -66.18 -38.48
C PRO A 19 0.99 -66.92 -37.69
N VAL A 20 0.64 -66.36 -36.54
CA VAL A 20 -0.18 -67.05 -35.57
C VAL A 20 -1.44 -66.26 -35.23
N ASN A 21 -1.34 -64.94 -35.11
CA ASN A 21 -2.54 -64.20 -34.75
C ASN A 21 -2.45 -62.80 -35.33
N ILE A 22 -3.60 -62.21 -35.65
CA ILE A 22 -3.65 -60.76 -35.88
C ILE A 22 -4.56 -60.19 -34.81
N ASP A 23 -3.97 -59.39 -33.93
CA ASP A 23 -4.63 -58.85 -32.77
C ASP A 23 -5.82 -57.99 -33.17
N ARG A 24 -6.66 -57.69 -32.18
CA ARG A 24 -7.68 -56.67 -32.37
C ARG A 24 -7.10 -55.27 -32.38
N GLU A 25 -5.90 -55.10 -31.85
CA GLU A 25 -5.17 -53.84 -31.95
C GLU A 25 -4.36 -53.73 -33.23
N GLY A 26 -4.43 -54.74 -34.11
CA GLY A 26 -3.67 -54.75 -35.34
C GLY A 26 -2.33 -55.43 -35.24
N VAL A 27 -2.03 -56.07 -34.11
CA VAL A 27 -0.73 -56.69 -33.86
C VAL A 27 -0.64 -58.03 -34.56
N ALA A 28 0.40 -58.21 -35.38
CA ALA A 28 0.68 -59.51 -35.99
C ALA A 28 1.59 -60.28 -35.03
N HIS A 29 1.02 -61.32 -34.41
CA HIS A 29 1.75 -62.25 -33.57
C HIS A 29 2.28 -63.42 -34.42
N PHE A 30 3.56 -63.71 -34.24
CA PHE A 30 4.24 -64.86 -34.84
C PHE A 30 4.82 -65.70 -33.71
N ARG A 31 4.95 -67.00 -33.98
CA ARG A 31 5.45 -67.96 -33.01
C ARG A 31 6.47 -68.86 -33.68
N GLU A 32 7.46 -69.30 -32.91
CA GLU A 32 8.52 -70.12 -33.48
C GLU A 32 7.96 -71.46 -33.94
N LYS A 33 8.41 -71.88 -35.11
CA LYS A 33 7.94 -73.12 -35.72
C LYS A 33 8.65 -74.33 -35.11
N ASP A 34 7.89 -75.42 -34.93
CA ASP A 34 8.45 -76.70 -34.49
C ASP A 34 9.02 -76.63 -33.07
N VAL A 35 8.36 -75.87 -32.19
CA VAL A 35 8.82 -75.69 -30.82
C VAL A 35 7.58 -75.55 -29.93
N SER A 36 7.67 -76.12 -28.73
CA SER A 36 6.56 -76.03 -27.78
C SER A 36 6.16 -74.59 -27.58
N ILE A 37 4.86 -74.38 -27.36
CA ILE A 37 4.31 -73.04 -27.18
C ILE A 37 5.07 -72.28 -26.09
N LEU A 38 5.41 -72.97 -25.00
CA LEU A 38 6.08 -72.28 -23.89
C LEU A 38 7.46 -71.79 -24.28
N GLU A 39 8.23 -72.61 -24.99
CA GLU A 39 9.62 -72.30 -25.30
C GLU A 39 9.81 -71.65 -26.65
N ALA A 40 8.74 -71.36 -27.38
CA ALA A 40 8.89 -70.79 -28.70
C ALA A 40 9.21 -69.31 -28.60
N ILE A 41 10.06 -68.86 -29.52
CA ILE A 41 10.37 -67.45 -29.69
C ILE A 41 9.18 -66.80 -30.37
N ARG A 42 8.73 -65.66 -29.84
CA ARG A 42 7.57 -65.01 -30.45
C ARG A 42 7.85 -63.56 -30.82
N LEU A 43 7.18 -63.10 -31.88
CA LEU A 43 7.41 -61.79 -32.46
C LEU A 43 6.09 -61.07 -32.72
N THR A 44 5.96 -59.82 -32.26
CA THR A 44 4.75 -59.03 -32.49
C THR A 44 5.10 -57.76 -33.25
N VAL A 45 4.29 -57.45 -34.28
CA VAL A 45 4.57 -56.35 -35.20
C VAL A 45 3.27 -55.59 -35.47
N GLN A 46 3.22 -54.31 -35.09
CA GLN A 46 2.02 -53.50 -35.29
C GLN A 46 2.38 -52.11 -35.79
N LEU A 47 1.46 -51.52 -36.57
CA LEU A 47 1.62 -50.16 -37.11
C LEU A 47 0.42 -49.32 -36.68
N ARG A 48 0.58 -48.65 -35.54
CA ARG A 48 -0.41 -47.76 -34.98
C ARG A 48 -0.49 -46.51 -35.84
N GLN A 49 -1.60 -46.36 -36.54
CA GLN A 49 -1.86 -45.19 -37.36
C GLN A 49 -2.23 -44.00 -36.49
N PRO A 50 -2.08 -42.79 -36.99
CA PRO A 50 -2.28 -41.60 -36.15
C PRO A 50 -3.75 -41.37 -35.83
N SER A 51 -3.98 -40.62 -34.75
CA SER A 51 -5.30 -40.20 -34.31
C SER A 51 -5.90 -39.21 -35.31
N VAL A 52 -7.18 -38.89 -35.11
CA VAL A 52 -7.81 -37.87 -35.95
C VAL A 52 -7.15 -36.52 -35.73
N ASN A 53 -6.74 -36.23 -34.49
CA ASN A 53 -6.07 -34.96 -34.19
C ASN A 53 -4.61 -34.99 -34.59
N GLY A 54 -3.92 -36.12 -34.37
CA GLY A 54 -2.49 -36.21 -34.61
C GLY A 54 -2.13 -36.64 -36.03
N ASN A 55 -0.83 -36.72 -36.27
CA ASN A 55 -0.30 -37.21 -37.55
C ASN A 55 0.93 -38.08 -37.37
N VAL A 56 0.97 -38.88 -36.29
CA VAL A 56 2.17 -39.62 -35.93
C VAL A 56 1.90 -41.12 -35.97
N TYR A 57 2.62 -41.82 -36.84
CA TYR A 57 2.62 -43.27 -36.92
C TYR A 57 3.67 -43.83 -35.97
N ARG A 58 3.31 -44.93 -35.29
CA ARG A 58 4.21 -45.73 -34.45
C ARG A 58 4.26 -47.15 -35.00
N CYS A 59 5.45 -47.61 -35.33
CA CYS A 59 5.66 -48.98 -35.78
C CYS A 59 6.45 -49.71 -34.71
N LYS A 60 5.79 -50.64 -34.01
CA LYS A 60 6.37 -51.35 -32.88
C LYS A 60 6.58 -52.82 -33.21
N ALA A 61 7.76 -53.34 -32.86
CA ALA A 61 8.12 -54.74 -33.09
C ALA A 61 8.82 -55.26 -31.85
N LYS A 62 8.21 -56.24 -31.18
CA LYS A 62 8.74 -56.86 -29.98
C LYS A 62 9.10 -58.31 -30.26
N LEU A 63 10.38 -58.66 -30.09
CA LEU A 63 10.86 -60.02 -30.14
C LEU A 63 11.08 -60.50 -28.71
N VAL A 64 10.61 -61.71 -28.41
CA VAL A 64 10.80 -62.31 -27.10
C VAL A 64 11.44 -63.67 -27.29
N VAL A 65 12.59 -63.87 -26.66
CA VAL A 65 13.33 -65.13 -26.67
C VAL A 65 13.28 -65.68 -25.24
N PRO A 66 12.62 -66.80 -25.01
CA PRO A 66 12.67 -67.45 -23.70
C PRO A 66 13.83 -68.43 -23.58
N VAL A 67 14.24 -68.65 -22.34
CA VAL A 67 15.27 -69.63 -21.99
C VAL A 67 14.58 -70.67 -21.12
N VAL A 68 14.30 -71.84 -21.71
CA VAL A 68 13.57 -72.89 -21.01
C VAL A 68 14.55 -73.99 -20.65
N GLU A 69 14.60 -74.31 -19.35
CA GLU A 69 15.37 -75.43 -18.84
C GLU A 69 14.47 -76.31 -18.00
N VAL A 70 14.81 -77.59 -17.92
CA VAL A 70 13.99 -78.55 -17.20
C VAL A 70 14.29 -78.46 -15.71
N VAL A 71 13.25 -78.23 -14.90
CA VAL A 71 13.34 -78.21 -13.45
C VAL A 71 12.62 -79.47 -12.95
N GLY A 72 13.38 -80.42 -12.42
CA GLY A 72 12.80 -81.73 -12.14
C GLY A 72 12.37 -82.39 -13.43
N ASN A 73 11.08 -82.69 -13.54
CA ASN A 73 10.49 -83.20 -14.77
C ASN A 73 9.64 -82.15 -15.49
N VAL A 74 9.63 -80.92 -14.99
CA VAL A 74 8.77 -79.86 -15.52
C VAL A 74 9.62 -78.87 -16.30
N ARG A 75 9.33 -78.70 -17.59
CA ARG A 75 10.03 -77.69 -18.37
C ARG A 75 9.56 -76.31 -17.93
N THR A 76 10.50 -75.43 -17.60
CA THR A 76 10.14 -74.09 -17.14
C THR A 76 11.07 -73.06 -17.76
N THR A 77 10.50 -71.88 -18.04
CA THR A 77 11.27 -70.76 -18.56
C THR A 77 12.02 -70.10 -17.41
N VAL A 78 13.35 -70.23 -17.42
CA VAL A 78 14.17 -69.63 -16.37
C VAL A 78 14.16 -68.12 -16.46
N ARG A 79 14.34 -67.59 -17.67
CA ARG A 79 14.44 -66.16 -17.90
C ARG A 79 14.08 -65.89 -19.35
N THR A 80 13.91 -64.62 -19.68
CA THR A 80 13.61 -64.21 -21.04
C THR A 80 14.46 -63.01 -21.41
N LEU A 81 14.77 -62.91 -22.70
CA LEU A 81 15.41 -61.72 -23.28
C LEU A 81 14.43 -61.08 -24.24
N THR A 82 14.37 -59.74 -24.24
CA THR A 82 13.37 -59.03 -25.02
C THR A 82 14.02 -57.92 -25.83
N GLU A 83 13.54 -57.72 -27.06
CA GLU A 83 14.01 -56.63 -27.89
C GLU A 83 12.80 -55.90 -28.47
N THR A 84 12.81 -54.57 -28.42
CA THR A 84 11.69 -53.76 -28.87
C THR A 84 12.19 -52.63 -29.76
N THR A 85 11.80 -52.66 -31.03
CA THR A 85 12.09 -51.60 -31.99
C THR A 85 10.83 -50.76 -32.18
N GLU A 86 10.98 -49.43 -32.15
CA GLU A 86 9.84 -48.53 -32.30
C GLU A 86 10.24 -47.38 -33.21
N VAL A 87 9.61 -47.30 -34.39
CA VAL A 87 9.89 -46.28 -35.39
C VAL A 87 8.72 -45.31 -35.45
N LEU A 88 9.01 -44.02 -35.34
CA LEU A 88 8.00 -42.96 -35.37
C LEU A 88 8.20 -42.10 -36.60
N PHE A 89 7.12 -41.89 -37.36
CA PHE A 89 7.21 -40.97 -38.49
C PHE A 89 5.87 -40.29 -38.70
N THR A 90 5.91 -39.11 -39.31
CA THR A 90 4.76 -38.25 -39.52
C THR A 90 4.12 -38.52 -40.88
N GLN A 91 2.86 -38.07 -41.01
CA GLN A 91 2.10 -38.35 -42.23
C GLN A 91 2.63 -37.56 -43.43
N ASP A 92 3.28 -36.43 -43.18
CA ASP A 92 3.85 -35.67 -44.29
C ASP A 92 5.21 -36.22 -44.70
N SER A 93 5.67 -37.30 -44.08
CA SER A 93 6.98 -37.85 -44.38
C SER A 93 7.01 -38.47 -45.77
N LEU A 94 8.17 -38.36 -46.42
CA LEU A 94 8.37 -38.90 -47.76
C LEU A 94 8.76 -40.37 -47.68
N GLY A 95 8.39 -41.12 -48.72
CA GLY A 95 8.81 -42.51 -48.78
C GLY A 95 10.32 -42.65 -48.77
N THR A 96 11.01 -41.77 -49.49
CA THR A 96 12.47 -41.83 -49.52
C THR A 96 13.04 -41.60 -48.13
N GLU A 97 12.44 -40.70 -47.35
CA GLU A 97 12.90 -40.45 -45.99
C GLU A 97 12.67 -41.68 -45.12
N ARG A 98 11.47 -42.24 -45.16
CA ARG A 98 11.20 -43.45 -44.38
C ARG A 98 12.16 -44.57 -44.74
N GLN A 99 12.49 -44.70 -46.03
CA GLN A 99 13.39 -45.75 -46.48
C GLN A 99 14.80 -45.52 -45.97
N ARG A 100 15.26 -44.27 -46.05
CA ARG A 100 16.54 -43.90 -45.46
C ARG A 100 16.59 -44.30 -43.98
N VAL A 101 15.51 -44.06 -43.24
CA VAL A 101 15.51 -44.39 -41.83
C VAL A 101 15.54 -45.90 -41.62
N ALA A 102 14.80 -46.64 -42.45
CA ALA A 102 14.80 -48.10 -42.31
C ALA A 102 16.20 -48.67 -42.55
N ASN A 103 16.89 -48.18 -43.59
CA ASN A 103 18.24 -48.64 -43.87
C ASN A 103 19.20 -48.28 -42.74
N LEU A 104 19.06 -47.07 -42.18
CA LEU A 104 19.88 -46.70 -41.04
C LEU A 104 19.64 -47.63 -39.87
N THR A 105 18.38 -48.00 -39.61
CA THR A 105 18.06 -48.93 -38.54
C THR A 105 18.75 -50.27 -38.78
N LYS A 106 18.71 -50.76 -40.01
CA LYS A 106 19.40 -52.01 -40.35
C LYS A 106 20.90 -51.90 -40.08
N SER A 107 21.53 -50.87 -40.65
CA SER A 107 22.97 -50.68 -40.47
C SER A 107 23.33 -50.58 -38.99
N LEU A 108 22.48 -49.90 -38.22
CA LEU A 108 22.72 -49.71 -36.80
C LEU A 108 22.68 -51.04 -36.06
N ALA A 109 21.60 -51.81 -36.26
CA ALA A 109 21.48 -53.09 -35.58
C ALA A 109 22.54 -54.09 -36.03
N GLY A 110 23.15 -53.89 -37.19
CA GLY A 110 24.25 -54.75 -37.55
C GLY A 110 25.62 -54.27 -37.12
N HIS A 111 25.72 -53.10 -36.50
CA HIS A 111 27.01 -52.48 -36.24
C HIS A 111 27.73 -53.15 -35.08
N ALA A 112 29.04 -53.34 -35.27
CA ALA A 112 29.84 -54.14 -34.35
C ALA A 112 29.77 -53.62 -32.92
N THR A 113 29.85 -52.29 -32.73
CA THR A 113 29.95 -51.77 -31.37
C THR A 113 28.64 -51.91 -30.62
N LEU A 114 27.50 -51.78 -31.30
CA LEU A 114 26.22 -51.96 -30.62
C LEU A 114 25.98 -53.44 -30.30
N MET A 115 26.28 -54.31 -31.27
CA MET A 115 26.20 -55.74 -30.99
C MET A 115 27.09 -56.10 -29.80
N SER A 116 28.26 -55.48 -29.71
CA SER A 116 29.15 -55.72 -28.58
C SER A 116 28.56 -55.20 -27.28
N VAL A 117 27.87 -54.05 -27.32
CA VAL A 117 27.20 -53.57 -26.10
C VAL A 117 26.26 -54.64 -25.56
N VAL A 118 25.51 -55.28 -26.44
CA VAL A 118 24.54 -56.24 -25.92
C VAL A 118 25.21 -57.57 -25.56
N GLN A 119 26.15 -58.04 -26.39
CA GLN A 119 26.82 -59.32 -26.14
C GLN A 119 27.64 -59.27 -24.87
N ASP A 120 28.60 -58.33 -24.80
CA ASP A 120 29.50 -58.19 -23.66
C ASP A 120 28.85 -57.52 -22.46
N ALA A 121 27.64 -56.98 -22.62
CA ALA A 121 26.93 -56.28 -21.54
C ALA A 121 27.73 -55.13 -20.94
N SER A 122 28.61 -54.51 -21.75
CA SER A 122 29.35 -53.34 -21.32
C SER A 122 28.96 -52.15 -22.18
N PRO A 123 28.62 -51.01 -21.59
CA PRO A 123 28.21 -49.85 -22.37
C PRO A 123 29.42 -49.15 -22.96
N ILE A 124 29.14 -48.08 -23.70
CA ILE A 124 30.17 -47.27 -24.34
C ILE A 124 30.69 -46.29 -23.30
N TYR A 125 31.99 -46.38 -22.98
CA TYR A 125 32.65 -45.49 -22.04
C TYR A 125 34.14 -45.45 -22.39
N GLY A 126 34.73 -44.26 -22.28
CA GLY A 126 36.16 -44.07 -22.51
C GLY A 126 36.69 -44.51 -23.86
N PRO B 1 31.84 -50.70 -24.94
CA PRO B 1 33.21 -50.56 -25.44
C PRO B 1 33.73 -49.13 -25.40
N LYS B 2 34.78 -48.89 -26.17
CA LYS B 2 35.42 -47.59 -26.19
C LYS B 2 34.72 -46.66 -27.18
N ILE B 3 34.51 -45.42 -26.75
CA ILE B 3 33.77 -44.47 -27.55
C ILE B 3 34.55 -44.14 -28.82
N ALA B 4 33.86 -44.16 -29.96
CA ALA B 4 34.52 -43.94 -31.24
C ALA B 4 33.47 -43.62 -32.28
N ASN B 5 33.93 -43.27 -33.48
CA ASN B 5 33.03 -42.96 -34.59
C ASN B 5 32.17 -44.17 -34.92
N ILE B 6 30.91 -43.91 -35.27
CA ILE B 6 29.99 -44.94 -35.70
C ILE B 6 29.56 -44.61 -37.12
N VAL B 7 29.92 -45.47 -38.06
CA VAL B 7 29.58 -45.26 -39.47
C VAL B 7 28.46 -46.23 -39.82
N ILE B 8 27.35 -45.69 -40.31
CA ILE B 8 26.21 -46.50 -40.72
C ILE B 8 25.74 -46.05 -42.10
N ASN B 9 25.13 -46.98 -42.83
CA ASN B 9 24.70 -46.73 -44.20
C ASN B 9 23.20 -46.48 -44.24
N ASP B 10 22.78 -45.53 -45.09
CA ASP B 10 21.38 -45.20 -45.27
C ASP B 10 20.80 -45.74 -46.57
N GLY B 11 21.48 -46.70 -47.20
CA GLY B 11 21.05 -47.25 -48.46
C GLY B 11 21.63 -46.56 -49.68
N THR B 12 22.18 -45.35 -49.50
CA THR B 12 22.75 -44.63 -50.64
C THR B 12 24.18 -44.22 -50.36
N LYS B 13 24.52 -43.94 -49.09
CA LYS B 13 25.84 -43.46 -48.73
C LYS B 13 26.13 -43.78 -47.27
N ASP B 14 27.41 -43.67 -46.91
CA ASP B 14 27.86 -43.89 -45.55
C ASP B 14 27.82 -42.59 -44.77
N ILE B 15 27.28 -42.66 -43.56
CA ILE B 15 27.08 -41.51 -42.70
C ILE B 15 27.90 -41.72 -41.43
N THR B 16 28.76 -40.76 -41.12
CA THR B 16 29.66 -40.84 -39.98
C THR B 16 29.07 -40.05 -38.81
N LEU B 17 28.89 -40.73 -37.68
CA LEU B 17 28.41 -40.10 -36.46
C LEU B 17 29.58 -40.02 -35.49
N GLN B 18 30.02 -38.80 -35.21
CA GLN B 18 31.13 -38.52 -34.30
C GLN B 18 30.63 -38.42 -32.87
N PRO B 19 31.39 -38.95 -31.93
CA PRO B 19 30.99 -38.88 -30.53
C PRO B 19 31.07 -37.45 -30.02
N VAL B 20 30.16 -37.12 -29.12
CA VAL B 20 30.07 -35.79 -28.53
C VAL B 20 30.47 -35.82 -27.07
N ASN B 21 29.78 -36.64 -26.27
CA ASN B 21 30.07 -36.76 -24.84
C ASN B 21 29.29 -37.96 -24.30
N ILE B 22 29.35 -38.15 -22.98
CA ILE B 22 28.56 -39.13 -22.26
C ILE B 22 28.06 -38.48 -20.97
N ASP B 23 26.73 -38.35 -20.85
CA ASP B 23 26.13 -37.53 -19.80
C ASP B 23 26.11 -38.29 -18.47
N ARG B 24 25.51 -37.67 -17.46
CA ARG B 24 25.53 -38.26 -16.13
C ARG B 24 24.80 -39.59 -16.10
N GLU B 25 23.74 -39.74 -16.91
CA GLU B 25 22.95 -40.96 -16.92
C GLU B 25 23.72 -42.12 -17.55
N GLY B 26 24.74 -41.84 -18.36
CA GLY B 26 25.48 -42.87 -19.07
C GLY B 26 25.20 -42.91 -20.56
N VAL B 27 24.35 -42.01 -21.05
CA VAL B 27 24.03 -41.98 -22.48
C VAL B 27 25.19 -41.39 -23.24
N ALA B 28 25.66 -42.14 -24.26
CA ALA B 28 26.69 -41.65 -25.17
C ALA B 28 26.00 -40.99 -26.35
N HIS B 29 26.35 -39.73 -26.62
CA HIS B 29 25.72 -38.95 -27.67
C HIS B 29 26.63 -38.85 -28.90
N PHE B 30 26.05 -39.00 -30.09
CA PHE B 30 26.74 -38.91 -31.36
C PHE B 30 25.97 -37.97 -32.28
N ARG B 31 26.73 -37.26 -33.12
CA ARG B 31 26.21 -36.22 -34.01
C ARG B 31 26.83 -36.39 -35.39
N GLU B 32 26.03 -36.20 -36.43
CA GLU B 32 26.49 -36.40 -37.79
C GLU B 32 27.63 -35.42 -38.12
N LYS B 33 28.64 -35.95 -38.81
CA LYS B 33 29.82 -35.17 -39.14
C LYS B 33 29.55 -34.26 -40.33
N ASP B 34 30.10 -33.04 -40.26
CA ASP B 34 30.14 -32.12 -41.40
C ASP B 34 28.74 -31.64 -41.82
N VAL B 35 27.80 -31.60 -40.89
CA VAL B 35 26.45 -31.14 -41.15
C VAL B 35 26.06 -30.18 -40.03
N SER B 36 25.18 -29.23 -40.37
CA SER B 36 24.71 -28.26 -39.39
C SER B 36 24.10 -28.95 -38.17
N ILE B 37 24.26 -28.30 -37.02
CA ILE B 37 23.64 -28.77 -35.78
C ILE B 37 22.18 -29.11 -35.99
N LEU B 38 21.44 -28.22 -36.67
CA LEU B 38 20.00 -28.36 -36.75
C LEU B 38 19.60 -29.59 -37.56
N GLU B 39 20.32 -29.87 -38.65
CA GLU B 39 19.94 -30.91 -39.59
C GLU B 39 20.74 -32.19 -39.42
N ALA B 40 21.60 -32.27 -38.42
CA ALA B 40 22.47 -33.42 -38.27
C ALA B 40 21.72 -34.59 -37.63
N ILE B 41 22.00 -35.79 -38.15
CA ILE B 41 21.46 -37.01 -37.58
C ILE B 41 22.11 -37.25 -36.23
N ARG B 42 21.31 -37.71 -35.26
CA ARG B 42 21.83 -37.91 -33.90
C ARG B 42 21.55 -39.33 -33.41
N LEU B 43 22.47 -39.84 -32.60
CA LEU B 43 22.37 -41.20 -32.06
C LEU B 43 22.72 -41.19 -30.58
N THR B 44 21.90 -41.85 -29.77
CA THR B 44 22.19 -41.98 -28.34
C THR B 44 22.19 -43.46 -27.95
N VAL B 45 23.18 -43.86 -27.16
CA VAL B 45 23.36 -45.26 -26.76
C VAL B 45 23.65 -45.33 -25.27
N GLN B 46 22.86 -46.12 -24.54
CA GLN B 46 23.11 -46.33 -23.11
C GLN B 46 22.81 -47.77 -22.72
N LEU B 47 23.45 -48.21 -21.64
CA LEU B 47 23.23 -49.54 -21.06
C LEU B 47 22.96 -49.36 -19.57
N ARG B 48 21.69 -49.18 -19.23
CA ARG B 48 21.26 -48.94 -17.86
C ARG B 48 21.41 -50.21 -17.03
N GLN B 49 22.21 -50.11 -15.97
CA GLN B 49 22.41 -51.18 -15.02
C GLN B 49 21.12 -51.46 -14.25
N PRO B 50 20.99 -52.66 -13.69
CA PRO B 50 19.86 -52.92 -12.80
C PRO B 50 20.04 -52.21 -11.48
N SER B 51 18.91 -51.92 -10.83
CA SER B 51 18.92 -51.32 -9.50
C SER B 51 19.46 -52.33 -8.49
N VAL B 52 19.55 -51.88 -7.23
CA VAL B 52 19.91 -52.82 -6.17
C VAL B 52 18.80 -53.85 -6.00
N ASN B 53 17.54 -53.44 -6.21
CA ASN B 53 16.42 -54.36 -6.08
C ASN B 53 16.28 -55.26 -7.31
N GLY B 54 16.25 -54.66 -8.50
CA GLY B 54 16.02 -55.41 -9.71
C GLY B 54 17.24 -56.17 -10.22
N ASN B 55 17.05 -56.83 -11.35
CA ASN B 55 18.15 -57.52 -12.04
C ASN B 55 18.02 -57.40 -13.55
N VAL B 56 17.48 -56.28 -14.03
CA VAL B 56 17.14 -56.11 -15.45
C VAL B 56 18.04 -55.04 -16.05
N TYR B 57 18.81 -55.43 -17.07
CA TYR B 57 19.62 -54.53 -17.87
C TYR B 57 18.78 -54.00 -19.03
N ARG B 58 18.89 -52.70 -19.29
CA ARG B 58 18.19 -52.03 -20.39
C ARG B 58 19.20 -51.38 -21.32
N CYS B 59 19.30 -51.87 -22.55
CA CYS B 59 20.17 -51.28 -23.55
C CYS B 59 19.33 -50.49 -24.55
N LYS B 60 19.42 -49.16 -24.50
CA LYS B 60 18.60 -48.27 -25.29
C LYS B 60 19.43 -47.54 -26.34
N ALA B 61 18.90 -47.46 -27.56
CA ALA B 61 19.59 -46.82 -28.68
C ALA B 61 18.58 -46.06 -29.52
N LYS B 62 18.70 -44.73 -29.56
CA LYS B 62 17.76 -43.86 -30.26
C LYS B 62 18.45 -43.15 -31.41
N LEU B 63 17.87 -43.27 -32.60
CA LEU B 63 18.33 -42.58 -33.79
C LEU B 63 17.30 -41.53 -34.18
N VAL B 64 17.78 -40.34 -34.54
CA VAL B 64 16.90 -39.22 -34.86
C VAL B 64 17.37 -38.60 -36.15
N VAL B 65 16.47 -38.55 -37.14
CA VAL B 65 16.75 -37.97 -38.46
C VAL B 65 15.81 -36.79 -38.68
N PRO B 66 16.34 -35.57 -38.65
CA PRO B 66 15.51 -34.39 -38.90
C PRO B 66 15.41 -34.07 -40.39
N VAL B 67 14.32 -33.37 -40.72
CA VAL B 67 14.11 -32.77 -42.03
C VAL B 67 13.90 -31.29 -41.80
N VAL B 68 14.77 -30.48 -42.41
CA VAL B 68 14.89 -29.05 -42.16
C VAL B 68 14.58 -28.28 -43.44
N GLU B 69 13.86 -27.17 -43.29
CA GLU B 69 13.58 -26.23 -44.37
C GLU B 69 14.36 -24.94 -44.12
N VAL B 70 15.11 -24.51 -45.12
CA VAL B 70 15.92 -23.30 -45.04
C VAL B 70 15.43 -22.31 -46.10
N VAL B 71 15.00 -21.15 -45.66
CA VAL B 71 14.61 -20.04 -46.53
C VAL B 71 15.38 -18.82 -46.05
N GLY B 72 16.33 -18.37 -46.86
CA GLY B 72 17.17 -17.27 -46.42
C GLY B 72 17.94 -17.66 -45.19
N ASN B 73 17.82 -16.86 -44.14
CA ASN B 73 18.44 -17.16 -42.86
C ASN B 73 17.50 -17.86 -41.89
N VAL B 74 16.27 -18.12 -42.30
CA VAL B 74 15.33 -18.87 -41.48
C VAL B 74 15.59 -20.36 -41.69
N ARG B 75 15.96 -21.05 -40.61
CA ARG B 75 16.20 -22.48 -40.63
C ARG B 75 15.27 -23.10 -39.61
N THR B 76 14.42 -24.01 -40.06
CA THR B 76 13.40 -24.59 -39.17
C THR B 76 13.31 -26.09 -39.41
N THR B 77 13.11 -26.85 -38.32
CA THR B 77 12.92 -28.29 -38.45
C THR B 77 11.48 -28.60 -38.83
N VAL B 78 11.26 -29.09 -40.04
CA VAL B 78 9.90 -29.36 -40.47
C VAL B 78 9.37 -30.64 -39.87
N ARG B 79 10.18 -31.70 -39.85
CA ARG B 79 9.69 -32.95 -39.26
C ARG B 79 10.87 -33.78 -38.82
N THR B 80 10.58 -34.82 -38.02
CA THR B 80 11.63 -35.77 -37.65
C THR B 80 11.12 -37.19 -37.81
N LEU B 81 12.04 -38.09 -38.10
CA LEU B 81 11.79 -39.52 -38.06
C LEU B 81 12.73 -40.11 -37.01
N THR B 82 12.17 -40.87 -36.06
CA THR B 82 13.00 -41.44 -35.01
C THR B 82 12.80 -42.93 -34.93
N GLU B 83 13.81 -43.62 -34.43
CA GLU B 83 13.75 -45.06 -34.22
C GLU B 83 14.47 -45.36 -32.91
N THR B 84 13.84 -46.10 -32.03
CA THR B 84 14.45 -46.42 -30.75
C THR B 84 14.38 -47.92 -30.50
N THR B 85 15.51 -48.50 -30.08
CA THR B 85 15.68 -49.93 -29.88
C THR B 85 16.05 -50.19 -28.44
N GLU B 86 15.26 -51.01 -27.74
CA GLU B 86 15.54 -51.40 -26.36
C GLU B 86 15.72 -52.91 -26.27
N VAL B 87 16.85 -53.34 -25.71
CA VAL B 87 17.12 -54.75 -25.44
C VAL B 87 17.18 -54.94 -23.93
N LEU B 88 16.37 -55.85 -23.42
CA LEU B 88 16.31 -56.15 -21.99
C LEU B 88 16.86 -57.55 -21.75
N PHE B 89 17.81 -57.66 -20.82
CA PHE B 89 18.26 -58.99 -20.41
C PHE B 89 18.56 -59.02 -18.91
N THR B 90 18.46 -60.21 -18.34
CA THR B 90 18.57 -60.42 -16.90
C THR B 90 20.03 -60.55 -16.47
N GLN B 91 20.24 -60.40 -15.16
CA GLN B 91 21.59 -60.42 -14.60
C GLN B 91 22.26 -61.77 -14.75
N ASP B 92 21.47 -62.85 -14.76
CA ASP B 92 22.01 -64.21 -14.87
C ASP B 92 22.02 -64.72 -16.30
N SER B 93 21.83 -63.85 -17.30
CA SER B 93 21.80 -64.29 -18.67
C SER B 93 23.19 -64.69 -19.15
N LEU B 94 23.22 -65.59 -20.12
CA LEU B 94 24.48 -66.07 -20.68
C LEU B 94 24.89 -65.23 -21.88
N GLY B 95 26.20 -64.99 -22.00
CA GLY B 95 26.71 -64.29 -23.16
C GLY B 95 26.26 -64.93 -24.46
N THR B 96 26.19 -66.26 -24.47
CA THR B 96 25.63 -66.99 -25.62
C THR B 96 24.21 -66.54 -25.93
N GLU B 97 23.38 -66.46 -24.89
CA GLU B 97 22.00 -66.07 -25.07
C GLU B 97 21.88 -64.66 -25.64
N ARG B 98 22.56 -63.69 -25.02
CA ARG B 98 22.37 -62.35 -25.55
C ARG B 98 23.09 -62.15 -26.89
N GLN B 99 24.04 -63.01 -27.23
CA GLN B 99 24.58 -62.96 -28.59
C GLN B 99 23.56 -63.45 -29.61
N ARG B 100 22.83 -64.52 -29.29
CA ARG B 100 21.72 -64.93 -30.16
C ARG B 100 20.72 -63.80 -30.32
N VAL B 101 20.42 -63.10 -29.22
CA VAL B 101 19.47 -61.99 -29.31
C VAL B 101 20.00 -60.89 -30.22
N ALA B 102 21.29 -60.57 -30.10
CA ALA B 102 21.86 -59.53 -30.96
C ALA B 102 21.74 -59.90 -32.43
N ASN B 103 22.03 -61.16 -32.76
CA ASN B 103 21.95 -61.58 -34.16
C ASN B 103 20.50 -61.60 -34.64
N LEU B 104 19.56 -62.00 -33.78
CA LEU B 104 18.16 -61.95 -34.16
C LEU B 104 17.70 -60.51 -34.42
N THR B 105 18.16 -59.57 -33.59
CA THR B 105 17.82 -58.17 -33.82
C THR B 105 18.34 -57.71 -35.16
N LYS B 106 19.60 -58.05 -35.48
CA LYS B 106 20.17 -57.69 -36.78
C LYS B 106 19.35 -58.29 -37.92
N SER B 107 18.94 -59.55 -37.78
CA SER B 107 18.18 -60.19 -38.85
C SER B 107 16.82 -59.54 -39.03
N LEU B 108 16.11 -59.27 -37.92
CA LEU B 108 14.83 -58.57 -38.01
C LEU B 108 14.99 -57.23 -38.69
N ALA B 109 15.93 -56.42 -38.23
CA ALA B 109 16.12 -55.09 -38.81
C ALA B 109 16.47 -55.17 -40.29
N GLY B 110 17.08 -56.26 -40.74
CA GLY B 110 17.31 -56.42 -42.16
C GLY B 110 16.17 -57.04 -42.95
N HIS B 111 15.18 -57.61 -42.27
CA HIS B 111 14.16 -58.40 -42.94
C HIS B 111 13.27 -57.55 -43.84
N ALA B 112 13.02 -58.07 -45.05
CA ALA B 112 12.34 -57.30 -46.08
C ALA B 112 10.94 -56.85 -45.64
N THR B 113 10.18 -57.72 -44.96
CA THR B 113 8.81 -57.32 -44.62
C THR B 113 8.81 -56.31 -43.47
N LEU B 114 9.69 -56.48 -42.48
CA LEU B 114 9.78 -55.49 -41.42
C LEU B 114 10.19 -54.13 -41.98
N MET B 115 11.12 -54.11 -42.94
CA MET B 115 11.49 -52.85 -43.56
C MET B 115 10.35 -52.27 -44.37
N SER B 116 9.59 -53.12 -45.08
CA SER B 116 8.47 -52.64 -45.87
C SER B 116 7.39 -52.03 -45.01
N VAL B 117 7.23 -52.49 -43.77
CA VAL B 117 6.26 -51.85 -42.88
C VAL B 117 6.56 -50.36 -42.74
N VAL B 118 7.83 -50.01 -42.58
CA VAL B 118 8.16 -48.60 -42.40
C VAL B 118 8.24 -47.88 -43.73
N GLN B 119 8.85 -48.51 -44.75
CA GLN B 119 8.99 -47.86 -46.04
C GLN B 119 7.63 -47.55 -46.66
N ASP B 120 6.71 -48.50 -46.59
CA ASP B 120 5.41 -48.38 -47.24
C ASP B 120 4.32 -47.92 -46.26
N ALA B 121 4.64 -47.77 -44.99
CA ALA B 121 3.69 -47.30 -43.98
C ALA B 121 2.37 -48.07 -44.04
N SER B 122 2.48 -49.38 -44.25
CA SER B 122 1.32 -50.23 -44.15
C SER B 122 1.63 -51.37 -43.19
N PRO B 123 0.64 -51.86 -42.48
CA PRO B 123 0.87 -52.97 -41.54
C PRO B 123 0.94 -54.29 -42.28
N ILE B 124 1.06 -55.35 -41.49
CA ILE B 124 1.11 -56.71 -42.00
C ILE B 124 -0.34 -57.21 -42.10
N TYR B 125 -0.74 -57.61 -43.30
CA TYR B 125 -2.11 -58.06 -43.59
C TYR B 125 -2.15 -58.61 -45.01
N GLY B 126 -2.98 -59.63 -45.22
CA GLY B 126 -3.21 -60.15 -46.55
C GLY B 126 -2.67 -61.54 -46.79
N PRO C 1 -5.55 -69.62 -38.95
CA PRO C 1 -5.09 -69.37 -40.32
C PRO C 1 -5.74 -68.11 -40.91
N LYS C 2 -5.35 -67.72 -42.12
CA LYS C 2 -6.00 -66.59 -42.78
C LYS C 2 -7.48 -66.89 -42.97
N ILE C 3 -8.33 -65.95 -42.54
CA ILE C 3 -9.77 -66.12 -42.71
C ILE C 3 -10.10 -66.28 -44.19
N ALA C 4 -10.97 -67.22 -44.49
CA ALA C 4 -11.30 -67.53 -45.88
C ALA C 4 -12.65 -68.24 -45.91
N ASN C 5 -13.08 -68.58 -47.12
CA ASN C 5 -14.27 -69.39 -47.27
C ASN C 5 -14.05 -70.77 -46.67
N ILE C 6 -15.12 -71.32 -46.11
CA ILE C 6 -15.11 -72.68 -45.56
C ILE C 6 -16.15 -73.48 -46.32
N VAL C 7 -15.71 -74.51 -47.02
CA VAL C 7 -16.60 -75.33 -47.83
C VAL C 7 -16.81 -76.66 -47.11
N ILE C 8 -18.05 -76.91 -46.69
CA ILE C 8 -18.41 -78.13 -45.98
C ILE C 8 -19.58 -78.79 -46.70
N ASN C 9 -19.70 -80.09 -46.52
CA ASN C 9 -20.70 -80.88 -47.22
C ASN C 9 -21.80 -81.30 -46.25
N ASP C 10 -23.06 -81.17 -46.69
CA ASP C 10 -24.22 -81.53 -45.87
C ASP C 10 -24.79 -82.90 -46.22
N GLY C 11 -23.98 -83.77 -46.82
CA GLY C 11 -24.43 -85.08 -47.22
C GLY C 11 -24.97 -85.16 -48.62
N THR C 12 -25.39 -84.05 -49.19
CA THR C 12 -25.92 -84.04 -50.53
C THR C 12 -25.23 -83.04 -51.45
N LYS C 13 -24.86 -81.87 -50.94
CA LYS C 13 -24.22 -80.83 -51.73
C LYS C 13 -23.09 -80.18 -50.93
N ASP C 14 -22.31 -79.36 -51.62
CA ASP C 14 -21.30 -78.53 -50.97
C ASP C 14 -21.86 -77.15 -50.67
N ILE C 15 -21.57 -76.68 -49.46
CA ILE C 15 -22.06 -75.41 -48.94
C ILE C 15 -20.84 -74.55 -48.66
N THR C 16 -20.87 -73.31 -49.15
CA THR C 16 -19.77 -72.37 -48.99
C THR C 16 -20.16 -71.32 -47.95
N LEU C 17 -19.35 -71.21 -46.90
CA LEU C 17 -19.55 -70.23 -45.84
C LEU C 17 -18.52 -69.13 -46.02
N GLN C 18 -19.01 -67.92 -46.28
CA GLN C 18 -18.26 -66.70 -46.52
C GLN C 18 -18.03 -65.95 -45.22
N PRO C 19 -16.83 -65.38 -45.10
CA PRO C 19 -16.51 -64.59 -43.91
C PRO C 19 -17.44 -63.39 -43.80
N VAL C 20 -17.78 -63.05 -42.58
CA VAL C 20 -18.83 -62.07 -42.35
C VAL C 20 -18.38 -60.97 -41.40
N ASN C 21 -17.77 -61.36 -40.29
CA ASN C 21 -17.50 -60.41 -39.22
C ASN C 21 -16.44 -61.02 -38.33
N ILE C 22 -15.76 -60.17 -37.57
CA ILE C 22 -14.82 -60.62 -36.54
C ILE C 22 -15.02 -59.76 -35.31
N ASP C 23 -15.42 -60.39 -34.20
CA ASP C 23 -15.77 -59.72 -32.96
C ASP C 23 -14.60 -58.91 -32.43
N ARG C 24 -14.89 -58.12 -31.39
CA ARG C 24 -13.82 -57.63 -30.53
C ARG C 24 -13.25 -58.77 -29.70
N GLU C 25 -14.03 -59.82 -29.46
CA GLU C 25 -13.55 -60.99 -28.74
C GLU C 25 -12.80 -61.97 -29.62
N GLY C 26 -12.75 -61.74 -30.94
CA GLY C 26 -11.96 -62.56 -31.82
C GLY C 26 -12.73 -63.67 -32.52
N VAL C 27 -14.05 -63.71 -32.33
CA VAL C 27 -14.87 -64.73 -32.96
C VAL C 27 -15.02 -64.43 -34.45
N ALA C 28 -14.77 -65.44 -35.28
CA ALA C 28 -14.95 -65.31 -36.71
C ALA C 28 -16.34 -65.81 -37.05
N HIS C 29 -17.16 -64.93 -37.63
CA HIS C 29 -18.50 -65.28 -38.05
C HIS C 29 -18.53 -65.56 -39.56
N PHE C 30 -19.36 -66.51 -39.95
CA PHE C 30 -19.49 -66.88 -41.35
C PHE C 30 -20.98 -66.97 -41.68
N ARG C 31 -21.27 -67.05 -42.98
CA ARG C 31 -22.67 -67.16 -43.40
C ARG C 31 -22.71 -67.85 -44.75
N GLU C 32 -23.83 -68.52 -45.02
CA GLU C 32 -23.97 -69.31 -46.23
C GLU C 32 -24.12 -68.41 -47.45
N LYS C 33 -23.52 -68.86 -48.56
CA LYS C 33 -23.48 -68.10 -49.79
C LYS C 33 -24.67 -68.45 -50.67
N ASP C 34 -25.20 -67.44 -51.37
CA ASP C 34 -26.26 -67.63 -52.36
C ASP C 34 -27.57 -68.10 -51.75
N VAL C 35 -27.84 -67.70 -50.50
CA VAL C 35 -29.03 -68.11 -49.77
C VAL C 35 -29.55 -66.93 -48.97
N SER C 36 -30.86 -66.90 -48.75
CA SER C 36 -31.47 -65.82 -47.97
C SER C 36 -30.79 -65.69 -46.62
N ILE C 37 -30.72 -64.46 -46.14
CA ILE C 37 -30.08 -64.19 -44.85
C ILE C 37 -30.72 -65.03 -43.75
N LEU C 38 -32.05 -65.04 -43.69
CA LEU C 38 -32.71 -65.70 -42.57
C LEU C 38 -32.51 -67.20 -42.58
N GLU C 39 -32.39 -67.82 -43.76
CA GLU C 39 -32.32 -69.26 -43.87
C GLU C 39 -30.90 -69.77 -44.11
N ALA C 40 -29.90 -68.91 -43.99
CA ALA C 40 -28.52 -69.29 -44.29
C ALA C 40 -27.89 -69.92 -43.05
N ILE C 41 -27.20 -71.04 -43.27
CA ILE C 41 -26.39 -71.65 -42.22
C ILE C 41 -25.32 -70.67 -41.79
N ARG C 42 -25.02 -70.63 -40.49
CA ARG C 42 -23.94 -69.75 -40.05
C ARG C 42 -23.04 -70.46 -39.03
N LEU C 43 -21.78 -70.03 -38.99
CA LEU C 43 -20.74 -70.71 -38.24
C LEU C 43 -19.85 -69.69 -37.54
N THR C 44 -19.63 -69.86 -36.24
CA THR C 44 -18.73 -69.01 -35.48
C THR C 44 -17.59 -69.84 -34.92
N VAL C 45 -16.38 -69.29 -34.99
CA VAL C 45 -15.15 -69.99 -34.60
C VAL C 45 -14.26 -69.04 -33.81
N GLN C 46 -13.98 -69.39 -32.54
CA GLN C 46 -13.11 -68.58 -31.71
C GLN C 46 -12.12 -69.46 -30.97
N LEU C 47 -11.05 -68.84 -30.48
CA LEU C 47 -10.06 -69.53 -29.66
C LEU C 47 -9.61 -68.61 -28.53
N ARG C 48 -10.21 -68.80 -27.35
CA ARG C 48 -9.78 -68.13 -26.13
C ARG C 48 -8.36 -68.55 -25.76
N GLN C 49 -7.45 -67.59 -25.85
CA GLN C 49 -6.12 -67.70 -25.29
C GLN C 49 -6.22 -67.88 -23.77
N PRO C 50 -5.20 -68.42 -23.14
CA PRO C 50 -5.25 -68.62 -21.68
C PRO C 50 -5.15 -67.30 -20.93
N SER C 51 -5.69 -67.30 -19.71
CA SER C 51 -5.61 -66.15 -18.83
C SER C 51 -4.16 -65.89 -18.42
N VAL C 52 -3.93 -64.73 -17.78
CA VAL C 52 -2.62 -64.50 -17.19
C VAL C 52 -2.40 -65.41 -15.99
N ASN C 53 -3.47 -65.71 -15.25
CA ASN C 53 -3.43 -66.68 -14.15
C ASN C 53 -3.95 -68.05 -14.55
N GLY C 54 -4.09 -68.32 -15.85
CA GLY C 54 -4.51 -69.63 -16.31
C GLY C 54 -3.55 -70.15 -17.38
N ASN C 55 -3.80 -71.40 -17.79
CA ASN C 55 -3.03 -71.99 -18.88
C ASN C 55 -3.92 -72.83 -19.80
N VAL C 56 -5.21 -72.50 -19.90
CA VAL C 56 -6.19 -73.33 -20.61
C VAL C 56 -6.66 -72.59 -21.85
N TYR C 57 -6.56 -73.26 -23.00
CA TYR C 57 -7.03 -72.79 -24.30
C TYR C 57 -8.38 -73.40 -24.60
N ARG C 58 -9.31 -72.58 -25.08
CA ARG C 58 -10.65 -73.04 -25.45
C ARG C 58 -10.94 -72.68 -26.91
N CYS C 59 -11.05 -73.68 -27.77
CA CYS C 59 -11.44 -73.50 -29.16
C CYS C 59 -12.90 -73.90 -29.32
N LYS C 60 -13.76 -72.92 -29.59
CA LYS C 60 -15.20 -73.12 -29.68
C LYS C 60 -15.68 -72.86 -31.10
N ALA C 61 -16.45 -73.80 -31.65
CA ALA C 61 -17.02 -73.67 -32.99
C ALA C 61 -18.50 -74.04 -32.91
N LYS C 62 -19.36 -73.05 -33.15
CA LYS C 62 -20.81 -73.25 -33.14
C LYS C 62 -21.35 -73.12 -34.56
N LEU C 63 -22.11 -74.13 -34.96
CA LEU C 63 -22.76 -74.15 -36.26
C LEU C 63 -24.26 -74.15 -36.05
N VAL C 64 -24.97 -73.32 -36.82
CA VAL C 64 -26.42 -73.18 -36.67
C VAL C 64 -27.06 -73.36 -38.04
N VAL C 65 -28.07 -74.23 -38.08
CA VAL C 65 -28.86 -74.51 -39.27
C VAL C 65 -30.31 -74.12 -39.01
N PRO C 66 -30.80 -73.04 -39.59
CA PRO C 66 -32.21 -72.67 -39.41
C PRO C 66 -33.09 -73.43 -40.39
N VAL C 67 -34.39 -73.45 -40.08
CA VAL C 67 -35.42 -73.94 -40.99
C VAL C 67 -36.49 -72.86 -41.07
N VAL C 68 -36.57 -72.19 -42.21
CA VAL C 68 -37.55 -71.13 -42.42
C VAL C 68 -38.72 -71.70 -43.20
N GLU C 69 -39.93 -71.31 -42.81
CA GLU C 69 -41.15 -71.66 -43.50
C GLU C 69 -42.04 -70.43 -43.56
N VAL C 70 -42.98 -70.44 -44.50
CA VAL C 70 -43.84 -69.29 -44.76
C VAL C 70 -45.08 -69.40 -43.86
N VAL C 71 -45.14 -68.54 -42.83
CA VAL C 71 -46.25 -68.52 -41.87
C VAL C 71 -47.02 -67.22 -42.06
N GLY C 72 -48.25 -67.32 -42.55
CA GLY C 72 -49.04 -66.13 -42.83
C GLY C 72 -48.42 -65.24 -43.88
N ASN C 73 -47.86 -65.84 -44.93
CA ASN C 73 -47.16 -65.11 -46.00
C ASN C 73 -45.99 -64.29 -45.45
N VAL C 74 -45.42 -64.72 -44.33
CA VAL C 74 -44.27 -64.07 -43.70
C VAL C 74 -43.25 -65.15 -43.36
N ARG C 75 -42.09 -65.11 -44.01
CA ARG C 75 -41.05 -66.11 -43.78
C ARG C 75 -40.54 -66.00 -42.35
N THR C 76 -40.71 -67.08 -41.57
CA THR C 76 -40.24 -67.13 -40.20
C THR C 76 -39.53 -68.45 -39.94
N THR C 77 -38.63 -68.44 -38.96
CA THR C 77 -37.82 -69.60 -38.63
C THR C 77 -38.55 -70.42 -37.58
N VAL C 78 -39.06 -71.59 -37.97
CA VAL C 78 -39.78 -72.45 -37.04
C VAL C 78 -38.84 -73.06 -36.02
N ARG C 79 -37.72 -73.62 -36.48
CA ARG C 79 -36.81 -74.36 -35.62
C ARG C 79 -35.39 -74.23 -36.16
N THR C 80 -34.44 -74.19 -35.23
CA THR C 80 -33.02 -74.19 -35.55
C THR C 80 -32.37 -75.41 -34.91
N LEU C 81 -31.40 -75.96 -35.62
CA LEU C 81 -30.59 -77.07 -35.13
C LEU C 81 -29.16 -76.58 -34.91
N THR C 82 -28.62 -76.84 -33.73
CA THR C 82 -27.34 -76.27 -33.33
C THR C 82 -26.33 -77.36 -33.05
N GLU C 83 -25.05 -77.06 -33.27
CA GLU C 83 -23.98 -77.98 -32.93
C GLU C 83 -22.77 -77.20 -32.43
N THR C 84 -22.28 -77.55 -31.25
CA THR C 84 -21.16 -76.87 -30.61
C THR C 84 -20.02 -77.84 -30.36
N THR C 85 -18.83 -77.51 -30.87
CA THR C 85 -17.61 -78.28 -30.64
C THR C 85 -16.66 -77.43 -29.82
N GLU C 86 -16.25 -77.92 -28.65
CA GLU C 86 -15.27 -77.24 -27.81
C GLU C 86 -14.08 -78.15 -27.59
N VAL C 87 -12.92 -77.74 -28.09
CA VAL C 87 -11.66 -78.43 -27.86
C VAL C 87 -10.87 -77.61 -26.85
N LEU C 88 -10.25 -78.31 -25.91
CA LEU C 88 -9.68 -77.65 -24.74
C LEU C 88 -8.34 -78.27 -24.44
N PHE C 89 -7.29 -77.46 -24.44
CA PHE C 89 -5.93 -77.97 -24.21
C PHE C 89 -5.09 -76.95 -23.45
N THR C 90 -4.01 -77.43 -22.84
CA THR C 90 -3.21 -76.64 -21.92
C THR C 90 -2.01 -76.00 -22.63
N GLN C 91 -1.49 -74.93 -22.01
CA GLN C 91 -0.43 -74.12 -22.62
C GLN C 91 0.85 -74.93 -22.83
N ASP C 92 1.12 -75.90 -21.96
CA ASP C 92 2.31 -76.73 -22.08
C ASP C 92 2.08 -77.95 -22.96
N SER C 93 1.02 -77.95 -23.77
CA SER C 93 0.72 -79.13 -24.58
C SER C 93 1.67 -79.22 -25.76
N LEU C 94 1.92 -80.45 -26.21
CA LEU C 94 2.81 -80.69 -27.34
C LEU C 94 2.01 -80.74 -28.65
N GLY C 95 2.68 -80.32 -29.73
CA GLY C 95 2.03 -80.27 -31.03
C GLY C 95 1.47 -81.60 -31.47
N THR C 96 2.24 -82.67 -31.26
CA THR C 96 1.76 -84.01 -31.58
C THR C 96 0.49 -84.34 -30.83
N GLU C 97 0.43 -83.96 -29.56
CA GLU C 97 -0.75 -84.24 -28.73
C GLU C 97 -1.99 -83.54 -29.27
N ARG C 98 -1.92 -82.23 -29.52
CA ARG C 98 -3.14 -81.61 -30.00
C ARG C 98 -3.47 -82.02 -31.43
N GLN C 99 -2.48 -82.45 -32.22
CA GLN C 99 -2.80 -83.03 -33.52
C GLN C 99 -3.56 -84.34 -33.39
N ARG C 100 -3.15 -85.19 -32.43
CA ARG C 100 -3.91 -86.39 -32.13
C ARG C 100 -5.35 -86.06 -31.78
N VAL C 101 -5.55 -85.05 -30.94
CA VAL C 101 -6.91 -84.69 -30.55
C VAL C 101 -7.71 -84.21 -31.76
N ALA C 102 -7.09 -83.43 -32.64
CA ALA C 102 -7.79 -82.97 -33.84
C ALA C 102 -8.28 -84.16 -34.67
N ASN C 103 -7.39 -85.13 -34.91
CA ASN C 103 -7.76 -86.27 -35.74
C ASN C 103 -8.79 -87.17 -35.06
N LEU C 104 -8.70 -87.30 -33.73
CA LEU C 104 -9.72 -88.05 -33.01
C LEU C 104 -11.08 -87.38 -33.13
N THR C 105 -11.12 -86.05 -33.01
CA THR C 105 -12.36 -85.33 -33.21
C THR C 105 -12.95 -85.62 -34.60
N LYS C 106 -12.09 -85.58 -35.62
CA LYS C 106 -12.55 -85.89 -36.98
C LYS C 106 -13.14 -87.29 -37.06
N SER C 107 -12.40 -88.31 -36.61
CA SER C 107 -12.87 -89.69 -36.72
C SER C 107 -14.14 -89.89 -35.92
N LEU C 108 -14.20 -89.29 -34.74
CA LEU C 108 -15.39 -89.36 -33.90
C LEU C 108 -16.62 -88.83 -34.64
N ALA C 109 -16.53 -87.59 -35.14
CA ALA C 109 -17.66 -86.99 -35.81
C ALA C 109 -18.01 -87.67 -37.12
N GLY C 110 -17.09 -88.47 -37.68
CA GLY C 110 -17.42 -89.25 -38.86
C GLY C 110 -17.88 -90.65 -38.56
N HIS C 111 -17.80 -91.09 -37.31
CA HIS C 111 -18.11 -92.48 -36.98
C HIS C 111 -19.60 -92.77 -37.09
N ALA C 112 -19.91 -93.89 -37.75
CA ALA C 112 -21.28 -94.18 -38.13
C ALA C 112 -22.22 -94.27 -36.94
N THR C 113 -21.75 -94.83 -35.82
CA THR C 113 -22.63 -94.97 -34.65
C THR C 113 -22.97 -93.61 -34.06
N LEU C 114 -21.98 -92.72 -33.98
CA LEU C 114 -22.24 -91.39 -33.46
C LEU C 114 -23.17 -90.62 -34.38
N MET C 115 -22.96 -90.71 -35.69
CA MET C 115 -23.87 -90.05 -36.62
C MET C 115 -25.28 -90.60 -36.47
N SER C 116 -25.40 -91.92 -36.27
CA SER C 116 -26.71 -92.53 -36.12
C SER C 116 -27.40 -92.09 -34.83
N VAL C 117 -26.63 -91.76 -33.79
CA VAL C 117 -27.23 -91.23 -32.56
C VAL C 117 -28.06 -89.99 -32.86
N VAL C 118 -27.60 -89.14 -33.78
CA VAL C 118 -28.35 -87.92 -34.07
C VAL C 118 -29.37 -88.15 -35.17
N GLN C 119 -28.98 -88.91 -36.21
CA GLN C 119 -29.90 -89.17 -37.31
C GLN C 119 -31.17 -89.87 -36.83
N ASP C 120 -31.03 -90.81 -35.90
CA ASP C 120 -32.13 -91.65 -35.43
C ASP C 120 -32.68 -91.21 -34.07
N ALA C 121 -32.09 -90.20 -33.43
CA ALA C 121 -32.57 -89.69 -32.14
C ALA C 121 -32.68 -90.82 -31.11
N SER C 122 -31.63 -91.61 -31.00
CA SER C 122 -31.62 -92.80 -30.14
C SER C 122 -30.32 -92.84 -29.35
N PRO C 123 -30.34 -92.66 -28.03
CA PRO C 123 -29.09 -92.73 -27.27
C PRO C 123 -28.44 -94.08 -27.48
N ILE C 124 -27.19 -94.21 -27.05
CA ILE C 124 -26.59 -95.54 -26.95
C ILE C 124 -27.10 -96.21 -25.69
N TYR C 125 -27.41 -97.51 -25.78
CA TYR C 125 -28.20 -98.17 -24.74
C TYR C 125 -27.77 -99.62 -24.54
N GLY C 126 -28.12 -100.13 -23.37
CA GLY C 126 -27.81 -101.48 -22.92
C GLY C 126 -28.16 -101.58 -21.44
N PRO D 1 -41.28 74.98 -23.52
CA PRO D 1 -40.62 75.27 -24.80
C PRO D 1 -40.05 74.00 -25.43
N LYS D 2 -39.70 74.05 -26.72
CA LYS D 2 -39.21 72.86 -27.41
C LYS D 2 -37.86 72.45 -26.84
N ILE D 3 -37.54 71.17 -27.01
CA ILE D 3 -36.30 70.59 -26.49
C ILE D 3 -35.20 70.75 -27.54
N ALA D 4 -34.06 71.28 -27.13
CA ALA D 4 -33.00 71.67 -28.06
C ALA D 4 -31.74 71.92 -27.27
N ASN D 5 -30.64 72.18 -27.98
CA ASN D 5 -29.37 72.49 -27.33
C ASN D 5 -29.52 73.74 -26.47
N ILE D 6 -28.97 73.70 -25.27
CA ILE D 6 -28.88 74.85 -24.39
C ILE D 6 -27.43 75.30 -24.41
N VAL D 7 -27.16 76.48 -24.93
CA VAL D 7 -25.79 76.98 -25.01
C VAL D 7 -25.62 78.07 -23.95
N ILE D 8 -24.77 77.78 -22.96
CA ILE D 8 -24.47 78.70 -21.88
C ILE D 8 -22.99 79.07 -21.96
N ASN D 9 -22.59 80.06 -21.19
CA ASN D 9 -21.22 80.58 -21.22
C ASN D 9 -20.62 80.56 -19.81
N ASP D 10 -19.33 80.22 -19.71
CA ASP D 10 -18.63 80.19 -18.42
C ASP D 10 -17.70 81.39 -18.23
N GLY D 11 -17.96 82.49 -18.92
CA GLY D 11 -17.15 83.70 -18.86
C GLY D 11 -16.00 83.71 -19.84
N THR D 12 -15.59 82.55 -20.32
CA THR D 12 -14.49 82.40 -21.26
C THR D 12 -14.92 81.72 -22.55
N LYS D 13 -15.65 80.62 -22.45
CA LYS D 13 -16.01 79.74 -23.55
C LYS D 13 -17.49 79.40 -23.42
N ASP D 14 -18.14 79.12 -24.55
CA ASP D 14 -19.54 78.70 -24.54
C ASP D 14 -19.62 77.17 -24.55
N ILE D 15 -20.26 76.64 -23.53
CA ILE D 15 -20.50 75.21 -23.41
C ILE D 15 -21.88 74.90 -23.96
N THR D 16 -21.93 73.92 -24.86
CA THR D 16 -23.17 73.46 -25.49
C THR D 16 -23.64 72.20 -24.79
N LEU D 17 -24.81 72.28 -24.15
CA LEU D 17 -25.42 71.14 -23.47
C LEU D 17 -26.49 70.56 -24.41
N GLN D 18 -26.28 69.32 -24.84
CA GLN D 18 -27.18 68.65 -25.77
C GLN D 18 -28.26 67.89 -25.00
N PRO D 19 -29.47 67.90 -25.57
CA PRO D 19 -30.58 67.14 -24.96
C PRO D 19 -30.31 65.65 -25.03
N VAL D 20 -30.40 65.00 -23.87
CA VAL D 20 -29.96 63.64 -23.74
C VAL D 20 -31.07 62.72 -23.25
N ASN D 21 -31.89 63.19 -22.32
CA ASN D 21 -32.94 62.29 -21.82
C ASN D 21 -34.13 63.13 -21.36
N ILE D 22 -35.33 62.56 -21.46
CA ILE D 22 -36.46 63.11 -20.75
C ILE D 22 -36.93 62.06 -19.77
N ASP D 23 -36.77 62.37 -18.49
CA ASP D 23 -37.02 61.45 -17.41
C ASP D 23 -38.48 60.98 -17.41
N ARG D 24 -38.73 59.92 -16.64
CA ARG D 24 -40.10 59.54 -16.35
C ARG D 24 -40.77 60.49 -15.38
N GLU D 25 -39.98 61.25 -14.62
CA GLU D 25 -40.51 62.31 -13.77
C GLU D 25 -40.69 63.62 -14.52
N GLY D 26 -40.40 63.66 -15.82
CA GLY D 26 -40.50 64.87 -16.60
C GLY D 26 -39.22 65.67 -16.69
N VAL D 27 -38.11 65.13 -16.17
CA VAL D 27 -36.84 65.86 -16.11
C VAL D 27 -36.14 65.82 -17.45
N ALA D 28 -35.78 66.99 -17.97
CA ALA D 28 -34.97 67.08 -19.18
C ALA D 28 -33.51 67.07 -18.77
N HIS D 29 -32.83 65.97 -19.05
CA HIS D 29 -31.39 65.83 -18.87
C HIS D 29 -30.64 66.28 -20.12
N PHE D 30 -29.63 67.11 -19.91
CA PHE D 30 -28.71 67.56 -20.94
C PHE D 30 -27.30 67.20 -20.49
N ARG D 31 -26.43 67.00 -21.48
CA ARG D 31 -25.05 66.59 -21.25
C ARG D 31 -24.13 67.44 -22.11
N GLU D 32 -22.93 67.71 -21.60
CA GLU D 32 -22.01 68.56 -22.33
C GLU D 32 -21.57 67.89 -23.63
N LYS D 33 -21.52 68.68 -24.69
CA LYS D 33 -21.18 68.19 -26.01
C LYS D 33 -19.66 68.05 -26.17
N ASP D 34 -19.25 66.98 -26.85
CA ASP D 34 -17.83 66.78 -27.20
C ASP D 34 -16.96 66.57 -25.97
N VAL D 35 -17.48 65.87 -24.97
CA VAL D 35 -16.75 65.63 -23.72
C VAL D 35 -17.17 64.25 -23.21
N SER D 36 -16.19 63.53 -22.64
CA SER D 36 -16.45 62.21 -22.09
C SER D 36 -17.62 62.27 -21.12
N ILE D 37 -18.40 61.18 -21.09
CA ILE D 37 -19.57 61.10 -20.22
C ILE D 37 -19.22 61.44 -18.78
N LEU D 38 -18.06 60.95 -18.32
CA LEU D 38 -17.69 61.16 -16.91
C LEU D 38 -17.43 62.64 -16.62
N GLU D 39 -16.73 63.33 -17.52
CA GLU D 39 -16.30 64.70 -17.28
C GLU D 39 -17.25 65.74 -17.86
N ALA D 40 -18.37 65.33 -18.44
CA ALA D 40 -19.26 66.30 -19.05
C ALA D 40 -20.08 67.00 -18.00
N ILE D 41 -20.31 68.29 -18.24
CA ILE D 41 -21.21 69.11 -17.44
C ILE D 41 -22.63 68.69 -17.78
N ARG D 42 -23.47 68.46 -16.76
CA ARG D 42 -24.83 68.04 -17.05
C ARG D 42 -25.86 68.94 -16.37
N LEU D 43 -27.02 69.07 -17.02
CA LEU D 43 -28.07 69.99 -16.60
C LEU D 43 -29.42 69.29 -16.61
N THR D 44 -30.18 69.39 -15.51
CA THR D 44 -31.52 68.80 -15.43
C THR D 44 -32.54 69.88 -15.16
N VAL D 45 -33.66 69.84 -15.89
CA VAL D 45 -34.69 70.88 -15.85
C VAL D 45 -36.06 70.24 -15.84
N GLN D 46 -36.83 70.44 -14.76
CA GLN D 46 -38.16 69.84 -14.66
C GLN D 46 -39.17 70.84 -14.10
N LEU D 47 -40.43 70.69 -14.50
CA LEU D 47 -41.53 71.54 -14.04
C LEU D 47 -42.61 70.64 -13.42
N ARG D 48 -42.50 70.45 -12.11
CA ARG D 48 -43.45 69.67 -11.33
C ARG D 48 -44.74 70.45 -11.22
N GLN D 49 -45.78 69.95 -11.89
CA GLN D 49 -47.10 70.55 -11.83
C GLN D 49 -47.77 70.22 -10.49
N PRO D 50 -48.76 71.01 -10.09
CA PRO D 50 -49.34 70.83 -8.76
C PRO D 50 -50.20 69.57 -8.66
N SER D 51 -50.39 69.12 -7.42
CA SER D 51 -51.24 67.98 -7.09
C SER D 51 -52.70 68.31 -7.35
N VAL D 52 -53.56 67.30 -7.26
CA VAL D 52 -55.00 67.54 -7.39
C VAL D 52 -55.48 68.43 -6.25
N ASN D 53 -54.92 68.23 -5.04
CA ASN D 53 -55.31 69.06 -3.90
C ASN D 53 -54.64 70.43 -3.92
N GLY D 54 -53.36 70.49 -4.33
CA GLY D 54 -52.61 71.72 -4.28
C GLY D 54 -52.72 72.56 -5.54
N ASN D 55 -52.03 73.71 -5.52
CA ASN D 55 -51.95 74.58 -6.69
C ASN D 55 -50.56 75.19 -6.84
N VAL D 56 -49.51 74.43 -6.51
CA VAL D 56 -48.16 74.97 -6.46
C VAL D 56 -47.27 74.26 -7.48
N TYR D 57 -46.74 75.03 -8.44
CA TYR D 57 -45.75 74.58 -9.39
C TYR D 57 -44.36 74.77 -8.82
N ARG D 58 -43.50 73.77 -9.06
CA ARG D 58 -42.06 73.82 -8.75
C ARG D 58 -41.26 73.64 -10.03
N CYS D 59 -40.42 74.61 -10.34
CA CYS D 59 -39.53 74.54 -11.49
C CYS D 59 -38.10 74.39 -10.96
N LYS D 60 -37.52 73.21 -11.15
CA LYS D 60 -36.21 72.88 -10.62
C LYS D 60 -35.19 72.71 -11.74
N ALA D 61 -34.01 73.32 -11.57
CA ALA D 61 -32.93 73.24 -12.53
C ALA D 61 -31.62 73.02 -11.78
N LYS D 62 -30.99 71.87 -12.02
CA LYS D 62 -29.73 71.51 -11.38
C LYS D 62 -28.62 71.45 -12.44
N LEU D 63 -27.59 72.28 -12.26
CA LEU D 63 -26.38 72.22 -13.05
C LEU D 63 -25.30 71.53 -12.23
N VAL D 64 -24.58 70.60 -12.84
CA VAL D 64 -23.47 69.91 -12.19
C VAL D 64 -22.24 70.06 -13.05
N VAL D 65 -21.18 70.61 -12.46
CA VAL D 65 -19.88 70.77 -13.10
C VAL D 65 -18.91 69.85 -12.39
N PRO D 66 -18.38 68.83 -13.05
CA PRO D 66 -17.33 68.01 -12.44
C PRO D 66 -15.93 68.55 -12.74
N VAL D 67 -15.00 68.20 -11.85
CA VAL D 67 -13.59 68.52 -11.99
C VAL D 67 -12.87 67.19 -12.12
N VAL D 68 -12.45 66.85 -13.34
CA VAL D 68 -11.82 65.57 -13.61
C VAL D 68 -10.34 65.81 -13.83
N GLU D 69 -9.52 65.12 -13.04
CA GLU D 69 -8.08 65.11 -13.19
C GLU D 69 -7.60 63.67 -13.29
N VAL D 70 -6.47 63.47 -13.96
CA VAL D 70 -5.94 62.13 -14.17
C VAL D 70 -5.18 61.68 -12.93
N VAL D 71 -5.58 60.52 -12.39
CA VAL D 71 -4.91 59.89 -11.25
C VAL D 71 -4.23 58.64 -11.80
N GLY D 72 -2.89 58.67 -11.84
CA GLY D 72 -2.18 57.62 -12.56
C GLY D 72 -2.51 57.69 -14.04
N ASN D 73 -3.07 56.60 -14.57
CA ASN D 73 -3.57 56.57 -15.93
C ASN D 73 -5.10 56.58 -15.99
N VAL D 74 -5.76 56.76 -14.85
CA VAL D 74 -7.21 56.67 -14.76
C VAL D 74 -7.77 58.07 -14.56
N ARG D 75 -8.62 58.53 -15.49
CA ARG D 75 -9.28 59.82 -15.31
C ARG D 75 -10.32 59.69 -14.22
N THR D 76 -10.27 60.58 -13.22
CA THR D 76 -11.22 60.52 -12.12
C THR D 76 -11.70 61.91 -11.76
N THR D 77 -12.96 61.99 -11.36
CA THR D 77 -13.56 63.24 -10.89
C THR D 77 -13.10 63.50 -9.46
N VAL D 78 -12.27 64.53 -9.28
CA VAL D 78 -11.77 64.88 -7.95
C VAL D 78 -12.89 65.44 -7.08
N ARG D 79 -13.69 66.35 -7.64
CA ARG D 79 -14.75 67.02 -6.89
C ARG D 79 -15.76 67.54 -7.90
N THR D 80 -16.89 68.00 -7.38
CA THR D 80 -17.94 68.55 -8.23
C THR D 80 -18.48 69.83 -7.59
N LEU D 81 -18.93 70.74 -8.44
CA LEU D 81 -19.65 71.94 -8.01
C LEU D 81 -21.08 71.84 -8.54
N THR D 82 -22.05 72.24 -7.71
CA THR D 82 -23.45 72.07 -8.06
C THR D 82 -24.23 73.35 -7.86
N GLU D 83 -25.16 73.64 -8.75
CA GLU D 83 -26.04 74.80 -8.60
C GLU D 83 -27.47 74.35 -8.84
N THR D 84 -28.39 74.79 -7.97
CA THR D 84 -29.79 74.37 -8.03
C THR D 84 -30.68 75.59 -7.89
N THR D 85 -31.43 75.90 -8.95
CA THR D 85 -32.43 76.96 -8.96
C THR D 85 -33.81 76.32 -8.84
N GLU D 86 -34.65 76.88 -7.95
CA GLU D 86 -35.99 76.34 -7.74
C GLU D 86 -36.98 77.49 -7.63
N VAL D 87 -37.90 77.59 -8.59
CA VAL D 87 -38.89 78.65 -8.66
C VAL D 87 -40.26 78.07 -8.34
N LEU D 88 -40.96 78.68 -7.39
CA LEU D 88 -42.29 78.24 -6.96
C LEU D 88 -43.32 79.31 -7.31
N PHE D 89 -44.40 78.88 -7.97
CA PHE D 89 -45.49 79.81 -8.23
C PHE D 89 -46.81 79.06 -8.24
N THR D 90 -47.88 79.80 -7.95
CA THR D 90 -49.23 79.26 -7.81
C THR D 90 -49.98 79.32 -9.14
N GLN D 91 -51.06 78.53 -9.21
CA GLN D 91 -51.81 78.42 -10.45
C GLN D 91 -52.60 79.70 -10.77
N ASP D 92 -52.92 80.49 -9.74
CA ASP D 92 -53.61 81.74 -9.99
C ASP D 92 -52.65 82.86 -10.38
N SER D 93 -51.35 82.55 -10.49
CA SER D 93 -50.36 83.57 -10.80
C SER D 93 -50.51 84.06 -12.23
N LEU D 94 -50.22 85.35 -12.42
CA LEU D 94 -50.30 85.98 -13.73
C LEU D 94 -49.02 85.77 -14.51
N GLY D 95 -49.14 85.72 -15.83
CA GLY D 95 -47.96 85.62 -16.66
C GLY D 95 -47.01 86.78 -16.44
N THR D 96 -47.55 87.99 -16.30
CA THR D 96 -46.70 89.15 -16.07
C THR D 96 -45.94 89.01 -14.75
N GLU D 97 -46.59 88.45 -13.73
CA GLU D 97 -45.91 88.23 -12.45
C GLU D 97 -44.79 87.22 -12.60
N ARG D 98 -45.09 86.07 -13.22
CA ARG D 98 -44.05 85.06 -13.44
C ARG D 98 -42.87 85.64 -14.22
N GLN D 99 -43.16 86.48 -15.21
CA GLN D 99 -42.10 87.07 -16.03
C GLN D 99 -41.25 88.04 -15.21
N ARG D 100 -41.92 88.87 -14.40
CA ARG D 100 -41.21 89.74 -13.47
C ARG D 100 -40.26 88.92 -12.60
N VAL D 101 -40.71 87.77 -12.10
CA VAL D 101 -39.85 86.96 -11.23
C VAL D 101 -38.69 86.37 -12.01
N ALA D 102 -38.93 85.92 -13.24
CA ALA D 102 -37.85 85.38 -14.06
C ALA D 102 -36.76 86.43 -14.31
N ASN D 103 -37.17 87.65 -14.65
CA ASN D 103 -36.21 88.72 -14.87
C ASN D 103 -35.45 89.06 -13.60
N LEU D 104 -36.14 89.08 -12.46
CA LEU D 104 -35.44 89.31 -11.20
C LEU D 104 -34.41 88.23 -10.95
N THR D 105 -34.75 86.96 -11.24
CA THR D 105 -33.81 85.87 -11.06
C THR D 105 -32.57 86.08 -11.94
N LYS D 106 -32.78 86.49 -13.19
CA LYS D 106 -31.66 86.79 -14.08
C LYS D 106 -30.78 87.90 -13.51
N SER D 107 -31.40 89.03 -13.17
CA SER D 107 -30.65 90.16 -12.63
C SER D 107 -29.88 89.76 -11.38
N LEU D 108 -30.51 88.93 -10.55
CA LEU D 108 -29.89 88.50 -9.30
C LEU D 108 -28.66 87.64 -9.58
N ALA D 109 -28.80 86.62 -10.42
CA ALA D 109 -27.67 85.76 -10.73
C ALA D 109 -26.56 86.49 -11.48
N GLY D 110 -26.86 87.62 -12.11
CA GLY D 110 -25.80 88.40 -12.70
C GLY D 110 -25.18 89.45 -11.80
N HIS D 111 -25.69 89.61 -10.58
CA HIS D 111 -25.29 90.73 -9.74
C HIS D 111 -23.90 90.52 -9.14
N ALA D 112 -23.12 91.60 -9.14
CA ALA D 112 -21.71 91.52 -8.78
C ALA D 112 -21.50 90.94 -7.39
N THR D 113 -22.31 91.37 -6.40
CA THR D 113 -22.03 90.95 -5.03
C THR D 113 -22.34 89.47 -4.81
N LEU D 114 -23.37 88.95 -5.47
CA LEU D 114 -23.66 87.52 -5.33
C LEU D 114 -22.62 86.67 -6.05
N MET D 115 -22.26 87.09 -7.27
CA MET D 115 -21.16 86.42 -7.96
C MET D 115 -19.90 86.42 -7.11
N SER D 116 -19.64 87.54 -6.42
CA SER D 116 -18.49 87.60 -5.54
C SER D 116 -18.62 86.66 -4.35
N VAL D 117 -19.82 86.52 -3.80
CA VAL D 117 -20.02 85.56 -2.72
C VAL D 117 -19.56 84.17 -3.15
N VAL D 118 -19.91 83.77 -4.37
CA VAL D 118 -19.54 82.41 -4.77
C VAL D 118 -18.08 82.34 -5.19
N GLN D 119 -17.58 83.34 -5.93
CA GLN D 119 -16.19 83.32 -6.40
C GLN D 119 -15.22 83.38 -5.23
N ASP D 120 -15.30 84.43 -4.42
CA ASP D 120 -14.41 84.64 -3.29
C ASP D 120 -14.74 83.76 -2.09
N ALA D 121 -15.85 83.04 -2.11
CA ALA D 121 -16.28 82.18 -1.01
C ALA D 121 -16.39 82.93 0.32
N SER D 122 -16.68 84.22 0.27
CA SER D 122 -16.91 85.01 1.47
C SER D 122 -18.34 85.53 1.48
N PRO D 123 -19.07 85.34 2.58
CA PRO D 123 -20.47 85.80 2.62
C PRO D 123 -20.54 87.29 2.86
N ILE D 124 -21.77 87.78 2.91
CA ILE D 124 -22.04 89.20 3.14
C ILE D 124 -21.99 89.43 4.64
N TYR D 125 -21.06 90.29 5.07
CA TYR D 125 -20.91 90.67 6.47
C TYR D 125 -20.26 92.04 6.54
N GLY D 126 -20.71 92.87 7.48
CA GLY D 126 -20.14 94.19 7.71
C GLY D 126 -20.13 95.14 6.52
N PRO E 1 -18.95 89.68 0.88
CA PRO E 1 -18.49 91.07 0.86
C PRO E 1 -19.19 91.95 1.88
N LYS E 2 -19.11 93.26 1.66
CA LYS E 2 -19.67 94.23 2.58
C LYS E 2 -21.15 94.45 2.27
N ILE E 3 -21.95 94.49 3.33
CA ILE E 3 -23.39 94.61 3.17
C ILE E 3 -23.74 95.97 2.57
N ALA E 4 -24.60 95.97 1.57
CA ALA E 4 -24.95 97.20 0.86
C ALA E 4 -26.21 96.97 0.06
N ASN E 5 -26.71 98.06 -0.54
CA ASN E 5 -27.91 97.97 -1.36
C ASN E 5 -27.69 97.04 -2.55
N ILE E 6 -28.73 96.29 -2.89
CA ILE E 6 -28.71 95.40 -4.05
C ILE E 6 -29.79 95.88 -5.00
N VAL E 7 -29.40 96.34 -6.17
CA VAL E 7 -30.34 96.81 -7.17
C VAL E 7 -30.44 95.76 -8.26
N ILE E 8 -31.66 95.30 -8.53
CA ILE E 8 -31.90 94.30 -9.57
C ILE E 8 -33.07 94.76 -10.43
N ASN E 9 -33.08 94.31 -11.68
CA ASN E 9 -34.08 94.72 -12.65
C ASN E 9 -35.13 93.62 -12.81
N ASP E 10 -36.38 94.02 -12.97
CA ASP E 10 -37.49 93.10 -13.16
C ASP E 10 -37.99 93.08 -14.60
N GLY E 11 -37.21 93.60 -15.54
CA GLY E 11 -37.62 93.70 -16.92
C GLY E 11 -38.29 94.99 -17.30
N THR E 12 -38.76 95.76 -16.31
CA THR E 12 -39.46 97.01 -16.59
C THR E 12 -38.80 98.17 -15.85
N LYS E 13 -38.28 97.91 -14.65
CA LYS E 13 -37.72 98.96 -13.82
C LYS E 13 -36.69 98.38 -12.85
N ASP E 14 -35.90 99.26 -12.27
CA ASP E 14 -34.90 98.88 -11.28
C ASP E 14 -35.50 98.90 -9.87
N ILE E 15 -35.24 97.86 -9.11
CA ILE E 15 -35.78 97.67 -7.79
C ILE E 15 -34.63 97.62 -6.80
N THR E 16 -34.70 98.49 -5.80
CA THR E 16 -33.64 98.63 -4.80
C THR E 16 -34.01 97.85 -3.55
N LEU E 17 -33.15 96.93 -3.14
CA LEU E 17 -33.33 96.14 -1.92
C LEU E 17 -32.31 96.64 -0.91
N GLN E 18 -32.80 97.27 0.15
CA GLN E 18 -31.99 97.81 1.24
C GLN E 18 -31.72 96.73 2.27
N PRO E 19 -30.51 96.71 2.81
CA PRO E 19 -30.18 95.72 3.85
C PRO E 19 -30.93 96.02 5.12
N VAL E 20 -31.28 94.96 5.84
CA VAL E 20 -32.01 95.05 7.09
C VAL E 20 -31.13 94.64 8.27
N ASN E 21 -30.59 93.42 8.22
CA ASN E 21 -29.73 92.91 9.28
C ASN E 21 -29.09 91.62 8.79
N ILE E 22 -28.35 90.96 9.68
CA ILE E 22 -27.78 89.64 9.46
C ILE E 22 -27.98 88.83 10.74
N ASP E 23 -28.75 87.74 10.64
CA ASP E 23 -29.21 87.02 11.82
C ASP E 23 -28.12 86.10 12.35
N ARG E 24 -28.45 85.33 13.39
CA ARG E 24 -27.45 84.49 14.04
C ARG E 24 -26.90 83.44 13.07
N GLU E 25 -27.74 82.94 12.16
CA GLU E 25 -27.32 81.90 11.23
C GLU E 25 -26.35 82.42 10.19
N GLY E 26 -26.33 83.74 9.96
CA GLY E 26 -25.49 84.34 8.93
C GLY E 26 -26.27 84.83 7.72
N VAL E 27 -27.59 84.69 7.73
CA VAL E 27 -28.41 85.13 6.61
C VAL E 27 -28.51 86.65 6.62
N ALA E 28 -28.16 87.27 5.49
CA ALA E 28 -28.32 88.71 5.31
C ALA E 28 -29.69 88.95 4.69
N HIS E 29 -30.49 89.79 5.34
CA HIS E 29 -31.85 90.07 4.91
C HIS E 29 -31.95 91.44 4.23
N PHE E 30 -32.68 91.49 3.11
CA PHE E 30 -32.91 92.71 2.35
C PHE E 30 -34.40 92.86 2.07
N ARG E 31 -34.83 94.12 2.04
CA ARG E 31 -36.24 94.49 1.91
C ARG E 31 -36.37 95.60 0.87
N GLU E 32 -37.41 95.53 0.05
CA GLU E 32 -37.60 96.51 -1.01
C GLU E 32 -37.79 97.91 -0.43
N LYS E 33 -37.15 98.88 -1.06
CA LYS E 33 -37.18 100.26 -0.60
C LYS E 33 -38.49 100.93 -0.98
N ASP E 34 -39.02 101.75 -0.06
CA ASP E 34 -40.14 102.65 -0.35
C ASP E 34 -41.44 101.90 -0.64
N VAL E 35 -41.59 100.70 -0.09
CA VAL E 35 -42.79 99.90 -0.29
C VAL E 35 -43.21 99.36 1.07
N SER E 36 -44.52 99.13 1.24
CA SER E 36 -45.03 98.60 2.48
C SER E 36 -44.35 97.29 2.86
N ILE E 37 -44.23 97.06 4.17
CA ILE E 37 -43.71 95.81 4.70
C ILE E 37 -44.38 94.62 4.04
N LEU E 38 -45.72 94.66 3.92
CA LEU E 38 -46.46 93.50 3.48
C LEU E 38 -46.17 93.16 2.03
N GLU E 39 -46.04 94.17 1.17
CA GLU E 39 -45.94 93.97 -0.26
C GLU E 39 -44.50 94.11 -0.78
N ALA E 40 -43.53 94.27 0.11
CA ALA E 40 -42.16 94.51 -0.33
C ALA E 40 -41.49 93.21 -0.72
N ILE E 41 -40.70 93.28 -1.79
CA ILE E 41 -39.89 92.15 -2.24
C ILE E 41 -38.78 91.92 -1.23
N ARG E 42 -38.48 90.66 -0.94
CA ARG E 42 -37.47 90.34 0.05
C ARG E 42 -36.42 89.40 -0.50
N LEU E 43 -35.18 89.58 -0.03
CA LEU E 43 -34.05 88.77 -0.49
C LEU E 43 -33.21 88.32 0.70
N THR E 44 -32.86 87.04 0.76
CA THR E 44 -31.98 86.54 1.81
C THR E 44 -30.77 85.85 1.18
N VAL E 45 -29.59 86.12 1.74
CA VAL E 45 -28.33 85.59 1.20
C VAL E 45 -27.46 85.08 2.33
N GLN E 46 -27.03 83.81 2.24
CA GLN E 46 -26.13 83.25 3.24
C GLN E 46 -25.11 82.33 2.58
N LEU E 47 -23.98 82.16 3.25
CA LEU E 47 -22.91 81.25 2.82
C LEU E 47 -22.54 80.37 3.99
N ARG E 48 -23.24 79.24 4.11
CA ARG E 48 -23.05 78.31 5.22
C ARG E 48 -21.71 77.58 5.08
N GLN E 49 -20.88 77.74 6.12
CA GLN E 49 -19.60 77.08 6.20
C GLN E 49 -19.79 75.57 6.34
N PRO E 50 -18.78 74.79 5.99
CA PRO E 50 -18.84 73.36 6.28
C PRO E 50 -18.67 73.09 7.77
N SER E 51 -19.22 71.97 8.21
CA SER E 51 -19.06 71.52 9.59
C SER E 51 -17.61 71.12 9.84
N VAL E 52 -17.33 70.73 11.08
CA VAL E 52 -16.01 70.18 11.37
C VAL E 52 -15.84 68.85 10.65
N ASN E 53 -16.92 68.08 10.49
CA ASN E 53 -16.84 66.81 9.80
C ASN E 53 -16.82 66.99 8.28
N GLY E 54 -17.77 67.75 7.73
CA GLY E 54 -17.90 67.90 6.29
C GLY E 54 -16.91 68.89 5.70
N ASN E 55 -17.01 69.06 4.38
CA ASN E 55 -16.22 70.05 3.66
C ASN E 55 -17.04 70.73 2.57
N VAL E 56 -18.34 70.91 2.79
CA VAL E 56 -19.26 71.39 1.75
C VAL E 56 -19.77 72.77 2.14
N TYR E 57 -19.50 73.75 1.29
CA TYR E 57 -20.03 75.10 1.41
C TYR E 57 -21.37 75.17 0.69
N ARG E 58 -22.34 75.82 1.32
CA ARG E 58 -23.68 76.03 0.76
C ARG E 58 -23.99 77.52 0.67
N CYS E 59 -24.11 78.03 -0.55
CA CYS E 59 -24.48 79.43 -0.77
C CYS E 59 -25.94 79.49 -1.20
N LYS E 60 -26.79 80.00 -0.32
CA LYS E 60 -28.23 80.03 -0.52
C LYS E 60 -28.73 81.46 -0.69
N ALA E 61 -29.62 81.66 -1.67
CA ALA E 61 -30.16 82.97 -1.98
C ALA E 61 -31.64 82.83 -2.35
N LYS E 62 -32.52 83.40 -1.52
CA LYS E 62 -33.97 83.28 -1.69
C LYS E 62 -34.58 84.64 -1.98
N LEU E 63 -35.33 84.72 -3.08
CA LEU E 63 -36.08 85.90 -3.46
C LEU E 63 -37.56 85.62 -3.31
N VAL E 64 -38.30 86.58 -2.74
CA VAL E 64 -39.72 86.41 -2.46
C VAL E 64 -40.46 87.63 -2.96
N VAL E 65 -41.42 87.42 -3.86
CA VAL E 65 -42.24 88.46 -4.44
C VAL E 65 -43.70 88.23 -4.06
N PRO E 66 -44.25 89.05 -3.17
CA PRO E 66 -45.65 88.90 -2.80
C PRO E 66 -46.59 89.66 -3.74
N VAL E 67 -47.83 89.19 -3.78
CA VAL E 67 -48.94 89.86 -4.44
C VAL E 67 -49.99 90.08 -3.37
N VAL E 68 -50.34 91.35 -3.15
CA VAL E 68 -51.19 91.81 -2.05
C VAL E 68 -52.45 92.44 -2.61
N GLU E 69 -53.58 92.16 -1.95
CA GLU E 69 -54.86 92.80 -2.23
C GLU E 69 -55.22 93.73 -1.09
N VAL E 70 -55.55 94.97 -1.43
CA VAL E 70 -55.92 95.99 -0.44
C VAL E 70 -57.34 96.45 -0.75
N VAL E 71 -58.22 96.28 0.25
CA VAL E 71 -59.59 96.76 0.19
C VAL E 71 -59.82 97.57 1.46
N GLY E 72 -59.94 98.88 1.33
CA GLY E 72 -60.07 99.70 2.51
C GLY E 72 -58.82 99.60 3.36
N ASN E 73 -59.01 99.24 4.62
CA ASN E 73 -57.90 99.02 5.54
C ASN E 73 -57.50 97.56 5.63
N VAL E 74 -58.19 96.67 4.91
CA VAL E 74 -57.83 95.26 4.88
C VAL E 74 -56.72 95.07 3.85
N ARG E 75 -55.56 94.61 4.31
CA ARG E 75 -54.42 94.34 3.45
C ARG E 75 -54.06 92.87 3.65
N THR E 76 -54.09 92.09 2.57
CA THR E 76 -53.87 90.66 2.67
C THR E 76 -52.97 90.19 1.55
N THR E 77 -52.08 89.24 1.86
CA THR E 77 -51.21 88.66 0.83
C THR E 77 -51.98 87.58 0.07
N VAL E 78 -52.26 87.84 -1.21
CA VAL E 78 -53.03 86.87 -1.97
C VAL E 78 -52.16 85.71 -2.42
N ARG E 79 -50.95 86.00 -2.90
CA ARG E 79 -50.10 84.90 -3.32
C ARG E 79 -48.64 85.33 -3.29
N THR E 80 -47.73 84.38 -3.38
CA THR E 80 -46.32 84.71 -3.48
C THR E 80 -45.67 83.89 -4.58
N LEU E 81 -44.64 84.48 -5.19
CA LEU E 81 -43.76 83.77 -6.10
C LEU E 81 -42.36 83.81 -5.48
N THR E 82 -41.73 82.65 -5.35
CA THR E 82 -40.41 82.60 -4.74
C THR E 82 -39.43 81.90 -5.66
N GLU E 83 -38.16 82.24 -5.49
CA GLU E 83 -37.09 81.59 -6.23
C GLU E 83 -35.91 81.43 -5.29
N THR E 84 -35.36 80.23 -5.21
CA THR E 84 -34.22 80.00 -4.33
C THR E 84 -33.09 79.31 -5.08
N THR E 85 -31.88 79.81 -4.90
CA THR E 85 -30.69 79.36 -5.61
C THR E 85 -29.65 78.88 -4.61
N GLU E 86 -29.23 77.62 -4.74
CA GLU E 86 -28.21 77.03 -3.89
C GLU E 86 -27.00 76.63 -4.72
N VAL E 87 -25.82 77.12 -4.35
CA VAL E 87 -24.56 76.73 -4.96
C VAL E 87 -23.74 75.98 -3.92
N LEU E 88 -23.32 74.76 -4.27
CA LEU E 88 -22.52 73.92 -3.40
C LEU E 88 -21.13 73.76 -3.97
N PHE E 89 -20.11 74.03 -3.14
CA PHE E 89 -18.74 73.75 -3.56
C PHE E 89 -17.91 73.25 -2.40
N THR E 90 -16.88 72.48 -2.72
CA THR E 90 -16.04 71.79 -1.74
C THR E 90 -14.95 72.71 -1.21
N GLN E 91 -14.37 72.29 -0.08
CA GLN E 91 -13.36 73.10 0.61
C GLN E 91 -12.08 73.25 -0.23
N ASP E 92 -11.77 72.27 -1.06
CA ASP E 92 -10.57 72.28 -1.88
C ASP E 92 -10.82 72.83 -3.28
N SER E 93 -11.97 73.45 -3.52
CA SER E 93 -12.27 73.94 -4.85
C SER E 93 -11.41 75.16 -5.18
N LEU E 94 -11.18 75.36 -6.47
CA LEU E 94 -10.38 76.49 -6.94
C LEU E 94 -11.26 77.68 -7.24
N GLY E 95 -10.74 78.87 -6.92
CA GLY E 95 -11.46 80.09 -7.26
C GLY E 95 -11.82 80.15 -8.74
N THR E 96 -10.93 79.65 -9.59
CA THR E 96 -11.21 79.52 -11.01
C THR E 96 -12.46 78.69 -11.25
N GLU E 97 -12.54 77.53 -10.59
CA GLU E 97 -13.67 76.63 -10.76
C GLU E 97 -14.97 77.30 -10.34
N ARG E 98 -15.02 77.87 -9.13
CA ARG E 98 -16.30 78.44 -8.72
C ARG E 98 -16.61 79.73 -9.47
N GLN E 99 -15.62 80.38 -10.08
CA GLN E 99 -15.94 81.50 -10.97
C GLN E 99 -16.61 81.01 -12.26
N ARG E 100 -16.12 79.90 -12.82
CA ARG E 100 -16.83 79.30 -13.95
C ARG E 100 -18.26 78.95 -13.57
N VAL E 101 -18.45 78.41 -12.37
CA VAL E 101 -19.80 78.07 -11.92
C VAL E 101 -20.67 79.31 -11.83
N ALA E 102 -20.13 80.40 -11.28
CA ALA E 102 -20.91 81.62 -11.17
C ALA E 102 -21.35 82.12 -12.54
N ASN E 103 -20.44 82.10 -13.51
CA ASN E 103 -20.80 82.57 -14.84
C ASN E 103 -21.80 81.64 -15.52
N LEU E 104 -21.68 80.33 -15.30
CA LEU E 104 -22.67 79.40 -15.84
C LEU E 104 -24.04 79.65 -15.23
N THR E 105 -24.09 79.92 -13.92
CA THR E 105 -25.37 80.24 -13.29
C THR E 105 -25.98 81.48 -13.92
N LYS E 106 -25.17 82.52 -14.12
CA LYS E 106 -25.67 83.73 -14.76
C LYS E 106 -26.20 83.43 -16.16
N SER E 107 -25.49 82.62 -16.93
CA SER E 107 -25.93 82.31 -18.29
C SER E 107 -27.23 81.53 -18.29
N LEU E 108 -27.34 80.51 -17.42
CA LEU E 108 -28.58 79.75 -17.31
C LEU E 108 -29.74 80.68 -16.96
N ALA E 109 -29.58 81.49 -15.91
CA ALA E 109 -30.66 82.36 -15.49
C ALA E 109 -31.06 83.34 -16.58
N GLY E 110 -30.13 83.68 -17.47
CA GLY E 110 -30.51 84.51 -18.61
C GLY E 110 -31.04 83.78 -19.82
N HIS E 111 -30.91 82.45 -19.86
CA HIS E 111 -31.22 81.69 -21.07
C HIS E 111 -32.70 81.70 -21.40
N ALA E 112 -33.00 81.92 -22.68
CA ALA E 112 -34.38 82.13 -23.12
C ALA E 112 -35.28 80.95 -22.79
N THR E 113 -34.81 79.71 -22.97
CA THR E 113 -35.70 78.58 -22.73
C THR E 113 -35.92 78.36 -21.23
N LEU E 114 -34.88 78.52 -20.42
CA LEU E 114 -35.06 78.41 -18.98
C LEU E 114 -36.03 79.47 -18.47
N MET E 115 -35.94 80.69 -19.00
CA MET E 115 -36.89 81.72 -18.62
C MET E 115 -38.29 81.40 -19.09
N SER E 116 -38.42 80.85 -20.31
CA SER E 116 -39.74 80.51 -20.84
C SER E 116 -40.40 79.41 -20.01
N VAL E 117 -39.63 78.53 -19.39
CA VAL E 117 -40.23 77.52 -18.52
C VAL E 117 -41.06 78.20 -17.43
N VAL E 118 -40.53 79.26 -16.83
CA VAL E 118 -41.26 79.92 -15.75
C VAL E 118 -42.31 80.87 -16.30
N GLN E 119 -41.95 81.64 -17.34
CA GLN E 119 -42.90 82.62 -17.89
C GLN E 119 -44.14 81.93 -18.43
N ASP E 120 -43.96 80.83 -19.16
CA ASP E 120 -45.05 80.14 -19.82
C ASP E 120 -45.56 78.95 -19.03
N ALA E 121 -44.93 78.63 -17.90
CA ALA E 121 -45.37 77.53 -17.04
C ALA E 121 -45.58 76.25 -17.82
N SER E 122 -44.70 75.99 -18.77
CA SER E 122 -44.70 74.72 -19.47
C SER E 122 -43.31 74.12 -19.38
N PRO E 123 -43.20 72.81 -19.35
CA PRO E 123 -41.89 72.16 -19.27
C PRO E 123 -41.23 72.13 -20.64
N ILE E 124 -40.08 71.48 -20.69
CA ILE E 124 -39.32 71.31 -21.91
C ILE E 124 -39.81 70.03 -22.58
N TYR E 125 -40.28 70.16 -23.84
CA TYR E 125 -40.85 69.05 -24.60
C TYR E 125 -41.10 69.53 -26.03
N GLY E 126 -40.95 68.61 -26.98
CA GLY E 126 -41.28 68.91 -28.36
C GLY E 126 -40.09 69.00 -29.30
N PRO F 1 -32.62 60.11 -28.97
CA PRO F 1 -33.13 61.23 -29.76
C PRO F 1 -34.63 61.43 -29.56
N LYS F 2 -35.22 62.46 -30.16
CA LYS F 2 -36.65 62.64 -30.08
C LYS F 2 -37.36 61.44 -30.69
N ILE F 3 -38.32 60.88 -29.96
CA ILE F 3 -39.07 59.74 -30.48
C ILE F 3 -39.80 60.15 -31.76
N ALA F 4 -39.75 59.28 -32.76
CA ALA F 4 -40.31 59.58 -34.06
C ALA F 4 -40.58 58.27 -34.79
N ASN F 5 -41.11 58.41 -36.01
CA ASN F 5 -41.28 57.26 -36.87
C ASN F 5 -39.91 56.67 -37.22
N ILE F 6 -39.88 55.35 -37.36
CA ILE F 6 -38.69 54.63 -37.78
C ILE F 6 -39.03 53.90 -39.06
N VAL F 7 -38.36 54.25 -40.15
CA VAL F 7 -38.62 53.65 -41.45
C VAL F 7 -37.50 52.69 -41.78
N ILE F 8 -37.83 51.40 -41.86
CA ILE F 8 -36.86 50.35 -42.15
C ILE F 8 -37.36 49.54 -43.34
N ASN F 9 -36.43 48.90 -44.03
CA ASN F 9 -36.74 48.18 -45.26
C ASN F 9 -36.64 46.68 -45.01
N ASP F 10 -37.62 45.92 -45.52
CA ASP F 10 -37.67 44.48 -45.35
C ASP F 10 -37.17 43.72 -46.58
N GLY F 11 -36.36 44.37 -47.41
CA GLY F 11 -35.87 43.76 -48.63
C GLY F 11 -36.73 43.99 -49.85
N THR F 12 -37.98 44.31 -49.66
CA THR F 12 -38.87 44.53 -50.79
C THR F 12 -39.59 45.88 -50.71
N LYS F 13 -39.97 46.33 -49.52
CA LYS F 13 -40.70 47.58 -49.35
C LYS F 13 -40.18 48.31 -48.12
N ASP F 14 -40.63 49.55 -47.97
CA ASP F 14 -40.35 50.32 -46.77
C ASP F 14 -41.51 50.20 -45.78
N ILE F 15 -41.16 50.00 -44.51
CA ILE F 15 -42.11 49.78 -43.43
C ILE F 15 -41.91 50.91 -42.44
N THR F 16 -43.01 51.54 -42.05
CA THR F 16 -43.00 52.67 -41.12
C THR F 16 -43.50 52.21 -39.76
N LEU F 17 -42.68 52.38 -38.73
CA LEU F 17 -43.01 52.02 -37.37
C LEU F 17 -43.30 53.31 -36.60
N GLN F 18 -44.54 53.45 -36.15
CA GLN F 18 -45.09 54.59 -35.42
C GLN F 18 -44.91 54.38 -33.93
N PRO F 19 -44.59 55.49 -33.24
CA PRO F 19 -44.46 55.43 -31.78
C PRO F 19 -45.78 55.03 -31.14
N VAL F 20 -45.68 54.28 -30.06
CA VAL F 20 -46.87 53.65 -29.50
C VAL F 20 -46.98 53.93 -28.01
N ASN F 21 -45.88 53.74 -27.29
CA ASN F 21 -45.94 53.75 -25.83
C ASN F 21 -44.52 53.95 -25.32
N ILE F 22 -44.41 54.42 -24.08
CA ILE F 22 -43.12 54.51 -23.40
C ILE F 22 -43.30 54.05 -21.97
N ASP F 23 -42.61 52.96 -21.61
CA ASP F 23 -42.73 52.30 -20.32
C ASP F 23 -42.43 53.27 -19.18
N ARG F 24 -42.70 52.79 -17.96
CA ARG F 24 -42.07 53.38 -16.79
C ARG F 24 -40.59 53.06 -16.75
N GLU F 25 -40.18 51.95 -17.38
CA GLU F 25 -38.78 51.60 -17.47
C GLU F 25 -38.04 52.29 -18.59
N GLY F 26 -38.74 53.05 -19.43
CA GLY F 26 -38.10 53.84 -20.47
C GLY F 26 -38.05 53.19 -21.83
N VAL F 27 -38.68 52.03 -21.99
CA VAL F 27 -38.70 51.32 -23.26
C VAL F 27 -39.63 52.04 -24.23
N ALA F 28 -39.14 52.32 -25.43
CA ALA F 28 -39.96 52.91 -26.48
C ALA F 28 -40.54 51.79 -27.31
N HIS F 29 -41.87 51.71 -27.37
CA HIS F 29 -42.55 50.72 -28.18
C HIS F 29 -43.01 51.35 -29.49
N PHE F 30 -42.99 50.56 -30.55
CA PHE F 30 -43.41 51.00 -31.87
C PHE F 30 -44.31 49.94 -32.47
N ARG F 31 -45.00 50.31 -33.55
CA ARG F 31 -45.87 49.36 -34.23
C ARG F 31 -45.99 49.75 -35.68
N GLU F 32 -46.26 48.76 -36.53
CA GLU F 32 -46.31 48.98 -37.96
C GLU F 32 -47.55 49.76 -38.36
N LYS F 33 -47.38 50.62 -39.35
CA LYS F 33 -48.44 51.53 -39.80
C LYS F 33 -49.24 50.88 -40.93
N ASP F 34 -50.54 51.13 -40.94
CA ASP F 34 -51.44 50.71 -42.01
C ASP F 34 -51.57 49.20 -42.11
N VAL F 35 -51.47 48.51 -40.96
CA VAL F 35 -51.52 47.05 -40.91
C VAL F 35 -52.30 46.65 -39.66
N SER F 36 -52.97 45.49 -39.74
CA SER F 36 -53.73 44.98 -38.61
C SER F 36 -52.85 44.91 -37.37
N ILE F 37 -53.48 45.14 -36.23
CA ILE F 37 -52.75 45.13 -34.96
C ILE F 37 -52.05 43.79 -34.77
N LEU F 38 -52.75 42.69 -35.00
CA LEU F 38 -52.17 41.38 -34.69
C LEU F 38 -51.00 41.05 -35.60
N GLU F 39 -51.03 41.51 -36.85
CA GLU F 39 -50.00 41.13 -37.82
C GLU F 39 -48.95 42.21 -38.03
N ALA F 40 -48.95 43.26 -37.21
CA ALA F 40 -48.04 44.37 -37.39
C ALA F 40 -46.71 44.07 -36.72
N ILE F 41 -45.62 44.36 -37.44
CA ILE F 41 -44.28 44.28 -36.87
C ILE F 41 -44.19 45.27 -35.72
N ARG F 42 -43.48 44.89 -34.65
CA ARG F 42 -43.30 45.83 -33.56
C ARG F 42 -41.86 45.81 -33.04
N LEU F 43 -41.44 46.95 -32.50
CA LEU F 43 -40.05 47.18 -32.15
C LEU F 43 -39.97 47.91 -30.80
N THR F 44 -39.17 47.39 -29.88
CA THR F 44 -38.94 48.03 -28.60
C THR F 44 -37.46 48.38 -28.46
N VAL F 45 -37.20 49.58 -27.93
CA VAL F 45 -35.86 50.14 -27.83
C VAL F 45 -35.68 50.78 -26.46
N GLN F 46 -34.73 50.27 -25.67
CA GLN F 46 -34.45 50.84 -24.35
C GLN F 46 -32.96 50.96 -24.15
N LEU F 47 -32.58 51.80 -23.18
CA LEU F 47 -31.18 51.96 -22.79
C LEU F 47 -31.10 52.07 -21.27
N ARG F 48 -30.79 50.96 -20.61
CA ARG F 48 -30.49 50.92 -19.19
C ARG F 48 -29.24 51.74 -18.89
N GLN F 49 -29.45 52.85 -18.17
CA GLN F 49 -28.38 53.61 -17.55
C GLN F 49 -27.65 52.71 -16.54
N PRO F 50 -26.41 53.04 -16.19
CA PRO F 50 -25.68 52.22 -15.22
C PRO F 50 -26.23 52.38 -13.82
N SER F 51 -26.01 51.35 -13.00
CA SER F 51 -26.39 51.37 -11.59
C SER F 51 -25.58 52.42 -10.83
N VAL F 52 -25.99 52.68 -9.59
CA VAL F 52 -25.17 53.53 -8.74
C VAL F 52 -23.89 52.80 -8.35
N ASN F 53 -23.94 51.48 -8.19
CA ASN F 53 -22.76 50.65 -7.96
C ASN F 53 -22.26 49.96 -9.22
N GLY F 54 -22.72 50.40 -10.39
CA GLY F 54 -22.24 49.85 -11.64
C GLY F 54 -21.79 50.96 -12.58
N ASN F 55 -21.21 50.54 -13.72
CA ASN F 55 -20.85 51.49 -14.76
C ASN F 55 -21.15 50.95 -16.15
N VAL F 56 -22.14 50.08 -16.28
CA VAL F 56 -22.41 49.36 -17.52
C VAL F 56 -23.74 49.83 -18.11
N TYR F 57 -23.71 50.26 -19.38
CA TYR F 57 -24.87 50.67 -20.15
C TYR F 57 -25.32 49.53 -21.03
N ARG F 58 -26.63 49.29 -21.07
CA ARG F 58 -27.22 48.24 -21.91
C ARG F 58 -28.27 48.85 -22.84
N CYS F 59 -28.00 48.83 -24.14
CA CYS F 59 -28.95 49.27 -25.16
C CYS F 59 -29.55 48.04 -25.82
N LYS F 60 -30.84 47.80 -25.57
CA LYS F 60 -31.54 46.62 -26.06
C LYS F 60 -32.61 47.02 -27.08
N ALA F 61 -32.61 46.36 -28.23
CA ALA F 61 -33.60 46.59 -29.27
C ALA F 61 -34.14 45.26 -29.74
N LYS F 62 -35.42 45.00 -29.48
CA LYS F 62 -36.09 43.78 -29.87
C LYS F 62 -37.10 44.07 -30.99
N LEU F 63 -37.00 43.32 -32.08
CA LEU F 63 -37.90 43.43 -33.20
C LEU F 63 -38.66 42.12 -33.34
N VAL F 64 -39.97 42.20 -33.55
CA VAL F 64 -40.82 41.03 -33.63
C VAL F 64 -41.63 41.11 -34.91
N VAL F 65 -41.61 40.02 -35.69
CA VAL F 65 -42.37 39.88 -36.92
C VAL F 65 -43.34 38.71 -36.76
N PRO F 66 -44.64 38.97 -36.63
CA PRO F 66 -45.60 37.87 -36.55
C PRO F 66 -45.99 37.39 -37.94
N VAL F 67 -46.57 36.19 -37.97
CA VAL F 67 -47.20 35.65 -39.18
C VAL F 67 -48.59 35.19 -38.77
N VAL F 68 -49.61 35.91 -39.24
CA VAL F 68 -50.99 35.58 -38.92
C VAL F 68 -51.58 34.83 -40.11
N GLU F 69 -52.35 33.80 -39.81
CA GLU F 69 -53.10 33.05 -40.80
C GLU F 69 -54.50 32.78 -40.25
N VAL F 70 -55.43 32.48 -41.16
CA VAL F 70 -56.83 32.30 -40.81
C VAL F 70 -57.06 30.83 -40.44
N VAL F 71 -57.26 30.55 -39.14
CA VAL F 71 -57.47 29.20 -38.62
C VAL F 71 -58.91 29.12 -38.11
N GLY F 72 -59.74 28.34 -38.79
CA GLY F 72 -61.14 28.24 -38.42
C GLY F 72 -61.87 29.55 -38.53
N ASN F 73 -61.60 30.31 -39.59
CA ASN F 73 -62.17 31.65 -39.81
C ASN F 73 -61.86 32.59 -38.64
N VAL F 74 -60.76 32.35 -37.95
CA VAL F 74 -60.29 33.20 -36.84
C VAL F 74 -58.82 33.48 -37.06
N ARG F 75 -58.48 34.74 -37.29
CA ARG F 75 -57.09 35.12 -37.53
C ARG F 75 -56.25 34.88 -36.28
N THR F 76 -55.26 34.00 -36.40
CA THR F 76 -54.37 33.69 -35.29
C THR F 76 -52.93 33.68 -35.78
N THR F 77 -52.01 33.93 -34.86
CA THR F 77 -50.59 34.02 -35.16
C THR F 77 -49.96 32.64 -35.02
N VAL F 78 -49.59 32.03 -36.15
CA VAL F 78 -48.99 30.70 -36.12
C VAL F 78 -47.58 30.75 -35.54
N ARG F 79 -46.77 31.69 -36.02
CA ARG F 79 -45.36 31.76 -35.65
C ARG F 79 -44.88 33.20 -35.69
N THR F 80 -43.97 33.52 -34.77
CA THR F 80 -43.32 34.82 -34.74
C THR F 80 -41.82 34.62 -34.87
N LEU F 81 -41.18 35.56 -35.56
CA LEU F 81 -39.74 35.59 -35.71
C LEU F 81 -39.19 36.80 -34.96
N THR F 82 -38.19 36.58 -34.12
CA THR F 82 -37.70 37.60 -33.21
C THR F 82 -36.23 37.91 -33.48
N GLU F 83 -35.84 39.14 -33.20
CA GLU F 83 -34.44 39.52 -33.30
C GLU F 83 -34.10 40.52 -32.20
N THR F 84 -33.06 40.21 -31.42
CA THR F 84 -32.64 41.03 -30.29
C THR F 84 -31.20 41.50 -30.49
N THR F 85 -30.99 42.81 -30.42
CA THR F 85 -29.67 43.42 -30.48
C THR F 85 -29.37 44.07 -29.14
N GLU F 86 -28.29 43.65 -28.49
CA GLU F 86 -27.86 44.26 -27.23
C GLU F 86 -26.46 44.81 -27.40
N VAL F 87 -26.32 46.12 -27.29
CA VAL F 87 -25.02 46.79 -27.29
C VAL F 87 -24.71 47.21 -25.86
N LEU F 88 -23.47 47.01 -25.45
CA LEU F 88 -23.11 47.11 -24.04
C LEU F 88 -21.79 47.83 -23.94
N PHE F 89 -21.77 48.96 -23.22
CA PHE F 89 -20.55 49.75 -23.09
C PHE F 89 -20.47 50.41 -21.72
N THR F 90 -19.26 50.81 -21.34
CA THR F 90 -18.97 51.27 -19.99
C THR F 90 -19.06 52.80 -19.89
N GLN F 91 -19.25 53.27 -18.65
CA GLN F 91 -19.50 54.69 -18.40
C GLN F 91 -18.30 55.56 -18.80
N ASP F 92 -17.09 55.02 -18.69
CA ASP F 92 -15.89 55.74 -19.06
C ASP F 92 -15.53 55.59 -20.54
N SER F 93 -16.48 55.13 -21.36
CA SER F 93 -16.16 54.89 -22.77
C SER F 93 -16.08 56.21 -23.53
N LEU F 94 -15.27 56.20 -24.58
CA LEU F 94 -15.08 57.39 -25.41
C LEU F 94 -16.07 57.38 -26.58
N GLY F 95 -16.45 58.59 -27.02
CA GLY F 95 -17.42 58.72 -28.09
C GLY F 95 -16.98 58.03 -29.37
N THR F 96 -15.70 58.20 -29.72
CA THR F 96 -15.16 57.51 -30.90
C THR F 96 -15.33 56.01 -30.79
N GLU F 97 -15.08 55.47 -29.60
CA GLU F 97 -15.18 54.02 -29.38
C GLU F 97 -16.60 53.52 -29.60
N ARG F 98 -17.59 54.15 -28.96
CA ARG F 98 -18.92 53.60 -29.18
C ARG F 98 -19.44 53.90 -30.58
N GLN F 99 -18.92 54.93 -31.25
CA GLN F 99 -19.25 55.13 -32.66
C GLN F 99 -18.69 54.00 -33.53
N ARG F 100 -17.47 53.58 -33.25
CA ARG F 100 -16.91 52.41 -33.93
C ARG F 100 -17.80 51.20 -33.74
N VAL F 101 -18.26 50.97 -32.51
CA VAL F 101 -19.11 49.81 -32.26
C VAL F 101 -20.41 49.92 -33.04
N ALA F 102 -20.99 51.11 -33.10
CA ALA F 102 -22.23 51.30 -33.87
C ALA F 102 -22.03 50.91 -35.32
N ASN F 103 -20.95 51.41 -35.93
CA ASN F 103 -20.71 51.13 -37.35
C ASN F 103 -20.35 49.67 -37.60
N LEU F 104 -19.64 49.04 -36.66
CA LEU F 104 -19.37 47.63 -36.78
C LEU F 104 -20.65 46.82 -36.74
N THR F 105 -21.57 47.17 -35.83
CA THR F 105 -22.87 46.51 -35.77
C THR F 105 -23.58 46.62 -37.11
N LYS F 106 -23.56 47.83 -37.70
CA LYS F 106 -24.20 48.03 -39.01
C LYS F 106 -23.57 47.11 -40.07
N SER F 107 -22.24 47.15 -40.21
CA SER F 107 -21.58 46.36 -41.24
C SER F 107 -21.80 44.88 -41.01
N LEU F 108 -21.76 44.45 -39.76
CA LEU F 108 -22.01 43.05 -39.40
C LEU F 108 -23.39 42.61 -39.87
N ALA F 109 -24.43 43.35 -39.48
CA ALA F 109 -25.79 42.98 -39.83
C ALA F 109 -26.05 43.10 -41.32
N GLY F 110 -25.23 43.84 -42.04
CA GLY F 110 -25.38 43.89 -43.49
C GLY F 110 -24.51 42.91 -44.24
N HIS F 111 -23.62 42.21 -43.54
CA HIS F 111 -22.67 41.33 -44.22
C HIS F 111 -23.35 40.09 -44.78
N ALA F 112 -23.02 39.78 -46.03
CA ALA F 112 -23.75 38.77 -46.79
C ALA F 112 -23.69 37.40 -46.12
N THR F 113 -22.54 37.03 -45.54
CA THR F 113 -22.44 35.72 -44.92
C THR F 113 -23.34 35.61 -43.70
N LEU F 114 -23.36 36.66 -42.87
CA LEU F 114 -24.23 36.66 -41.70
C LEU F 114 -25.70 36.61 -42.10
N MET F 115 -26.08 37.40 -43.11
CA MET F 115 -27.45 37.35 -43.59
C MET F 115 -27.80 35.95 -44.09
N SER F 116 -26.85 35.31 -44.78
CA SER F 116 -27.08 33.98 -45.32
C SER F 116 -27.22 32.94 -44.21
N VAL F 117 -26.57 33.16 -43.06
CA VAL F 117 -26.75 32.25 -41.93
C VAL F 117 -28.22 32.15 -41.54
N VAL F 118 -28.96 33.25 -41.61
CA VAL F 118 -30.36 33.21 -41.23
C VAL F 118 -31.25 32.86 -42.41
N GLN F 119 -30.96 33.41 -43.58
CA GLN F 119 -31.76 33.13 -44.77
C GLN F 119 -31.77 31.64 -45.09
N ASP F 120 -30.62 30.98 -44.94
CA ASP F 120 -30.45 29.58 -45.33
C ASP F 120 -30.47 28.62 -44.14
N ALA F 121 -30.58 29.12 -42.91
CA ALA F 121 -30.64 28.27 -41.71
C ALA F 121 -29.47 27.29 -41.65
N SER F 122 -28.26 27.82 -41.86
CA SER F 122 -27.06 27.01 -41.93
C SER F 122 -25.96 27.66 -41.11
N PRO F 123 -25.52 27.05 -40.01
CA PRO F 123 -24.44 27.66 -39.23
C PRO F 123 -23.21 27.82 -40.09
N ILE F 124 -22.23 28.58 -39.59
CA ILE F 124 -20.93 28.57 -40.23
C ILE F 124 -20.19 27.30 -39.79
N TYR F 125 -19.48 26.66 -40.73
CA TYR F 125 -19.01 25.30 -40.52
C TYR F 125 -17.66 25.06 -41.19
N GLY F 126 -16.99 24.02 -40.69
CA GLY F 126 -15.67 23.60 -41.12
C GLY F 126 -15.15 22.55 -40.14
N PRO G 1 73.05 27.00 63.14
CA PRO G 1 74.45 26.56 63.19
C PRO G 1 74.57 25.06 62.96
N LYS G 2 75.78 24.57 62.68
CA LYS G 2 75.96 23.16 62.38
C LYS G 2 75.69 22.31 63.63
N ILE G 3 75.35 21.05 63.40
CA ILE G 3 75.01 20.13 64.48
C ILE G 3 76.27 19.43 64.95
N ALA G 4 76.51 19.44 66.25
CA ALA G 4 77.77 18.99 66.83
C ALA G 4 77.58 18.81 68.33
N ASN G 5 78.62 18.30 68.98
CA ASN G 5 78.57 18.13 70.43
C ASN G 5 78.38 19.49 71.11
N ILE G 6 77.50 19.52 72.10
CA ILE G 6 77.32 20.67 72.96
C ILE G 6 77.94 20.34 74.30
N VAL G 7 79.00 21.05 74.66
CA VAL G 7 79.70 20.79 75.92
C VAL G 7 79.34 21.89 76.90
N ILE G 8 78.63 21.53 77.96
CA ILE G 8 78.22 22.46 79.01
C ILE G 8 78.88 22.02 80.31
N ASN G 9 78.80 22.87 81.33
CA ASN G 9 79.45 22.63 82.61
C ASN G 9 78.44 22.73 83.74
N ASP G 10 78.57 21.86 84.75
CA ASP G 10 77.67 21.85 85.90
C ASP G 10 78.32 22.45 87.15
N GLY G 11 79.34 23.30 86.98
CA GLY G 11 80.07 23.92 88.07
C GLY G 11 81.23 23.11 88.58
N THR G 12 81.23 21.80 88.32
CA THR G 12 82.26 20.89 88.75
C THR G 12 82.92 20.17 87.57
N LYS G 13 82.11 19.64 86.67
CA LYS G 13 82.53 18.77 85.58
C LYS G 13 81.85 19.24 84.30
N ASP G 14 82.49 19.00 83.16
CA ASP G 14 81.89 19.32 81.86
C ASP G 14 81.19 18.10 81.29
N ILE G 15 79.89 18.24 81.06
CA ILE G 15 79.07 17.21 80.46
C ILE G 15 79.00 17.47 78.97
N THR G 16 79.30 16.42 78.19
CA THR G 16 79.27 16.47 76.73
C THR G 16 77.97 15.83 76.24
N LEU G 17 77.12 16.65 75.60
CA LEU G 17 75.86 16.19 75.03
C LEU G 17 76.08 15.96 73.54
N GLN G 18 75.94 14.71 73.11
CA GLN G 18 76.15 14.32 71.72
C GLN G 18 74.85 14.43 70.93
N PRO G 19 74.97 14.86 69.67
CA PRO G 19 73.80 14.94 68.79
C PRO G 19 73.26 13.55 68.50
N VAL G 20 71.97 13.38 68.75
CA VAL G 20 71.35 12.07 68.72
C VAL G 20 70.20 11.99 67.73
N ASN G 21 69.40 13.04 67.62
CA ASN G 21 68.28 12.93 66.70
C ASN G 21 67.92 14.32 66.20
N ILE G 22 67.41 14.41 64.98
CA ILE G 22 66.72 15.62 64.54
C ILE G 22 65.29 15.23 64.26
N ASP G 23 64.40 15.78 65.08
CA ASP G 23 62.99 15.44 65.08
C ASP G 23 62.35 15.75 63.73
N ARG G 24 61.15 15.21 63.52
CA ARG G 24 60.35 15.64 62.39
C ARG G 24 59.76 17.03 62.60
N GLU G 25 59.69 17.49 63.85
CA GLU G 25 59.31 18.86 64.14
C GLU G 25 60.49 19.83 64.08
N GLY G 26 61.68 19.35 63.73
CA GLY G 26 62.86 20.18 63.68
C GLY G 26 63.66 20.20 64.96
N VAL G 27 63.30 19.38 65.94
CA VAL G 27 63.95 19.38 67.26
C VAL G 27 65.27 18.62 67.21
N ALA G 28 66.34 19.28 67.64
CA ALA G 28 67.63 18.62 67.78
C ALA G 28 67.70 18.03 69.18
N HIS G 29 67.64 16.71 69.25
CA HIS G 29 67.83 15.96 70.49
C HIS G 29 69.31 15.61 70.68
N PHE G 30 69.80 15.88 71.88
CA PHE G 30 71.14 15.52 72.31
C PHE G 30 71.02 14.67 73.57
N ARG G 31 72.00 13.80 73.77
CA ARG G 31 72.03 12.86 74.89
C ARG G 31 73.40 12.89 75.53
N GLU G 32 73.44 12.67 76.84
CA GLU G 32 74.71 12.73 77.55
C GLU G 32 75.63 11.60 77.10
N LYS G 33 76.89 11.93 76.90
CA LYS G 33 77.88 10.98 76.42
C LYS G 33 78.38 10.09 77.55
N ASP G 34 78.60 8.81 77.24
CA ASP G 34 79.22 7.85 78.18
C ASP G 34 78.34 7.61 79.40
N VAL G 35 77.02 7.56 79.20
CA VAL G 35 76.07 7.36 80.30
C VAL G 35 74.89 6.56 79.75
N SER G 36 74.36 5.66 80.58
CA SER G 36 73.23 4.84 80.19
C SER G 36 72.10 5.73 79.69
N ILE G 37 71.35 5.22 78.71
CA ILE G 37 70.25 5.96 78.11
C ILE G 37 69.29 6.47 79.17
N LEU G 38 69.01 5.65 80.18
CA LEU G 38 68.03 6.04 81.21
C LEU G 38 68.54 7.21 82.03
N GLU G 39 69.81 7.20 82.42
CA GLU G 39 70.35 8.20 83.33
C GLU G 39 71.04 9.35 82.62
N ALA G 40 71.02 9.38 81.29
CA ALA G 40 71.71 10.45 80.59
C ALA G 40 70.91 11.73 80.62
N ILE G 41 71.63 12.84 80.73
CA ILE G 41 71.06 14.17 80.62
C ILE G 41 70.75 14.42 79.16
N ARG G 42 69.55 14.91 78.86
CA ARG G 42 69.20 15.14 77.46
C ARG G 42 68.74 16.58 77.22
N LEU G 43 69.02 17.05 76.00
CA LEU G 43 68.77 18.45 75.62
C LEU G 43 68.08 18.52 74.27
N THR G 44 66.98 19.27 74.19
CA THR G 44 66.25 19.44 72.92
C THR G 44 66.22 20.92 72.55
N VAL G 45 66.49 21.21 71.28
CA VAL G 45 66.64 22.59 70.79
C VAL G 45 65.93 22.71 69.44
N GLN G 46 64.89 23.56 69.37
CA GLN G 46 64.15 23.74 68.12
C GLN G 46 63.84 25.20 67.87
N LEU G 47 63.75 25.57 66.59
CA LEU G 47 63.42 26.94 66.17
C LEU G 47 62.19 26.89 65.27
N ARG G 48 61.03 27.04 65.90
CA ARG G 48 59.74 27.07 65.22
C ARG G 48 59.63 28.38 64.45
N GLN G 49 59.66 28.28 63.12
CA GLN G 49 59.49 29.42 62.25
C GLN G 49 58.03 29.84 62.20
N PRO G 50 57.76 31.09 61.82
CA PRO G 50 56.38 31.59 61.89
C PRO G 50 55.49 30.99 60.82
N SER G 51 54.18 31.05 61.09
CA SER G 51 53.15 30.61 60.17
C SER G 51 53.08 31.53 58.94
N VAL G 52 52.30 31.11 57.95
CA VAL G 52 52.11 31.98 56.79
C VAL G 52 51.40 33.27 57.20
N ASN G 53 50.47 33.18 58.15
CA ASN G 53 49.76 34.37 58.62
C ASN G 53 50.61 35.18 59.60
N GLY G 54 51.33 34.50 60.49
CA GLY G 54 52.08 35.17 61.54
C GLY G 54 53.49 35.57 61.15
N ASN G 55 54.19 36.19 62.10
CA ASN G 55 55.60 36.56 61.91
C ASN G 55 56.41 36.34 63.19
N VAL G 56 56.09 35.30 63.96
CA VAL G 56 56.69 35.11 65.28
C VAL G 56 57.47 33.80 65.32
N TYR G 57 58.78 33.91 65.57
CA TYR G 57 59.67 32.79 65.79
C TYR G 57 59.67 32.45 67.27
N ARG G 58 59.68 31.14 67.55
CA ARG G 58 59.84 30.57 68.89
C ARG G 58 61.08 29.68 68.91
N CYS G 59 62.02 29.99 69.78
CA CYS G 59 63.22 29.17 69.97
C CYS G 59 63.12 28.52 71.34
N LYS G 60 62.91 27.20 71.35
CA LYS G 60 62.69 26.45 72.58
C LYS G 60 63.85 25.50 72.85
N ALA G 61 64.32 25.49 74.09
CA ALA G 61 65.42 24.62 74.53
C ALA G 61 65.08 24.03 75.88
N LYS G 62 64.93 22.70 75.93
CA LYS G 62 64.59 21.97 77.15
C LYS G 62 65.76 21.09 77.55
N LEU G 63 66.29 21.33 78.74
CA LEU G 63 67.29 20.48 79.38
C LEU G 63 66.59 19.62 80.43
N VAL G 64 66.90 18.33 80.43
CA VAL G 64 66.35 17.41 81.42
C VAL G 64 67.50 16.69 82.09
N VAL G 65 67.57 16.81 83.42
CA VAL G 65 68.56 16.14 84.25
C VAL G 65 67.81 15.10 85.09
N PRO G 66 68.06 13.81 84.89
CA PRO G 66 67.48 12.80 85.76
C PRO G 66 68.37 12.50 86.97
N VAL G 67 67.74 12.01 88.03
CA VAL G 67 68.41 11.56 89.24
C VAL G 67 68.14 10.06 89.34
N VAL G 68 69.13 9.24 89.02
CA VAL G 68 68.96 7.79 89.00
C VAL G 68 69.67 7.22 90.21
N GLU G 69 68.93 6.47 91.01
CA GLU G 69 69.48 5.72 92.13
C GLU G 69 69.03 4.26 92.02
N VAL G 70 69.84 3.37 92.59
CA VAL G 70 69.57 1.95 92.49
C VAL G 70 68.53 1.55 93.54
N VAL G 71 67.43 0.94 93.09
CA VAL G 71 66.38 0.41 93.95
C VAL G 71 66.48 -1.10 93.87
N GLY G 72 66.92 -1.74 94.96
CA GLY G 72 67.25 -3.15 94.89
C GLY G 72 68.43 -3.36 93.95
N ASN G 73 68.22 -4.14 92.89
CA ASN G 73 69.21 -4.31 91.83
C ASN G 73 68.82 -3.57 90.55
N VAL G 74 67.74 -2.79 90.58
CA VAL G 74 67.21 -2.14 89.39
C VAL G 74 67.53 -0.64 89.48
N ARG G 75 68.26 -0.12 88.51
CA ARG G 75 68.51 1.31 88.45
C ARG G 75 67.22 2.02 88.05
N THR G 76 66.81 3.01 88.84
CA THR G 76 65.58 3.73 88.55
C THR G 76 65.77 5.22 88.77
N THR G 77 65.10 6.01 87.94
CA THR G 77 65.11 7.46 88.05
C THR G 77 64.15 7.86 89.18
N VAL G 78 64.70 8.37 90.28
CA VAL G 78 63.88 8.79 91.42
C VAL G 78 63.08 10.04 91.07
N ARG G 79 63.73 11.02 90.46
CA ARG G 79 63.11 12.29 90.14
C ARG G 79 63.90 12.92 89.00
N THR G 80 63.34 14.00 88.44
CA THR G 80 64.00 14.73 87.38
C THR G 80 63.88 16.22 87.64
N LEU G 81 64.88 16.97 87.17
CA LEU G 81 64.86 18.42 87.16
C LEU G 81 64.84 18.88 85.70
N THR G 82 64.05 19.92 85.41
CA THR G 82 63.86 20.35 84.03
C THR G 82 64.05 21.84 83.91
N GLU G 83 64.66 22.29 82.82
CA GLU G 83 64.81 23.70 82.53
C GLU G 83 64.38 23.96 81.09
N THR G 84 63.58 25.01 80.87
CA THR G 84 63.04 25.33 79.56
C THR G 84 63.24 26.81 79.28
N THR G 85 64.04 27.12 78.27
CA THR G 85 64.23 28.48 77.78
C THR G 85 63.44 28.65 76.50
N GLU G 86 62.71 29.76 76.38
CA GLU G 86 61.90 30.02 75.20
C GLU G 86 62.04 31.50 74.80
N VAL G 87 62.63 31.74 73.64
CA VAL G 87 62.89 33.08 73.12
C VAL G 87 61.95 33.35 71.95
N LEU G 88 61.23 34.47 72.01
CA LEU G 88 60.29 34.86 70.97
C LEU G 88 60.76 36.13 70.30
N PHE G 89 60.82 36.11 68.97
CA PHE G 89 61.14 37.34 68.24
C PHE G 89 60.42 37.36 66.90
N THR G 90 60.21 38.57 66.39
CA THR G 90 59.46 38.81 65.16
C THR G 90 60.38 38.85 63.96
N GLN G 91 59.77 38.69 62.77
CA GLN G 91 60.56 38.61 61.54
C GLN G 91 61.16 39.96 61.16
N ASP G 92 60.57 41.06 61.61
CA ASP G 92 61.16 42.36 61.34
C ASP G 92 62.26 42.72 62.33
N SER G 93 62.59 41.81 63.24
CA SER G 93 63.60 42.09 64.25
C SER G 93 64.99 42.16 63.63
N LEU G 94 65.82 43.04 64.21
CA LEU G 94 67.18 43.23 63.74
C LEU G 94 68.12 42.22 64.38
N GLY G 95 69.18 41.87 63.65
CA GLY G 95 70.17 40.98 64.22
C GLY G 95 70.78 41.54 65.49
N THR G 96 71.05 42.85 65.48
CA THR G 96 71.63 43.47 66.67
C THR G 96 70.68 43.36 67.86
N GLU G 97 69.38 43.49 67.61
CA GLU G 97 68.40 43.35 68.68
C GLU G 97 68.38 41.91 69.22
N ARG G 98 68.31 40.94 68.31
CA ARG G 98 68.33 39.54 68.74
C ARG G 98 69.59 39.23 69.55
N GLN G 99 70.73 39.79 69.13
CA GLN G 99 71.99 39.55 69.83
C GLN G 99 71.98 40.17 71.21
N ARG G 100 71.49 41.40 71.30
CA ARG G 100 71.30 42.04 72.61
C ARG G 100 70.47 41.15 73.53
N VAL G 101 69.40 40.56 73.00
CA VAL G 101 68.54 39.72 73.84
C VAL G 101 69.28 38.45 74.27
N ALA G 102 70.04 37.85 73.35
CA ALA G 102 70.79 36.64 73.71
C ALA G 102 71.79 36.92 74.82
N ASN G 103 72.51 38.04 74.71
CA ASN G 103 73.47 38.40 75.75
C ASN G 103 72.77 38.66 77.08
N LEU G 104 71.62 39.34 77.05
CA LEU G 104 70.87 39.55 78.28
C LEU G 104 70.45 38.22 78.89
N THR G 105 70.02 37.26 78.06
CA THR G 105 69.66 35.95 78.57
C THR G 105 70.85 35.29 79.27
N LYS G 106 72.02 35.37 78.65
CA LYS G 106 73.24 34.83 79.26
C LYS G 106 73.52 35.48 80.60
N SER G 107 73.57 36.82 80.62
CA SER G 107 73.85 37.54 81.86
C SER G 107 72.83 37.20 82.93
N LEU G 108 71.56 37.04 82.54
CA LEU G 108 70.50 36.73 83.47
C LEU G 108 70.70 35.36 84.09
N ALA G 109 70.91 34.34 83.25
CA ALA G 109 71.11 32.98 83.77
C ALA G 109 72.38 32.85 84.58
N GLY G 110 73.34 33.75 84.41
CA GLY G 110 74.51 33.72 85.26
C GLY G 110 74.40 34.55 86.52
N HIS G 111 73.30 35.28 86.72
CA HIS G 111 73.22 36.25 87.80
C HIS G 111 73.01 35.57 89.16
N ALA G 112 73.74 36.09 90.16
CA ALA G 112 73.80 35.46 91.46
C ALA G 112 72.43 35.26 92.09
N THR G 113 71.55 36.28 92.01
CA THR G 113 70.29 36.19 92.73
C THR G 113 69.35 35.17 92.10
N LEU G 114 69.36 35.04 90.76
CA LEU G 114 68.51 34.03 90.13
C LEU G 114 69.04 32.63 90.38
N MET G 115 70.36 32.46 90.27
CA MET G 115 70.94 31.18 90.63
C MET G 115 70.60 30.82 92.06
N SER G 116 70.59 31.81 92.96
CA SER G 116 70.23 31.56 94.34
C SER G 116 68.76 31.18 94.47
N VAL G 117 67.87 31.80 93.68
CA VAL G 117 66.47 31.39 93.70
C VAL G 117 66.34 29.90 93.44
N VAL G 118 67.09 29.40 92.45
CA VAL G 118 66.91 27.99 92.14
C VAL G 118 67.66 27.09 93.13
N GLN G 119 68.87 27.48 93.53
CA GLN G 119 69.67 26.67 94.46
C GLN G 119 69.00 26.56 95.82
N ASP G 120 68.75 27.70 96.45
CA ASP G 120 68.16 27.77 97.79
C ASP G 120 66.66 27.53 97.79
N ALA G 121 66.02 27.48 96.61
CA ALA G 121 64.58 27.28 96.48
C ALA G 121 63.77 28.32 97.25
N SER G 122 64.31 29.52 97.41
CA SER G 122 63.59 30.62 98.02
C SER G 122 63.40 31.74 97.00
N PRO G 123 62.18 32.25 96.84
CA PRO G 123 61.95 33.30 95.86
C PRO G 123 62.41 34.65 96.39
N ILE G 124 62.23 35.67 95.55
CA ILE G 124 62.60 37.04 95.90
C ILE G 124 61.46 37.63 96.71
N TYR G 125 61.76 38.03 97.96
CA TYR G 125 60.79 38.66 98.84
C TYR G 125 61.55 39.50 99.85
N GLY G 126 61.00 40.67 100.18
CA GLY G 126 61.58 41.56 101.18
C GLY G 126 63.01 42.00 100.96
N PRO H 1 65.63 35.31 97.58
CA PRO H 1 66.41 36.25 98.40
C PRO H 1 65.74 37.60 98.57
N LYS H 2 66.54 38.58 98.96
CA LYS H 2 66.05 39.91 99.24
C LYS H 2 65.98 40.72 97.96
N ILE H 3 64.87 41.44 97.78
CA ILE H 3 64.64 42.20 96.55
C ILE H 3 65.67 43.31 96.44
N ALA H 4 66.27 43.45 95.26
CA ALA H 4 67.32 44.44 95.05
C ALA H 4 67.52 44.64 93.55
N ASN H 5 68.38 45.59 93.23
CA ASN H 5 68.69 45.88 91.83
C ASN H 5 69.31 44.66 91.16
N ILE H 6 68.96 44.45 89.90
CA ILE H 6 69.55 43.38 89.10
C ILE H 6 70.26 44.02 87.92
N VAL H 7 71.57 43.88 87.86
CA VAL H 7 72.35 44.45 86.77
C VAL H 7 72.76 43.32 85.85
N ILE H 8 72.42 43.45 84.57
CA ILE H 8 72.78 42.45 83.57
C ILE H 8 73.37 43.15 82.35
N ASN H 9 74.22 42.43 81.63
CA ASN H 9 74.93 42.98 80.49
C ASN H 9 74.28 42.52 79.19
N ASP H 10 74.21 43.42 78.21
CA ASP H 10 73.64 43.12 76.90
C ASP H 10 74.70 42.95 75.82
N GLY H 11 75.96 42.75 76.21
CA GLY H 11 77.05 42.63 75.27
C GLY H 11 77.76 43.92 74.96
N THR H 12 77.14 45.06 75.26
CA THR H 12 77.74 46.36 74.98
C THR H 12 77.83 47.21 76.23
N LYS H 13 76.85 47.08 77.14
CA LYS H 13 76.79 47.92 78.32
C LYS H 13 76.00 47.21 79.42
N ASP H 14 76.14 47.73 80.63
CA ASP H 14 75.42 47.20 81.79
C ASP H 14 74.09 47.92 81.94
N ILE H 15 73.05 47.13 82.18
CA ILE H 15 71.68 47.62 82.27
C ILE H 15 71.17 47.30 83.66
N THR H 16 70.69 48.33 84.35
CA THR H 16 70.22 48.22 85.72
C THR H 16 68.70 48.10 85.73
N LEU H 17 68.19 47.03 86.34
CA LEU H 17 66.76 46.81 86.50
C LEU H 17 66.42 47.02 87.96
N GLN H 18 65.68 48.08 88.24
CA GLN H 18 65.24 48.44 89.59
C GLN H 18 63.95 47.72 89.94
N PRO H 19 63.84 47.26 91.18
CA PRO H 19 62.62 46.58 91.60
C PRO H 19 61.46 47.54 91.67
N VAL H 20 60.27 47.03 91.36
CA VAL H 20 59.05 47.81 91.36
C VAL H 20 58.13 47.38 92.49
N ASN H 21 57.77 46.09 92.53
CA ASN H 21 56.90 45.55 93.56
C ASN H 21 56.90 44.03 93.44
N ILE H 22 56.06 43.38 94.26
CA ILE H 22 55.82 41.95 94.19
C ILE H 22 54.32 41.73 94.35
N ASP H 23 53.68 41.17 93.33
CA ASP H 23 52.23 41.13 93.25
C ASP H 23 51.68 39.99 94.09
N ARG H 24 50.35 39.80 94.05
CA ARG H 24 49.72 38.80 94.90
C ARG H 24 50.22 37.40 94.57
N GLU H 25 50.51 37.14 93.29
CA GLU H 25 50.94 35.80 92.86
C GLU H 25 52.34 35.48 93.38
N GLY H 26 53.14 36.50 93.70
CA GLY H 26 54.52 36.29 94.11
C GLY H 26 55.53 36.74 93.09
N VAL H 27 55.09 37.27 91.95
CA VAL H 27 55.99 37.71 90.91
C VAL H 27 56.64 39.02 91.33
N ALA H 28 57.97 39.06 91.29
CA ALA H 28 58.74 40.26 91.55
C ALA H 28 58.98 40.96 90.21
N HIS H 29 58.57 42.22 90.11
CA HIS H 29 58.67 42.99 88.88
C HIS H 29 59.84 43.98 88.93
N PHE H 30 60.59 44.05 87.83
CA PHE H 30 61.72 44.96 87.68
C PHE H 30 61.59 45.73 86.38
N ARG H 31 62.07 46.98 86.41
CA ARG H 31 61.94 47.92 85.30
C ARG H 31 63.28 48.63 85.09
N GLU H 32 63.63 48.83 83.82
CA GLU H 32 64.92 49.44 83.50
C GLU H 32 65.01 50.84 84.06
N LYS H 33 66.17 51.17 84.61
CA LYS H 33 66.40 52.46 85.25
C LYS H 33 66.64 53.54 84.21
N ASP H 34 66.09 54.74 84.46
CA ASP H 34 66.41 55.95 83.69
C ASP H 34 65.95 55.87 82.24
N VAL H 35 64.90 55.09 81.97
CA VAL H 35 64.34 54.95 80.64
C VAL H 35 62.83 55.09 80.75
N SER H 36 62.22 55.56 79.66
CA SER H 36 60.77 55.74 79.64
C SER H 36 60.06 54.43 79.95
N ILE H 37 58.88 54.55 80.57
CA ILE H 37 58.02 53.40 80.84
C ILE H 37 57.84 52.55 79.58
N LEU H 38 57.57 53.20 78.46
CA LEU H 38 57.20 52.47 77.25
C LEU H 38 58.36 51.63 76.71
N GLU H 39 59.58 52.18 76.76
CA GLU H 39 60.73 51.55 76.13
C GLU H 39 61.63 50.82 77.11
N ALA H 40 61.25 50.75 78.38
CA ALA H 40 62.12 50.17 79.39
C ALA H 40 62.05 48.65 79.35
N ILE H 41 63.22 48.03 79.53
CA ILE H 41 63.31 46.58 79.63
C ILE H 41 62.68 46.13 80.94
N ARG H 42 61.95 45.02 80.91
CA ARG H 42 61.26 44.55 82.10
C ARG H 42 61.61 43.10 82.40
N LEU H 43 61.64 42.79 83.70
CA LEU H 43 61.99 41.45 84.16
C LEU H 43 61.03 41.01 85.26
N THR H 44 60.50 39.79 85.16
CA THR H 44 59.65 39.25 86.20
C THR H 44 60.21 37.91 86.70
N VAL H 45 60.20 37.73 88.01
CA VAL H 45 60.79 36.53 88.64
C VAL H 45 59.85 36.00 89.71
N GLN H 46 59.47 34.72 89.60
CA GLN H 46 58.63 34.10 90.63
C GLN H 46 59.07 32.66 90.87
N LEU H 47 58.76 32.15 92.06
CA LEU H 47 59.02 30.77 92.46
C LEU H 47 57.73 30.19 93.02
N ARG H 48 56.91 29.63 92.13
CA ARG H 48 55.62 29.07 92.49
C ARG H 48 55.79 27.79 93.30
N GLN H 49 55.24 27.81 94.50
CA GLN H 49 55.23 26.67 95.39
C GLN H 49 54.37 25.55 94.81
N PRO H 50 54.59 24.31 95.24
CA PRO H 50 53.70 23.23 94.85
C PRO H 50 52.37 23.35 95.59
N SER H 51 51.32 22.81 94.96
CA SER H 51 50.01 22.76 95.59
C SER H 51 50.03 21.79 96.77
N VAL H 52 48.89 21.69 97.45
CA VAL H 52 48.78 20.66 98.49
C VAL H 52 48.83 19.28 97.88
N ASN H 53 48.30 19.12 96.66
CA ASN H 53 48.34 17.83 95.98
C ASN H 53 49.71 17.54 95.37
N GLY H 54 50.24 18.48 94.58
CA GLY H 54 51.48 18.26 93.87
C GLY H 54 52.71 18.43 94.73
N ASN H 55 53.87 18.26 94.10
CA ASN H 55 55.16 18.49 94.75
C ASN H 55 56.15 19.14 93.79
N VAL H 56 55.67 19.98 92.86
CA VAL H 56 56.49 20.53 91.79
C VAL H 56 56.64 22.03 91.98
N TYR H 57 57.89 22.48 92.14
CA TYR H 57 58.25 23.88 92.19
C TYR H 57 58.50 24.38 90.78
N ARG H 58 57.97 25.58 90.48
CA ARG H 58 58.15 26.23 89.17
C ARG H 58 58.82 27.58 89.37
N CYS H 59 60.05 27.73 88.87
CA CYS H 59 60.75 29.00 88.92
C CYS H 59 60.73 29.64 87.54
N LYS H 60 59.97 30.72 87.40
CA LYS H 60 59.74 31.38 86.12
C LYS H 60 60.38 32.76 86.10
N ALA H 61 61.05 33.07 84.98
CA ALA H 61 61.75 34.35 84.81
C ALA H 61 61.56 34.84 83.38
N LYS H 62 60.87 35.97 83.21
CA LYS H 62 60.54 36.51 81.90
C LYS H 62 61.23 37.85 81.70
N LEU H 63 61.97 37.98 80.60
CA LEU H 63 62.61 39.21 80.19
C LEU H 63 61.92 39.73 78.94
N VAL H 64 61.67 41.03 78.91
CA VAL H 64 60.95 41.67 77.81
C VAL H 64 61.71 42.90 77.36
N VAL H 65 62.09 42.92 76.08
CA VAL H 65 62.82 44.03 75.48
C VAL H 65 61.96 44.64 74.38
N PRO H 66 61.42 45.83 74.58
CA PRO H 66 60.64 46.50 73.54
C PRO H 66 61.51 47.31 72.59
N VAL H 67 60.97 47.51 71.39
CA VAL H 67 61.50 48.40 70.39
C VAL H 67 60.40 49.40 70.07
N VAL H 68 60.69 50.69 70.29
CA VAL H 68 59.73 51.78 70.25
C VAL H 68 60.13 52.77 69.16
N GLU H 69 59.12 53.27 68.45
CA GLU H 69 59.26 54.32 67.45
C GLU H 69 58.61 55.59 67.98
N VAL H 70 59.38 56.68 67.97
CA VAL H 70 58.91 57.98 68.43
C VAL H 70 58.95 58.97 67.28
N VAL H 71 57.80 59.53 66.95
CA VAL H 71 57.67 60.57 65.95
C VAL H 71 56.88 61.70 66.59
N GLY H 72 57.56 62.82 66.85
CA GLY H 72 56.90 63.90 67.56
C GLY H 72 56.50 63.45 68.94
N ASN H 73 55.22 63.60 69.26
CA ASN H 73 54.67 63.13 70.52
C ASN H 73 54.04 61.76 70.43
N VAL H 74 54.05 61.15 69.25
CA VAL H 74 53.54 59.80 69.07
C VAL H 74 54.63 58.82 69.44
N ARG H 75 54.37 58.01 70.47
CA ARG H 75 55.31 56.99 70.92
C ARG H 75 54.58 55.66 70.84
N THR H 76 55.13 54.72 70.07
CA THR H 76 54.44 53.46 69.83
C THR H 76 55.44 52.31 69.92
N THR H 77 55.01 51.17 70.48
CA THR H 77 55.87 49.99 70.54
C THR H 77 55.81 49.26 69.21
N VAL H 78 56.91 49.25 68.46
CA VAL H 78 56.89 48.59 67.16
C VAL H 78 56.99 47.08 67.31
N ARG H 79 57.87 46.62 68.18
CA ARG H 79 57.98 45.16 68.32
C ARG H 79 58.56 44.84 69.69
N THR H 80 58.48 43.57 70.09
CA THR H 80 59.12 43.15 71.33
C THR H 80 59.87 41.85 71.09
N LEU H 81 60.93 41.67 71.86
CA LEU H 81 61.65 40.40 71.94
C LEU H 81 61.54 39.93 73.39
N THR H 82 61.08 38.70 73.59
CA THR H 82 60.93 38.20 74.95
C THR H 82 61.68 36.87 75.11
N GLU H 83 62.06 36.60 76.35
CA GLU H 83 62.70 35.33 76.68
C GLU H 83 62.18 34.90 78.04
N THR H 84 61.72 33.66 78.15
CA THR H 84 61.19 33.18 79.42
C THR H 84 61.85 31.84 79.77
N THR H 85 62.28 31.72 81.03
CA THR H 85 63.02 30.58 81.54
C THR H 85 62.24 29.96 82.70
N GLU H 86 61.92 28.67 82.58
CA GLU H 86 61.22 27.93 83.63
C GLU H 86 62.09 26.79 84.12
N VAL H 87 62.33 26.73 85.42
CA VAL H 87 63.04 25.63 86.06
C VAL H 87 62.06 24.89 86.97
N LEU H 88 61.92 23.60 86.76
CA LEU H 88 61.03 22.75 87.55
C LEU H 88 61.85 21.78 88.39
N PHE H 89 61.57 21.75 89.69
CA PHE H 89 62.19 20.75 90.54
C PHE H 89 61.23 20.26 91.60
N THR H 90 61.46 19.03 92.06
CA THR H 90 60.56 18.33 92.97
C THR H 90 60.84 18.72 94.42
N GLN H 91 59.87 18.41 95.29
CA GLN H 91 59.94 18.78 96.69
C GLN H 91 61.08 18.05 97.41
N ASP H 92 61.42 16.85 96.97
CA ASP H 92 62.47 16.06 97.60
C ASP H 92 63.83 16.24 96.92
N SER H 93 63.98 17.24 96.07
CA SER H 93 65.24 17.42 95.37
C SER H 93 66.32 17.93 96.32
N LEU H 94 67.57 17.61 95.98
CA LEU H 94 68.71 18.03 96.80
C LEU H 94 69.24 19.37 96.32
N GLY H 95 69.67 20.20 97.28
CA GLY H 95 70.30 21.46 96.92
C GLY H 95 71.47 21.26 95.97
N THR H 96 72.21 20.17 96.16
CA THR H 96 73.27 19.80 95.22
C THR H 96 72.73 19.64 93.80
N GLU H 97 71.62 18.92 93.68
CA GLU H 97 71.04 18.67 92.37
C GLU H 97 70.61 19.97 91.71
N ARG H 98 69.83 20.80 92.41
CA ARG H 98 69.38 22.00 91.71
C ARG H 98 70.50 23.01 91.53
N GLN H 99 71.60 22.90 92.29
CA GLN H 99 72.76 23.73 91.97
C GLN H 99 73.43 23.29 90.67
N ARG H 100 73.55 21.97 90.47
CA ARG H 100 74.02 21.50 89.16
C ARG H 100 73.13 22.02 88.04
N VAL H 101 71.81 22.00 88.26
CA VAL H 101 70.89 22.47 87.22
C VAL H 101 71.13 23.95 86.96
N ALA H 102 71.30 24.75 88.01
CA ALA H 102 71.55 26.17 87.81
C ALA H 102 72.81 26.42 86.98
N ASN H 103 73.88 25.69 87.28
CA ASN H 103 75.12 25.87 86.52
C ASN H 103 74.96 25.40 85.08
N LEU H 104 74.22 24.31 84.87
CA LEU H 104 73.97 23.87 83.50
C LEU H 104 73.17 24.91 82.73
N THR H 105 72.18 25.53 83.37
CA THR H 105 71.43 26.58 82.70
C THR H 105 72.33 27.73 82.31
N LYS H 106 73.21 28.15 83.22
CA LYS H 106 74.16 29.22 82.91
C LYS H 106 75.05 28.83 81.73
N SER H 107 75.53 27.59 81.70
CA SER H 107 76.41 27.16 80.62
C SER H 107 75.67 27.14 79.29
N LEU H 108 74.45 26.59 79.26
CA LEU H 108 73.66 26.59 78.05
C LEU H 108 73.44 28.01 77.55
N ALA H 109 72.98 28.90 78.42
CA ALA H 109 72.70 30.27 78.01
C ALA H 109 73.96 30.96 77.50
N GLY H 110 75.14 30.55 77.96
CA GLY H 110 76.35 31.11 77.39
C GLY H 110 76.89 30.41 76.16
N HIS H 111 76.36 29.23 75.82
CA HIS H 111 76.94 28.41 74.77
C HIS H 111 76.79 29.04 73.39
N ALA H 112 77.89 29.00 72.63
CA ALA H 112 77.96 29.71 71.36
C ALA H 112 76.88 29.27 70.38
N THR H 113 76.61 27.96 70.29
CA THR H 113 75.63 27.52 69.29
C THR H 113 74.21 27.87 69.72
N LEU H 114 73.90 27.73 71.01
CA LEU H 114 72.58 28.13 71.48
C LEU H 114 72.36 29.62 71.25
N MET H 115 73.38 30.44 71.48
CA MET H 115 73.24 31.87 71.22
C MET H 115 73.10 32.14 69.72
N SER H 116 73.83 31.40 68.88
CA SER H 116 73.75 31.59 67.44
C SER H 116 72.36 31.25 66.92
N VAL H 117 71.66 30.30 67.56
CA VAL H 117 70.29 30.01 67.12
C VAL H 117 69.44 31.28 67.16
N VAL H 118 69.58 32.08 68.22
CA VAL H 118 68.75 33.28 68.33
C VAL H 118 69.35 34.42 67.51
N GLN H 119 70.67 34.60 67.58
CA GLN H 119 71.30 35.70 66.87
C GLN H 119 71.08 35.59 65.37
N ASP H 120 71.25 34.39 64.82
CA ASP H 120 71.18 34.14 63.39
C ASP H 120 69.83 33.63 62.95
N ALA H 121 68.92 33.38 63.88
CA ALA H 121 67.56 32.92 63.56
C ALA H 121 67.58 31.73 62.60
N SER H 122 68.52 30.82 62.83
CA SER H 122 68.53 29.57 62.09
C SER H 122 68.58 28.43 63.09
N PRO H 123 67.99 27.30 62.76
CA PRO H 123 68.02 26.15 63.66
C PRO H 123 69.34 25.43 63.57
N ILE H 124 69.42 24.32 64.31
CA ILE H 124 70.60 23.46 64.31
C ILE H 124 70.44 22.45 63.18
N TYR H 125 71.41 22.43 62.26
CA TYR H 125 71.40 21.58 61.08
C TYR H 125 72.73 21.69 60.37
N GLY H 126 73.17 20.58 59.77
CA GLY H 126 74.37 20.60 58.95
C GLY H 126 75.55 19.84 59.53
N PRO I 1 73.40 8.96 62.98
CA PRO I 1 74.43 9.92 62.56
C PRO I 1 73.90 10.85 61.47
N LYS I 2 74.72 11.82 61.06
CA LYS I 2 74.32 12.70 59.96
C LYS I 2 74.08 11.86 58.70
N ILE I 3 72.92 12.06 58.06
CA ILE I 3 72.64 11.34 56.83
C ILE I 3 73.69 11.65 55.78
N ALA I 4 74.15 10.63 55.08
CA ALA I 4 75.22 10.79 54.11
C ALA I 4 75.18 9.62 53.13
N ASN I 5 76.09 9.65 52.18
CA ASN I 5 76.25 8.53 51.28
C ASN I 5 76.68 7.29 52.05
N ILE I 6 76.21 6.14 51.59
CA ILE I 6 76.58 4.85 52.14
C ILE I 6 77.23 4.04 51.04
N VAL I 7 78.50 3.70 51.21
CA VAL I 7 79.24 2.97 50.19
C VAL I 7 79.41 1.53 50.66
N ILE I 8 78.80 0.61 49.93
CA ILE I 8 78.85 -0.81 50.25
C ILE I 8 79.34 -1.58 49.03
N ASN I 9 79.91 -2.75 49.28
CA ASN I 9 80.53 -3.55 48.22
C ASN I 9 79.66 -4.77 47.93
N ASP I 10 79.46 -5.07 46.64
CA ASP I 10 78.64 -6.20 46.21
C ASP I 10 79.48 -7.42 45.82
N GLY I 11 80.71 -7.50 46.31
CA GLY I 11 81.60 -8.59 45.97
C GLY I 11 82.49 -8.32 44.78
N THR I 12 82.11 -7.40 43.93
CA THR I 12 82.91 -7.10 42.75
C THR I 12 83.25 -5.62 42.63
N LYS I 13 82.34 -4.73 42.99
CA LYS I 13 82.55 -3.29 42.88
C LYS I 13 82.00 -2.59 44.11
N ASP I 14 82.30 -1.30 44.22
CA ASP I 14 81.72 -0.45 45.24
C ASP I 14 80.49 0.28 44.70
N ILE I 15 79.43 0.30 45.50
CA ILE I 15 78.15 0.88 45.15
C ILE I 15 77.88 2.00 46.12
N THR I 16 77.52 3.17 45.60
CA THR I 16 77.26 4.36 46.41
C THR I 16 75.75 4.59 46.47
N LEU I 17 75.20 4.63 47.68
CA LEU I 17 73.80 4.89 47.90
C LEU I 17 73.65 6.31 48.44
N GLN I 18 72.98 7.15 47.67
CA GLN I 18 72.72 8.56 47.92
C GLN I 18 71.42 8.73 48.68
N PRO I 19 71.44 9.69 49.61
CA PRO I 19 70.23 9.99 50.38
C PRO I 19 69.12 10.46 49.46
N VAL I 20 67.90 10.09 49.79
CA VAL I 20 66.79 10.31 48.86
C VAL I 20 65.63 11.01 49.54
N ASN I 21 65.25 10.53 50.72
CA ASN I 21 64.01 10.98 51.34
C ASN I 21 64.08 10.60 52.81
N ILE I 22 63.28 11.29 53.62
CA ILE I 22 63.13 10.93 55.03
C ILE I 22 61.65 11.05 55.39
N ASP I 23 61.06 9.91 55.78
CA ASP I 23 59.64 9.79 56.05
C ASP I 23 59.20 10.75 57.14
N ARG I 24 57.87 10.83 57.32
CA ARG I 24 57.34 11.35 58.56
C ARG I 24 57.60 10.38 59.70
N GLU I 25 57.75 9.09 59.39
CA GLU I 25 58.05 8.09 60.40
C GLU I 25 59.54 8.00 60.72
N GLY I 26 60.39 8.73 60.00
CA GLY I 26 61.80 8.79 60.31
C GLY I 26 62.67 7.85 59.52
N VAL I 27 62.09 7.14 58.55
CA VAL I 27 62.84 6.21 57.72
C VAL I 27 63.72 6.97 56.74
N ALA I 28 64.99 6.63 56.68
CA ALA I 28 65.91 7.21 55.72
C ALA I 28 65.93 6.33 54.49
N HIS I 29 65.56 6.88 53.34
CA HIS I 29 65.60 6.17 52.08
C HIS I 29 66.85 6.55 51.30
N PHE I 30 67.40 5.57 50.58
CA PHE I 30 68.58 5.78 49.78
C PHE I 30 68.35 5.17 48.40
N ARG I 31 69.23 5.49 47.47
CA ARG I 31 69.11 4.94 46.11
C ARG I 31 70.49 4.91 45.47
N GLU I 32 70.67 3.97 44.54
CA GLU I 32 71.97 3.78 43.92
C GLU I 32 72.29 4.92 42.97
N LYS I 33 73.57 5.27 42.93
CA LYS I 33 74.05 6.40 42.15
C LYS I 33 74.48 5.94 40.76
N ASP I 34 74.22 6.77 39.75
CA ASP I 34 74.68 6.55 38.37
C ASP I 34 74.02 5.33 37.74
N VAL I 35 72.78 5.03 38.13
CA VAL I 35 72.06 3.86 37.63
C VAL I 35 70.60 4.26 37.43
N SER I 36 69.96 3.59 36.46
CA SER I 36 68.55 3.85 36.18
C SER I 36 67.72 3.72 37.45
N ILE I 37 66.68 4.54 37.54
CA ILE I 37 65.82 4.53 38.71
C ILE I 37 65.25 3.13 38.95
N LEU I 38 64.74 2.49 37.90
CA LEU I 38 64.06 1.22 38.10
C LEU I 38 65.01 0.12 38.54
N GLU I 39 66.27 0.16 38.10
CA GLU I 39 67.20 -0.92 38.38
C GLU I 39 68.18 -0.59 39.51
N ALA I 40 67.96 0.51 40.22
CA ALA I 40 68.89 0.95 41.25
C ALA I 40 68.58 0.25 42.57
N ILE I 41 69.62 -0.25 43.23
CA ILE I 41 69.50 -0.78 44.57
C ILE I 41 69.00 0.31 45.50
N ARG I 42 68.13 -0.05 46.44
CA ARG I 42 67.69 0.95 47.40
C ARG I 42 67.66 0.39 48.82
N LEU I 43 67.85 1.28 49.79
CA LEU I 43 68.05 0.91 51.18
C LEU I 43 67.28 1.85 52.10
N THR I 44 66.50 1.29 53.02
CA THR I 44 65.77 2.07 54.00
C THR I 44 66.24 1.70 55.40
N VAL I 45 66.41 2.72 56.25
CA VAL I 45 66.97 2.56 57.59
C VAL I 45 66.17 3.39 58.58
N GLN I 46 65.54 2.74 59.56
CA GLN I 46 64.77 3.45 60.57
C GLN I 46 65.08 2.89 61.95
N LEU I 47 64.75 3.67 62.98
CA LEU I 47 64.90 3.24 64.36
C LEU I 47 63.70 3.73 65.16
N ARG I 48 62.74 2.83 65.36
CA ARG I 48 61.61 3.06 66.25
C ARG I 48 62.08 3.22 67.69
N GLN I 49 61.93 4.44 68.20
CA GLN I 49 62.05 4.73 69.62
C GLN I 49 61.00 3.92 70.39
N PRO I 50 61.21 3.70 71.69
CA PRO I 50 60.24 2.94 72.46
C PRO I 50 58.96 3.73 72.72
N SER I 51 57.87 2.99 72.93
CA SER I 51 56.59 3.59 73.27
C SER I 51 56.66 4.28 74.63
N VAL I 52 55.61 5.05 74.95
CA VAL I 52 55.52 5.60 76.29
C VAL I 52 55.24 4.49 77.29
N ASN I 53 54.48 3.47 76.89
CA ASN I 53 54.24 2.28 77.71
C ASN I 53 55.14 1.10 77.32
N GLY I 54 56.20 1.35 76.54
CA GLY I 54 57.15 0.31 76.19
C GLY I 54 58.57 0.75 76.49
N ASN I 55 59.51 -0.18 76.31
CA ASN I 55 60.92 0.13 76.45
C ASN I 55 61.76 -0.56 75.38
N VAL I 56 61.19 -0.85 74.21
CA VAL I 56 61.83 -1.66 73.19
C VAL I 56 62.16 -0.79 71.97
N TYR I 57 63.42 -0.81 71.56
CA TYR I 57 63.92 -0.13 70.38
C TYR I 57 64.02 -1.12 69.23
N ARG I 58 63.57 -0.68 68.05
CA ARG I 58 63.63 -1.51 66.83
C ARG I 58 64.38 -0.77 65.74
N CYS I 59 65.55 -1.27 65.36
CA CYS I 59 66.33 -0.73 64.25
C CYS I 59 66.15 -1.65 63.05
N LYS I 60 65.47 -1.16 62.02
CA LYS I 60 65.14 -1.94 60.84
C LYS I 60 65.86 -1.37 59.61
N ALA I 61 66.53 -2.25 58.86
CA ALA I 61 67.24 -1.87 57.65
C ALA I 61 66.86 -2.86 56.54
N LYS I 62 66.16 -2.37 55.52
CA LYS I 62 65.74 -3.18 54.39
C LYS I 62 66.52 -2.77 53.15
N LEU I 63 67.13 -3.74 52.49
CA LEU I 63 67.87 -3.54 51.26
C LEU I 63 67.16 -4.30 50.14
N VAL I 64 66.99 -3.65 48.99
CA VAL I 64 66.29 -4.25 47.86
C VAL I 64 67.17 -4.14 46.63
N VAL I 65 67.34 -5.28 45.94
CA VAL I 65 68.10 -5.36 44.70
C VAL I 65 67.16 -5.83 43.59
N PRO I 66 66.78 -4.96 42.67
CA PRO I 66 65.94 -5.38 41.55
C PRO I 66 66.78 -5.99 40.43
N VAL I 67 66.09 -6.71 39.55
CA VAL I 67 66.68 -7.19 38.31
C VAL I 67 65.73 -6.79 37.18
N VAL I 68 66.14 -5.84 36.37
CA VAL I 68 65.35 -5.36 35.25
C VAL I 68 65.83 -6.03 33.98
N GLU I 69 64.88 -6.43 33.14
CA GLU I 69 65.16 -6.97 31.82
C GLU I 69 64.16 -6.38 30.84
N VAL I 70 64.53 -6.42 29.56
CA VAL I 70 63.75 -5.81 28.50
C VAL I 70 62.70 -6.81 28.00
N VAL I 71 61.43 -6.57 28.34
CA VAL I 71 60.32 -7.44 27.97
C VAL I 71 59.43 -6.68 26.99
N GLY I 72 59.41 -7.13 25.73
CA GLY I 72 58.65 -6.41 24.71
C GLY I 72 59.12 -5.00 24.48
N ASN I 73 60.44 -4.79 24.47
CA ASN I 73 61.06 -3.48 24.33
C ASN I 73 60.60 -2.52 25.43
N VAL I 74 60.22 -3.06 26.58
CA VAL I 74 59.81 -2.26 27.74
C VAL I 74 60.55 -2.80 28.96
N ARG I 75 61.41 -1.98 29.54
CA ARG I 75 62.19 -2.40 30.71
C ARG I 75 61.27 -2.66 31.89
N THR I 76 61.25 -3.90 32.37
CA THR I 76 60.44 -4.27 33.51
C THR I 76 61.27 -5.12 34.48
N THR I 77 60.86 -5.09 35.75
CA THR I 77 61.57 -5.79 36.82
C THR I 77 61.01 -7.20 36.95
N VAL I 78 61.80 -8.20 36.55
CA VAL I 78 61.35 -9.59 36.62
C VAL I 78 61.28 -10.05 38.07
N ARG I 79 62.35 -9.80 38.82
CA ARG I 79 62.47 -10.32 40.18
C ARG I 79 63.29 -9.37 41.02
N THR I 80 62.93 -9.27 42.29
CA THR I 80 63.68 -8.50 43.27
C THR I 80 64.14 -9.43 44.40
N LEU I 81 65.34 -9.14 44.90
CA LEU I 81 65.90 -9.86 46.04
C LEU I 81 65.98 -8.91 47.23
N THR I 82 65.44 -9.35 48.38
CA THR I 82 65.28 -8.47 49.52
C THR I 82 66.07 -9.00 50.71
N GLU I 83 66.52 -8.09 51.58
CA GLU I 83 67.18 -8.48 52.81
C GLU I 83 66.81 -7.50 53.92
N THR I 84 66.31 -8.04 55.04
CA THR I 84 65.85 -7.25 56.17
C THR I 84 66.64 -7.60 57.42
N THR I 85 67.24 -6.60 58.05
CA THR I 85 67.96 -6.74 59.31
C THR I 85 67.20 -5.96 60.38
N GLU I 86 66.77 -6.65 61.44
CA GLU I 86 66.11 -6.00 62.57
C GLU I 86 66.91 -6.27 63.84
N VAL I 87 67.45 -5.22 64.43
CA VAL I 87 68.13 -5.28 65.72
C VAL I 87 67.21 -4.69 66.76
N LEU I 88 67.13 -5.33 67.92
CA LEU I 88 66.09 -5.03 68.89
C LEU I 88 66.72 -5.03 70.27
N PHE I 89 66.62 -3.91 70.97
CA PHE I 89 67.23 -3.79 72.30
C PHE I 89 66.40 -2.90 73.21
N THR I 90 66.61 -3.04 74.51
CA THR I 90 65.77 -2.42 75.52
C THR I 90 66.35 -1.08 75.99
N GLN I 91 65.46 -0.25 76.55
CA GLN I 91 65.83 1.11 76.93
C GLN I 91 66.90 1.14 78.01
N ASP I 92 66.92 0.15 78.89
CA ASP I 92 67.91 0.07 79.95
C ASP I 92 69.19 -0.64 79.51
N SER I 93 69.39 -0.81 78.21
CA SER I 93 70.57 -1.55 77.74
C SER I 93 71.82 -0.72 77.89
N LEU I 94 72.95 -1.40 78.08
CA LEU I 94 74.23 -0.75 78.23
C LEU I 94 74.94 -0.61 76.88
N GLY I 95 75.74 0.45 76.76
CA GLY I 95 76.42 0.73 75.50
C GLY I 95 77.31 -0.41 75.06
N THR I 96 78.05 -1.00 76.00
CA THR I 96 78.90 -2.15 75.69
C THR I 96 78.07 -3.29 75.12
N GLU I 97 76.89 -3.52 75.70
CA GLU I 97 76.03 -4.61 75.24
C GLU I 97 75.58 -4.41 73.80
N ARG I 98 75.04 -3.23 73.48
CA ARG I 98 74.58 -3.10 72.10
C ARG I 98 75.75 -3.00 71.13
N GLN I 99 76.94 -2.58 71.59
CA GLN I 99 78.12 -2.66 70.73
C GLN I 99 78.50 -4.10 70.42
N ARG I 100 78.43 -4.97 71.44
CA ARG I 100 78.63 -6.40 71.21
C ARG I 100 77.66 -6.93 70.17
N VAL I 101 76.39 -6.55 70.27
CA VAL I 101 75.41 -7.04 69.30
C VAL I 101 75.74 -6.54 67.90
N ALA I 102 76.16 -5.27 67.78
CA ALA I 102 76.53 -4.75 66.47
C ALA I 102 77.64 -5.58 65.84
N ASN I 103 78.69 -5.85 66.62
CA ASN I 103 79.83 -6.60 66.07
C ASN I 103 79.48 -8.04 65.78
N LEU I 104 78.61 -8.64 66.59
CA LEU I 104 78.15 -9.99 66.30
C LEU I 104 77.36 -10.03 65.00
N THR I 105 76.50 -9.03 64.79
CA THR I 105 75.78 -8.95 63.52
C THR I 105 76.76 -8.88 62.34
N LYS I 106 77.80 -8.06 62.48
CA LYS I 106 78.81 -7.96 61.42
C LYS I 106 79.46 -9.32 61.15
N SER I 107 79.99 -9.96 62.20
CA SER I 107 80.69 -11.23 62.01
C SER I 107 79.77 -12.29 61.45
N LEU I 108 78.53 -12.32 61.92
CA LEU I 108 77.52 -13.25 61.44
C LEU I 108 77.32 -13.08 59.93
N ALA I 109 77.01 -11.86 59.51
CA ALA I 109 76.74 -11.61 58.09
C ALA I 109 77.99 -11.80 57.22
N GLY I 110 79.17 -11.79 57.82
CA GLY I 110 80.37 -12.08 57.05
C GLY I 110 80.80 -13.53 57.10
N HIS I 111 80.16 -14.35 57.93
CA HIS I 111 80.61 -15.72 58.12
C HIS I 111 80.32 -16.58 56.90
N ALA I 112 81.33 -17.35 56.49
CA ALA I 112 81.30 -18.05 55.22
C ALA I 112 80.13 -19.03 55.12
N THR I 113 79.81 -19.72 56.23
CA THR I 113 78.71 -20.68 56.17
C THR I 113 77.38 -19.99 55.95
N LEU I 114 77.15 -18.88 56.64
CA LEU I 114 75.91 -18.13 56.47
C LEU I 114 75.80 -17.59 55.06
N MET I 115 76.90 -17.03 54.54
CA MET I 115 76.88 -16.54 53.15
C MET I 115 76.57 -17.68 52.19
N SER I 116 77.14 -18.86 52.45
CA SER I 116 76.92 -20.01 51.58
C SER I 116 75.47 -20.48 51.64
N VAL I 117 74.79 -20.30 52.77
CA VAL I 117 73.37 -20.64 52.85
C VAL I 117 72.57 -19.90 51.78
N VAL I 118 72.92 -18.65 51.50
CA VAL I 118 72.17 -17.90 50.50
C VAL I 118 72.75 -18.11 49.10
N GLN I 119 74.08 -18.12 48.99
CA GLN I 119 74.72 -18.29 47.69
C GLN I 119 74.31 -19.62 47.05
N ASP I 120 74.22 -20.69 47.85
CA ASP I 120 73.95 -22.03 47.36
C ASP I 120 72.52 -22.48 47.57
N ALA I 121 71.67 -21.68 48.22
CA ALA I 121 70.26 -22.00 48.44
C ALA I 121 70.10 -23.36 49.12
N SER I 122 70.86 -23.56 50.19
CA SER I 122 70.91 -24.84 50.89
C SER I 122 70.82 -24.61 52.40
N PRO I 123 69.74 -25.00 53.06
CA PRO I 123 69.68 -24.79 54.51
C PRO I 123 70.85 -25.50 55.19
N ILE I 124 71.04 -25.20 56.46
CA ILE I 124 71.95 -26.02 57.26
C ILE I 124 71.23 -27.31 57.65
N TYR I 125 71.93 -28.44 57.59
CA TYR I 125 71.27 -29.75 57.64
C TYR I 125 72.11 -30.78 58.37
N GLY I 126 71.41 -31.82 58.83
CA GLY I 126 71.97 -32.93 59.58
C GLY I 126 70.82 -33.77 60.11
N PRO J 1 74.36 -60.41 94.29
CA PRO J 1 75.49 -60.27 95.22
C PRO J 1 75.04 -59.78 96.59
N LYS J 2 75.88 -59.91 97.61
CA LYS J 2 75.49 -59.51 98.96
C LYS J 2 75.29 -58.00 99.04
N ILE J 3 74.49 -57.58 100.01
CA ILE J 3 74.17 -56.17 100.19
C ILE J 3 75.21 -55.53 101.11
N ALA J 4 75.77 -54.41 100.68
CA ALA J 4 76.91 -53.80 101.36
C ALA J 4 77.08 -52.39 100.83
N ASN J 5 78.03 -51.66 101.43
CA ASN J 5 78.32 -50.31 100.98
C ASN J 5 78.78 -50.33 99.52
N ILE J 6 78.27 -49.39 98.73
CA ILE J 6 78.73 -49.18 97.37
C ILE J 6 79.54 -47.90 97.38
N VAL J 7 80.84 -48.00 97.11
CA VAL J 7 81.71 -46.84 97.12
C VAL J 7 82.03 -46.47 95.68
N ILE J 8 81.56 -45.30 95.25
CA ILE J 8 81.79 -44.79 93.91
C ILE J 8 82.59 -43.49 94.04
N ASN J 9 83.07 -42.99 92.90
CA ASN J 9 83.93 -41.81 92.87
C ASN J 9 83.35 -40.78 91.91
N ASP J 10 83.45 -39.50 92.28
CA ASP J 10 82.95 -38.40 91.44
C ASP J 10 84.08 -37.64 90.74
N GLY J 11 85.24 -38.28 90.54
CA GLY J 11 86.39 -37.68 89.92
C GLY J 11 87.31 -36.95 90.88
N THR J 12 86.80 -36.57 92.04
CA THR J 12 87.53 -35.85 93.06
C THR J 12 87.57 -36.59 94.39
N LYS J 13 86.41 -37.07 94.84
CA LYS J 13 86.20 -37.65 96.15
C LYS J 13 85.40 -38.93 95.98
N ASP J 14 85.59 -39.89 96.91
CA ASP J 14 84.81 -41.12 96.90
C ASP J 14 83.60 -40.98 97.81
N ILE J 15 82.42 -41.14 97.25
CA ILE J 15 81.17 -41.11 97.97
C ILE J 15 80.79 -42.54 98.33
N THR J 16 80.49 -42.76 99.62
CA THR J 16 80.08 -44.05 100.14
C THR J 16 78.57 -44.07 100.29
N LEU J 17 77.90 -44.95 99.53
CA LEU J 17 76.45 -45.12 99.59
C LEU J 17 76.18 -46.34 100.46
N GLN J 18 75.50 -46.11 101.59
CA GLN J 18 75.19 -47.17 102.54
C GLN J 18 73.85 -47.81 102.21
N PRO J 19 73.76 -49.12 102.41
CA PRO J 19 72.49 -49.83 102.19
C PRO J 19 71.46 -49.39 103.22
N VAL J 20 70.30 -48.97 102.71
CA VAL J 20 69.30 -48.32 103.53
C VAL J 20 67.97 -49.05 103.50
N ASN J 21 67.56 -49.57 102.34
CA ASN J 21 66.27 -50.24 102.31
C ASN J 21 66.29 -51.30 101.23
N ILE J 22 65.51 -52.37 101.42
CA ILE J 22 65.19 -53.26 100.33
C ILE J 22 63.69 -53.20 100.13
N ASP J 23 63.30 -52.66 98.99
CA ASP J 23 61.91 -52.39 98.66
C ASP J 23 61.09 -53.67 98.69
N ARG J 24 59.77 -53.48 98.68
CA ARG J 24 58.88 -54.61 98.45
C ARG J 24 58.87 -55.03 96.99
N GLU J 25 59.31 -54.15 96.09
CA GLU J 25 59.50 -54.50 94.70
C GLU J 25 60.87 -55.11 94.43
N GLY J 26 61.69 -55.30 95.47
CA GLY J 26 63.02 -55.84 95.30
C GLY J 26 64.10 -54.80 95.12
N VAL J 27 63.76 -53.51 95.27
CA VAL J 27 64.70 -52.41 95.00
C VAL J 27 65.62 -52.22 96.20
N ALA J 28 66.93 -52.23 95.95
CA ALA J 28 67.91 -51.92 96.98
C ALA J 28 68.15 -50.42 96.93
N HIS J 29 67.67 -49.72 97.96
CA HIS J 29 67.91 -48.30 98.16
C HIS J 29 69.18 -48.10 99.00
N PHE J 30 70.04 -47.22 98.52
CA PHE J 30 71.25 -46.78 99.21
C PHE J 30 71.18 -45.27 99.36
N ARG J 31 71.84 -44.76 100.40
CA ARG J 31 71.84 -43.34 100.73
C ARG J 31 73.26 -42.91 101.04
N GLU J 32 73.58 -41.66 100.71
CA GLU J 32 74.94 -41.18 100.93
C GLU J 32 75.26 -41.12 102.41
N LYS J 33 76.46 -41.56 102.75
CA LYS J 33 76.89 -41.62 104.15
C LYS J 33 77.35 -40.25 104.63
N ASP J 34 77.03 -39.94 105.89
CA ASP J 34 77.52 -38.72 106.55
C ASP J 34 76.97 -37.45 105.90
N VAL J 35 75.73 -37.49 105.46
CA VAL J 35 75.09 -36.36 104.78
C VAL J 35 73.61 -36.36 105.16
N SER J 36 73.06 -35.16 105.34
CA SER J 36 71.65 -35.02 105.67
C SER J 36 70.79 -35.78 104.68
N ILE J 37 69.68 -36.33 105.16
CA ILE J 37 68.78 -37.11 104.32
C ILE J 37 68.38 -36.33 103.08
N LEU J 38 68.11 -35.03 103.23
CA LEU J 38 67.64 -34.23 102.10
C LEU J 38 68.71 -34.11 101.02
N GLU J 39 69.96 -33.87 101.42
CA GLU J 39 71.03 -33.60 100.47
C GLU J 39 71.85 -34.82 100.11
N ALA J 40 71.49 -36.00 100.60
CA ALA J 40 72.29 -37.17 100.31
C ALA J 40 72.00 -37.68 98.91
N ILE J 41 73.06 -38.16 98.27
CA ILE J 41 72.97 -38.84 96.98
C ILE J 41 72.37 -40.22 97.23
N ARG J 42 71.37 -40.60 96.43
CA ARG J 42 70.77 -41.91 96.66
C ARG J 42 70.76 -42.76 95.39
N LEU J 43 70.85 -44.08 95.60
CA LEU J 43 70.99 -45.04 94.50
C LEU J 43 70.02 -46.21 94.69
N THR J 44 69.26 -46.54 93.65
CA THR J 44 68.34 -47.67 93.69
C THR J 44 68.69 -48.69 92.63
N VAL J 45 68.70 -49.96 93.00
CA VAL J 45 69.16 -51.05 92.14
C VAL J 45 68.20 -52.24 92.27
N GLN J 46 67.53 -52.61 91.17
CA GLN J 46 66.59 -53.72 91.21
C GLN J 46 66.75 -54.61 89.98
N LEU J 47 66.43 -55.90 90.14
CA LEU J 47 66.49 -56.89 89.06
C LEU J 47 65.11 -57.54 88.93
N ARG J 48 64.29 -56.96 88.06
CA ARG J 48 62.96 -57.46 87.76
C ARG J 48 63.09 -58.74 86.95
N GLN J 49 62.72 -59.86 87.57
CA GLN J 49 62.73 -61.15 86.92
C GLN J 49 61.54 -61.26 85.97
N PRO J 50 61.62 -62.17 84.99
CA PRO J 50 60.57 -62.22 83.98
C PRO J 50 59.27 -62.80 84.50
N SER J 51 58.18 -62.48 83.79
CA SER J 51 56.85 -63.00 84.08
C SER J 51 56.77 -64.49 83.79
N VAL J 52 55.66 -65.10 84.19
CA VAL J 52 55.46 -66.52 83.86
C VAL J 52 55.37 -66.70 82.35
N ASN J 53 54.76 -65.74 81.65
CA ASN J 53 54.65 -65.83 80.19
C ASN J 53 55.94 -65.42 79.50
N GLY J 54 56.62 -64.38 80.01
CA GLY J 54 57.80 -63.85 79.36
C GLY J 54 59.10 -64.51 79.80
N ASN J 55 60.20 -64.02 79.22
CA ASN J 55 61.53 -64.48 79.59
C ASN J 55 62.54 -63.32 79.60
N VAL J 56 62.11 -62.13 80.01
CA VAL J 56 62.94 -60.93 79.90
C VAL J 56 63.22 -60.35 81.28
N TYR J 57 64.50 -60.30 81.64
CA TYR J 57 64.99 -59.65 82.85
C TYR J 57 65.27 -58.19 82.54
N ARG J 58 64.90 -57.32 83.50
CA ARG J 58 65.23 -55.89 83.49
C ARG J 58 66.04 -55.57 84.75
N CYS J 59 67.24 -55.03 84.55
CA CYS J 59 68.09 -54.58 85.65
C CYS J 59 68.15 -53.07 85.60
N LYS J 60 67.52 -52.42 86.58
CA LYS J 60 67.40 -50.96 86.61
C LYS J 60 68.21 -50.38 87.77
N ALA J 61 68.96 -49.32 87.49
CA ALA J 61 69.78 -48.63 88.49
C ALA J 61 69.62 -47.13 88.29
N LYS J 62 69.05 -46.45 89.28
CA LYS J 62 68.83 -45.01 89.26
C LYS J 62 69.71 -44.34 90.31
N LEU J 63 70.58 -43.45 89.87
CA LEU J 63 71.37 -42.58 90.74
C LEU J 63 70.72 -41.21 90.72
N VAL J 64 70.57 -40.60 91.91
CA VAL J 64 70.03 -39.26 92.04
C VAL J 64 71.01 -38.43 92.84
N VAL J 65 71.46 -37.33 92.25
CA VAL J 65 72.36 -36.37 92.88
C VAL J 65 71.56 -35.08 93.09
N PRO J 66 71.30 -34.67 94.32
CA PRO J 66 70.67 -33.37 94.55
C PRO J 66 71.70 -32.26 94.70
N VAL J 67 71.25 -31.04 94.41
CA VAL J 67 72.02 -29.82 94.58
C VAL J 67 71.29 -29.01 95.64
N VAL J 68 71.83 -28.98 96.86
CA VAL J 68 71.18 -28.30 97.97
C VAL J 68 71.96 -27.04 98.26
N GLU J 69 71.25 -25.91 98.24
CA GLU J 69 71.79 -24.62 98.65
C GLU J 69 70.87 -24.00 99.68
N VAL J 70 71.45 -23.15 100.53
CA VAL J 70 70.70 -22.53 101.61
C VAL J 70 69.92 -21.34 101.08
N VAL J 71 68.60 -21.35 101.29
CA VAL J 71 67.69 -20.26 100.93
C VAL J 71 67.25 -19.62 102.24
N GLY J 72 67.73 -18.41 102.51
CA GLY J 72 67.53 -17.83 103.83
C GLY J 72 68.27 -18.65 104.88
N ASN J 73 67.53 -19.21 105.84
CA ASN J 73 68.08 -20.13 106.82
C ASN J 73 67.63 -21.57 106.56
N VAL J 74 66.94 -21.82 105.45
CA VAL J 74 66.35 -23.13 105.16
C VAL J 74 67.16 -23.78 104.05
N ARG J 75 67.75 -24.95 104.33
CA ARG J 75 68.44 -25.68 103.27
C ARG J 75 67.40 -26.26 102.32
N THR J 76 67.58 -26.01 101.02
CA THR J 76 66.63 -26.49 100.03
C THR J 76 67.37 -27.02 98.81
N THR J 77 66.80 -28.06 98.22
CA THR J 77 67.34 -28.64 96.98
C THR J 77 66.92 -27.76 95.81
N VAL J 78 67.89 -27.08 95.19
CA VAL J 78 67.59 -26.21 94.05
C VAL J 78 67.20 -27.04 92.84
N ARG J 79 67.95 -28.09 92.55
CA ARG J 79 67.74 -28.92 91.37
C ARG J 79 68.35 -30.28 91.64
N THR J 80 68.07 -31.23 90.75
CA THR J 80 68.62 -32.57 90.86
C THR J 80 69.09 -33.03 89.49
N LEU J 81 70.11 -33.88 89.49
CA LEU J 81 70.59 -34.57 88.30
C LEU J 81 70.33 -36.06 88.50
N THR J 82 69.89 -36.74 87.43
CA THR J 82 69.49 -38.14 87.55
C THR J 82 70.12 -38.97 86.45
N GLU J 83 70.53 -40.19 86.79
CA GLU J 83 71.07 -41.12 85.81
C GLU J 83 70.39 -42.47 85.99
N THR J 84 69.96 -43.08 84.89
CA THR J 84 69.22 -44.34 84.92
C THR J 84 69.83 -45.30 83.90
N THR J 85 70.38 -46.40 84.39
CA THR J 85 70.89 -47.49 83.56
C THR J 85 69.87 -48.63 83.59
N GLU J 86 69.57 -49.19 82.42
CA GLU J 86 68.60 -50.28 82.32
C GLU J 86 69.12 -51.33 81.34
N VAL J 87 69.42 -52.52 81.86
CA VAL J 87 69.97 -53.63 81.07
C VAL J 87 68.89 -54.70 80.93
N LEU J 88 68.64 -55.11 79.69
CA LEU J 88 67.64 -56.13 79.38
C LEU J 88 68.32 -57.36 78.80
N PHE J 89 68.00 -58.53 79.36
CA PHE J 89 68.51 -59.77 78.79
C PHE J 89 67.51 -60.90 79.01
N THR J 90 67.59 -61.89 78.14
CA THR J 90 66.66 -63.01 78.11
C THR J 90 67.17 -64.18 78.94
N GLN J 91 66.26 -65.09 79.28
CA GLN J 91 66.60 -66.20 80.16
C GLN J 91 67.50 -67.22 79.47
N ASP J 92 67.46 -67.29 78.14
CA ASP J 92 68.36 -68.20 77.44
C ASP J 92 69.73 -67.59 77.23
N SER J 93 69.97 -66.39 77.75
CA SER J 93 71.25 -65.72 77.55
C SER J 93 72.37 -66.42 78.32
N LEU J 94 73.56 -66.40 77.73
CA LEU J 94 74.73 -67.03 78.34
C LEU J 94 75.40 -66.07 79.31
N GLY J 95 76.04 -66.63 80.34
CA GLY J 95 76.80 -65.80 81.25
C GLY J 95 77.88 -65.01 80.56
N THR J 96 78.56 -65.64 79.60
CA THR J 96 79.62 -64.94 78.87
C THR J 96 79.04 -63.76 78.09
N GLU J 97 77.84 -63.93 77.53
CA GLU J 97 77.21 -62.83 76.81
C GLU J 97 76.85 -61.70 77.75
N ARG J 98 76.21 -62.01 78.88
CA ARG J 98 75.87 -60.99 79.86
C ARG J 98 77.12 -60.25 80.32
N GLN J 99 78.23 -60.97 80.52
CA GLN J 99 79.46 -60.35 80.98
C GLN J 99 80.04 -59.43 79.92
N ARG J 100 80.05 -59.89 78.67
CA ARG J 100 80.44 -59.03 77.56
C ARG J 100 79.64 -57.73 77.57
N VAL J 101 78.33 -57.82 77.80
CA VAL J 101 77.51 -56.62 77.79
C VAL J 101 77.85 -55.71 78.96
N ALA J 102 78.09 -56.29 80.14
CA ALA J 102 78.45 -55.49 81.30
C ALA J 102 79.75 -54.72 81.06
N ASN J 103 80.74 -55.40 80.50
CA ASN J 103 82.01 -54.74 80.19
C ASN J 103 81.83 -53.64 79.16
N LEU J 104 81.01 -53.89 78.14
CA LEU J 104 80.73 -52.85 77.16
C LEU J 104 80.09 -51.64 77.82
N THR J 105 79.15 -51.89 78.74
CA THR J 105 78.52 -50.78 79.46
C THR J 105 79.55 -49.97 80.23
N LYS J 106 80.47 -50.65 80.91
CA LYS J 106 81.55 -49.96 81.63
C LYS J 106 82.38 -49.11 80.67
N SER J 107 82.89 -49.73 79.60
CA SER J 107 83.71 -49.01 78.64
C SER J 107 82.97 -47.82 78.07
N LEU J 108 81.67 -47.99 77.82
CA LEU J 108 80.87 -46.92 77.24
C LEU J 108 80.75 -45.76 78.20
N ALA J 109 80.36 -46.02 79.46
CA ALA J 109 80.22 -44.95 80.43
C ALA J 109 81.55 -44.29 80.76
N GLY J 110 82.67 -44.95 80.51
CA GLY J 110 83.94 -44.28 80.68
C GLY J 110 84.47 -43.56 79.47
N HIS J 111 83.77 -43.63 78.33
CA HIS J 111 84.33 -43.13 77.08
C HIS J 111 84.27 -41.61 77.00
N ALA J 112 85.37 -41.04 76.50
CA ALA J 112 85.57 -39.60 76.52
C ALA J 112 84.43 -38.84 75.85
N THR J 113 83.97 -39.31 74.69
CA THR J 113 83.00 -38.53 73.93
C THR J 113 81.62 -38.52 74.62
N LEU J 114 81.24 -39.63 75.25
CA LEU J 114 79.97 -39.64 75.96
C LEU J 114 80.03 -38.80 77.24
N MET J 115 81.13 -38.94 77.98
CA MET J 115 81.33 -38.06 79.13
C MET J 115 81.28 -36.60 78.71
N SER J 116 81.85 -36.29 77.54
CA SER J 116 81.81 -34.92 77.04
C SER J 116 80.39 -34.50 76.67
N VAL J 117 79.59 -35.41 76.12
CA VAL J 117 78.20 -35.08 75.84
C VAL J 117 77.51 -34.60 77.10
N VAL J 118 77.74 -35.29 78.22
CA VAL J 118 77.01 -34.89 79.43
C VAL J 118 77.65 -33.65 80.07
N GLN J 119 78.98 -33.59 80.11
CA GLN J 119 79.67 -32.47 80.75
C GLN J 119 79.41 -31.16 80.01
N ASP J 120 79.75 -31.12 78.71
CA ASP J 120 79.60 -29.94 77.89
C ASP J 120 78.16 -29.70 77.45
N ALA J 121 77.25 -30.64 77.69
CA ALA J 121 75.85 -30.54 77.29
C ALA J 121 75.69 -30.29 75.80
N SER J 122 76.62 -30.76 74.98
CA SER J 122 76.51 -30.68 73.53
C SER J 122 76.44 -32.07 72.95
N PRO J 123 75.47 -32.36 72.08
CA PRO J 123 75.35 -33.69 71.50
C PRO J 123 76.37 -33.91 70.40
N ILE J 124 76.33 -35.10 69.82
CA ILE J 124 77.21 -35.48 68.73
C ILE J 124 76.60 -34.95 67.44
N TYR J 125 77.34 -34.06 66.75
CA TYR J 125 76.92 -33.50 65.48
C TYR J 125 78.16 -33.07 64.71
N GLY J 126 78.16 -33.30 63.39
CA GLY J 126 79.24 -32.88 62.52
C GLY J 126 80.62 -33.41 62.86
N PRO K 1 79.81 -33.45 70.76
CA PRO K 1 81.05 -33.24 70.00
C PRO K 1 80.95 -33.66 68.55
N LYS K 2 82.11 -33.86 67.94
CA LYS K 2 82.19 -34.21 66.52
C LYS K 2 82.06 -35.71 66.35
N ILE K 3 81.26 -36.10 65.36
CA ILE K 3 80.97 -37.51 65.14
C ILE K 3 82.24 -38.23 64.70
N ALA K 4 82.51 -39.38 65.32
CA ALA K 4 83.74 -40.12 65.04
C ALA K 4 83.58 -41.54 65.55
N ASN K 5 84.59 -42.36 65.27
CA ASN K 5 84.58 -43.75 65.72
C ASN K 5 84.56 -43.81 67.24
N ILE K 6 83.83 -44.78 67.76
CA ILE K 6 83.78 -45.04 69.20
C ILE K 6 84.31 -46.43 69.44
N VAL K 7 85.43 -46.53 70.13
CA VAL K 7 86.04 -47.82 70.43
C VAL K 7 85.78 -48.14 71.90
N ILE K 8 85.17 -49.29 72.15
CA ILE K 8 84.88 -49.73 73.52
C ILE K 8 85.32 -51.17 73.68
N ASN K 9 85.65 -51.55 74.91
CA ASN K 9 86.16 -52.87 75.21
C ASN K 9 85.06 -53.74 75.82
N ASP K 10 85.05 -55.02 75.45
CA ASP K 10 84.08 -55.97 75.96
C ASP K 10 84.69 -56.93 76.99
N GLY K 11 85.85 -56.60 77.53
CA GLY K 11 86.54 -57.47 78.46
C GLY K 11 87.53 -58.42 77.83
N THR K 12 87.44 -58.63 76.52
CA THR K 12 88.35 -59.55 75.84
C THR K 12 89.06 -58.86 74.68
N LYS K 13 88.38 -57.91 74.02
CA LYS K 13 88.93 -57.27 72.83
C LYS K 13 88.27 -55.90 72.65
N ASP K 14 88.90 -55.09 71.80
CA ASP K 14 88.39 -53.77 71.47
C ASP K 14 87.46 -53.85 70.26
N ILE K 15 86.33 -53.18 70.37
CA ILE K 15 85.28 -53.22 69.36
C ILE K 15 85.09 -51.79 68.84
N THR K 16 85.19 -51.64 67.53
CA THR K 16 85.11 -50.34 66.88
C THR K 16 83.70 -50.14 66.32
N LEU K 17 83.04 -49.06 66.74
CA LEU K 17 81.72 -48.71 66.25
C LEU K 17 81.88 -47.48 65.36
N GLN K 18 81.64 -47.66 64.07
CA GLN K 18 81.74 -46.62 63.05
C GLN K 18 80.43 -45.86 62.96
N PRO K 19 80.52 -44.54 62.80
CA PRO K 19 79.29 -43.74 62.66
C PRO K 19 78.59 -44.04 61.35
N VAL K 20 77.27 -43.97 61.39
CA VAL K 20 76.43 -44.23 60.23
C VAL K 20 75.76 -42.95 59.75
N ASN K 21 75.00 -42.29 60.63
CA ASN K 21 74.31 -41.05 60.29
C ASN K 21 73.78 -40.44 61.58
N ILE K 22 73.02 -39.34 61.43
CA ILE K 22 72.29 -38.70 62.52
C ILE K 22 70.91 -38.32 62.00
N ASP K 23 69.87 -38.91 62.60
CA ASP K 23 68.52 -38.84 62.04
C ASP K 23 67.87 -37.50 62.40
N ARG K 24 66.61 -37.35 62.01
CA ARG K 24 65.93 -36.06 62.22
C ARG K 24 65.81 -35.74 63.70
N GLU K 25 65.64 -36.77 64.55
CA GLU K 25 65.46 -36.55 65.98
C GLU K 25 66.75 -36.07 66.64
N GLY K 26 67.91 -36.33 66.02
CA GLY K 26 69.20 -35.99 66.60
C GLY K 26 69.99 -37.19 67.08
N VAL K 27 69.45 -38.39 66.92
CA VAL K 27 70.13 -39.61 67.34
C VAL K 27 71.27 -39.91 66.39
N ALA K 28 72.48 -40.07 66.95
CA ALA K 28 73.63 -40.49 66.18
C ALA K 28 73.73 -42.00 66.25
N HIS K 29 73.77 -42.65 65.08
CA HIS K 29 73.78 -44.11 64.98
C HIS K 29 75.19 -44.62 64.66
N PHE K 30 75.59 -45.70 65.35
CA PHE K 30 76.88 -46.34 65.15
C PHE K 30 76.66 -47.84 64.98
N ARG K 31 77.52 -48.45 64.16
CA ARG K 31 77.43 -49.85 63.77
C ARG K 31 78.82 -50.48 63.85
N GLU K 32 78.86 -51.73 64.33
CA GLU K 32 80.13 -52.40 64.52
C GLU K 32 80.85 -52.59 63.18
N LYS K 33 82.15 -52.35 63.19
CA LYS K 33 82.97 -52.42 61.99
C LYS K 33 83.28 -53.86 61.62
N ASP K 34 83.25 -54.16 60.32
CA ASP K 34 83.74 -55.44 59.77
C ASP K 34 82.90 -56.62 60.21
N VAL K 35 81.62 -56.40 60.50
CA VAL K 35 80.71 -57.46 60.91
C VAL K 35 79.42 -57.30 60.12
N SER K 36 78.74 -58.42 59.89
CA SER K 36 77.49 -58.41 59.15
C SER K 36 76.49 -57.46 59.80
N ILE K 37 75.63 -56.87 58.94
CA ILE K 37 74.55 -56.02 59.41
C ILE K 37 73.76 -56.70 60.52
N LEU K 38 73.43 -57.97 60.32
CA LEU K 38 72.52 -58.65 61.24
C LEU K 38 73.13 -58.83 62.62
N GLU K 39 74.43 -59.15 62.68
CA GLU K 39 75.09 -59.51 63.92
C GLU K 39 75.92 -58.38 64.51
N ALA K 40 75.89 -57.20 63.91
CA ALA K 40 76.75 -56.12 64.35
C ALA K 40 76.16 -55.44 65.58
N ILE K 41 77.05 -55.08 66.50
CA ILE K 41 76.68 -54.32 67.69
C ILE K 41 76.31 -52.90 67.27
N ARG K 42 75.26 -52.35 67.88
CA ARG K 42 74.81 -51.01 67.49
C ARG K 42 74.71 -50.10 68.70
N LEU K 43 75.00 -48.81 68.47
CA LEU K 43 74.98 -47.80 69.52
C LEU K 43 74.26 -46.55 69.03
N THR K 44 73.34 -46.02 69.84
CA THR K 44 72.68 -44.77 69.51
C THR K 44 72.86 -43.76 70.63
N VAL K 45 73.15 -42.51 70.27
CA VAL K 45 73.44 -41.46 71.24
C VAL K 45 72.70 -40.18 70.86
N GLN K 46 71.90 -39.63 71.77
CA GLN K 46 71.21 -38.37 71.52
C GLN K 46 71.19 -37.52 72.78
N LEU K 47 71.06 -36.21 72.58
CA LEU K 47 70.93 -35.23 73.67
C LEU K 47 69.72 -34.36 73.38
N ARG K 48 68.56 -34.80 73.84
CA ARG K 48 67.29 -34.12 73.60
C ARG K 48 67.24 -32.82 74.40
N GLN K 49 67.08 -31.71 73.67
CA GLN K 49 66.92 -30.40 74.25
C GLN K 49 65.61 -30.31 75.03
N PRO K 50 65.51 -29.37 75.95
CA PRO K 50 64.23 -29.12 76.60
C PRO K 50 63.27 -28.41 75.66
N SER K 51 61.98 -28.61 75.90
CA SER K 51 60.94 -27.94 75.14
C SER K 51 60.96 -26.43 75.46
N VAL K 52 60.08 -25.69 74.79
CA VAL K 52 59.92 -24.29 75.17
C VAL K 52 59.33 -24.18 76.57
N ASN K 53 58.47 -25.13 76.96
CA ASN K 53 57.88 -25.11 78.29
C ASN K 53 58.85 -25.64 79.35
N GLY K 54 59.44 -26.82 79.11
CA GLY K 54 60.28 -27.45 80.10
C GLY K 54 61.69 -26.88 80.15
N ASN K 55 62.51 -27.46 81.03
CA ASN K 55 63.92 -27.11 81.13
C ASN K 55 64.77 -28.34 81.40
N VAL K 56 64.37 -29.50 80.88
CA VAL K 56 65.00 -30.77 81.21
C VAL K 56 65.70 -31.32 79.97
N TYR K 57 67.02 -31.51 80.07
CA TYR K 57 67.83 -32.16 79.07
C TYR K 57 67.85 -33.66 79.32
N ARG K 58 67.70 -34.43 78.24
CA ARG K 58 67.72 -35.90 78.30
C ARG K 58 68.84 -36.43 77.40
N CYS K 59 69.85 -37.05 78.00
CA CYS K 59 70.94 -37.65 77.25
C CYS K 59 70.76 -39.17 77.26
N LYS K 60 70.40 -39.74 76.11
CA LYS K 60 70.07 -41.14 75.98
C LYS K 60 71.11 -41.88 75.14
N ALA K 61 71.51 -43.06 75.61
CA ALA K 61 72.53 -43.86 74.94
C ALA K 61 72.14 -45.34 75.03
N LYS K 62 71.85 -45.96 73.88
CA LYS K 62 71.39 -47.34 73.82
C LYS K 62 72.40 -48.21 73.09
N LEU K 63 72.82 -49.29 73.75
CA LEU K 63 73.70 -50.29 73.18
C LEU K 63 72.92 -51.57 72.95
N VAL K 64 73.13 -52.19 71.80
CA VAL K 64 72.39 -53.40 71.41
C VAL K 64 73.37 -54.44 70.91
N VAL K 65 73.37 -55.59 71.55
CA VAL K 65 74.24 -56.72 71.21
C VAL K 65 73.39 -57.90 70.77
N PRO K 66 73.36 -58.22 69.49
CA PRO K 66 72.59 -59.39 69.03
C PRO K 66 73.39 -60.68 69.10
N VAL K 67 72.65 -61.77 69.19
CA VAL K 67 73.16 -63.13 69.09
C VAL K 67 72.42 -63.78 67.93
N VAL K 68 73.18 -64.22 66.92
CA VAL K 68 72.67 -64.69 65.64
C VAL K 68 73.06 -66.14 65.43
N GLU K 69 72.13 -66.92 64.89
CA GLU K 69 72.35 -68.30 64.48
C GLU K 69 72.35 -68.38 62.96
N VAL K 70 73.39 -68.98 62.40
CA VAL K 70 73.53 -69.13 60.96
C VAL K 70 73.59 -70.62 60.63
N VAL K 71 72.65 -71.07 59.81
CA VAL K 71 72.62 -72.43 59.30
C VAL K 71 72.48 -72.32 57.80
N GLY K 72 73.53 -72.69 57.07
CA GLY K 72 73.49 -72.51 55.63
C GLY K 72 73.35 -71.04 55.28
N ASN K 73 72.33 -70.73 54.49
CA ASN K 73 72.02 -69.36 54.13
C ASN K 73 70.96 -68.75 55.03
N VAL K 74 70.45 -69.50 55.99
CA VAL K 74 69.48 -68.97 56.95
C VAL K 74 70.24 -68.27 58.06
N ARG K 75 70.01 -66.97 58.21
CA ARG K 75 70.62 -66.17 59.26
C ARG K 75 69.49 -65.56 60.06
N THR K 76 69.47 -65.84 61.37
CA THR K 76 68.35 -65.38 62.20
C THR K 76 68.89 -64.86 63.52
N THR K 77 68.28 -63.79 64.04
CA THR K 77 68.66 -63.26 65.34
C THR K 77 67.99 -64.07 66.43
N VAL K 78 68.78 -64.81 67.21
CA VAL K 78 68.20 -65.65 68.25
C VAL K 78 67.81 -64.82 69.47
N ARG K 79 68.69 -63.91 69.89
CA ARG K 79 68.33 -63.10 71.05
C ARG K 79 69.13 -61.81 71.02
N THR K 80 68.72 -60.85 71.85
CA THR K 80 69.49 -59.62 71.99
C THR K 80 69.66 -59.28 73.46
N LEU K 81 70.77 -58.62 73.76
CA LEU K 81 71.01 -58.01 75.06
C LEU K 81 71.14 -56.51 74.82
N THR K 82 70.37 -55.71 75.55
CA THR K 82 70.43 -54.26 75.36
C THR K 82 70.69 -53.56 76.69
N GLU K 83 71.28 -52.38 76.59
CA GLU K 83 71.53 -51.55 77.76
C GLU K 83 71.27 -50.11 77.35
N THR K 84 70.47 -49.39 78.12
CA THR K 84 70.17 -48.00 77.80
C THR K 84 70.41 -47.12 79.01
N THR K 85 71.09 -46.00 78.80
CA THR K 85 71.51 -45.08 79.84
C THR K 85 70.93 -43.70 79.57
N GLU K 86 70.16 -43.17 80.52
CA GLU K 86 69.57 -41.84 80.41
C GLU K 86 70.09 -40.94 81.52
N VAL K 87 70.65 -39.79 81.16
CA VAL K 87 71.08 -38.78 82.11
C VAL K 87 70.21 -37.55 81.93
N LEU K 88 69.58 -37.10 83.01
CA LEU K 88 68.70 -35.94 83.00
C LEU K 88 69.34 -34.82 83.80
N PHE K 89 69.44 -33.64 83.20
CA PHE K 89 69.88 -32.47 83.95
C PHE K 89 69.13 -31.23 83.51
N THR K 90 69.04 -30.26 84.42
CA THR K 90 68.25 -29.05 84.26
C THR K 90 69.03 -27.98 83.49
N GLN K 91 68.28 -27.01 82.99
CA GLN K 91 68.86 -25.95 82.15
C GLN K 91 69.83 -25.07 82.94
N ASP K 92 69.62 -24.93 84.24
CA ASP K 92 70.46 -24.09 85.09
C ASP K 92 71.55 -24.88 85.79
N SER K 93 71.81 -26.12 85.38
CA SER K 93 72.81 -26.93 86.04
C SER K 93 74.21 -26.43 85.70
N LEU K 94 75.14 -26.68 86.62
CA LEU K 94 76.53 -26.25 86.45
C LEU K 94 77.33 -27.36 85.78
N GLY K 95 78.26 -26.94 84.90
CA GLY K 95 79.16 -27.90 84.28
C GLY K 95 79.88 -28.75 85.31
N THR K 96 80.24 -28.14 86.44
CA THR K 96 80.82 -28.88 87.57
C THR K 96 79.89 -29.99 88.02
N GLU K 97 78.62 -29.67 88.20
CA GLU K 97 77.64 -30.65 88.66
C GLU K 97 77.52 -31.81 87.69
N ARG K 98 77.30 -31.52 86.41
CA ARG K 98 77.11 -32.65 85.51
C ARG K 98 78.41 -33.38 85.23
N GLN K 99 79.57 -32.77 85.48
CA GLN K 99 80.80 -33.53 85.43
C GLN K 99 80.90 -34.52 86.59
N ARG K 100 80.51 -34.10 87.79
CA ARG K 100 80.42 -35.05 88.89
C ARG K 100 79.49 -36.20 88.55
N VAL K 101 78.35 -35.89 87.92
CA VAL K 101 77.41 -36.95 87.54
C VAL K 101 78.05 -37.90 86.54
N ALA K 102 78.77 -37.37 85.55
CA ALA K 102 79.42 -38.23 84.57
C ALA K 102 80.40 -39.18 85.24
N ASN K 103 81.20 -38.66 86.17
CA ASN K 103 82.18 -39.53 86.84
C ASN K 103 81.48 -40.56 87.73
N LEU K 104 80.39 -40.17 88.39
CA LEU K 104 79.64 -41.14 89.19
C LEU K 104 79.07 -42.24 88.31
N THR K 105 78.56 -41.88 87.12
CA THR K 105 78.05 -42.89 86.21
C THR K 105 79.16 -43.86 85.81
N LYS K 106 80.33 -43.34 85.49
CA LYS K 106 81.46 -44.19 85.15
C LYS K 106 81.82 -45.12 86.30
N SER K 107 81.82 -44.60 87.53
CA SER K 107 82.19 -45.43 88.67
C SER K 107 81.15 -46.52 88.90
N LEU K 108 79.86 -46.18 88.85
CA LEU K 108 78.81 -47.18 88.99
C LEU K 108 78.97 -48.27 87.94
N ALA K 109 79.08 -47.88 86.67
CA ALA K 109 79.18 -48.87 85.60
C ALA K 109 80.41 -49.75 85.77
N GLY K 110 81.46 -49.25 86.42
CA GLY K 110 82.59 -50.12 86.71
C GLY K 110 82.50 -50.93 87.99
N HIS K 111 81.54 -50.62 88.86
CA HIS K 111 81.50 -51.20 90.20
C HIS K 111 81.21 -52.69 90.16
N ALA K 112 81.97 -53.44 90.97
CA ALA K 112 81.95 -54.90 90.91
C ALA K 112 80.55 -55.46 91.21
N THR K 113 79.83 -54.90 92.19
CA THR K 113 78.53 -55.48 92.53
C THR K 113 77.48 -55.14 91.48
N LEU K 114 77.50 -53.91 90.95
CA LEU K 114 76.58 -53.57 89.87
C LEU K 114 76.82 -54.46 88.65
N MET K 115 78.08 -54.73 88.33
CA MET K 115 78.37 -55.63 87.22
C MET K 115 77.93 -57.06 87.52
N SER K 116 78.13 -57.51 88.77
CA SER K 116 77.71 -58.86 89.14
C SER K 116 76.21 -59.04 89.04
N VAL K 117 75.43 -57.97 89.26
CA VAL K 117 73.98 -58.09 89.09
C VAL K 117 73.65 -58.59 87.69
N VAL K 118 74.33 -58.04 86.68
CA VAL K 118 74.02 -58.44 85.30
C VAL K 118 74.73 -59.74 84.95
N GLN K 119 76.00 -59.87 85.33
CA GLN K 119 76.74 -61.08 84.98
C GLN K 119 76.10 -62.32 85.58
N ASP K 120 75.70 -62.25 86.85
CA ASP K 120 75.18 -63.39 87.58
C ASP K 120 73.66 -63.42 87.61
N ALA K 121 73.00 -62.40 87.05
CA ALA K 121 71.54 -62.34 86.97
C ALA K 121 70.90 -62.63 88.32
N SER K 122 71.49 -62.10 89.38
CA SER K 122 70.88 -62.15 90.70
C SER K 122 70.81 -60.74 91.25
N PRO K 123 69.80 -60.45 92.06
CA PRO K 123 69.68 -59.11 92.64
C PRO K 123 70.61 -58.97 93.84
N ILE K 124 70.50 -57.81 94.48
CA ILE K 124 71.28 -57.49 95.67
C ILE K 124 70.49 -58.00 96.87
N TYR K 125 71.11 -58.88 97.66
CA TYR K 125 70.48 -59.52 98.82
C TYR K 125 71.54 -60.31 99.58
N GLY K 126 71.39 -60.35 100.91
CA GLY K 126 72.26 -61.19 101.72
C GLY K 126 73.22 -60.42 102.62
N PRO L 1 68.54 -52.08 109.20
CA PRO L 1 69.67 -52.98 109.03
C PRO L 1 69.22 -54.33 108.47
N LYS L 2 70.18 -55.23 108.18
CA LYS L 2 69.81 -56.58 107.74
C LYS L 2 68.98 -57.26 108.82
N ILE L 3 67.83 -57.82 108.42
CA ILE L 3 66.99 -58.53 109.37
C ILE L 3 67.76 -59.70 109.97
N ALA L 4 67.63 -59.87 111.28
CA ALA L 4 68.40 -60.88 111.98
C ALA L 4 67.69 -61.19 113.30
N ASN L 5 68.27 -62.12 114.05
CA ASN L 5 67.79 -62.39 115.39
C ASN L 5 67.97 -61.16 116.28
N ILE L 6 67.02 -60.99 117.19
CA ILE L 6 67.08 -59.92 118.19
C ILE L 6 67.09 -60.58 119.55
N VAL L 7 68.17 -60.38 120.30
CA VAL L 7 68.32 -60.99 121.62
C VAL L 7 68.11 -59.91 122.67
N ILE L 8 67.05 -60.06 123.46
CA ILE L 8 66.70 -59.11 124.50
C ILE L 8 66.55 -59.87 125.81
N ASN L 9 66.74 -59.15 126.92
CA ASN L 9 66.73 -59.75 128.24
C ASN L 9 65.46 -59.36 128.99
N ASP L 10 64.83 -60.33 129.66
CA ASP L 10 63.60 -60.10 130.41
C ASP L 10 63.84 -59.95 131.90
N GLY L 11 65.04 -59.59 132.30
CA GLY L 11 65.39 -59.45 133.70
C GLY L 11 65.95 -60.70 134.33
N THR L 12 65.69 -61.85 133.75
CA THR L 12 66.20 -63.09 134.32
C THR L 12 66.97 -63.92 133.30
N LYS L 13 66.55 -63.94 132.04
CA LYS L 13 67.20 -64.74 131.01
C LYS L 13 67.28 -63.95 129.71
N ASP L 14 68.01 -64.49 128.75
CA ASP L 14 68.04 -63.94 127.40
C ASP L 14 67.05 -64.65 126.51
N ILE L 15 66.31 -63.87 125.73
CA ILE L 15 65.26 -64.34 124.85
C ILE L 15 65.66 -63.98 123.43
N THR L 16 65.60 -64.96 122.53
CA THR L 16 65.97 -64.79 121.14
C THR L 16 64.71 -64.72 120.28
N LEU L 17 64.56 -63.63 119.54
CA LEU L 17 63.43 -63.43 118.64
C LEU L 17 63.93 -63.62 117.22
N GLN L 18 63.41 -64.62 116.54
CA GLN L 18 63.71 -65.05 115.19
C GLN L 18 62.81 -64.34 114.20
N PRO L 19 63.39 -63.98 113.06
CA PRO L 19 62.61 -63.35 112.00
C PRO L 19 61.53 -64.29 111.49
N VAL L 20 60.39 -63.72 111.15
CA VAL L 20 59.22 -64.53 110.88
C VAL L 20 58.59 -64.16 109.54
N ASN L 21 58.40 -62.87 109.31
CA ASN L 21 57.61 -62.43 108.18
C ASN L 21 57.94 -60.97 107.92
N ILE L 22 57.68 -60.51 106.70
CA ILE L 22 57.80 -59.10 106.37
C ILE L 22 56.60 -58.70 105.51
N ASP L 23 55.79 -57.78 106.04
CA ASP L 23 54.54 -57.36 105.42
C ASP L 23 54.76 -56.82 104.02
N ARG L 24 53.65 -56.58 103.33
CA ARG L 24 53.68 -55.70 102.18
C ARG L 24 53.89 -54.25 102.63
N GLU L 25 53.49 -53.93 103.86
CA GLU L 25 53.72 -52.60 104.41
C GLU L 25 55.11 -52.41 104.99
N GLY L 26 55.93 -53.45 105.04
CA GLY L 26 57.30 -53.33 105.47
C GLY L 26 57.55 -53.66 106.93
N VAL L 27 56.53 -54.13 107.64
CA VAL L 27 56.67 -54.48 109.04
C VAL L 27 57.45 -55.78 109.17
N ALA L 28 58.47 -55.78 110.02
CA ALA L 28 59.23 -56.98 110.30
C ALA L 28 58.62 -57.64 111.53
N HIS L 29 58.17 -58.88 111.37
CA HIS L 29 57.61 -59.65 112.47
C HIS L 29 58.66 -60.62 113.00
N PHE L 30 58.62 -60.85 114.31
CA PHE L 30 59.54 -61.75 114.96
C PHE L 30 58.76 -62.65 115.91
N ARG L 31 59.41 -63.70 116.39
CA ARG L 31 58.75 -64.61 117.32
C ARG L 31 59.81 -65.28 118.18
N GLU L 32 59.40 -65.68 119.39
CA GLU L 32 60.33 -66.24 120.35
C GLU L 32 60.75 -67.65 119.93
N LYS L 33 62.01 -67.96 120.20
CA LYS L 33 62.62 -69.22 119.80
C LYS L 33 62.48 -70.25 120.91
N ASP L 34 62.25 -71.50 120.52
CA ASP L 34 62.22 -72.65 121.44
C ASP L 34 61.04 -72.57 122.40
N VAL L 35 59.93 -71.99 121.97
CA VAL L 35 58.74 -71.81 122.81
C VAL L 35 57.51 -72.05 121.95
N SER L 36 56.44 -72.52 122.59
CA SER L 36 55.19 -72.77 121.89
C SER L 36 54.74 -71.52 121.14
N ILE L 37 54.10 -71.75 120.01
CA ILE L 37 53.64 -70.63 119.17
C ILE L 37 52.72 -69.71 119.98
N LEU L 38 51.76 -70.29 120.70
CA LEU L 38 50.77 -69.46 121.37
C LEU L 38 51.37 -68.64 122.50
N GLU L 39 52.40 -69.15 123.17
CA GLU L 39 52.96 -68.47 124.33
C GLU L 39 54.25 -67.73 124.03
N ALA L 40 54.62 -67.60 122.76
CA ALA L 40 55.88 -66.98 122.40
C ALA L 40 55.72 -65.47 122.32
N ILE L 41 56.68 -64.75 122.91
CA ILE L 41 56.74 -63.30 122.76
C ILE L 41 56.92 -62.96 121.29
N ARG L 42 56.27 -61.89 120.84
CA ARG L 42 56.47 -61.48 119.45
C ARG L 42 56.64 -59.97 119.34
N LEU L 43 57.37 -59.56 118.30
CA LEU L 43 57.80 -58.18 118.15
C LEU L 43 57.67 -57.75 116.70
N THR L 44 57.03 -56.61 116.45
CA THR L 44 56.90 -56.05 115.12
C THR L 44 57.58 -54.69 115.07
N VAL L 45 58.31 -54.44 113.97
CA VAL L 45 59.12 -53.23 113.82
C VAL L 45 58.94 -52.70 112.40
N GLN L 46 58.43 -51.47 112.29
CA GLN L 46 58.24 -50.85 110.98
C GLN L 46 58.71 -49.40 111.02
N LEU L 47 58.95 -48.84 109.84
CA LEU L 47 59.32 -47.43 109.71
C LEU L 47 58.62 -46.85 108.49
N ARG L 48 57.50 -46.17 108.73
CA ARG L 48 56.80 -45.40 107.70
C ARG L 48 57.67 -44.25 107.20
N GLN L 49 58.08 -44.37 105.94
CA GLN L 49 58.67 -43.27 105.19
C GLN L 49 57.66 -42.12 105.10
N PRO L 50 58.13 -40.91 104.87
CA PRO L 50 57.21 -39.77 104.77
C PRO L 50 56.39 -39.81 103.48
N SER L 51 55.22 -39.18 103.53
CA SER L 51 54.35 -39.06 102.36
C SER L 51 55.02 -38.20 101.29
N VAL L 52 54.42 -38.20 100.10
CA VAL L 52 54.89 -37.27 99.07
C VAL L 52 54.53 -35.84 99.47
N ASN L 53 53.39 -35.64 100.14
CA ASN L 53 53.00 -34.35 100.68
C ASN L 53 53.31 -34.21 102.18
N GLY L 54 54.13 -35.10 102.73
CA GLY L 54 54.54 -35.00 104.12
C GLY L 54 56.04 -35.07 104.24
N ASN L 55 56.53 -34.86 105.48
CA ASN L 55 57.94 -35.02 105.77
C ASN L 55 58.19 -35.70 107.11
N VAL L 56 57.25 -36.54 107.56
CA VAL L 56 57.28 -37.11 108.90
C VAL L 56 57.53 -38.61 108.81
N TYR L 57 58.55 -39.08 109.53
CA TYR L 57 58.93 -40.48 109.65
C TYR L 57 58.36 -41.04 110.95
N ARG L 58 57.78 -42.24 110.87
CA ARG L 58 57.22 -42.91 112.05
C ARG L 58 57.86 -44.30 112.20
N CYS L 59 58.64 -44.48 113.26
CA CYS L 59 59.22 -45.78 113.59
C CYS L 59 58.43 -46.39 114.74
N LYS L 60 57.71 -47.47 114.46
CA LYS L 60 56.82 -48.12 115.43
C LYS L 60 57.34 -49.51 115.75
N ALA L 61 57.44 -49.82 117.04
CA ALA L 61 57.88 -51.12 117.51
C ALA L 61 56.91 -51.59 118.60
N LYS L 62 56.16 -52.65 118.30
CA LYS L 62 55.20 -53.24 119.23
C LYS L 62 55.71 -54.58 119.72
N LEU L 63 55.75 -54.75 121.03
CA LEU L 63 56.15 -56.00 121.66
C LEU L 63 54.95 -56.55 122.42
N VAL L 64 54.71 -57.85 122.28
CA VAL L 64 53.57 -58.51 122.91
C VAL L 64 54.06 -59.71 123.69
N VAL L 65 53.65 -59.80 124.96
CA VAL L 65 53.96 -60.91 125.85
C VAL L 65 52.66 -61.58 126.26
N PRO L 66 52.37 -62.77 125.75
CA PRO L 66 51.16 -63.48 126.18
C PRO L 66 51.42 -64.25 127.47
N VAL L 67 50.31 -64.63 128.12
CA VAL L 67 50.33 -65.55 129.26
C VAL L 67 49.31 -66.64 128.97
N VAL L 68 49.79 -67.83 128.69
CA VAL L 68 48.93 -68.97 128.40
C VAL L 68 48.80 -69.81 129.66
N GLU L 69 47.58 -70.28 129.91
CA GLU L 69 47.29 -71.20 131.00
C GLU L 69 46.33 -72.26 130.47
N VAL L 70 46.29 -73.40 131.17
CA VAL L 70 45.51 -74.55 130.76
C VAL L 70 44.09 -74.43 131.33
N VAL L 71 43.12 -74.12 130.46
CA VAL L 71 41.72 -73.95 130.84
C VAL L 71 40.92 -75.09 130.24
N GLY L 72 40.40 -75.98 131.08
CA GLY L 72 39.67 -77.14 130.58
C GLY L 72 40.52 -78.06 129.73
N ASN L 73 41.78 -78.28 130.14
CA ASN L 73 42.75 -79.07 129.38
C ASN L 73 42.95 -78.53 127.96
N VAL L 74 42.75 -77.22 127.78
CA VAL L 74 42.95 -76.54 126.50
C VAL L 74 43.77 -75.28 126.78
N ARG L 75 44.99 -75.23 126.24
CA ARG L 75 45.86 -74.09 126.45
C ARG L 75 45.26 -72.84 125.80
N THR L 76 44.96 -71.83 126.62
CA THR L 76 44.40 -70.58 126.12
C THR L 76 45.14 -69.41 126.78
N THR L 77 45.11 -68.27 126.09
CA THR L 77 45.81 -67.07 126.53
C THR L 77 44.86 -66.24 127.38
N VAL L 78 45.12 -66.19 128.69
CA VAL L 78 44.26 -65.43 129.60
C VAL L 78 44.44 -63.94 129.39
N ARG L 79 45.69 -63.48 129.34
CA ARG L 79 45.99 -62.06 129.28
C ARG L 79 47.29 -61.83 128.51
N THR L 80 47.33 -60.73 127.78
CA THR L 80 48.54 -60.30 127.09
C THR L 80 48.94 -58.92 127.59
N LEU L 81 50.25 -58.71 127.67
CA LEU L 81 50.82 -57.43 128.04
C LEU L 81 51.54 -56.83 126.83
N THR L 82 51.22 -55.59 126.51
CA THR L 82 51.68 -54.97 125.27
C THR L 82 52.54 -53.74 125.57
N GLU L 83 53.47 -53.46 124.67
CA GLU L 83 54.28 -52.25 124.78
C GLU L 83 54.57 -51.70 123.39
N THR L 84 54.24 -50.42 123.17
CA THR L 84 54.40 -49.76 121.88
C THR L 84 55.33 -48.57 122.02
N THR L 85 56.39 -48.54 121.21
CA THR L 85 57.32 -47.42 121.13
C THR L 85 57.20 -46.79 119.75
N GLU L 86 56.86 -45.50 119.71
CA GLU L 86 56.79 -44.75 118.45
C GLU L 86 57.76 -43.58 118.51
N VAL L 87 58.78 -43.62 117.65
CA VAL L 87 59.71 -42.51 117.48
C VAL L 87 59.36 -41.79 116.19
N LEU L 88 59.39 -40.47 116.23
CA LEU L 88 58.82 -39.67 115.16
C LEU L 88 59.75 -38.50 114.88
N PHE L 89 60.24 -38.42 113.64
CA PHE L 89 61.19 -37.35 113.29
C PHE L 89 60.98 -36.90 111.84
N THR L 90 61.48 -35.71 111.53
CA THR L 90 61.21 -35.04 110.27
C THR L 90 62.30 -35.32 109.24
N GLN L 91 61.94 -35.14 107.97
CA GLN L 91 62.83 -35.48 106.86
C GLN L 91 64.11 -34.63 106.87
N ASP L 92 64.02 -33.39 107.34
CA ASP L 92 65.17 -32.51 107.40
C ASP L 92 65.96 -32.68 108.70
N SER L 93 65.75 -33.76 109.44
CA SER L 93 66.42 -33.92 110.71
C SER L 93 67.87 -34.29 110.51
N LEU L 94 68.71 -33.90 111.48
CA LEU L 94 70.14 -34.18 111.43
C LEU L 94 70.44 -35.49 112.15
N GLY L 95 71.49 -36.18 111.67
CA GLY L 95 71.87 -37.47 112.24
C GLY L 95 72.16 -37.40 113.72
N THR L 96 72.89 -36.36 114.14
CA THR L 96 73.17 -36.17 115.56
C THR L 96 71.88 -36.05 116.36
N GLU L 97 70.90 -35.34 115.83
CA GLU L 97 69.63 -35.14 116.52
C GLU L 97 68.91 -36.47 116.73
N ARG L 98 68.73 -37.26 115.67
CA ARG L 98 67.99 -38.49 115.92
C ARG L 98 68.82 -39.49 116.72
N GLN L 99 70.15 -39.39 116.70
CA GLN L 99 70.95 -40.21 117.59
C GLN L 99 70.72 -39.83 119.06
N ARG L 100 70.64 -38.53 119.33
CA ARG L 100 70.28 -38.07 120.68
C ARG L 100 68.95 -38.65 121.11
N VAL L 101 67.96 -38.64 120.21
CA VAL L 101 66.65 -39.17 120.58
C VAL L 101 66.73 -40.66 120.86
N ALA L 102 67.51 -41.40 120.07
CA ALA L 102 67.66 -42.82 120.31
C ALA L 102 68.21 -43.08 121.71
N ASN L 103 69.28 -42.37 122.07
CA ASN L 103 69.91 -42.60 123.37
C ASN L 103 69.02 -42.13 124.53
N LEU L 104 68.25 -41.06 124.32
CA LEU L 104 67.30 -40.64 125.33
C LEU L 104 66.24 -41.70 125.55
N THR L 105 65.73 -42.29 124.47
CA THR L 105 64.77 -43.37 124.58
C THR L 105 65.35 -44.52 125.41
N LYS L 106 66.60 -44.88 125.13
CA LYS L 106 67.27 -45.94 125.89
C LYS L 106 67.32 -45.59 127.38
N SER L 107 67.86 -44.42 127.72
CA SER L 107 68.01 -44.04 129.12
C SER L 107 66.67 -43.95 129.82
N LEU L 108 65.67 -43.42 129.12
CA LEU L 108 64.32 -43.33 129.65
C LEU L 108 63.79 -44.70 130.02
N ALA L 109 63.80 -45.64 129.06
CA ALA L 109 63.27 -46.97 129.31
C ALA L 109 64.09 -47.75 130.34
N GLY L 110 65.32 -47.34 130.59
CA GLY L 110 66.09 -47.98 131.64
C GLY L 110 66.01 -47.28 132.98
N HIS L 111 65.38 -46.11 133.05
CA HIS L 111 65.37 -45.34 134.29
C HIS L 111 64.48 -45.99 135.34
N ALA L 112 65.03 -46.06 136.56
CA ALA L 112 64.42 -46.85 137.62
C ALA L 112 63.01 -46.37 137.96
N THR L 113 62.78 -45.04 137.95
CA THR L 113 61.45 -44.54 138.29
C THR L 113 60.42 -44.95 137.25
N LEU L 114 60.78 -44.84 135.97
CA LEU L 114 59.87 -45.25 134.91
C LEU L 114 59.58 -46.73 134.97
N MET L 115 60.62 -47.55 135.19
CA MET L 115 60.39 -48.99 135.33
C MET L 115 59.47 -49.28 136.51
N SER L 116 59.65 -48.53 137.61
CA SER L 116 58.83 -48.73 138.79
C SER L 116 57.38 -48.34 138.54
N VAL L 117 57.14 -47.37 137.66
CA VAL L 117 55.76 -47.01 137.30
C VAL L 117 54.99 -48.23 136.78
N VAL L 118 55.65 -49.10 136.03
CA VAL L 118 54.96 -50.27 135.50
C VAL L 118 55.03 -51.44 136.45
N GLN L 119 56.20 -51.66 137.07
CA GLN L 119 56.36 -52.77 138.01
C GLN L 119 55.38 -52.67 139.16
N ASP L 120 55.15 -51.46 139.67
CA ASP L 120 54.32 -51.22 140.85
C ASP L 120 52.93 -50.70 140.53
N ALA L 121 52.62 -50.45 139.26
CA ALA L 121 51.30 -49.98 138.83
C ALA L 121 50.88 -48.72 139.61
N SER L 122 51.78 -47.76 139.67
CA SER L 122 51.59 -46.54 140.46
C SER L 122 52.00 -45.33 139.63
N PRO L 123 51.07 -44.46 139.24
CA PRO L 123 51.48 -43.28 138.46
C PRO L 123 52.47 -42.46 139.26
N ILE L 124 53.09 -41.49 138.60
CA ILE L 124 53.84 -40.49 139.34
C ILE L 124 52.87 -39.48 139.92
N TYR L 125 53.11 -39.05 141.16
CA TYR L 125 52.08 -38.34 141.93
C TYR L 125 52.69 -37.28 142.85
N GLY L 126 51.83 -36.33 143.22
CA GLY L 126 52.16 -35.19 144.05
C GLY L 126 50.98 -34.23 144.04
N PRO M 1 35.76 -30.82 -28.08
CA PRO M 1 37.15 -31.23 -28.34
C PRO M 1 37.68 -32.14 -27.24
N LYS M 2 38.80 -32.83 -27.49
CA LYS M 2 39.33 -33.77 -26.51
C LYS M 2 39.81 -33.03 -25.27
N ILE M 3 39.85 -33.76 -24.16
CA ILE M 3 40.25 -33.18 -22.87
C ILE M 3 41.77 -33.33 -22.72
N ALA M 4 42.42 -32.21 -22.38
CA ALA M 4 43.89 -32.15 -22.38
C ALA M 4 44.31 -30.89 -21.64
N ASN M 5 45.62 -30.74 -21.47
CA ASN M 5 46.14 -29.56 -20.82
C ASN M 5 45.77 -28.31 -21.59
N ILE M 6 45.34 -27.28 -20.87
CA ILE M 6 45.10 -25.96 -21.46
C ILE M 6 46.23 -25.07 -21.00
N VAL M 7 47.04 -24.61 -21.95
CA VAL M 7 48.18 -23.76 -21.61
C VAL M 7 47.85 -22.33 -22.01
N ILE M 8 47.73 -21.45 -21.02
CA ILE M 8 47.43 -20.04 -21.25
C ILE M 8 48.61 -19.23 -20.74
N ASN M 9 48.61 -17.93 -21.04
CA ASN M 9 49.72 -17.04 -20.70
C ASN M 9 49.21 -15.84 -19.93
N ASP M 10 49.98 -15.39 -18.93
CA ASP M 10 49.60 -14.23 -18.12
C ASP M 10 50.41 -12.98 -18.47
N GLY M 11 50.95 -12.92 -19.70
CA GLY M 11 51.76 -11.82 -20.16
C GLY M 11 53.23 -11.95 -19.85
N THR M 12 53.57 -12.78 -18.87
CA THR M 12 54.94 -13.01 -18.44
C THR M 12 55.34 -14.47 -18.56
N LYS M 13 54.50 -15.38 -18.06
CA LYS M 13 54.77 -16.80 -17.92
C LYS M 13 53.55 -17.56 -18.43
N ASP M 14 53.79 -18.78 -18.92
CA ASP M 14 52.69 -19.65 -19.36
C ASP M 14 52.30 -20.58 -18.23
N ILE M 15 51.04 -20.50 -17.83
CA ILE M 15 50.45 -21.35 -16.82
C ILE M 15 49.77 -22.53 -17.51
N THR M 16 50.10 -23.74 -17.06
CA THR M 16 49.55 -24.97 -17.59
C THR M 16 48.44 -25.47 -16.64
N LEU M 17 47.21 -25.50 -17.15
CA LEU M 17 46.06 -25.99 -16.39
C LEU M 17 45.81 -27.42 -16.82
N GLN M 18 45.94 -28.35 -15.88
CA GLN M 18 45.77 -29.77 -16.14
C GLN M 18 44.32 -30.19 -15.91
N PRO M 19 43.84 -31.11 -16.74
CA PRO M 19 42.47 -31.62 -16.58
C PRO M 19 42.37 -32.42 -15.30
N VAL M 20 41.39 -32.08 -14.48
CA VAL M 20 41.29 -32.59 -13.13
C VAL M 20 39.96 -33.28 -12.88
N ASN M 21 38.86 -32.75 -13.41
CA ASN M 21 37.59 -33.39 -13.13
C ASN M 21 36.63 -33.13 -14.28
N ILE M 22 35.72 -34.06 -14.54
CA ILE M 22 34.57 -33.77 -15.37
C ILE M 22 33.34 -33.93 -14.49
N ASP M 23 32.67 -32.81 -14.26
CA ASP M 23 31.55 -32.72 -13.35
C ASP M 23 30.42 -33.65 -13.77
N ARG M 24 29.49 -33.86 -12.85
CA ARG M 24 28.23 -34.51 -13.23
C ARG M 24 27.33 -33.58 -14.02
N GLU M 25 27.56 -32.27 -13.94
CA GLU M 25 26.87 -31.32 -14.78
C GLU M 25 27.54 -31.13 -16.14
N GLY M 26 28.63 -31.86 -16.41
CA GLY M 26 29.36 -31.73 -17.65
C GLY M 26 30.50 -30.74 -17.59
N VAL M 27 30.82 -30.22 -16.41
CA VAL M 27 31.84 -29.18 -16.25
C VAL M 27 33.23 -29.81 -16.26
N ALA M 28 34.10 -29.30 -17.13
CA ALA M 28 35.50 -29.72 -17.14
C ALA M 28 36.25 -28.79 -16.20
N HIS M 29 36.68 -29.33 -15.05
CA HIS M 29 37.53 -28.64 -14.11
C HIS M 29 39.00 -28.88 -14.43
N PHE M 30 39.78 -27.81 -14.46
CA PHE M 30 41.22 -27.83 -14.63
C PHE M 30 41.83 -27.12 -13.43
N ARG M 31 43.06 -27.52 -13.11
CA ARG M 31 43.80 -26.98 -11.96
C ARG M 31 45.21 -26.65 -12.39
N GLU M 32 45.78 -25.62 -11.78
CA GLU M 32 47.12 -25.19 -12.16
C GLU M 32 48.14 -26.28 -11.80
N LYS M 33 49.07 -26.51 -12.73
CA LYS M 33 50.08 -27.55 -12.57
C LYS M 33 51.21 -27.05 -11.67
N ASP M 34 51.73 -27.96 -10.82
CA ASP M 34 52.91 -27.69 -10.01
C ASP M 34 52.66 -26.58 -8.98
N VAL M 35 51.46 -26.55 -8.41
CA VAL M 35 51.08 -25.53 -7.44
C VAL M 35 50.14 -26.17 -6.43
N SER M 36 50.28 -25.77 -5.17
CA SER M 36 49.41 -26.29 -4.11
C SER M 36 47.95 -26.12 -4.49
N ILE M 37 47.13 -27.08 -4.06
CA ILE M 37 45.71 -27.06 -4.38
C ILE M 37 45.08 -25.73 -4.00
N LEU M 38 45.46 -25.19 -2.84
CA LEU M 38 44.85 -23.95 -2.37
C LEU M 38 45.17 -22.77 -3.27
N GLU M 39 46.43 -22.67 -3.71
CA GLU M 39 46.89 -21.51 -4.46
C GLU M 39 46.85 -21.71 -5.98
N ALA M 40 46.35 -22.85 -6.44
CA ALA M 40 46.36 -23.09 -7.87
C ALA M 40 45.23 -22.33 -8.54
N ILE M 41 45.53 -21.83 -9.74
CA ILE M 41 44.54 -21.22 -10.62
C ILE M 41 43.66 -22.32 -11.19
N ARG M 42 42.35 -22.14 -11.14
CA ARG M 42 41.47 -23.18 -11.66
C ARG M 42 40.50 -22.66 -12.71
N LEU M 43 40.15 -23.55 -13.65
CA LEU M 43 39.33 -23.18 -14.80
C LEU M 43 38.22 -24.20 -15.02
N THR M 44 36.98 -23.74 -15.15
CA THR M 44 35.84 -24.63 -15.41
C THR M 44 35.18 -24.27 -16.73
N VAL M 45 34.87 -25.29 -17.53
CA VAL M 45 34.36 -25.10 -18.89
C VAL M 45 33.22 -26.09 -19.14
N GLN M 46 32.01 -25.58 -19.38
CA GLN M 46 30.87 -26.45 -19.62
C GLN M 46 30.01 -25.93 -20.77
N LEU M 47 29.35 -26.86 -21.47
CA LEU M 47 28.46 -26.54 -22.59
C LEU M 47 27.08 -27.13 -22.30
N ARG M 48 26.24 -26.31 -21.67
CA ARG M 48 24.86 -26.66 -21.34
C ARG M 48 24.05 -26.70 -22.64
N GLN M 49 23.64 -27.91 -23.02
CA GLN M 49 22.81 -28.10 -24.19
C GLN M 49 21.38 -27.69 -23.88
N PRO M 50 20.58 -27.40 -24.91
CA PRO M 50 19.24 -26.87 -24.67
C PRO M 50 18.28 -27.92 -24.14
N SER M 51 17.22 -27.43 -23.51
CA SER M 51 16.14 -28.26 -22.99
C SER M 51 15.33 -28.88 -24.13
N VAL M 52 14.44 -29.80 -23.78
CA VAL M 52 13.56 -30.38 -24.80
C VAL M 52 12.67 -29.30 -25.39
N ASN M 53 12.22 -28.35 -24.56
CA ASN M 53 11.36 -27.27 -25.06
C ASN M 53 12.17 -26.18 -25.76
N GLY M 54 13.36 -25.86 -25.24
CA GLY M 54 14.14 -24.76 -25.77
C GLY M 54 15.11 -25.17 -26.87
N ASN M 55 15.85 -24.18 -27.37
CA ASN M 55 16.90 -24.42 -28.38
C ASN M 55 18.12 -23.54 -28.13
N VAL M 56 18.47 -23.30 -26.86
CA VAL M 56 19.52 -22.36 -26.53
C VAL M 56 20.66 -23.06 -25.80
N TYR M 57 21.85 -23.02 -26.40
CA TYR M 57 23.08 -23.50 -25.81
C TYR M 57 23.73 -22.37 -25.02
N ARG M 58 24.27 -22.74 -23.85
CA ARG M 58 25.08 -21.86 -23.00
C ARG M 58 26.46 -22.48 -22.82
N CYS M 59 27.49 -21.74 -23.20
CA CYS M 59 28.88 -22.17 -23.02
C CYS M 59 29.49 -21.26 -21.96
N LYS M 60 29.77 -21.82 -20.79
CA LYS M 60 30.26 -21.06 -19.65
C LYS M 60 31.70 -21.47 -19.31
N ALA M 61 32.55 -20.48 -19.08
CA ALA M 61 33.95 -20.69 -18.73
C ALA M 61 34.33 -19.73 -17.60
N LYS M 62 34.65 -20.27 -16.44
CA LYS M 62 35.04 -19.50 -15.26
C LYS M 62 36.51 -19.77 -14.94
N LEU M 63 37.31 -18.70 -14.97
CA LEU M 63 38.69 -18.72 -14.50
C LEU M 63 38.74 -18.09 -13.12
N VAL M 64 39.44 -18.73 -12.19
CA VAL M 64 39.63 -18.21 -10.85
C VAL M 64 41.12 -18.15 -10.56
N VAL M 65 41.60 -16.96 -10.23
CA VAL M 65 42.98 -16.71 -9.83
C VAL M 65 42.98 -16.34 -8.36
N PRO M 66 43.55 -17.15 -7.49
CA PRO M 66 43.70 -16.75 -6.09
C PRO M 66 45.01 -16.01 -5.83
N VAL M 67 45.00 -15.20 -4.78
CA VAL M 67 46.17 -14.48 -4.30
C VAL M 67 46.46 -15.03 -2.91
N VAL M 68 47.49 -15.86 -2.80
CA VAL M 68 47.82 -16.51 -1.54
C VAL M 68 49.06 -15.85 -0.98
N GLU M 69 48.96 -15.38 0.25
CA GLU M 69 50.08 -14.84 1.01
C GLU M 69 50.15 -15.53 2.36
N VAL M 70 51.36 -15.60 2.92
CA VAL M 70 51.56 -16.29 4.18
C VAL M 70 51.16 -15.39 5.33
N VAL M 71 50.24 -15.87 6.19
CA VAL M 71 49.81 -15.18 7.39
C VAL M 71 50.38 -15.97 8.57
N GLY M 72 51.36 -15.39 9.26
CA GLY M 72 52.10 -16.17 10.25
C GLY M 72 52.87 -17.28 9.55
N ASN M 73 52.57 -18.53 9.92
CA ASN M 73 53.11 -19.70 9.25
C ASN M 73 52.08 -20.41 8.38
N VAL M 74 50.89 -19.82 8.24
CA VAL M 74 49.78 -20.46 7.54
C VAL M 74 49.57 -19.76 6.20
N ARG M 75 49.71 -20.49 5.10
CA ARG M 75 49.43 -19.91 3.79
C ARG M 75 47.92 -19.71 3.66
N THR M 76 47.49 -18.50 3.30
CA THR M 76 46.08 -18.21 3.18
C THR M 76 45.82 -17.35 1.94
N THR M 77 44.67 -17.60 1.32
CA THR M 77 44.24 -16.81 0.17
C THR M 77 43.67 -15.49 0.66
N VAL M 78 44.37 -14.39 0.36
CA VAL M 78 43.92 -13.07 0.80
C VAL M 78 42.67 -12.65 0.02
N ARG M 79 42.69 -12.85 -1.30
CA ARG M 79 41.61 -12.42 -2.18
C ARG M 79 41.68 -13.26 -3.44
N THR M 80 40.64 -13.14 -4.26
CA THR M 80 40.59 -13.85 -5.53
C THR M 80 40.08 -12.91 -6.61
N LEU M 81 40.54 -13.15 -7.84
CA LEU M 81 40.02 -12.49 -9.03
C LEU M 81 39.34 -13.53 -9.89
N THR M 82 38.19 -13.17 -10.48
CA THR M 82 37.39 -14.13 -11.22
C THR M 82 37.00 -13.58 -12.59
N GLU M 83 37.01 -14.44 -13.60
CA GLU M 83 36.55 -14.06 -14.93
C GLU M 83 35.59 -15.11 -15.45
N THR M 84 34.47 -14.68 -16.01
CA THR M 84 33.41 -15.59 -16.48
C THR M 84 32.99 -15.17 -17.88
N THR M 85 33.23 -16.05 -18.85
CA THR M 85 32.77 -15.87 -20.22
C THR M 85 31.56 -16.78 -20.45
N GLU M 86 30.51 -16.23 -21.06
CA GLU M 86 29.28 -16.99 -21.31
C GLU M 86 28.79 -16.68 -22.72
N VAL M 87 28.81 -17.69 -23.59
CA VAL M 87 28.39 -17.56 -24.99
C VAL M 87 27.07 -18.29 -25.18
N LEU M 88 26.08 -17.60 -25.75
CA LEU M 88 24.77 -18.16 -26.00
C LEU M 88 24.51 -18.23 -27.50
N PHE M 89 24.09 -19.40 -27.97
CA PHE M 89 23.70 -19.53 -29.37
C PHE M 89 22.60 -20.56 -29.52
N THR M 90 21.83 -20.40 -30.59
CA THR M 90 20.65 -21.23 -30.86
C THR M 90 21.01 -22.42 -31.74
N GLN M 91 20.12 -23.42 -31.74
CA GLN M 91 20.39 -24.67 -32.46
C GLN M 91 20.34 -24.47 -33.97
N ASP M 92 19.60 -23.46 -34.44
CA ASP M 92 19.58 -23.20 -35.87
C ASP M 92 20.77 -22.37 -36.33
N SER M 93 21.69 -22.06 -35.42
CA SER M 93 22.84 -21.23 -35.76
C SER M 93 23.81 -21.97 -36.67
N LEU M 94 24.43 -21.22 -37.57
CA LEU M 94 25.40 -21.77 -38.51
C LEU M 94 26.78 -21.85 -37.89
N GLY M 95 27.56 -22.83 -38.33
CA GLY M 95 28.93 -22.92 -37.86
C GLY M 95 29.73 -21.67 -38.17
N THR M 96 29.53 -21.11 -39.35
CA THR M 96 30.24 -19.89 -39.73
C THR M 96 29.87 -18.74 -38.79
N GLU M 97 28.59 -18.67 -38.38
CA GLU M 97 28.17 -17.62 -37.45
C GLU M 97 28.84 -17.82 -36.09
N ARG M 98 28.78 -19.05 -35.56
CA ARG M 98 29.41 -19.33 -34.28
C ARG M 98 30.91 -18.99 -34.33
N GLN M 99 31.56 -19.30 -35.45
CA GLN M 99 32.99 -19.03 -35.58
C GLN M 99 33.27 -17.53 -35.62
N ARG M 100 32.46 -16.79 -36.37
CA ARG M 100 32.53 -15.34 -36.35
C ARG M 100 32.44 -14.80 -34.93
N VAL M 101 31.51 -15.34 -34.13
CA VAL M 101 31.35 -14.85 -32.77
C VAL M 101 32.57 -15.20 -31.91
N ALA M 102 33.10 -16.40 -32.08
CA ALA M 102 34.29 -16.79 -31.32
C ALA M 102 35.47 -15.87 -31.62
N ASN M 103 35.69 -15.57 -32.90
CA ASN M 103 36.77 -14.66 -33.27
C ASN M 103 36.54 -13.26 -32.71
N LEU M 104 35.30 -12.78 -32.75
CA LEU M 104 35.00 -11.48 -32.16
C LEU M 104 35.31 -11.49 -30.67
N THR M 105 34.96 -12.58 -29.97
CA THR M 105 35.26 -12.68 -28.55
C THR M 105 36.78 -12.60 -28.31
N LYS M 106 37.56 -13.30 -29.13
CA LYS M 106 39.02 -13.23 -29.03
C LYS M 106 39.51 -11.80 -29.23
N SER M 107 39.11 -11.18 -30.34
CA SER M 107 39.55 -9.82 -30.64
C SER M 107 39.15 -8.86 -29.52
N LEU M 108 37.97 -9.06 -28.95
CA LEU M 108 37.48 -8.21 -27.89
C LEU M 108 38.33 -8.34 -26.64
N ALA M 109 38.56 -9.57 -26.19
CA ALA M 109 39.36 -9.79 -24.99
C ALA M 109 40.82 -9.37 -25.18
N GLY M 110 41.29 -9.27 -26.43
CA GLY M 110 42.62 -8.74 -26.64
C GLY M 110 42.69 -7.25 -26.83
N HIS M 111 41.57 -6.55 -26.85
CA HIS M 111 41.55 -5.14 -27.24
C HIS M 111 42.07 -4.24 -26.13
N ALA M 112 42.88 -3.27 -26.53
CA ALA M 112 43.62 -2.44 -25.60
C ALA M 112 42.70 -1.74 -24.59
N THR M 113 41.57 -1.18 -25.05
CA THR M 113 40.76 -0.38 -24.16
C THR M 113 40.05 -1.23 -23.11
N LEU M 114 39.64 -2.45 -23.47
CA LEU M 114 39.01 -3.31 -22.47
C LEU M 114 40.03 -3.84 -21.48
N MET M 115 41.20 -4.25 -21.98
CA MET M 115 42.28 -4.63 -21.07
C MET M 115 42.60 -3.49 -20.12
N SER M 116 42.58 -2.25 -20.63
CA SER M 116 42.83 -1.10 -19.78
C SER M 116 41.73 -0.91 -18.74
N VAL M 117 40.46 -1.16 -19.12
CA VAL M 117 39.39 -1.08 -18.14
C VAL M 117 39.69 -1.98 -16.96
N VAL M 118 40.15 -3.19 -17.22
CA VAL M 118 40.37 -4.09 -16.09
C VAL M 118 41.67 -3.78 -15.35
N GLN M 119 42.74 -3.46 -16.09
CA GLN M 119 44.03 -3.18 -15.46
C GLN M 119 43.97 -1.92 -14.61
N ASP M 120 43.59 -0.79 -15.21
CA ASP M 120 43.53 0.50 -14.54
C ASP M 120 42.29 0.65 -13.66
N ALA M 121 41.35 -0.29 -13.73
CA ALA M 121 40.11 -0.24 -12.95
C ALA M 121 39.33 1.05 -13.17
N SER M 122 39.44 1.64 -14.36
CA SER M 122 38.66 2.82 -14.71
C SER M 122 37.76 2.49 -15.89
N PRO M 123 36.48 2.80 -15.81
CA PRO M 123 35.55 2.47 -16.91
C PRO M 123 35.71 3.48 -18.04
N ILE M 124 34.91 3.25 -19.08
CA ILE M 124 34.89 4.12 -20.25
C ILE M 124 33.99 5.30 -19.94
N TYR M 125 34.55 6.51 -19.96
CA TYR M 125 33.81 7.74 -19.74
C TYR M 125 34.55 8.89 -20.42
N GLY M 126 33.78 9.80 -21.03
CA GLY M 126 34.35 10.99 -21.67
C GLY M 126 35.37 10.74 -22.77
N PRO N 1 38.70 4.25 -19.63
CA PRO N 1 39.36 5.26 -20.47
C PRO N 1 38.39 6.15 -21.22
N LYS N 2 38.90 6.80 -22.26
CA LYS N 2 38.11 7.75 -23.03
C LYS N 2 37.33 7.01 -24.12
N ILE N 3 36.06 7.39 -24.26
CA ILE N 3 35.17 6.71 -25.19
C ILE N 3 35.65 6.95 -26.61
N ALA N 4 35.71 5.89 -27.40
CA ALA N 4 36.22 5.98 -28.77
C ALA N 4 35.80 4.73 -29.54
N ASN N 5 36.10 4.74 -30.83
CA ASN N 5 35.78 3.60 -31.69
C ASN N 5 36.51 2.36 -31.20
N ILE N 6 35.83 1.22 -31.30
CA ILE N 6 36.41 -0.08 -30.97
C ILE N 6 36.39 -0.93 -32.22
N VAL N 7 37.56 -1.27 -32.73
CA VAL N 7 37.66 -2.09 -33.93
C VAL N 7 38.09 -3.49 -33.51
N ILE N 8 37.29 -4.49 -33.90
CA ILE N 8 37.59 -5.87 -33.59
C ILE N 8 37.43 -6.72 -34.84
N ASN N 9 38.16 -7.83 -34.89
CA ASN N 9 38.18 -8.68 -36.06
C ASN N 9 37.31 -9.91 -35.83
N ASP N 10 36.61 -10.34 -36.89
CA ASP N 10 35.74 -11.51 -36.83
C ASP N 10 36.34 -12.72 -37.54
N GLY N 11 37.64 -12.69 -37.82
CA GLY N 11 38.30 -13.75 -38.54
C GLY N 11 38.37 -13.55 -40.04
N THR N 12 37.56 -12.64 -40.58
CA THR N 12 37.55 -12.41 -42.02
C THR N 12 37.78 -10.94 -42.33
N LYS N 13 37.30 -10.04 -41.46
CA LYS N 13 37.37 -8.61 -41.71
C LYS N 13 37.32 -7.85 -40.39
N ASP N 14 37.69 -6.58 -40.47
CA ASP N 14 37.65 -5.68 -39.31
C ASP N 14 36.30 -4.99 -39.22
N ILE N 15 35.74 -4.97 -38.03
CA ILE N 15 34.42 -4.43 -37.77
C ILE N 15 34.57 -3.27 -36.80
N THR N 16 34.05 -2.11 -37.19
CA THR N 16 34.17 -0.89 -36.41
C THR N 16 32.89 -0.66 -35.61
N LEU N 17 33.02 -0.55 -34.29
CA LEU N 17 31.89 -0.27 -33.41
C LEU N 17 32.05 1.17 -32.92
N GLN N 18 31.14 2.03 -33.35
CA GLN N 18 31.12 3.44 -32.99
C GLN N 18 30.37 3.64 -31.68
N PRO N 19 30.86 4.53 -30.83
CA PRO N 19 30.18 4.80 -29.57
C PRO N 19 28.86 5.51 -29.80
N VAL N 20 27.89 5.21 -28.95
CA VAL N 20 26.55 5.79 -29.03
C VAL N 20 26.31 6.72 -27.87
N ASN N 21 26.43 6.22 -26.64
CA ASN N 21 26.22 7.03 -25.44
C ASN N 21 26.70 6.22 -24.24
N ILE N 22 26.47 6.77 -23.04
CA ILE N 22 26.71 6.09 -21.78
C ILE N 22 25.54 6.39 -20.85
N ASP N 23 24.80 5.36 -20.46
CA ASP N 23 23.52 5.52 -19.79
C ASP N 23 23.73 5.82 -18.31
N ARG N 24 22.62 5.93 -17.57
CA ARG N 24 22.70 6.32 -16.16
C ARG N 24 23.49 5.30 -15.35
N GLU N 25 23.38 4.00 -15.71
CA GLU N 25 24.06 2.96 -14.96
C GLU N 25 25.56 3.00 -15.16
N GLY N 26 26.04 3.62 -16.25
CA GLY N 26 27.45 3.64 -16.57
C GLY N 26 27.83 2.78 -17.75
N VAL N 27 26.86 2.10 -18.37
CA VAL N 27 27.12 1.24 -19.51
C VAL N 27 27.40 2.11 -20.73
N ALA N 28 28.54 1.86 -21.38
CA ALA N 28 28.88 2.50 -22.63
C ALA N 28 28.39 1.62 -23.77
N HIS N 29 27.58 2.19 -24.66
CA HIS N 29 26.97 1.46 -25.76
C HIS N 29 27.67 1.75 -27.09
N PHE N 30 27.92 0.70 -27.88
CA PHE N 30 28.55 0.80 -29.19
C PHE N 30 27.71 0.04 -30.20
N ARG N 31 27.72 0.57 -31.44
CA ARG N 31 26.89 0.06 -32.53
C ARG N 31 27.75 -0.04 -33.79
N GLU N 32 27.54 -1.11 -34.56
CA GLU N 32 28.34 -1.33 -35.76
C GLU N 32 28.14 -0.21 -36.76
N LYS N 33 29.25 0.22 -37.36
CA LYS N 33 29.24 1.34 -38.30
C LYS N 33 28.73 0.89 -39.67
N ASP N 34 27.92 1.75 -40.30
CA ASP N 34 27.53 1.59 -41.72
C ASP N 34 26.64 0.37 -41.93
N VAL N 35 25.89 -0.03 -40.91
CA VAL N 35 24.97 -1.16 -41.01
C VAL N 35 23.65 -0.74 -40.39
N SER N 36 22.57 -1.35 -40.88
CA SER N 36 21.24 -1.05 -40.37
C SER N 36 21.16 -1.26 -38.85
N ILE N 37 20.32 -0.46 -38.21
CA ILE N 37 20.05 -0.60 -36.78
C ILE N 37 19.74 -2.05 -36.43
N LEU N 38 18.88 -2.69 -37.23
CA LEU N 38 18.37 -4.00 -36.87
C LEU N 38 19.47 -5.06 -36.90
N GLU N 39 20.37 -4.98 -37.89
CA GLU N 39 21.37 -6.02 -38.12
C GLU N 39 22.75 -5.66 -37.60
N ALA N 40 22.88 -4.53 -36.92
CA ALA N 40 24.19 -4.08 -36.50
C ALA N 40 24.63 -4.80 -35.23
N ILE N 41 25.93 -5.14 -35.19
CA ILE N 41 26.53 -5.74 -34.01
C ILE N 41 26.60 -4.70 -32.91
N ARG N 42 26.32 -5.11 -31.67
CA ARG N 42 26.30 -4.17 -30.56
C ARG N 42 27.21 -4.63 -29.43
N LEU N 43 27.79 -3.66 -28.73
CA LEU N 43 28.71 -3.93 -27.64
C LEU N 43 28.41 -3.01 -26.46
N THR N 44 28.32 -3.58 -25.26
CA THR N 44 28.13 -2.77 -24.05
C THR N 44 29.24 -3.06 -23.05
N VAL N 45 29.78 -2.00 -22.44
CA VAL N 45 30.91 -2.11 -21.51
C VAL N 45 30.64 -1.25 -20.28
N GLN N 46 30.71 -1.87 -19.09
CA GLN N 46 30.54 -1.12 -17.85
C GLN N 46 31.50 -1.66 -16.78
N LEU N 47 31.81 -0.80 -15.81
CA LEU N 47 32.65 -1.15 -14.66
C LEU N 47 31.92 -0.70 -13.41
N ARG N 48 31.08 -1.59 -12.88
CA ARG N 48 30.26 -1.31 -11.70
C ARG N 48 31.14 -1.23 -10.46
N GLN N 49 31.08 -0.07 -9.80
CA GLN N 49 31.77 0.17 -8.56
C GLN N 49 31.19 -0.70 -7.45
N PRO N 50 31.95 -0.94 -6.39
CA PRO N 50 31.39 -1.62 -5.23
C PRO N 50 30.46 -0.69 -4.45
N SER N 51 29.50 -1.31 -3.75
CA SER N 51 28.60 -0.56 -2.90
C SER N 51 29.36 0.03 -1.71
N VAL N 52 28.64 0.77 -0.86
CA VAL N 52 29.26 1.22 0.38
C VAL N 52 29.55 0.03 1.28
N ASN N 53 28.72 -1.01 1.23
CA ASN N 53 28.94 -2.19 2.05
C ASN N 53 30.01 -3.11 1.44
N GLY N 54 29.87 -3.45 0.16
CA GLY N 54 30.78 -4.39 -0.47
C GLY N 54 32.11 -3.77 -0.88
N ASN N 55 32.95 -4.61 -1.49
CA ASN N 55 34.22 -4.16 -2.05
C ASN N 55 34.53 -4.87 -3.36
N VAL N 56 33.50 -5.20 -4.14
CA VAL N 56 33.65 -6.02 -5.34
C VAL N 56 33.35 -5.18 -6.57
N TYR N 57 34.34 -5.06 -7.45
CA TYR N 57 34.20 -4.43 -8.75
C TYR N 57 33.75 -5.47 -9.77
N ARG N 58 32.78 -5.09 -10.61
CA ARG N 58 32.26 -5.94 -11.67
C ARG N 58 32.46 -5.27 -13.03
N CYS N 59 33.29 -5.85 -13.88
CA CYS N 59 33.51 -5.34 -15.22
C CYS N 59 32.78 -6.23 -16.21
N LYS N 60 31.70 -5.73 -16.81
CA LYS N 60 30.82 -6.50 -17.67
C LYS N 60 30.91 -6.00 -19.11
N ALA N 61 30.99 -6.93 -20.06
CA ALA N 61 31.12 -6.61 -21.48
C ALA N 61 30.29 -7.59 -22.29
N LYS N 62 29.24 -7.10 -22.95
CA LYS N 62 28.31 -7.93 -23.71
C LYS N 62 28.37 -7.61 -25.19
N LEU N 63 28.59 -8.64 -26.00
CA LEU N 63 28.60 -8.54 -27.46
C LEU N 63 27.38 -9.26 -28.00
N VAL N 64 26.70 -8.63 -28.96
CA VAL N 64 25.48 -9.17 -29.53
C VAL N 64 25.57 -9.13 -31.04
N VAL N 65 25.44 -10.30 -31.68
CA VAL N 65 25.48 -10.43 -33.13
C VAL N 65 24.15 -10.96 -33.62
N PRO N 66 23.34 -10.13 -34.28
CA PRO N 66 22.07 -10.59 -34.82
C PRO N 66 22.22 -11.20 -36.22
N VAL N 67 21.25 -12.05 -36.54
CA VAL N 67 21.06 -12.60 -37.87
C VAL N 67 19.65 -12.22 -38.30
N VAL N 68 19.56 -11.48 -39.40
CA VAL N 68 18.33 -10.85 -39.88
C VAL N 68 17.95 -11.41 -41.24
N GLU N 69 16.65 -11.63 -41.43
CA GLU N 69 16.08 -12.02 -42.71
C GLU N 69 15.27 -10.87 -43.28
N VAL N 70 15.56 -10.51 -44.52
CA VAL N 70 14.87 -9.42 -45.21
C VAL N 70 14.18 -9.98 -46.44
N VAL N 71 12.86 -9.80 -46.49
CA VAL N 71 12.04 -10.16 -47.63
C VAL N 71 11.22 -8.93 -47.98
N GLY N 72 11.52 -8.32 -49.12
CA GLY N 72 10.84 -7.09 -49.46
C GLY N 72 11.14 -6.02 -48.42
N ASN N 73 10.07 -5.46 -47.85
CA ASN N 73 10.19 -4.47 -46.79
C ASN N 73 10.08 -5.09 -45.41
N VAL N 74 9.87 -6.40 -45.32
CA VAL N 74 9.81 -7.08 -44.04
C VAL N 74 11.24 -7.40 -43.60
N ARG N 75 11.65 -6.84 -42.47
CA ARG N 75 12.96 -7.08 -41.90
C ARG N 75 12.74 -7.65 -40.51
N THR N 76 13.26 -8.85 -40.25
CA THR N 76 13.01 -9.51 -38.98
C THR N 76 14.29 -10.15 -38.47
N THR N 77 14.50 -10.11 -37.15
CA THR N 77 15.66 -10.75 -36.55
C THR N 77 15.38 -12.24 -36.37
N VAL N 78 16.08 -13.08 -37.13
CA VAL N 78 15.83 -14.51 -37.04
C VAL N 78 16.48 -15.10 -35.79
N ARG N 79 17.72 -14.71 -35.51
CA ARG N 79 18.35 -15.28 -34.31
C ARG N 79 19.45 -14.35 -33.84
N THR N 80 19.94 -14.56 -32.63
CA THR N 80 21.09 -13.81 -32.15
C THR N 80 22.09 -14.74 -31.50
N LEU N 81 23.35 -14.35 -31.57
CA LEU N 81 24.43 -14.98 -30.83
C LEU N 81 25.01 -13.92 -29.90
N THR N 82 25.10 -14.23 -28.61
CA THR N 82 25.62 -13.26 -27.66
C THR N 82 26.77 -13.86 -26.86
N GLU N 83 27.64 -12.98 -26.38
CA GLU N 83 28.74 -13.38 -25.52
C GLU N 83 28.90 -12.32 -24.46
N THR N 84 28.95 -12.72 -23.19
CA THR N 84 29.11 -11.75 -22.12
C THR N 84 30.26 -12.17 -21.20
N THR N 85 31.12 -11.21 -20.87
CA THR N 85 32.33 -11.42 -20.10
C THR N 85 32.28 -10.57 -18.84
N GLU N 86 32.38 -11.21 -17.67
CA GLU N 86 32.40 -10.52 -16.39
C GLU N 86 33.71 -10.78 -15.67
N VAL N 87 34.41 -9.71 -15.28
CA VAL N 87 35.62 -9.80 -14.48
C VAL N 87 35.34 -9.17 -13.13
N LEU N 88 35.58 -9.92 -12.06
CA LEU N 88 35.37 -9.47 -10.69
C LEU N 88 36.70 -9.33 -10.00
N PHE N 89 36.93 -8.17 -9.38
CA PHE N 89 38.12 -8.01 -8.55
C PHE N 89 37.81 -7.14 -7.34
N THR N 90 38.58 -7.35 -6.27
CA THR N 90 38.36 -6.73 -4.98
C THR N 90 38.99 -5.33 -4.92
N GLN N 91 38.55 -4.56 -3.94
CA GLN N 91 39.00 -3.17 -3.79
C GLN N 91 40.48 -3.08 -3.47
N ASP N 92 41.04 -4.08 -2.79
CA ASP N 92 42.43 -4.08 -2.40
C ASP N 92 43.32 -4.82 -3.39
N SER N 93 42.81 -5.14 -4.58
CA SER N 93 43.60 -5.88 -5.55
C SER N 93 44.71 -5.00 -6.13
N LEU N 94 45.79 -5.66 -6.56
CA LEU N 94 46.92 -4.97 -7.13
C LEU N 94 46.78 -4.86 -8.65
N GLY N 95 47.20 -3.72 -9.19
CA GLY N 95 47.21 -3.55 -10.64
C GLY N 95 47.96 -4.66 -11.33
N THR N 96 49.04 -5.14 -10.72
CA THR N 96 49.75 -6.31 -11.22
C THR N 96 48.83 -7.52 -11.33
N GLU N 97 48.07 -7.78 -10.27
CA GLU N 97 47.18 -8.92 -10.24
C GLU N 97 46.13 -8.82 -11.35
N ARG N 98 45.42 -7.69 -11.44
CA ARG N 98 44.38 -7.66 -12.45
C ARG N 98 44.95 -7.55 -13.85
N GLN N 99 46.22 -7.14 -14.01
CA GLN N 99 46.84 -7.23 -15.33
C GLN N 99 47.11 -8.68 -15.72
N ARG N 100 47.58 -9.49 -14.76
CA ARG N 100 47.69 -10.92 -15.04
C ARG N 100 46.34 -11.50 -15.44
N VAL N 101 45.28 -11.09 -14.75
CA VAL N 101 43.95 -11.61 -15.08
C VAL N 101 43.55 -11.20 -16.50
N ALA N 102 43.82 -9.95 -16.87
CA ALA N 102 43.48 -9.51 -18.21
C ALA N 102 44.20 -10.33 -19.26
N ASN N 103 45.49 -10.60 -19.06
CA ASN N 103 46.23 -11.38 -20.03
C ASN N 103 45.75 -12.83 -20.08
N LEU N 104 45.40 -13.39 -18.92
CA LEU N 104 44.84 -14.74 -18.91
C LEU N 104 43.52 -14.79 -19.67
N THR N 105 42.68 -13.78 -19.50
CA THR N 105 41.42 -13.73 -20.24
C THR N 105 41.69 -13.71 -21.74
N LYS N 106 42.64 -12.87 -22.17
CA LYS N 106 43.00 -12.81 -23.58
C LYS N 106 43.49 -14.17 -24.08
N SER N 107 44.31 -14.85 -23.29
CA SER N 107 44.84 -16.15 -23.71
C SER N 107 43.74 -17.18 -23.82
N LEU N 108 42.85 -17.24 -22.82
CA LEU N 108 41.72 -18.16 -22.88
C LEU N 108 40.88 -17.90 -24.12
N ALA N 109 40.48 -16.65 -24.34
CA ALA N 109 39.63 -16.33 -25.48
C ALA N 109 40.31 -16.68 -26.80
N GLY N 110 41.64 -16.67 -26.84
CA GLY N 110 42.32 -17.11 -28.04
C GLY N 110 42.58 -18.61 -28.14
N HIS N 111 42.40 -19.36 -27.05
CA HIS N 111 42.81 -20.75 -27.00
C HIS N 111 41.98 -21.62 -27.93
N ALA N 112 42.69 -22.50 -28.66
CA ALA N 112 42.05 -23.29 -29.72
C ALA N 112 40.91 -24.15 -29.20
N THR N 113 41.08 -24.79 -28.03
CA THR N 113 40.02 -25.69 -27.57
C THR N 113 38.82 -24.91 -27.05
N LEU N 114 39.05 -23.79 -26.35
CA LEU N 114 37.93 -22.97 -25.92
C LEU N 114 37.15 -22.45 -27.11
N MET N 115 37.85 -22.04 -28.17
CA MET N 115 37.16 -21.59 -29.37
C MET N 115 36.41 -22.74 -30.04
N SER N 116 37.01 -23.93 -30.07
CA SER N 116 36.35 -25.08 -30.68
C SER N 116 35.07 -25.46 -29.95
N VAL N 117 35.00 -25.22 -28.64
CA VAL N 117 33.76 -25.49 -27.92
C VAL N 117 32.60 -24.72 -28.56
N VAL N 118 32.83 -23.46 -28.91
CA VAL N 118 31.75 -22.66 -29.48
C VAL N 118 31.59 -22.94 -30.96
N GLN N 119 32.70 -23.02 -31.69
CA GLN N 119 32.63 -23.25 -33.13
C GLN N 119 31.96 -24.58 -33.46
N ASP N 120 32.31 -25.63 -32.73
CA ASP N 120 31.83 -26.98 -33.01
C ASP N 120 30.65 -27.36 -32.11
N ALA N 121 30.28 -26.50 -31.16
CA ALA N 121 29.14 -26.76 -30.28
C ALA N 121 29.21 -28.14 -29.65
N SER N 122 30.41 -28.55 -29.26
CA SER N 122 30.58 -29.76 -28.49
C SER N 122 31.36 -29.43 -27.23
N PRO N 123 31.11 -30.13 -26.14
CA PRO N 123 31.84 -29.88 -24.91
C PRO N 123 33.21 -30.53 -24.94
N ILE N 124 33.91 -30.42 -23.82
CA ILE N 124 35.23 -31.01 -23.66
C ILE N 124 35.03 -32.44 -23.14
N TYR N 125 35.56 -33.41 -23.89
CA TYR N 125 35.41 -34.84 -23.59
C TYR N 125 36.30 -35.64 -24.53
N GLY N 126 36.83 -36.74 -24.03
CA GLY N 126 37.58 -37.66 -24.88
C GLY N 126 39.07 -37.72 -24.59
N PRO O 1 42.09 -39.37 -13.48
CA PRO O 1 42.50 -39.48 -14.89
C PRO O 1 41.34 -39.89 -15.80
N LYS O 2 41.58 -39.95 -17.11
CA LYS O 2 40.54 -40.43 -18.02
C LYS O 2 40.18 -41.87 -17.66
N ILE O 3 38.88 -42.13 -17.52
CA ILE O 3 38.43 -43.49 -17.21
C ILE O 3 38.87 -44.43 -18.33
N ALA O 4 39.37 -45.60 -17.93
CA ALA O 4 39.90 -46.55 -18.89
C ALA O 4 39.91 -47.93 -18.26
N ASN O 5 40.36 -48.91 -19.02
CA ASN O 5 40.56 -50.25 -18.48
C ASN O 5 41.63 -50.22 -17.39
N ILE O 6 41.43 -51.07 -16.39
CA ILE O 6 42.39 -51.25 -15.31
C ILE O 6 42.84 -52.70 -15.33
N VAL O 7 44.12 -52.93 -15.57
CA VAL O 7 44.65 -54.28 -15.66
C VAL O 7 45.45 -54.57 -14.39
N ILE O 8 44.96 -55.52 -13.60
CA ILE O 8 45.61 -55.90 -12.35
C ILE O 8 45.86 -57.41 -12.37
N ASN O 9 46.84 -57.84 -11.58
CA ASN O 9 47.28 -59.22 -11.57
C ASN O 9 46.82 -59.89 -10.28
N ASP O 10 46.29 -61.12 -10.38
CA ASP O 10 45.81 -61.88 -9.23
C ASP O 10 46.80 -62.92 -8.76
N GLY O 11 48.08 -62.75 -9.08
CA GLY O 11 49.09 -63.70 -8.71
C GLY O 11 49.36 -64.78 -9.74
N THR O 12 48.42 -65.02 -10.62
CA THR O 12 48.60 -66.05 -11.63
C THR O 12 48.36 -65.53 -13.04
N LYS O 13 47.38 -64.64 -13.23
CA LYS O 13 47.05 -64.11 -14.55
C LYS O 13 46.77 -62.62 -14.46
N ASP O 14 46.63 -61.98 -15.62
CA ASP O 14 46.20 -60.60 -15.69
C ASP O 14 44.70 -60.52 -15.91
N ILE O 15 44.05 -59.62 -15.18
CA ILE O 15 42.62 -59.44 -15.18
C ILE O 15 42.34 -58.02 -15.64
N THR O 16 41.46 -57.88 -16.62
CA THR O 16 41.11 -56.58 -17.19
C THR O 16 39.73 -56.16 -16.68
N LEU O 17 39.68 -54.99 -16.05
CA LEU O 17 38.44 -54.42 -15.53
C LEU O 17 38.03 -53.28 -16.44
N GLN O 18 36.89 -53.44 -17.09
CA GLN O 18 36.28 -52.53 -18.05
C GLN O 18 35.35 -51.56 -17.34
N PRO O 19 35.38 -50.31 -17.80
CA PRO O 19 34.49 -49.29 -17.23
C PRO O 19 33.04 -49.67 -17.44
N VAL O 20 32.21 -49.36 -16.47
CA VAL O 20 30.84 -49.86 -16.45
C VAL O 20 29.84 -48.75 -16.26
N ASN O 21 30.09 -47.87 -15.29
CA ASN O 21 29.08 -46.91 -14.88
C ASN O 21 29.79 -45.82 -14.09
N ILE O 22 29.15 -44.66 -14.01
CA ILE O 22 29.63 -43.57 -13.17
C ILE O 22 28.43 -42.95 -12.46
N ASP O 23 28.44 -43.03 -11.13
CA ASP O 23 27.34 -42.60 -10.28
C ASP O 23 27.01 -41.13 -10.50
N ARG O 24 25.90 -40.72 -9.90
CA ARG O 24 25.69 -39.29 -9.66
C ARG O 24 26.65 -38.79 -8.58
N GLU O 25 27.10 -39.69 -7.69
CA GLU O 25 28.07 -39.33 -6.68
C GLU O 25 29.51 -39.35 -7.17
N GLY O 26 29.74 -39.79 -8.40
CA GLY O 26 31.07 -39.74 -8.99
C GLY O 26 31.86 -41.03 -8.87
N VAL O 27 31.25 -42.09 -8.37
CA VAL O 27 31.93 -43.38 -8.23
C VAL O 27 32.08 -44.02 -9.60
N ALA O 28 33.29 -44.46 -9.92
CA ALA O 28 33.55 -45.18 -11.15
C ALA O 28 33.44 -46.67 -10.86
N HIS O 29 32.51 -47.34 -11.54
CA HIS O 29 32.35 -48.76 -11.40
C HIS O 29 33.03 -49.49 -12.55
N PHE O 30 33.57 -50.67 -12.25
CA PHE O 30 34.26 -51.48 -13.24
C PHE O 30 33.77 -52.91 -13.10
N ARG O 31 34.11 -53.74 -14.10
CA ARG O 31 33.72 -55.13 -14.05
C ARG O 31 34.69 -55.95 -14.88
N GLU O 32 34.83 -57.23 -14.52
CA GLU O 32 35.82 -58.08 -15.16
C GLU O 32 35.37 -58.44 -16.58
N LYS O 33 36.35 -58.53 -17.46
CA LYS O 33 36.12 -58.78 -18.88
C LYS O 33 36.15 -60.28 -19.16
N ASP O 34 35.29 -60.72 -20.08
CA ASP O 34 35.28 -62.10 -20.58
C ASP O 34 34.89 -63.10 -19.50
N VAL O 35 34.04 -62.69 -18.56
CA VAL O 35 33.64 -63.53 -17.44
C VAL O 35 32.16 -63.27 -17.17
N SER O 36 31.47 -64.30 -16.66
CA SER O 36 30.06 -64.18 -16.33
C SER O 36 29.83 -62.99 -15.41
N ILE O 37 28.67 -62.35 -15.58
CA ILE O 37 28.35 -61.18 -14.77
C ILE O 37 28.41 -61.52 -13.28
N LEU O 38 27.81 -62.64 -12.88
CA LEU O 38 27.71 -62.94 -11.46
C LEU O 38 29.07 -63.23 -10.84
N GLU O 39 29.99 -63.81 -11.60
CA GLU O 39 31.27 -64.22 -11.05
C GLU O 39 32.41 -63.27 -11.37
N ALA O 40 32.10 -62.10 -11.94
CA ALA O 40 33.13 -61.17 -12.35
C ALA O 40 33.55 -60.30 -11.18
N ILE O 41 34.87 -60.14 -11.04
CA ILE O 41 35.42 -59.20 -10.07
C ILE O 41 34.94 -57.80 -10.42
N ARG O 42 34.65 -56.99 -9.40
CA ARG O 42 34.27 -55.61 -9.70
C ARG O 42 34.93 -54.64 -8.73
N LEU O 43 35.14 -53.41 -9.21
CA LEU O 43 35.94 -52.41 -8.53
C LEU O 43 35.27 -51.05 -8.63
N THR O 44 35.10 -50.37 -7.49
CA THR O 44 34.55 -49.02 -7.46
C THR O 44 35.59 -48.06 -6.89
N VAL O 45 35.69 -46.89 -7.50
CA VAL O 45 36.72 -45.89 -7.17
C VAL O 45 36.07 -44.51 -7.14
N GLN O 46 36.10 -43.86 -5.98
CA GLN O 46 35.55 -42.51 -5.87
C GLN O 46 36.50 -41.63 -5.07
N LEU O 47 36.31 -40.31 -5.22
CA LEU O 47 37.08 -39.33 -4.45
C LEU O 47 36.15 -38.20 -4.02
N ARG O 48 35.69 -38.27 -2.78
CA ARG O 48 34.93 -37.20 -2.15
C ARG O 48 35.80 -35.95 -2.00
N GLN O 49 35.44 -34.91 -2.75
CA GLN O 49 35.95 -33.57 -2.55
C GLN O 49 35.58 -33.09 -1.15
N PRO O 50 36.30 -32.10 -0.62
CA PRO O 50 35.98 -31.61 0.72
C PRO O 50 34.69 -30.80 0.74
N SER O 51 34.07 -30.76 1.92
CA SER O 51 32.87 -29.96 2.13
C SER O 51 33.17 -28.47 2.00
N VAL O 52 32.12 -27.67 1.95
CA VAL O 52 32.32 -26.22 2.00
C VAL O 52 32.81 -25.82 3.39
N ASN O 53 32.36 -26.51 4.44
CA ASN O 53 32.83 -26.31 5.81
C ASN O 53 33.87 -27.34 6.22
N GLY O 54 34.44 -28.09 5.27
CA GLY O 54 35.49 -29.04 5.57
C GLY O 54 36.69 -28.83 4.66
N ASN O 55 37.76 -29.59 4.95
CA ASN O 55 38.93 -29.57 4.08
C ASN O 55 39.53 -30.96 3.89
N VAL O 56 38.71 -32.01 4.00
CA VAL O 56 39.18 -33.39 4.02
C VAL O 56 38.73 -34.10 2.74
N TYR O 57 39.70 -34.69 2.04
CA TYR O 57 39.49 -35.49 0.83
C TYR O 57 39.50 -36.96 1.21
N ARG O 58 38.54 -37.71 0.65
CA ARG O 58 38.44 -39.15 0.89
C ARG O 58 38.46 -39.89 -0.45
N CYS O 59 39.51 -40.66 -0.70
CA CYS O 59 39.63 -41.51 -1.87
C CYS O 59 39.35 -42.96 -1.45
N LYS O 60 38.22 -43.50 -1.90
CA LYS O 60 37.77 -44.84 -1.52
C LYS O 60 37.78 -45.76 -2.74
N ALA O 61 38.39 -46.93 -2.58
CA ALA O 61 38.45 -47.94 -3.63
C ALA O 61 38.07 -49.29 -3.04
N LYS O 62 36.93 -49.83 -3.47
CA LYS O 62 36.43 -51.11 -3.00
C LYS O 62 36.53 -52.14 -4.12
N LEU O 63 37.16 -53.26 -3.83
CA LEU O 63 37.29 -54.37 -4.76
C LEU O 63 36.54 -55.57 -4.20
N VAL O 64 35.77 -56.24 -5.05
CA VAL O 64 34.95 -57.37 -4.63
C VAL O 64 35.25 -58.55 -5.54
N VAL O 65 35.53 -59.70 -4.93
CA VAL O 65 35.78 -60.96 -5.62
C VAL O 65 34.72 -61.97 -5.20
N PRO O 66 33.77 -62.30 -6.06
CA PRO O 66 32.79 -63.32 -5.71
C PRO O 66 33.33 -64.72 -5.99
N VAL O 67 32.66 -65.70 -5.38
CA VAL O 67 32.89 -67.12 -5.68
C VAL O 67 31.53 -67.74 -5.97
N VAL O 68 31.28 -68.08 -7.23
CA VAL O 68 30.03 -68.68 -7.63
C VAL O 68 30.23 -70.18 -7.73
N GLU O 69 29.23 -70.93 -7.27
CA GLU O 69 29.19 -72.37 -7.40
C GLU O 69 27.77 -72.78 -7.78
N VAL O 70 27.66 -73.98 -8.34
CA VAL O 70 26.38 -74.48 -8.86
C VAL O 70 25.64 -75.19 -7.74
N VAL O 71 24.57 -74.57 -7.23
CA VAL O 71 23.76 -75.10 -6.14
C VAL O 71 22.38 -75.44 -6.71
N GLY O 72 22.07 -76.73 -6.76
CA GLY O 72 20.80 -77.16 -7.34
C GLY O 72 20.66 -76.79 -8.80
N ASN O 73 21.74 -76.95 -9.57
CA ASN O 73 21.79 -76.56 -10.98
C ASN O 73 21.45 -75.08 -11.19
N VAL O 74 21.72 -74.25 -10.17
CA VAL O 74 21.50 -72.82 -10.23
C VAL O 74 22.75 -72.13 -9.71
N ARG O 75 23.44 -71.39 -10.58
CA ARG O 75 24.67 -70.71 -10.19
C ARG O 75 24.37 -69.65 -9.14
N THR O 76 24.95 -69.80 -7.95
CA THR O 76 24.77 -68.83 -6.88
C THR O 76 26.12 -68.52 -6.24
N THR O 77 26.21 -67.34 -5.64
CA THR O 77 27.44 -66.86 -5.02
C THR O 77 27.47 -67.30 -3.57
N VAL O 78 28.35 -68.25 -3.25
CA VAL O 78 28.44 -68.75 -1.87
C VAL O 78 29.06 -67.70 -0.96
N ARG O 79 30.17 -67.11 -1.39
CA ARG O 79 30.94 -66.19 -0.56
C ARG O 79 31.64 -65.16 -1.42
N THR O 80 31.74 -63.95 -0.89
CA THR O 80 32.48 -62.87 -1.53
C THR O 80 33.59 -62.41 -0.59
N LEU O 81 34.72 -62.04 -1.19
CA LEU O 81 35.85 -61.48 -0.47
C LEU O 81 36.02 -60.03 -0.88
N THR O 82 36.12 -59.14 0.12
CA THR O 82 36.08 -57.71 -0.13
C THR O 82 37.37 -57.06 0.35
N GLU O 83 37.75 -55.97 -0.30
CA GLU O 83 38.90 -55.19 0.14
C GLU O 83 38.65 -53.70 -0.10
N THR O 84 38.79 -52.90 0.95
CA THR O 84 38.52 -51.47 0.90
C THR O 84 39.77 -50.69 1.26
N THR O 85 40.19 -49.78 0.38
CA THR O 85 41.31 -48.87 0.61
C THR O 85 40.76 -47.44 0.68
N GLU O 86 40.99 -46.77 1.80
CA GLU O 86 40.60 -45.37 1.97
C GLU O 86 41.83 -44.53 2.26
N VAL O 87 42.17 -43.63 1.35
CA VAL O 87 43.24 -42.66 1.54
C VAL O 87 42.60 -41.31 1.82
N LEU O 88 43.16 -40.60 2.80
CA LEU O 88 42.50 -39.43 3.35
C LEU O 88 43.54 -38.34 3.55
N PHE O 89 43.32 -37.19 2.90
CA PHE O 89 44.29 -36.10 3.00
C PHE O 89 43.58 -34.75 2.96
N THR O 90 44.28 -33.72 3.43
CA THR O 90 43.70 -32.40 3.64
C THR O 90 43.91 -31.48 2.44
N GLN O 91 43.07 -30.45 2.36
CA GLN O 91 43.05 -29.56 1.20
C GLN O 91 44.37 -28.79 1.07
N ASP O 92 45.03 -28.49 2.18
CA ASP O 92 46.29 -27.77 2.16
C ASP O 92 47.49 -28.71 2.01
N SER O 93 47.27 -29.95 1.59
CA SER O 93 48.37 -30.90 1.52
C SER O 93 49.25 -30.61 0.30
N LEU O 94 50.52 -30.96 0.42
CA LEU O 94 51.48 -30.75 -0.66
C LEU O 94 51.57 -31.99 -1.56
N GLY O 95 51.86 -31.74 -2.84
CA GLY O 95 51.92 -32.82 -3.80
C GLY O 95 52.93 -33.89 -3.43
N THR O 96 54.11 -33.48 -2.96
CA THR O 96 55.12 -34.43 -2.51
C THR O 96 54.58 -35.31 -1.39
N GLU O 97 53.84 -34.71 -0.47
CA GLU O 97 53.29 -35.45 0.67
C GLU O 97 52.31 -36.54 0.20
N ARG O 98 51.33 -36.17 -0.62
CA ARG O 98 50.39 -37.23 -0.99
C ARG O 98 51.04 -38.23 -1.95
N GLN O 99 52.10 -37.85 -2.68
CA GLN O 99 52.84 -38.84 -3.45
C GLN O 99 53.55 -39.84 -2.54
N ARG O 100 54.15 -39.35 -1.45
CA ARG O 100 54.72 -40.24 -0.45
C ARG O 100 53.69 -41.23 0.07
N VAL O 101 52.49 -40.74 0.37
CA VAL O 101 51.45 -41.63 0.88
C VAL O 101 51.07 -42.67 -0.16
N ALA O 102 50.97 -42.27 -1.42
CA ALA O 102 50.66 -43.23 -2.48
C ALA O 102 51.68 -44.35 -2.52
N ASN O 103 52.96 -44.00 -2.51
CA ASN O 103 54.01 -45.01 -2.61
C ASN O 103 54.09 -45.87 -1.35
N LEU O 104 53.82 -45.29 -0.19
CA LEU O 104 53.77 -46.08 1.03
C LEU O 104 52.64 -47.10 0.97
N THR O 105 51.47 -46.67 0.47
CA THR O 105 50.37 -47.60 0.30
C THR O 105 50.78 -48.76 -0.60
N LYS O 106 51.45 -48.45 -1.72
CA LYS O 106 51.94 -49.50 -2.62
C LYS O 106 52.87 -50.47 -1.90
N SER O 107 53.91 -49.95 -1.25
CA SER O 107 54.89 -50.82 -0.59
C SER O 107 54.24 -51.64 0.51
N LEU O 108 53.32 -51.02 1.26
CA LEU O 108 52.59 -51.71 2.31
C LEU O 108 51.83 -52.90 1.75
N ALA O 109 50.99 -52.66 0.73
CA ALA O 109 50.18 -53.72 0.17
C ALA O 109 51.01 -54.78 -0.54
N GLY O 110 52.26 -54.47 -0.89
CA GLY O 110 53.13 -55.48 -1.46
C GLY O 110 54.01 -56.19 -0.45
N HIS O 111 54.02 -55.73 0.80
CA HIS O 111 54.94 -56.28 1.79
C HIS O 111 54.54 -57.68 2.21
N ALA O 112 55.54 -58.57 2.23
CA ALA O 112 55.29 -59.99 2.37
C ALA O 112 54.58 -60.32 3.69
N THR O 113 54.91 -59.62 4.78
CA THR O 113 54.26 -59.93 6.05
C THR O 113 52.78 -59.57 6.03
N LEU O 114 52.46 -58.41 5.45
CA LEU O 114 51.07 -58.01 5.34
C LEU O 114 50.29 -58.96 4.45
N MET O 115 50.88 -59.35 3.31
CA MET O 115 50.20 -60.32 2.45
C MET O 115 49.98 -61.63 3.18
N SER O 116 50.96 -62.05 3.99
CA SER O 116 50.85 -63.30 4.73
C SER O 116 49.76 -63.22 5.80
N VAL O 117 49.51 -62.02 6.35
CA VAL O 117 48.41 -61.85 7.31
C VAL O 117 47.09 -62.31 6.71
N VAL O 118 46.87 -62.04 5.41
CA VAL O 118 45.61 -62.43 4.80
C VAL O 118 45.69 -63.84 4.22
N GLN O 119 46.81 -64.18 3.59
CA GLN O 119 46.96 -65.50 2.99
C GLN O 119 46.83 -66.60 4.04
N ASP O 120 47.39 -66.37 5.24
CA ASP O 120 47.44 -67.37 6.29
C ASP O 120 46.41 -67.15 7.39
N ALA O 121 45.64 -66.07 7.33
CA ALA O 121 44.60 -65.78 8.33
C ALA O 121 45.15 -65.79 9.75
N SER O 122 46.27 -65.08 9.94
CA SER O 122 46.99 -65.08 11.20
C SER O 122 47.36 -63.65 11.57
N PRO O 123 46.80 -63.06 12.62
CA PRO O 123 47.18 -61.70 12.97
C PRO O 123 48.67 -61.64 13.26
N ILE O 124 49.20 -60.43 13.36
CA ILE O 124 50.55 -60.28 13.89
C ILE O 124 50.49 -60.39 15.41
N TYR O 125 51.46 -61.10 16.00
CA TYR O 125 51.34 -61.54 17.38
C TYR O 125 52.68 -61.54 18.10
N GLY O 126 52.59 -61.51 19.44
CA GLY O 126 53.70 -61.44 20.34
C GLY O 126 53.18 -61.18 21.75
N PRO P 1 25.68 12.13 -32.92
CA PRO P 1 26.77 13.01 -33.34
C PRO P 1 27.47 13.66 -32.14
N LYS P 2 28.64 14.24 -32.35
CA LYS P 2 29.40 14.81 -31.24
C LYS P 2 28.66 16.02 -30.65
N ILE P 3 28.97 16.32 -29.39
CA ILE P 3 28.32 17.41 -28.69
C ILE P 3 29.12 18.69 -28.90
N ALA P 4 28.43 19.76 -29.31
CA ALA P 4 29.09 20.99 -29.75
C ALA P 4 28.05 22.09 -29.81
N ASN P 5 28.51 23.31 -30.10
CA ASN P 5 27.59 24.43 -30.24
C ASN P 5 26.61 24.17 -31.36
N ILE P 6 25.34 24.49 -31.12
CA ILE P 6 24.30 24.45 -32.13
C ILE P 6 23.99 25.90 -32.48
N VAL P 7 24.27 26.31 -33.71
CA VAL P 7 24.03 27.68 -34.13
C VAL P 7 22.81 27.69 -35.04
N ILE P 8 21.74 28.33 -34.57
CA ILE P 8 20.49 28.46 -35.32
C ILE P 8 20.25 29.93 -35.59
N ASN P 9 19.27 30.22 -36.44
CA ASN P 9 18.98 31.59 -36.87
C ASN P 9 17.51 31.91 -36.63
N ASP P 10 17.23 33.15 -36.19
CA ASP P 10 15.85 33.58 -35.93
C ASP P 10 15.32 34.51 -37.03
N GLY P 11 15.88 34.42 -38.25
CA GLY P 11 15.50 35.25 -39.37
C GLY P 11 16.24 36.56 -39.45
N THR P 12 16.80 37.02 -38.34
CA THR P 12 17.53 38.26 -38.25
C THR P 12 18.97 38.06 -37.79
N LYS P 13 19.16 37.29 -36.72
CA LYS P 13 20.42 37.11 -36.03
C LYS P 13 20.62 35.62 -35.77
N ASP P 14 21.88 35.18 -35.69
CA ASP P 14 22.19 33.80 -35.36
C ASP P 14 22.44 33.67 -33.86
N ILE P 15 21.64 32.83 -33.22
CA ILE P 15 21.78 32.52 -31.81
C ILE P 15 22.61 31.25 -31.67
N THR P 16 23.64 31.33 -30.84
CA THR P 16 24.55 30.22 -30.55
C THR P 16 24.14 29.57 -29.23
N LEU P 17 23.70 28.31 -29.30
CA LEU P 17 23.34 27.54 -28.12
C LEU P 17 24.52 26.66 -27.75
N GLN P 18 25.08 26.89 -26.56
CA GLN P 18 26.24 26.15 -26.08
C GLN P 18 25.81 24.92 -25.30
N PRO P 19 26.58 23.84 -25.45
CA PRO P 19 26.30 22.62 -24.70
C PRO P 19 26.54 22.84 -23.22
N VAL P 20 25.54 22.51 -22.42
CA VAL P 20 25.51 22.87 -21.02
C VAL P 20 25.37 21.65 -20.12
N ASN P 21 24.55 20.68 -20.50
CA ASN P 21 24.39 19.54 -19.63
C ASN P 21 24.04 18.31 -20.45
N ILE P 22 24.44 17.14 -19.98
CA ILE P 22 23.87 15.90 -20.51
C ILE P 22 23.15 15.22 -19.35
N ASP P 23 21.84 15.15 -19.48
CA ASP P 23 20.96 14.67 -18.44
C ASP P 23 21.29 13.22 -18.06
N ARG P 24 20.76 12.79 -16.93
CA ARG P 24 20.78 11.37 -16.60
C ARG P 24 19.81 10.57 -17.45
N GLU P 25 18.82 11.23 -18.05
CA GLU P 25 17.93 10.59 -19.00
C GLU P 25 18.50 10.60 -20.42
N GLY P 26 19.71 11.14 -20.61
CA GLY P 26 20.30 11.22 -21.93
C GLY P 26 20.04 12.53 -22.65
N VAL P 27 19.42 13.50 -21.97
CA VAL P 27 19.02 14.76 -22.60
C VAL P 27 20.20 15.69 -22.70
N ALA P 28 20.47 16.19 -23.91
CA ALA P 28 21.50 17.21 -24.12
C ALA P 28 20.82 18.56 -23.95
N HIS P 29 21.15 19.25 -22.86
CA HIS P 29 20.71 20.62 -22.61
C HIS P 29 21.73 21.61 -23.17
N PHE P 30 21.23 22.59 -23.91
CA PHE P 30 21.99 23.70 -24.43
C PHE P 30 21.36 25.00 -23.93
N ARG P 31 22.20 26.03 -23.81
CA ARG P 31 21.78 27.33 -23.29
C ARG P 31 22.32 28.42 -24.20
N GLU P 32 21.57 29.51 -24.32
CA GLU P 32 21.98 30.59 -25.20
C GLU P 32 23.26 31.23 -24.68
N LYS P 33 24.17 31.50 -25.61
CA LYS P 33 25.47 32.08 -25.28
C LYS P 33 25.37 33.58 -25.06
N ASP P 34 26.11 34.09 -24.08
CA ASP P 34 26.23 35.54 -23.84
C ASP P 34 24.90 36.16 -23.41
N VAL P 35 24.13 35.43 -22.61
CA VAL P 35 22.83 35.89 -22.15
C VAL P 35 22.60 35.35 -20.75
N SER P 36 21.97 36.17 -19.89
CA SER P 36 21.67 35.76 -18.53
C SER P 36 20.94 34.43 -18.53
N ILE P 37 21.20 33.62 -17.50
CA ILE P 37 20.59 32.30 -17.38
C ILE P 37 19.08 32.40 -17.49
N LEU P 38 18.48 33.42 -16.87
CA LEU P 38 17.03 33.53 -16.86
C LEU P 38 16.48 33.78 -18.26
N GLU P 39 17.12 34.66 -19.02
CA GLU P 39 16.60 35.08 -20.32
C GLU P 39 17.19 34.31 -21.49
N ALA P 40 18.03 33.31 -21.23
CA ALA P 40 18.63 32.58 -22.33
C ALA P 40 17.65 31.60 -22.93
N ILE P 41 17.75 31.47 -24.26
CA ILE P 41 17.00 30.46 -25.00
C ILE P 41 17.65 29.12 -24.74
N ARG P 42 16.85 28.10 -24.41
CA ARG P 42 17.43 26.79 -24.12
C ARG P 42 16.83 25.69 -24.98
N LEU P 43 17.65 24.68 -25.28
CA LEU P 43 17.29 23.60 -26.20
C LEU P 43 17.66 22.25 -25.59
N THR P 44 16.71 21.31 -25.59
CA THR P 44 16.96 19.97 -25.08
C THR P 44 16.72 18.93 -26.17
N VAL P 45 17.65 17.98 -26.30
CA VAL P 45 17.63 17.00 -27.39
C VAL P 45 17.97 15.62 -26.84
N GLN P 46 17.03 14.68 -26.94
CA GLN P 46 17.26 13.33 -26.42
C GLN P 46 16.76 12.28 -27.40
N LEU P 47 17.39 11.11 -27.38
CA LEU P 47 17.01 9.96 -28.22
C LEU P 47 16.74 8.77 -27.33
N ARG P 48 15.48 8.62 -26.94
CA ARG P 48 15.01 7.52 -26.12
C ARG P 48 15.02 6.25 -26.97
N GLN P 49 15.93 5.33 -26.62
CA GLN P 49 16.02 4.05 -27.29
C GLN P 49 14.89 3.13 -26.83
N PRO P 50 14.57 2.10 -27.61
CA PRO P 50 13.40 1.28 -27.27
C PRO P 50 13.65 0.38 -26.08
N SER P 51 12.54 -0.06 -25.48
CA SER P 51 12.55 -0.99 -24.36
C SER P 51 13.01 -2.38 -24.81
N VAL P 52 13.23 -3.27 -23.85
CA VAL P 52 13.58 -4.64 -24.20
C VAL P 52 12.43 -5.30 -24.95
N ASN P 53 11.18 -4.98 -24.56
CA ASN P 53 10.02 -5.56 -25.23
C ASN P 53 9.72 -4.84 -26.55
N GLY P 54 9.87 -3.51 -26.60
CA GLY P 54 9.50 -2.74 -27.76
C GLY P 54 10.63 -2.57 -28.77
N ASN P 55 10.32 -1.86 -29.85
CA ASN P 55 11.31 -1.53 -30.89
C ASN P 55 11.12 -0.11 -31.41
N VAL P 56 10.71 0.83 -30.54
CA VAL P 56 10.35 2.17 -30.98
C VAL P 56 11.27 3.21 -30.37
N TYR P 57 11.99 3.93 -31.23
CA TYR P 57 12.82 5.06 -30.85
C TYR P 57 11.98 6.32 -30.87
N ARG P 58 12.21 7.19 -29.86
CA ARG P 58 11.62 8.53 -29.78
C ARG P 58 12.76 9.56 -29.73
N CYS P 59 12.77 10.48 -30.68
CA CYS P 59 13.73 11.56 -30.71
C CYS P 59 12.98 12.86 -30.40
N LYS P 60 13.24 13.43 -29.22
CA LYS P 60 12.52 14.61 -28.74
C LYS P 60 13.46 15.80 -28.66
N ALA P 61 12.99 16.94 -29.17
CA ALA P 61 13.75 18.20 -29.15
C ALA P 61 12.82 19.34 -28.75
N LYS P 62 13.09 19.96 -27.61
CA LYS P 62 12.30 21.06 -27.08
C LYS P 62 13.13 22.33 -27.10
N LEU P 63 12.65 23.34 -27.82
CA LEU P 63 13.21 24.68 -27.80
C LEU P 63 12.32 25.55 -26.94
N VAL P 64 12.92 26.35 -26.06
CA VAL P 64 12.20 27.28 -25.22
C VAL P 64 12.79 28.66 -25.40
N VAL P 65 11.94 29.61 -25.80
CA VAL P 65 12.30 31.02 -25.98
C VAL P 65 11.56 31.80 -24.90
N PRO P 66 12.26 32.41 -23.94
CA PRO P 66 11.61 33.30 -22.98
C PRO P 66 11.56 34.73 -23.47
N VAL P 67 10.57 35.46 -22.95
CA VAL P 67 10.41 36.89 -23.19
C VAL P 67 10.61 37.57 -21.85
N VAL P 68 11.76 38.21 -21.66
CA VAL P 68 12.10 38.83 -20.40
C VAL P 68 12.01 40.33 -20.56
N GLU P 69 11.19 40.96 -19.72
CA GLU P 69 11.09 42.41 -19.64
C GLU P 69 11.30 42.84 -18.19
N VAL P 70 11.77 44.08 -18.03
CA VAL P 70 12.10 44.59 -16.69
C VAL P 70 10.82 45.07 -16.02
N VAL P 71 10.52 44.54 -14.84
CA VAL P 71 9.40 44.95 -14.01
C VAL P 71 9.99 45.69 -12.81
N GLY P 72 9.78 47.01 -12.77
CA GLY P 72 10.51 47.81 -11.78
C GLY P 72 11.99 47.77 -12.06
N ASN P 73 12.77 47.27 -11.11
CA ASN P 73 14.19 47.04 -11.28
C ASN P 73 14.52 45.55 -11.41
N VAL P 74 13.50 44.69 -11.46
CA VAL P 74 13.70 43.23 -11.46
C VAL P 74 13.40 42.71 -12.85
N ARG P 75 14.39 42.07 -13.49
CA ARG P 75 14.15 41.44 -14.78
C ARG P 75 13.29 40.20 -14.57
N THR P 76 12.18 40.09 -15.31
CA THR P 76 11.29 38.95 -15.15
C THR P 76 10.82 38.47 -16.51
N THR P 77 10.64 37.16 -16.61
CA THR P 77 10.12 36.53 -17.82
C THR P 77 8.61 36.72 -17.85
N VAL P 78 8.12 37.54 -18.80
CA VAL P 78 6.69 37.79 -18.93
C VAL P 78 5.97 36.54 -19.42
N ARG P 79 6.51 35.91 -20.45
CA ARG P 79 5.89 34.75 -21.08
C ARG P 79 6.97 33.96 -21.79
N THR P 80 6.61 32.77 -22.25
CA THR P 80 7.53 31.92 -22.98
C THR P 80 6.82 31.32 -24.18
N LEU P 81 7.59 31.06 -25.23
CA LEU P 81 7.14 30.33 -26.40
C LEU P 81 7.92 29.02 -26.47
N THR P 82 7.23 27.93 -26.81
CA THR P 82 7.85 26.61 -26.77
C THR P 82 7.60 25.85 -28.07
N GLU P 83 8.60 25.12 -28.54
CA GLU P 83 8.45 24.27 -29.71
C GLU P 83 9.00 22.89 -29.39
N THR P 84 8.26 21.84 -29.76
CA THR P 84 8.62 20.47 -29.45
C THR P 84 8.48 19.61 -30.70
N THR P 85 9.60 19.08 -31.18
CA THR P 85 9.63 18.14 -32.30
C THR P 85 9.85 16.74 -31.74
N GLU P 86 9.07 15.77 -32.22
CA GLU P 86 9.17 14.39 -31.74
C GLU P 86 9.08 13.45 -32.94
N VAL P 87 10.17 12.73 -33.22
CA VAL P 87 10.27 11.80 -34.34
C VAL P 87 10.28 10.39 -33.81
N LEU P 88 9.40 9.54 -34.33
CA LEU P 88 9.29 8.15 -33.92
C LEU P 88 9.65 7.24 -35.08
N PHE P 89 10.55 6.28 -34.82
CA PHE P 89 10.87 5.29 -35.85
C PHE P 89 11.22 3.96 -35.19
N THR P 90 11.03 2.89 -35.95
CA THR P 90 11.21 1.53 -35.49
C THR P 90 12.62 1.03 -35.77
N GLN P 91 13.01 -0.04 -35.07
CA GLN P 91 14.38 -0.55 -35.18
C GLN P 91 14.63 -1.21 -36.54
N ASP P 92 13.58 -1.69 -37.19
CA ASP P 92 13.77 -2.28 -38.51
C ASP P 92 13.80 -1.22 -39.61
N SER P 93 13.72 0.06 -39.24
CA SER P 93 13.69 1.13 -40.22
C SER P 93 15.03 1.27 -40.93
N LEU P 94 14.97 1.63 -42.20
CA LEU P 94 16.17 1.83 -43.00
C LEU P 94 16.73 3.23 -42.83
N GLY P 95 18.05 3.36 -42.97
CA GLY P 95 18.65 4.68 -42.91
C GLY P 95 18.09 5.60 -43.96
N THR P 96 17.87 5.08 -45.17
CA THR P 96 17.33 5.92 -46.24
C THR P 96 15.93 6.42 -45.87
N GLU P 97 15.13 5.56 -45.21
CA GLU P 97 13.80 5.98 -44.78
C GLU P 97 13.90 7.08 -43.73
N ARG P 98 14.72 6.86 -42.69
CA ARG P 98 14.89 7.88 -41.67
C ARG P 98 15.36 9.20 -42.27
N GLN P 99 16.25 9.14 -43.26
CA GLN P 99 16.76 10.35 -43.90
C GLN P 99 15.67 11.07 -44.68
N ARG P 100 14.89 10.30 -45.43
CA ARG P 100 13.72 10.84 -46.11
C ARG P 100 12.82 11.58 -45.12
N VAL P 101 12.58 11.00 -43.94
CA VAL P 101 11.71 11.65 -42.97
C VAL P 101 12.34 12.92 -42.43
N ALA P 102 13.65 12.89 -42.17
CA ALA P 102 14.32 14.09 -41.68
C ALA P 102 14.22 15.24 -42.68
N ASN P 103 14.44 14.95 -43.96
CA ASN P 103 14.33 15.98 -44.98
C ASN P 103 12.91 16.50 -45.09
N LEU P 104 11.91 15.61 -45.01
CA LEU P 104 10.53 16.06 -45.01
C LEU P 104 10.26 16.99 -43.83
N THR P 105 10.79 16.65 -42.65
CA THR P 105 10.61 17.52 -41.49
C THR P 105 11.20 18.90 -41.74
N LYS P 106 12.39 18.94 -42.33
CA LYS P 106 13.02 20.22 -42.67
C LYS P 106 12.14 21.01 -43.64
N SER P 107 11.76 20.39 -44.76
CA SER P 107 10.93 21.07 -45.75
C SER P 107 9.63 21.56 -45.13
N LEU P 108 9.06 20.77 -44.24
CA LEU P 108 7.80 21.12 -43.60
C LEU P 108 7.97 22.35 -42.71
N ALA P 109 8.97 22.33 -41.83
CA ALA P 109 9.19 23.47 -40.95
C ALA P 109 9.60 24.73 -41.70
N GLY P 110 10.12 24.59 -42.92
CA GLY P 110 10.39 25.77 -43.71
C GLY P 110 9.24 26.24 -44.58
N HIS P 111 8.12 25.52 -44.61
CA HIS P 111 7.07 25.81 -45.57
C HIS P 111 6.25 27.04 -45.19
N ALA P 112 5.96 27.85 -46.21
CA ALA P 112 5.37 29.16 -46.00
C ALA P 112 4.06 29.09 -45.21
N THR P 113 3.19 28.13 -45.54
CA THR P 113 1.86 28.13 -44.94
C THR P 113 1.92 27.73 -43.46
N LEU P 114 2.84 26.81 -43.09
CA LEU P 114 2.96 26.45 -41.68
C LEU P 114 3.60 27.58 -40.88
N MET P 115 4.65 28.18 -41.44
CA MET P 115 5.22 29.35 -40.80
C MET P 115 4.16 30.43 -40.60
N SER P 116 3.28 30.60 -41.60
CA SER P 116 2.21 31.57 -41.47
C SER P 116 1.21 31.18 -40.39
N VAL P 117 0.93 29.89 -40.24
CA VAL P 117 0.04 29.47 -39.15
C VAL P 117 0.59 29.95 -37.82
N VAL P 118 1.90 29.81 -37.62
CA VAL P 118 2.42 30.20 -36.30
C VAL P 118 2.57 31.71 -36.19
N GLN P 119 3.04 32.38 -37.26
CA GLN P 119 3.27 33.82 -37.21
C GLN P 119 1.94 34.58 -37.04
N ASP P 120 1.00 34.36 -37.97
CA ASP P 120 -0.28 35.04 -37.97
C ASP P 120 -1.25 34.47 -36.96
N ALA P 121 -0.92 33.34 -36.32
CA ALA P 121 -1.79 32.68 -35.34
C ALA P 121 -3.17 32.36 -35.91
N SER P 122 -3.27 32.12 -37.21
CA SER P 122 -4.52 31.71 -37.84
C SER P 122 -4.34 30.32 -38.43
N PRO P 123 -5.24 29.39 -38.15
CA PRO P 123 -5.11 28.02 -38.68
C PRO P 123 -5.54 27.97 -40.13
N ILE P 124 -5.43 26.76 -40.69
CA ILE P 124 -5.82 26.50 -42.08
C ILE P 124 -7.33 26.29 -42.09
N TYR P 125 -8.04 27.14 -42.82
CA TYR P 125 -9.49 27.04 -43.00
C TYR P 125 -9.87 27.72 -44.30
N GLY P 126 -10.82 27.12 -45.02
CA GLY P 126 -11.35 27.68 -46.26
C GLY P 126 -10.33 27.97 -47.35
N PRO Q 1 -4.25 29.99 -42.66
CA PRO Q 1 -4.53 30.49 -44.01
C PRO Q 1 -5.52 29.64 -44.79
N LYS Q 2 -5.52 29.81 -46.10
CA LYS Q 2 -6.45 29.12 -46.97
C LYS Q 2 -5.91 27.74 -47.33
N ILE Q 3 -6.79 26.75 -47.28
CA ILE Q 3 -6.41 25.36 -47.50
C ILE Q 3 -5.96 25.20 -48.94
N ALA Q 4 -4.82 24.54 -49.15
CA ALA Q 4 -4.26 24.38 -50.48
C ALA Q 4 -3.22 23.28 -50.44
N ASN Q 5 -2.70 22.94 -51.63
CA ASN Q 5 -1.67 21.92 -51.74
C ASN Q 5 -0.43 22.32 -50.96
N ILE Q 6 0.21 21.33 -50.34
CA ILE Q 6 1.45 21.54 -49.62
C ILE Q 6 2.52 20.68 -50.28
N VAL Q 7 3.51 21.31 -50.88
CA VAL Q 7 4.59 20.58 -51.55
C VAL Q 7 5.82 20.65 -50.67
N ILE Q 8 6.36 19.48 -50.32
CA ILE Q 8 7.57 19.41 -49.51
C ILE Q 8 8.55 18.44 -50.14
N ASN Q 9 9.83 18.66 -49.87
CA ASN Q 9 10.89 17.86 -50.48
C ASN Q 9 11.41 16.83 -49.47
N ASP Q 10 11.72 15.64 -49.98
CA ASP Q 10 12.25 14.55 -49.15
C ASP Q 10 13.75 14.33 -49.37
N GLY Q 11 14.44 15.29 -49.97
CA GLY Q 11 15.84 15.16 -50.28
C GLY Q 11 16.14 14.61 -51.65
N THR Q 12 15.15 13.99 -52.31
CA THR Q 12 15.37 13.42 -53.62
C THR Q 12 14.35 13.95 -54.63
N LYS Q 13 13.13 14.24 -54.16
CA LYS Q 13 12.07 14.67 -55.06
C LYS Q 13 11.03 15.47 -54.28
N ASP Q 14 10.18 16.17 -55.02
CA ASP Q 14 9.09 16.95 -54.44
C ASP Q 14 7.84 16.10 -54.31
N ILE Q 15 7.21 16.18 -53.16
CA ILE Q 15 6.04 15.38 -52.82
C ILE Q 15 4.88 16.33 -52.57
N THR Q 16 3.78 16.11 -53.29
CA THR Q 16 2.61 16.96 -53.22
C THR Q 16 1.57 16.33 -52.29
N LEU Q 17 1.16 17.07 -51.27
CA LEU Q 17 0.12 16.64 -50.35
C LEU Q 17 -1.12 17.46 -50.63
N GLN Q 18 -2.16 16.81 -51.14
CA GLN Q 18 -3.44 17.41 -51.47
C GLN Q 18 -4.34 17.45 -50.25
N PRO Q 19 -5.07 18.53 -50.08
CA PRO Q 19 -6.00 18.62 -48.94
C PRO Q 19 -7.15 17.66 -49.11
N VAL Q 20 -7.62 17.14 -47.98
CA VAL Q 20 -8.72 16.18 -47.94
C VAL Q 20 -9.96 16.81 -47.32
N ASN Q 21 -9.84 17.31 -46.09
CA ASN Q 21 -10.95 17.94 -45.37
C ASN Q 21 -10.39 18.61 -44.13
N ILE Q 22 -11.30 19.15 -43.31
CA ILE Q 22 -10.99 19.69 -41.99
C ILE Q 22 -12.08 19.24 -41.03
N ASP Q 23 -11.68 18.46 -40.01
CA ASP Q 23 -12.64 17.75 -39.17
C ASP Q 23 -13.22 18.70 -38.12
N ARG Q 24 -14.06 18.15 -37.23
CA ARG Q 24 -14.74 18.98 -36.25
C ARG Q 24 -13.75 19.66 -35.32
N GLU Q 25 -12.63 18.98 -35.00
CA GLU Q 25 -11.65 19.53 -34.07
C GLU Q 25 -10.90 20.71 -34.68
N GLY Q 26 -10.86 20.81 -36.00
CA GLY Q 26 -10.10 21.85 -36.68
C GLY Q 26 -8.87 21.33 -37.39
N VAL Q 27 -8.62 20.03 -37.33
CA VAL Q 27 -7.44 19.45 -37.98
C VAL Q 27 -7.66 19.41 -39.48
N ALA Q 28 -6.72 19.98 -40.23
CA ALA Q 28 -6.72 19.92 -41.67
C ALA Q 28 -5.91 18.71 -42.09
N HIS Q 29 -6.52 17.82 -42.89
CA HIS Q 29 -5.89 16.58 -43.31
C HIS Q 29 -5.42 16.66 -44.76
N PHE Q 30 -4.21 16.15 -45.02
CA PHE Q 30 -3.60 16.12 -46.34
C PHE Q 30 -3.09 14.71 -46.62
N ARG Q 31 -3.16 14.33 -47.90
CA ARG Q 31 -2.83 13.00 -48.38
C ARG Q 31 -1.97 13.10 -49.63
N GLU Q 32 -0.97 12.23 -49.73
CA GLU Q 32 -0.05 12.29 -50.85
C GLU Q 32 -0.78 12.04 -52.17
N LYS Q 33 -0.43 12.82 -53.17
CA LYS Q 33 -1.07 12.75 -54.48
C LYS Q 33 -0.57 11.57 -55.29
N ASP Q 34 -1.48 10.90 -55.99
CA ASP Q 34 -1.14 9.89 -57.00
C ASP Q 34 -0.51 8.64 -56.38
N VAL Q 35 -0.83 8.35 -55.12
CA VAL Q 35 -0.31 7.18 -54.44
C VAL Q 35 -1.48 6.50 -53.73
N SER Q 36 -1.36 5.18 -53.57
CA SER Q 36 -2.41 4.41 -52.91
C SER Q 36 -2.70 4.95 -51.51
N ILE Q 37 -3.97 4.82 -51.11
CA ILE Q 37 -4.39 5.19 -49.76
C ILE Q 37 -3.44 4.61 -48.71
N LEU Q 38 -3.11 3.32 -48.86
CA LEU Q 38 -2.37 2.63 -47.82
C LEU Q 38 -0.95 3.18 -47.67
N GLU Q 39 -0.30 3.50 -48.78
CA GLU Q 39 1.11 3.88 -48.77
C GLU Q 39 1.33 5.37 -48.88
N ALA Q 40 0.27 6.17 -48.87
CA ALA Q 40 0.41 7.60 -49.07
C ALA Q 40 0.86 8.29 -47.80
N ILE Q 41 1.76 9.27 -47.97
CA ILE Q 41 2.20 10.10 -46.87
C ILE Q 41 1.06 11.00 -46.42
N ARG Q 42 0.92 11.20 -45.12
CA ARG Q 42 -0.20 11.99 -44.60
C ARG Q 42 0.30 13.09 -43.68
N LEU Q 43 -0.42 14.23 -43.71
CA LEU Q 43 -0.06 15.39 -42.91
C LEU Q 43 -1.30 15.97 -42.25
N THR Q 44 -1.23 16.27 -40.95
CA THR Q 44 -2.33 16.91 -40.26
C THR Q 44 -1.84 18.18 -39.58
N VAL Q 45 -2.63 19.25 -39.69
CA VAL Q 45 -2.26 20.56 -39.18
C VAL Q 45 -3.45 21.19 -38.45
N GLN Q 46 -3.25 21.57 -37.19
CA GLN Q 46 -4.30 22.26 -36.43
C GLN Q 46 -3.70 23.34 -35.56
N LEU Q 47 -4.54 24.33 -35.23
CA LEU Q 47 -4.18 25.42 -34.31
C LEU Q 47 -5.27 25.54 -33.26
N ARG Q 48 -5.08 24.79 -32.17
CA ARG Q 48 -6.06 24.73 -31.07
C ARG Q 48 -6.06 26.04 -30.30
N GLN Q 49 -7.23 26.67 -30.27
CA GLN Q 49 -7.45 27.89 -29.52
C GLN Q 49 -7.33 27.61 -28.02
N PRO Q 50 -7.07 28.65 -27.23
CA PRO Q 50 -7.12 28.48 -25.77
C PRO Q 50 -8.56 28.37 -25.29
N SER Q 51 -8.72 27.69 -24.16
CA SER Q 51 -10.02 27.57 -23.52
C SER Q 51 -10.48 28.93 -23.00
N VAL Q 52 -11.68 28.96 -22.43
CA VAL Q 52 -12.11 30.18 -21.75
C VAL Q 52 -11.24 30.44 -20.53
N ASN Q 53 -10.78 29.38 -19.87
CA ASN Q 53 -9.93 29.54 -18.69
C ASN Q 53 -8.48 29.85 -19.08
N GLY Q 54 -7.90 29.06 -19.98
CA GLY Q 54 -6.50 29.21 -20.33
C GLY Q 54 -6.25 30.33 -21.32
N ASN Q 55 -4.97 30.47 -21.68
CA ASN Q 55 -4.56 31.43 -22.72
C ASN Q 55 -3.45 30.85 -23.58
N VAL Q 56 -3.45 29.54 -23.81
CA VAL Q 56 -2.36 28.85 -24.48
C VAL Q 56 -2.84 28.32 -25.83
N TYR Q 57 -2.20 28.79 -26.90
CA TYR Q 57 -2.41 28.28 -28.25
C TYR Q 57 -1.49 27.12 -28.50
N ARG Q 58 -2.03 26.06 -29.13
CA ARG Q 58 -1.27 24.86 -29.49
C ARG Q 58 -1.34 24.64 -30.99
N CYS Q 59 -0.22 24.76 -31.67
CA CYS Q 59 -0.15 24.50 -33.10
C CYS Q 59 0.54 23.15 -33.32
N LYS Q 60 -0.24 22.16 -33.76
CA LYS Q 60 0.21 20.78 -33.91
C LYS Q 60 0.25 20.38 -35.37
N ALA Q 61 1.34 19.71 -35.77
CA ALA Q 61 1.55 19.27 -37.14
C ALA Q 61 2.18 17.89 -37.14
N LYS Q 62 1.46 16.89 -37.64
CA LYS Q 62 1.91 15.50 -37.64
C LYS Q 62 2.10 14.99 -39.06
N LEU Q 63 3.29 14.47 -39.35
CA LEU Q 63 3.63 13.85 -40.61
C LEU Q 63 3.79 12.35 -40.41
N VAL Q 64 3.23 11.57 -41.32
CA VAL Q 64 3.24 10.12 -41.21
C VAL Q 64 3.68 9.52 -42.54
N VAL Q 65 4.76 8.74 -42.50
CA VAL Q 65 5.31 8.09 -43.67
C VAL Q 65 5.24 6.58 -43.48
N PRO Q 66 4.36 5.89 -44.20
CA PRO Q 66 4.27 4.44 -44.09
C PRO Q 66 5.24 3.73 -45.04
N VAL Q 67 5.57 2.50 -44.65
CA VAL Q 67 6.32 1.56 -45.47
C VAL Q 67 5.44 0.32 -45.61
N VAL Q 68 5.11 -0.01 -46.86
CA VAL Q 68 4.13 -1.03 -47.20
C VAL Q 68 4.79 -2.14 -48.00
N GLU Q 69 4.40 -3.38 -47.70
CA GLU Q 69 4.82 -4.56 -48.45
C GLU Q 69 3.62 -5.10 -49.23
N VAL Q 70 3.83 -5.31 -50.53
CA VAL Q 70 2.80 -5.82 -51.42
C VAL Q 70 3.28 -7.14 -52.00
N VAL Q 71 2.50 -8.19 -51.76
CA VAL Q 71 2.73 -9.51 -52.33
C VAL Q 71 1.41 -9.95 -52.95
N GLY Q 72 1.37 -10.00 -54.28
CA GLY Q 72 0.13 -10.31 -54.94
C GLY Q 72 -0.90 -9.25 -54.63
N ASN Q 73 -2.04 -9.69 -54.13
CA ASN Q 73 -3.10 -8.78 -53.71
C ASN Q 73 -3.05 -8.46 -52.23
N VAL Q 74 -2.10 -9.03 -51.49
CA VAL Q 74 -1.93 -8.72 -50.08
C VAL Q 74 -1.10 -7.45 -49.96
N ARG Q 75 -1.69 -6.42 -49.38
CA ARG Q 75 -1.01 -5.15 -49.15
C ARG Q 75 -1.06 -4.88 -47.66
N THR Q 76 0.11 -4.74 -47.03
CA THR Q 76 0.17 -4.60 -45.59
C THR Q 76 1.17 -3.51 -45.22
N THR Q 77 0.85 -2.73 -44.18
CA THR Q 77 1.78 -1.71 -43.70
C THR Q 77 2.82 -2.35 -42.80
N VAL Q 78 4.08 -2.39 -43.25
CA VAL Q 78 5.11 -3.03 -42.43
C VAL Q 78 5.55 -2.14 -41.29
N ARG Q 79 5.75 -0.84 -41.57
CA ARG Q 79 6.18 0.03 -40.48
C ARG Q 79 5.81 1.46 -40.82
N THR Q 80 5.88 2.35 -39.83
CA THR Q 80 5.67 3.77 -40.09
C THR Q 80 6.75 4.58 -39.39
N LEU Q 81 7.05 5.72 -39.98
CA LEU Q 81 7.89 6.74 -39.36
C LEU Q 81 7.03 7.99 -39.23
N THR Q 82 6.96 8.54 -38.02
CA THR Q 82 6.13 9.72 -37.80
C THR Q 82 6.95 10.83 -37.16
N GLU Q 83 6.52 12.06 -37.40
CA GLU Q 83 7.14 13.23 -36.80
C GLU Q 83 6.04 14.21 -36.44
N THR Q 84 6.03 14.69 -35.20
CA THR Q 84 5.00 15.62 -34.78
C THR Q 84 5.64 16.85 -34.13
N THR Q 85 5.16 18.03 -34.53
CA THR Q 85 5.71 19.31 -34.11
C THR Q 85 4.62 20.11 -33.42
N GLU Q 86 4.85 20.52 -32.17
CA GLU Q 86 3.92 21.34 -31.41
C GLU Q 86 4.57 22.66 -31.05
N VAL Q 87 3.92 23.77 -31.41
CA VAL Q 87 4.35 25.11 -31.02
C VAL Q 87 3.31 25.69 -30.09
N LEU Q 88 3.74 26.12 -28.91
CA LEU Q 88 2.86 26.71 -27.90
C LEU Q 88 3.20 28.18 -27.74
N PHE Q 89 2.18 29.03 -27.82
CA PHE Q 89 2.39 30.44 -27.52
C PHE Q 89 1.17 31.02 -26.81
N THR Q 90 1.41 32.07 -26.04
CA THR Q 90 0.41 32.68 -25.16
C THR Q 90 -0.45 33.68 -25.93
N GLN Q 91 -1.58 34.03 -25.32
CA GLN Q 91 -2.55 34.92 -25.96
C GLN Q 91 -2.01 36.33 -26.14
N ASP Q 92 -1.09 36.76 -25.27
CA ASP Q 92 -0.52 38.09 -25.32
C ASP Q 92 0.80 38.14 -26.06
N SER Q 93 1.15 37.08 -26.79
CA SER Q 93 2.43 37.05 -27.48
C SER Q 93 2.42 37.99 -28.68
N LEU Q 94 3.60 38.47 -29.04
CA LEU Q 94 3.75 39.39 -30.16
C LEU Q 94 4.01 38.62 -31.44
N GLY Q 95 3.44 39.11 -32.54
CA GLY Q 95 3.73 38.52 -33.84
C GLY Q 95 5.21 38.45 -34.13
N THR Q 96 5.96 39.46 -33.69
CA THR Q 96 7.41 39.44 -33.78
C THR Q 96 7.99 38.24 -33.07
N GLU Q 97 7.53 37.99 -31.84
CA GLU Q 97 8.03 36.88 -31.05
C GLU Q 97 7.75 35.54 -31.73
N ARG Q 98 6.50 35.30 -32.13
CA ARG Q 98 6.26 33.99 -32.71
C ARG Q 98 6.86 33.87 -34.11
N GLN Q 99 7.18 34.98 -34.78
CA GLN Q 99 7.93 34.87 -36.03
C GLN Q 99 9.36 34.44 -35.76
N ARG Q 100 9.99 34.99 -34.71
CA ARG Q 100 11.31 34.48 -34.32
C ARG Q 100 11.25 32.99 -34.01
N VAL Q 101 10.20 32.56 -33.33
CA VAL Q 101 10.07 31.13 -33.01
C VAL Q 101 9.94 30.30 -34.28
N ALA Q 102 9.14 30.77 -35.24
CA ALA Q 102 9.01 30.03 -36.49
C ALA Q 102 10.34 29.88 -37.20
N ASN Q 103 11.12 30.95 -37.26
CA ASN Q 103 12.43 30.87 -37.93
C ASN Q 103 13.39 29.97 -37.17
N LEU Q 104 13.35 30.01 -35.83
CA LEU Q 104 14.19 29.11 -35.05
C LEU Q 104 13.81 27.66 -35.31
N THR Q 105 12.51 27.37 -35.39
CA THR Q 105 12.08 26.02 -35.69
C THR Q 105 12.61 25.57 -37.04
N LYS Q 106 12.51 26.43 -38.06
CA LYS Q 106 13.05 26.12 -39.38
C LYS Q 106 14.55 25.84 -39.31
N SER Q 107 15.29 26.66 -38.56
CA SER Q 107 16.73 26.48 -38.47
C SER Q 107 17.09 25.17 -37.77
N LEU Q 108 16.41 24.86 -36.66
CA LEU Q 108 16.64 23.59 -35.97
C LEU Q 108 16.37 22.43 -36.91
N ALA Q 109 15.21 22.42 -37.56
CA ALA Q 109 14.86 21.31 -38.44
C ALA Q 109 15.86 21.16 -39.58
N GLY Q 110 16.51 22.25 -39.98
CA GLY Q 110 17.55 22.12 -40.97
C GLY Q 110 18.94 21.79 -40.45
N HIS Q 111 19.15 21.90 -39.15
CA HIS Q 111 20.49 21.79 -38.58
C HIS Q 111 21.08 20.39 -38.72
N ALA Q 112 22.35 20.36 -39.14
CA ALA Q 112 22.99 19.10 -39.50
C ALA Q 112 23.00 18.10 -38.34
N THR Q 113 23.28 18.55 -37.11
CA THR Q 113 23.37 17.58 -36.02
C THR Q 113 21.99 17.09 -35.60
N LEU Q 114 20.99 17.96 -35.59
CA LEU Q 114 19.63 17.50 -35.29
C LEU Q 114 19.17 16.49 -36.32
N MET Q 115 19.48 16.72 -37.60
CA MET Q 115 19.13 15.75 -38.63
C MET Q 115 19.89 14.46 -38.47
N SER Q 116 21.18 14.54 -38.10
CA SER Q 116 21.97 13.34 -37.91
C SER Q 116 21.46 12.49 -36.76
N VAL Q 117 20.84 13.10 -35.74
CA VAL Q 117 20.25 12.30 -34.67
C VAL Q 117 19.25 11.31 -35.24
N VAL Q 118 18.41 11.76 -36.18
CA VAL Q 118 17.40 10.87 -36.73
C VAL Q 118 17.98 9.97 -37.82
N GLN Q 119 18.81 10.54 -38.70
CA GLN Q 119 19.37 9.76 -39.79
C GLN Q 119 20.22 8.61 -39.26
N ASP Q 120 21.07 8.88 -38.28
CA ASP Q 120 22.01 7.91 -37.75
C ASP Q 120 21.51 7.22 -36.49
N ALA Q 121 20.34 7.62 -35.98
CA ALA Q 121 19.74 6.99 -34.81
C ALA Q 121 20.73 6.88 -33.66
N SER Q 122 21.53 7.92 -33.47
CA SER Q 122 22.40 8.00 -32.32
C SER Q 122 22.15 9.33 -31.63
N PRO Q 123 22.29 9.38 -30.31
CA PRO Q 123 22.08 10.63 -29.59
C PRO Q 123 23.30 11.53 -29.70
N ILE Q 124 23.23 12.65 -28.99
CA ILE Q 124 24.31 13.62 -28.95
C ILE Q 124 25.24 13.21 -27.81
N TYR Q 125 26.52 12.99 -28.13
CA TYR Q 125 27.53 12.53 -27.19
C TYR Q 125 28.89 12.57 -27.86
N GLY Q 126 29.93 12.88 -27.08
CA GLY Q 126 31.28 12.82 -27.59
C GLY Q 126 31.98 14.16 -27.73
N PRO R 1 31.61 21.12 -18.43
CA PRO R 1 32.30 20.80 -19.68
C PRO R 1 32.34 19.29 -19.94
N LYS R 2 32.89 18.88 -21.08
CA LYS R 2 33.04 17.45 -21.35
C LYS R 2 33.94 16.84 -20.29
N ILE R 3 33.49 15.73 -19.68
CA ILE R 3 34.30 15.05 -18.68
C ILE R 3 35.61 14.60 -19.31
N ALA R 4 36.70 14.80 -18.58
CA ALA R 4 38.03 14.51 -19.10
C ALA R 4 38.99 14.33 -17.93
N ASN R 5 40.23 14.04 -18.26
CA ASN R 5 41.27 14.00 -17.24
C ASN R 5 41.46 15.39 -16.63
N ILE R 6 41.77 15.40 -15.34
CA ILE R 6 42.08 16.62 -14.62
C ILE R 6 43.51 16.50 -14.09
N VAL R 7 44.38 17.37 -14.55
CA VAL R 7 45.78 17.33 -14.15
C VAL R 7 46.04 18.47 -13.17
N ILE R 8 46.37 18.11 -11.92
CA ILE R 8 46.64 19.08 -10.87
C ILE R 8 48.00 18.78 -10.26
N ASN R 9 48.61 19.81 -9.68
CA ASN R 9 49.96 19.71 -9.15
C ASN R 9 49.92 19.70 -7.63
N ASP R 10 50.70 18.80 -7.01
CA ASP R 10 50.76 18.67 -5.56
C ASP R 10 51.98 19.37 -4.95
N GLY R 11 52.54 20.34 -5.66
CA GLY R 11 53.72 21.03 -5.19
C GLY R 11 55.03 20.43 -5.65
N THR R 12 55.02 19.18 -6.02
CA THR R 12 56.25 18.52 -6.45
C THR R 12 56.12 17.85 -7.81
N LYS R 13 54.96 17.26 -8.11
CA LYS R 13 54.74 16.56 -9.38
C LYS R 13 53.34 16.87 -9.89
N ASP R 14 53.09 16.44 -11.13
CA ASP R 14 51.76 16.52 -11.71
C ASP R 14 51.02 15.19 -11.52
N ILE R 15 49.76 15.29 -11.12
CA ILE R 15 48.91 14.14 -10.82
C ILE R 15 47.74 14.19 -11.78
N THR R 16 47.47 13.06 -12.43
CA THR R 16 46.40 12.95 -13.41
C THR R 16 45.24 12.17 -12.79
N LEU R 17 44.06 12.80 -12.77
CA LEU R 17 42.84 12.19 -12.26
C LEU R 17 41.97 11.82 -13.43
N GLN R 18 41.73 10.53 -13.60
CA GLN R 18 40.96 9.89 -14.65
C GLN R 18 39.50 9.78 -14.24
N PRO R 19 38.61 10.00 -15.20
CA PRO R 19 37.17 9.85 -14.95
C PRO R 19 36.84 8.43 -14.54
N VAL R 20 35.89 8.29 -13.64
CA VAL R 20 35.66 6.99 -13.02
C VAL R 20 34.18 6.62 -13.09
N ASN R 21 33.32 7.55 -12.73
CA ASN R 21 31.91 7.22 -12.55
C ASN R 21 31.13 8.52 -12.59
N ILE R 22 29.82 8.41 -12.87
CA ILE R 22 28.93 9.55 -12.79
C ILE R 22 27.62 9.08 -12.14
N ASP R 23 27.31 9.66 -10.98
CA ASP R 23 26.18 9.27 -10.15
C ASP R 23 24.88 9.40 -10.93
N ARG R 24 23.81 8.88 -10.30
CA ARG R 24 22.47 9.29 -10.69
C ARG R 24 22.22 10.72 -10.28
N GLU R 25 22.92 11.21 -9.24
CA GLU R 25 22.79 12.59 -8.81
C GLU R 25 23.66 13.55 -9.61
N GLY R 26 24.49 13.05 -10.52
CA GLY R 26 25.26 13.90 -11.41
C GLY R 26 26.67 14.18 -10.95
N VAL R 27 27.11 13.55 -9.86
CA VAL R 27 28.46 13.74 -9.34
C VAL R 27 29.47 13.05 -10.24
N ALA R 28 30.50 13.76 -10.65
CA ALA R 28 31.57 13.18 -11.44
C ALA R 28 32.66 12.73 -10.48
N HIS R 29 32.96 11.44 -10.49
CA HIS R 29 34.03 10.87 -9.67
C HIS R 29 35.29 10.69 -10.49
N PHE R 30 36.43 10.89 -9.86
CA PHE R 30 37.72 10.73 -10.51
C PHE R 30 38.63 9.93 -9.61
N ARG R 31 39.75 9.48 -10.16
CA ARG R 31 40.70 8.70 -9.37
C ARG R 31 42.09 8.87 -9.97
N GLU R 32 43.11 8.73 -9.12
CA GLU R 32 44.47 8.97 -9.54
C GLU R 32 44.97 7.84 -10.44
N LYS R 33 45.78 8.23 -11.42
CA LYS R 33 46.27 7.32 -12.44
C LYS R 33 47.61 6.72 -12.01
N ASP R 34 47.82 5.45 -12.35
CA ASP R 34 49.09 4.76 -12.14
C ASP R 34 49.42 4.59 -10.65
N VAL R 35 48.40 4.45 -9.81
CA VAL R 35 48.57 4.33 -8.36
C VAL R 35 47.55 3.32 -7.85
N SER R 36 47.93 2.64 -6.75
CA SER R 36 47.04 1.66 -6.14
C SER R 36 45.69 2.28 -5.85
N ILE R 37 44.65 1.46 -5.95
CA ILE R 37 43.29 1.93 -5.72
C ILE R 37 43.18 2.55 -4.33
N LEU R 38 43.68 1.85 -3.31
CA LEU R 38 43.48 2.32 -1.95
C LEU R 38 44.20 3.63 -1.66
N GLU R 39 45.35 3.86 -2.29
CA GLU R 39 46.15 5.03 -1.99
C GLU R 39 46.01 6.13 -3.03
N ALA R 40 45.06 6.02 -3.94
CA ALA R 40 44.91 6.99 -5.01
C ALA R 40 44.06 8.16 -4.54
N ILE R 41 44.53 9.38 -4.85
CA ILE R 41 43.74 10.58 -4.62
C ILE R 41 42.45 10.49 -5.42
N ARG R 42 41.35 10.97 -4.85
CA ARG R 42 40.11 10.98 -5.62
C ARG R 42 39.35 12.28 -5.44
N LEU R 43 38.58 12.64 -6.46
CA LEU R 43 37.95 13.94 -6.56
C LEU R 43 36.53 13.79 -7.09
N THR R 44 35.57 14.40 -6.39
CA THR R 44 34.17 14.40 -6.84
C THR R 44 33.72 15.83 -7.08
N VAL R 45 32.98 16.03 -8.17
CA VAL R 45 32.55 17.36 -8.62
C VAL R 45 31.10 17.30 -9.05
N GLN R 46 30.23 18.06 -8.39
CA GLN R 46 28.82 18.10 -8.74
C GLN R 46 28.32 19.54 -8.75
N LEU R 47 27.20 19.75 -9.41
CA LEU R 47 26.54 21.07 -9.43
C LEU R 47 25.03 20.86 -9.33
N ARG R 48 24.51 21.01 -8.11
CA ARG R 48 23.07 21.03 -7.87
C ARG R 48 22.42 22.23 -8.55
N GLN R 49 21.61 21.93 -9.56
CA GLN R 49 20.69 22.88 -10.16
C GLN R 49 19.72 23.38 -9.09
N PRO R 50 19.10 24.54 -9.29
CA PRO R 50 18.15 25.05 -8.29
C PRO R 50 16.85 24.25 -8.29
N SER R 51 16.17 24.28 -7.14
CA SER R 51 14.88 23.64 -6.99
C SER R 51 13.84 24.33 -7.87
N VAL R 52 12.66 23.70 -7.99
CA VAL R 52 11.56 24.37 -8.66
C VAL R 52 11.05 25.53 -7.81
N ASN R 53 11.11 25.39 -6.48
CA ASN R 53 10.78 26.48 -5.56
C ASN R 53 12.02 27.18 -5.01
N GLY R 54 13.19 26.98 -5.63
CA GLY R 54 14.39 27.67 -5.23
C GLY R 54 15.06 28.33 -6.43
N ASN R 55 16.13 29.09 -6.14
CA ASN R 55 16.93 29.68 -7.20
C ASN R 55 18.42 29.63 -6.88
N VAL R 56 18.86 28.64 -6.09
CA VAL R 56 20.22 28.59 -5.58
C VAL R 56 20.95 27.41 -6.21
N TYR R 57 22.12 27.69 -6.81
CA TYR R 57 23.02 26.71 -7.39
C TYR R 57 24.13 26.39 -6.41
N ARG R 58 24.44 25.11 -6.26
CA ARG R 58 25.52 24.65 -5.38
C ARG R 58 26.52 23.82 -6.17
N CYS R 59 27.74 24.33 -6.32
CA CYS R 59 28.84 23.61 -6.95
C CYS R 59 29.77 23.10 -5.87
N LYS R 60 29.80 21.78 -5.68
CA LYS R 60 30.58 21.13 -4.63
C LYS R 60 31.69 20.29 -5.24
N ALA R 61 32.91 20.48 -4.74
CA ALA R 61 34.08 19.71 -5.18
C ALA R 61 34.83 19.22 -3.95
N LYS R 62 34.84 17.91 -3.75
CA LYS R 62 35.53 17.28 -2.62
C LYS R 62 36.75 16.52 -3.14
N LEU R 63 37.90 16.79 -2.54
CA LEU R 63 39.14 16.12 -2.86
C LEU R 63 39.60 15.36 -1.63
N VAL R 64 40.03 14.11 -1.82
CA VAL R 64 40.44 13.25 -0.73
C VAL R 64 41.82 12.69 -1.03
N VAL R 65 42.73 12.83 -0.07
CA VAL R 65 44.09 12.30 -0.16
C VAL R 65 44.29 11.28 0.96
N PRO R 66 44.35 9.99 0.65
CA PRO R 66 44.61 8.99 1.67
C PRO R 66 46.10 8.85 1.93
N VAL R 67 46.42 8.25 3.08
CA VAL R 67 47.78 7.83 3.42
C VAL R 67 47.72 6.38 3.84
N VAL R 68 48.23 5.49 3.00
CA VAL R 68 48.24 4.06 3.27
C VAL R 68 49.61 3.69 3.82
N GLU R 69 49.61 2.82 4.83
CA GLU R 69 50.81 2.25 5.39
C GLU R 69 50.57 0.77 5.65
N VAL R 70 51.67 0.02 5.76
CA VAL R 70 51.61 -1.44 5.90
C VAL R 70 51.51 -1.78 7.39
N VAL R 71 50.32 -2.22 7.82
CA VAL R 71 50.06 -2.59 9.22
C VAL R 71 49.83 -4.09 9.28
N GLY R 72 50.76 -4.81 9.91
CA GLY R 72 50.67 -6.26 9.96
C GLY R 72 50.72 -6.91 8.60
N ASN R 73 51.59 -6.41 7.72
CA ASN R 73 51.70 -6.88 6.33
C ASN R 73 50.37 -6.77 5.59
N VAL R 74 49.53 -5.82 5.99
CA VAL R 74 48.25 -5.55 5.33
C VAL R 74 48.15 -4.04 5.11
N ARG R 75 48.12 -3.62 3.85
CA ARG R 75 48.05 -2.20 3.53
C ARG R 75 46.72 -1.63 4.01
N THR R 76 46.79 -0.66 4.92
CA THR R 76 45.59 0.00 5.43
C THR R 76 45.82 1.51 5.46
N THR R 77 44.70 2.24 5.41
CA THR R 77 44.73 3.70 5.36
C THR R 77 44.69 4.24 6.79
N VAL R 78 45.81 4.79 7.26
CA VAL R 78 45.86 5.33 8.62
C VAL R 78 45.04 6.60 8.73
N ARG R 79 45.22 7.53 7.79
CA ARG R 79 44.59 8.83 7.87
C ARG R 79 44.33 9.37 6.46
N THR R 80 43.23 10.10 6.33
CA THR R 80 42.88 10.78 5.10
C THR R 80 42.77 12.26 5.36
N LEU R 81 43.19 13.05 4.38
CA LEU R 81 43.08 14.50 4.42
C LEU R 81 42.07 14.95 3.37
N THR R 82 41.10 15.76 3.77
CA THR R 82 39.98 16.10 2.91
C THR R 82 39.92 17.60 2.66
N GLU R 83 39.40 17.98 1.51
CA GLU R 83 39.19 19.40 1.21
C GLU R 83 37.91 19.56 0.40
N THR R 84 37.01 20.42 0.88
CA THR R 84 35.72 20.65 0.24
C THR R 84 35.58 22.11 -0.16
N THR R 85 35.28 22.36 -1.43
CA THR R 85 35.01 23.68 -1.95
C THR R 85 33.55 23.74 -2.40
N GLU R 86 32.78 24.67 -1.82
CA GLU R 86 31.39 24.87 -2.22
C GLU R 86 31.22 26.30 -2.70
N VAL R 87 30.90 26.47 -3.97
CA VAL R 87 30.56 27.76 -4.55
C VAL R 87 29.05 27.82 -4.75
N LEU R 88 28.46 28.95 -4.41
CA LEU R 88 27.02 29.04 -4.29
C LEU R 88 26.56 30.35 -4.91
N PHE R 89 25.70 30.26 -5.92
CA PHE R 89 25.24 31.47 -6.62
C PHE R 89 23.78 31.31 -7.07
N THR R 90 23.15 32.44 -7.35
CA THR R 90 21.71 32.49 -7.60
C THR R 90 21.40 32.44 -9.09
N GLN R 91 20.16 32.04 -9.40
CA GLN R 91 19.75 31.80 -10.79
C GLN R 91 19.79 33.08 -11.61
N ASP R 92 19.55 34.23 -11.00
CA ASP R 92 19.59 35.51 -11.69
C ASP R 92 20.98 36.12 -11.72
N SER R 93 22.01 35.34 -11.43
CA SER R 93 23.36 35.90 -11.38
C SER R 93 23.89 36.17 -12.78
N LEU R 94 24.78 37.17 -12.87
CA LEU R 94 25.37 37.55 -14.15
C LEU R 94 26.69 36.81 -14.36
N GLY R 95 27.00 36.56 -15.64
CA GLY R 95 28.20 35.81 -15.97
C GLY R 95 29.47 36.46 -15.44
N THR R 96 29.56 37.78 -15.57
CA THR R 96 30.71 38.51 -15.03
C THR R 96 30.85 38.28 -13.53
N GLU R 97 29.72 38.28 -12.81
CA GLU R 97 29.75 38.08 -11.36
C GLU R 97 30.30 36.71 -10.99
N ARG R 98 29.76 35.64 -11.59
CA ARG R 98 30.29 34.35 -11.16
C ARG R 98 31.70 34.13 -11.69
N GLN R 99 32.11 34.80 -12.77
CA GLN R 99 33.51 34.74 -13.18
C GLN R 99 34.42 35.41 -12.15
N ARG R 100 33.99 36.56 -11.61
CA ARG R 100 34.72 37.19 -10.51
C ARG R 100 34.88 36.24 -9.35
N VAL R 101 33.80 35.54 -8.98
CA VAL R 101 33.89 34.62 -7.85
C VAL R 101 34.86 33.49 -8.15
N ALA R 102 34.85 32.97 -9.37
CA ALA R 102 35.78 31.92 -9.74
C ALA R 102 37.23 32.36 -9.54
N ASN R 103 37.56 33.56 -10.05
CA ASN R 103 38.93 34.05 -9.96
C ASN R 103 39.32 34.39 -8.53
N LEU R 104 38.37 34.89 -7.73
CA LEU R 104 38.64 35.13 -6.32
C LEU R 104 38.95 33.83 -5.60
N THR R 105 38.17 32.78 -5.89
CA THR R 105 38.46 31.46 -5.32
C THR R 105 39.88 31.03 -5.66
N LYS R 106 40.27 31.19 -6.92
CA LYS R 106 41.63 30.83 -7.35
C LYS R 106 42.68 31.60 -6.54
N SER R 107 42.57 32.93 -6.52
CA SER R 107 43.56 33.75 -5.83
C SER R 107 43.62 33.44 -4.35
N LEU R 108 42.44 33.23 -3.75
CA LEU R 108 42.35 32.86 -2.35
C LEU R 108 43.12 31.59 -2.06
N ALA R 109 42.81 30.52 -2.80
CA ALA R 109 43.46 29.24 -2.56
C ALA R 109 44.94 29.26 -2.91
N GLY R 110 45.38 30.24 -3.69
CA GLY R 110 46.80 30.36 -3.95
C GLY R 110 47.52 31.32 -3.03
N HIS R 111 46.79 32.04 -2.18
CA HIS R 111 47.40 33.07 -1.34
C HIS R 111 48.26 32.46 -0.24
N ALA R 112 49.46 33.01 -0.09
CA ALA R 112 50.48 32.40 0.76
C ALA R 112 50.02 32.29 2.21
N THR R 113 49.30 33.28 2.72
CA THR R 113 48.87 33.22 4.13
C THR R 113 47.86 32.10 4.34
N LEU R 114 46.91 31.96 3.41
CA LEU R 114 45.93 30.88 3.53
C LEU R 114 46.59 29.53 3.42
N MET R 115 47.53 29.36 2.48
CA MET R 115 48.24 28.10 2.37
C MET R 115 49.01 27.82 3.66
N SER R 116 49.60 28.86 4.26
CA SER R 116 50.36 28.68 5.49
C SER R 116 49.46 28.29 6.66
N VAL R 117 48.20 28.73 6.64
CA VAL R 117 47.25 28.30 7.68
C VAL R 117 47.16 26.78 7.75
N VAL R 118 47.20 26.10 6.59
CA VAL R 118 47.09 24.65 6.60
C VAL R 118 48.45 24.00 6.74
N GLN R 119 49.45 24.53 6.04
CA GLN R 119 50.80 23.95 6.11
C GLN R 119 51.33 23.95 7.53
N ASP R 120 51.07 25.02 8.29
CA ASP R 120 51.62 25.22 9.62
C ASP R 120 50.62 24.93 10.73
N ALA R 121 49.36 24.62 10.41
CA ALA R 121 48.34 24.29 11.39
C ALA R 121 48.21 25.40 12.45
N SER R 122 48.11 26.64 11.98
CA SER R 122 48.10 27.81 12.84
C SER R 122 46.99 28.76 12.39
N PRO R 123 45.93 28.96 13.17
CA PRO R 123 44.88 29.89 12.73
C PRO R 123 45.49 31.27 12.54
N ILE R 124 44.71 32.16 11.93
CA ILE R 124 45.09 33.56 11.93
C ILE R 124 44.73 34.16 13.28
N TYR R 125 45.61 35.00 13.83
CA TYR R 125 45.52 35.38 15.23
C TYR R 125 45.96 36.81 15.47
N GLY R 126 45.50 37.34 16.61
CA GLY R 126 45.74 38.71 17.04
C GLY R 126 44.85 38.99 18.25
N PRO S 1 -127.35 9.83 -34.67
CA PRO S 1 -127.79 10.97 -35.50
C PRO S 1 -126.87 12.18 -35.32
N LYS S 2 -126.96 13.15 -36.22
CA LYS S 2 -126.07 14.31 -36.15
C LYS S 2 -126.38 15.14 -34.91
N ILE S 3 -125.38 15.91 -34.47
CA ILE S 3 -125.51 16.72 -33.27
C ILE S 3 -126.04 18.10 -33.66
N ALA S 4 -127.08 18.54 -32.97
CA ALA S 4 -127.82 19.75 -33.36
C ALA S 4 -128.70 20.17 -32.20
N ASN S 5 -129.37 21.31 -32.36
CA ASN S 5 -130.29 21.78 -31.34
C ASN S 5 -131.41 20.77 -31.12
N ILE S 6 -131.74 20.52 -29.86
CA ILE S 6 -132.88 19.70 -29.50
C ILE S 6 -133.94 20.65 -28.97
N VAL S 7 -135.07 20.75 -29.67
CA VAL S 7 -136.13 21.66 -29.27
C VAL S 7 -137.26 20.83 -28.68
N ILE S 8 -137.50 21.01 -27.37
CA ILE S 8 -138.56 20.30 -26.66
C ILE S 8 -139.55 21.35 -26.15
N ASN S 9 -140.70 20.88 -25.67
CA ASN S 9 -141.77 21.75 -25.21
C ASN S 9 -142.17 21.41 -23.78
N ASP S 10 -142.48 22.43 -22.97
CA ASP S 10 -142.90 22.23 -21.59
C ASP S 10 -144.40 22.43 -21.40
N GLY S 11 -145.20 22.26 -22.46
CA GLY S 11 -146.63 22.44 -22.43
C GLY S 11 -147.08 23.85 -22.68
N THR S 12 -146.20 24.82 -22.50
CA THR S 12 -146.48 26.23 -22.70
C THR S 12 -145.56 26.87 -23.72
N LYS S 13 -144.26 26.63 -23.61
CA LYS S 13 -143.21 27.27 -24.37
C LYS S 13 -142.24 26.21 -24.86
N ASP S 14 -141.59 26.44 -25.99
CA ASP S 14 -140.57 25.54 -26.51
C ASP S 14 -139.19 25.98 -26.04
N ILE S 15 -138.52 25.10 -25.33
CA ILE S 15 -137.16 25.33 -24.86
C ILE S 15 -136.20 24.70 -25.86
N THR S 16 -135.22 25.50 -26.30
CA THR S 16 -134.19 25.08 -27.24
C THR S 16 -132.92 24.75 -26.48
N LEU S 17 -132.52 23.48 -26.51
CA LEU S 17 -131.29 23.00 -25.87
C LEU S 17 -130.20 22.93 -26.95
N GLN S 18 -129.17 23.74 -26.79
CA GLN S 18 -128.07 23.81 -27.73
C GLN S 18 -126.97 22.81 -27.37
N PRO S 19 -126.36 22.22 -28.39
CA PRO S 19 -125.25 21.29 -28.17
C PRO S 19 -124.06 22.03 -27.60
N VAL S 20 -123.55 21.53 -26.49
CA VAL S 20 -122.55 22.23 -25.70
C VAL S 20 -121.29 21.41 -25.52
N ASN S 21 -121.40 20.11 -25.31
CA ASN S 21 -120.19 19.34 -25.10
C ASN S 21 -120.41 17.91 -25.55
N ILE S 22 -119.36 17.26 -26.02
CA ILE S 22 -119.38 15.80 -26.16
C ILE S 22 -118.33 15.25 -25.22
N ASP S 23 -118.80 14.54 -24.21
CA ASP S 23 -117.98 14.03 -23.13
C ASP S 23 -116.90 13.09 -23.66
N ARG S 24 -115.92 12.82 -22.80
CA ARG S 24 -114.98 11.74 -23.08
C ARG S 24 -115.60 10.37 -22.92
N GLU S 25 -116.70 10.28 -22.19
CA GLU S 25 -117.47 9.06 -22.09
C GLU S 25 -118.48 8.90 -23.24
N GLY S 26 -118.53 9.87 -24.17
CA GLY S 26 -119.47 9.83 -25.26
C GLY S 26 -120.76 10.57 -24.99
N VAL S 27 -120.84 11.29 -23.87
CA VAL S 27 -122.08 11.97 -23.46
C VAL S 27 -122.24 13.28 -24.22
N ALA S 28 -123.39 13.46 -24.86
CA ALA S 28 -123.72 14.72 -25.51
C ALA S 28 -124.43 15.58 -24.48
N HIS S 29 -123.74 16.63 -24.02
CA HIS S 29 -124.30 17.64 -23.14
C HIS S 29 -124.92 18.77 -23.96
N PHE S 30 -126.14 19.15 -23.60
CA PHE S 30 -126.87 20.27 -24.15
C PHE S 30 -127.23 21.20 -23.00
N ARG S 31 -127.37 22.48 -23.33
CA ARG S 31 -127.67 23.52 -22.36
C ARG S 31 -128.77 24.43 -22.91
N GLU S 32 -129.61 24.94 -22.02
CA GLU S 32 -130.71 25.77 -22.46
C GLU S 32 -130.19 27.06 -23.09
N LYS S 33 -130.81 27.44 -24.20
CA LYS S 33 -130.40 28.62 -24.96
C LYS S 33 -130.96 29.89 -24.32
N ASP S 34 -130.15 30.96 -24.32
CA ASP S 34 -130.59 32.28 -23.88
C ASP S 34 -130.92 32.30 -22.39
N VAL S 35 -130.16 31.57 -21.59
CA VAL S 35 -130.40 31.49 -20.15
C VAL S 35 -129.05 31.35 -19.45
N SER S 36 -128.92 31.98 -18.29
CA SER S 36 -127.68 31.92 -17.52
C SER S 36 -127.29 30.47 -17.30
N ILE S 37 -125.98 30.22 -17.27
CA ILE S 37 -125.46 28.87 -17.10
C ILE S 37 -126.05 28.22 -15.86
N LEU S 38 -126.20 28.96 -14.77
CA LEU S 38 -126.70 28.37 -13.53
C LEU S 38 -128.15 27.92 -13.66
N GLU S 39 -128.99 28.73 -14.30
CA GLU S 39 -130.42 28.46 -14.36
C GLU S 39 -130.84 27.73 -15.63
N ALA S 40 -129.90 27.37 -16.50
CA ALA S 40 -130.29 26.73 -17.74
C ALA S 40 -130.64 25.27 -17.50
N ILE S 41 -131.65 24.80 -18.24
CA ILE S 41 -132.02 23.40 -18.28
C ILE S 41 -130.97 22.66 -19.10
N ARG S 42 -130.48 21.54 -18.57
CA ARG S 42 -129.45 20.81 -19.30
C ARG S 42 -129.83 19.35 -19.55
N LEU S 43 -129.36 18.81 -20.67
CA LEU S 43 -129.72 17.47 -21.12
C LEU S 43 -128.48 16.69 -21.53
N THR S 44 -128.32 15.47 -21.03
CA THR S 44 -127.19 14.61 -21.39
C THR S 44 -127.70 13.32 -22.02
N VAL S 45 -127.07 12.92 -23.13
CA VAL S 45 -127.53 11.78 -23.93
C VAL S 45 -126.32 10.95 -24.35
N GLN S 46 -126.25 9.69 -23.90
CA GLN S 46 -125.12 8.83 -24.25
C GLN S 46 -125.59 7.42 -24.60
N LEU S 47 -124.83 6.76 -25.47
CA LEU S 47 -125.12 5.39 -25.89
C LEU S 47 -123.90 4.51 -25.60
N ARG S 48 -123.90 3.91 -24.41
CA ARG S 48 -122.85 3.01 -23.96
C ARG S 48 -122.95 1.72 -24.75
N GLN S 49 -121.96 1.48 -25.60
CA GLN S 49 -121.89 0.26 -26.38
C GLN S 49 -121.42 -0.89 -25.50
N PRO S 50 -121.69 -2.13 -25.90
CA PRO S 50 -121.38 -3.27 -25.03
C PRO S 50 -119.90 -3.54 -24.93
N SER S 51 -119.54 -4.25 -23.84
CA SER S 51 -118.17 -4.69 -23.61
C SER S 51 -117.76 -5.78 -24.61
N VAL S 52 -116.48 -6.12 -24.61
CA VAL S 52 -116.02 -7.20 -25.46
C VAL S 52 -116.69 -8.52 -25.06
N ASN S 53 -116.90 -8.72 -23.76
CA ASN S 53 -117.55 -9.94 -23.27
C ASN S 53 -119.07 -9.88 -23.44
N GLY S 54 -119.67 -8.71 -23.19
CA GLY S 54 -121.11 -8.58 -23.21
C GLY S 54 -121.68 -8.21 -24.58
N ASN S 55 -123.01 -8.09 -24.61
CA ASN S 55 -123.70 -7.65 -25.83
C ASN S 55 -124.87 -6.72 -25.50
N VAL S 56 -124.71 -5.87 -24.48
CA VAL S 56 -125.82 -5.04 -23.98
C VAL S 56 -125.51 -3.57 -24.16
N TYR S 57 -126.34 -2.89 -24.94
CA TYR S 57 -126.29 -1.45 -25.11
C TYR S 57 -127.16 -0.79 -24.05
N ARG S 58 -126.66 0.32 -23.50
CA ARG S 58 -127.39 1.21 -22.59
C ARG S 58 -127.48 2.60 -23.20
N CYS S 59 -128.70 3.10 -23.37
CA CYS S 59 -128.93 4.44 -23.88
C CYS S 59 -129.51 5.26 -22.73
N LYS S 60 -128.72 6.20 -22.21
CA LYS S 60 -129.10 6.99 -21.04
C LYS S 60 -129.31 8.45 -21.42
N ALA S 61 -130.41 9.04 -20.94
CA ALA S 61 -130.75 10.43 -21.19
C ALA S 61 -131.22 11.06 -19.88
N LYS S 62 -130.48 12.05 -19.39
CA LYS S 62 -130.80 12.75 -18.15
C LYS S 62 -131.15 14.20 -18.48
N LEU S 63 -132.37 14.61 -18.12
CA LEU S 63 -132.80 15.99 -18.18
C LEU S 63 -132.78 16.56 -16.77
N VAL S 64 -132.24 17.76 -16.62
CA VAL S 64 -132.20 18.44 -15.34
C VAL S 64 -132.81 19.82 -15.51
N VAL S 65 -133.85 20.09 -14.72
CA VAL S 65 -134.53 21.38 -14.68
C VAL S 65 -134.23 22.01 -13.33
N PRO S 66 -133.51 23.12 -13.28
CA PRO S 66 -133.33 23.83 -12.01
C PRO S 66 -134.42 24.86 -11.78
N VAL S 67 -134.63 25.18 -10.49
CA VAL S 67 -135.55 26.22 -10.05
C VAL S 67 -134.70 27.27 -9.37
N VAL S 68 -134.48 28.40 -10.06
CA VAL S 68 -133.61 29.45 -9.56
C VAL S 68 -134.49 30.61 -9.12
N GLU S 69 -134.32 31.00 -7.86
CA GLU S 69 -134.97 32.18 -7.30
C GLU S 69 -133.91 33.07 -6.66
N VAL S 70 -134.19 34.37 -6.61
CA VAL S 70 -133.24 35.34 -6.09
C VAL S 70 -133.31 35.35 -4.57
N VAL S 71 -132.17 35.12 -3.92
CA VAL S 71 -132.01 35.17 -2.47
C VAL S 71 -131.19 36.43 -2.17
N GLY S 72 -131.82 37.45 -1.59
CA GLY S 72 -131.15 38.74 -1.48
C GLY S 72 -130.91 39.31 -2.87
N ASN S 73 -129.65 39.55 -3.20
CA ASN S 73 -129.25 39.96 -4.54
C ASN S 73 -128.56 38.84 -5.31
N VAL S 74 -128.51 37.63 -4.75
CA VAL S 74 -127.78 36.52 -5.34
C VAL S 74 -128.77 35.52 -5.91
N ARG S 75 -128.69 35.26 -7.22
CA ARG S 75 -129.54 34.24 -7.81
C ARG S 75 -129.05 32.87 -7.36
N THR S 76 -129.96 32.05 -6.84
CA THR S 76 -129.57 30.73 -6.36
C THR S 76 -130.62 29.70 -6.75
N THR S 77 -130.15 28.50 -7.05
CA THR S 77 -131.02 27.36 -7.36
C THR S 77 -131.59 26.81 -6.07
N VAL S 78 -132.90 26.98 -5.89
CA VAL S 78 -133.57 26.48 -4.68
C VAL S 78 -133.62 24.96 -4.68
N ARG S 79 -134.01 24.38 -5.81
CA ARG S 79 -134.20 22.95 -5.94
C ARG S 79 -134.07 22.58 -7.41
N THR S 80 -134.01 21.28 -7.68
CA THR S 80 -133.94 20.79 -9.05
C THR S 80 -134.87 19.61 -9.20
N LEU S 81 -135.39 19.44 -10.42
CA LEU S 81 -136.15 18.26 -10.81
C LEU S 81 -135.36 17.52 -11.87
N THR S 82 -135.35 16.19 -11.79
CA THR S 82 -134.50 15.39 -12.68
C THR S 82 -135.31 14.26 -13.30
N GLU S 83 -135.04 13.97 -14.58
CA GLU S 83 -135.67 12.85 -15.26
C GLU S 83 -134.58 12.06 -15.97
N THR S 84 -134.63 10.72 -15.85
CA THR S 84 -133.62 9.84 -16.42
C THR S 84 -134.29 8.70 -17.14
N THR S 85 -134.11 8.63 -18.45
CA THR S 85 -134.59 7.53 -19.28
C THR S 85 -133.40 6.63 -19.61
N GLU S 86 -133.58 5.32 -19.48
CA GLU S 86 -132.52 4.36 -19.75
C GLU S 86 -133.09 3.18 -20.52
N VAL S 87 -132.66 3.00 -21.77
CA VAL S 87 -133.13 1.95 -22.65
C VAL S 87 -132.02 0.92 -22.83
N LEU S 88 -132.33 -0.35 -22.60
CA LEU S 88 -131.37 -1.44 -22.73
C LEU S 88 -131.79 -2.37 -23.85
N PHE S 89 -130.86 -2.66 -24.76
CA PHE S 89 -131.14 -3.65 -25.79
C PHE S 89 -129.88 -4.39 -26.17
N THR S 90 -130.06 -5.59 -26.69
CA THR S 90 -128.98 -6.51 -27.03
C THR S 90 -128.55 -6.35 -28.48
N GLN S 91 -127.35 -6.85 -28.78
CA GLN S 91 -126.79 -6.67 -30.12
C GLN S 91 -127.52 -7.51 -31.17
N ASP S 92 -128.16 -8.60 -30.75
CA ASP S 92 -128.93 -9.39 -31.71
C ASP S 92 -130.32 -8.82 -31.94
N SER S 93 -130.64 -7.68 -31.32
CA SER S 93 -131.97 -7.09 -31.44
C SER S 93 -132.20 -6.55 -32.86
N LEU S 94 -133.44 -6.65 -33.30
CA LEU S 94 -133.84 -6.17 -34.62
C LEU S 94 -134.17 -4.69 -34.58
N GLY S 95 -133.94 -4.02 -35.70
CA GLY S 95 -134.32 -2.62 -35.79
C GLY S 95 -135.80 -2.42 -35.54
N THR S 96 -136.63 -3.30 -36.09
CA THR S 96 -138.07 -3.19 -35.90
C THR S 96 -138.43 -3.31 -34.42
N GLU S 97 -137.72 -4.20 -33.70
CA GLU S 97 -137.97 -4.35 -32.27
C GLU S 97 -137.57 -3.08 -31.51
N ARG S 98 -136.37 -2.56 -31.78
CA ARG S 98 -135.93 -1.34 -31.13
C ARG S 98 -136.92 -0.19 -31.41
N GLN S 99 -137.44 -0.12 -32.64
CA GLN S 99 -138.37 0.94 -33.00
C GLN S 99 -139.69 0.79 -32.26
N ARG S 100 -140.19 -0.44 -32.19
CA ARG S 100 -141.37 -0.73 -31.38
C ARG S 100 -141.18 -0.24 -29.95
N VAL S 101 -140.00 -0.49 -29.37
CA VAL S 101 -139.77 -0.07 -27.99
C VAL S 101 -139.71 1.45 -27.88
N ALA S 102 -139.09 2.12 -28.85
CA ALA S 102 -139.03 3.58 -28.82
C ALA S 102 -140.42 4.18 -28.86
N ASN S 103 -141.28 3.67 -29.75
CA ASN S 103 -142.65 4.17 -29.84
C ASN S 103 -143.42 3.91 -28.56
N LEU S 104 -143.22 2.73 -27.95
CA LEU S 104 -143.88 2.46 -26.68
C LEU S 104 -143.42 3.44 -25.62
N THR S 105 -142.12 3.77 -25.60
CA THR S 105 -141.61 4.75 -24.64
C THR S 105 -142.28 6.10 -24.84
N LYS S 106 -142.43 6.52 -26.10
CA LYS S 106 -143.12 7.78 -26.40
C LYS S 106 -144.56 7.74 -25.89
N SER S 107 -145.31 6.71 -26.29
CA SER S 107 -146.71 6.60 -25.87
C SER S 107 -146.82 6.59 -24.35
N LEU S 108 -145.88 5.92 -23.69
CA LEU S 108 -145.91 5.82 -22.25
C LEU S 108 -145.70 7.18 -21.60
N ALA S 109 -144.65 7.89 -22.01
CA ALA S 109 -144.38 9.21 -21.44
C ALA S 109 -145.46 10.23 -21.77
N GLY S 110 -146.26 9.99 -22.81
CA GLY S 110 -147.37 10.86 -23.06
C GLY S 110 -148.67 10.47 -22.39
N HIS S 111 -148.71 9.33 -21.68
CA HIS S 111 -149.96 8.79 -21.19
C HIS S 111 -150.46 9.56 -19.97
N ALA S 112 -151.78 9.79 -19.96
CA ALA S 112 -152.40 10.67 -18.98
C ALA S 112 -152.12 10.22 -17.55
N THR S 113 -152.21 8.92 -17.27
CA THR S 113 -152.11 8.48 -15.87
C THR S 113 -150.68 8.62 -15.35
N LEU S 114 -149.68 8.39 -16.20
CA LEU S 114 -148.29 8.56 -15.74
C LEU S 114 -147.97 10.04 -15.56
N MET S 115 -148.39 10.87 -16.51
CA MET S 115 -148.22 12.30 -16.34
C MET S 115 -148.89 12.76 -15.05
N SER S 116 -150.06 12.19 -14.74
CA SER S 116 -150.75 12.54 -13.50
C SER S 116 -149.97 12.07 -12.28
N VAL S 117 -149.33 10.90 -12.34
CA VAL S 117 -148.50 10.46 -11.24
C VAL S 117 -147.45 11.51 -10.91
N VAL S 118 -146.82 12.07 -11.94
CA VAL S 118 -145.75 13.02 -11.63
C VAL S 118 -146.32 14.40 -11.25
N GLN S 119 -147.36 14.86 -11.95
CA GLN S 119 -147.95 16.17 -11.69
C GLN S 119 -148.55 16.23 -10.29
N ASP S 120 -149.52 15.34 -10.02
CA ASP S 120 -150.23 15.31 -8.75
C ASP S 120 -149.42 14.67 -7.62
N ALA S 121 -148.27 14.08 -7.93
CA ALA S 121 -147.41 13.41 -6.95
C ALA S 121 -148.15 12.33 -6.16
N SER S 122 -149.16 11.70 -6.78
CA SER S 122 -149.86 10.59 -6.17
C SER S 122 -149.65 9.34 -7.00
N PRO S 123 -149.26 8.22 -6.40
CA PRO S 123 -149.02 7.00 -7.16
C PRO S 123 -150.33 6.31 -7.52
N ILE S 124 -150.20 5.20 -8.22
CA ILE S 124 -151.35 4.39 -8.63
C ILE S 124 -151.72 3.50 -7.46
N TYR S 125 -152.95 3.67 -6.95
CA TYR S 125 -153.49 2.85 -5.86
C TYR S 125 -155.01 2.85 -5.97
N GLY S 126 -155.61 1.69 -5.70
CA GLY S 126 -157.07 1.55 -5.68
C GLY S 126 -157.79 1.94 -6.96
N PRO T 1 -152.97 7.86 -9.18
CA PRO T 1 -154.41 7.74 -9.44
C PRO T 1 -154.97 6.34 -9.24
N LYS T 2 -156.13 6.09 -9.82
CA LYS T 2 -156.82 4.83 -9.65
C LYS T 2 -156.31 3.82 -10.68
N ILE T 3 -156.08 2.60 -10.21
CA ILE T 3 -155.49 1.56 -11.06
C ILE T 3 -156.48 1.20 -12.16
N ALA T 4 -155.98 1.13 -13.40
CA ALA T 4 -156.85 0.86 -14.54
C ALA T 4 -155.98 0.44 -15.72
N ASN T 5 -156.65 0.06 -16.81
CA ASN T 5 -155.94 -0.36 -18.01
C ASN T 5 -155.10 0.79 -18.55
N ILE T 6 -153.92 0.45 -19.08
CA ILE T 6 -153.05 1.42 -19.72
C ILE T 6 -152.86 1.00 -21.16
N VAL T 7 -153.35 1.81 -22.08
CA VAL T 7 -153.24 1.51 -23.51
C VAL T 7 -152.16 2.41 -24.09
N ILE T 8 -151.16 1.80 -24.73
CA ILE T 8 -150.07 2.54 -25.36
C ILE T 8 -149.85 2.00 -26.76
N ASN T 9 -149.33 2.85 -27.63
CA ASN T 9 -149.14 2.50 -29.03
C ASN T 9 -147.67 2.19 -29.29
N ASP T 10 -147.43 1.19 -30.14
CA ASP T 10 -146.08 0.79 -30.51
C ASP T 10 -145.69 1.23 -31.92
N GLY T 11 -146.43 2.17 -32.50
CA GLY T 11 -146.19 2.63 -33.84
C GLY T 11 -146.98 1.90 -34.90
N THR T 12 -147.53 0.74 -34.58
CA THR T 12 -148.30 -0.03 -35.55
C THR T 12 -149.69 -0.36 -35.03
N LYS T 13 -149.82 -0.56 -33.71
CA LYS T 13 -151.09 -0.97 -33.13
C LYS T 13 -151.13 -0.55 -31.66
N ASP T 14 -152.34 -0.58 -31.10
CA ASP T 14 -152.56 -0.27 -29.69
C ASP T 14 -152.44 -1.52 -28.85
N ILE T 15 -151.71 -1.41 -27.74
CA ILE T 15 -151.42 -2.52 -26.86
C ILE T 15 -152.01 -2.20 -25.50
N THR T 16 -152.84 -3.11 -24.99
CA THR T 16 -153.55 -2.92 -23.73
C THR T 16 -152.80 -3.66 -22.63
N LEU T 17 -152.42 -2.93 -21.58
CA LEU T 17 -151.77 -3.51 -20.41
C LEU T 17 -152.78 -3.48 -19.27
N GLN T 18 -153.21 -4.67 -18.84
CA GLN T 18 -154.16 -4.86 -17.76
C GLN T 18 -153.44 -4.89 -16.41
N PRO T 19 -154.03 -4.28 -15.40
CA PRO T 19 -153.41 -4.29 -14.08
C PRO T 19 -153.45 -5.69 -13.48
N VAL T 20 -152.42 -5.99 -12.72
CA VAL T 20 -152.29 -7.29 -12.07
C VAL T 20 -152.44 -7.17 -10.56
N ASN T 21 -151.62 -6.34 -9.93
CA ASN T 21 -151.66 -6.12 -8.48
C ASN T 21 -150.76 -4.93 -8.15
N ILE T 22 -150.62 -4.66 -6.86
CA ILE T 22 -149.69 -3.67 -6.32
C ILE T 22 -149.01 -4.28 -5.10
N ASP T 23 -147.68 -4.44 -5.17
CA ASP T 23 -146.96 -5.23 -4.19
C ASP T 23 -146.70 -4.40 -2.93
N ARG T 24 -145.96 -4.99 -1.98
CA ARG T 24 -145.75 -4.32 -0.70
C ARG T 24 -144.98 -3.02 -0.88
N GLU T 25 -144.06 -2.97 -1.86
CA GLU T 25 -143.24 -1.77 -2.06
C GLU T 25 -144.07 -0.62 -2.63
N GLY T 26 -145.20 -0.91 -3.26
CA GLY T 26 -146.02 0.11 -3.90
C GLY T 26 -145.99 0.05 -5.41
N VAL T 27 -145.25 -0.91 -5.98
CA VAL T 27 -145.15 -1.03 -7.43
C VAL T 27 -146.45 -1.60 -7.98
N ALA T 28 -147.04 -0.91 -8.94
CA ALA T 28 -148.22 -1.40 -9.65
C ALA T 28 -147.75 -2.16 -10.88
N HIS T 29 -148.18 -3.41 -11.01
CA HIS T 29 -147.76 -4.29 -12.10
C HIS T 29 -148.86 -4.41 -13.16
N PHE T 30 -148.46 -4.35 -14.43
CA PHE T 30 -149.34 -4.48 -15.57
C PHE T 30 -148.77 -5.51 -16.55
N ARG T 31 -149.68 -6.23 -17.20
CA ARG T 31 -149.34 -7.33 -18.10
C ARG T 31 -150.17 -7.21 -19.37
N GLU T 32 -149.54 -7.50 -20.51
CA GLU T 32 -150.21 -7.36 -21.80
C GLU T 32 -151.41 -8.30 -21.88
N LYS T 33 -152.50 -7.78 -22.42
CA LYS T 33 -153.75 -8.52 -22.52
C LYS T 33 -153.70 -9.51 -23.67
N ASP T 34 -154.26 -10.70 -23.45
CA ASP T 34 -154.52 -11.69 -24.52
C ASP T 34 -153.23 -12.25 -25.11
N VAL T 35 -152.16 -12.27 -24.33
CA VAL T 35 -150.88 -12.80 -24.79
C VAL T 35 -150.34 -13.71 -23.68
N SER T 36 -149.55 -14.70 -24.10
CA SER T 36 -148.96 -15.64 -23.15
C SER T 36 -148.15 -14.90 -22.08
N ILE T 37 -148.14 -15.49 -20.88
CA ILE T 37 -147.33 -14.97 -19.78
C ILE T 37 -145.89 -14.71 -20.23
N LEU T 38 -145.31 -15.66 -20.97
CA LEU T 38 -143.90 -15.59 -21.29
C LEU T 38 -143.60 -14.43 -22.23
N GLU T 39 -144.47 -14.18 -23.21
CA GLU T 39 -144.20 -13.21 -24.26
C GLU T 39 -144.93 -11.88 -24.05
N ALA T 40 -145.61 -11.72 -22.93
CA ALA T 40 -146.42 -10.52 -22.71
C ALA T 40 -145.54 -9.36 -22.28
N ILE T 41 -145.86 -8.17 -22.81
CA ILE T 41 -145.19 -6.94 -22.41
C ILE T 41 -145.61 -6.60 -20.99
N ARG T 42 -144.65 -6.12 -20.19
CA ARG T 42 -144.93 -5.82 -18.79
C ARG T 42 -144.54 -4.40 -18.43
N LEU T 43 -145.31 -3.80 -17.53
CA LEU T 43 -145.07 -2.43 -17.10
C LEU T 43 -145.18 -2.33 -15.58
N THR T 44 -144.22 -1.67 -14.94
CA THR T 44 -144.29 -1.44 -13.50
C THR T 44 -144.17 0.05 -13.21
N VAL T 45 -145.01 0.54 -12.29
CA VAL T 45 -145.08 1.97 -11.97
C VAL T 45 -145.13 2.15 -10.45
N GLN T 46 -144.20 2.94 -9.90
CA GLN T 46 -144.22 3.23 -8.48
C GLN T 46 -143.82 4.68 -8.23
N LEU T 47 -144.25 5.20 -7.09
CA LEU T 47 -143.91 6.56 -6.63
C LEU T 47 -143.41 6.45 -5.19
N ARG T 48 -142.11 6.23 -5.05
CA ARG T 48 -141.47 6.06 -3.75
C ARG T 48 -141.45 7.37 -2.99
N GLN T 49 -142.07 7.36 -1.81
CA GLN T 49 -142.08 8.50 -0.91
C GLN T 49 -140.67 8.77 -0.38
N PRO T 50 -140.42 9.98 0.08
CA PRO T 50 -139.15 10.26 0.77
C PRO T 50 -139.14 9.63 2.15
N SER T 51 -137.94 9.33 2.61
CA SER T 51 -137.75 8.80 3.97
C SER T 51 -138.09 9.89 4.99
N VAL T 52 -138.00 9.52 6.28
CA VAL T 52 -138.15 10.54 7.31
C VAL T 52 -136.99 11.52 7.25
N ASN T 53 -135.80 11.04 6.87
CA ASN T 53 -134.64 11.93 6.76
C ASN T 53 -134.67 12.74 5.48
N GLY T 54 -134.85 12.09 4.32
CA GLY T 54 -134.79 12.76 3.05
C GLY T 54 -136.05 13.52 2.70
N ASN T 55 -136.03 14.13 1.51
CA ASN T 55 -137.20 14.81 0.96
C ASN T 55 -137.32 14.60 -0.54
N VAL T 56 -136.89 13.43 -1.03
CA VAL T 56 -136.79 13.17 -2.47
C VAL T 56 -137.81 12.11 -2.86
N TYR T 57 -138.72 12.47 -3.76
CA TYR T 57 -139.67 11.57 -4.36
C TYR T 57 -139.05 10.95 -5.61
N ARG T 58 -139.24 9.63 -5.76
CA ARG T 58 -138.74 8.87 -6.92
C ARG T 58 -139.90 8.21 -7.64
N CYS T 59 -140.19 8.64 -8.87
CA CYS T 59 -141.23 8.03 -9.68
C CYS T 59 -140.58 7.15 -10.75
N LYS T 60 -140.71 5.84 -10.60
CA LYS T 60 -140.04 4.86 -11.45
C LYS T 60 -141.06 4.10 -12.30
N ALA T 61 -140.73 3.93 -13.59
CA ALA T 61 -141.62 3.26 -14.54
C ALA T 61 -140.78 2.41 -15.49
N LYS T 62 -140.94 1.10 -15.42
CA LYS T 62 -140.15 0.15 -16.20
C LYS T 62 -141.05 -0.61 -17.18
N LEU T 63 -140.67 -0.57 -18.45
CA LEU T 63 -141.32 -1.30 -19.52
C LEU T 63 -140.40 -2.42 -20.00
N VAL T 64 -140.96 -3.61 -20.20
CA VAL T 64 -140.19 -4.78 -20.59
C VAL T 64 -140.88 -5.46 -21.76
N VAL T 65 -140.15 -5.60 -22.86
CA VAL T 65 -140.65 -6.23 -24.08
C VAL T 65 -139.81 -7.46 -24.37
N PRO T 66 -140.35 -8.66 -24.18
CA PRO T 66 -139.61 -9.88 -24.49
C PRO T 66 -139.76 -10.29 -25.96
N VAL T 67 -138.77 -11.05 -26.40
CA VAL T 67 -138.78 -11.73 -27.69
C VAL T 67 -138.59 -13.21 -27.40
N VAL T 68 -139.57 -14.01 -27.81
CA VAL T 68 -139.69 -15.42 -27.47
C VAL T 68 -139.62 -16.27 -28.73
N GLU T 69 -138.92 -17.40 -28.62
CA GLU T 69 -138.85 -18.41 -29.67
C GLU T 69 -139.62 -19.65 -29.22
N VAL T 70 -140.53 -20.10 -30.06
CA VAL T 70 -141.35 -21.29 -29.79
C VAL T 70 -141.07 -22.34 -30.84
N VAL T 71 -140.62 -23.50 -30.41
CA VAL T 71 -140.41 -24.66 -31.26
C VAL T 71 -141.13 -25.82 -30.59
N GLY T 72 -142.21 -26.28 -31.21
CA GLY T 72 -143.00 -27.32 -30.57
C GLY T 72 -143.56 -26.82 -29.26
N ASN T 73 -143.28 -27.57 -28.19
CA ASN T 73 -143.68 -27.18 -26.86
C ASN T 73 -142.59 -26.45 -26.10
N VAL T 74 -141.43 -26.27 -26.71
CA VAL T 74 -140.35 -25.51 -26.09
C VAL T 74 -140.59 -24.03 -26.34
N ARG T 75 -140.76 -23.27 -25.27
CA ARG T 75 -140.96 -21.83 -25.34
C ARG T 75 -139.86 -21.19 -24.52
N THR T 76 -139.05 -20.34 -25.16
CA THR T 76 -137.89 -19.76 -24.48
C THR T 76 -137.79 -18.28 -24.81
N THR T 77 -137.39 -17.47 -23.83
CA THR T 77 -137.19 -16.05 -24.06
C THR T 77 -135.81 -15.83 -24.69
N VAL T 78 -135.78 -15.40 -25.96
CA VAL T 78 -134.49 -15.22 -26.62
C VAL T 78 -133.83 -13.93 -26.17
N ARG T 79 -134.60 -12.84 -26.09
CA ARG T 79 -133.97 -11.59 -25.66
C ARG T 79 -135.04 -10.67 -25.10
N THR T 80 -134.61 -9.61 -24.43
CA THR T 80 -135.54 -8.59 -23.95
C THR T 80 -135.02 -7.22 -24.27
N LEU T 81 -135.94 -6.29 -24.48
CA LEU T 81 -135.65 -4.86 -24.57
C LEU T 81 -136.39 -4.18 -23.42
N THR T 82 -135.66 -3.40 -22.63
CA THR T 82 -136.29 -2.74 -21.49
C THR T 82 -136.03 -1.24 -21.54
N GLU T 83 -136.94 -0.50 -20.92
CA GLU T 83 -136.79 0.95 -20.81
C GLU T 83 -137.28 1.35 -19.43
N THR T 84 -136.48 2.12 -18.70
CA THR T 84 -136.89 2.54 -17.36
C THR T 84 -136.73 4.04 -17.22
N THR T 85 -137.75 4.69 -16.67
CA THR T 85 -137.84 6.13 -16.55
C THR T 85 -137.97 6.50 -15.07
N GLU T 86 -137.05 7.32 -14.56
CA GLU T 86 -137.09 7.79 -13.18
C GLU T 86 -137.22 9.31 -13.16
N VAL T 87 -138.23 9.82 -12.46
CA VAL T 87 -138.40 11.25 -12.24
C VAL T 87 -138.22 11.53 -10.76
N LEU T 88 -137.30 12.44 -10.43
CA LEU T 88 -137.01 12.82 -9.05
C LEU T 88 -137.47 14.24 -8.81
N PHE T 89 -138.25 14.45 -7.76
CA PHE T 89 -138.60 15.81 -7.36
C PHE T 89 -138.65 15.94 -5.85
N THR T 90 -138.42 17.16 -5.37
CA THR T 90 -138.30 17.45 -3.95
C THR T 90 -139.66 17.66 -3.30
N GLN T 91 -139.66 17.60 -1.97
CA GLN T 91 -140.90 17.70 -1.21
C GLN T 91 -141.55 19.08 -1.33
N ASP T 92 -140.74 20.11 -1.53
CA ASP T 92 -141.24 21.49 -1.64
C ASP T 92 -141.46 21.92 -3.08
N SER T 93 -141.46 20.98 -4.03
CA SER T 93 -141.63 21.35 -5.43
C SER T 93 -143.07 21.77 -5.70
N LEU T 94 -143.23 22.62 -6.72
CA LEU T 94 -144.55 23.12 -7.10
C LEU T 94 -145.17 22.23 -8.15
N GLY T 95 -146.49 22.05 -8.06
CA GLY T 95 -147.19 21.29 -9.08
C GLY T 95 -146.94 21.84 -10.47
N THR T 96 -146.83 23.17 -10.57
CA THR T 96 -146.44 23.81 -11.84
C THR T 96 -145.10 23.28 -12.33
N GLU T 97 -144.12 23.22 -11.44
CA GLU T 97 -142.78 22.77 -11.81
C GLU T 97 -142.81 21.33 -12.31
N ARG T 98 -143.42 20.42 -11.53
CA ARG T 98 -143.37 19.04 -11.99
C ARG T 98 -144.29 18.80 -13.18
N GLN T 99 -145.26 19.68 -13.43
CA GLN T 99 -146.01 19.57 -14.68
C GLN T 99 -145.15 19.97 -15.88
N ARG T 100 -144.34 21.03 -15.74
CA ARG T 100 -143.38 21.33 -16.79
C ARG T 100 -142.45 20.16 -17.04
N VAL T 101 -142.00 19.50 -15.96
CA VAL T 101 -141.10 18.36 -16.13
C VAL T 101 -141.81 17.23 -16.87
N ALA T 102 -143.07 16.96 -16.54
CA ALA T 102 -143.80 15.91 -17.22
C ALA T 102 -143.91 16.20 -18.72
N ASN T 103 -144.22 17.44 -19.08
CA ASN T 103 -144.34 17.78 -20.49
C ASN T 103 -142.98 17.71 -21.20
N LEU T 104 -141.91 18.11 -20.53
CA LEU T 104 -140.59 17.98 -21.11
C LEU T 104 -140.23 16.52 -21.35
N THR T 105 -140.58 15.65 -20.40
CA THR T 105 -140.32 14.23 -20.59
C THR T 105 -141.07 13.71 -21.81
N LYS T 106 -142.35 14.08 -21.94
CA LYS T 106 -143.12 13.68 -23.11
C LYS T 106 -142.48 14.17 -24.41
N SER T 107 -142.01 15.42 -24.41
CA SER T 107 -141.41 15.97 -25.63
C SER T 107 -140.12 15.25 -25.98
N LEU T 108 -139.26 15.02 -24.99
CA LEU T 108 -138.03 14.27 -25.22
C LEU T 108 -138.34 12.89 -25.79
N ALA T 109 -139.23 12.14 -25.14
CA ALA T 109 -139.54 10.80 -25.58
C ALA T 109 -140.12 10.80 -27.00
N GLY T 110 -140.76 11.90 -27.41
CA GLY T 110 -141.20 11.97 -28.79
C GLY T 110 -140.19 12.51 -29.78
N HIS T 111 -139.09 13.08 -29.30
CA HIS T 111 -138.15 13.79 -30.18
C HIS T 111 -137.45 12.86 -31.15
N ALA T 112 -137.38 13.29 -32.41
CA ALA T 112 -136.89 12.44 -33.49
C ALA T 112 -135.46 11.95 -33.25
N THR T 113 -134.57 12.82 -32.75
CA THR T 113 -133.19 12.39 -32.60
C THR T 113 -133.03 11.45 -31.41
N LEU T 114 -133.73 11.72 -30.31
CA LEU T 114 -133.69 10.79 -29.18
C LEU T 114 -134.22 9.42 -29.58
N MET T 115 -135.29 9.39 -30.38
CA MET T 115 -135.80 8.11 -30.86
C MET T 115 -134.82 7.43 -31.81
N SER T 116 -134.16 8.21 -32.68
CA SER T 116 -133.19 7.64 -33.61
C SER T 116 -132.01 7.03 -32.88
N VAL T 117 -131.64 7.56 -31.71
CA VAL T 117 -130.56 6.93 -30.95
C VAL T 117 -130.89 5.46 -30.67
N VAL T 118 -132.12 5.17 -30.30
CA VAL T 118 -132.47 3.78 -29.97
C VAL T 118 -132.77 2.99 -31.24
N GLN T 119 -133.52 3.59 -32.17
CA GLN T 119 -133.90 2.88 -33.39
C GLN T 119 -132.66 2.48 -34.19
N ASP T 120 -131.71 3.39 -34.34
CA ASP T 120 -130.53 3.18 -35.16
C ASP T 120 -129.32 2.74 -34.35
N ALA T 121 -129.44 2.68 -33.03
CA ALA T 121 -128.35 2.22 -32.16
C ALA T 121 -127.03 2.93 -32.46
N SER T 122 -127.13 4.23 -32.74
CA SER T 122 -125.94 5.04 -32.88
C SER T 122 -126.06 6.23 -31.95
N PRO T 123 -124.95 6.73 -31.44
CA PRO T 123 -124.99 7.89 -30.54
C PRO T 123 -125.14 9.18 -31.34
N ILE T 124 -125.11 10.28 -30.62
CA ILE T 124 -125.18 11.61 -31.19
C ILE T 124 -123.76 12.04 -31.55
N TYR T 125 -123.53 12.36 -32.83
CA TYR T 125 -122.23 12.74 -33.36
C TYR T 125 -122.39 13.20 -34.79
N GLY T 126 -121.56 14.17 -35.19
CA GLY T 126 -121.54 14.61 -36.58
C GLY T 126 -122.07 16.01 -36.81
N PRO U 1 -117.72 24.39 -30.05
CA PRO U 1 -118.40 24.08 -31.31
C PRO U 1 -117.89 22.76 -31.91
N LYS U 2 -118.48 22.33 -33.02
CA LYS U 2 -117.98 21.13 -33.70
C LYS U 2 -116.54 21.36 -34.13
N ILE U 3 -115.66 20.40 -33.80
CA ILE U 3 -114.26 20.50 -34.19
C ILE U 3 -114.17 20.57 -35.71
N ALA U 4 -113.33 21.46 -36.21
CA ALA U 4 -113.21 21.67 -37.65
C ALA U 4 -111.87 22.32 -37.93
N ASN U 5 -111.62 22.57 -39.21
CA ASN U 5 -110.44 23.32 -39.60
C ASN U 5 -110.52 24.74 -39.06
N ILE U 6 -109.36 25.28 -38.71
CA ILE U 6 -109.24 26.66 -38.25
C ILE U 6 -108.31 27.37 -39.22
N VAL U 7 -108.82 28.38 -39.90
CA VAL U 7 -108.04 29.12 -40.89
C VAL U 7 -107.68 30.47 -40.29
N ILE U 8 -106.38 30.69 -40.09
CA ILE U 8 -105.87 31.94 -39.52
C ILE U 8 -104.82 32.51 -40.45
N ASN U 9 -104.63 33.82 -40.37
CA ASN U 9 -103.73 34.53 -41.28
C ASN U 9 -102.47 34.95 -40.52
N ASP U 10 -101.30 34.75 -41.15
CA ASP U 10 -100.02 35.10 -40.54
C ASP U 10 -99.47 36.43 -41.05
N GLY U 11 -100.33 37.29 -41.57
CA GLY U 11 -99.91 38.56 -42.11
C GLY U 11 -99.60 38.53 -43.60
N THR U 12 -99.31 37.38 -44.14
CA THR U 12 -98.99 37.27 -45.56
C THR U 12 -99.86 36.25 -46.29
N LYS U 13 -100.18 35.13 -45.64
CA LYS U 13 -100.97 34.07 -46.27
C LYS U 13 -101.98 33.52 -45.27
N ASP U 14 -102.88 32.69 -45.77
CA ASP U 14 -103.80 31.94 -44.93
C ASP U 14 -103.24 30.56 -44.62
N ILE U 15 -103.36 30.16 -43.36
CA ILE U 15 -102.83 28.91 -42.85
C ILE U 15 -104.02 28.12 -42.32
N THR U 16 -104.10 26.86 -42.73
CA THR U 16 -105.19 25.97 -42.35
C THR U 16 -104.68 24.97 -41.31
N LEU U 17 -105.31 24.94 -40.14
CA LEU U 17 -104.98 24.02 -39.08
C LEU U 17 -106.05 22.96 -39.02
N GLN U 18 -105.66 21.72 -39.28
CA GLN U 18 -106.48 20.52 -39.32
C GLN U 18 -106.52 19.86 -37.95
N PRO U 19 -107.70 19.34 -37.61
CA PRO U 19 -107.86 18.63 -36.35
C PRO U 19 -106.96 17.40 -36.31
N VAL U 20 -106.43 17.12 -35.12
CA VAL U 20 -105.40 16.11 -35.02
C VAL U 20 -105.73 15.09 -33.94
N ASN U 21 -106.14 15.56 -32.77
CA ASN U 21 -106.27 14.68 -31.62
C ASN U 21 -107.14 15.40 -30.60
N ILE U 22 -107.72 14.61 -29.69
CA ILE U 22 -108.47 15.16 -28.57
C ILE U 22 -108.11 14.36 -27.32
N ASP U 23 -107.51 15.04 -26.34
CA ASP U 23 -107.00 14.43 -25.12
C ASP U 23 -108.09 13.69 -24.37
N ARG U 24 -107.67 12.95 -23.35
CA ARG U 24 -108.59 12.55 -22.30
C ARG U 24 -108.99 13.75 -21.47
N GLU U 25 -108.15 14.78 -21.41
CA GLU U 25 -108.48 16.02 -20.70
C GLU U 25 -109.32 16.98 -21.51
N GLY U 26 -109.59 16.68 -22.77
CA GLY U 26 -110.48 17.48 -23.59
C GLY U 26 -109.79 18.51 -24.45
N VAL U 27 -108.47 18.51 -24.49
CA VAL U 27 -107.72 19.46 -25.30
C VAL U 27 -107.83 19.08 -26.77
N ALA U 28 -108.17 20.03 -27.61
CA ALA U 28 -108.22 19.82 -29.05
C ALA U 28 -106.88 20.24 -29.63
N HIS U 29 -106.20 19.30 -30.27
CA HIS U 29 -104.93 19.57 -30.92
C HIS U 29 -105.14 19.76 -32.42
N PHE U 30 -104.35 20.65 -33.00
CA PHE U 30 -104.42 20.93 -34.43
C PHE U 30 -103.01 20.95 -34.99
N ARG U 31 -102.92 20.94 -36.32
CA ARG U 31 -101.62 20.98 -36.96
C ARG U 31 -101.76 21.59 -38.35
N GLU U 32 -100.68 22.19 -38.83
CA GLU U 32 -100.72 22.91 -40.09
C GLU U 32 -100.79 21.93 -41.26
N LYS U 33 -101.54 22.33 -42.28
CA LYS U 33 -101.81 21.51 -43.45
C LYS U 33 -100.76 21.77 -44.52
N ASP U 34 -100.37 20.70 -45.24
CA ASP U 34 -99.48 20.78 -46.40
C ASP U 34 -98.08 21.23 -46.01
N VAL U 35 -97.63 20.88 -44.81
CA VAL U 35 -96.32 21.29 -44.30
C VAL U 35 -95.73 20.14 -43.52
N SER U 36 -94.40 20.07 -43.51
CA SER U 36 -93.70 19.01 -42.77
C SER U 36 -94.16 18.99 -41.33
N ILE U 37 -94.19 17.78 -40.76
CA ILE U 37 -94.64 17.62 -39.38
C ILE U 37 -93.80 18.49 -38.44
N LEU U 38 -92.48 18.45 -38.59
CA LEU U 38 -91.62 19.15 -37.64
C LEU U 38 -91.78 20.66 -37.71
N GLU U 39 -92.05 21.20 -38.89
CA GLU U 39 -92.10 22.64 -39.07
C GLU U 39 -93.52 23.19 -39.11
N ALA U 40 -94.52 22.38 -38.79
CA ALA U 40 -95.90 22.80 -38.89
C ALA U 40 -96.31 23.52 -37.62
N ILE U 41 -97.00 24.66 -37.79
CA ILE U 41 -97.61 25.36 -36.67
C ILE U 41 -98.63 24.44 -36.01
N ARG U 42 -98.73 24.50 -34.68
CA ARG U 42 -99.75 23.70 -34.03
C ARG U 42 -100.45 24.48 -32.92
N LEU U 43 -101.70 24.12 -32.67
CA LEU U 43 -102.58 24.89 -31.79
C LEU U 43 -103.38 23.95 -30.91
N THR U 44 -103.38 24.19 -29.60
CA THR U 44 -104.18 23.42 -28.66
C THR U 44 -105.19 24.33 -27.98
N VAL U 45 -106.41 23.82 -27.82
CA VAL U 45 -107.54 24.59 -27.29
C VAL U 45 -108.32 23.74 -26.31
N GLN U 46 -108.39 24.17 -25.04
CA GLN U 46 -109.14 23.44 -24.03
C GLN U 46 -109.96 24.40 -23.20
N LEU U 47 -110.96 23.86 -22.51
CA LEU U 47 -111.79 24.64 -21.59
C LEU U 47 -112.07 23.79 -20.35
N ARG U 48 -111.30 24.03 -19.29
CA ARG U 48 -111.54 23.45 -17.98
C ARG U 48 -112.87 23.94 -17.42
N GLN U 49 -113.82 23.01 -17.31
CA GLN U 49 -115.03 23.21 -16.54
C GLN U 49 -114.68 23.48 -15.08
N PRO U 50 -115.58 24.09 -14.32
CA PRO U 50 -115.28 24.38 -12.91
C PRO U 50 -115.30 23.11 -12.07
N SER U 51 -114.58 23.15 -10.96
CA SER U 51 -114.56 22.05 -10.00
C SER U 51 -115.93 21.88 -9.35
N VAL U 52 -116.10 20.77 -8.62
CA VAL U 52 -117.31 20.62 -7.82
C VAL U 52 -117.29 21.61 -6.66
N ASN U 53 -116.11 21.91 -6.11
CA ASN U 53 -115.96 22.94 -5.08
C ASN U 53 -115.45 24.26 -5.64
N GLY U 54 -115.51 24.45 -6.96
CA GLY U 54 -115.13 25.71 -7.57
C GLY U 54 -116.22 26.21 -8.50
N ASN U 55 -116.01 27.43 -9.02
CA ASN U 55 -116.92 27.98 -10.02
C ASN U 55 -116.17 28.73 -11.11
N VAL U 56 -114.93 28.35 -11.39
CA VAL U 56 -114.05 29.09 -12.29
C VAL U 56 -113.80 28.27 -13.55
N TYR U 57 -114.07 28.87 -14.71
CA TYR U 57 -113.82 28.31 -16.03
C TYR U 57 -112.51 28.85 -16.58
N ARG U 58 -111.69 27.96 -17.15
CA ARG U 58 -110.42 28.34 -17.75
C ARG U 58 -110.38 27.89 -19.21
N CYS U 59 -110.38 28.84 -20.14
CA CYS U 59 -110.22 28.56 -21.57
C CYS U 59 -108.79 28.89 -21.97
N LYS U 60 -108.01 27.86 -22.30
CA LYS U 60 -106.60 28.00 -22.64
C LYS U 60 -106.36 27.63 -24.10
N ALA U 61 -105.67 28.52 -24.82
CA ALA U 61 -105.32 28.29 -26.22
C ALA U 61 -103.84 28.59 -26.40
N LYS U 62 -103.05 27.56 -26.71
CA LYS U 62 -101.62 27.69 -26.94
C LYS U 62 -101.31 27.47 -28.41
N LEU U 63 -100.59 28.42 -29.00
CA LEU U 63 -100.17 28.34 -30.38
C LEU U 63 -98.64 28.28 -30.41
N VAL U 64 -98.10 27.39 -31.22
CA VAL U 64 -96.65 27.19 -31.30
C VAL U 64 -96.22 27.28 -32.76
N VAL U 65 -95.21 28.10 -33.01
CA VAL U 65 -94.61 28.28 -34.34
C VAL U 65 -93.15 27.84 -34.27
N PRO U 66 -92.79 26.72 -34.85
CA PRO U 66 -91.39 26.30 -34.87
C PRO U 66 -90.65 26.97 -36.04
N VAL U 67 -89.32 26.94 -35.93
CA VAL U 67 -88.43 27.33 -37.02
C VAL U 67 -87.42 26.21 -37.20
N VAL U 68 -87.55 25.47 -38.29
CA VAL U 68 -86.64 24.37 -38.59
C VAL U 68 -85.60 24.85 -39.58
N GLU U 69 -84.36 24.43 -39.36
CA GLU U 69 -83.26 24.69 -40.26
C GLU U 69 -82.42 23.41 -40.37
N VAL U 70 -81.64 23.33 -41.45
CA VAL U 70 -80.87 22.14 -41.76
C VAL U 70 -79.50 22.24 -41.08
N VAL U 71 -79.30 21.44 -40.03
CA VAL U 71 -78.06 21.43 -39.26
C VAL U 71 -77.37 20.09 -39.48
N GLY U 72 -76.23 20.12 -40.16
CA GLY U 72 -75.54 18.88 -40.48
C GLY U 72 -76.34 17.95 -41.37
N ASN U 73 -77.04 18.51 -42.36
CA ASN U 73 -77.93 17.77 -43.25
C ASN U 73 -79.02 17.02 -42.47
N VAL U 74 -79.38 17.54 -41.30
CA VAL U 74 -80.44 16.97 -40.47
C VAL U 74 -81.35 18.11 -40.04
N ARG U 75 -82.61 18.08 -40.50
CA ARG U 75 -83.57 19.13 -40.16
C ARG U 75 -83.85 19.13 -38.67
N THR U 76 -83.53 20.24 -38.00
CA THR U 76 -83.77 20.39 -36.57
C THR U 76 -84.38 21.75 -36.30
N THR U 77 -85.11 21.83 -35.18
CA THR U 77 -85.83 23.04 -34.80
C THR U 77 -84.91 23.89 -33.92
N VAL U 78 -84.43 25.02 -34.47
CA VAL U 78 -83.53 25.89 -33.72
C VAL U 78 -84.29 26.59 -32.60
N ARG U 79 -85.44 27.17 -32.92
CA ARG U 79 -86.19 27.99 -31.97
C ARG U 79 -87.67 27.91 -32.27
N THR U 80 -88.47 27.95 -31.20
CA THR U 80 -89.91 28.00 -31.30
C THR U 80 -90.43 29.27 -30.64
N LEU U 81 -91.48 29.83 -31.22
CA LEU U 81 -92.16 30.99 -30.67
C LEU U 81 -93.55 30.58 -30.21
N THR U 82 -93.89 30.93 -28.97
CA THR U 82 -95.10 30.43 -28.34
C THR U 82 -96.03 31.59 -27.97
N GLU U 83 -97.33 31.32 -27.97
CA GLU U 83 -98.30 32.30 -27.53
C GLU U 83 -99.45 31.61 -26.79
N THR U 84 -99.73 32.04 -25.57
CA THR U 84 -100.76 31.44 -24.72
C THR U 84 -101.81 32.47 -24.37
N THR U 85 -103.07 32.16 -24.66
CA THR U 85 -104.21 32.99 -24.28
C THR U 85 -105.05 32.22 -23.27
N GLU U 86 -105.24 32.81 -22.09
CA GLU U 86 -106.11 32.21 -21.06
C GLU U 86 -107.22 33.18 -20.72
N VAL U 87 -108.45 32.78 -21.01
CA VAL U 87 -109.64 33.54 -20.62
C VAL U 87 -110.28 32.82 -19.45
N LEU U 88 -110.72 33.59 -18.46
CA LEU U 88 -111.11 33.02 -17.18
C LEU U 88 -112.37 33.72 -16.72
N PHE U 89 -113.44 32.94 -16.50
CA PHE U 89 -114.72 33.52 -16.09
C PHE U 89 -115.46 32.59 -15.15
N THR U 90 -116.42 33.15 -14.41
CA THR U 90 -117.09 32.44 -13.32
C THR U 90 -118.40 31.81 -13.80
N GLN U 91 -118.85 30.80 -13.04
CA GLN U 91 -120.01 30.02 -13.42
C GLN U 91 -121.29 30.86 -13.47
N ASP U 92 -121.38 31.88 -12.63
CA ASP U 92 -122.54 32.75 -12.62
C ASP U 92 -122.43 33.91 -13.60
N SER U 93 -121.51 33.83 -14.56
CA SER U 93 -121.30 34.94 -15.48
C SER U 93 -122.44 35.00 -16.50
N LEU U 94 -122.70 36.21 -16.99
CA LEU U 94 -123.75 36.43 -17.97
C LEU U 94 -123.17 36.37 -19.39
N GLY U 95 -124.03 35.92 -20.32
CA GLY U 95 -123.58 35.76 -21.71
C GLY U 95 -123.06 37.05 -22.31
N THR U 96 -123.76 38.17 -22.05
CA THR U 96 -123.29 39.46 -22.53
C THR U 96 -121.90 39.77 -22.00
N GLU U 97 -121.65 39.46 -20.73
CA GLU U 97 -120.36 39.74 -20.12
C GLU U 97 -119.23 38.96 -20.82
N ARG U 98 -119.40 37.65 -20.96
CA ARG U 98 -118.28 36.94 -21.58
C ARG U 98 -118.17 37.27 -23.07
N GLN U 99 -119.26 37.69 -23.72
CA GLN U 99 -119.13 38.18 -25.09
C GLN U 99 -118.32 39.46 -25.16
N ARG U 100 -118.54 40.38 -24.21
CA ARG U 100 -117.70 41.57 -24.11
C ARG U 100 -116.24 41.20 -23.96
N VAL U 101 -115.94 40.23 -23.11
CA VAL U 101 -114.54 39.83 -22.91
C VAL U 101 -113.96 39.26 -24.20
N ALA U 102 -114.74 38.45 -24.92
CA ALA U 102 -114.27 37.90 -26.18
C ALA U 102 -113.87 39.02 -27.15
N ASN U 103 -114.76 40.01 -27.31
CA ASN U 103 -114.48 41.08 -28.27
C ASN U 103 -113.33 41.97 -27.81
N LEU U 104 -113.20 42.18 -26.50
CA LEU U 104 -112.06 42.93 -25.99
C LEU U 104 -110.76 42.20 -26.28
N THR U 105 -110.75 40.88 -26.09
CA THR U 105 -109.57 40.09 -26.44
C THR U 105 -109.21 40.29 -27.90
N LYS U 106 -110.22 40.23 -28.78
CA LYS U 106 -109.98 40.44 -30.21
C LYS U 106 -109.35 41.81 -30.48
N SER U 107 -109.99 42.88 -29.97
CA SER U 107 -109.50 44.22 -30.24
C SER U 107 -108.11 44.43 -29.66
N LEU U 108 -107.87 43.88 -28.47
CA LEU U 108 -106.56 43.95 -27.84
C LEU U 108 -105.49 43.33 -28.72
N ALA U 109 -105.70 42.08 -29.13
CA ALA U 109 -104.71 41.38 -29.93
C ALA U 109 -104.55 41.99 -31.33
N GLY U 110 -105.52 42.78 -31.77
CA GLY U 110 -105.36 43.47 -33.03
C GLY U 110 -104.81 44.88 -32.92
N HIS U 111 -104.67 45.39 -31.68
CA HIS U 111 -104.28 46.78 -31.50
C HIS U 111 -102.81 47.00 -31.86
N ALA U 112 -102.57 48.06 -32.62
CA ALA U 112 -101.27 48.28 -33.24
C ALA U 112 -100.15 48.40 -32.21
N THR U 113 -100.42 49.05 -31.07
CA THR U 113 -99.37 49.21 -30.07
C THR U 113 -98.97 47.87 -29.47
N LEU U 114 -99.96 47.03 -29.16
CA LEU U 114 -99.68 45.71 -28.61
C LEU U 114 -98.92 44.86 -29.61
N MET U 115 -99.34 44.88 -30.88
CA MET U 115 -98.62 44.14 -31.90
C MET U 115 -97.18 44.63 -32.01
N SER U 116 -96.99 45.95 -31.91
CA SER U 116 -95.65 46.52 -32.01
C SER U 116 -94.78 46.13 -30.82
N VAL U 117 -95.38 45.89 -29.65
CA VAL U 117 -94.61 45.40 -28.50
C VAL U 117 -93.88 44.11 -28.84
N VAL U 118 -94.50 43.23 -29.62
CA VAL U 118 -93.86 41.97 -29.95
C VAL U 118 -93.02 42.09 -31.22
N GLN U 119 -93.54 42.81 -32.22
CA GLN U 119 -92.79 42.96 -33.47
C GLN U 119 -91.45 43.64 -33.24
N ASP U 120 -91.41 44.64 -32.36
CA ASP U 120 -90.22 45.44 -32.12
C ASP U 120 -89.47 45.07 -30.84
N ALA U 121 -89.99 44.13 -30.06
CA ALA U 121 -89.33 43.67 -28.82
C ALA U 121 -89.01 44.85 -27.89
N SER U 122 -90.01 45.69 -27.67
CA SER U 122 -89.85 46.92 -26.89
C SER U 122 -91.01 47.06 -25.92
N PRO U 123 -90.77 46.96 -24.61
CA PRO U 123 -91.89 47.11 -23.67
C PRO U 123 -92.52 48.49 -23.85
N ILE U 124 -93.68 48.69 -23.23
CA ILE U 124 -94.21 50.04 -23.14
C ILE U 124 -93.48 50.77 -22.01
N TYR U 125 -93.15 52.04 -22.24
CA TYR U 125 -92.19 52.73 -21.38
C TYR U 125 -92.53 54.20 -21.21
N GLY U 126 -91.98 54.76 -20.13
CA GLY U 126 -92.18 56.14 -19.72
C GLY U 126 -91.58 56.32 -18.33
N PRO V 1 -99.91 -20.13 -53.13
CA PRO V 1 -99.48 -19.93 -54.53
C PRO V 1 -97.98 -20.10 -54.68
N LYS V 2 -97.50 -20.26 -55.92
CA LYS V 2 -96.08 -20.49 -56.14
C LYS V 2 -95.25 -19.28 -55.74
N ILE V 3 -93.98 -19.51 -55.44
CA ILE V 3 -93.08 -18.46 -55.00
C ILE V 3 -92.40 -17.84 -56.22
N ALA V 4 -92.44 -16.52 -56.31
CA ALA V 4 -92.01 -15.80 -57.50
C ALA V 4 -91.86 -14.33 -57.16
N ASN V 5 -91.37 -13.56 -58.13
CA ASN V 5 -91.24 -12.13 -57.93
C ASN V 5 -92.59 -11.49 -57.66
N ILE V 6 -92.63 -10.60 -56.68
CA ILE V 6 -93.80 -9.79 -56.39
C ILE V 6 -93.51 -8.39 -56.88
N VAL V 7 -94.22 -7.93 -57.89
CA VAL V 7 -94.00 -6.60 -58.45
C VAL V 7 -95.12 -5.69 -57.98
N ILE V 8 -94.77 -4.69 -57.16
CA ILE V 8 -95.71 -3.71 -56.64
C ILE V 8 -95.30 -2.35 -57.17
N ASN V 9 -96.17 -1.35 -56.96
CA ASN V 9 -95.96 -0.01 -57.48
C ASN V 9 -96.07 1.01 -56.35
N ASP V 10 -95.21 2.04 -56.39
CA ASP V 10 -95.23 3.10 -55.37
C ASP V 10 -95.85 4.40 -55.87
N GLY V 11 -96.71 4.30 -56.90
CA GLY V 11 -97.36 5.45 -57.50
C GLY V 11 -96.56 6.10 -58.61
N THR V 12 -95.25 5.87 -58.65
CA THR V 12 -94.35 6.43 -59.64
C THR V 12 -93.63 5.34 -60.43
N LYS V 13 -93.06 4.36 -59.73
CA LYS V 13 -92.18 3.34 -60.26
C LYS V 13 -92.62 1.99 -59.72
N ASP V 14 -92.37 0.92 -60.48
CA ASP V 14 -92.66 -0.43 -60.02
C ASP V 14 -91.43 -1.04 -59.38
N ILE V 15 -91.55 -1.42 -58.12
CA ILE V 15 -90.49 -2.08 -57.38
C ILE V 15 -90.72 -3.59 -57.46
N THR V 16 -89.67 -4.30 -57.85
CA THR V 16 -89.68 -5.76 -57.97
C THR V 16 -89.04 -6.37 -56.74
N LEU V 17 -89.82 -7.11 -55.95
CA LEU V 17 -89.34 -7.80 -54.76
C LEU V 17 -89.08 -9.26 -55.14
N GLN V 18 -87.83 -9.68 -55.06
CA GLN V 18 -87.41 -11.02 -55.42
C GLN V 18 -87.50 -11.95 -54.21
N PRO V 19 -87.91 -13.20 -54.46
CA PRO V 19 -87.96 -14.20 -53.39
C PRO V 19 -86.56 -14.52 -52.91
N VAL V 20 -86.38 -14.41 -51.60
CA VAL V 20 -85.06 -14.47 -50.99
C VAL V 20 -84.95 -15.57 -49.96
N ASN V 21 -85.98 -15.78 -49.15
CA ASN V 21 -85.85 -16.81 -48.13
C ASN V 21 -87.23 -17.38 -47.82
N ILE V 22 -87.28 -18.65 -47.44
CA ILE V 22 -88.48 -19.19 -46.80
C ILE V 22 -88.07 -19.60 -45.39
N ASP V 23 -88.63 -18.89 -44.43
CA ASP V 23 -88.28 -19.04 -43.03
C ASP V 23 -88.56 -20.45 -42.54
N ARG V 24 -88.00 -20.77 -41.38
CA ARG V 24 -88.40 -21.99 -40.68
C ARG V 24 -89.77 -21.87 -40.07
N GLU V 25 -90.26 -20.65 -39.86
CA GLU V 25 -91.63 -20.43 -39.43
C GLU V 25 -92.61 -20.39 -40.60
N GLY V 26 -92.14 -20.59 -41.83
CA GLY V 26 -92.99 -20.54 -43.00
C GLY V 26 -93.05 -19.17 -43.67
N VAL V 27 -92.22 -18.22 -43.22
CA VAL V 27 -92.26 -16.85 -43.71
C VAL V 27 -91.52 -16.75 -45.04
N ALA V 28 -92.20 -16.21 -46.05
CA ALA V 28 -91.56 -15.92 -47.34
C ALA V 28 -90.99 -14.52 -47.26
N HIS V 29 -89.67 -14.42 -47.21
CA HIS V 29 -88.93 -13.16 -47.26
C HIS V 29 -88.61 -12.81 -48.72
N PHE V 30 -88.90 -11.56 -49.08
CA PHE V 30 -88.57 -10.99 -50.37
C PHE V 30 -87.73 -9.74 -50.12
N ARG V 31 -86.88 -9.41 -51.09
CA ARG V 31 -85.96 -8.29 -51.00
C ARG V 31 -86.02 -7.50 -52.30
N GLU V 32 -85.83 -6.19 -52.20
CA GLU V 32 -85.92 -5.35 -53.39
C GLU V 32 -84.78 -5.69 -54.35
N LYS V 33 -85.13 -5.74 -55.63
CA LYS V 33 -84.17 -6.11 -56.68
C LYS V 33 -83.32 -4.91 -57.06
N ASP V 34 -82.03 -5.17 -57.32
CA ASP V 34 -81.11 -4.15 -57.85
C ASP V 34 -80.88 -3.02 -56.85
N VAL V 35 -80.81 -3.37 -55.56
CA VAL V 35 -80.62 -2.38 -54.50
C VAL V 35 -79.79 -3.03 -53.40
N SER V 36 -78.90 -2.23 -52.79
CA SER V 36 -78.07 -2.73 -51.71
C SER V 36 -78.93 -3.37 -50.63
N ILE V 37 -78.38 -4.41 -50.00
CA ILE V 37 -79.11 -5.14 -48.95
C ILE V 37 -79.63 -4.18 -47.89
N LEU V 38 -78.81 -3.19 -47.50
CA LEU V 38 -79.22 -2.30 -46.43
C LEU V 38 -80.42 -1.44 -46.83
N GLU V 39 -80.42 -0.92 -48.04
CA GLU V 39 -81.44 0.01 -48.48
C GLU V 39 -82.59 -0.64 -49.23
N ALA V 40 -82.59 -1.96 -49.36
CA ALA V 40 -83.65 -2.60 -50.11
C ALA V 40 -84.92 -2.68 -49.29
N ILE V 41 -86.05 -2.51 -49.99
CA ILE V 41 -87.37 -2.71 -49.42
C ILE V 41 -87.59 -4.20 -49.27
N ARG V 42 -88.07 -4.63 -48.10
CA ARG V 42 -88.27 -6.06 -47.90
C ARG V 42 -89.69 -6.39 -47.45
N LEU V 43 -90.15 -7.57 -47.85
CA LEU V 43 -91.53 -8.00 -47.63
C LEU V 43 -91.57 -9.42 -47.08
N THR V 44 -92.31 -9.64 -45.99
CA THR V 44 -92.45 -10.97 -45.41
C THR V 44 -93.93 -11.38 -45.39
N VAL V 45 -94.19 -12.61 -45.81
CA VAL V 45 -95.55 -13.11 -45.98
C VAL V 45 -95.66 -14.53 -45.43
N GLN V 46 -96.48 -14.73 -44.40
CA GLN V 46 -96.63 -16.05 -43.79
C GLN V 46 -98.09 -16.36 -43.50
N LEU V 47 -98.43 -17.66 -43.53
CA LEU V 47 -99.79 -18.13 -43.24
C LEU V 47 -99.71 -19.16 -42.11
N ARG V 48 -99.86 -18.66 -40.88
CA ARG V 48 -99.86 -19.46 -39.68
C ARG V 48 -101.16 -20.27 -39.64
N GLN V 49 -101.04 -21.58 -39.81
CA GLN V 49 -102.17 -22.49 -39.73
C GLN V 49 -102.57 -22.70 -38.28
N PRO V 50 -103.80 -23.13 -38.03
CA PRO V 50 -104.28 -23.22 -36.66
C PRO V 50 -103.65 -24.36 -35.88
N SER V 51 -103.71 -24.23 -34.55
CA SER V 51 -103.24 -25.25 -33.63
C SER V 51 -104.14 -26.49 -33.68
N VAL V 52 -103.69 -27.56 -33.02
CA VAL V 52 -104.54 -28.75 -32.93
C VAL V 52 -105.83 -28.44 -32.19
N ASN V 53 -105.74 -27.58 -31.15
CA ASN V 53 -106.94 -27.22 -30.39
C ASN V 53 -107.77 -26.17 -31.11
N GLY V 54 -107.12 -25.19 -31.76
CA GLY V 54 -107.82 -24.09 -32.38
C GLY V 54 -108.22 -24.34 -33.82
N ASN V 55 -108.86 -23.33 -34.41
CA ASN V 55 -109.24 -23.37 -35.82
C ASN V 55 -109.06 -22.01 -36.49
N VAL V 56 -108.03 -21.26 -36.11
CA VAL V 56 -107.87 -19.88 -36.57
C VAL V 56 -106.57 -19.73 -37.36
N TYR V 57 -106.71 -19.35 -38.63
CA TYR V 57 -105.60 -19.01 -39.50
C TYR V 57 -105.27 -17.53 -39.35
N ARG V 58 -103.97 -17.23 -39.32
CA ARG V 58 -103.44 -15.87 -39.36
C ARG V 58 -102.56 -15.71 -40.60
N CYS V 59 -102.89 -14.75 -41.44
CA CYS V 59 -102.09 -14.42 -42.62
C CYS V 59 -101.46 -13.05 -42.38
N LYS V 60 -100.15 -13.04 -42.18
CA LYS V 60 -99.40 -11.82 -41.85
C LYS V 60 -98.48 -11.41 -42.98
N ALA V 61 -98.49 -10.12 -43.31
CA ALA V 61 -97.65 -9.56 -44.37
C ALA V 61 -97.08 -8.24 -43.88
N LYS V 62 -95.75 -8.18 -43.74
CA LYS V 62 -95.03 -7.00 -43.28
C LYS V 62 -94.18 -6.45 -44.42
N LEU V 63 -94.44 -5.21 -44.82
CA LEU V 63 -93.62 -4.47 -45.75
C LEU V 63 -92.76 -3.48 -44.95
N VAL V 64 -91.49 -3.42 -45.26
CA VAL V 64 -90.57 -2.47 -44.63
C VAL V 64 -89.88 -1.67 -45.71
N VAL V 65 -90.02 -0.35 -45.63
CA VAL V 65 -89.37 0.61 -46.53
C VAL V 65 -88.35 1.37 -45.72
N PRO V 66 -87.06 1.23 -45.99
CA PRO V 66 -86.06 2.06 -45.33
C PRO V 66 -85.78 3.35 -46.10
N VAL V 67 -85.31 4.34 -45.36
CA VAL V 67 -84.88 5.63 -45.90
C VAL V 67 -83.39 5.73 -45.62
N VAL V 68 -82.58 5.54 -46.65
CA VAL V 68 -81.12 5.53 -46.50
C VAL V 68 -80.58 6.81 -47.09
N GLU V 69 -79.84 7.55 -46.27
CA GLU V 69 -79.12 8.73 -46.70
C GLU V 69 -77.65 8.61 -46.28
N VAL V 70 -76.78 9.27 -47.03
CA VAL V 70 -75.35 9.18 -46.79
C VAL V 70 -74.96 10.11 -45.66
N VAL V 71 -74.34 9.56 -44.61
CA VAL V 71 -73.81 10.32 -43.48
C VAL V 71 -72.29 10.27 -43.60
N GLY V 72 -71.68 11.41 -43.93
CA GLY V 72 -70.27 11.41 -44.28
C GLY V 72 -70.06 10.60 -45.55
N ASN V 73 -69.26 9.54 -45.46
CA ASN V 73 -69.08 8.60 -46.56
C ASN V 73 -69.79 7.28 -46.30
N VAL V 74 -70.56 7.18 -45.23
CA VAL V 74 -71.19 5.92 -44.81
C VAL V 74 -72.68 6.01 -45.09
N ARG V 75 -73.20 5.10 -45.94
CA ARG V 75 -74.63 5.06 -46.17
C ARG V 75 -75.32 4.51 -44.93
N THR V 76 -76.32 5.23 -44.42
CA THR V 76 -77.01 4.78 -43.22
C THR V 76 -78.51 5.00 -43.38
N THR V 77 -79.28 4.09 -42.79
CA THR V 77 -80.73 4.18 -42.77
C THR V 77 -81.15 5.19 -41.70
N VAL V 78 -81.68 6.33 -42.13
CA VAL V 78 -82.11 7.37 -41.19
C VAL V 78 -83.34 6.91 -40.41
N ARG V 79 -84.32 6.36 -41.12
CA ARG V 79 -85.59 5.95 -40.53
C ARG V 79 -86.21 4.89 -41.42
N THR V 80 -87.26 4.27 -40.92
CA THR V 80 -87.98 3.25 -41.68
C THR V 80 -89.48 3.47 -41.53
N LEU V 81 -90.22 3.10 -42.56
CA LEU V 81 -91.67 3.05 -42.53
C LEU V 81 -92.11 1.60 -42.66
N THR V 82 -93.13 1.21 -41.89
CA THR V 82 -93.53 -0.20 -41.84
C THR V 82 -95.03 -0.32 -42.03
N GLU V 83 -95.45 -1.36 -42.75
CA GLU V 83 -96.87 -1.66 -42.91
C GLU V 83 -97.09 -3.13 -42.65
N THR V 84 -98.13 -3.46 -41.86
CA THR V 84 -98.41 -4.83 -41.46
C THR V 84 -99.89 -5.12 -41.66
N THR V 85 -100.20 -6.04 -42.57
CA THR V 85 -101.55 -6.53 -42.81
C THR V 85 -101.69 -7.90 -42.15
N GLU V 86 -102.79 -8.11 -41.42
CA GLU V 86 -103.03 -9.37 -40.74
C GLU V 86 -104.49 -9.78 -40.92
N VAL V 87 -104.71 -10.89 -41.62
CA VAL V 87 -106.06 -11.39 -41.92
C VAL V 87 -106.29 -12.66 -41.11
N LEU V 88 -107.39 -12.70 -40.37
CA LEU V 88 -107.76 -13.84 -39.55
C LEU V 88 -109.03 -14.48 -40.07
N PHE V 89 -109.00 -15.80 -40.27
CA PHE V 89 -110.20 -16.51 -40.65
C PHE V 89 -110.19 -17.92 -40.09
N THR V 90 -111.38 -18.48 -39.92
CA THR V 90 -111.59 -19.77 -39.30
C THR V 90 -111.62 -20.89 -40.34
N GLN V 91 -111.43 -22.13 -39.87
CA GLN V 91 -111.35 -23.26 -40.77
C GLN V 91 -112.70 -23.59 -41.41
N ASP V 92 -113.79 -23.23 -40.76
CA ASP V 92 -115.09 -23.47 -41.36
C ASP V 92 -115.48 -22.38 -42.35
N SER V 93 -114.59 -21.41 -42.59
CA SER V 93 -114.90 -20.31 -43.48
C SER V 93 -114.99 -20.78 -44.92
N LEU V 94 -115.88 -20.14 -45.68
CA LEU V 94 -116.08 -20.46 -47.10
C LEU V 94 -115.09 -19.71 -47.96
N GLY V 95 -114.73 -20.31 -49.09
CA GLY V 95 -113.87 -19.63 -50.03
C GLY V 95 -114.47 -18.32 -50.50
N THR V 96 -115.76 -18.31 -50.76
CA THR V 96 -116.42 -17.08 -51.21
C THR V 96 -116.32 -16.00 -50.14
N GLU V 97 -116.43 -16.38 -48.86
CA GLU V 97 -116.30 -15.41 -47.77
C GLU V 97 -114.88 -14.86 -47.72
N ARG V 98 -113.88 -15.75 -47.75
CA ARG V 98 -112.49 -15.30 -47.73
C ARG V 98 -112.21 -14.35 -48.91
N GLN V 99 -112.78 -14.66 -50.08
CA GLN V 99 -112.56 -13.83 -51.27
C GLN V 99 -113.21 -12.47 -51.10
N ARG V 100 -114.43 -12.45 -50.59
CA ARG V 100 -115.09 -11.19 -50.26
C ARG V 100 -114.21 -10.35 -49.35
N VAL V 101 -113.60 -10.96 -48.33
CA VAL V 101 -112.76 -10.20 -47.41
C VAL V 101 -111.51 -9.68 -48.10
N ALA V 102 -110.90 -10.49 -48.96
CA ALA V 102 -109.71 -10.05 -49.69
C ALA V 102 -110.02 -8.84 -50.56
N ASN V 103 -111.14 -8.89 -51.28
CA ASN V 103 -111.53 -7.76 -52.12
C ASN V 103 -111.82 -6.52 -51.28
N LEU V 104 -112.48 -6.69 -50.13
CA LEU V 104 -112.70 -5.55 -49.25
C LEU V 104 -111.38 -4.96 -48.78
N THR V 105 -110.40 -5.81 -48.46
CA THR V 105 -109.09 -5.32 -48.05
C THR V 105 -108.45 -4.49 -49.17
N LYS V 106 -108.54 -4.98 -50.40
CA LYS V 106 -108.02 -4.23 -51.55
C LYS V 106 -108.70 -2.88 -51.67
N SER V 107 -110.04 -2.88 -51.70
CA SER V 107 -110.79 -1.63 -51.85
C SER V 107 -110.46 -0.67 -50.73
N LEU V 108 -110.27 -1.20 -49.52
CA LEU V 108 -109.98 -0.37 -48.36
C LEU V 108 -108.61 0.29 -48.51
N ALA V 109 -107.59 -0.50 -48.81
CA ALA V 109 -106.24 0.07 -48.96
C ALA V 109 -106.14 1.00 -50.16
N GLY V 110 -107.04 0.91 -51.11
CA GLY V 110 -107.04 1.90 -52.18
C GLY V 110 -107.89 3.12 -51.94
N HIS V 111 -108.61 3.18 -50.81
CA HIS V 111 -109.60 4.23 -50.62
C HIS V 111 -108.95 5.57 -50.26
N ALA V 112 -109.49 6.62 -50.87
CA ALA V 112 -108.87 7.95 -50.81
C ALA V 112 -108.68 8.43 -49.37
N THR V 113 -109.68 8.23 -48.51
CA THR V 113 -109.60 8.83 -47.17
C THR V 113 -108.56 8.11 -46.32
N LEU V 114 -108.40 6.79 -46.47
CA LEU V 114 -107.38 6.10 -45.70
C LEU V 114 -105.99 6.43 -46.22
N MET V 115 -105.83 6.45 -47.54
CA MET V 115 -104.56 6.90 -48.10
C MET V 115 -104.22 8.29 -47.61
N SER V 116 -105.22 9.17 -47.49
CA SER V 116 -105.00 10.51 -46.99
C SER V 116 -104.60 10.49 -45.51
N VAL V 117 -105.19 9.60 -44.72
CA VAL V 117 -104.78 9.48 -43.32
C VAL V 117 -103.28 9.24 -43.24
N VAL V 118 -102.77 8.34 -44.08
CA VAL V 118 -101.34 8.04 -43.96
C VAL V 118 -100.48 9.12 -44.59
N GLN V 119 -100.89 9.65 -45.76
CA GLN V 119 -100.10 10.65 -46.46
C GLN V 119 -100.01 11.94 -45.65
N ASP V 120 -101.17 12.52 -45.33
CA ASP V 120 -101.25 13.79 -44.60
C ASP V 120 -100.99 13.63 -43.11
N ALA V 121 -100.91 12.40 -42.61
CA ALA V 121 -100.69 12.11 -41.19
C ALA V 121 -101.74 12.78 -40.29
N SER V 122 -102.95 12.97 -40.80
CA SER V 122 -104.05 13.49 -40.01
C SER V 122 -105.15 12.44 -39.91
N PRO V 123 -105.65 12.14 -38.73
CA PRO V 123 -106.68 11.11 -38.58
C PRO V 123 -108.04 11.67 -38.97
N ILE V 124 -109.04 10.80 -38.87
CA ILE V 124 -110.42 11.15 -39.20
C ILE V 124 -111.02 11.82 -37.97
N TYR V 125 -111.43 13.08 -38.13
CA TYR V 125 -112.07 13.86 -37.07
C TYR V 125 -112.94 14.92 -37.70
N GLY V 126 -114.12 15.16 -37.11
CA GLY V 126 -115.02 16.20 -37.57
C GLY V 126 -115.47 16.13 -39.01
N PRO W 1 -108.75 13.17 -42.03
CA PRO W 1 -109.71 14.06 -42.71
C PRO W 1 -111.06 14.12 -42.03
N LYS W 2 -112.06 14.58 -42.78
CA LYS W 2 -113.39 14.78 -42.23
C LYS W 2 -114.18 13.48 -42.30
N ILE W 3 -114.88 13.17 -41.21
CA ILE W 3 -115.61 11.91 -41.11
C ILE W 3 -116.74 11.89 -42.13
N ALA W 4 -116.86 10.78 -42.85
CA ALA W 4 -117.85 10.66 -43.90
C ALA W 4 -118.02 9.19 -44.26
N ASN W 5 -118.99 8.94 -45.14
CA ASN W 5 -119.25 7.57 -45.60
C ASN W 5 -118.03 7.00 -46.30
N ILE W 6 -117.79 5.71 -46.09
CA ILE W 6 -116.71 5.00 -46.77
C ILE W 6 -117.33 3.88 -47.58
N VAL W 7 -117.21 3.97 -48.90
CA VAL W 7 -117.78 2.96 -49.78
C VAL W 7 -116.63 2.11 -50.30
N ILE W 8 -116.73 0.80 -50.10
CA ILE W 8 -115.72 -0.13 -50.57
C ILE W 8 -116.40 -1.30 -51.28
N ASN W 9 -115.68 -1.92 -52.21
CA ASN W 9 -116.21 -2.99 -53.02
C ASN W 9 -115.72 -4.33 -52.51
N ASP W 10 -116.60 -5.33 -52.55
CA ASP W 10 -116.28 -6.69 -52.12
C ASP W 10 -116.10 -7.65 -53.30
N GLY W 11 -115.92 -7.12 -54.51
CA GLY W 11 -115.79 -7.94 -55.68
C GLY W 11 -117.09 -8.21 -56.41
N THR W 12 -118.23 -7.98 -55.75
CA THR W 12 -119.52 -8.23 -56.38
C THR W 12 -120.40 -6.99 -56.32
N LYS W 13 -120.27 -6.20 -55.25
CA LYS W 13 -121.14 -5.04 -55.06
C LYS W 13 -120.43 -4.02 -54.16
N ASP W 14 -120.98 -2.80 -54.18
CA ASP W 14 -120.47 -1.73 -53.34
C ASP W 14 -121.17 -1.72 -51.99
N ILE W 15 -120.38 -1.59 -50.94
CA ILE W 15 -120.85 -1.65 -49.57
C ILE W 15 -120.55 -0.32 -48.90
N THR W 16 -121.59 0.31 -48.35
CA THR W 16 -121.49 1.62 -47.74
C THR W 16 -121.36 1.47 -46.24
N LEU W 17 -120.29 2.04 -45.66
CA LEU W 17 -120.07 2.05 -44.23
C LEU W 17 -120.29 3.47 -43.74
N GLN W 18 -121.35 3.66 -42.96
CA GLN W 18 -121.74 4.93 -42.37
C GLN W 18 -121.00 5.16 -41.06
N PRO W 19 -120.56 6.39 -40.83
CA PRO W 19 -119.88 6.70 -39.58
C PRO W 19 -120.84 6.62 -38.40
N VAL W 20 -120.31 6.20 -37.27
CA VAL W 20 -121.07 6.05 -36.04
C VAL W 20 -120.65 7.10 -35.01
N ASN W 21 -119.36 7.12 -34.65
CA ASN W 21 -118.82 8.06 -33.68
C ASN W 21 -117.31 7.97 -33.72
N ILE W 22 -116.66 8.70 -32.81
CA ILE W 22 -115.22 8.64 -32.57
C ILE W 22 -114.99 8.65 -31.07
N ASP W 23 -114.40 7.57 -30.55
CA ASP W 23 -114.35 7.33 -29.12
C ASP W 23 -113.22 8.14 -28.49
N ARG W 24 -113.02 7.97 -27.18
CA ARG W 24 -112.02 8.76 -26.48
C ARG W 24 -110.62 8.51 -27.01
N GLU W 25 -110.34 7.27 -27.44
CA GLU W 25 -109.00 6.93 -27.93
C GLU W 25 -108.70 7.59 -29.27
N GLY W 26 -109.74 7.98 -30.02
CA GLY W 26 -109.56 8.53 -31.35
C GLY W 26 -109.99 7.62 -32.46
N VAL W 27 -110.49 6.43 -32.13
CA VAL W 27 -110.93 5.47 -33.14
C VAL W 27 -112.25 5.93 -33.73
N ALA W 28 -112.30 6.04 -35.05
CA ALA W 28 -113.52 6.35 -35.78
C ALA W 28 -114.20 5.03 -36.16
N HIS W 29 -115.46 4.87 -35.75
CA HIS W 29 -116.20 3.64 -35.97
C HIS W 29 -117.20 3.79 -37.12
N PHE W 30 -117.27 2.78 -37.98
CA PHE W 30 -118.18 2.74 -39.11
C PHE W 30 -118.93 1.41 -39.11
N ARG W 31 -120.18 1.47 -39.57
CA ARG W 31 -121.10 0.34 -39.55
C ARG W 31 -121.81 0.25 -40.90
N GLU W 32 -122.00 -0.98 -41.39
CA GLU W 32 -122.61 -1.18 -42.69
C GLU W 32 -124.03 -0.63 -42.71
N LYS W 33 -124.39 0.03 -43.81
CA LYS W 33 -125.69 0.67 -43.95
C LYS W 33 -126.75 -0.36 -44.30
N ASP W 34 -127.94 -0.20 -43.71
CA ASP W 34 -129.14 -0.95 -44.10
C ASP W 34 -129.03 -2.44 -43.79
N VAL W 35 -128.24 -2.80 -42.79
CA VAL W 35 -128.07 -4.19 -42.37
C VAL W 35 -128.19 -4.24 -40.86
N SER W 36 -128.65 -5.39 -40.36
CA SER W 36 -128.80 -5.57 -38.92
C SER W 36 -127.48 -5.32 -38.19
N ILE W 37 -127.61 -4.83 -36.95
CA ILE W 37 -126.46 -4.63 -36.08
C ILE W 37 -125.58 -5.88 -36.04
N LEU W 38 -126.21 -7.04 -35.89
CA LEU W 38 -125.45 -8.26 -35.64
C LEU W 38 -124.62 -8.66 -36.87
N GLU W 39 -125.18 -8.49 -38.06
CA GLU W 39 -124.55 -8.99 -39.28
C GLU W 39 -123.86 -7.90 -40.09
N ALA W 40 -123.80 -6.68 -39.57
CA ALA W 40 -123.24 -5.57 -40.33
C ALA W 40 -121.73 -5.59 -40.29
N ILE W 41 -121.12 -5.28 -41.44
CA ILE W 41 -119.67 -5.14 -41.53
C ILE W 41 -119.24 -3.90 -40.77
N ARG W 42 -118.12 -3.99 -40.05
CA ARG W 42 -117.66 -2.86 -39.24
C ARG W 42 -116.22 -2.49 -39.57
N LEU W 43 -115.94 -1.19 -39.48
CA LEU W 43 -114.61 -0.67 -39.78
C LEU W 43 -114.19 0.32 -38.72
N THR W 44 -112.96 0.19 -38.22
CA THR W 44 -112.42 1.16 -37.26
C THR W 44 -111.10 1.72 -37.78
N VAL W 45 -110.94 3.04 -37.63
CA VAL W 45 -109.76 3.74 -38.17
C VAL W 45 -109.24 4.73 -37.11
N GLN W 46 -107.95 4.60 -36.76
CA GLN W 46 -107.34 5.55 -35.82
C GLN W 46 -105.92 5.85 -36.25
N LEU W 47 -105.43 7.03 -35.82
CA LEU W 47 -104.05 7.46 -36.06
C LEU W 47 -103.47 7.90 -34.71
N ARG W 48 -102.87 6.94 -34.00
CA ARG W 48 -102.31 7.17 -32.68
C ARG W 48 -101.06 8.02 -32.77
N GLN W 49 -101.09 9.16 -32.10
CA GLN W 49 -99.95 10.06 -32.01
C GLN W 49 -98.82 9.41 -31.22
N PRO W 50 -97.60 9.89 -31.41
CA PRO W 50 -96.51 9.44 -30.56
C PRO W 50 -96.61 10.03 -29.17
N SER W 51 -96.05 9.30 -28.20
CA SER W 51 -95.99 9.78 -26.83
C SER W 51 -95.05 10.98 -26.74
N VAL W 52 -94.95 11.54 -25.52
CA VAL W 52 -93.95 12.58 -25.32
C VAL W 52 -92.55 12.01 -25.45
N ASN W 53 -92.36 10.74 -25.06
CA ASN W 53 -91.06 10.10 -25.17
C ASN W 53 -90.78 9.64 -26.60
N GLY W 54 -91.71 8.90 -27.20
CA GLY W 54 -91.48 8.31 -28.51
C GLY W 54 -91.69 9.30 -29.65
N ASN W 55 -91.52 8.79 -30.86
CA ASN W 55 -91.77 9.57 -32.08
C ASN W 55 -92.42 8.71 -33.16
N VAL W 56 -93.23 7.73 -32.77
CA VAL W 56 -93.77 6.74 -33.70
C VAL W 56 -95.28 6.91 -33.80
N TYR W 57 -95.74 7.18 -35.03
CA TYR W 57 -97.15 7.25 -35.37
C TYR W 57 -97.63 5.86 -35.77
N ARG W 58 -98.81 5.49 -35.27
CA ARG W 58 -99.44 4.21 -35.57
C ARG W 58 -100.81 4.44 -36.20
N CYS W 59 -100.97 4.06 -37.47
CA CYS W 59 -102.24 4.17 -38.17
C CYS W 59 -102.85 2.78 -38.28
N LYS W 60 -103.92 2.54 -37.53
CA LYS W 60 -104.56 1.23 -37.43
C LYS W 60 -105.95 1.24 -38.06
N ALA W 61 -106.24 0.20 -38.83
CA ALA W 61 -107.51 0.09 -39.54
C ALA W 61 -107.98 -1.36 -39.50
N LYS W 62 -109.09 -1.63 -38.82
CA LYS W 62 -109.61 -2.98 -38.63
C LYS W 62 -110.96 -3.13 -39.31
N LEU W 63 -111.07 -4.15 -40.16
CA LEU W 63 -112.30 -4.51 -40.85
C LEU W 63 -112.79 -5.84 -40.28
N VAL W 64 -114.10 -5.93 -40.02
CA VAL W 64 -114.70 -7.10 -39.42
C VAL W 64 -115.93 -7.49 -40.21
N VAL W 65 -115.94 -8.72 -40.72
CA VAL W 65 -117.03 -9.27 -41.50
C VAL W 65 -117.63 -10.47 -40.77
N PRO W 66 -118.81 -10.34 -40.20
CA PRO W 66 -119.45 -11.47 -39.52
C PRO W 66 -120.26 -12.33 -40.47
N VAL W 67 -120.42 -13.59 -40.07
CA VAL W 67 -121.31 -14.55 -40.69
C VAL W 67 -122.29 -15.00 -39.62
N VAL W 68 -123.58 -14.77 -39.88
CA VAL W 68 -124.67 -14.94 -38.92
C VAL W 68 -125.63 -16.00 -39.41
N GLU W 69 -126.10 -16.83 -38.49
CA GLU W 69 -127.15 -17.82 -38.72
C GLU W 69 -128.42 -17.38 -38.01
N VAL W 70 -129.52 -17.34 -38.76
CA VAL W 70 -130.82 -16.95 -38.23
C VAL W 70 -131.79 -18.12 -38.39
N VAL W 71 -132.33 -18.58 -37.27
CA VAL W 71 -133.36 -19.60 -37.24
C VAL W 71 -134.49 -19.06 -36.38
N GLY W 72 -135.61 -18.76 -37.01
CA GLY W 72 -136.70 -18.15 -36.28
C GLY W 72 -136.26 -16.80 -35.73
N ASN W 73 -136.41 -16.63 -34.43
CA ASN W 73 -135.96 -15.42 -33.75
C ASN W 73 -134.58 -15.56 -33.15
N VAL W 74 -133.96 -16.72 -33.28
CA VAL W 74 -132.59 -16.92 -32.80
C VAL W 74 -131.63 -16.41 -33.87
N ARG W 75 -130.84 -15.41 -33.51
CA ARG W 75 -129.83 -14.84 -34.40
C ARG W 75 -128.50 -14.97 -33.70
N THR W 76 -127.55 -15.66 -34.33
CA THR W 76 -126.27 -15.95 -33.68
C THR W 76 -125.13 -15.74 -34.68
N THR W 77 -124.01 -15.20 -34.20
CA THR W 77 -122.84 -15.03 -35.05
C THR W 77 -122.08 -16.34 -35.14
N VAL W 78 -122.07 -16.96 -36.32
CA VAL W 78 -121.39 -18.25 -36.45
C VAL W 78 -119.89 -18.07 -36.55
N ARG W 79 -119.43 -17.09 -37.33
CA ARG W 79 -117.99 -16.91 -37.44
C ARG W 79 -117.70 -15.48 -37.87
N THR W 80 -116.44 -15.07 -37.76
CA THR W 80 -116.04 -13.77 -38.27
C THR W 80 -114.74 -13.90 -39.05
N LEU W 81 -114.59 -13.02 -40.04
CA LEU W 81 -113.33 -12.83 -40.74
C LEU W 81 -112.89 -11.40 -40.49
N THR W 82 -111.66 -11.22 -40.03
CA THR W 82 -111.18 -9.87 -39.74
C THR W 82 -109.87 -9.62 -40.47
N GLU W 83 -109.61 -8.34 -40.72
CA GLU W 83 -108.37 -7.91 -41.33
C GLU W 83 -107.95 -6.61 -40.68
N THR W 84 -106.70 -6.53 -40.22
CA THR W 84 -106.24 -5.31 -39.57
C THR W 84 -104.93 -4.87 -40.19
N THR W 85 -104.83 -3.57 -40.49
CA THR W 85 -103.70 -2.96 -41.18
C THR W 85 -103.10 -1.88 -40.30
N GLU W 86 -101.81 -2.01 -40.00
CA GLU W 86 -101.09 -1.02 -39.20
C GLU W 86 -99.95 -0.43 -40.02
N VAL W 87 -99.92 0.90 -40.12
CA VAL W 87 -98.84 1.62 -40.77
C VAL W 87 -98.11 2.44 -39.71
N LEU W 88 -96.80 2.24 -39.60
CA LEU W 88 -95.97 2.96 -38.64
C LEU W 88 -95.03 3.89 -39.38
N PHE W 89 -95.02 5.16 -38.97
CA PHE W 89 -94.02 6.08 -39.50
C PHE W 89 -93.54 7.05 -38.43
N THR W 90 -92.33 7.56 -38.61
CA THR W 90 -91.65 8.38 -37.64
C THR W 90 -92.06 9.85 -37.75
N GLN W 91 -91.75 10.61 -36.71
CA GLN W 91 -92.15 12.01 -36.62
C GLN W 91 -91.45 12.86 -37.68
N ASP W 92 -90.25 12.48 -38.09
CA ASP W 92 -89.48 13.23 -39.07
C ASP W 92 -89.65 12.70 -40.49
N SER W 93 -90.64 11.84 -40.72
CA SER W 93 -90.83 11.27 -42.05
C SER W 93 -91.36 12.32 -43.02
N LEU W 94 -91.06 12.13 -44.29
CA LEU W 94 -91.50 13.05 -45.33
C LEU W 94 -92.83 12.61 -45.91
N GLY W 95 -93.69 13.59 -46.22
CA GLY W 95 -94.94 13.27 -46.87
C GLY W 95 -94.75 12.46 -48.14
N THR W 96 -93.67 12.74 -48.87
CA THR W 96 -93.30 11.93 -50.03
C THR W 96 -93.11 10.47 -49.64
N GLU W 97 -92.36 10.24 -48.56
CA GLU W 97 -92.08 8.88 -48.12
C GLU W 97 -93.37 8.14 -47.75
N ARG W 98 -94.20 8.75 -46.89
CA ARG W 98 -95.39 7.99 -46.51
C ARG W 98 -96.40 7.91 -47.64
N GLN W 99 -96.32 8.78 -48.65
CA GLN W 99 -97.15 8.57 -49.83
C GLN W 99 -96.70 7.37 -50.63
N ARG W 100 -95.38 7.19 -50.78
CA ARG W 100 -94.88 5.96 -51.40
C ARG W 100 -95.37 4.73 -50.62
N VAL W 101 -95.34 4.81 -49.30
CA VAL W 101 -95.79 3.68 -48.49
C VAL W 101 -97.27 3.41 -48.73
N ALA W 102 -98.09 4.46 -48.79
CA ALA W 102 -99.51 4.26 -49.03
C ALA W 102 -99.76 3.56 -50.38
N ASN W 103 -99.03 3.99 -51.41
CA ASN W 103 -99.22 3.36 -52.73
C ASN W 103 -98.73 1.92 -52.73
N LEU W 104 -97.62 1.64 -52.03
CA LEU W 104 -97.15 0.27 -51.92
C LEU W 104 -98.17 -0.61 -51.20
N THR W 105 -98.79 -0.08 -50.14
CA THR W 105 -99.81 -0.85 -49.45
C THR W 105 -100.97 -1.16 -50.39
N LYS W 106 -101.42 -0.17 -51.16
CA LYS W 106 -102.49 -0.39 -52.13
C LYS W 106 -102.10 -1.47 -53.14
N SER W 107 -100.86 -1.42 -53.63
CA SER W 107 -100.41 -2.39 -54.63
C SER W 107 -100.36 -3.80 -54.03
N LEU W 108 -99.80 -3.94 -52.83
CA LEU W 108 -99.77 -5.24 -52.17
C LEU W 108 -101.18 -5.78 -52.00
N ALA W 109 -102.09 -4.98 -51.42
CA ALA W 109 -103.45 -5.45 -51.19
C ALA W 109 -104.14 -5.84 -52.49
N GLY W 110 -103.75 -5.24 -53.61
CA GLY W 110 -104.30 -5.69 -54.88
C GLY W 110 -103.60 -6.84 -55.54
N HIS W 111 -102.40 -7.20 -55.06
CA HIS W 111 -101.57 -8.18 -55.76
C HIS W 111 -102.18 -9.58 -55.76
N ALA W 112 -102.13 -10.23 -56.93
CA ALA W 112 -102.83 -11.49 -57.12
C ALA W 112 -102.34 -12.58 -56.16
N THR W 113 -101.03 -12.67 -55.91
CA THR W 113 -100.56 -13.75 -55.04
C THR W 113 -100.90 -13.47 -53.58
N LEU W 114 -100.78 -12.23 -53.13
CA LEU W 114 -101.18 -11.91 -51.77
C LEU W 114 -102.66 -12.19 -51.56
N MET W 115 -103.50 -11.87 -52.54
CA MET W 115 -104.91 -12.17 -52.43
C MET W 115 -105.16 -13.68 -52.44
N SER W 116 -104.41 -14.42 -53.28
CA SER W 116 -104.58 -15.86 -53.33
C SER W 116 -104.22 -16.52 -52.01
N VAL W 117 -103.28 -15.94 -51.25
CA VAL W 117 -102.96 -16.51 -49.94
C VAL W 117 -104.21 -16.59 -49.08
N VAL W 118 -105.03 -15.54 -49.09
CA VAL W 118 -106.23 -15.54 -48.25
C VAL W 118 -107.36 -16.31 -48.92
N GLN W 119 -107.55 -16.11 -50.23
CA GLN W 119 -108.66 -16.77 -50.92
C GLN W 119 -108.50 -18.28 -50.87
N ASP W 120 -107.30 -18.78 -51.11
CA ASP W 120 -107.03 -20.22 -51.19
C ASP W 120 -106.49 -20.79 -49.89
N ALA W 121 -106.24 -19.95 -48.89
CA ALA W 121 -105.77 -20.39 -47.58
C ALA W 121 -104.57 -21.33 -47.70
N SER W 122 -103.66 -20.99 -48.63
CA SER W 122 -102.41 -21.70 -48.73
C SER W 122 -101.28 -20.68 -48.69
N PRO W 123 -100.13 -21.04 -48.14
CA PRO W 123 -99.01 -20.12 -48.08
C PRO W 123 -98.29 -20.06 -49.42
N ILE W 124 -97.21 -19.31 -49.43
CA ILE W 124 -96.37 -19.15 -50.60
C ILE W 124 -95.33 -20.28 -50.58
N TYR W 125 -95.30 -21.09 -51.64
CA TYR W 125 -94.42 -22.25 -51.75
C TYR W 125 -94.54 -22.81 -53.16
N GLY W 126 -93.43 -23.34 -53.67
CA GLY W 126 -93.44 -24.03 -54.96
C GLY W 126 -92.70 -23.32 -56.07
N PRO X 1 -81.86 -19.89 -53.66
CA PRO X 1 -82.82 -20.23 -54.72
C PRO X 1 -83.74 -21.38 -54.30
N LYS X 2 -84.72 -21.73 -55.15
CA LYS X 2 -85.56 -22.88 -54.85
C LYS X 2 -84.70 -24.14 -54.77
N ILE X 3 -84.87 -24.90 -53.69
CA ILE X 3 -84.13 -26.14 -53.53
C ILE X 3 -84.44 -27.08 -54.69
N ALA X 4 -83.40 -27.71 -55.22
CA ALA X 4 -83.56 -28.57 -56.39
C ALA X 4 -82.38 -29.53 -56.46
N ASN X 5 -82.39 -30.37 -57.48
CA ASN X 5 -81.26 -31.23 -57.74
C ASN X 5 -80.03 -30.39 -58.10
N ILE X 6 -78.87 -30.88 -57.68
CA ILE X 6 -77.60 -30.26 -58.01
C ILE X 6 -76.78 -31.28 -58.77
N VAL X 7 -76.46 -30.97 -60.03
CA VAL X 7 -75.71 -31.89 -60.88
C VAL X 7 -74.29 -31.38 -61.01
N ILE X 8 -73.34 -32.15 -60.48
CA ILE X 8 -71.93 -31.79 -60.51
C ILE X 8 -71.14 -32.94 -61.13
N ASN X 9 -69.98 -32.62 -61.69
CA ASN X 9 -69.17 -33.58 -62.42
C ASN X 9 -67.94 -33.94 -61.60
N ASP X 10 -67.62 -35.24 -61.54
CA ASP X 10 -66.46 -35.73 -60.78
C ASP X 10 -65.26 -36.01 -61.68
N GLY X 11 -65.19 -35.39 -62.84
CA GLY X 11 -64.10 -35.61 -63.77
C GLY X 11 -64.36 -36.71 -64.77
N THR X 12 -65.26 -37.61 -64.48
CA THR X 12 -65.55 -38.70 -65.39
C THR X 12 -67.03 -38.82 -65.74
N LYS X 13 -67.92 -38.57 -64.78
CA LYS X 13 -69.36 -38.69 -64.99
C LYS X 13 -70.07 -37.54 -64.31
N ASP X 14 -71.37 -37.43 -64.58
CA ASP X 14 -72.23 -36.48 -63.89
C ASP X 14 -72.94 -37.17 -62.72
N ILE X 15 -72.96 -36.48 -61.59
CA ILE X 15 -73.52 -36.98 -60.35
C ILE X 15 -74.66 -36.05 -59.96
N THR X 16 -75.81 -36.63 -59.65
CA THR X 16 -77.01 -35.88 -59.29
C THR X 16 -77.24 -35.99 -57.78
N LEU X 17 -77.29 -34.85 -57.11
CA LEU X 17 -77.53 -34.77 -55.68
C LEU X 17 -78.95 -34.28 -55.48
N GLN X 18 -79.77 -35.13 -54.88
CA GLN X 18 -81.18 -34.94 -54.59
C GLN X 18 -81.36 -34.32 -53.21
N PRO X 19 -82.33 -33.41 -53.12
CA PRO X 19 -82.63 -32.79 -51.82
C PRO X 19 -83.08 -33.83 -50.82
N VAL X 20 -82.70 -33.62 -49.57
CA VAL X 20 -82.89 -34.67 -48.57
C VAL X 20 -83.59 -34.12 -47.33
N ASN X 21 -83.13 -32.99 -46.83
CA ASN X 21 -83.56 -32.50 -45.54
C ASN X 21 -83.23 -31.03 -45.46
N ILE X 22 -83.91 -30.32 -44.57
CA ILE X 22 -83.59 -28.93 -44.27
C ILE X 22 -83.68 -28.73 -42.76
N ASP X 23 -82.55 -28.39 -42.14
CA ASP X 23 -82.42 -28.26 -40.70
C ASP X 23 -83.40 -27.24 -40.14
N ARG X 24 -83.47 -27.21 -38.81
CA ARG X 24 -84.00 -26.04 -38.14
C ARG X 24 -83.06 -24.86 -38.29
N GLU X 25 -81.77 -25.12 -38.47
CA GLU X 25 -80.79 -24.07 -38.69
C GLU X 25 -80.72 -23.59 -40.12
N GLY X 26 -81.44 -24.23 -41.04
CA GLY X 26 -81.52 -23.77 -42.41
C GLY X 26 -80.57 -24.46 -43.36
N VAL X 27 -79.85 -25.47 -42.90
CA VAL X 27 -78.90 -26.20 -43.74
C VAL X 27 -79.67 -27.09 -44.71
N ALA X 28 -79.33 -27.01 -45.99
CA ALA X 28 -79.91 -27.88 -46.99
C ALA X 28 -79.00 -29.08 -47.16
N HIS X 29 -79.53 -30.27 -46.90
CA HIS X 29 -78.79 -31.51 -47.08
C HIS X 29 -79.17 -32.16 -48.40
N PHE X 30 -78.19 -32.80 -49.03
CA PHE X 30 -78.40 -33.48 -50.29
C PHE X 30 -77.75 -34.86 -50.21
N ARG X 31 -78.07 -35.71 -51.19
CA ARG X 31 -77.49 -37.03 -51.21
C ARG X 31 -77.47 -37.54 -52.65
N GLU X 32 -76.53 -38.43 -52.94
CA GLU X 32 -76.33 -38.90 -54.29
C GLU X 32 -77.45 -39.85 -54.71
N LYS X 33 -77.82 -39.75 -55.98
CA LYS X 33 -78.94 -40.51 -56.54
C LYS X 33 -78.45 -41.82 -57.11
N ASP X 34 -79.27 -42.87 -56.95
CA ASP X 34 -79.02 -44.19 -57.56
C ASP X 34 -77.78 -44.86 -56.99
N VAL X 35 -77.49 -44.61 -55.71
CA VAL X 35 -76.30 -45.15 -55.06
C VAL X 35 -76.67 -45.52 -53.62
N SER X 36 -75.98 -46.52 -53.09
CA SER X 36 -76.22 -46.96 -51.71
C SER X 36 -76.11 -45.79 -50.76
N ILE X 37 -76.92 -45.82 -49.71
CA ILE X 37 -76.92 -44.74 -48.73
C ILE X 37 -75.52 -44.53 -48.16
N LEU X 38 -74.85 -45.62 -47.76
CA LEU X 38 -73.58 -45.47 -47.07
C LEU X 38 -72.50 -44.92 -47.98
N GLU X 39 -72.55 -45.22 -49.27
CA GLU X 39 -71.48 -44.82 -50.19
C GLU X 39 -71.84 -43.60 -51.04
N ALA X 40 -72.96 -42.94 -50.73
CA ALA X 40 -73.41 -41.83 -51.54
C ALA X 40 -72.74 -40.54 -51.10
N ILE X 41 -72.26 -39.76 -52.08
CA ILE X 41 -71.75 -38.42 -51.81
C ILE X 41 -72.85 -37.58 -51.21
N ARG X 42 -72.51 -36.72 -50.25
CA ARG X 42 -73.52 -35.84 -49.71
C ARG X 42 -72.98 -34.42 -49.53
N LEU X 43 -73.89 -33.46 -49.60
CA LEU X 43 -73.56 -32.04 -49.67
C LEU X 43 -74.49 -31.23 -48.78
N THR X 44 -73.94 -30.39 -47.92
CA THR X 44 -74.74 -29.50 -47.09
C THR X 44 -74.40 -28.05 -47.41
N VAL X 45 -75.43 -27.21 -47.48
CA VAL X 45 -75.30 -25.82 -47.90
C VAL X 45 -76.14 -24.94 -46.98
N GLN X 46 -75.50 -24.02 -46.27
CA GLN X 46 -76.22 -23.10 -45.38
C GLN X 46 -75.68 -21.69 -45.55
N LEU X 47 -76.49 -20.72 -45.12
CA LEU X 47 -76.08 -19.31 -45.12
C LEU X 47 -76.56 -18.66 -43.83
N ARG X 48 -75.66 -18.54 -42.86
CA ARG X 48 -75.90 -17.78 -41.64
C ARG X 48 -76.10 -16.31 -41.96
N GLN X 49 -77.33 -15.83 -41.73
CA GLN X 49 -77.64 -14.42 -41.71
C GLN X 49 -76.83 -13.74 -40.60
N PRO X 50 -76.63 -12.44 -40.67
CA PRO X 50 -75.87 -11.75 -39.63
C PRO X 50 -76.66 -11.65 -38.33
N SER X 51 -75.92 -11.53 -37.22
CA SER X 51 -76.50 -11.35 -35.90
C SER X 51 -77.23 -10.00 -35.83
N VAL X 52 -77.98 -9.80 -34.74
CA VAL X 52 -78.56 -8.49 -34.50
C VAL X 52 -77.46 -7.50 -34.13
N ASN X 53 -76.41 -7.96 -33.42
CA ASN X 53 -75.25 -7.15 -33.12
C ASN X 53 -74.07 -7.42 -34.05
N GLY X 54 -74.31 -8.09 -35.19
CA GLY X 54 -73.28 -8.32 -36.18
C GLY X 54 -73.75 -7.88 -37.56
N ASN X 55 -72.81 -7.94 -38.51
CA ASN X 55 -73.15 -7.66 -39.91
C ASN X 55 -72.45 -8.62 -40.86
N VAL X 56 -72.13 -9.84 -40.42
CA VAL X 56 -71.31 -10.78 -41.18
C VAL X 56 -72.16 -11.96 -41.61
N TYR X 57 -72.14 -12.24 -42.92
CA TYR X 57 -72.81 -13.38 -43.54
C TYR X 57 -71.81 -14.49 -43.76
N ARG X 58 -72.21 -15.72 -43.44
CA ARG X 58 -71.37 -16.90 -43.62
C ARG X 58 -72.10 -17.93 -44.49
N CYS X 59 -71.59 -18.17 -45.69
CA CYS X 59 -72.12 -19.20 -46.58
C CYS X 59 -71.18 -20.39 -46.54
N LYS X 60 -71.65 -21.50 -45.97
CA LYS X 60 -70.84 -22.70 -45.77
C LYS X 60 -71.40 -23.84 -46.62
N ALA X 61 -70.51 -24.50 -47.37
CA ALA X 61 -70.88 -25.65 -48.19
C ALA X 61 -69.87 -26.77 -47.95
N LYS X 62 -70.32 -27.86 -47.35
CA LYS X 62 -69.48 -29.02 -47.06
C LYS X 62 -69.89 -30.18 -47.96
N LEU X 63 -68.92 -30.75 -48.65
CA LEU X 63 -69.10 -31.90 -49.51
C LEU X 63 -68.31 -33.07 -48.93
N VAL X 64 -68.94 -34.25 -48.88
CA VAL X 64 -68.32 -35.43 -48.31
C VAL X 64 -68.40 -36.56 -49.31
N VAL X 65 -67.26 -37.21 -49.56
CA VAL X 65 -67.15 -38.37 -50.45
C VAL X 65 -66.67 -39.55 -49.63
N PRO X 66 -67.52 -40.53 -49.36
CA PRO X 66 -67.06 -41.72 -48.63
C PRO X 66 -66.45 -42.73 -49.59
N VAL X 67 -65.69 -43.67 -49.02
CA VAL X 67 -65.20 -44.84 -49.72
C VAL X 67 -65.56 -46.06 -48.90
N VAL X 68 -66.52 -46.84 -49.39
CA VAL X 68 -66.97 -48.05 -48.71
C VAL X 68 -66.27 -49.25 -49.33
N GLU X 69 -65.85 -50.17 -48.48
CA GLU X 69 -65.28 -51.45 -48.90
C GLU X 69 -65.86 -52.54 -48.01
N VAL X 70 -65.79 -53.77 -48.51
CA VAL X 70 -66.37 -54.92 -47.83
C VAL X 70 -65.35 -55.50 -46.86
N VAL X 71 -65.58 -55.30 -45.56
CA VAL X 71 -64.70 -55.78 -44.50
C VAL X 71 -65.43 -56.87 -43.72
N GLY X 72 -64.97 -58.11 -43.83
CA GLY X 72 -65.65 -59.21 -43.16
C GLY X 72 -67.06 -59.42 -43.66
N ASN X 73 -67.27 -59.30 -44.97
CA ASN X 73 -68.59 -59.40 -45.59
C ASN X 73 -69.57 -58.37 -45.00
N VAL X 74 -69.05 -57.25 -44.51
CA VAL X 74 -69.85 -56.16 -43.97
C VAL X 74 -69.35 -54.85 -44.58
N ARG X 75 -70.19 -54.20 -45.37
CA ARG X 75 -69.81 -52.95 -46.03
C ARG X 75 -69.56 -51.87 -44.98
N THR X 76 -68.33 -51.37 -44.93
CA THR X 76 -67.96 -50.31 -44.01
C THR X 76 -67.15 -49.24 -44.73
N THR X 77 -67.19 -48.03 -44.20
CA THR X 77 -66.52 -46.88 -44.80
C THR X 77 -65.11 -46.78 -44.24
N VAL X 78 -64.11 -47.08 -45.07
CA VAL X 78 -62.72 -47.03 -44.62
C VAL X 78 -62.28 -45.59 -44.41
N ARG X 79 -62.56 -44.73 -45.39
CA ARG X 79 -62.07 -43.36 -45.37
C ARG X 79 -63.04 -42.44 -46.10
N THR X 80 -63.15 -41.22 -45.61
CA THR X 80 -63.95 -40.18 -46.24
C THR X 80 -63.05 -39.01 -46.58
N LEU X 81 -63.35 -38.38 -47.71
CA LEU X 81 -62.67 -37.17 -48.15
C LEU X 81 -63.63 -36.00 -48.10
N THR X 82 -63.21 -34.91 -47.46
CA THR X 82 -64.10 -33.80 -47.16
C THR X 82 -63.61 -32.52 -47.83
N GLU X 83 -64.54 -31.64 -48.17
CA GLU X 83 -64.19 -30.34 -48.70
C GLU X 83 -65.17 -29.29 -48.20
N THR X 84 -64.65 -28.22 -47.60
CA THR X 84 -65.46 -27.16 -47.01
C THR X 84 -65.13 -25.83 -47.67
N THR X 85 -66.16 -25.16 -48.19
CA THR X 85 -66.03 -23.82 -48.77
C THR X 85 -66.83 -22.85 -47.90
N GLU X 86 -66.16 -21.83 -47.37
CA GLU X 86 -66.83 -20.79 -46.59
C GLU X 86 -66.59 -19.44 -47.25
N VAL X 87 -67.66 -18.81 -47.72
CA VAL X 87 -67.62 -17.46 -48.26
C VAL X 87 -68.22 -16.54 -47.22
N LEU X 88 -67.59 -15.38 -47.03
CA LEU X 88 -67.91 -14.54 -45.90
C LEU X 88 -67.93 -13.09 -46.37
N PHE X 89 -69.08 -12.43 -46.19
CA PHE X 89 -69.22 -11.05 -46.66
C PHE X 89 -70.11 -10.25 -45.72
N THR X 90 -70.00 -8.93 -45.80
CA THR X 90 -70.63 -8.02 -44.85
C THR X 90 -71.99 -7.53 -45.36
N GLN X 91 -72.82 -7.07 -44.41
CA GLN X 91 -74.19 -6.68 -44.73
C GLN X 91 -74.25 -5.50 -45.68
N ASP X 92 -73.27 -4.60 -45.61
CA ASP X 92 -73.21 -3.44 -46.49
C ASP X 92 -72.52 -3.72 -47.80
N SER X 93 -72.33 -5.00 -48.15
CA SER X 93 -71.59 -5.33 -49.37
C SER X 93 -72.45 -5.06 -50.60
N LEU X 94 -71.77 -4.74 -51.71
CA LEU X 94 -72.45 -4.46 -52.97
C LEU X 94 -72.56 -5.74 -53.80
N GLY X 95 -73.64 -5.79 -54.60
CA GLY X 95 -73.90 -6.97 -55.42
C GLY X 95 -72.76 -7.30 -56.37
N THR X 96 -72.20 -6.28 -57.00
CA THR X 96 -71.05 -6.48 -57.88
C THR X 96 -69.89 -7.11 -57.14
N GLU X 97 -69.65 -6.66 -55.90
CA GLU X 97 -68.55 -7.18 -55.10
C GLU X 97 -68.72 -8.66 -54.80
N ARG X 98 -69.89 -9.05 -54.29
CA ARG X 98 -69.99 -10.47 -53.99
C ARG X 98 -70.09 -11.33 -55.25
N GLN X 99 -70.52 -10.76 -56.37
CA GLN X 99 -70.45 -11.47 -57.63
C GLN X 99 -69.00 -11.71 -58.05
N ARG X 100 -68.15 -10.70 -57.90
CA ARG X 100 -66.72 -10.87 -58.13
C ARG X 100 -66.16 -12.01 -57.28
N VAL X 101 -66.53 -12.05 -56.00
CA VAL X 101 -66.02 -13.10 -55.14
C VAL X 101 -66.49 -14.47 -55.61
N ALA X 102 -67.75 -14.57 -56.02
CA ALA X 102 -68.26 -15.84 -56.53
C ALA X 102 -67.44 -16.33 -57.71
N ASN X 103 -67.18 -15.45 -58.67
CA ASN X 103 -66.45 -15.85 -59.87
C ASN X 103 -64.99 -16.15 -59.56
N LEU X 104 -64.39 -15.42 -58.61
CA LEU X 104 -63.03 -15.73 -58.19
C LEU X 104 -62.97 -17.11 -57.56
N THR X 105 -63.94 -17.44 -56.71
CA THR X 105 -64.00 -18.78 -56.13
C THR X 105 -64.06 -19.84 -57.23
N LYS X 106 -64.89 -19.61 -58.24
CA LYS X 106 -64.98 -20.56 -59.36
C LYS X 106 -63.63 -20.72 -60.05
N SER X 107 -63.01 -19.62 -60.46
CA SER X 107 -61.75 -19.70 -61.19
C SER X 107 -60.66 -20.34 -60.34
N LEU X 108 -60.64 -20.00 -59.06
CA LEU X 108 -59.69 -20.58 -58.12
C LEU X 108 -59.82 -22.10 -58.08
N ALA X 109 -61.03 -22.59 -57.81
CA ALA X 109 -61.24 -24.02 -57.69
C ALA X 109 -61.07 -24.75 -59.01
N GLY X 110 -61.10 -24.03 -60.13
CA GLY X 110 -60.80 -24.66 -61.40
C GLY X 110 -59.36 -24.54 -61.84
N HIS X 111 -58.55 -23.76 -61.12
CA HIS X 111 -57.18 -23.50 -61.56
C HIS X 111 -56.31 -24.73 -61.41
N ALA X 112 -55.54 -25.01 -62.47
CA ALA X 112 -54.82 -26.27 -62.58
C ALA X 112 -53.82 -26.46 -61.43
N THR X 113 -53.15 -25.38 -61.00
CA THR X 113 -52.16 -25.54 -59.92
C THR X 113 -52.84 -25.91 -58.61
N LEU X 114 -53.96 -25.27 -58.30
CA LEU X 114 -54.69 -25.60 -57.08
C LEU X 114 -55.21 -27.02 -57.12
N MET X 115 -55.77 -27.43 -58.27
CA MET X 115 -56.23 -28.81 -58.39
C MET X 115 -55.07 -29.78 -58.20
N SER X 116 -53.91 -29.44 -58.74
CA SER X 116 -52.74 -30.30 -58.62
C SER X 116 -52.25 -30.39 -57.18
N VAL X 117 -52.45 -29.34 -56.39
CA VAL X 117 -52.09 -29.41 -54.96
C VAL X 117 -52.80 -30.57 -54.28
N VAL X 118 -54.04 -30.84 -54.65
CA VAL X 118 -54.77 -31.93 -53.99
C VAL X 118 -54.54 -33.25 -54.72
N GLN X 119 -54.54 -33.22 -56.06
CA GLN X 119 -54.35 -34.44 -56.83
C GLN X 119 -53.01 -35.09 -56.50
N ASP X 120 -51.96 -34.28 -56.34
CA ASP X 120 -50.60 -34.78 -56.13
C ASP X 120 -50.14 -34.71 -54.69
N ALA X 121 -50.95 -34.17 -53.78
CA ALA X 121 -50.61 -34.09 -52.36
C ALA X 121 -49.27 -33.41 -52.13
N SER X 122 -49.09 -32.26 -52.78
CA SER X 122 -47.82 -31.54 -52.77
C SER X 122 -48.09 -30.05 -52.52
N PRO X 123 -47.69 -29.50 -51.38
CA PRO X 123 -47.93 -28.07 -51.16
C PRO X 123 -47.24 -27.25 -52.25
N ILE X 124 -47.57 -25.98 -52.31
CA ILE X 124 -46.77 -25.08 -53.14
C ILE X 124 -45.49 -24.74 -52.39
N TYR X 125 -44.36 -24.69 -53.11
CA TYR X 125 -43.06 -24.69 -52.46
C TYR X 125 -42.04 -23.86 -53.22
N GLY X 126 -41.00 -23.46 -52.49
CA GLY X 126 -39.92 -22.63 -52.97
C GLY X 126 -39.07 -22.20 -51.78
N PRO Y 1 -14.70 14.96 -52.09
CA PRO Y 1 -14.97 15.98 -53.11
C PRO Y 1 -15.51 17.27 -52.51
N LYS Y 2 -15.51 18.36 -53.26
CA LYS Y 2 -15.95 19.65 -52.72
C LYS Y 2 -17.44 19.61 -52.40
N ILE Y 3 -17.86 20.48 -51.50
CA ILE Y 3 -19.25 20.55 -51.06
C ILE Y 3 -20.01 21.51 -51.95
N ALA Y 4 -21.14 21.06 -52.48
CA ALA Y 4 -21.88 21.79 -53.50
C ALA Y 4 -23.27 21.19 -53.62
N ASN Y 5 -24.10 21.82 -54.45
CA ASN Y 5 -25.44 21.31 -54.68
C ASN Y 5 -25.37 19.90 -55.27
N ILE Y 6 -26.22 19.02 -54.76
CA ILE Y 6 -26.39 17.68 -55.32
C ILE Y 6 -27.74 17.68 -56.03
N VAL Y 7 -27.72 17.52 -57.35
CA VAL Y 7 -28.94 17.53 -58.14
C VAL Y 7 -29.26 16.10 -58.55
N ILE Y 8 -30.36 15.57 -58.02
CA ILE Y 8 -30.82 14.22 -58.34
C ILE Y 8 -32.17 14.32 -59.03
N ASN Y 9 -32.64 13.21 -59.57
CA ASN Y 9 -33.88 13.17 -60.34
C ASN Y 9 -34.82 12.10 -59.77
N ASP Y 10 -36.12 12.40 -59.74
CA ASP Y 10 -37.11 11.45 -59.25
C ASP Y 10 -37.93 10.80 -60.36
N GLY Y 11 -37.36 10.74 -61.58
CA GLY Y 11 -38.02 10.17 -62.74
C GLY Y 11 -38.87 11.16 -63.51
N THR Y 12 -39.28 12.25 -62.87
CA THR Y 12 -40.11 13.28 -63.46
C THR Y 12 -39.44 14.64 -63.43
N LYS Y 13 -38.91 15.03 -62.28
CA LYS Y 13 -38.39 16.36 -62.00
C LYS Y 13 -37.04 16.21 -61.32
N ASP Y 14 -36.16 17.20 -61.49
CA ASP Y 14 -34.87 17.21 -60.81
C ASP Y 14 -34.96 18.01 -59.52
N ILE Y 15 -34.68 17.35 -58.41
CA ILE Y 15 -34.65 17.97 -57.10
C ILE Y 15 -33.22 18.38 -56.79
N THR Y 16 -33.06 19.65 -56.40
CA THR Y 16 -31.76 20.22 -56.04
C THR Y 16 -31.63 20.25 -54.53
N LEU Y 17 -30.67 19.49 -54.00
CA LEU Y 17 -30.38 19.44 -52.57
C LEU Y 17 -29.20 20.36 -52.31
N GLN Y 18 -29.43 21.41 -51.53
CA GLN Y 18 -28.41 22.40 -51.20
C GLN Y 18 -27.65 22.01 -49.94
N PRO Y 19 -26.35 22.28 -49.94
CA PRO Y 19 -25.53 22.00 -48.75
C PRO Y 19 -25.94 22.91 -47.60
N VAL Y 20 -26.24 22.29 -46.47
CA VAL Y 20 -26.86 22.97 -45.35
C VAL Y 20 -26.02 22.87 -44.09
N ASN Y 21 -25.41 21.72 -43.82
CA ASN Y 21 -24.64 21.63 -42.59
C ASN Y 21 -23.52 20.62 -42.78
N ILE Y 22 -22.41 20.82 -42.08
CA ILE Y 22 -21.43 19.76 -41.92
C ILE Y 22 -21.37 19.43 -40.44
N ASP Y 23 -21.80 18.23 -40.10
CA ASP Y 23 -21.95 17.78 -38.74
C ASP Y 23 -20.61 17.81 -38.01
N ARG Y 24 -20.69 17.70 -36.68
CA ARG Y 24 -19.49 17.45 -35.90
C ARG Y 24 -18.98 16.02 -36.06
N GLU Y 25 -19.84 15.12 -36.50
CA GLU Y 25 -19.43 13.76 -36.84
C GLU Y 25 -18.91 13.65 -38.27
N GLY Y 26 -18.86 14.76 -39.01
CA GLY Y 26 -18.42 14.74 -40.39
C GLY Y 26 -19.53 14.59 -41.40
N VAL Y 27 -20.78 14.61 -40.96
CA VAL Y 27 -21.93 14.37 -41.82
C VAL Y 27 -22.27 15.62 -42.62
N ALA Y 28 -22.35 15.49 -43.95
CA ALA Y 28 -22.79 16.57 -44.81
C ALA Y 28 -24.31 16.45 -44.94
N HIS Y 29 -25.02 17.39 -44.32
CA HIS Y 29 -26.46 17.52 -44.44
C HIS Y 29 -26.81 18.44 -45.61
N PHE Y 30 -27.73 17.98 -46.46
CA PHE Y 30 -28.30 18.74 -47.55
C PHE Y 30 -29.81 18.77 -47.36
N ARG Y 31 -30.42 19.85 -47.88
CA ARG Y 31 -31.86 20.08 -47.75
C ARG Y 31 -32.41 20.48 -49.11
N GLU Y 32 -33.66 20.10 -49.36
CA GLU Y 32 -34.26 20.39 -50.65
C GLU Y 32 -34.43 21.90 -50.83
N LYS Y 33 -34.11 22.37 -52.03
CA LYS Y 33 -34.16 23.78 -52.35
C LYS Y 33 -35.59 24.22 -52.67
N ASP Y 34 -35.95 25.43 -52.21
CA ASP Y 34 -37.24 26.05 -52.55
C ASP Y 34 -38.41 25.27 -51.97
N VAL Y 35 -38.25 24.73 -50.76
CA VAL Y 35 -39.29 23.94 -50.11
C VAL Y 35 -39.19 24.19 -48.61
N SER Y 36 -40.36 24.24 -47.95
CA SER Y 36 -40.41 24.45 -46.51
C SER Y 36 -39.52 23.44 -45.81
N ILE Y 37 -38.92 23.86 -44.70
CA ILE Y 37 -38.02 23.00 -43.94
C ILE Y 37 -38.69 21.69 -43.59
N LEU Y 38 -39.97 21.73 -43.22
CA LEU Y 38 -40.66 20.52 -42.80
C LEU Y 38 -40.81 19.53 -43.94
N GLU Y 39 -41.17 20.02 -45.14
CA GLU Y 39 -41.47 19.15 -46.26
C GLU Y 39 -40.30 18.93 -47.19
N ALA Y 40 -39.13 19.47 -46.87
CA ALA Y 40 -38.00 19.31 -47.78
C ALA Y 40 -37.41 17.93 -47.65
N ILE Y 41 -36.97 17.41 -48.80
CA ILE Y 41 -36.20 16.16 -48.87
C ILE Y 41 -34.80 16.45 -48.36
N ARG Y 42 -34.29 15.60 -47.47
CA ARG Y 42 -32.97 15.85 -46.94
C ARG Y 42 -32.03 14.64 -47.11
N LEU Y 43 -30.74 14.94 -47.27
CA LEU Y 43 -29.74 13.93 -47.58
C LEU Y 43 -28.51 14.10 -46.69
N THR Y 44 -28.06 13.02 -46.05
CA THR Y 44 -26.87 13.06 -45.20
C THR Y 44 -25.82 12.10 -45.73
N VAL Y 45 -24.57 12.56 -45.79
CA VAL Y 45 -23.47 11.81 -46.41
C VAL Y 45 -22.23 11.93 -45.54
N GLN Y 46 -21.74 10.81 -45.00
CA GLN Y 46 -20.56 10.83 -44.13
C GLN Y 46 -19.63 9.68 -44.46
N LEU Y 47 -18.33 9.90 -44.23
CA LEU Y 47 -17.29 8.89 -44.46
C LEU Y 47 -16.52 8.68 -43.16
N ARG Y 48 -16.98 7.72 -42.37
CA ARG Y 48 -16.36 7.34 -41.10
C ARG Y 48 -15.05 6.63 -41.41
N GLN Y 49 -13.95 7.29 -41.06
CA GLN Y 49 -12.63 6.72 -41.22
C GLN Y 49 -12.36 5.69 -40.14
N PRO Y 50 -11.42 4.78 -40.36
CA PRO Y 50 -11.22 3.67 -39.41
C PRO Y 50 -10.58 4.14 -38.11
N SER Y 51 -10.76 3.31 -37.08
CA SER Y 51 -10.17 3.53 -35.76
C SER Y 51 -8.65 3.32 -35.83
N VAL Y 52 -7.98 3.67 -34.73
CA VAL Y 52 -6.54 3.41 -34.65
C VAL Y 52 -6.26 1.92 -34.72
N ASN Y 53 -7.13 1.11 -34.11
CA ASN Y 53 -6.94 -0.34 -34.13
C ASN Y 53 -7.42 -0.95 -35.45
N GLY Y 54 -8.53 -0.45 -35.99
CA GLY Y 54 -9.13 -1.03 -37.18
C GLY Y 54 -8.60 -0.44 -38.49
N ASN Y 55 -9.14 -0.97 -39.59
CA ASN Y 55 -8.80 -0.46 -40.92
C ASN Y 55 -10.03 -0.44 -41.83
N VAL Y 56 -11.21 -0.14 -41.28
CA VAL Y 56 -12.46 -0.26 -42.02
C VAL Y 56 -13.13 1.10 -42.14
N TYR Y 57 -13.31 1.56 -43.38
CA TYR Y 57 -14.06 2.76 -43.71
C TYR Y 57 -15.53 2.39 -43.91
N ARG Y 58 -16.41 3.25 -43.40
CA ARG Y 58 -17.86 3.19 -43.61
C ARG Y 58 -18.32 4.48 -44.30
N CYS Y 59 -18.94 4.35 -45.46
CA CYS Y 59 -19.51 5.48 -46.17
C CYS Y 59 -21.02 5.34 -46.13
N LYS Y 60 -21.68 6.22 -45.37
CA LYS Y 60 -23.12 6.15 -45.14
C LYS Y 60 -23.82 7.34 -45.79
N ALA Y 61 -24.93 7.05 -46.49
CA ALA Y 61 -25.73 8.07 -47.16
C ALA Y 61 -27.20 7.76 -46.92
N LYS Y 62 -27.89 8.67 -46.22
CA LYS Y 62 -29.31 8.53 -45.89
C LYS Y 62 -30.10 9.60 -46.62
N LEU Y 63 -31.03 9.18 -47.46
CA LEU Y 63 -32.01 10.05 -48.09
C LEU Y 63 -33.33 9.90 -47.36
N VAL Y 64 -33.97 11.02 -47.06
CA VAL Y 64 -35.28 11.03 -46.42
C VAL Y 64 -36.24 11.85 -47.25
N VAL Y 65 -37.33 11.23 -47.68
CA VAL Y 65 -38.39 11.88 -48.44
C VAL Y 65 -39.62 11.93 -47.54
N PRO Y 66 -40.08 13.11 -47.14
CA PRO Y 66 -41.33 13.20 -46.40
C PRO Y 66 -42.53 13.38 -47.32
N VAL Y 67 -43.69 12.96 -46.81
CA VAL Y 67 -44.98 13.13 -47.47
C VAL Y 67 -45.79 14.06 -46.60
N VAL Y 68 -45.92 15.32 -47.02
CA VAL Y 68 -46.61 16.33 -46.23
C VAL Y 68 -47.96 16.61 -46.88
N GLU Y 69 -49.02 16.45 -46.10
CA GLU Y 69 -50.37 16.81 -46.51
C GLU Y 69 -50.97 17.73 -45.46
N VAL Y 70 -51.91 18.57 -45.89
CA VAL Y 70 -52.52 19.55 -45.00
C VAL Y 70 -53.62 18.87 -44.19
N VAL Y 71 -53.51 18.97 -42.86
CA VAL Y 71 -54.51 18.47 -41.92
C VAL Y 71 -55.18 19.70 -41.32
N GLY Y 72 -56.44 19.93 -41.67
CA GLY Y 72 -57.08 21.19 -41.32
C GLY Y 72 -56.38 22.34 -42.02
N ASN Y 73 -55.83 23.27 -41.24
CA ASN Y 73 -55.00 24.35 -41.77
C ASN Y 73 -53.52 24.15 -41.46
N VAL Y 74 -53.16 23.01 -40.88
CA VAL Y 74 -51.79 22.75 -40.42
C VAL Y 74 -51.14 21.75 -41.38
N ARG Y 75 -50.03 22.15 -42.01
CA ARG Y 75 -49.30 21.22 -42.85
C ARG Y 75 -48.59 20.21 -41.95
N THR Y 76 -48.79 18.92 -42.22
CA THR Y 76 -48.18 17.88 -41.40
C THR Y 76 -47.64 16.77 -42.28
N THR Y 77 -46.52 16.19 -41.85
CA THR Y 77 -45.92 15.04 -42.53
C THR Y 77 -46.69 13.79 -42.15
N VAL Y 78 -47.40 13.21 -43.11
CA VAL Y 78 -48.19 12.00 -42.85
C VAL Y 78 -47.27 10.82 -42.63
N ARG Y 79 -46.26 10.66 -43.48
CA ARG Y 79 -45.36 9.52 -43.44
C ARG Y 79 -44.06 9.93 -44.12
N THR Y 80 -43.04 9.08 -43.99
CA THR Y 80 -41.76 9.32 -44.62
C THR Y 80 -41.26 8.02 -45.25
N LEU Y 81 -40.50 8.16 -46.32
CA LEU Y 81 -39.77 7.07 -46.94
C LEU Y 81 -38.29 7.33 -46.79
N THR Y 82 -37.52 6.28 -46.49
CA THR Y 82 -36.10 6.44 -46.19
C THR Y 82 -35.26 5.46 -46.98
N GLU Y 83 -34.09 5.90 -47.44
CA GLU Y 83 -33.15 5.04 -48.13
C GLU Y 83 -31.77 5.25 -47.54
N THR Y 84 -31.06 4.15 -47.25
CA THR Y 84 -29.75 4.20 -46.61
C THR Y 84 -28.79 3.31 -47.36
N THR Y 85 -27.76 3.90 -47.95
CA THR Y 85 -26.67 3.18 -48.61
C THR Y 85 -25.46 3.20 -47.69
N GLU Y 86 -24.81 2.05 -47.52
CA GLU Y 86 -23.64 1.94 -46.65
C GLU Y 86 -22.58 1.08 -47.34
N VAL Y 87 -21.45 1.69 -47.68
CA VAL Y 87 -20.36 1.03 -48.36
C VAL Y 87 -19.19 0.86 -47.40
N LEU Y 88 -18.69 -0.37 -47.28
CA LEU Y 88 -17.57 -0.69 -46.39
C LEU Y 88 -16.38 -1.13 -47.21
N PHE Y 89 -15.22 -0.52 -46.92
CA PHE Y 89 -13.99 -0.97 -47.58
C PHE Y 89 -12.81 -0.77 -46.65
N THR Y 90 -11.77 -1.56 -46.88
CA THR Y 90 -10.58 -1.60 -46.03
C THR Y 90 -9.51 -0.66 -46.56
N GLN Y 91 -8.55 -0.33 -45.68
CA GLN Y 91 -7.52 0.64 -46.03
C GLN Y 91 -6.54 0.10 -47.06
N ASP Y 92 -6.39 -1.22 -47.15
CA ASP Y 92 -5.52 -1.80 -48.16
C ASP Y 92 -6.21 -1.92 -49.51
N SER Y 93 -7.46 -1.46 -49.61
CA SER Y 93 -8.22 -1.60 -50.85
C SER Y 93 -7.65 -0.70 -51.94
N LEU Y 94 -7.72 -1.19 -53.18
CA LEU Y 94 -7.24 -0.44 -54.33
C LEU Y 94 -8.30 0.52 -54.84
N GLY Y 95 -7.85 1.63 -55.43
CA GLY Y 95 -8.79 2.55 -56.04
C GLY Y 95 -9.62 1.89 -57.11
N THR Y 96 -8.99 1.04 -57.92
CA THR Y 96 -9.72 0.37 -58.98
C THR Y 96 -10.80 -0.54 -58.39
N GLU Y 97 -10.51 -1.19 -57.26
CA GLU Y 97 -11.51 -2.02 -56.61
C GLU Y 97 -12.67 -1.19 -56.10
N ARG Y 98 -12.37 -0.10 -55.38
CA ARG Y 98 -13.43 0.77 -54.88
C ARG Y 98 -14.29 1.30 -56.04
N GLN Y 99 -13.66 1.63 -57.16
CA GLN Y 99 -14.40 2.15 -58.31
C GLN Y 99 -15.30 1.08 -58.91
N ARG Y 100 -14.77 -0.13 -59.05
CA ARG Y 100 -15.59 -1.25 -59.48
C ARG Y 100 -16.82 -1.40 -58.59
N VAL Y 101 -16.65 -1.26 -57.27
CA VAL Y 101 -17.79 -1.42 -56.36
C VAL Y 101 -18.77 -0.28 -56.54
N ALA Y 102 -18.29 0.94 -56.71
CA ALA Y 102 -19.19 2.07 -56.92
C ALA Y 102 -20.03 1.90 -58.16
N ASN Y 103 -19.40 1.47 -59.26
CA ASN Y 103 -20.15 1.22 -60.50
C ASN Y 103 -21.16 0.11 -60.33
N LEU Y 104 -20.79 -0.96 -59.62
CA LEU Y 104 -21.75 -2.02 -59.35
C LEU Y 104 -22.94 -1.49 -58.56
N THR Y 105 -22.68 -0.64 -57.58
CA THR Y 105 -23.76 -0.04 -56.79
C THR Y 105 -24.70 0.76 -57.69
N LYS Y 106 -24.14 1.55 -58.60
CA LYS Y 106 -24.94 2.30 -59.55
C LYS Y 106 -25.80 1.37 -60.40
N SER Y 107 -25.16 0.39 -61.04
CA SER Y 107 -25.89 -0.55 -61.90
C SER Y 107 -26.99 -1.26 -61.13
N LEU Y 108 -26.70 -1.60 -59.87
CA LEU Y 108 -27.67 -2.30 -59.04
C LEU Y 108 -28.88 -1.43 -58.76
N ALA Y 109 -28.64 -0.20 -58.28
CA ALA Y 109 -29.75 0.69 -57.98
C ALA Y 109 -30.54 1.09 -59.21
N GLY Y 110 -29.96 0.97 -60.40
CA GLY Y 110 -30.73 1.21 -61.59
C GLY Y 110 -31.42 -0.01 -62.17
N HIS Y 111 -31.23 -1.19 -61.59
CA HIS Y 111 -31.70 -2.42 -62.22
C HIS Y 111 -33.20 -2.59 -62.05
N ALA Y 112 -33.83 -3.04 -63.14
CA ALA Y 112 -35.29 -3.09 -63.24
C ALA Y 112 -35.91 -3.90 -62.10
N THR Y 113 -35.34 -5.07 -61.78
CA THR Y 113 -36.00 -5.95 -60.83
C THR Y 113 -35.93 -5.38 -59.41
N LEU Y 114 -34.83 -4.71 -59.04
CA LEU Y 114 -34.77 -4.11 -57.72
C LEU Y 114 -35.68 -2.90 -57.61
N MET Y 115 -35.68 -2.06 -58.65
CA MET Y 115 -36.62 -0.95 -58.68
C MET Y 115 -38.05 -1.47 -58.56
N SER Y 116 -38.35 -2.60 -59.20
CA SER Y 116 -39.67 -3.19 -59.11
C SER Y 116 -39.96 -3.69 -57.70
N VAL Y 117 -38.95 -4.25 -57.02
CA VAL Y 117 -39.17 -4.67 -55.63
C VAL Y 117 -39.65 -3.50 -54.80
N VAL Y 118 -39.05 -2.34 -54.99
CA VAL Y 118 -39.47 -1.22 -54.14
C VAL Y 118 -40.77 -0.60 -54.62
N GLN Y 119 -40.95 -0.45 -55.94
CA GLN Y 119 -42.15 0.17 -56.49
C GLN Y 119 -43.39 -0.67 -56.19
N ASP Y 120 -43.38 -1.93 -56.64
CA ASP Y 120 -44.51 -2.84 -56.47
C ASP Y 120 -44.61 -3.42 -55.06
N ALA Y 121 -43.60 -3.19 -54.21
CA ALA Y 121 -43.58 -3.71 -52.84
C ALA Y 121 -43.74 -5.23 -52.79
N SER Y 122 -43.28 -5.93 -53.83
CA SER Y 122 -43.28 -7.38 -53.84
C SER Y 122 -41.85 -7.89 -53.92
N PRO Y 123 -41.44 -8.81 -53.06
CA PRO Y 123 -40.06 -9.31 -53.09
C PRO Y 123 -39.88 -10.31 -54.21
N ILE Y 124 -38.64 -10.81 -54.30
CA ILE Y 124 -38.28 -11.80 -55.31
C ILE Y 124 -38.69 -13.17 -54.78
N TYR Y 125 -39.59 -13.85 -55.50
CA TYR Y 125 -40.05 -15.19 -55.15
C TYR Y 125 -40.53 -15.88 -56.43
N GLY Y 126 -40.23 -17.16 -56.55
CA GLY Y 126 -40.67 -17.98 -57.68
C GLY Y 126 -40.28 -17.49 -59.06
N PRO Z 1 -40.62 -9.69 -57.56
CA PRO Z 1 -40.88 -10.35 -58.84
C PRO Z 1 -40.37 -11.79 -58.91
N LYS Z 2 -40.24 -12.29 -60.13
CA LYS Z 2 -39.82 -13.66 -60.36
C LYS Z 2 -38.31 -13.75 -60.35
N ILE Z 3 -37.79 -14.77 -59.67
CA ILE Z 3 -36.35 -14.93 -59.51
C ILE Z 3 -35.71 -15.21 -60.87
N ALA Z 4 -34.63 -14.51 -61.16
CA ALA Z 4 -33.97 -14.63 -62.46
C ALA Z 4 -32.57 -14.05 -62.37
N ASN Z 5 -31.81 -14.19 -63.45
CA ASN Z 5 -30.46 -13.66 -63.51
C ASN Z 5 -30.48 -12.15 -63.36
N ILE Z 6 -29.49 -11.62 -62.65
CA ILE Z 6 -29.32 -10.18 -62.50
C ILE Z 6 -27.98 -9.81 -63.10
N VAL Z 7 -28.00 -9.01 -64.17
CA VAL Z 7 -26.79 -8.59 -64.84
C VAL Z 7 -26.54 -7.13 -64.48
N ILE Z 8 -25.36 -6.86 -63.93
CA ILE Z 8 -24.98 -5.49 -63.56
C ILE Z 8 -23.59 -5.21 -64.09
N ASN Z 9 -23.31 -3.93 -64.34
CA ASN Z 9 -22.05 -3.50 -64.92
C ASN Z 9 -21.13 -2.93 -63.84
N ASP Z 10 -19.83 -3.22 -63.95
CA ASP Z 10 -18.84 -2.73 -63.01
C ASP Z 10 -17.99 -1.61 -63.59
N GLY Z 11 -18.43 -0.99 -64.68
CA GLY Z 11 -17.69 0.05 -65.34
C GLY Z 11 -16.78 -0.44 -66.45
N THR Z 12 -16.49 -1.74 -66.50
CA THR Z 12 -15.61 -2.28 -67.53
C THR Z 12 -16.29 -3.42 -68.28
N LYS Z 13 -17.13 -4.19 -67.59
CA LYS Z 13 -17.76 -5.36 -68.19
C LYS Z 13 -19.05 -5.69 -67.46
N ASP Z 14 -19.86 -6.53 -68.10
CA ASP Z 14 -21.12 -6.99 -67.52
C ASP Z 14 -20.90 -8.26 -66.71
N ILE Z 15 -21.47 -8.29 -65.52
CA ILE Z 15 -21.30 -9.38 -64.57
C ILE Z 15 -22.67 -10.00 -64.33
N THR Z 16 -22.77 -11.31 -64.54
CA THR Z 16 -24.01 -12.05 -64.41
C THR Z 16 -24.06 -12.73 -63.04
N LEU Z 17 -25.11 -12.43 -62.27
CA LEU Z 17 -25.34 -13.05 -60.98
C LEU Z 17 -26.51 -14.00 -61.13
N GLN Z 18 -26.24 -15.29 -61.02
CA GLN Z 18 -27.22 -16.36 -61.12
C GLN Z 18 -27.88 -16.61 -59.77
N PRO Z 19 -29.18 -16.85 -59.77
CA PRO Z 19 -29.88 -17.13 -58.51
C PRO Z 19 -29.46 -18.48 -57.96
N VAL Z 20 -29.42 -18.55 -56.64
CA VAL Z 20 -29.03 -19.76 -55.92
C VAL Z 20 -30.22 -20.37 -55.21
N ASN Z 21 -30.87 -19.60 -54.33
CA ASN Z 21 -32.03 -20.08 -53.58
C ASN Z 21 -32.67 -18.87 -52.89
N ILE Z 22 -33.69 -19.15 -52.07
CA ILE Z 22 -34.33 -18.17 -51.21
C ILE Z 22 -34.57 -18.83 -49.85
N ASP Z 23 -33.94 -18.29 -48.81
CA ASP Z 23 -33.88 -18.96 -47.52
C ASP Z 23 -35.17 -18.74 -46.74
N ARG Z 24 -35.21 -19.25 -45.49
CA ARG Z 24 -36.43 -19.17 -44.72
C ARG Z 24 -36.84 -17.73 -44.44
N GLU Z 25 -35.85 -16.83 -44.27
CA GLU Z 25 -36.14 -15.44 -43.96
C GLU Z 25 -36.75 -14.71 -45.15
N GLY Z 26 -36.55 -15.21 -46.37
CA GLY Z 26 -37.02 -14.55 -47.57
C GLY Z 26 -35.91 -13.93 -48.40
N VAL Z 27 -34.66 -14.06 -47.97
CA VAL Z 27 -33.53 -13.51 -48.70
C VAL Z 27 -33.27 -14.34 -49.94
N ALA Z 28 -33.23 -13.68 -51.10
CA ALA Z 28 -32.87 -14.31 -52.36
C ALA Z 28 -31.37 -14.14 -52.55
N HIS Z 29 -30.66 -15.26 -52.74
CA HIS Z 29 -29.22 -15.26 -52.87
C HIS Z 29 -28.79 -15.43 -54.32
N PHE Z 30 -27.79 -14.65 -54.75
CA PHE Z 30 -27.24 -14.70 -56.09
C PHE Z 30 -25.72 -14.79 -56.01
N ARG Z 31 -25.14 -15.50 -56.98
CA ARG Z 31 -23.72 -15.81 -57.02
C ARG Z 31 -23.20 -15.56 -58.43
N GLU Z 32 -22.00 -15.00 -58.53
CA GLU Z 32 -21.43 -14.67 -59.83
C GLU Z 32 -21.23 -15.93 -60.67
N LYS Z 33 -21.56 -15.82 -61.95
CA LYS Z 33 -21.50 -16.95 -62.87
C LYS Z 33 -20.06 -17.20 -63.31
N ASP Z 34 -19.68 -18.48 -63.41
CA ASP Z 34 -18.42 -18.90 -64.05
C ASP Z 34 -17.20 -18.45 -63.26
N VAL Z 35 -17.34 -18.29 -61.95
CA VAL Z 35 -16.23 -17.89 -61.09
C VAL Z 35 -16.25 -18.79 -59.87
N SER Z 36 -15.06 -19.01 -59.29
CA SER Z 36 -14.94 -19.85 -58.11
C SER Z 36 -15.85 -19.35 -56.99
N ILE Z 37 -16.32 -20.30 -56.18
CA ILE Z 37 -17.10 -19.98 -54.99
C ILE Z 37 -16.43 -18.90 -54.16
N LEU Z 38 -15.12 -19.05 -53.94
CA LEU Z 38 -14.43 -18.17 -53.00
C LEU Z 38 -14.37 -16.73 -53.52
N GLU Z 39 -14.16 -16.55 -54.81
CA GLU Z 39 -13.92 -15.22 -55.38
C GLU Z 39 -15.15 -14.65 -56.08
N ALA Z 40 -16.28 -15.32 -56.02
CA ALA Z 40 -17.46 -14.88 -56.75
C ALA Z 40 -18.16 -13.75 -56.02
N ILE Z 41 -18.64 -12.78 -56.80
CA ILE Z 41 -19.43 -11.68 -56.25
C ILE Z 41 -20.78 -12.22 -55.83
N ARG Z 42 -21.29 -11.74 -54.69
CA ARG Z 42 -22.56 -12.24 -54.18
C ARG Z 42 -23.54 -11.10 -53.91
N LEU Z 43 -24.82 -11.40 -54.11
CA LEU Z 43 -25.88 -10.42 -53.93
C LEU Z 43 -27.05 -11.04 -53.17
N THR Z 44 -27.55 -10.34 -52.15
CA THR Z 44 -28.72 -10.81 -51.41
C THR Z 44 -29.80 -9.73 -51.43
N VAL Z 45 -31.05 -10.16 -51.66
CA VAL Z 45 -32.18 -9.23 -51.78
C VAL Z 45 -33.37 -9.77 -50.98
N GLN Z 46 -33.90 -8.95 -50.07
CA GLN Z 46 -35.09 -9.34 -49.32
C GLN Z 46 -36.00 -8.14 -49.12
N LEU Z 47 -37.28 -8.43 -48.91
CA LEU Z 47 -38.30 -7.41 -48.62
C LEU Z 47 -39.07 -7.87 -47.38
N ARG Z 48 -38.56 -7.47 -46.21
CA ARG Z 48 -39.14 -7.86 -44.93
C ARG Z 48 -40.47 -7.16 -44.71
N GLN Z 49 -41.51 -7.97 -44.53
CA GLN Z 49 -42.84 -7.49 -44.23
C GLN Z 49 -42.87 -6.82 -42.86
N PRO Z 50 -43.85 -5.97 -42.61
CA PRO Z 50 -44.03 -5.45 -41.25
C PRO Z 50 -44.61 -6.51 -40.33
N SER Z 51 -44.32 -6.36 -39.04
CA SER Z 51 -44.88 -7.25 -38.03
C SER Z 51 -46.38 -7.02 -37.90
N VAL Z 52 -47.02 -7.81 -37.04
CA VAL Z 52 -48.42 -7.54 -36.75
C VAL Z 52 -48.56 -6.20 -36.03
N ASN Z 53 -47.57 -5.83 -35.21
CA ASN Z 53 -47.62 -4.55 -34.50
C ASN Z 53 -47.24 -3.39 -35.41
N GLY Z 54 -46.09 -3.49 -36.10
CA GLY Z 54 -45.59 -2.40 -36.90
C GLY Z 54 -46.27 -2.28 -38.26
N ASN Z 55 -45.81 -1.30 -39.03
CA ASN Z 55 -46.27 -1.10 -40.40
C ASN Z 55 -45.12 -0.68 -41.32
N VAL Z 56 -43.92 -1.16 -41.05
CA VAL Z 56 -42.72 -0.71 -41.74
C VAL Z 56 -42.15 -1.84 -42.58
N TYR Z 57 -42.08 -1.61 -43.90
CA TYR Z 57 -41.44 -2.51 -44.85
C TYR Z 57 -39.96 -2.16 -44.95
N ARG Z 58 -39.12 -3.19 -44.95
CA ARG Z 58 -37.67 -3.04 -45.08
C ARG Z 58 -37.17 -3.81 -46.31
N CYS Z 59 -36.68 -3.09 -47.30
CA CYS Z 59 -36.11 -3.71 -48.50
C CYS Z 59 -34.59 -3.61 -48.42
N LYS Z 60 -33.93 -4.76 -48.21
CA LYS Z 60 -32.49 -4.81 -47.99
C LYS Z 60 -31.79 -5.52 -49.16
N ALA Z 61 -30.68 -4.94 -49.60
CA ALA Z 61 -29.92 -5.48 -50.74
C ALA Z 61 -28.43 -5.33 -50.45
N LYS Z 62 -27.72 -6.45 -50.31
CA LYS Z 62 -26.30 -6.47 -49.95
C LYS Z 62 -25.48 -7.06 -51.09
N LEU Z 63 -24.47 -6.31 -51.52
CA LEU Z 63 -23.52 -6.72 -52.53
C LEU Z 63 -22.16 -6.93 -51.86
N VAL Z 64 -21.50 -8.03 -52.22
CA VAL Z 64 -20.22 -8.40 -51.61
C VAL Z 64 -19.24 -8.75 -52.70
N VAL Z 65 -18.11 -8.04 -52.73
CA VAL Z 65 -17.06 -8.25 -53.71
C VAL Z 65 -15.79 -8.66 -52.98
N PRO Z 66 -15.38 -9.92 -53.09
CA PRO Z 66 -14.14 -10.36 -52.46
C PRO Z 66 -12.92 -10.14 -53.34
N VAL Z 67 -11.78 -10.05 -52.68
CA VAL Z 67 -10.46 -10.02 -53.30
C VAL Z 67 -9.69 -11.19 -52.70
N VAL Z 68 -9.26 -12.10 -53.59
CA VAL Z 68 -8.68 -13.40 -53.22
C VAL Z 68 -7.24 -13.48 -53.74
N GLU Z 69 -6.37 -14.05 -52.91
CA GLU Z 69 -4.99 -14.34 -53.27
C GLU Z 69 -4.82 -15.86 -53.40
N VAL Z 70 -4.28 -16.29 -54.54
CA VAL Z 70 -4.05 -17.70 -54.81
C VAL Z 70 -2.57 -17.92 -55.01
N VAL Z 71 -1.99 -18.79 -54.19
CA VAL Z 71 -0.60 -19.21 -54.29
C VAL Z 71 -0.62 -20.72 -54.28
N GLY Z 72 -0.30 -21.34 -55.42
CA GLY Z 72 -0.39 -22.79 -55.48
C GLY Z 72 -1.81 -23.23 -55.27
N ASN Z 73 -2.00 -24.13 -54.30
CA ASN Z 73 -3.33 -24.60 -53.93
C ASN Z 73 -3.90 -23.84 -52.75
N VAL Z 74 -3.17 -22.87 -52.21
CA VAL Z 74 -3.67 -22.03 -51.13
C VAL Z 74 -4.49 -20.90 -51.73
N ARG Z 75 -5.77 -20.87 -51.40
CA ARG Z 75 -6.68 -19.82 -51.86
C ARG Z 75 -7.25 -19.15 -50.62
N THR Z 76 -7.03 -17.84 -50.49
CA THR Z 76 -7.44 -17.14 -49.29
C THR Z 76 -8.09 -15.80 -49.66
N THR Z 77 -9.13 -15.42 -48.93
CA THR Z 77 -9.76 -14.12 -49.16
C THR Z 77 -8.96 -13.03 -48.46
N VAL Z 78 -8.33 -12.15 -49.23
CA VAL Z 78 -7.50 -11.10 -48.62
C VAL Z 78 -8.38 -9.98 -48.07
N ARG Z 79 -9.38 -9.56 -48.84
CA ARG Z 79 -10.22 -8.47 -48.32
C ARG Z 79 -11.57 -8.52 -49.01
N THR Z 80 -12.53 -7.79 -48.47
CA THR Z 80 -13.83 -7.67 -49.13
C THR Z 80 -14.27 -6.21 -49.14
N LEU Z 81 -15.04 -5.86 -50.17
CA LEU Z 81 -15.73 -4.59 -50.25
C LEU Z 81 -17.22 -4.91 -50.29
N THR Z 82 -18.00 -4.30 -49.41
CA THR Z 82 -19.43 -4.57 -49.38
C THR Z 82 -20.22 -3.28 -49.47
N GLU Z 83 -21.44 -3.40 -49.98
CA GLU Z 83 -22.36 -2.28 -50.06
C GLU Z 83 -23.75 -2.79 -49.74
N THR Z 84 -24.44 -2.13 -48.82
CA THR Z 84 -25.78 -2.57 -48.45
C THR Z 84 -26.74 -1.39 -48.51
N THR Z 85 -27.91 -1.63 -49.13
CA THR Z 85 -28.91 -0.61 -49.38
C THR Z 85 -30.22 -1.02 -48.71
N GLU Z 86 -30.75 -0.17 -47.84
CA GLU Z 86 -32.02 -0.41 -47.17
C GLU Z 86 -33.02 0.68 -47.52
N VAL Z 87 -34.17 0.28 -48.02
CA VAL Z 87 -35.28 1.21 -48.30
C VAL Z 87 -36.42 0.88 -47.35
N LEU Z 88 -36.88 1.87 -46.59
CA LEU Z 88 -37.97 1.72 -45.64
C LEU Z 88 -39.17 2.50 -46.13
N PHE Z 89 -40.33 1.83 -46.18
CA PHE Z 89 -41.56 2.54 -46.48
C PHE Z 89 -42.72 1.96 -45.67
N THR Z 90 -43.73 2.81 -45.43
CA THR Z 90 -44.86 2.49 -44.57
C THR Z 90 -45.93 1.72 -45.33
N GLN Z 91 -46.83 1.10 -44.56
CA GLN Z 91 -47.87 0.26 -45.13
C GLN Z 91 -48.87 1.07 -45.97
N ASP Z 92 -49.07 2.33 -45.63
CA ASP Z 92 -50.02 3.19 -46.33
C ASP Z 92 -49.36 4.03 -47.42
N SER Z 93 -48.13 3.71 -47.79
CA SER Z 93 -47.43 4.50 -48.80
C SER Z 93 -48.02 4.26 -50.18
N LEU Z 94 -47.89 5.27 -51.04
CA LEU Z 94 -48.41 5.19 -52.39
C LEU Z 94 -47.35 4.65 -53.34
N GLY Z 95 -47.78 3.83 -54.30
CA GLY Z 95 -46.86 3.35 -55.32
C GLY Z 95 -46.13 4.49 -56.02
N THR Z 96 -46.84 5.60 -56.23
CA THR Z 96 -46.21 6.81 -56.75
C THR Z 96 -45.05 7.26 -55.88
N GLU Z 97 -45.28 7.31 -54.57
CA GLU Z 97 -44.26 7.76 -53.64
C GLU Z 97 -43.03 6.85 -53.68
N ARG Z 98 -43.23 5.53 -53.55
CA ARG Z 98 -42.05 4.70 -53.53
C ARG Z 98 -41.40 4.57 -54.90
N GLN Z 99 -42.12 4.89 -55.98
CA GLN Z 99 -41.45 4.99 -57.27
C GLN Z 99 -40.54 6.21 -57.34
N ARG Z 100 -41.00 7.34 -56.81
CA ARG Z 100 -40.10 8.49 -56.71
C ARG Z 100 -38.86 8.14 -55.89
N VAL Z 101 -39.05 7.40 -54.79
CA VAL Z 101 -37.91 7.02 -53.97
C VAL Z 101 -36.95 6.13 -54.76
N ALA Z 102 -37.49 5.18 -55.52
CA ALA Z 102 -36.61 4.31 -56.32
C ALA Z 102 -35.78 5.11 -57.30
N ASN Z 103 -36.42 6.08 -57.98
CA ASN Z 103 -35.67 6.88 -58.95
C ASN Z 103 -34.64 7.77 -58.27
N LEU Z 104 -34.98 8.31 -57.09
CA LEU Z 104 -34.00 9.11 -56.35
C LEU Z 104 -32.81 8.25 -55.94
N THR Z 105 -33.06 7.02 -55.51
CA THR Z 105 -31.96 6.13 -55.16
C THR Z 105 -31.06 5.89 -56.36
N LYS Z 106 -31.67 5.62 -57.53
CA LYS Z 106 -30.88 5.43 -58.74
C LYS Z 106 -30.05 6.67 -59.06
N SER Z 107 -30.63 7.86 -58.92
CA SER Z 107 -29.90 9.08 -59.23
C SER Z 107 -28.75 9.29 -58.27
N LEU Z 108 -28.99 9.10 -56.97
CA LEU Z 108 -27.92 9.22 -55.99
C LEU Z 108 -26.78 8.26 -56.31
N ALA Z 109 -27.11 6.99 -56.51
CA ALA Z 109 -26.07 6.00 -56.78
C ALA Z 109 -25.29 6.32 -58.05
N GLY Z 110 -25.91 7.02 -59.00
CA GLY Z 110 -25.16 7.47 -60.15
C GLY Z 110 -24.43 8.78 -60.02
N HIS Z 111 -24.71 9.54 -58.96
CA HIS Z 111 -24.19 10.91 -58.85
C HIS Z 111 -22.69 10.94 -58.67
N ALA Z 112 -22.04 11.85 -59.42
CA ALA Z 112 -20.58 11.89 -59.49
C ALA Z 112 -19.94 12.10 -58.13
N THR Z 113 -20.50 12.99 -57.29
CA THR Z 113 -19.83 13.25 -56.01
C THR Z 113 -20.04 12.09 -55.04
N LEU Z 114 -21.23 11.49 -55.02
CA LEU Z 114 -21.42 10.32 -54.17
C LEU Z 114 -20.49 9.19 -54.58
N MET Z 115 -20.30 8.99 -55.88
CA MET Z 115 -19.37 7.97 -56.34
C MET Z 115 -17.94 8.33 -55.97
N SER Z 116 -17.57 9.61 -56.08
CA SER Z 116 -16.21 10.03 -55.74
C SER Z 116 -15.91 9.82 -54.27
N VAL Z 117 -16.92 9.90 -53.40
CA VAL Z 117 -16.68 9.62 -51.99
C VAL Z 117 -16.09 8.23 -51.81
N VAL Z 118 -16.62 7.24 -52.54
CA VAL Z 118 -16.12 5.87 -52.38
C VAL Z 118 -14.86 5.66 -53.20
N GLN Z 119 -14.84 6.16 -54.44
CA GLN Z 119 -13.69 5.95 -55.31
C GLN Z 119 -12.43 6.58 -54.71
N ASP Z 120 -12.55 7.80 -54.20
CA ASP Z 120 -11.41 8.56 -53.69
C ASP Z 120 -11.27 8.44 -52.18
N ALA Z 121 -12.20 7.78 -51.51
CA ALA Z 121 -12.13 7.58 -50.06
C ALA Z 121 -11.88 8.89 -49.32
N SER Z 122 -12.52 9.95 -49.78
CA SER Z 122 -12.49 11.21 -49.06
C SER Z 122 -13.92 11.67 -48.84
N PRO Z 123 -14.18 12.37 -47.75
CA PRO Z 123 -15.53 12.86 -47.48
C PRO Z 123 -15.82 14.11 -48.29
N ILE Z 124 -17.00 14.67 -48.04
CA ILE Z 124 -17.43 15.90 -48.68
C ILE Z 124 -16.93 17.06 -47.83
N TYR Z 125 -16.16 17.96 -48.44
CA TYR Z 125 -15.54 19.10 -47.76
C TYR Z 125 -14.88 19.99 -48.81
N GLY Z 126 -14.90 21.30 -48.55
CA GLY Z 126 -14.18 22.24 -49.40
C GLY Z 126 -15.08 23.15 -50.21
N PRO AA 1 -23.39 28.79 -44.37
CA PRO AA 1 -22.56 28.76 -45.58
C PRO AA 1 -21.15 28.25 -45.28
N LYS AA 2 -20.31 28.12 -46.31
CA LYS AA 2 -18.93 27.73 -46.09
C LYS AA 2 -18.24 28.76 -45.22
N ILE AA 3 -17.57 28.31 -44.16
CA ILE AA 3 -16.84 29.23 -43.30
C ILE AA 3 -15.78 29.97 -44.09
N ALA AA 4 -15.68 31.28 -43.87
CA ALA AA 4 -14.77 32.10 -44.64
C ALA AA 4 -14.47 33.37 -43.85
N ASN AA 5 -13.64 34.22 -44.44
CA ASN AA 5 -13.40 35.53 -43.86
C ASN AA 5 -14.69 36.35 -43.86
N ILE AA 6 -14.84 37.17 -42.83
CA ILE AA 6 -15.97 38.09 -42.72
C ILE AA 6 -15.40 39.50 -42.66
N VAL AA 7 -15.73 40.32 -43.65
CA VAL AA 7 -15.20 41.67 -43.73
C VAL AA 7 -16.31 42.64 -43.34
N ILE AA 8 -16.12 43.34 -42.23
CA ILE AA 8 -17.10 44.30 -41.72
C ILE AA 8 -16.42 45.64 -41.52
N ASN AA 9 -17.21 46.70 -41.55
CA ASN AA 9 -16.69 48.07 -41.49
C ASN AA 9 -17.02 48.67 -40.13
N ASP AA 10 -16.04 49.34 -39.51
CA ASP AA 10 -16.21 49.97 -38.20
C ASP AA 10 -16.46 51.47 -38.30
N GLY AA 11 -16.95 51.95 -39.44
CA GLY AA 11 -17.19 53.35 -39.64
C GLY AA 11 -16.03 54.11 -40.25
N THR AA 12 -14.83 53.58 -40.12
CA THR AA 12 -13.67 54.27 -40.66
C THR AA 12 -12.84 53.38 -41.58
N LYS AA 13 -12.71 52.09 -41.28
CA LYS AA 13 -11.91 51.16 -42.07
C LYS AA 13 -12.64 49.83 -42.19
N ASP AA 14 -12.10 48.97 -43.05
CA ASP AA 14 -12.58 47.60 -43.16
C ASP AA 14 -11.74 46.68 -42.30
N ILE AA 15 -12.41 45.79 -41.59
CA ILE AA 15 -11.81 44.85 -40.66
C ILE AA 15 -12.12 43.46 -41.15
N THR AA 16 -11.09 42.62 -41.23
CA THR AA 16 -11.21 41.25 -41.72
C THR AA 16 -11.13 40.28 -40.53
N LEU AA 17 -12.16 39.48 -40.36
CA LEU AA 17 -12.23 38.47 -39.31
C LEU AA 17 -11.99 37.11 -39.95
N GLN AA 18 -10.90 36.46 -39.55
CA GLN AA 18 -10.43 35.17 -40.01
C GLN AA 18 -11.00 34.06 -39.14
N PRO AA 19 -11.35 32.95 -39.80
CA PRO AA 19 -11.85 31.78 -39.07
C PRO AA 19 -10.81 31.26 -38.11
N VAL AA 20 -11.26 30.80 -36.96
CA VAL AA 20 -10.34 30.47 -35.88
C VAL AA 20 -10.59 29.07 -35.35
N ASN AA 21 -11.85 28.73 -35.09
CA ASN AA 21 -12.16 27.52 -34.37
C ASN AA 21 -13.62 27.20 -34.62
N ILE AA 22 -13.99 25.94 -34.42
CA ILE AA 22 -15.39 25.52 -34.47
C ILE AA 22 -15.64 24.55 -33.33
N ASP AA 23 -16.53 24.94 -32.41
CA ASP AA 23 -16.81 24.20 -31.19
C ASP AA 23 -17.29 22.79 -31.49
N ARG AA 24 -17.39 21.99 -30.43
CA ARG AA 24 -18.21 20.80 -30.49
C ARG AA 24 -19.69 21.17 -30.55
N GLU AA 25 -20.05 22.34 -30.03
CA GLU AA 25 -21.41 22.83 -30.10
C GLU AA 25 -21.76 23.50 -31.43
N GLY AA 26 -20.77 23.69 -32.31
CA GLY AA 26 -21.03 24.22 -33.63
C GLY AA 26 -20.81 25.71 -33.77
N VAL AA 27 -20.30 26.36 -32.73
CA VAL AA 27 -20.04 27.80 -32.77
C VAL AA 27 -18.82 28.07 -33.63
N ALA AA 28 -18.95 29.00 -34.57
CA ALA AA 28 -17.83 29.42 -35.39
C ALA AA 28 -17.19 30.63 -34.73
N HIS AA 29 -15.92 30.51 -34.38
CA HIS AA 29 -15.17 31.61 -33.79
C HIS AA 29 -14.32 32.29 -34.85
N PHE AA 30 -14.17 33.60 -34.72
CA PHE AA 30 -13.37 34.40 -35.65
C PHE AA 30 -12.47 35.32 -34.85
N ARG AA 31 -11.50 35.92 -35.53
CA ARG AA 31 -10.61 36.85 -34.86
C ARG AA 31 -10.06 37.83 -35.89
N GLU AA 32 -9.71 39.03 -35.41
CA GLU AA 32 -9.27 40.09 -36.29
C GLU AA 32 -7.89 39.80 -36.85
N LYS AA 33 -7.69 40.19 -38.10
CA LYS AA 33 -6.46 39.93 -38.83
C LYS AA 33 -5.48 41.08 -38.66
N ASP AA 34 -4.19 40.75 -38.57
CA ASP AA 34 -3.11 41.73 -38.54
C ASP AA 34 -3.14 42.60 -37.28
N VAL AA 35 -3.61 42.04 -36.17
CA VAL AA 35 -3.74 42.75 -34.91
C VAL AA 35 -3.36 41.82 -33.78
N SER AA 36 -2.84 42.40 -32.69
CA SER AA 36 -2.46 41.62 -31.52
C SER AA 36 -3.62 40.75 -31.05
N ILE AA 37 -3.28 39.59 -30.54
CA ILE AA 37 -4.31 38.65 -30.07
C ILE AA 37 -5.20 39.31 -29.02
N LEU AA 38 -4.58 39.98 -28.04
CA LEU AA 38 -5.38 40.52 -26.94
C LEU AA 38 -6.31 41.65 -27.38
N GLU AA 39 -5.91 42.42 -28.38
CA GLU AA 39 -6.70 43.58 -28.78
C GLU AA 39 -7.53 43.35 -30.03
N ALA AA 40 -7.61 42.10 -30.51
CA ALA AA 40 -8.30 41.81 -31.74
C ALA AA 40 -9.78 41.62 -31.47
N ILE AA 41 -10.62 42.24 -32.33
CA ILE AA 41 -12.05 42.01 -32.30
C ILE AA 41 -12.32 40.54 -32.57
N ARG AA 42 -13.31 39.97 -31.89
CA ARG AA 42 -13.65 38.58 -32.19
C ARG AA 42 -15.17 38.39 -32.25
N LEU AA 43 -15.57 37.38 -33.03
CA LEU AA 43 -16.97 37.18 -33.38
C LEU AA 43 -17.30 35.69 -33.34
N THR AA 44 -18.38 35.34 -32.64
CA THR AA 44 -18.85 33.96 -32.59
C THR AA 44 -20.25 33.88 -33.17
N VAL AA 45 -20.50 32.83 -33.97
CA VAL AA 45 -21.75 32.67 -34.70
C VAL AA 45 -22.20 31.22 -34.60
N GLN AA 46 -23.37 30.98 -34.01
CA GLN AA 46 -23.90 29.62 -33.90
C GLN AA 46 -25.37 29.61 -34.25
N LEU AA 47 -25.88 28.42 -34.57
CA LEU AA 47 -27.31 28.23 -34.82
C LEU AA 47 -27.76 26.92 -34.20
N ARG AA 48 -28.36 27.02 -33.01
CA ARG AA 48 -29.02 25.90 -32.36
C ARG AA 48 -30.20 25.40 -33.18
N GLN AA 49 -30.04 24.18 -33.70
CA GLN AA 49 -31.14 23.42 -34.27
C GLN AA 49 -32.20 23.18 -33.20
N PRO AA 50 -33.44 22.90 -33.59
CA PRO AA 50 -34.48 22.66 -32.59
C PRO AA 50 -34.30 21.32 -31.90
N SER AA 51 -34.84 21.23 -30.68
CA SER AA 51 -34.83 19.99 -29.92
C SER AA 51 -35.68 18.92 -30.61
N VAL AA 52 -35.57 17.69 -30.12
CA VAL AA 52 -36.47 16.65 -30.61
C VAL AA 52 -37.89 16.91 -30.11
N ASN AA 53 -38.03 17.48 -28.91
CA ASN AA 53 -39.32 17.91 -28.37
C ASN AA 53 -39.57 19.41 -28.54
N GLY AA 54 -38.78 20.08 -29.38
CA GLY AA 54 -38.99 21.48 -29.65
C GLY AA 54 -39.05 21.74 -31.15
N ASN AA 55 -39.36 23.00 -31.50
CA ASN AA 55 -39.32 23.41 -32.89
C ASN AA 55 -38.75 24.80 -33.07
N VAL AA 56 -37.87 25.23 -32.16
CA VAL AA 56 -37.37 26.61 -32.11
C VAL AA 56 -35.89 26.64 -32.48
N TYR AA 57 -35.55 27.46 -33.47
CA TYR AA 57 -34.19 27.71 -33.93
C TYR AA 57 -33.67 28.98 -33.30
N ARG AA 58 -32.43 28.93 -32.82
CA ARG AA 58 -31.78 30.10 -32.21
C ARG AA 58 -30.46 30.39 -32.93
N CYS AA 59 -30.38 31.52 -33.63
CA CYS AA 59 -29.17 31.98 -34.28
C CYS AA 59 -28.57 33.10 -33.42
N LYS AA 60 -27.42 32.82 -32.81
CA LYS AA 60 -26.76 33.75 -31.90
C LYS AA 60 -25.43 34.20 -32.49
N ALA AA 61 -25.20 35.52 -32.50
CA ALA AA 61 -23.97 36.11 -32.98
C ALA AA 61 -23.49 37.13 -31.96
N LYS AA 62 -22.35 36.86 -31.32
CA LYS AA 62 -21.75 37.73 -30.33
C LYS AA 62 -20.47 38.33 -30.89
N LEU AA 63 -20.38 39.66 -30.83
CA LEU AA 63 -19.21 40.40 -31.27
C LEU AA 63 -18.61 41.09 -30.05
N VAL AA 64 -17.28 41.01 -29.91
CA VAL AA 64 -16.59 41.60 -28.78
C VAL AA 64 -15.47 42.48 -29.29
N VAL AA 65 -15.42 43.71 -28.78
CA VAL AA 65 -14.39 44.69 -29.09
C VAL AA 65 -13.64 45.03 -27.80
N PRO AA 66 -12.40 44.59 -27.65
CA PRO AA 66 -11.62 44.95 -26.47
C PRO AA 66 -10.96 46.31 -26.66
N VAL AA 67 -10.53 46.89 -25.53
CA VAL AA 67 -9.69 48.08 -25.52
C VAL AA 67 -8.50 47.78 -24.62
N VAL AA 68 -7.33 47.61 -25.21
CA VAL AA 68 -6.12 47.32 -24.46
C VAL AA 68 -5.34 48.62 -24.28
N GLU AA 69 -4.80 48.80 -23.08
CA GLU AA 69 -3.91 49.91 -22.77
C GLU AA 69 -2.75 49.39 -21.94
N VAL AA 70 -1.66 50.15 -21.92
CA VAL AA 70 -0.42 49.74 -21.26
C VAL AA 70 -0.47 50.18 -19.80
N VAL AA 71 -0.64 49.23 -18.89
CA VAL AA 71 -0.73 49.48 -17.45
C VAL AA 71 0.50 48.88 -16.78
N GLY AA 72 1.38 49.73 -16.27
CA GLY AA 72 2.62 49.25 -15.67
C GLY AA 72 3.52 48.53 -16.66
N ASN AA 73 3.61 49.05 -17.89
CA ASN AA 73 4.37 48.42 -18.97
C ASN AA 73 3.90 47.00 -19.27
N VAL AA 74 2.62 46.73 -18.98
CA VAL AA 74 2.00 45.43 -19.24
C VAL AA 74 0.67 45.68 -19.94
N ARG AA 75 0.55 45.24 -21.19
CA ARG AA 75 -0.67 45.46 -21.95
C ARG AA 75 -1.82 44.68 -21.32
N THR AA 76 -2.85 45.40 -20.88
CA THR AA 76 -4.03 44.79 -20.28
C THR AA 76 -5.29 45.43 -20.86
N THR AA 77 -6.38 44.66 -20.82
CA THR AA 77 -7.65 45.09 -21.38
C THR AA 77 -8.45 45.81 -20.31
N VAL AA 78 -8.59 47.13 -20.45
CA VAL AA 78 -9.33 47.92 -19.46
C VAL AA 78 -10.83 47.62 -19.54
N ARG AA 79 -11.38 47.64 -20.75
CA ARG AA 79 -12.80 47.52 -20.96
C ARG AA 79 -13.09 46.85 -22.30
N THR AA 80 -14.16 46.05 -22.33
CA THR AA 80 -14.63 45.44 -23.54
C THR AA 80 -16.07 45.89 -23.80
N LEU AA 81 -16.39 46.06 -25.08
CA LEU AA 81 -17.73 46.39 -25.52
C LEU AA 81 -18.31 45.21 -26.29
N THR AA 82 -19.51 44.79 -25.91
CA THR AA 82 -20.09 43.56 -26.43
C THR AA 82 -21.39 43.84 -27.17
N GLU AA 83 -21.70 43.01 -28.16
CA GLU AA 83 -22.97 43.11 -28.85
C GLU AA 83 -23.47 41.71 -29.22
N THR AA 84 -24.70 41.40 -28.83
CA THR AA 84 -25.29 40.08 -29.06
C THR AA 84 -26.56 40.21 -29.88
N THR AA 85 -26.63 39.50 -30.99
CA THR AA 85 -27.81 39.42 -31.84
C THR AA 85 -28.35 38.00 -31.80
N GLU AA 86 -29.61 37.85 -31.37
CA GLU AA 86 -30.28 36.55 -31.36
C GLU AA 86 -31.52 36.61 -32.23
N VAL AA 87 -31.51 35.84 -33.31
CA VAL AA 87 -32.68 35.68 -34.17
C VAL AA 87 -33.29 34.32 -33.89
N LEU AA 88 -34.61 34.28 -33.81
CA LEU AA 88 -35.31 33.12 -33.28
C LEU AA 88 -36.52 32.84 -34.15
N PHE AA 89 -36.58 31.65 -34.73
CA PHE AA 89 -37.69 31.30 -35.62
C PHE AA 89 -38.04 29.83 -35.52
N THR AA 90 -39.25 29.48 -35.96
CA THR AA 90 -39.81 28.16 -35.75
C THR AA 90 -39.58 27.25 -36.94
N GLN AA 91 -39.65 25.93 -36.68
CA GLN AA 91 -39.32 24.93 -37.69
C GLN AA 91 -40.26 24.99 -38.89
N ASP AA 92 -41.51 25.37 -38.67
CA ASP AA 92 -42.49 25.48 -39.74
C ASP AA 92 -42.46 26.84 -40.43
N SER AA 93 -41.41 27.63 -40.23
CA SER AA 93 -41.37 28.97 -40.80
C SER AA 93 -41.10 28.91 -42.29
N LEU AA 94 -41.62 29.91 -43.01
CA LEU AA 94 -41.44 30.00 -44.45
C LEU AA 94 -40.20 30.83 -44.79
N GLY AA 95 -39.58 30.48 -45.92
CA GLY AA 95 -38.36 31.15 -46.34
C GLY AA 95 -38.53 32.65 -46.50
N THR AA 96 -39.66 33.06 -47.11
CA THR AA 96 -39.94 34.49 -47.24
C THR AA 96 -40.01 35.17 -45.89
N GLU AA 97 -40.60 34.50 -44.90
CA GLU AA 97 -40.74 35.09 -43.58
C GLU AA 97 -39.37 35.32 -42.93
N ARG AA 98 -38.52 34.29 -42.91
CA ARG AA 98 -37.24 34.56 -42.25
C ARG AA 98 -36.35 35.49 -43.07
N GLN AA 99 -36.56 35.58 -44.38
CA GLN AA 99 -35.86 36.58 -45.17
C GLN AA 99 -36.30 37.99 -44.78
N ARG AA 100 -37.61 38.18 -44.58
CA ARG AA 100 -38.11 39.45 -44.07
C ARG AA 100 -37.45 39.81 -42.76
N VAL AA 101 -37.34 38.84 -41.85
CA VAL AA 101 -36.73 39.12 -40.55
C VAL AA 101 -35.27 39.51 -40.71
N ALA AA 102 -34.56 38.83 -41.61
CA ALA AA 102 -33.15 39.18 -41.85
C ALA AA 102 -33.02 40.62 -42.30
N ASN AA 103 -33.83 41.03 -43.27
CA ASN AA 103 -33.73 42.40 -43.79
C ASN AA 103 -34.18 43.43 -42.78
N LEU AA 104 -35.18 43.10 -41.95
CA LEU AA 104 -35.58 44.00 -40.89
C LEU AA 104 -34.46 44.20 -39.89
N THR AA 105 -33.78 43.11 -39.53
CA THR AA 105 -32.62 43.21 -38.65
C THR AA 105 -31.58 44.16 -39.24
N LYS AA 106 -31.30 44.01 -40.54
CA LYS AA 106 -30.34 44.89 -41.20
C LYS AA 106 -30.77 46.35 -41.10
N SER AA 107 -32.01 46.65 -41.51
CA SER AA 107 -32.47 48.04 -41.52
C SER AA 107 -32.49 48.62 -40.12
N LEU AA 108 -32.90 47.81 -39.14
CA LEU AA 108 -32.92 48.22 -37.75
C LEU AA 108 -31.53 48.62 -37.29
N ALA AA 109 -30.55 47.74 -37.46
CA ALA AA 109 -29.20 48.03 -37.01
C ALA AA 109 -28.54 49.16 -37.79
N GLY AA 110 -29.07 49.49 -38.96
CA GLY AA 110 -28.55 50.64 -39.67
C GLY AA 110 -29.30 51.92 -39.43
N HIS AA 111 -30.43 51.86 -38.71
CA HIS AA 111 -31.27 53.04 -38.53
C HIS AA 111 -30.61 54.06 -37.62
N ALA AA 112 -30.65 55.32 -38.05
CA ALA AA 112 -29.87 56.37 -37.41
C ALA AA 112 -30.27 56.56 -35.94
N THR AA 113 -31.55 56.45 -35.62
CA THR AA 113 -31.97 56.65 -34.23
C THR AA 113 -31.44 55.55 -33.33
N LEU AA 114 -31.50 54.30 -33.80
CA LEU AA 114 -30.96 53.20 -33.00
C LEU AA 114 -29.46 53.33 -32.83
N MET AA 115 -28.74 53.68 -33.89
CA MET AA 115 -27.30 53.90 -33.76
C MET AA 115 -27.02 55.02 -32.77
N SER AA 116 -27.82 56.08 -32.79
CA SER AA 116 -27.62 57.20 -31.89
C SER AA 116 -27.89 56.80 -30.44
N VAL AA 117 -28.78 55.84 -30.21
CA VAL AA 117 -29.01 55.35 -28.85
C VAL AA 117 -27.71 54.86 -28.22
N VAL AA 118 -26.85 54.21 -29.01
CA VAL AA 118 -25.61 53.70 -28.45
C VAL AA 118 -24.50 54.74 -28.53
N GLN AA 119 -24.42 55.46 -29.65
CA GLN AA 119 -23.37 56.47 -29.81
C GLN AA 119 -23.46 57.53 -28.71
N ASP AA 120 -24.68 57.94 -28.36
CA ASP AA 120 -24.91 59.02 -27.42
C ASP AA 120 -25.30 58.55 -26.02
N ALA AA 121 -25.46 57.25 -25.82
CA ALA AA 121 -25.80 56.70 -24.50
C ALA AA 121 -27.05 57.35 -23.92
N SER AA 122 -28.10 57.42 -24.75
CA SER AA 122 -29.34 58.12 -24.39
C SER AA 122 -30.52 57.25 -24.78
N PRO AA 123 -31.30 56.73 -23.83
CA PRO AA 123 -32.46 55.91 -24.22
C PRO AA 123 -33.40 56.74 -25.06
N ILE AA 124 -34.37 56.07 -25.67
CA ILE AA 124 -35.47 56.82 -26.29
C ILE AA 124 -36.43 57.24 -25.18
N TYR AA 125 -36.94 58.48 -25.29
CA TYR AA 125 -37.62 59.10 -24.15
C TYR AA 125 -38.77 59.99 -24.59
N GLY AA 126 -39.67 60.23 -23.63
CA GLY AA 126 -40.88 61.01 -23.80
C GLY AA 126 -41.74 60.85 -22.57
N PRO BA 1 78.55 -43.29 53.01
CA PRO BA 1 79.79 -42.60 52.66
C PRO BA 1 79.69 -41.09 52.92
N LYS BA 2 80.83 -40.39 52.94
CA LYS BA 2 80.80 -38.97 53.25
C LYS BA 2 80.10 -38.19 52.15
N ILE BA 3 79.60 -37.01 52.51
CA ILE BA 3 78.85 -36.17 51.59
C ILE BA 3 79.82 -35.24 50.86
N ALA BA 4 79.72 -35.21 49.54
CA ALA BA 4 80.71 -34.52 48.71
C ALA BA 4 80.14 -34.38 47.30
N ASN BA 5 80.88 -33.68 46.44
CA ASN BA 5 80.46 -33.52 45.06
C ASN BA 5 80.35 -34.88 44.38
N ILE BA 6 79.28 -35.07 43.62
CA ILE BA 6 79.11 -36.24 42.78
C ILE BA 6 79.33 -35.79 41.35
N VAL BA 7 80.38 -36.29 40.72
CA VAL BA 7 80.70 -35.90 39.34
C VAL BA 7 80.32 -37.06 38.42
N ILE BA 8 79.32 -36.82 37.57
CA ILE BA 8 78.85 -37.81 36.60
C ILE BA 8 79.09 -37.25 35.21
N ASN BA 9 78.93 -38.10 34.20
CA ASN BA 9 79.19 -37.74 32.81
C ASN BA 9 77.96 -38.02 31.95
N ASP BA 10 77.70 -37.14 30.99
CA ASP BA 10 76.57 -37.29 30.07
C ASP BA 10 77.00 -37.76 28.67
N GLY BA 11 78.16 -38.41 28.57
CA GLY BA 11 78.70 -38.88 27.32
C GLY BA 11 79.54 -37.85 26.58
N THR BA 12 79.37 -36.57 26.90
CA THR BA 12 80.09 -35.47 26.28
C THR BA 12 80.86 -34.66 27.30
N LYS BA 13 80.22 -34.28 28.40
CA LYS BA 13 80.72 -33.35 29.39
C LYS BA 13 80.46 -33.95 30.78
N ASP BA 14 81.30 -33.59 31.74
CA ASP BA 14 81.10 -34.03 33.12
C ASP BA 14 80.34 -32.97 33.90
N ILE BA 15 79.18 -33.35 34.42
CA ILE BA 15 78.37 -32.49 35.25
C ILE BA 15 78.70 -32.76 36.71
N THR BA 16 78.98 -31.68 37.44
CA THR BA 16 79.30 -31.73 38.86
C THR BA 16 78.07 -31.36 39.68
N LEU BA 17 77.56 -32.32 40.45
CA LEU BA 17 76.42 -32.11 41.33
C LEU BA 17 76.93 -31.84 42.74
N GLN BA 18 76.68 -30.65 43.25
CA GLN BA 18 77.14 -30.23 44.56
C GLN BA 18 76.12 -30.58 45.63
N PRO BA 19 76.62 -30.98 46.80
CA PRO BA 19 75.72 -31.29 47.93
C PRO BA 19 75.03 -30.02 48.41
N VAL BA 20 73.71 -30.10 48.47
CA VAL BA 20 72.89 -28.92 48.70
C VAL BA 20 72.01 -29.06 49.94
N ASN BA 21 71.45 -30.25 50.18
CA ASN BA 21 70.59 -30.36 51.34
C ASN BA 21 70.62 -31.80 51.85
N ILE BA 22 70.44 -31.98 53.15
CA ILE BA 22 70.11 -33.28 53.68
C ILE BA 22 68.73 -33.18 54.31
N ASP BA 23 67.79 -33.89 53.69
CA ASP BA 23 66.40 -33.82 54.05
C ASP BA 23 66.17 -34.25 55.50
N ARG BA 24 64.98 -33.95 56.00
CA ARG BA 24 64.55 -34.52 57.26
C ARG BA 24 64.20 -35.99 57.14
N GLU BA 25 63.92 -36.45 55.93
CA GLU BA 25 63.73 -37.86 55.66
C GLU BA 25 65.04 -38.60 55.40
N GLY BA 26 66.18 -37.90 55.48
CA GLY BA 26 67.47 -38.50 55.20
C GLY BA 26 67.93 -38.37 53.77
N VAL BA 27 67.21 -37.61 52.95
CA VAL BA 27 67.50 -37.50 51.52
C VAL BA 27 68.63 -36.51 51.30
N ALA BA 28 69.67 -36.95 50.59
CA ALA BA 28 70.75 -36.07 50.18
C ALA BA 28 70.37 -35.47 48.83
N HIS BA 29 70.06 -34.18 48.83
CA HIS BA 29 69.80 -33.40 47.64
C HIS BA 29 71.10 -32.78 47.12
N PHE BA 30 71.35 -32.95 45.83
CA PHE BA 30 72.45 -32.34 45.10
C PHE BA 30 71.87 -31.52 43.96
N ARG BA 31 72.61 -30.48 43.57
CA ARG BA 31 72.19 -29.55 42.53
C ARG BA 31 73.35 -29.32 41.58
N GLU BA 32 73.03 -29.10 40.30
CA GLU BA 32 74.09 -28.92 39.32
C GLU BA 32 74.86 -27.63 39.60
N LYS BA 33 76.18 -27.72 39.47
CA LYS BA 33 77.07 -26.60 39.75
C LYS BA 33 77.11 -25.64 38.58
N ASP BA 34 77.16 -24.34 38.88
CA ASP BA 34 77.35 -23.28 37.88
C ASP BA 34 76.17 -23.21 36.91
N VAL BA 35 74.95 -23.41 37.41
CA VAL BA 35 73.75 -23.38 36.59
C VAL BA 35 72.61 -22.82 37.43
N SER BA 36 71.75 -22.03 36.79
CA SER BA 36 70.61 -21.45 37.48
C SER BA 36 69.81 -22.52 38.19
N ILE BA 37 69.25 -22.16 39.34
CA ILE BA 37 68.48 -23.10 40.14
C ILE BA 37 67.39 -23.78 39.31
N LEU BA 38 66.73 -23.02 38.43
CA LEU BA 38 65.63 -23.58 37.65
C LEU BA 38 66.13 -24.64 36.68
N GLU BA 39 67.24 -24.39 36.01
CA GLU BA 39 67.72 -25.26 34.95
C GLU BA 39 68.76 -26.27 35.42
N ALA BA 40 69.06 -26.31 36.71
CA ALA BA 40 70.09 -27.22 37.18
C ALA BA 40 69.54 -28.64 37.27
N ILE BA 41 70.40 -29.59 36.94
CA ILE BA 41 70.13 -31.01 37.12
C ILE BA 41 70.23 -31.31 38.60
N ARG BA 42 69.24 -32.02 39.15
CA ARG BA 42 69.29 -32.32 40.57
C ARG BA 42 69.17 -33.81 40.86
N LEU BA 43 69.81 -34.24 41.95
CA LEU BA 43 69.92 -35.65 42.31
C LEU BA 43 69.59 -35.85 43.78
N THR BA 44 68.71 -36.80 44.08
CA THR BA 44 68.35 -37.11 45.47
C THR BA 44 68.67 -38.57 45.78
N VAL BA 45 69.30 -38.81 46.93
CA VAL BA 45 69.80 -40.13 47.31
C VAL BA 45 69.47 -40.40 48.77
N GLN BA 46 68.65 -41.41 49.05
CA GLN BA 46 68.27 -41.73 50.42
C GLN BA 46 68.32 -43.23 50.67
N LEU BA 47 68.59 -43.62 51.92
CA LEU BA 47 68.63 -45.02 52.33
C LEU BA 47 67.66 -45.21 53.50
N ARG BA 48 66.43 -45.57 53.16
CA ARG BA 48 65.37 -45.85 54.12
C ARG BA 48 65.68 -47.15 54.83
N GLN BA 49 66.01 -47.06 56.12
CA GLN BA 49 66.28 -48.22 56.94
C GLN BA 49 64.97 -48.90 57.31
N PRO BA 50 65.03 -50.18 57.70
CA PRO BA 50 63.79 -50.93 57.92
C PRO BA 50 63.08 -50.51 59.20
N SER BA 51 61.79 -50.82 59.24
CA SER BA 51 60.94 -50.57 60.40
C SER BA 51 61.34 -51.50 61.55
N VAL BA 52 60.76 -51.24 62.73
CA VAL BA 52 61.01 -52.13 63.87
C VAL BA 52 60.47 -53.53 63.57
N ASN BA 53 59.34 -53.61 62.86
CA ASN BA 53 58.77 -54.91 62.52
C ASN BA 53 59.47 -55.55 61.33
N GLY BA 54 59.84 -54.74 60.33
CA GLY BA 54 60.41 -55.26 59.10
C GLY BA 54 61.94 -55.38 59.13
N ASN BA 55 62.49 -55.85 58.02
CA ASN BA 55 63.94 -55.95 57.85
C ASN BA 55 64.36 -55.59 56.43
N VAL BA 56 63.68 -54.62 55.81
CA VAL BA 56 63.90 -54.32 54.40
C VAL BA 56 64.41 -52.89 54.24
N TYR BA 57 65.61 -52.75 53.68
CA TYR BA 57 66.21 -51.48 53.31
C TYR BA 57 65.79 -51.14 51.88
N ARG BA 58 65.48 -49.84 51.68
CA ARG BA 58 65.23 -49.26 50.36
C ARG BA 58 66.24 -48.15 50.10
N CYS BA 59 66.98 -48.28 49.01
CA CYS BA 59 67.93 -47.25 48.59
C CYS BA 59 67.39 -46.62 47.32
N LYS BA 60 66.96 -45.36 47.41
CA LYS BA 60 66.31 -44.66 46.31
C LYS BA 60 67.19 -43.52 45.82
N ALA BA 61 67.33 -43.41 44.49
CA ALA BA 61 68.12 -42.35 43.86
C ALA BA 61 67.35 -41.83 42.66
N LYS BA 62 66.96 -40.55 42.71
CA LYS BA 62 66.21 -39.90 41.64
C LYS BA 62 67.08 -38.81 41.02
N LEU BA 63 67.33 -38.94 39.72
CA LEU BA 63 67.97 -37.91 38.92
C LEU BA 63 66.90 -37.20 38.11
N VAL BA 64 66.96 -35.87 38.08
CA VAL BA 64 66.04 -35.07 37.30
C VAL BA 64 66.84 -34.14 36.40
N VAL BA 65 66.61 -34.24 35.10
CA VAL BA 65 67.23 -33.39 34.09
C VAL BA 65 66.13 -32.52 33.50
N PRO BA 66 66.18 -31.21 33.69
CA PRO BA 66 65.24 -30.32 33.03
C PRO BA 66 65.74 -29.85 31.68
N VAL BA 67 64.80 -29.48 30.81
CA VAL BA 67 65.07 -28.91 29.51
C VAL BA 67 64.50 -27.49 29.54
N VAL BA 68 65.37 -26.50 29.66
CA VAL BA 68 64.96 -25.12 29.79
C VAL BA 68 65.24 -24.42 28.48
N GLU BA 69 64.21 -23.82 27.90
CA GLU BA 69 64.33 -22.97 26.72
C GLU BA 69 63.66 -21.63 27.00
N VAL BA 70 64.13 -20.59 26.30
CA VAL BA 70 63.64 -19.24 26.53
C VAL BA 70 62.33 -19.06 25.78
N VAL BA 71 61.28 -18.66 26.51
CA VAL BA 71 59.97 -18.33 25.94
C VAL BA 71 59.82 -16.82 26.07
N GLY BA 72 59.85 -16.12 24.94
CA GLY BA 72 59.93 -14.67 25.00
C GLY BA 72 61.24 -14.25 25.63
N ASN BA 73 61.15 -13.53 26.76
CA ASN BA 73 62.32 -13.17 27.55
C ASN BA 73 62.40 -13.97 28.85
N VAL BA 74 61.50 -14.94 29.04
CA VAL BA 74 61.40 -15.69 30.29
C VAL BA 74 61.94 -17.09 30.06
N ARG BA 75 62.98 -17.47 30.81
CA ARG BA 75 63.49 -18.83 30.73
C ARG BA 75 62.49 -19.77 31.39
N THR BA 76 62.08 -20.83 30.67
CA THR BA 76 61.10 -21.76 31.22
C THR BA 76 61.50 -23.19 30.88
N THR BA 77 61.21 -24.09 31.82
CA THR BA 77 61.45 -25.52 31.62
C THR BA 77 60.34 -26.08 30.75
N VAL BA 78 60.70 -26.48 29.52
CA VAL BA 78 59.71 -27.04 28.59
C VAL BA 78 59.26 -28.41 29.06
N ARG BA 79 60.21 -29.26 29.44
CA ARG BA 79 59.93 -30.63 29.84
C ARG BA 79 61.06 -31.11 30.73
N THR BA 80 60.86 -32.27 31.34
CA THR BA 80 61.88 -32.87 32.19
C THR BA 80 61.97 -34.35 31.90
N LEU BA 81 63.18 -34.90 32.09
CA LEU BA 81 63.43 -36.33 32.03
C LEU BA 81 63.84 -36.79 33.42
N THR BA 82 63.34 -37.95 33.84
CA THR BA 82 63.57 -38.41 35.21
C THR BA 82 64.04 -39.86 35.21
N GLU BA 83 64.97 -40.17 36.11
CA GLU BA 83 65.44 -41.54 36.28
C GLU BA 83 65.44 -41.88 37.77
N THR BA 84 64.91 -43.05 38.11
CA THR BA 84 64.76 -43.47 39.51
C THR BA 84 65.28 -44.89 39.67
N THR BA 85 66.35 -45.05 40.44
CA THR BA 85 66.90 -46.35 40.80
C THR BA 85 66.49 -46.68 42.23
N GLU BA 86 66.02 -47.90 42.46
CA GLU BA 86 65.57 -48.32 43.78
C GLU BA 86 66.07 -49.74 44.06
N VAL BA 87 66.96 -49.86 45.05
CA VAL BA 87 67.57 -51.14 45.41
C VAL BA 87 67.00 -51.58 46.76
N LEU BA 88 66.50 -52.82 46.82
CA LEU BA 88 65.92 -53.37 48.04
C LEU BA 88 66.77 -54.55 48.52
N PHE BA 89 67.14 -54.52 49.80
CA PHE BA 89 67.84 -55.67 50.36
C PHE BA 89 67.49 -55.82 51.83
N THR BA 90 67.63 -57.04 52.32
CA THR BA 90 67.24 -57.43 53.68
C THR BA 90 68.42 -57.30 54.64
N GLN BA 91 68.10 -57.26 55.93
CA GLN BA 91 69.12 -57.05 56.95
C GLN BA 91 70.05 -58.25 57.11
N ASP BA 92 69.57 -59.45 56.76
CA ASP BA 92 70.42 -60.62 56.82
C ASP BA 92 71.31 -60.76 55.59
N SER BA 93 71.24 -59.79 54.66
CA SER BA 93 72.01 -59.88 53.43
C SER BA 93 73.50 -59.70 53.70
N LEU BA 94 74.31 -60.39 52.91
CA LEU BA 94 75.76 -60.33 53.04
C LEU BA 94 76.30 -59.16 52.24
N GLY BA 95 77.43 -58.61 52.72
CA GLY BA 95 78.08 -57.55 51.97
C GLY BA 95 78.47 -57.99 50.57
N THR BA 96 78.96 -59.23 50.44
CA THR BA 96 79.34 -59.72 49.13
C THR BA 96 78.12 -59.79 48.20
N GLU BA 97 76.97 -60.17 48.74
CA GLU BA 97 75.76 -60.20 47.93
C GLU BA 97 75.35 -58.80 47.49
N ARG BA 98 75.32 -57.85 48.44
CA ARG BA 98 74.98 -56.47 48.08
C ARG BA 98 75.94 -55.93 47.02
N GLN BA 99 77.22 -56.27 47.13
CA GLN BA 99 78.21 -55.79 46.17
C GLN BA 99 78.00 -56.40 44.80
N ARG BA 100 77.72 -57.70 44.77
CA ARG BA 100 77.34 -58.36 43.52
C ARG BA 100 76.17 -57.65 42.86
N VAL BA 101 75.16 -57.26 43.64
CA VAL BA 101 74.00 -56.59 43.06
C VAL BA 101 74.36 -55.21 42.55
N ALA BA 102 75.20 -54.48 43.29
CA ALA BA 102 75.61 -53.16 42.83
C ALA BA 102 76.35 -53.23 41.50
N ASN BA 103 77.26 -54.20 41.38
CA ASN BA 103 77.99 -54.37 40.12
C ASN BA 103 77.06 -54.76 38.98
N LEU BA 104 76.09 -55.63 39.26
CA LEU BA 104 75.12 -55.98 38.23
C LEU BA 104 74.33 -54.75 37.79
N THR BA 105 73.95 -53.89 38.75
CA THR BA 105 73.24 -52.66 38.40
C THR BA 105 74.09 -51.79 37.49
N LYS BA 106 75.37 -51.65 37.79
CA LYS BA 106 76.28 -50.89 36.95
C LYS BA 106 76.35 -51.48 35.54
N SER BA 107 76.63 -52.78 35.45
CA SER BA 107 76.73 -53.44 34.15
C SER BA 107 75.44 -53.29 33.36
N LEU BA 108 74.30 -53.37 34.05
CA LEU BA 108 73.01 -53.27 33.41
C LEU BA 108 72.80 -51.88 32.83
N ALA BA 109 73.02 -50.83 33.64
CA ALA BA 109 72.83 -49.47 33.15
C ALA BA 109 73.84 -49.10 32.08
N GLY BA 110 74.96 -49.81 31.98
CA GLY BA 110 75.85 -49.55 30.87
C GLY BA 110 75.61 -50.38 29.64
N HIS BA 111 74.64 -51.30 29.67
CA HIS BA 111 74.48 -52.26 28.58
C HIS BA 111 73.83 -51.64 27.35
N ALA BA 112 74.37 -52.01 26.19
CA ALA BA 112 74.01 -51.37 24.94
C ALA BA 112 72.51 -51.44 24.66
N THR BA 113 71.88 -52.59 24.90
CA THR BA 113 70.49 -52.75 24.49
C THR BA 113 69.55 -51.92 25.39
N LEU BA 114 69.87 -51.79 26.67
CA LEU BA 114 69.03 -50.97 27.54
C LEU BA 114 69.22 -49.49 27.24
N MET BA 115 70.48 -49.08 27.05
CA MET BA 115 70.71 -47.71 26.62
C MET BA 115 69.97 -47.42 25.33
N SER BA 116 69.92 -48.39 24.41
CA SER BA 116 69.20 -48.20 23.17
C SER BA 116 67.70 -48.11 23.40
N VAL BA 117 67.16 -48.88 24.35
CA VAL BA 117 65.74 -48.75 24.68
C VAL BA 117 65.42 -47.30 25.04
N VAL BA 118 66.27 -46.67 25.84
CA VAL BA 118 65.92 -45.31 26.26
C VAL BA 118 66.23 -44.30 25.16
N GLN BA 119 67.36 -44.45 24.47
CA GLN BA 119 67.75 -43.50 23.43
C GLN BA 119 66.77 -43.52 22.26
N ASP BA 120 66.60 -44.69 21.64
CA ASP BA 120 65.72 -44.86 20.49
C ASP BA 120 64.25 -44.91 20.86
N ALA BA 121 63.91 -44.98 22.15
CA ALA BA 121 62.53 -45.05 22.63
C ALA BA 121 61.76 -46.22 22.02
N SER BA 122 62.46 -47.31 21.68
CA SER BA 122 61.82 -48.52 21.19
C SER BA 122 62.08 -49.65 22.17
N PRO BA 123 61.07 -50.39 22.59
CA PRO BA 123 61.26 -51.47 23.55
C PRO BA 123 61.82 -52.71 22.86
N ILE BA 124 62.03 -53.74 23.67
CA ILE BA 124 62.56 -55.02 23.18
C ILE BA 124 61.38 -55.81 22.63
N TYR BA 125 61.43 -56.13 21.34
CA TYR BA 125 60.40 -56.93 20.68
C TYR BA 125 61.04 -57.61 19.48
N GLY BA 126 60.66 -58.87 19.23
CA GLY BA 126 61.12 -59.64 18.09
C GLY BA 126 62.63 -59.79 17.94
N PRO CA 1 64.72 -52.74 20.93
CA PRO CA 1 65.44 -53.51 19.90
C PRO CA 1 65.00 -54.96 19.82
N LYS CA 2 65.86 -55.78 19.21
CA LYS CA 2 65.56 -57.18 19.00
C LYS CA 2 65.95 -57.99 20.23
N ILE CA 3 65.07 -58.91 20.62
CA ILE CA 3 65.28 -59.69 21.83
C ILE CA 3 66.49 -60.60 21.64
N ALA CA 4 67.37 -60.62 22.64
CA ALA CA 4 68.59 -61.40 22.55
C ALA CA 4 69.18 -61.56 23.94
N ASN CA 5 70.25 -62.34 24.01
CA ASN CA 5 70.93 -62.57 25.28
C ASN CA 5 71.48 -61.26 25.84
N ILE CA 6 71.41 -61.11 27.16
CA ILE CA 6 71.96 -59.96 27.85
C ILE CA 6 73.03 -60.45 28.80
N VAL CA 7 74.27 -60.08 28.55
CA VAL CA 7 75.39 -60.50 29.40
C VAL CA 7 75.80 -59.30 30.25
N ILE CA 8 75.79 -59.50 31.57
CA ILE CA 8 76.21 -58.45 32.50
C ILE CA 8 77.18 -59.03 33.51
N ASN CA 9 78.03 -58.16 34.04
CA ASN CA 9 79.08 -58.58 34.96
C ASN CA 9 78.69 -58.25 36.40
N ASP CA 10 79.03 -59.15 37.32
CA ASP CA 10 78.74 -58.97 38.74
C ASP CA 10 79.98 -58.60 39.55
N GLY CA 11 81.04 -58.18 38.89
CA GLY CA 11 82.29 -57.86 39.55
C GLY CA 11 83.27 -58.99 39.62
N THR CA 12 82.82 -60.23 39.41
CA THR CA 12 83.71 -61.38 39.49
C THR CA 12 83.64 -62.21 38.21
N LYS CA 13 82.46 -62.26 37.57
CA LYS CA 13 82.27 -63.09 36.39
C LYS CA 13 81.13 -62.54 35.55
N ASP CA 14 81.07 -63.01 34.31
CA ASP CA 14 80.01 -62.63 33.38
C ASP CA 14 78.82 -63.58 33.51
N ILE CA 15 77.64 -63.00 33.57
CA ILE CA 15 76.40 -63.73 33.78
C ILE CA 15 75.52 -63.52 32.57
N THR CA 16 75.08 -64.62 31.95
CA THR CA 16 74.28 -64.59 30.74
C THR CA 16 72.81 -64.76 31.09
N LEU CA 17 71.99 -63.81 30.68
CA LEU CA 17 70.55 -63.86 30.87
C LEU CA 17 69.92 -64.12 29.52
N GLN CA 18 69.32 -65.30 29.36
CA GLN CA 18 68.65 -65.73 28.14
C GLN CA 18 67.20 -65.26 28.14
N PRO CA 19 66.72 -64.83 26.99
CA PRO CA 19 65.33 -64.38 26.89
C PRO CA 19 64.38 -65.56 27.05
N VAL CA 20 63.24 -65.28 27.66
CA VAL CA 20 62.20 -66.28 27.91
C VAL CA 20 60.98 -66.02 27.05
N ASN CA 21 60.39 -64.82 27.17
CA ASN CA 21 59.21 -64.45 26.39
C ASN CA 21 58.98 -62.96 26.58
N ILE CA 22 57.87 -62.48 26.01
CA ILE CA 22 57.38 -61.12 26.21
C ILE CA 22 55.87 -61.17 26.41
N ASP CA 23 55.41 -60.75 27.58
CA ASP CA 23 54.04 -60.99 28.01
C ASP CA 23 53.10 -59.96 27.36
N ARG CA 24 51.81 -60.03 27.73
CA ARG CA 24 50.82 -59.16 27.09
C ARG CA 24 51.12 -57.69 27.37
N GLU CA 25 51.66 -57.38 28.55
CA GLU CA 25 51.94 -55.99 28.93
C GLU CA 25 53.09 -55.41 28.12
N GLY CA 26 53.96 -56.27 27.56
CA GLY CA 26 55.13 -55.81 26.85
C GLY CA 26 56.43 -56.05 27.59
N VAL CA 27 56.37 -56.66 28.78
CA VAL CA 27 57.57 -56.93 29.56
C VAL CA 27 58.32 -58.09 28.93
N ALA CA 28 59.60 -57.87 28.65
CA ALA CA 28 60.49 -58.92 28.17
C ALA CA 28 61.17 -59.56 29.37
N HIS CA 29 61.03 -60.88 29.50
CA HIS CA 29 61.57 -61.62 30.65
C HIS CA 29 62.85 -62.36 30.26
N PHE CA 30 63.85 -62.31 31.15
CA PHE CA 30 65.12 -62.98 30.99
C PHE CA 30 65.44 -63.77 32.25
N ARG CA 31 66.12 -64.90 32.04
CA ARG CA 31 66.43 -65.86 33.10
C ARG CA 31 67.89 -66.29 32.96
N GLU CA 32 68.57 -66.44 34.10
CA GLU CA 32 69.99 -66.79 34.09
C GLU CA 32 70.20 -68.16 33.45
N LYS CA 33 71.23 -68.25 32.63
CA LYS CA 33 71.53 -69.47 31.89
C LYS CA 33 72.21 -70.50 32.79
N ASP CA 34 71.84 -71.77 32.63
CA ASP CA 34 72.55 -72.90 33.24
C ASP CA 34 72.43 -72.92 34.76
N VAL CA 35 71.35 -72.35 35.30
CA VAL CA 35 71.12 -72.33 36.74
C VAL CA 35 69.67 -72.74 36.98
N SER CA 36 69.44 -73.34 38.15
CA SER CA 36 68.10 -73.77 38.51
C SER CA 36 67.10 -72.61 38.44
N ILE CA 37 65.86 -72.96 38.10
CA ILE CA 37 64.77 -71.98 38.10
C ILE CA 37 64.74 -71.19 39.40
N LEU CA 38 64.88 -71.89 40.53
CA LEU CA 38 64.67 -71.24 41.82
C LEU CA 38 65.76 -70.20 42.11
N GLU CA 39 67.00 -70.51 41.75
CA GLU CA 39 68.14 -69.68 42.13
C GLU CA 39 68.64 -68.80 40.99
N ALA CA 40 67.95 -68.78 39.86
CA ALA CA 40 68.43 -68.05 38.70
C ALA CA 40 68.10 -66.57 38.83
N ILE CA 41 69.06 -65.74 38.41
CA ILE CA 41 68.86 -64.30 38.36
C ILE CA 41 67.87 -63.98 37.26
N ARG CA 42 66.98 -63.02 37.51
CA ARG CA 42 65.95 -62.69 36.54
C ARG CA 42 65.95 -61.19 36.23
N LEU CA 43 65.61 -60.87 34.98
CA LEU CA 43 65.59 -59.49 34.51
C LEU CA 43 64.32 -59.24 33.70
N THR CA 44 63.63 -58.14 33.97
CA THR CA 44 62.46 -57.76 33.18
C THR CA 44 62.64 -56.35 32.65
N VAL CA 45 62.28 -56.15 31.38
CA VAL CA 45 62.47 -54.87 30.68
C VAL CA 45 61.22 -54.53 29.90
N GLN CA 46 60.65 -53.34 30.14
CA GLN CA 46 59.50 -52.89 29.37
C GLN CA 46 59.60 -51.39 29.11
N LEU CA 47 58.92 -50.96 28.05
CA LEU CA 47 58.82 -49.54 27.68
C LEU CA 47 57.35 -49.21 27.46
N ARG CA 48 56.68 -48.81 28.54
CA ARG CA 48 55.26 -48.51 28.53
C ARG CA 48 55.00 -47.22 27.76
N GLN CA 49 54.18 -47.34 26.70
CA GLN CA 49 53.76 -46.21 25.91
C GLN CA 49 52.88 -45.27 26.73
N PRO CA 50 52.77 -44.03 26.32
CA PRO CA 50 51.79 -43.13 26.96
C PRO CA 50 50.38 -43.49 26.54
N SER CA 51 49.43 -43.15 27.43
CA SER CA 51 48.02 -43.35 27.13
C SER CA 51 47.58 -42.40 26.02
N VAL CA 52 46.32 -42.50 25.64
CA VAL CA 52 45.78 -41.52 24.70
C VAL CA 52 45.72 -40.15 25.35
N ASN CA 53 45.48 -40.10 26.66
CA ASN CA 53 45.44 -38.82 27.37
C ASN CA 53 46.84 -38.29 27.66
N GLY CA 54 47.71 -39.11 28.25
CA GLY CA 54 49.02 -38.67 28.67
C GLY CA 54 50.02 -38.59 27.53
N ASN CA 55 51.25 -38.21 27.89
CA ASN CA 55 52.37 -38.20 26.95
C ASN CA 55 53.66 -38.65 27.61
N VAL CA 56 53.57 -39.56 28.58
CA VAL CA 56 54.70 -39.95 29.40
C VAL CA 56 55.08 -41.40 29.10
N TYR CA 57 56.32 -41.60 28.64
CA TYR CA 57 56.90 -42.91 28.44
C TYR CA 57 57.58 -43.37 29.72
N ARG CA 58 57.37 -44.64 30.08
CA ARG CA 58 57.96 -45.25 31.27
C ARG CA 58 58.80 -46.45 30.87
N CYS CA 59 60.10 -46.38 31.06
CA CYS CA 59 61.00 -47.48 30.78
C CYS CA 59 61.43 -48.12 32.09
N LYS CA 60 60.93 -49.34 32.36
CA LYS CA 60 61.14 -50.02 33.63
C LYS CA 60 62.01 -51.26 33.44
N ALA CA 61 62.96 -51.44 34.34
CA ALA CA 61 63.91 -52.57 34.28
C ALA CA 61 64.16 -53.08 35.69
N LYS CA 62 63.75 -54.32 35.96
CA LYS CA 62 63.85 -54.92 37.28
C LYS CA 62 64.79 -56.12 37.26
N LEU CA 63 65.78 -56.10 38.14
CA LEU CA 63 66.73 -57.18 38.33
C LEU CA 63 66.46 -57.84 39.68
N VAL CA 64 66.46 -59.17 39.70
CA VAL CA 64 66.15 -59.92 40.91
C VAL CA 64 67.21 -60.99 41.12
N VAL CA 65 67.88 -60.95 42.27
CA VAL CA 65 68.92 -61.89 42.62
C VAL CA 65 68.48 -62.66 43.87
N PRO CA 66 68.13 -63.93 43.73
CA PRO CA 66 67.76 -64.73 44.90
C PRO CA 66 68.96 -65.38 45.57
N VAL CA 67 68.77 -65.67 46.85
CA VAL CA 67 69.69 -66.46 47.66
C VAL CA 67 68.89 -67.65 48.18
N VAL CA 68 69.36 -68.85 47.84
CA VAL CA 68 68.64 -70.10 48.05
C VAL CA 68 69.46 -71.01 48.97
N GLU CA 69 68.75 -71.68 49.89
CA GLU CA 69 69.33 -72.70 50.75
C GLU CA 69 68.82 -74.07 50.34
N VAL CA 70 69.74 -75.00 50.12
CA VAL CA 70 69.41 -76.36 49.71
C VAL CA 70 69.92 -77.32 50.78
N VAL CA 71 69.00 -78.10 51.34
CA VAL CA 71 69.30 -79.15 52.30
C VAL CA 71 68.60 -80.40 51.79
N GLY CA 72 69.38 -81.36 51.33
CA GLY CA 72 68.78 -82.54 50.75
C GLY CA 72 67.99 -82.17 49.51
N ASN CA 73 66.72 -82.57 49.51
CA ASN CA 73 65.81 -82.21 48.43
C ASN CA 73 64.98 -80.98 48.75
N VAL CA 74 65.16 -80.37 49.92
CA VAL CA 74 64.47 -79.15 50.28
C VAL CA 74 65.25 -77.98 49.70
N ARG CA 75 64.61 -77.23 48.80
CA ARG CA 75 65.21 -76.05 48.19
C ARG CA 75 64.29 -74.88 48.51
N THR CA 76 64.83 -73.86 49.18
CA THR CA 76 64.01 -72.74 49.63
C THR CA 76 64.72 -71.43 49.36
N THR CA 77 63.98 -70.41 48.97
CA THR CA 77 64.56 -69.08 48.77
C THR CA 77 64.69 -68.37 50.11
N VAL CA 78 65.91 -68.15 50.57
CA VAL CA 78 66.10 -67.52 51.87
C VAL CA 78 65.88 -66.02 51.78
N ARG CA 79 66.43 -65.39 50.74
CA ARG CA 79 66.23 -63.94 50.65
C ARG CA 79 66.40 -63.52 49.21
N THR CA 80 65.99 -62.29 48.90
CA THR CA 80 66.23 -61.73 47.57
C THR CA 80 66.76 -60.32 47.68
N LEU CA 81 67.57 -59.93 46.70
CA LEU CA 81 68.00 -58.56 46.50
C LEU CA 81 67.46 -58.12 45.15
N THR CA 82 66.75 -56.99 45.12
CA THR CA 82 66.19 -56.52 43.86
C THR CA 82 66.62 -55.08 43.59
N GLU CA 83 66.64 -54.74 42.31
CA GLU CA 83 66.95 -53.37 41.90
C GLU CA 83 66.05 -53.04 40.72
N THR CA 84 65.35 -51.90 40.79
CA THR CA 84 64.46 -51.53 39.70
C THR CA 84 64.75 -50.10 39.27
N THR CA 85 64.84 -49.90 37.95
CA THR CA 85 65.22 -48.64 37.34
C THR CA 85 64.09 -48.17 36.43
N GLU CA 86 63.58 -46.96 36.68
CA GLU CA 86 62.53 -46.36 35.86
C GLU CA 86 63.02 -45.07 35.23
N VAL CA 87 62.93 -44.97 33.91
CA VAL CA 87 63.26 -43.75 33.18
C VAL CA 87 61.98 -43.20 32.57
N LEU CA 88 61.66 -41.96 32.86
CA LEU CA 88 60.47 -41.29 32.35
C LEU CA 88 60.87 -40.20 31.39
N PHE CA 89 60.28 -40.21 30.18
CA PHE CA 89 60.49 -39.09 29.27
C PHE CA 89 59.22 -38.80 28.49
N THR CA 90 59.11 -37.55 28.04
CA THR CA 90 57.91 -37.03 27.41
C THR CA 90 57.90 -37.35 25.91
N GLN CA 91 56.71 -37.22 25.31
CA GLN CA 91 56.51 -37.58 23.91
C GLN CA 91 57.29 -36.66 22.98
N ASP CA 92 57.51 -35.40 23.38
CA ASP CA 92 58.21 -34.42 22.56
C ASP CA 92 59.70 -34.35 22.89
N SER CA 93 60.23 -35.30 23.64
CA SER CA 93 61.64 -35.25 24.02
C SER CA 93 62.53 -35.54 22.82
N LEU CA 94 63.74 -35.01 22.87
CA LEU CA 94 64.70 -35.19 21.79
C LEU CA 94 65.58 -36.41 22.07
N GLY CA 95 65.91 -37.14 20.99
CA GLY CA 95 66.82 -38.26 21.13
C GLY CA 95 68.12 -37.85 21.79
N THR CA 96 68.60 -36.64 21.48
CA THR CA 96 69.76 -36.08 22.16
C THR CA 96 69.56 -36.03 23.67
N GLU CA 97 68.40 -35.53 24.08
CA GLU CA 97 68.10 -35.39 25.51
C GLU CA 97 68.09 -36.76 26.19
N ARG CA 98 67.34 -37.72 25.65
CA ARG CA 98 67.29 -38.98 26.37
C ARG CA 98 68.59 -39.77 26.24
N GLN CA 99 69.43 -39.45 25.25
CA GLN CA 99 70.77 -40.05 25.25
C GLN CA 99 71.64 -39.49 26.37
N ARG CA 100 71.56 -38.18 26.61
CA ARG CA 100 72.23 -37.63 27.78
C ARG CA 100 71.74 -38.30 29.06
N VAL CA 101 70.44 -38.53 29.15
CA VAL CA 101 69.90 -39.18 30.35
C VAL CA 101 70.45 -40.59 30.49
N ALA CA 102 70.52 -41.33 29.38
CA ALA CA 102 71.05 -42.69 29.45
C ALA CA 102 72.49 -42.69 29.95
N ASN CA 103 73.31 -41.77 29.45
CA ASN CA 103 74.71 -41.73 29.88
C ASN CA 103 74.82 -41.30 31.34
N LEU CA 104 73.97 -40.36 31.78
CA LEU CA 104 73.97 -39.97 33.18
C LEU CA 104 73.60 -41.16 34.07
N THR CA 105 72.61 -41.95 33.65
CA THR CA 105 72.23 -43.12 34.42
C THR CA 105 73.40 -44.08 34.54
N LYS CA 106 74.10 -44.33 33.42
CA LYS CA 106 75.26 -45.19 33.45
C LYS CA 106 76.33 -44.66 34.41
N SER CA 107 76.57 -43.34 34.37
CA SER CA 107 77.60 -42.76 35.24
C SER CA 107 77.21 -42.88 36.70
N LEU CA 108 75.95 -42.57 37.05
CA LEU CA 108 75.48 -42.73 38.41
C LEU CA 108 75.67 -44.16 38.88
N ALA CA 109 75.16 -45.13 38.10
CA ALA CA 109 75.25 -46.52 38.51
C ALA CA 109 76.70 -46.97 38.68
N GLY CA 110 77.63 -46.34 37.96
CA GLY CA 110 79.02 -46.66 38.21
C GLY CA 110 79.71 -45.88 39.32
N HIS CA 111 79.07 -44.82 39.81
CA HIS CA 111 79.73 -43.90 40.74
C HIS CA 111 80.04 -44.56 42.08
N ALA CA 112 81.25 -44.32 42.57
CA ALA CA 112 81.75 -45.01 43.75
C ALA CA 112 80.88 -44.77 44.97
N THR CA 113 80.40 -43.54 45.19
CA THR CA 113 79.63 -43.30 46.41
C THR CA 113 78.24 -43.90 46.31
N LEU CA 114 77.60 -43.81 45.14
CA LEU CA 114 76.31 -44.46 44.97
C LEU CA 114 76.42 -45.97 45.18
N MET CA 115 77.49 -46.58 44.67
CA MET CA 115 77.68 -48.00 44.90
C MET CA 115 77.95 -48.30 46.37
N SER CA 116 78.72 -47.44 47.04
CA SER CA 116 79.01 -47.65 48.45
C SER CA 116 77.76 -47.58 49.30
N VAL CA 117 76.77 -46.78 48.90
CA VAL CA 117 75.51 -46.75 49.65
C VAL CA 117 74.93 -48.16 49.76
N VAL CA 118 74.94 -48.91 48.65
CA VAL CA 118 74.35 -50.24 48.68
C VAL CA 118 75.32 -51.25 49.28
N GLN CA 119 76.59 -51.18 48.90
CA GLN CA 119 77.57 -52.16 49.38
C GLN CA 119 77.70 -52.08 50.89
N ASP CA 120 77.78 -50.87 51.45
CA ASP CA 120 78.01 -50.65 52.87
C ASP CA 120 76.72 -50.40 53.64
N ALA CA 121 75.59 -50.32 52.96
CA ALA CA 121 74.29 -50.13 53.60
C ALA CA 121 74.32 -48.96 54.59
N SER CA 122 75.00 -47.89 54.21
CA SER CA 122 74.96 -46.67 54.97
C SER CA 122 74.57 -45.53 54.04
N PRO CA 123 73.87 -44.53 54.56
CA PRO CA 123 73.47 -43.40 53.73
C PRO CA 123 74.63 -42.43 53.54
N ILE CA 124 74.32 -41.33 52.86
CA ILE CA 124 75.29 -40.27 52.62
C ILE CA 124 75.23 -39.32 53.80
N TYR CA 125 76.37 -39.11 54.47
CA TYR CA 125 76.48 -38.27 55.66
C TYR CA 125 77.95 -38.13 56.03
N GLY CA 126 78.31 -36.97 56.57
CA GLY CA 126 79.66 -36.77 57.07
C GLY CA 126 80.50 -35.80 56.27
N PRO DA 1 75.65 -25.50 53.94
CA PRO DA 1 76.90 -26.25 54.06
C PRO DA 1 76.83 -27.27 55.20
N LYS DA 2 77.88 -28.07 55.37
CA LYS DA 2 77.92 -29.01 56.49
C LYS DA 2 77.85 -28.23 57.80
N ILE DA 3 76.94 -28.65 58.69
CA ILE DA 3 76.83 -28.00 59.99
C ILE DA 3 78.14 -28.12 60.74
N ALA DA 4 78.56 -27.02 61.36
CA ALA DA 4 79.85 -26.99 62.04
C ALA DA 4 79.82 -25.86 63.06
N ASN DA 5 80.94 -25.71 63.77
CA ASN DA 5 81.10 -24.58 64.66
C ASN DA 5 81.10 -23.28 63.86
N ILE DA 6 80.54 -22.24 64.49
CA ILE DA 6 80.53 -20.90 63.91
C ILE DA 6 81.28 -19.99 64.89
N VAL DA 7 82.38 -19.42 64.43
CA VAL DA 7 83.20 -18.57 65.28
C VAL DA 7 82.99 -17.12 64.85
N ILE DA 8 82.41 -16.32 65.75
CA ILE DA 8 82.12 -14.92 65.50
C ILE DA 8 82.74 -14.08 66.60
N ASN DA 9 83.01 -12.82 66.28
CA ASN DA 9 83.72 -11.92 67.19
C ASN DA 9 82.74 -10.89 67.74
N ASP DA 10 82.80 -10.64 69.05
CA ASP DA 10 81.92 -9.68 69.71
C ASP DA 10 82.59 -8.33 69.96
N GLY DA 11 83.63 -8.01 69.20
CA GLY DA 11 84.36 -6.78 69.37
C GLY DA 11 85.54 -6.88 70.31
N THR DA 12 85.55 -7.86 71.18
CA THR DA 12 86.65 -8.01 72.12
C THR DA 12 87.27 -9.39 72.09
N LYS DA 13 86.48 -10.44 71.91
CA LYS DA 13 86.97 -11.81 71.90
C LYS DA 13 86.27 -12.60 70.80
N ASP DA 14 86.78 -13.81 70.57
CA ASP DA 14 86.12 -14.75 69.66
C ASP DA 14 85.22 -15.70 70.45
N ILE DA 15 84.03 -15.92 69.92
CA ILE DA 15 82.99 -16.73 70.54
C ILE DA 15 82.69 -17.88 69.58
N THR DA 16 82.70 -19.09 70.12
CA THR DA 16 82.46 -20.30 69.35
C THR DA 16 81.06 -20.82 69.64
N LEU DA 17 80.25 -20.95 68.59
CA LEU DA 17 78.90 -21.48 68.69
C LEU DA 17 78.90 -22.89 68.14
N GLN DA 18 78.59 -23.85 68.99
CA GLN DA 18 78.54 -25.27 68.75
C GLN DA 18 77.15 -25.69 68.30
N PRO DA 19 77.11 -26.62 67.35
CA PRO DA 19 75.82 -27.15 66.88
C PRO DA 19 75.08 -27.84 68.01
N VAL DA 20 73.77 -27.68 68.00
CA VAL DA 20 72.98 -28.11 69.15
C VAL DA 20 71.83 -29.02 68.72
N ASN DA 21 71.10 -28.60 67.70
CA ASN DA 21 69.85 -29.28 67.36
C ASN DA 21 69.49 -28.90 65.93
N ILE DA 22 68.66 -29.71 65.30
CA ILE DA 22 68.11 -29.40 63.99
C ILE DA 22 66.64 -29.77 63.98
N ASP DA 23 65.78 -28.77 63.79
CA ASP DA 23 64.34 -28.91 63.86
C ASP DA 23 63.83 -29.95 62.87
N ARG DA 24 62.54 -30.27 63.01
CA ARG DA 24 61.83 -30.88 61.89
C ARG DA 24 61.62 -29.88 60.78
N GLU DA 25 61.60 -28.58 61.11
CA GLU DA 25 61.47 -27.54 60.10
C GLU DA 25 62.80 -27.17 59.45
N GLY DA 26 63.91 -27.73 59.91
CA GLY DA 26 65.20 -27.52 59.27
C GLY DA 26 66.03 -26.43 59.89
N VAL DA 27 65.59 -25.86 61.00
CA VAL DA 27 66.34 -24.80 61.67
C VAL DA 27 67.55 -25.39 62.38
N ALA DA 28 68.72 -24.81 62.15
CA ALA DA 28 69.92 -25.22 62.84
C ALA DA 28 70.08 -24.34 64.07
N HIS DA 29 70.10 -24.96 65.24
CA HIS DA 29 70.31 -24.25 66.49
C HIS DA 29 71.76 -24.40 66.95
N PHE DA 30 72.28 -23.34 67.56
CA PHE DA 30 73.65 -23.32 68.05
C PHE DA 30 73.63 -22.76 69.47
N ARG DA 31 74.77 -22.93 70.16
CA ARG DA 31 74.87 -22.41 71.51
C ARG DA 31 76.33 -22.12 71.82
N GLU DA 32 76.56 -21.17 72.73
CA GLU DA 32 77.91 -20.74 73.03
C GLU DA 32 78.66 -21.80 73.84
N LYS DA 33 79.95 -21.91 73.56
CA LYS DA 33 80.81 -22.92 74.15
C LYS DA 33 81.45 -22.39 75.42
N ASP DA 34 81.60 -23.27 76.41
CA ASP DA 34 82.33 -22.96 77.64
C ASP DA 34 81.64 -21.89 78.48
N VAL DA 35 80.31 -21.83 78.41
CA VAL DA 35 79.53 -20.82 79.12
C VAL DA 35 78.26 -21.49 79.64
N SER DA 36 77.75 -20.95 80.75
CA SER DA 36 76.52 -21.48 81.34
C SER DA 36 75.40 -21.50 80.32
N ILE DA 37 74.54 -22.50 80.44
CA ILE DA 37 73.43 -22.65 79.50
C ILE DA 37 72.59 -21.38 79.46
N LEU DA 38 72.23 -20.86 80.63
CA LEU DA 38 71.31 -19.73 80.67
C LEU DA 38 71.90 -18.47 80.07
N GLU DA 39 73.21 -18.28 80.20
CA GLU DA 39 73.84 -17.04 79.76
C GLU DA 39 74.56 -17.18 78.42
N ALA DA 40 74.38 -18.30 77.72
CA ALA DA 40 75.10 -18.54 76.48
C ALA DA 40 74.36 -17.91 75.31
N ILE DA 41 75.12 -17.24 74.46
CA ILE DA 41 74.58 -16.71 73.20
C ILE DA 41 74.07 -17.88 72.37
N ARG DA 42 72.96 -17.70 71.67
CA ARG DA 42 72.49 -18.76 70.79
C ARG DA 42 72.02 -18.21 69.45
N LEU DA 43 72.13 -19.05 68.42
CA LEU DA 43 71.93 -18.64 67.04
C LEU DA 43 71.12 -19.70 66.30
N THR DA 44 70.07 -19.30 65.61
CA THR DA 44 69.28 -20.20 64.78
C THR DA 44 69.33 -19.74 63.33
N VAL DA 45 69.46 -20.70 62.42
CA VAL DA 45 69.65 -20.44 61.00
C VAL DA 45 68.79 -21.40 60.19
N GLN DA 46 67.84 -20.87 59.41
CA GLN DA 46 66.99 -21.71 58.58
C GLN DA 46 66.86 -21.09 57.20
N LEU DA 47 66.44 -21.93 56.24
CA LEU DA 47 66.17 -21.48 54.88
C LEU DA 47 64.92 -22.17 54.36
N ARG DA 48 63.79 -21.47 54.43
CA ARG DA 48 62.54 -21.91 53.82
C ARG DA 48 62.68 -21.97 52.31
N GLN DA 49 62.62 -23.21 51.80
CA GLN DA 49 62.45 -23.46 50.38
C GLN DA 49 61.13 -22.87 49.91
N PRO DA 50 60.98 -22.60 48.61
CA PRO DA 50 59.73 -22.02 48.12
C PRO DA 50 58.59 -23.04 48.14
N SER DA 51 57.37 -22.52 48.22
CA SER DA 51 56.17 -23.36 48.17
C SER DA 51 56.04 -24.02 46.80
N VAL DA 52 55.11 -24.97 46.71
CA VAL DA 52 54.79 -25.52 45.39
C VAL DA 52 54.08 -24.48 44.53
N ASN DA 53 53.27 -23.62 45.16
CA ASN DA 53 52.63 -22.50 44.47
C ASN DA 53 53.37 -21.18 44.70
N GLY DA 54 54.61 -21.22 45.19
CA GLY DA 54 55.41 -20.02 45.36
C GLY DA 54 56.77 -20.19 44.71
N ASN DA 55 57.54 -19.09 44.71
CA ASN DA 55 58.92 -19.14 44.23
C ASN DA 55 59.85 -18.31 45.11
N VAL DA 56 59.53 -18.13 46.39
CA VAL DA 56 60.24 -17.21 47.26
C VAL DA 56 61.00 -18.01 48.32
N TYR DA 57 62.30 -17.75 48.44
CA TYR DA 57 63.19 -18.33 49.43
C TYR DA 57 63.38 -17.35 50.57
N ARG DA 58 63.30 -17.87 51.80
CA ARG DA 58 63.50 -17.04 53.00
C ARG DA 58 64.62 -17.64 53.86
N CYS DA 59 65.73 -16.92 53.97
CA CYS DA 59 66.84 -17.30 54.84
C CYS DA 59 66.79 -16.44 56.09
N LYS DA 60 66.48 -17.06 57.23
CA LYS DA 60 66.31 -16.35 58.50
C LYS DA 60 67.39 -16.78 59.48
N ALA DA 61 68.05 -15.79 60.09
CA ALA DA 61 69.08 -16.04 61.10
C ALA DA 61 68.82 -15.14 62.30
N LYS DA 62 68.47 -15.75 63.43
CA LYS DA 62 68.20 -15.04 64.67
C LYS DA 62 69.32 -15.31 65.67
N LEU DA 63 69.88 -14.23 66.21
CA LEU DA 63 70.91 -14.31 67.23
C LEU DA 63 70.37 -13.70 68.51
N VAL DA 64 70.61 -14.36 69.64
CA VAL DA 64 70.09 -13.91 70.93
C VAL DA 64 71.25 -13.85 71.92
N VAL DA 65 71.38 -12.71 72.59
CA VAL DA 65 72.37 -12.48 73.63
C VAL DA 65 71.65 -12.21 74.94
N PRO DA 66 71.68 -13.13 75.89
CA PRO DA 66 71.07 -12.89 77.19
C PRO DA 66 72.03 -12.15 78.11
N VAL DA 67 71.46 -11.55 79.16
CA VAL DA 67 72.22 -10.97 80.26
C VAL DA 67 71.66 -11.55 81.55
N VAL DA 68 72.42 -12.41 82.20
CA VAL DA 68 72.02 -13.04 83.44
C VAL DA 68 72.66 -12.29 84.59
N GLU DA 69 71.89 -12.08 85.65
CA GLU DA 69 72.36 -11.50 86.89
C GLU DA 69 71.76 -12.28 88.06
N VAL DA 70 72.41 -12.15 89.22
CA VAL DA 70 72.03 -12.91 90.40
C VAL DA 70 70.97 -12.13 91.18
N VAL DA 71 69.72 -12.60 91.13
CA VAL DA 71 68.59 -11.95 91.81
C VAL DA 71 68.12 -12.87 92.93
N GLY DA 72 68.32 -12.44 94.16
CA GLY DA 72 67.95 -13.29 95.30
C GLY DA 72 68.72 -14.58 95.36
N ASN DA 73 70.03 -14.53 95.05
CA ASN DA 73 70.90 -15.72 94.97
C ASN DA 73 70.37 -16.75 93.97
N VAL DA 74 69.63 -16.29 92.96
CA VAL DA 74 69.10 -17.13 91.89
C VAL DA 74 69.41 -16.46 90.56
N ARG DA 75 70.25 -17.11 89.75
CA ARG DA 75 70.64 -16.55 88.46
C ARG DA 75 69.43 -16.46 87.55
N THR DA 76 69.07 -15.24 87.13
CA THR DA 76 67.95 -15.02 86.23
C THR DA 76 68.36 -14.04 85.14
N THR DA 77 67.67 -14.13 84.00
CA THR DA 77 67.97 -13.32 82.83
C THR DA 77 67.15 -12.04 82.90
N VAL DA 78 67.82 -10.91 83.16
CA VAL DA 78 67.10 -9.63 83.26
C VAL DA 78 66.61 -9.18 81.90
N ARG DA 79 67.50 -9.23 80.90
CA ARG DA 79 67.19 -8.69 79.58
C ARG DA 79 67.96 -9.47 78.51
N THR DA 80 67.32 -9.62 77.36
CA THR DA 80 67.93 -10.23 76.20
C THR DA 80 67.93 -9.24 75.05
N LEU DA 81 69.00 -9.29 74.26
CA LEU DA 81 69.14 -8.48 73.06
C LEU DA 81 69.10 -9.39 71.84
N THR DA 82 68.24 -9.06 70.87
CA THR DA 82 67.97 -9.94 69.76
C THR DA 82 68.34 -9.28 68.44
N GLU DA 83 68.72 -10.09 67.46
CA GLU DA 83 68.99 -9.58 66.12
C GLU DA 83 68.54 -10.60 65.08
N THR DA 84 67.70 -10.16 64.14
CA THR DA 84 67.13 -11.03 63.11
C THR DA 84 67.52 -10.53 61.73
N THR DA 85 68.13 -11.39 60.93
CA THR DA 85 68.48 -11.11 59.54
C THR DA 85 67.65 -12.01 58.64
N GLU DA 86 66.86 -11.42 57.75
CA GLU DA 86 66.08 -12.18 56.77
C GLU DA 86 66.48 -11.76 55.37
N VAL DA 87 67.06 -12.69 54.62
CA VAL DA 87 67.38 -12.49 53.21
C VAL DA 87 66.36 -13.26 52.39
N LEU DA 88 65.89 -12.62 51.32
CA LEU DA 88 64.72 -13.11 50.60
C LEU DA 88 64.99 -12.99 49.11
N PHE DA 89 64.94 -14.12 48.40
CA PHE DA 89 65.22 -14.11 46.96
C PHE DA 89 64.36 -15.14 46.23
N THR DA 90 64.23 -14.95 44.92
CA THR DA 90 63.30 -15.72 44.11
C THR DA 90 63.98 -16.92 43.46
N GLN DA 91 63.15 -17.90 43.08
CA GLN DA 91 63.66 -19.18 42.56
C GLN DA 91 64.43 -19.00 41.26
N ASP DA 92 64.04 -18.02 40.45
CA ASP DA 92 64.73 -17.75 39.19
C ASP DA 92 65.92 -16.81 39.34
N SER DA 93 66.40 -16.61 40.57
CA SER DA 93 67.49 -15.66 40.79
C SER DA 93 68.81 -16.25 40.30
N LEU DA 94 69.71 -15.37 39.89
CA LEU DA 94 71.03 -15.77 39.41
C LEU DA 94 72.05 -15.77 40.55
N GLY DA 95 73.02 -16.67 40.43
CA GLY DA 95 74.03 -16.81 41.48
C GLY DA 95 74.79 -15.53 41.75
N THR DA 96 75.16 -14.81 40.69
CA THR DA 96 75.82 -13.52 40.85
C THR DA 96 74.97 -12.56 41.65
N GLU DA 97 73.66 -12.55 41.38
CA GLU DA 97 72.75 -11.64 42.08
C GLU DA 97 72.71 -11.93 43.58
N ARG DA 98 72.48 -13.19 43.95
CA ARG DA 98 72.40 -13.41 45.39
C ARG DA 98 73.77 -13.29 46.06
N GLN DA 99 74.86 -13.47 45.31
CA GLN DA 99 76.18 -13.19 45.87
C GLN DA 99 76.35 -11.69 46.14
N ARG DA 100 75.89 -10.85 45.23
CA ARG DA 100 75.88 -9.41 45.46
C ARG DA 100 75.11 -9.08 46.74
N VAL DA 101 73.94 -9.69 46.91
CA VAL DA 101 73.15 -9.40 48.11
C VAL DA 101 73.88 -9.84 49.36
N ALA DA 102 74.54 -10.99 49.32
CA ALA DA 102 75.31 -11.44 50.48
C ALA DA 102 76.36 -10.42 50.88
N ASN DA 103 77.14 -9.94 49.89
CA ASN DA 103 78.22 -9.02 50.18
C ASN DA 103 77.69 -7.65 50.61
N LEU DA 104 76.56 -7.23 50.06
CA LEU DA 104 75.93 -5.99 50.51
C LEU DA 104 75.50 -6.10 51.96
N THR DA 105 74.91 -7.25 52.33
CA THR DA 105 74.54 -7.47 53.72
C THR DA 105 75.76 -7.35 54.63
N LYS DA 106 76.88 -7.97 54.22
CA LYS DA 106 78.11 -7.87 55.00
C LYS DA 106 78.55 -6.42 55.17
N SER DA 107 78.68 -5.69 54.06
CA SER DA 107 79.17 -4.31 54.13
C SER DA 107 78.22 -3.44 54.95
N LEU DA 108 76.93 -3.65 54.78
CA LEU DA 108 75.92 -2.92 55.54
C LEU DA 108 76.12 -3.13 57.04
N ALA DA 109 76.15 -4.38 57.48
CA ALA DA 109 76.28 -4.68 58.89
C ALA DA 109 77.64 -4.27 59.46
N GLY DA 110 78.63 -4.05 58.60
CA GLY DA 110 79.89 -3.55 59.08
C GLY DA 110 80.03 -2.04 59.00
N HIS DA 111 79.07 -1.36 58.37
CA HIS DA 111 79.20 0.08 58.16
C HIS DA 111 79.07 0.85 59.45
N ALA DA 112 79.99 1.81 59.64
CA ALA DA 112 80.14 2.48 60.92
C ALA DA 112 78.87 3.23 61.33
N THR DA 113 78.17 3.84 60.37
CA THR DA 113 76.96 4.59 60.73
C THR DA 113 75.86 3.66 61.22
N LEU DA 114 75.69 2.52 60.55
CA LEU DA 114 74.69 1.56 60.98
C LEU DA 114 75.02 0.99 62.35
N MET DA 115 76.29 0.66 62.57
CA MET DA 115 76.69 0.17 63.89
C MET DA 115 76.43 1.22 64.95
N SER DA 116 76.70 2.49 64.62
CA SER DA 116 76.48 3.57 65.57
C SER DA 116 75.00 3.77 65.88
N VAL DA 117 74.11 3.46 64.93
CA VAL DA 117 72.68 3.53 65.20
C VAL DA 117 72.30 2.67 66.40
N VAL DA 118 72.93 1.49 66.53
CA VAL DA 118 72.59 0.62 67.64
C VAL DA 118 73.44 0.92 68.87
N GLN DA 119 74.73 1.18 68.66
CA GLN DA 119 75.62 1.47 69.79
C GLN DA 119 75.15 2.69 70.57
N ASP DA 120 74.67 3.72 69.86
CA ASP DA 120 74.29 5.00 70.46
C ASP DA 120 72.79 5.17 70.62
N ALA DA 121 71.98 4.21 70.15
CA ALA DA 121 70.52 4.27 70.28
C ALA DA 121 69.96 5.59 69.72
N SER DA 122 70.39 5.93 68.52
CA SER DA 122 70.04 7.20 67.88
C SER DA 122 69.64 6.95 66.44
N PRO DA 123 68.38 7.14 66.06
CA PRO DA 123 68.00 6.93 64.66
C PRO DA 123 68.82 7.85 63.77
N ILE DA 124 68.76 7.59 62.46
CA ILE DA 124 69.29 8.57 61.53
C ILE DA 124 68.27 9.70 61.37
N TYR DA 125 68.74 10.94 61.31
CA TYR DA 125 67.87 12.09 61.49
C TYR DA 125 68.31 13.28 60.62
N GLY DA 126 67.35 14.17 60.40
CA GLY DA 126 67.49 15.35 59.58
C GLY DA 126 66.12 15.97 59.38
N PRO EA 1 61.62 -72.58 23.83
CA PRO EA 1 62.36 -72.81 22.58
C PRO EA 1 61.85 -71.91 21.46
N LYS EA 2 62.61 -71.79 20.37
CA LYS EA 2 62.22 -70.89 19.29
C LYS EA 2 60.95 -71.40 18.61
N ILE EA 3 60.24 -70.48 17.96
CA ILE EA 3 58.97 -70.80 17.30
C ILE EA 3 59.26 -71.20 15.86
N ALA EA 4 58.71 -72.34 15.45
CA ALA EA 4 59.06 -72.95 14.17
C ALA EA 4 58.02 -74.02 13.85
N ASN EA 5 58.14 -74.61 12.66
CA ASN EA 5 57.24 -75.68 12.28
C ASN EA 5 57.38 -76.85 13.24
N ILE EA 6 56.25 -77.42 13.63
CA ILE EA 6 56.21 -78.65 14.43
C ILE EA 6 55.75 -79.75 13.49
N VAL EA 7 56.62 -80.72 13.22
CA VAL EA 7 56.30 -81.81 12.33
C VAL EA 7 56.05 -83.06 13.15
N ILE EA 8 54.80 -83.53 13.14
CA ILE EA 8 54.39 -84.73 13.86
C ILE EA 8 53.92 -85.76 12.84
N ASN EA 9 53.72 -86.99 13.31
CA ASN EA 9 53.36 -88.11 12.44
C ASN EA 9 52.08 -88.77 12.94
N ASP EA 10 51.21 -89.20 12.02
CA ASP EA 10 49.97 -89.87 12.38
C ASP EA 10 50.01 -91.37 12.12
N GLY EA 11 51.21 -91.96 12.10
CA GLY EA 11 51.42 -93.36 11.84
C GLY EA 11 51.55 -93.72 10.38
N THR EA 12 51.09 -92.85 9.49
CA THR EA 12 51.12 -93.05 8.06
C THR EA 12 51.87 -91.93 7.35
N LYS EA 13 51.56 -90.68 7.68
CA LYS EA 13 52.03 -89.49 6.99
C LYS EA 13 52.48 -88.48 8.04
N ASP EA 14 53.43 -87.62 7.70
CA ASP EA 14 53.87 -86.55 8.58
C ASP EA 14 53.11 -85.27 8.29
N ILE EA 15 52.42 -84.77 9.30
CA ILE EA 15 51.68 -83.53 9.22
C ILE EA 15 52.57 -82.41 9.76
N THR EA 16 52.70 -81.34 8.97
CA THR EA 16 53.49 -80.17 9.32
C THR EA 16 52.56 -79.07 9.83
N LEU EA 17 52.71 -78.72 11.10
CA LEU EA 17 51.94 -77.65 11.72
C LEU EA 17 52.79 -76.38 11.71
N GLN EA 18 52.33 -75.36 11.00
CA GLN EA 18 53.05 -74.11 10.86
C GLN EA 18 52.64 -73.13 11.97
N PRO EA 19 53.62 -72.36 12.45
CA PRO EA 19 53.32 -71.34 13.46
C PRO EA 19 52.46 -70.25 12.88
N VAL EA 20 51.35 -69.98 13.55
CA VAL EA 20 50.30 -69.12 13.02
C VAL EA 20 50.01 -67.94 13.92
N ASN EA 21 50.01 -68.14 15.23
CA ASN EA 21 49.70 -67.01 16.09
C ASN EA 21 50.38 -67.19 17.44
N ILE EA 22 50.73 -66.09 18.09
CA ILE EA 22 51.08 -66.14 19.50
C ILE EA 22 50.04 -65.30 20.23
N ASP EA 23 49.25 -65.98 21.04
CA ASP EA 23 48.12 -65.39 21.74
C ASP EA 23 48.57 -64.25 22.65
N ARG EA 24 47.60 -63.47 23.10
CA ARG EA 24 47.86 -62.53 24.18
C ARG EA 24 47.99 -63.21 25.52
N GLU EA 25 47.50 -64.43 25.64
CA GLU EA 25 47.71 -65.25 26.82
C GLU EA 25 49.02 -66.03 26.76
N GLY EA 26 49.81 -65.86 25.70
CA GLY EA 26 51.05 -66.59 25.53
C GLY EA 26 50.92 -67.88 24.75
N VAL EA 27 49.74 -68.16 24.18
CA VAL EA 27 49.47 -69.42 23.50
C VAL EA 27 50.05 -69.39 22.09
N ALA EA 28 50.86 -70.39 21.76
CA ALA EA 28 51.37 -70.55 20.41
C ALA EA 28 50.37 -71.41 19.65
N HIS EA 29 49.66 -70.79 18.71
CA HIS EA 29 48.76 -71.46 17.79
C HIS EA 29 49.52 -71.88 16.53
N PHE EA 30 49.33 -73.14 16.14
CA PHE EA 30 49.85 -73.71 14.91
C PHE EA 30 48.66 -74.26 14.12
N ARG EA 31 48.82 -74.28 12.79
CA ARG EA 31 47.79 -74.72 11.88
C ARG EA 31 48.40 -75.67 10.85
N GLU EA 32 47.61 -76.64 10.40
CA GLU EA 32 48.13 -77.61 9.46
C GLU EA 32 48.46 -76.95 8.13
N LYS EA 33 49.60 -77.34 7.58
CA LYS EA 33 50.10 -76.75 6.33
C LYS EA 33 49.41 -77.38 5.13
N ASP EA 34 49.11 -76.55 4.12
CA ASP EA 34 48.57 -77.02 2.84
C ASP EA 34 47.18 -77.63 2.99
N VAL EA 35 46.37 -77.05 3.86
CA VAL EA 35 45.02 -77.55 4.13
C VAL EA 35 44.12 -76.36 4.43
N SER EA 36 42.87 -76.43 3.95
CA SER EA 36 41.91 -75.37 4.21
C SER EA 36 41.83 -75.07 5.69
N ILE EA 37 41.60 -73.80 6.02
CA ILE EA 37 41.52 -73.36 7.40
C ILE EA 37 40.52 -74.20 8.19
N LEU EA 38 39.38 -74.52 7.57
CA LEU EA 38 38.34 -75.26 8.28
C LEU EA 38 38.80 -76.67 8.63
N GLU EA 39 39.45 -77.35 7.70
CA GLU EA 39 39.80 -78.75 7.88
C GLU EA 39 41.22 -78.96 8.41
N ALA EA 40 41.95 -77.89 8.71
CA ALA EA 40 43.32 -78.06 9.16
C ALA EA 40 43.35 -78.49 10.62
N ILE EA 41 44.32 -79.36 10.91
CA ILE EA 41 44.62 -79.76 12.28
C ILE EA 41 45.33 -78.60 12.97
N ARG EA 42 44.88 -78.26 14.18
CA ARG EA 42 45.51 -77.14 14.86
C ARG EA 42 46.02 -77.52 16.25
N LEU EA 43 47.10 -76.85 16.66
CA LEU EA 43 47.79 -77.17 17.91
C LEU EA 43 48.08 -75.90 18.70
N THR EA 44 47.74 -75.88 19.98
CA THR EA 44 48.00 -74.73 20.84
C THR EA 44 48.88 -75.15 22.01
N VAL EA 45 49.90 -74.35 22.31
CA VAL EA 45 50.92 -74.68 23.30
C VAL EA 45 51.24 -73.44 24.14
N GLN EA 46 50.96 -73.51 25.45
CA GLN EA 46 51.21 -72.35 26.32
C GLN EA 46 51.84 -72.81 27.64
N LEU EA 47 52.64 -71.91 28.23
CA LEU EA 47 53.30 -72.16 29.52
C LEU EA 47 52.91 -71.05 30.49
N ARG EA 48 51.84 -71.29 31.23
CA ARG EA 48 51.34 -70.38 32.24
C ARG EA 48 52.30 -70.37 33.41
N GLN EA 49 53.00 -69.25 33.60
CA GLN EA 49 53.91 -69.07 34.71
C GLN EA 49 53.12 -68.81 36.00
N PRO EA 50 53.74 -69.04 37.15
CA PRO EA 50 52.99 -68.95 38.41
C PRO EA 50 52.66 -67.51 38.79
N SER EA 51 51.65 -67.38 39.64
CA SER EA 51 51.22 -66.10 40.20
C SER EA 51 52.28 -65.55 41.15
N VAL EA 52 52.09 -64.30 41.58
CA VAL EA 52 52.99 -63.72 42.56
C VAL EA 52 52.90 -64.51 43.88
N ASN EA 53 51.70 -64.96 44.23
CA ASN EA 53 51.52 -65.73 45.47
C ASN EA 53 51.95 -67.18 45.29
N GLY EA 54 51.65 -67.78 44.14
CA GLY EA 54 51.91 -69.19 43.91
C GLY EA 54 53.29 -69.48 43.34
N ASN EA 55 53.55 -70.77 43.14
CA ASN EA 55 54.80 -71.23 42.51
C ASN EA 55 54.56 -72.40 41.56
N VAL EA 56 53.43 -72.40 40.86
CA VAL EA 56 53.01 -73.55 40.05
C VAL EA 56 52.92 -73.16 38.58
N TYR EA 57 53.75 -73.81 37.75
CA TYR EA 57 53.71 -73.70 36.31
C TYR EA 57 52.73 -74.72 35.75
N ARG EA 58 51.96 -74.30 34.74
CA ARG EA 58 51.07 -75.15 33.95
C ARG EA 58 51.49 -75.08 32.49
N CYS EA 59 51.81 -76.23 31.90
CA CYS EA 59 52.16 -76.32 30.49
C CYS EA 59 51.03 -77.08 29.80
N LYS EA 60 50.25 -76.36 28.98
CA LYS EA 60 49.07 -76.92 28.33
C LYS EA 60 49.28 -77.01 26.82
N ALA EA 61 48.91 -78.16 26.24
CA ALA EA 61 49.02 -78.40 24.80
C ALA EA 61 47.76 -79.09 24.33
N LYS EA 62 47.00 -78.42 23.46
CA LYS EA 62 45.76 -78.94 22.90
C LYS EA 62 45.94 -79.18 21.41
N LEU EA 63 45.76 -80.42 20.98
CA LEU EA 63 45.69 -80.80 19.58
C LEU EA 63 44.24 -81.02 19.21
N VAL EA 64 43.83 -80.46 18.07
CA VAL EA 64 42.47 -80.65 17.57
C VAL EA 64 42.56 -81.18 16.15
N VAL EA 65 41.94 -82.33 15.91
CA VAL EA 65 41.84 -82.97 14.61
C VAL EA 65 40.39 -82.91 14.17
N PRO EA 66 40.05 -82.17 13.12
CA PRO EA 66 38.69 -82.20 12.60
C PRO EA 66 38.51 -83.29 11.53
N VAL EA 67 37.26 -83.72 11.38
CA VAL EA 67 36.85 -84.67 10.37
C VAL EA 67 35.89 -83.93 9.45
N VAL EA 68 36.36 -83.55 8.27
CA VAL EA 68 35.57 -82.76 7.35
C VAL EA 68 35.13 -83.65 6.21
N GLU EA 69 33.82 -83.72 5.98
CA GLU EA 69 33.23 -84.41 4.85
C GLU EA 69 32.29 -83.46 4.12
N VAL EA 70 32.11 -83.71 2.83
CA VAL EA 70 31.31 -82.84 1.99
C VAL EA 70 29.83 -83.19 2.18
N VAL EA 71 29.02 -82.19 2.56
CA VAL EA 71 27.58 -82.31 2.69
C VAL EA 71 26.97 -81.51 1.54
N GLY EA 72 26.37 -82.20 0.58
CA GLY EA 72 25.97 -81.53 -0.65
C GLY EA 72 27.20 -81.03 -1.38
N ASN EA 73 27.25 -79.71 -1.58
CA ASN EA 73 28.43 -79.05 -2.15
C ASN EA 73 29.21 -78.26 -1.10
N VAL EA 74 28.82 -78.37 0.17
CA VAL EA 74 29.42 -77.57 1.24
C VAL EA 74 30.30 -78.49 2.09
N ARG EA 75 31.59 -78.17 2.18
CA ARG EA 75 32.46 -78.93 3.06
C ARG EA 75 32.14 -78.57 4.51
N THR EA 76 31.90 -79.58 5.34
CA THR EA 76 31.54 -79.34 6.73
C THR EA 76 32.26 -80.33 7.63
N THR EA 77 32.63 -79.86 8.82
CA THR EA 77 33.26 -80.68 9.84
C THR EA 77 32.18 -81.51 10.53
N VAL EA 78 32.20 -82.83 10.31
CA VAL EA 78 31.22 -83.71 10.92
C VAL EA 78 31.45 -83.82 12.42
N ARG EA 79 32.70 -84.01 12.82
CA ARG EA 79 33.05 -84.21 14.22
C ARG EA 79 34.52 -83.84 14.39
N THR EA 80 34.95 -83.76 15.65
CA THR EA 80 36.33 -83.46 15.96
C THR EA 80 36.82 -84.38 17.06
N LEU EA 81 38.12 -84.66 17.03
CA LEU EA 81 38.80 -85.38 18.09
C LEU EA 81 39.80 -84.43 18.75
N THR EA 82 39.90 -84.48 20.07
CA THR EA 82 40.73 -83.51 20.79
C THR EA 82 41.64 -84.22 21.78
N GLU EA 83 42.86 -83.74 21.92
CA GLU EA 83 43.80 -84.26 22.90
C GLU EA 83 44.42 -83.09 23.67
N THR EA 84 44.49 -83.20 24.99
CA THR EA 84 44.97 -82.13 25.85
C THR EA 84 45.96 -82.71 26.85
N THR EA 85 47.23 -82.27 26.75
CA THR EA 85 48.26 -82.62 27.70
C THR EA 85 48.51 -81.42 28.61
N GLU EA 86 48.59 -81.68 29.92
CA GLU EA 86 48.80 -80.61 30.91
C GLU EA 86 49.81 -81.07 31.94
N VAL EA 87 50.97 -80.42 31.97
CA VAL EA 87 52.06 -80.75 32.88
C VAL EA 87 52.18 -79.66 33.93
N LEU EA 88 52.19 -80.05 35.20
CA LEU EA 88 52.29 -79.12 36.32
C LEU EA 88 53.59 -79.36 37.07
N PHE EA 89 54.34 -78.28 37.30
CA PHE EA 89 55.55 -78.40 38.11
C PHE EA 89 55.79 -77.11 38.87
N THR EA 90 56.50 -77.24 39.98
CA THR EA 90 56.75 -76.14 40.92
C THR EA 90 58.08 -75.45 40.59
N GLN EA 91 58.23 -74.23 41.12
CA GLN EA 91 59.40 -73.42 40.80
C GLN EA 91 60.67 -73.96 41.44
N ASP EA 92 60.53 -74.71 42.53
CA ASP EA 92 61.71 -75.31 43.15
C ASP EA 92 62.09 -76.62 42.48
N SER EA 93 61.40 -77.01 41.41
CA SER EA 93 61.68 -78.27 40.74
C SER EA 93 63.01 -78.22 40.01
N LEU EA 94 63.69 -79.36 39.97
CA LEU EA 94 64.98 -79.49 39.30
C LEU EA 94 64.79 -79.77 37.82
N GLY EA 95 65.75 -79.31 37.02
CA GLY EA 95 65.71 -79.62 35.60
C GLY EA 95 65.71 -81.12 35.34
N THR EA 96 66.51 -81.85 36.11
CA THR EA 96 66.56 -83.30 35.93
C THR EA 96 65.21 -83.93 36.24
N GLU EA 97 64.51 -83.41 37.24
CA GLU EA 97 63.18 -83.92 37.57
C GLU EA 97 62.20 -83.64 36.43
N ARG EA 98 62.17 -82.38 35.95
CA ARG EA 98 61.28 -82.04 34.85
C ARG EA 98 61.57 -82.91 33.62
N GLN EA 99 62.85 -83.19 33.36
CA GLN EA 99 63.23 -84.00 32.21
C GLN EA 99 62.76 -85.44 32.38
N ARG EA 100 62.96 -85.99 33.57
CA ARG EA 100 62.42 -87.30 33.89
C ARG EA 100 60.92 -87.37 33.61
N VAL EA 101 60.18 -86.32 34.00
CA VAL EA 101 58.74 -86.34 33.79
C VAL EA 101 58.41 -86.26 32.30
N ALA EA 102 59.15 -85.43 31.55
CA ALA EA 102 58.90 -85.34 30.11
C ALA EA 102 59.11 -86.68 29.42
N ASN EA 103 60.21 -87.37 29.76
CA ASN EA 103 60.47 -88.68 29.18
C ASN EA 103 59.39 -89.68 29.56
N LEU EA 104 58.93 -89.66 30.82
CA LEU EA 104 57.84 -90.54 31.22
C LEU EA 104 56.59 -90.25 30.40
N THR EA 105 56.29 -88.97 30.16
CA THR EA 105 55.14 -88.61 29.34
C THR EA 105 55.26 -89.19 27.94
N LYS EA 106 56.45 -89.08 27.35
CA LYS EA 106 56.70 -89.67 26.03
C LYS EA 106 56.47 -91.18 26.05
N SER EA 107 57.13 -91.87 26.98
CA SER EA 107 57.00 -93.33 27.06
C SER EA 107 55.54 -93.73 27.27
N LEU EA 108 54.81 -92.95 28.06
CA LEU EA 108 53.43 -93.24 28.35
C LEU EA 108 52.57 -93.11 27.10
N ALA EA 109 52.68 -91.99 26.40
CA ALA EA 109 51.89 -91.78 25.19
C ALA EA 109 52.28 -92.75 24.08
N GLY EA 110 53.46 -93.34 24.13
CA GLY EA 110 53.78 -94.37 23.17
C GLY EA 110 53.42 -95.78 23.58
N HIS EA 111 52.89 -95.98 24.78
CA HIS EA 111 52.71 -97.33 25.31
C HIS EA 111 51.50 -98.02 24.69
N ALA EA 112 51.71 -99.30 24.38
CA ALA EA 112 50.74 -100.07 23.60
C ALA EA 112 49.36 -100.07 24.24
N THR EA 113 49.28 -100.25 25.57
CA THR EA 113 47.97 -100.44 26.19
C THR EA 113 47.19 -99.13 26.21
N LEU EA 114 47.86 -97.99 26.38
CA LEU EA 114 47.14 -96.71 26.35
C LEU EA 114 46.70 -96.37 24.93
N MET EA 115 47.60 -96.58 23.97
CA MET EA 115 47.19 -96.40 22.57
C MET EA 115 46.00 -97.29 22.25
N SER EA 116 45.98 -98.51 22.78
CA SER EA 116 44.85 -99.40 22.56
C SER EA 116 43.58 -98.88 23.23
N VAL EA 117 43.70 -98.28 24.42
CA VAL EA 117 42.52 -97.69 25.05
C VAL EA 117 41.88 -96.69 24.11
N VAL EA 118 42.68 -95.86 23.47
CA VAL EA 118 42.06 -94.83 22.62
C VAL EA 118 41.60 -95.42 21.28
N GLN EA 119 42.41 -96.29 20.67
CA GLN EA 119 42.07 -96.86 19.37
C GLN EA 119 40.81 -97.73 19.46
N ASP EA 120 40.84 -98.75 20.32
CA ASP EA 120 39.74 -99.69 20.48
C ASP EA 120 38.60 -99.12 21.30
N ALA EA 121 38.77 -97.95 21.92
CA ALA EA 121 37.74 -97.32 22.76
C ALA EA 121 37.27 -98.24 23.88
N SER EA 122 38.13 -99.12 24.36
CA SER EA 122 37.82 -99.97 25.51
C SER EA 122 38.77 -99.64 26.65
N PRO EA 123 38.27 -99.41 27.86
CA PRO EA 123 39.14 -99.07 28.97
C PRO EA 123 39.81 -100.31 29.53
N ILE EA 124 40.63 -100.09 30.55
CA ILE EA 124 41.35 -101.16 31.23
C ILE EA 124 40.40 -101.79 32.24
N TYR EA 125 40.11 -103.09 32.08
CA TYR EA 125 39.26 -103.84 32.99
C TYR EA 125 39.63 -105.31 32.88
N GLY EA 126 39.63 -105.99 34.03
CA GLY EA 126 39.91 -107.43 34.09
C GLY EA 126 41.23 -107.89 33.50
N PRO FA 1 41.69 -102.55 27.63
CA PRO FA 1 42.23 -103.92 27.63
C PRO FA 1 42.32 -104.55 29.00
N LYS FA 2 43.13 -105.59 29.11
CA LYS FA 2 43.27 -106.34 30.34
C LYS FA 2 44.32 -105.68 31.24
N ILE FA 3 43.99 -105.58 32.53
CA ILE FA 3 44.85 -104.89 33.47
C ILE FA 3 46.16 -105.66 33.63
N ALA FA 4 47.27 -104.94 33.57
CA ALA FA 4 48.59 -105.59 33.63
C ALA FA 4 49.63 -104.53 33.95
N ASN FA 5 50.87 -104.99 34.14
CA ASN FA 5 51.97 -104.09 34.43
C ASN FA 5 52.19 -103.13 33.28
N ILE FA 6 52.54 -101.89 33.61
CA ILE FA 6 52.87 -100.87 32.62
C ILE FA 6 54.30 -100.44 32.86
N VAL FA 7 55.17 -100.72 31.90
CA VAL FA 7 56.58 -100.35 32.02
C VAL FA 7 56.83 -99.15 31.12
N ILE FA 8 57.35 -98.07 31.70
CA ILE FA 8 57.67 -96.86 30.94
C ILE FA 8 59.06 -96.40 31.31
N ASN FA 9 59.70 -95.70 30.38
CA ASN FA 9 61.08 -95.26 30.55
C ASN FA 9 61.12 -93.78 30.93
N ASP FA 10 62.03 -93.42 31.81
CA ASP FA 10 62.21 -92.04 32.25
C ASP FA 10 63.46 -91.38 31.64
N GLY FA 11 64.01 -91.97 30.59
CA GLY FA 11 65.22 -91.47 29.97
C GLY FA 11 66.49 -92.07 30.51
N THR FA 12 66.44 -92.71 31.67
CA THR FA 12 67.63 -93.31 32.26
C THR FA 12 67.42 -94.78 32.58
N LYS FA 13 66.18 -95.16 32.93
CA LYS FA 13 65.90 -96.53 33.34
C LYS FA 13 64.42 -96.83 33.11
N ASP FA 14 64.10 -98.12 33.15
CA ASP FA 14 62.72 -98.58 33.01
C ASP FA 14 62.05 -98.67 34.38
N ILE FA 15 60.83 -98.16 34.45
CA ILE FA 15 60.07 -98.07 35.68
C ILE FA 15 58.81 -98.90 35.50
N THR FA 16 58.59 -99.84 36.42
CA THR FA 16 57.47 -100.75 36.37
C THR FA 16 56.36 -100.25 37.28
N LEU FA 17 55.17 -100.06 36.72
CA LEU FA 17 53.99 -99.65 37.48
C LEU FA 17 53.06 -100.85 37.55
N GLN FA 18 52.89 -101.39 38.75
CA GLN FA 18 52.03 -102.54 39.03
C GLN FA 18 50.61 -102.07 39.28
N PRO FA 19 49.64 -102.83 38.77
CA PRO FA 19 48.23 -102.47 38.99
C PRO FA 19 47.86 -102.67 40.44
N VAL FA 20 46.98 -101.81 40.92
CA VAL FA 20 46.49 -101.83 42.29
C VAL FA 20 45.03 -102.27 42.35
N ASN FA 21 44.16 -101.54 41.66
CA ASN FA 21 42.73 -101.85 41.63
C ASN FA 21 42.08 -100.99 40.55
N ILE FA 22 40.75 -101.08 40.47
CA ILE FA 22 39.93 -100.23 39.61
C ILE FA 22 38.71 -99.82 40.40
N ASP FA 23 38.55 -98.50 40.64
CA ASP FA 23 37.58 -98.00 41.58
C ASP FA 23 36.19 -97.95 40.94
N ARG FA 24 35.21 -97.43 41.70
CA ARG FA 24 33.84 -97.44 41.22
C ARG FA 24 33.69 -96.61 39.95
N GLU FA 25 34.46 -95.52 39.83
CA GLU FA 25 34.36 -94.64 38.66
C GLU FA 25 34.89 -95.30 37.40
N GLY FA 26 35.75 -96.32 37.54
CA GLY FA 26 36.38 -96.96 36.40
C GLY FA 26 37.86 -96.64 36.27
N VAL FA 27 38.41 -95.85 37.18
CA VAL FA 27 39.82 -95.49 37.11
C VAL FA 27 40.66 -96.69 37.54
N ALA FA 28 41.62 -97.06 36.69
CA ALA FA 28 42.58 -98.10 37.01
C ALA FA 28 43.81 -97.44 37.62
N HIS FA 29 44.18 -97.88 38.83
CA HIS FA 29 45.30 -97.28 39.57
C HIS FA 29 46.53 -98.17 39.51
N PHE FA 30 47.70 -97.54 39.29
CA PHE FA 30 48.98 -98.21 39.22
C PHE FA 30 49.97 -97.49 40.13
N ARG FA 31 50.88 -98.28 40.71
CA ARG FA 31 51.84 -97.83 41.71
C ARG FA 31 53.22 -98.39 41.38
N GLU FA 32 54.25 -97.57 41.55
CA GLU FA 32 55.60 -97.99 41.20
C GLU FA 32 56.03 -99.18 42.05
N LYS FA 33 56.69 -100.13 41.40
CA LYS FA 33 57.11 -101.37 42.05
C LYS FA 33 58.36 -101.14 42.88
N ASP FA 34 58.41 -101.78 44.06
CA ASP FA 34 59.63 -101.86 44.87
C ASP FA 34 60.06 -100.50 45.42
N VAL FA 35 59.11 -99.59 45.62
CA VAL FA 35 59.39 -98.27 46.16
C VAL FA 35 58.35 -97.97 47.23
N SER FA 36 58.75 -97.16 48.21
CA SER FA 36 57.84 -96.79 49.30
C SER FA 36 56.55 -96.18 48.75
N ILE FA 37 55.46 -96.39 49.49
CA ILE FA 37 54.18 -95.78 49.17
C ILE FA 37 54.33 -94.29 48.93
N LEU FA 38 55.07 -93.61 49.82
CA LEU FA 38 55.12 -92.16 49.78
C LEU FA 38 55.82 -91.65 48.52
N GLU FA 39 56.89 -92.31 48.10
CA GLU FA 39 57.73 -91.83 47.02
C GLU FA 39 57.48 -92.53 45.70
N ALA FA 40 56.48 -93.41 45.63
CA ALA FA 40 56.25 -94.19 44.43
C ALA FA 40 55.52 -93.37 43.39
N ILE FA 41 55.93 -93.55 42.13
CA ILE FA 41 55.23 -92.94 41.01
C ILE FA 41 53.88 -93.59 40.82
N ARG FA 42 52.87 -92.79 40.52
CA ARG FA 42 51.52 -93.32 40.39
C ARG FA 42 50.90 -92.95 39.04
N LEU FA 43 50.06 -93.85 38.53
CA LEU FA 43 49.42 -93.66 37.23
C LEU FA 43 47.95 -94.05 37.33
N THR FA 44 47.06 -93.19 36.82
CA THR FA 44 45.63 -93.52 36.77
C THR FA 44 45.13 -93.41 35.34
N VAL FA 45 44.31 -94.39 34.93
CA VAL FA 45 43.81 -94.48 33.56
C VAL FA 45 42.32 -94.79 33.57
N GLN FA 46 41.50 -93.96 32.92
CA GLN FA 46 40.07 -94.24 32.82
C GLN FA 46 39.56 -93.83 31.44
N LEU FA 47 38.45 -94.46 31.04
CA LEU FA 47 37.77 -94.16 29.78
C LEU FA 47 36.29 -93.94 30.11
N ARG FA 48 35.94 -92.70 30.41
CA ARG FA 48 34.59 -92.33 30.80
C ARG FA 48 33.66 -92.39 29.59
N GLN FA 49 32.63 -93.23 29.73
CA GLN FA 49 31.60 -93.37 28.71
C GLN FA 49 30.79 -92.08 28.60
N PRO FA 50 30.12 -91.87 27.47
CA PRO FA 50 29.19 -90.76 27.36
C PRO FA 50 27.93 -91.02 28.17
N SER FA 51 27.29 -89.93 28.60
CA SER FA 51 26.02 -90.01 29.30
C SER FA 51 24.94 -90.51 28.35
N VAL FA 52 23.73 -90.67 28.88
CA VAL FA 52 22.60 -90.98 28.01
C VAL FA 52 22.31 -89.80 27.09
N ASN FA 53 22.53 -88.57 27.58
CA ASN FA 53 22.31 -87.39 26.76
C ASN FA 53 23.44 -87.14 25.78
N GLY FA 54 24.69 -87.14 26.27
CA GLY FA 54 25.83 -86.80 25.44
C GLY FA 54 26.30 -87.96 24.57
N ASN FA 55 27.36 -87.69 23.81
CA ASN FA 55 28.01 -88.72 22.99
C ASN FA 55 29.52 -88.56 23.00
N VAL FA 56 30.09 -88.09 24.11
CA VAL FA 56 31.50 -87.73 24.19
C VAL FA 56 32.22 -88.69 25.14
N TYR FA 57 33.20 -89.40 24.61
CA TYR FA 57 34.10 -90.26 25.37
C TYR FA 57 35.28 -89.44 25.86
N ARG FA 58 35.65 -89.65 27.12
CA ARG FA 58 36.79 -88.96 27.74
C ARG FA 58 37.79 -89.99 28.25
N CYS FA 59 38.97 -90.02 27.65
CA CYS FA 59 40.05 -90.91 28.08
C CYS FA 59 41.09 -90.10 28.85
N LYS FA 60 41.15 -90.31 30.16
CA LYS FA 60 42.00 -89.53 31.05
C LYS FA 60 43.11 -90.39 31.63
N ALA FA 61 44.33 -89.84 31.64
CA ALA FA 61 45.51 -90.54 32.14
C ALA FA 61 46.40 -89.58 32.91
N LYS FA 62 46.55 -89.80 34.21
CA LYS FA 62 47.30 -88.91 35.09
C LYS FA 62 48.52 -89.62 35.66
N LEU FA 63 49.68 -89.02 35.47
CA LEU FA 63 50.94 -89.48 36.02
C LEU FA 63 51.40 -88.53 37.12
N VAL FA 64 51.86 -89.08 38.23
CA VAL FA 64 52.26 -88.29 39.39
C VAL FA 64 53.62 -88.78 39.87
N VAL FA 65 54.58 -87.85 39.90
CA VAL FA 65 55.95 -88.14 40.35
C VAL FA 65 56.25 -87.30 41.57
N PRO FA 66 56.34 -87.90 42.75
CA PRO FA 66 56.67 -87.16 43.96
C PRO FA 66 58.18 -87.05 44.17
N VAL FA 67 58.56 -86.02 44.92
CA VAL FA 67 59.89 -85.81 45.42
C VAL FA 67 59.78 -85.73 46.93
N VAL FA 68 60.47 -86.64 47.62
CA VAL FA 68 60.35 -86.87 49.05
C VAL FA 68 61.69 -86.59 49.73
N GLU FA 69 61.62 -85.96 50.90
CA GLU FA 69 62.76 -85.73 51.77
C GLU FA 69 62.64 -86.61 53.01
N VAL FA 70 63.68 -87.37 53.30
CA VAL FA 70 63.72 -88.26 54.45
C VAL FA 70 64.86 -87.83 55.37
N VAL FA 71 64.51 -87.50 56.61
CA VAL FA 71 65.46 -87.17 57.65
C VAL FA 71 65.11 -88.05 58.85
N GLY FA 72 65.96 -89.00 59.16
CA GLY FA 72 65.64 -89.93 60.23
C GLY FA 72 64.39 -90.71 59.87
N ASN FA 73 63.40 -90.66 60.77
CA ASN FA 73 62.12 -91.29 60.54
C ASN FA 73 61.08 -90.34 59.99
N VAL FA 74 61.44 -89.08 59.78
CA VAL FA 74 60.54 -88.10 59.18
C VAL FA 74 60.63 -88.24 57.67
N ARG FA 75 59.50 -88.59 57.04
CA ARG FA 75 59.41 -88.73 55.60
C ARG FA 75 58.32 -87.77 55.14
N THR FA 76 58.68 -86.84 54.26
CA THR FA 76 57.73 -85.81 53.84
C THR FA 76 57.83 -85.59 52.34
N THR FA 77 56.68 -85.36 51.69
CA THR FA 77 56.68 -85.06 50.26
C THR FA 77 57.01 -83.60 50.05
N VAL FA 78 58.17 -83.31 49.46
CA VAL FA 78 58.56 -81.92 49.27
C VAL FA 78 57.83 -81.31 48.08
N ARG FA 79 57.73 -82.05 46.97
CA ARG FA 79 57.04 -81.46 45.83
C ARG FA 79 56.55 -82.58 44.93
N THR FA 80 55.67 -82.25 44.00
CA THR FA 80 55.24 -83.23 42.99
C THR FA 80 55.26 -82.60 41.62
N LEU FA 81 55.49 -83.45 40.62
CA LEU FA 81 55.33 -83.09 39.22
C LEU FA 81 54.25 -84.01 38.65
N THR FA 82 53.24 -83.41 38.03
CA THR FA 82 52.15 -84.22 37.49
C THR FA 82 51.95 -83.91 36.01
N GLU FA 83 51.41 -84.89 35.29
CA GLU FA 83 51.06 -84.72 33.89
C GLU FA 83 49.76 -85.45 33.64
N THR FA 84 48.80 -84.78 33.03
CA THR FA 84 47.51 -85.40 32.77
C THR FA 84 47.14 -85.22 31.30
N THR FA 85 46.69 -86.31 30.67
CA THR FA 85 46.38 -86.37 29.25
C THR FA 85 44.93 -86.76 29.08
N GLU FA 86 44.15 -85.93 28.39
CA GLU FA 86 42.74 -86.21 28.10
C GLU FA 86 42.53 -86.29 26.59
N VAL FA 87 41.96 -87.40 26.12
CA VAL FA 87 41.57 -87.56 24.73
C VAL FA 87 40.06 -87.65 24.65
N LEU FA 88 39.45 -86.78 23.85
CA LEU FA 88 38.01 -86.73 23.68
C LEU FA 88 37.66 -87.18 22.27
N PHE FA 89 36.74 -88.14 22.15
CA PHE FA 89 36.23 -88.51 20.84
C PHE FA 89 34.74 -88.84 20.91
N THR FA 90 34.07 -88.67 19.77
CA THR FA 90 32.62 -88.79 19.67
C THR FA 90 32.21 -90.25 19.47
N GLN FA 91 30.92 -90.50 19.72
CA GLN FA 91 30.38 -91.86 19.64
C GLN FA 91 30.43 -92.42 18.22
N ASP FA 92 30.34 -91.55 17.22
CA ASP FA 92 30.34 -91.98 15.82
C ASP FA 92 31.73 -91.92 15.19
N SER FA 93 32.78 -91.78 15.99
CA SER FA 93 34.12 -91.67 15.44
C SER FA 93 34.58 -93.01 14.90
N LEU FA 94 35.48 -92.95 13.91
CA LEU FA 94 36.01 -94.16 13.29
C LEU FA 94 37.29 -94.59 14.00
N GLY FA 95 37.45 -95.92 14.12
CA GLY FA 95 38.68 -96.45 14.69
C GLY FA 95 39.91 -95.92 13.97
N THR FA 96 39.81 -95.74 12.66
CA THR FA 96 40.88 -95.11 11.87
C THR FA 96 41.20 -93.72 12.42
N GLU FA 97 40.15 -92.93 12.64
CA GLU FA 97 40.34 -91.57 13.12
C GLU FA 97 41.03 -91.55 14.49
N ARG FA 98 40.50 -92.31 15.45
CA ARG FA 98 41.14 -92.22 16.76
C ARG FA 98 42.50 -92.91 16.78
N GLN FA 99 42.80 -93.79 15.83
CA GLN FA 99 44.17 -94.29 15.73
C GLN FA 99 45.13 -93.21 15.23
N ARG FA 100 44.69 -92.41 14.25
CA ARG FA 100 45.50 -91.26 13.85
C ARG FA 100 45.73 -90.34 15.05
N VAL FA 101 44.71 -90.12 15.85
CA VAL FA 101 44.87 -89.26 17.02
C VAL FA 101 45.88 -89.84 18.00
N ALA FA 102 45.80 -91.15 18.23
CA ALA FA 102 46.75 -91.78 19.15
C ALA FA 102 48.19 -91.60 18.66
N ASN FA 103 48.42 -91.79 17.36
CA ASN FA 103 49.78 -91.63 16.84
C ASN FA 103 50.23 -90.18 16.89
N LEU FA 104 49.32 -89.24 16.64
CA LEU FA 104 49.68 -87.82 16.77
C LEU FA 104 50.04 -87.49 18.20
N THR FA 105 49.30 -88.02 19.18
CA THR FA 105 49.64 -87.79 20.57
C THR FA 105 51.03 -88.32 20.88
N LYS FA 106 51.34 -89.52 20.42
CA LYS FA 106 52.67 -90.09 20.62
C LYS FA 106 53.75 -89.21 20.00
N SER FA 107 53.51 -88.69 18.79
CA SER FA 107 54.49 -87.86 18.12
C SER FA 107 54.70 -86.55 18.86
N LEU FA 108 53.61 -85.90 19.28
CA LEU FA 108 53.73 -84.68 20.07
C LEU FA 108 54.53 -84.91 21.33
N ALA FA 109 54.15 -85.93 22.11
CA ALA FA 109 54.84 -86.21 23.36
C ALA FA 109 56.32 -86.51 23.14
N GLY FA 110 56.68 -87.02 21.96
CA GLY FA 110 58.09 -87.20 21.68
C GLY FA 110 58.80 -86.00 21.08
N HIS FA 111 58.06 -84.99 20.64
CA HIS FA 111 58.64 -83.89 19.88
C HIS FA 111 59.60 -83.05 20.72
N ALA FA 112 60.76 -82.73 20.12
CA ALA FA 112 61.84 -82.07 20.86
C ALA FA 112 61.40 -80.74 21.45
N THR FA 113 60.64 -79.93 20.70
CA THR FA 113 60.30 -78.60 21.24
C THR FA 113 59.25 -78.70 22.33
N LEU FA 114 58.27 -79.59 22.17
CA LEU FA 114 57.29 -79.79 23.24
C LEU FA 114 57.97 -80.29 24.51
N MET FA 115 58.94 -81.18 24.37
CA MET FA 115 59.68 -81.64 25.55
C MET FA 115 60.52 -80.52 26.15
N SER FA 116 61.13 -79.69 25.30
CA SER FA 116 61.95 -78.59 25.81
C SER FA 116 61.11 -77.58 26.58
N VAL FA 117 59.84 -77.42 26.23
CA VAL FA 117 58.99 -76.52 27.01
C VAL FA 117 58.98 -76.93 28.48
N VAL FA 118 58.88 -78.23 28.74
CA VAL FA 118 58.82 -78.68 30.13
C VAL FA 118 60.21 -78.77 30.74
N GLN FA 119 61.18 -79.31 29.97
CA GLN FA 119 62.53 -79.47 30.51
C GLN FA 119 63.14 -78.12 30.86
N ASP FA 120 62.99 -77.12 30.00
CA ASP FA 120 63.60 -75.82 30.17
C ASP FA 120 62.66 -74.80 30.78
N ALA FA 121 61.40 -75.16 31.01
CA ALA FA 121 60.42 -74.28 31.63
C ALA FA 121 60.39 -72.91 30.97
N SER FA 122 60.48 -72.90 29.64
CA SER FA 122 60.30 -71.68 28.89
C SER FA 122 59.25 -71.93 27.82
N PRO FA 123 58.48 -70.93 27.47
CA PRO FA 123 57.45 -71.09 26.43
C PRO FA 123 58.08 -71.04 25.05
N ILE FA 124 57.20 -71.11 24.05
CA ILE FA 124 57.61 -71.04 22.65
C ILE FA 124 57.64 -69.56 22.26
N TYR FA 125 58.80 -69.09 21.79
CA TYR FA 125 59.02 -67.69 21.44
C TYR FA 125 60.39 -67.57 20.77
N GLY FA 126 60.49 -66.65 19.81
CA GLY FA 126 61.77 -66.36 19.19
C GLY FA 126 61.91 -66.79 17.75
N PRO GA 1 53.36 -63.49 10.60
CA PRO GA 1 54.75 -63.94 10.70
C PRO GA 1 55.44 -63.37 11.95
N LYS GA 2 56.69 -63.76 12.20
CA LYS GA 2 57.42 -63.18 13.33
C LYS GA 2 57.55 -61.68 13.13
N ILE GA 3 57.20 -60.91 14.17
CA ILE GA 3 57.32 -59.46 14.09
C ILE GA 3 58.77 -59.09 13.84
N ALA GA 4 58.98 -58.13 12.94
CA ALA GA 4 60.32 -57.75 12.55
C ALA GA 4 60.27 -56.35 11.95
N ASN GA 5 61.44 -55.86 11.55
CA ASN GA 5 61.51 -54.61 10.83
C ASN GA 5 60.79 -54.74 9.48
N ILE GA 6 60.16 -53.64 9.06
CA ILE GA 6 59.51 -53.56 7.77
C ILE GA 6 60.18 -52.45 6.99
N VAL GA 7 60.80 -52.79 5.87
CA VAL GA 7 61.51 -51.82 5.06
C VAL GA 7 60.69 -51.53 3.82
N ILE GA 8 60.22 -50.28 3.69
CA ILE GA 8 59.41 -49.85 2.57
C ILE GA 8 60.05 -48.62 1.95
N ASN GA 9 59.75 -48.40 0.67
CA ASN GA 9 60.37 -47.33 -0.10
C ASN GA 9 59.35 -46.22 -0.34
N ASP GA 10 59.76 -44.97 -0.16
CA ASP GA 10 58.90 -43.80 -0.35
C ASP GA 10 59.12 -43.12 -1.70
N GLY GA 11 59.65 -43.83 -2.67
CA GLY GA 11 59.94 -43.28 -3.98
C GLY GA 11 61.32 -42.71 -4.12
N THR GA 12 61.96 -42.37 -3.04
CA THR GA 12 63.30 -41.80 -3.10
C THR GA 12 64.31 -42.54 -2.23
N LYS GA 13 63.90 -43.02 -1.06
CA LYS GA 13 64.80 -43.71 -0.14
C LYS GA 13 64.08 -44.90 0.48
N ASP GA 14 64.85 -45.72 1.19
CA ASP GA 14 64.29 -46.81 1.97
C ASP GA 14 64.08 -46.37 3.41
N ILE GA 15 62.93 -46.72 3.97
CA ILE GA 15 62.51 -46.34 5.31
C ILE GA 15 62.33 -47.63 6.10
N THR GA 16 62.92 -47.68 7.28
CA THR GA 16 62.86 -48.85 8.15
C THR GA 16 61.90 -48.57 9.31
N LEU GA 17 60.88 -49.41 9.44
CA LEU GA 17 59.90 -49.32 10.51
C LEU GA 17 60.20 -50.41 11.52
N GLN GA 18 60.55 -50.02 12.73
CA GLN GA 18 60.91 -50.85 13.87
C GLN GA 18 59.68 -51.18 14.69
N PRO GA 19 59.63 -52.41 15.18
CA PRO GA 19 58.52 -52.83 16.04
C PRO GA 19 58.49 -52.00 17.31
N VAL GA 20 57.30 -51.71 17.78
CA VAL GA 20 57.13 -50.74 18.85
C VAL GA 20 56.29 -51.31 19.99
N ASN GA 21 55.16 -51.91 19.65
CA ASN GA 21 54.18 -52.27 20.66
C ASN GA 21 53.26 -53.30 20.04
N ILE GA 22 52.58 -54.08 20.90
CA ILE GA 22 51.54 -55.00 20.46
C ILE GA 22 50.38 -54.91 21.44
N ASP GA 23 49.22 -54.47 20.93
CA ASP GA 23 48.03 -54.22 21.71
C ASP GA 23 47.60 -55.46 22.48
N ARG GA 24 46.63 -55.25 23.38
CA ARG GA 24 45.83 -56.37 23.86
C ARG GA 24 44.92 -56.88 22.75
N GLU GA 25 44.57 -56.02 21.79
CA GLU GA 25 43.76 -56.44 20.65
C GLU GA 25 44.57 -57.09 19.53
N GLY GA 26 45.90 -57.12 19.66
CA GLY GA 26 46.73 -57.82 18.70
C GLY GA 26 47.31 -56.95 17.60
N VAL GA 27 47.10 -55.63 17.68
CA VAL GA 27 47.63 -54.72 16.68
C VAL GA 27 49.13 -54.57 16.85
N ALA GA 28 49.88 -54.72 15.77
CA ALA GA 28 51.32 -54.51 15.79
C ALA GA 28 51.59 -53.07 15.39
N HIS GA 29 52.21 -52.31 16.28
CA HIS GA 29 52.59 -50.93 15.99
C HIS GA 29 54.05 -50.86 15.60
N PHE GA 30 54.37 -49.94 14.68
CA PHE GA 30 55.72 -49.74 14.21
C PHE GA 30 56.00 -48.25 14.21
N ARG GA 31 57.29 -47.91 14.06
CA ARG GA 31 57.68 -46.50 14.00
C ARG GA 31 58.96 -46.37 13.21
N GLU GA 32 59.15 -45.21 12.61
CA GLU GA 32 60.29 -44.98 11.74
C GLU GA 32 61.58 -44.87 12.55
N LYS GA 33 62.65 -45.40 11.96
CA LYS GA 33 63.95 -45.47 12.62
C LYS GA 33 64.77 -44.22 12.29
N ASP GA 34 65.54 -43.76 13.28
CA ASP GA 34 66.51 -42.66 13.09
C ASP GA 34 65.81 -41.34 12.77
N VAL GA 35 64.61 -41.14 13.30
CA VAL GA 35 63.82 -39.93 13.02
C VAL GA 35 63.11 -39.53 14.31
N SER GA 36 62.87 -38.23 14.46
CA SER GA 36 62.18 -37.72 15.64
C SER GA 36 60.86 -38.44 15.84
N ILE GA 37 60.48 -38.61 17.09
CA ILE GA 37 59.23 -39.31 17.42
C ILE GA 37 58.05 -38.64 16.72
N LEU GA 38 57.97 -37.32 16.83
CA LEU GA 38 56.78 -36.63 16.32
C LEU GA 38 56.68 -36.72 14.80
N GLU GA 39 57.80 -36.76 14.10
CA GLU GA 39 57.78 -36.72 12.64
C GLU GA 39 58.00 -38.08 12.00
N ALA GA 40 57.99 -39.15 12.79
CA ALA GA 40 58.27 -40.48 12.28
C ALA GA 40 57.00 -41.10 11.71
N ILE GA 41 57.14 -41.71 10.52
CA ILE GA 41 56.05 -42.49 9.94
C ILE GA 41 55.73 -43.64 10.86
N ARG GA 42 54.44 -43.98 10.98
CA ARG GA 42 54.10 -45.13 11.80
C ARG GA 42 53.04 -46.00 11.13
N LEU GA 43 53.06 -47.28 11.46
CA LEU GA 43 52.27 -48.29 10.76
C LEU GA 43 51.68 -49.27 11.76
N THR GA 44 50.37 -49.51 11.68
CA THR GA 44 49.71 -50.48 12.52
C THR GA 44 49.09 -51.58 11.66
N VAL GA 45 49.23 -52.83 12.11
CA VAL GA 45 48.82 -54.00 11.34
C VAL GA 45 48.12 -54.99 12.27
N GLN GA 46 46.84 -55.27 12.01
CA GLN GA 46 46.09 -56.22 12.82
C GLN GA 46 45.30 -57.15 11.92
N LEU GA 47 44.88 -58.28 12.50
CA LEU GA 47 44.02 -59.25 11.80
C LEU GA 47 42.98 -59.78 12.78
N ARG GA 48 41.78 -59.21 12.73
CA ARG GA 48 40.63 -59.72 13.46
C ARG GA 48 40.25 -61.11 12.97
N GLN GA 49 40.44 -62.08 13.85
CA GLN GA 49 39.90 -63.42 13.69
C GLN GA 49 38.36 -63.33 13.64
N PRO GA 50 37.71 -64.34 13.07
CA PRO GA 50 36.24 -64.30 12.99
C PRO GA 50 35.61 -64.53 14.36
N SER GA 51 34.38 -64.01 14.51
CA SER GA 51 33.60 -64.20 15.72
C SER GA 51 33.23 -65.69 15.89
N VAL GA 52 32.71 -66.01 17.07
CA VAL GA 52 32.18 -67.35 17.25
C VAL GA 52 30.90 -67.52 16.43
N ASN GA 53 30.11 -66.46 16.27
CA ASN GA 53 28.94 -66.46 15.41
C ASN GA 53 29.21 -65.82 14.05
N GLY GA 54 30.48 -65.62 13.68
CA GLY GA 54 30.83 -65.10 12.38
C GLY GA 54 31.85 -65.98 11.70
N ASN GA 55 32.16 -65.64 10.43
CA ASN GA 55 33.21 -66.32 9.71
C ASN GA 55 34.04 -65.36 8.87
N VAL GA 56 34.14 -64.10 9.28
CA VAL GA 56 34.76 -63.04 8.48
C VAL GA 56 36.05 -62.59 9.14
N TYR GA 57 37.14 -62.62 8.37
CA TYR GA 57 38.46 -62.15 8.78
C TYR GA 57 38.69 -60.74 8.24
N ARG GA 58 39.23 -59.87 9.10
CA ARG GA 58 39.53 -58.49 8.71
C ARG GA 58 41.00 -58.19 8.98
N CYS GA 59 41.78 -57.98 7.91
CA CYS GA 59 43.17 -57.58 8.01
C CYS GA 59 43.26 -56.08 7.71
N LYS GA 60 43.59 -55.29 8.73
CA LYS GA 60 43.64 -53.84 8.63
C LYS GA 60 45.07 -53.35 8.82
N ALA GA 61 45.52 -52.50 7.90
CA ALA GA 61 46.86 -51.90 7.95
C ALA GA 61 46.73 -50.40 7.71
N LYS GA 62 47.03 -49.61 8.74
CA LYS GA 62 46.97 -48.16 8.67
C LYS GA 62 48.38 -47.58 8.71
N LEU GA 63 48.70 -46.74 7.74
CA LEU GA 63 49.98 -46.05 7.66
C LEU GA 63 49.74 -44.57 7.80
N VAL GA 64 50.56 -43.91 8.61
CA VAL GA 64 50.40 -42.48 8.88
C VAL GA 64 51.73 -41.79 8.63
N VAL GA 65 51.68 -40.71 7.85
CA VAL GA 65 52.83 -39.88 7.53
C VAL GA 65 52.57 -38.47 8.04
N PRO GA 66 53.24 -38.04 9.12
CA PRO GA 66 53.06 -36.68 9.60
C PRO GA 66 53.96 -35.72 8.83
N VAL GA 67 53.62 -34.43 8.95
CA VAL GA 67 54.47 -33.34 8.46
C VAL GA 67 54.63 -32.35 9.61
N VAL GA 68 55.80 -32.29 10.20
CA VAL GA 68 56.09 -31.40 11.30
C VAL GA 68 56.80 -30.17 10.76
N GLU GA 69 56.41 -29.00 11.27
CA GLU GA 69 57.06 -27.74 10.97
C GLU GA 69 57.20 -26.95 12.26
N VAL GA 70 58.12 -25.99 12.25
CA VAL GA 70 58.45 -25.20 13.43
C VAL GA 70 57.52 -23.98 13.50
N VAL GA 71 56.58 -24.01 14.43
CA VAL GA 71 55.59 -22.93 14.62
C VAL GA 71 55.88 -22.26 15.96
N GLY GA 72 56.34 -21.02 15.91
CA GLY GA 72 56.70 -20.31 17.14
C GLY GA 72 57.84 -20.97 17.89
N ASN GA 73 58.84 -21.45 17.17
CA ASN GA 73 59.98 -22.19 17.73
C ASN GA 73 59.52 -23.42 18.51
N VAL GA 74 58.37 -23.99 18.13
CA VAL GA 74 57.83 -25.20 18.74
C VAL GA 74 57.42 -26.15 17.61
N ARG GA 75 58.09 -27.28 17.51
CA ARG GA 75 57.80 -28.25 16.46
C ARG GA 75 56.40 -28.81 16.64
N THR GA 76 55.53 -28.58 15.65
CA THR GA 76 54.16 -29.07 15.68
C THR GA 76 53.81 -29.69 14.32
N THR GA 77 52.86 -30.61 14.36
CA THR GA 77 52.44 -31.34 13.16
C THR GA 77 51.30 -30.56 12.49
N VAL GA 78 51.59 -29.97 11.33
CA VAL GA 78 50.57 -29.20 10.61
C VAL GA 78 49.52 -30.13 10.02
N ARG GA 79 49.96 -31.18 9.34
CA ARG GA 79 49.06 -32.06 8.61
C ARG GA 79 49.63 -33.47 8.58
N THR GA 80 48.72 -34.44 8.62
CA THR GA 80 49.06 -35.84 8.48
C THR GA 80 48.34 -36.43 7.28
N LEU GA 81 49.02 -37.34 6.59
CA LEU GA 81 48.45 -38.06 5.47
C LEU GA 81 48.31 -39.53 5.85
N THR GA 82 47.11 -40.08 5.66
CA THR GA 82 46.79 -41.41 6.15
C THR GA 82 46.43 -42.35 5.01
N GLU GA 83 46.71 -43.64 5.20
CA GLU GA 83 46.30 -44.64 4.22
C GLU GA 83 45.90 -45.92 4.94
N THR GA 84 44.70 -46.40 4.65
CA THR GA 84 44.15 -47.59 5.30
C THR GA 84 43.84 -48.66 4.26
N THR GA 85 44.39 -49.85 4.46
CA THR GA 85 44.12 -51.02 3.62
C THR GA 85 43.39 -52.06 4.46
N GLU GA 86 42.19 -52.45 4.03
CA GLU GA 86 41.43 -53.51 4.70
C GLU GA 86 41.17 -54.63 3.72
N VAL GA 87 41.72 -55.80 4.01
CA VAL GA 87 41.46 -57.02 3.24
C VAL GA 87 40.53 -57.89 4.07
N LEU GA 88 39.54 -58.48 3.41
CA LEU GA 88 38.44 -59.12 4.11
C LEU GA 88 38.12 -60.42 3.41
N PHE GA 89 38.21 -61.53 4.15
CA PHE GA 89 37.96 -62.84 3.55
C PHE GA 89 37.31 -63.79 4.56
N THR GA 90 36.68 -64.84 4.05
CA THR GA 90 35.84 -65.73 4.84
C THR GA 90 36.63 -66.95 5.33
N GLN GA 91 36.10 -67.56 6.41
CA GLN GA 91 36.80 -68.66 7.07
C GLN GA 91 36.96 -69.87 6.16
N ASP GA 92 36.02 -70.09 5.25
CA ASP GA 92 36.09 -71.21 4.31
C ASP GA 92 36.87 -70.87 3.06
N SER GA 93 37.65 -69.79 3.06
CA SER GA 93 38.35 -69.38 1.85
C SER GA 93 39.54 -70.29 1.59
N LEU GA 94 39.90 -70.43 0.31
CA LEU GA 94 41.02 -71.27 -0.10
C LEU GA 94 42.29 -70.44 -0.18
N GLY GA 95 43.43 -71.12 0.08
CA GLY GA 95 44.71 -70.44 0.09
C GLY GA 95 45.03 -69.76 -1.23
N THR GA 96 44.75 -70.46 -2.34
CA THR GA 96 44.95 -69.87 -3.66
C THR GA 96 44.14 -68.59 -3.82
N GLU GA 97 42.90 -68.60 -3.33
CA GLU GA 97 42.04 -67.43 -3.45
C GLU GA 97 42.62 -66.22 -2.71
N ARG GA 98 42.96 -66.40 -1.44
CA ARG GA 98 43.47 -65.20 -0.76
C ARG GA 98 44.85 -64.81 -1.26
N GLN GA 99 45.62 -65.74 -1.83
CA GLN GA 99 46.87 -65.36 -2.49
C GLN GA 99 46.61 -64.49 -3.72
N ARG GA 100 45.59 -64.86 -4.52
CA ARG GA 100 45.18 -64.02 -5.63
C ARG GA 100 44.82 -62.62 -5.16
N VAL GA 101 44.07 -62.52 -4.06
CA VAL GA 101 43.70 -61.20 -3.57
C VAL GA 101 44.92 -60.41 -3.14
N ALA GA 102 45.88 -61.07 -2.49
CA ALA GA 102 47.09 -60.38 -2.07
C ALA GA 102 47.82 -59.77 -3.28
N ASN GA 103 47.99 -60.58 -4.33
CA ASN GA 103 48.72 -60.10 -5.50
C ASN GA 103 47.95 -59.03 -6.26
N LEU GA 104 46.61 -59.14 -6.29
CA LEU GA 104 45.81 -58.09 -6.90
C LEU GA 104 45.96 -56.77 -6.14
N THR GA 105 45.95 -56.84 -4.80
CA THR GA 105 46.19 -55.64 -4.00
C THR GA 105 47.53 -55.01 -4.36
N LYS GA 106 48.58 -55.84 -4.48
CA LYS GA 106 49.89 -55.33 -4.86
C LYS GA 106 49.84 -54.63 -6.21
N SER GA 107 49.32 -55.31 -7.24
CA SER GA 107 49.30 -54.73 -8.58
C SER GA 107 48.47 -53.47 -8.63
N LEU GA 108 47.34 -53.48 -7.92
CA LEU GA 108 46.48 -52.31 -7.83
C LEU GA 108 47.23 -51.11 -7.27
N ALA GA 109 47.84 -51.28 -6.09
CA ALA GA 109 48.54 -50.18 -5.46
C ALA GA 109 49.78 -49.74 -6.22
N GLY GA 110 50.28 -50.58 -7.13
CA GLY GA 110 51.39 -50.17 -7.96
C GLY GA 110 50.97 -49.61 -9.31
N HIS GA 111 49.68 -49.68 -9.64
CA HIS GA 111 49.24 -49.29 -10.97
C HIS GA 111 49.30 -47.77 -11.15
N ALA GA 112 49.84 -47.35 -12.29
CA ALA GA 112 50.19 -45.96 -12.51
C ALA GA 112 48.96 -45.05 -12.43
N THR GA 113 47.81 -45.50 -12.94
CA THR GA 113 46.63 -44.65 -12.90
C THR GA 113 46.14 -44.43 -11.47
N LEU GA 114 46.15 -45.48 -10.66
CA LEU GA 114 45.74 -45.34 -9.27
C LEU GA 114 46.70 -44.44 -8.51
N MET GA 115 48.01 -44.62 -8.72
CA MET GA 115 48.98 -43.74 -8.08
C MET GA 115 48.75 -42.29 -8.50
N SER GA 116 48.44 -42.07 -9.78
CA SER GA 116 48.21 -40.72 -10.29
C SER GA 116 46.95 -40.11 -9.69
N VAL GA 117 45.96 -40.92 -9.33
CA VAL GA 117 44.77 -40.40 -8.66
C VAL GA 117 45.15 -39.66 -7.38
N VAL GA 118 46.14 -40.16 -6.65
CA VAL GA 118 46.52 -39.49 -5.40
C VAL GA 118 47.58 -38.43 -5.64
N GLN GA 119 48.56 -38.73 -6.51
CA GLN GA 119 49.62 -37.77 -6.79
C GLN GA 119 49.06 -36.47 -7.34
N ASP GA 120 48.05 -36.56 -8.22
CA ASP GA 120 47.49 -35.41 -8.92
C ASP GA 120 46.18 -34.93 -8.34
N ALA GA 121 45.63 -35.61 -7.33
CA ALA GA 121 44.37 -35.20 -6.68
C ALA GA 121 43.25 -35.03 -7.70
N SER GA 122 43.09 -36.03 -8.56
CA SER GA 122 42.14 -35.97 -9.67
C SER GA 122 41.37 -37.28 -9.75
N PRO GA 123 40.07 -37.30 -9.46
CA PRO GA 123 39.34 -38.57 -9.56
C PRO GA 123 39.43 -39.10 -10.98
N ILE GA 124 39.01 -40.35 -11.16
CA ILE GA 124 38.83 -40.85 -12.52
C ILE GA 124 37.50 -40.31 -13.04
N TYR GA 125 37.48 -39.91 -14.32
CA TYR GA 125 36.38 -39.10 -14.83
C TYR GA 125 36.07 -39.42 -16.29
N GLY GA 126 34.84 -39.06 -16.67
CA GLY GA 126 34.28 -39.29 -17.99
C GLY GA 126 32.80 -38.95 -17.96
N PRO HA 1 57.07 41.47 24.08
CA PRO HA 1 57.97 41.44 22.92
C PRO HA 1 57.28 40.86 21.69
N LYS HA 2 57.86 41.05 20.50
CA LYS HA 2 57.23 40.56 19.30
C LYS HA 2 57.19 39.04 19.26
N ILE HA 3 56.26 38.50 18.49
CA ILE HA 3 56.06 37.06 18.40
C ILE HA 3 56.94 36.52 17.27
N ALA HA 4 57.71 35.47 17.57
CA ALA HA 4 58.73 34.98 16.65
C ALA HA 4 59.18 33.60 17.14
N ASN HA 5 60.04 32.96 16.35
CA ASN HA 5 60.58 31.68 16.74
C ASN HA 5 61.35 31.79 18.05
N ILE HA 6 61.13 30.83 18.94
CA ILE HA 6 61.90 30.71 20.16
C ILE HA 6 62.83 29.52 19.98
N VAL HA 7 64.13 29.78 19.95
CA VAL HA 7 65.12 28.72 19.76
C VAL HA 7 65.78 28.44 21.09
N ILE HA 8 65.55 27.23 21.61
CA ILE HA 8 66.13 26.79 22.88
C ILE HA 8 67.02 25.59 22.59
N ASN HA 9 67.80 25.18 23.59
CA ASN HA 9 68.77 24.10 23.43
C ASN HA 9 68.55 23.03 24.50
N ASP HA 10 68.71 21.76 24.13
CA ASP HA 10 68.53 20.65 25.06
C ASP HA 10 69.86 20.04 25.49
N GLY HA 11 70.95 20.81 25.42
CA GLY HA 11 72.28 20.36 25.78
C GLY HA 11 73.04 19.71 24.66
N THR HA 12 72.33 19.24 23.63
CA THR HA 12 72.91 18.57 22.48
C THR HA 12 72.56 19.27 21.17
N LYS HA 13 71.29 19.60 20.98
CA LYS HA 13 70.73 20.12 19.75
C LYS HA 13 69.84 21.31 20.08
N ASP HA 14 69.71 22.24 19.14
CA ASP HA 14 68.82 23.39 19.31
C ASP HA 14 67.47 23.09 18.69
N ILE HA 15 66.42 23.13 19.51
CA ILE HA 15 65.06 22.94 19.07
C ILE HA 15 64.45 24.31 18.81
N THR HA 16 63.84 24.45 17.62
CA THR HA 16 63.19 25.68 17.19
C THR HA 16 61.69 25.53 17.38
N LEU HA 17 61.11 26.34 18.27
CA LEU HA 17 59.67 26.35 18.53
C LEU HA 17 59.07 27.51 17.73
N GLN HA 18 58.20 27.18 16.79
CA GLN HA 18 57.56 28.16 15.92
C GLN HA 18 56.26 28.65 16.54
N PRO HA 19 55.98 29.95 16.35
CA PRO HA 19 54.72 30.52 16.84
C PRO HA 19 53.55 29.94 16.08
N VAL HA 20 52.59 29.42 16.83
CA VAL HA 20 51.51 28.63 16.26
C VAL HA 20 50.15 29.21 16.59
N ASN HA 21 49.94 29.71 17.80
CA ASN HA 21 48.63 30.23 18.11
C ASN HA 21 48.76 31.33 19.16
N ILE HA 22 47.85 32.29 19.13
CA ILE HA 22 47.67 33.17 20.27
C ILE HA 22 46.26 32.95 20.79
N ASP HA 23 46.20 32.42 22.00
CA ASP HA 23 44.96 32.00 22.63
C ASP HA 23 44.00 33.17 22.79
N ARG HA 24 42.74 32.84 23.07
CA ARG HA 24 41.81 33.87 23.50
C ARG HA 24 42.08 34.34 24.92
N GLU HA 25 42.80 33.54 25.70
CA GLU HA 25 43.25 33.95 27.02
C GLU HA 25 44.56 34.72 26.97
N GLY HA 26 45.11 34.95 25.78
CA GLY HA 26 46.38 35.64 25.64
C GLY HA 26 47.59 34.73 25.58
N VAL HA 27 47.37 33.42 25.53
CA VAL HA 27 48.46 32.45 25.58
C VAL HA 27 49.12 32.31 24.21
N ALA HA 28 50.44 32.48 24.16
CA ALA HA 28 51.20 32.25 22.94
C ALA HA 28 51.61 30.78 22.93
N HIS HA 29 51.00 30.00 22.04
CA HIS HA 29 51.35 28.61 21.80
C HIS HA 29 52.41 28.54 20.71
N PHE HA 30 53.46 27.76 20.98
CA PHE HA 30 54.53 27.44 20.06
C PHE HA 30 54.60 25.93 19.93
N ARG HA 31 55.06 25.46 18.76
CA ARG HA 31 55.16 24.04 18.45
C ARG HA 31 56.52 23.76 17.84
N GLU HA 32 57.04 22.57 18.09
CA GLU HA 32 58.36 22.23 17.58
C GLU HA 32 58.35 22.16 16.06
N LYS HA 33 59.39 22.72 15.45
CA LYS HA 33 59.50 22.79 14.00
C LYS HA 33 60.00 21.46 13.44
N ASP HA 34 59.44 21.08 12.28
CA ASP HA 34 59.91 19.90 11.53
C ASP HA 34 59.67 18.60 12.31
N VAL HA 35 58.55 18.52 13.01
CA VAL HA 35 58.21 17.35 13.81
C VAL HA 35 56.70 17.17 13.77
N SER HA 36 56.26 15.91 13.73
CA SER HA 36 54.83 15.60 13.72
C SER HA 36 54.14 16.30 14.88
N ILE HA 37 52.90 16.70 14.65
CA ILE HA 37 52.11 17.40 15.65
C ILE HA 37 52.08 16.63 16.97
N LEU HA 38 51.94 15.30 16.88
CA LEU HA 38 51.84 14.50 18.10
C LEU HA 38 53.13 14.52 18.90
N GLU HA 39 54.27 14.41 18.24
CA GLU HA 39 55.55 14.28 18.92
C GLU HA 39 56.28 15.60 19.10
N ALA HA 40 55.69 16.72 18.69
CA ALA HA 40 56.38 17.98 18.79
C ALA HA 40 56.36 18.49 20.22
N ILE HA 41 57.47 19.11 20.60
CA ILE HA 41 57.59 19.82 21.87
C ILE HA 41 56.80 21.10 21.76
N ARG HA 42 55.97 21.40 22.75
CA ARG HA 42 55.17 22.63 22.67
C ARG HA 42 55.36 23.52 23.90
N LEU HA 43 55.24 24.82 23.68
CA LEU HA 43 55.51 25.84 24.70
C LEU HA 43 54.41 26.87 24.73
N THR HA 44 53.85 27.15 25.92
CA THR HA 44 52.81 28.17 26.07
C THR HA 44 53.28 29.25 27.02
N VAL HA 45 53.06 30.52 26.65
CA VAL HA 45 53.57 31.67 27.38
C VAL HA 45 52.48 32.74 27.46
N GLN HA 46 52.03 33.07 28.68
CA GLN HA 46 50.98 34.06 28.86
C GLN HA 46 51.30 35.00 30.00
N LEU HA 47 50.80 36.24 29.91
CA LEU HA 47 50.99 37.26 30.95
C LEU HA 47 49.62 37.76 31.39
N ARG HA 48 49.07 37.13 32.41
CA ARG HA 48 47.80 37.48 33.00
C ARG HA 48 47.95 38.79 33.75
N GLN HA 49 47.33 39.85 33.22
CA GLN HA 49 47.34 41.15 33.85
C GLN HA 49 46.39 41.16 35.04
N PRO HA 50 46.56 42.09 35.97
CA PRO HA 50 45.77 42.06 37.21
C PRO HA 50 44.31 42.47 36.97
N SER HA 51 43.46 42.06 37.90
CA SER HA 51 42.05 42.41 37.93
C SER HA 51 41.87 43.90 38.21
N VAL HA 52 40.63 44.37 38.07
CA VAL HA 52 40.35 45.76 38.43
C VAL HA 52 40.58 45.98 39.92
N ASN HA 53 40.25 44.98 40.74
CA ASN HA 53 40.45 45.11 42.18
C ASN HA 53 41.91 44.86 42.57
N GLY HA 54 42.56 43.90 41.92
CA GLY HA 54 43.91 43.50 42.31
C GLY HA 54 45.00 44.30 41.58
N ASN HA 55 46.25 43.95 41.91
CA ASN HA 55 47.41 44.54 41.24
C ASN HA 55 48.51 43.50 41.02
N VAL HA 56 48.14 42.26 40.72
CA VAL HA 56 49.10 41.17 40.65
C VAL HA 56 49.14 40.57 39.25
N TYR HA 57 50.31 40.66 38.62
CA TYR HA 57 50.60 40.03 37.33
C TYR HA 57 51.10 38.62 37.56
N ARG HA 58 50.63 37.69 36.72
CA ARG HA 58 51.11 36.31 36.66
C ARG HA 58 51.67 36.03 35.26
N CYS HA 59 52.92 35.63 35.19
CA CYS HA 59 53.56 35.26 33.93
C CYS HA 59 53.80 33.75 33.98
N LYS HA 60 53.05 33.01 33.17
CA LYS HA 60 53.10 31.55 33.16
C LYS HA 60 53.68 31.03 31.85
N ALA HA 61 54.60 30.07 31.97
CA ALA HA 61 55.25 29.44 30.82
C ALA HA 61 55.31 27.94 31.06
N LYS HA 62 54.62 27.17 30.21
CA LYS HA 62 54.57 25.71 30.29
C LYS HA 62 55.27 25.11 29.07
N LEU HA 63 56.32 24.34 29.31
CA LEU HA 63 56.98 23.53 28.31
C LEU HA 63 56.53 22.10 28.46
N VAL HA 64 56.18 21.45 27.34
CA VAL HA 64 55.79 20.05 27.35
C VAL HA 64 56.66 19.31 26.35
N VAL HA 65 57.35 18.29 26.83
CA VAL HA 65 58.18 17.40 26.02
C VAL HA 65 57.52 16.04 26.01
N PRO HA 66 57.04 15.56 24.87
CA PRO HA 66 56.53 14.19 24.79
C PRO HA 66 57.61 13.20 24.42
N VAL HA 67 57.38 11.95 24.81
CA VAL HA 67 58.23 10.82 24.46
C VAL HA 67 57.40 9.89 23.60
N VAL HA 68 57.65 9.89 22.30
CA VAL HA 68 56.85 9.11 21.36
C VAL HA 68 57.68 7.93 20.90
N GLU HA 69 57.14 6.74 21.09
CA GLU HA 69 57.72 5.50 20.59
C GLU HA 69 56.67 4.75 19.78
N VAL HA 70 57.14 3.94 18.83
CA VAL HA 70 56.24 3.21 17.94
C VAL HA 70 55.73 1.97 18.64
N VAL HA 71 54.41 1.83 18.74
CA VAL HA 71 53.74 0.65 19.29
C VAL HA 71 53.10 -0.08 18.11
N GLY HA 72 53.63 -1.24 17.75
CA GLY HA 72 53.22 -1.87 16.51
C GLY HA 72 53.61 -1.00 15.33
N ASN HA 73 52.62 -0.56 14.55
CA ASN HA 73 52.83 0.39 13.46
C ASN HA 73 52.29 1.77 13.81
N VAL HA 74 51.83 1.98 15.04
CA VAL HA 74 51.18 3.22 15.45
C VAL HA 74 52.14 4.00 16.35
N ARG HA 75 52.51 5.22 15.95
CA ARG HA 75 53.32 6.05 16.81
C ARG HA 75 52.47 6.54 17.97
N THR HA 76 52.95 6.34 19.20
CA THR HA 76 52.20 6.75 20.37
C THR HA 76 53.13 7.39 21.40
N THR HA 77 52.59 8.38 22.10
CA THR HA 77 53.30 9.05 23.18
C THR HA 77 53.26 8.17 24.41
N VAL HA 78 54.42 7.63 24.82
CA VAL HA 78 54.47 6.76 25.99
C VAL HA 78 54.26 7.57 27.27
N ARG HA 79 54.94 8.71 27.36
CA ARG HA 79 54.90 9.54 28.56
C ARG HA 79 55.28 10.97 28.15
N THR HA 80 55.09 11.90 29.08
CA THR HA 80 55.44 13.29 28.85
C THR HA 80 56.15 13.83 30.08
N LEU HA 81 57.05 14.79 29.84
CA LEU HA 81 57.68 15.57 30.89
C LEU HA 81 57.23 17.02 30.75
N THR HA 82 56.96 17.67 31.88
CA THR HA 82 56.38 19.01 31.85
C THR HA 82 57.14 19.94 32.78
N GLU HA 83 57.33 21.19 32.35
CA GLU HA 83 57.95 22.21 33.18
C GLU HA 83 57.10 23.46 33.15
N THR HA 84 56.85 24.06 34.32
CA THR HA 84 55.99 25.23 34.44
C THR HA 84 56.68 26.27 35.30
N THR HA 85 56.99 27.42 34.69
CA THR HA 85 57.54 28.58 35.39
C THR HA 85 56.43 29.60 35.57
N GLU HA 86 56.31 30.16 36.78
CA GLU HA 86 55.28 31.14 37.09
C GLU HA 86 55.89 32.27 37.91
N VAL HA 87 55.91 33.47 37.34
CA VAL HA 87 56.49 34.65 37.97
C VAL HA 87 55.36 35.60 38.36
N LEU HA 88 55.35 36.02 39.62
CA LEU HA 88 54.33 36.93 40.14
C LEU HA 88 54.97 38.24 40.54
N PHE HA 89 54.41 39.36 40.06
CA PHE HA 89 54.88 40.66 40.50
C PHE HA 89 53.74 41.66 40.50
N THR HA 90 53.89 42.69 41.33
CA THR HA 90 52.86 43.70 41.56
C THR HA 90 53.05 44.88 40.62
N GLN HA 91 51.98 45.68 40.49
CA GLN HA 91 51.99 46.80 39.55
C GLN HA 91 52.91 47.93 40.02
N ASP HA 92 53.14 48.04 41.32
CA ASP HA 92 54.06 49.05 41.80
C ASP HA 92 55.52 48.62 41.71
N SER HA 93 55.78 47.43 41.16
CA SER HA 93 57.13 46.92 41.07
C SER HA 93 57.96 47.71 40.07
N LEU HA 94 59.25 47.84 40.37
CA LEU HA 94 60.18 48.57 39.52
C LEU HA 94 60.72 47.66 38.43
N GLY HA 95 61.05 48.26 37.28
CA GLY HA 95 61.67 47.50 36.22
C GLY HA 95 62.97 46.85 36.67
N THR HA 96 63.78 47.58 37.44
CA THR HA 96 65.03 47.03 37.92
C THR HA 96 64.78 45.81 38.81
N GLU HA 97 63.73 45.86 39.63
CA GLU HA 97 63.39 44.73 40.48
C GLU HA 97 62.97 43.53 39.64
N ARG HA 98 62.06 43.74 38.68
CA ARG HA 98 61.64 42.65 37.82
C ARG HA 98 62.84 42.04 37.08
N GLN HA 99 63.77 42.88 36.64
CA GLN HA 99 64.95 42.39 35.93
C GLN HA 99 65.84 41.57 36.83
N ARG HA 100 66.06 42.06 38.05
CA ARG HA 100 66.79 41.29 39.05
C ARG HA 100 66.17 39.90 39.23
N VAL HA 101 64.83 39.84 39.29
CA VAL HA 101 64.18 38.55 39.50
C VAL HA 101 64.35 37.66 38.27
N ALA HA 102 64.26 38.23 37.07
CA ALA HA 102 64.45 37.43 35.87
C ALA HA 102 65.84 36.82 35.81
N ASN HA 103 66.86 37.62 36.13
CA ASN HA 103 68.23 37.12 36.15
C ASN HA 103 68.41 36.04 37.21
N LEU HA 104 67.81 36.23 38.39
CA LEU HA 104 67.88 35.18 39.40
C LEU HA 104 67.24 33.90 38.91
N THR HA 105 66.10 34.00 38.21
CA THR HA 105 65.45 32.81 37.67
C THR HA 105 66.38 32.10 36.69
N LYS HA 106 67.05 32.86 35.82
CA LYS HA 106 68.01 32.28 34.88
C LYS HA 106 69.12 31.55 35.63
N SER HA 107 69.78 32.26 36.56
CA SER HA 107 70.88 31.66 37.32
C SER HA 107 70.42 30.41 38.05
N LEU HA 108 69.20 30.44 38.59
CA LEU HA 108 68.67 29.32 39.33
C LEU HA 108 68.48 28.11 38.42
N ALA HA 109 67.79 28.30 37.28
CA ALA HA 109 67.56 27.19 36.37
C ALA HA 109 68.85 26.66 35.76
N GLY HA 110 69.92 27.46 35.75
CA GLY HA 110 71.18 26.92 35.30
C GLY HA 110 72.05 26.30 36.37
N HIS HA 111 71.62 26.33 37.63
CA HIS HA 111 72.49 25.93 38.74
C HIS HA 111 72.63 24.42 38.83
N ALA HA 112 73.87 23.99 39.08
CA ALA HA 112 74.22 22.57 39.01
C ALA HA 112 73.35 21.72 39.93
N THR HA 113 73.11 22.17 41.17
CA THR HA 113 72.42 21.31 42.12
C THR HA 113 70.94 21.13 41.76
N LEU HA 114 70.30 22.17 41.22
CA LEU HA 114 68.90 22.01 40.81
C LEU HA 114 68.79 21.15 39.57
N MET HA 115 69.68 21.38 38.59
CA MET HA 115 69.71 20.51 37.44
C MET HA 115 69.92 19.07 37.86
N SER HA 116 70.77 18.85 38.87
CA SER HA 116 71.00 17.50 39.37
C SER HA 116 69.75 16.94 40.05
N VAL HA 117 68.99 17.77 40.77
CA VAL HA 117 67.74 17.29 41.35
C VAL HA 117 66.85 16.71 40.27
N VAL HA 118 66.76 17.38 39.13
CA VAL HA 118 65.84 16.86 38.11
C VAL HA 118 66.45 15.68 37.35
N GLN HA 119 67.74 15.78 37.01
CA GLN HA 119 68.39 14.72 36.24
C GLN HA 119 68.45 13.42 37.03
N ASP HA 120 69.07 13.45 38.21
CA ASP HA 120 69.24 12.28 39.06
C ASP HA 120 67.97 11.89 39.81
N ALA HA 121 66.93 12.73 39.77
CA ALA HA 121 65.67 12.47 40.47
C ALA HA 121 65.87 12.25 41.97
N SER HA 122 66.90 12.86 42.56
CA SER HA 122 67.12 12.80 43.99
C SER HA 122 67.02 14.20 44.57
N PRO HA 123 66.25 14.40 45.63
CA PRO HA 123 66.10 15.73 46.22
C PRO HA 123 67.31 16.09 47.07
N ILE HA 124 67.25 17.29 47.64
CA ILE HA 124 68.32 17.80 48.49
C ILE HA 124 68.07 17.24 49.89
N TYR HA 125 69.03 16.47 50.40
CA TYR HA 125 68.98 15.89 51.74
C TYR HA 125 70.39 15.63 52.22
N GLY HA 126 70.65 15.89 53.50
CA GLY HA 126 71.94 15.63 54.11
C GLY HA 126 73.15 16.29 53.47
N PRO IA 1 70.61 16.01 45.95
CA PRO IA 1 72.00 15.96 46.42
C PRO IA 1 72.19 16.41 47.85
N LYS IA 2 73.42 16.75 48.19
CA LYS IA 2 73.77 17.14 49.54
C LYS IA 2 73.51 18.64 49.74
N ILE IA 3 72.90 18.96 50.88
CA ILE IA 3 72.51 20.34 51.15
C ILE IA 3 73.76 21.21 51.28
N ALA IA 4 73.75 22.36 50.63
CA ALA IA 4 74.92 23.24 50.61
C ALA IA 4 74.49 24.61 50.15
N ASN IA 5 75.43 25.55 50.20
CA ASN IA 5 75.16 26.92 49.76
C ASN IA 5 74.81 26.93 48.27
N ILE IA 6 73.87 27.81 47.92
CA ILE IA 6 73.47 28.00 46.53
C ILE IA 6 73.78 29.45 46.16
N VAL IA 7 74.70 29.65 45.23
CA VAL IA 7 75.07 30.98 44.81
C VAL IA 7 74.46 31.22 43.44
N ILE IA 8 73.68 32.30 43.31
CA ILE IA 8 73.06 32.65 42.05
C ILE IA 8 73.28 34.14 41.78
N ASN IA 9 73.28 34.50 40.52
CA ASN IA 9 73.56 35.87 40.09
C ASN IA 9 72.26 36.59 39.75
N ASP IA 10 72.18 37.88 40.10
CA ASP IA 10 71.02 38.70 39.81
C ASP IA 10 71.27 39.69 38.68
N GLY IA 11 72.32 39.47 37.89
CA GLY IA 11 72.69 40.37 36.83
C GLY IA 11 73.67 41.45 37.22
N THR IA 12 73.85 41.69 38.52
CA THR IA 12 74.78 42.72 38.96
C THR IA 12 75.80 42.15 39.95
N LYS IA 13 75.39 41.16 40.74
CA LYS IA 13 76.25 40.61 41.78
C LYS IA 13 75.82 39.18 42.11
N ASP IA 14 76.71 38.48 42.80
CA ASP IA 14 76.44 37.11 43.26
C ASP IA 14 75.80 37.13 44.63
N ILE IA 15 74.75 36.34 44.78
CA ILE IA 15 73.96 36.29 46.00
C ILE IA 15 74.05 34.88 46.55
N THR IA 16 74.45 34.77 47.81
CA THR IA 16 74.66 33.49 48.47
C THR IA 16 73.44 33.15 49.32
N LEU IA 17 72.84 31.99 49.07
CA LEU IA 17 71.71 31.51 49.85
C LEU IA 17 72.20 30.34 50.69
N GLN IA 18 72.24 30.53 52.00
CA GLN IA 18 72.67 29.54 52.97
C GLN IA 18 71.51 28.64 53.36
N PRO IA 19 71.78 27.34 53.50
CA PRO IA 19 70.71 26.42 53.90
C PRO IA 19 70.29 26.67 55.33
N VAL IA 20 69.01 26.46 55.59
CA VAL IA 20 68.41 26.66 56.91
C VAL IA 20 68.02 25.32 57.53
N ASN IA 21 67.18 24.56 56.85
CA ASN IA 21 66.73 23.26 57.34
C ASN IA 21 65.99 22.56 56.20
N ILE IA 22 65.42 21.39 56.52
CA ILE IA 22 64.54 20.65 55.62
C ILE IA 22 63.36 20.13 56.44
N ASP IA 23 62.15 20.58 56.09
CA ASP IA 23 60.99 20.37 56.94
C ASP IA 23 60.43 18.96 56.74
N ARG IA 24 59.30 18.68 57.40
CA ARG IA 24 58.75 17.33 57.35
C ARG IA 24 58.34 16.95 55.93
N GLU IA 25 57.87 17.92 55.14
CA GLU IA 25 57.41 17.64 53.78
C GLU IA 25 58.57 17.29 52.86
N GLY IA 26 59.79 17.69 53.20
CA GLY IA 26 60.96 17.48 52.35
C GLY IA 26 61.48 18.75 51.71
N VAL IA 27 60.85 19.89 51.98
CA VAL IA 27 61.28 21.16 51.40
C VAL IA 27 62.56 21.61 52.08
N ALA IA 28 63.58 21.88 51.27
CA ALA IA 28 64.84 22.45 51.74
C ALA IA 28 64.73 23.97 51.66
N HIS IA 29 64.96 24.65 52.79
CA HIS IA 29 64.83 26.10 52.86
C HIS IA 29 66.19 26.77 52.87
N PHE IA 30 66.31 27.86 52.11
CA PHE IA 30 67.53 28.66 52.00
C PHE IA 30 67.19 30.13 52.22
N ARG IA 31 68.13 30.85 52.82
CA ARG IA 31 67.97 32.24 53.21
C ARG IA 31 69.21 33.02 52.82
N GLU IA 32 69.01 34.25 52.33
CA GLU IA 32 70.14 35.06 51.87
C GLU IA 32 71.09 35.36 53.02
N LYS IA 33 72.38 35.28 52.71
CA LYS IA 33 73.43 35.46 53.71
C LYS IA 33 73.64 36.94 53.98
N ASP IA 34 73.87 37.28 55.26
CA ASP IA 34 74.32 38.62 55.67
C ASP IA 34 73.27 39.70 55.43
N VAL IA 35 72.00 39.32 55.43
CA VAL IA 35 70.90 40.26 55.23
C VAL IA 35 69.85 39.98 56.30
N SER IA 36 69.12 41.03 56.66
CA SER IA 36 68.06 40.90 57.66
C SER IA 36 67.05 39.82 57.26
N ILE IA 37 66.49 39.16 58.27
CA ILE IA 37 65.42 38.18 58.07
C ILE IA 37 64.34 38.74 57.16
N LEU IA 38 63.92 39.97 57.42
CA LEU IA 38 62.76 40.52 56.72
C LEU IA 38 63.02 40.72 55.24
N GLU IA 39 64.23 41.18 54.90
CA GLU IA 39 64.55 41.58 53.53
C GLU IA 39 65.36 40.53 52.78
N ALA IA 40 65.60 39.37 53.37
CA ALA IA 40 66.46 38.37 52.76
C ALA IA 40 65.71 37.60 51.70
N ILE IA 41 66.41 37.32 50.60
CA ILE IA 41 65.86 36.48 49.53
C ILE IA 41 65.77 35.05 50.03
N ARG IA 42 64.68 34.36 49.67
CA ARG IA 42 64.48 33.00 50.16
C ARG IA 42 64.23 32.04 49.00
N LEU IA 43 64.69 30.81 49.18
CA LEU IA 43 64.56 29.77 48.16
C LEU IA 43 64.11 28.46 48.80
N THR IA 44 63.11 27.80 48.22
CA THR IA 44 62.68 26.49 48.70
C THR IA 44 62.72 25.49 47.56
N VAL IA 45 63.23 24.29 47.85
CA VAL IA 45 63.42 23.24 46.85
C VAL IA 45 62.93 21.90 47.40
N GLN IA 46 62.02 21.25 46.69
CA GLN IA 46 61.55 19.92 47.09
C GLN IA 46 61.34 19.04 45.87
N LEU IA 47 61.42 17.72 46.10
CA LEU IA 47 61.17 16.71 45.07
C LEU IA 47 60.16 15.71 45.63
N ARG IA 48 58.88 16.01 45.44
CA ARG IA 48 57.79 15.20 45.96
C ARG IA 48 57.70 13.88 45.20
N GLN IA 49 57.83 12.79 45.96
CA GLN IA 49 57.71 11.44 45.43
C GLN IA 49 56.28 11.19 44.96
N PRO IA 50 56.08 10.21 44.08
CA PRO IA 50 54.72 9.80 43.73
C PRO IA 50 54.09 9.02 44.88
N SER IA 51 52.76 9.07 44.92
CA SER IA 51 52.00 8.31 45.90
C SER IA 51 52.11 6.81 45.59
N VAL IA 52 51.50 5.99 46.44
CA VAL IA 52 51.42 4.57 46.12
C VAL IA 52 50.56 4.35 44.88
N ASN IA 53 49.53 5.20 44.70
CA ASN IA 53 48.66 5.07 43.52
C ASN IA 53 49.31 5.67 42.27
N GLY IA 54 49.79 6.91 42.36
CA GLY IA 54 50.33 7.60 41.21
C GLY IA 54 51.75 7.18 40.85
N ASN IA 55 52.27 7.83 39.82
CA ASN IA 55 53.66 7.64 39.40
C ASN IA 55 54.29 8.95 38.94
N VAL IA 56 53.88 10.07 39.53
CA VAL IA 56 54.27 11.40 39.07
C VAL IA 56 55.15 12.06 40.12
N TYR IA 57 56.38 12.38 39.72
CA TYR IA 57 57.33 13.15 40.52
C TYR IA 57 57.12 14.62 40.26
N ARG IA 58 57.12 15.42 41.35
CA ARG IA 58 56.96 16.88 41.27
C ARG IA 58 58.18 17.55 41.90
N CYS IA 59 58.96 18.25 41.09
CA CYS IA 59 60.11 19.01 41.57
C CYS IA 59 59.76 20.49 41.59
N LYS IA 60 59.60 21.05 42.79
CA LYS IA 60 59.14 22.42 42.98
C LYS IA 60 60.25 23.28 43.57
N ALA IA 61 60.41 24.49 43.02
CA ALA IA 61 61.44 25.43 43.44
C ALA IA 61 60.89 26.84 43.43
N LYS IA 62 60.78 27.45 44.60
CA LYS IA 62 60.19 28.78 44.77
C LYS IA 62 61.23 29.78 45.24
N LEU IA 63 61.37 30.88 44.52
CA LEU IA 63 62.24 31.99 44.86
C LEU IA 63 61.38 33.19 45.25
N VAL IA 64 61.76 33.86 46.34
CA VAL IA 64 60.99 34.98 46.87
C VAL IA 64 61.94 36.13 47.13
N VAL IA 65 61.67 37.28 46.50
CA VAL IA 65 62.46 38.49 46.64
C VAL IA 65 61.58 39.58 47.24
N PRO IA 66 61.80 39.94 48.49
CA PRO IA 66 61.03 41.03 49.11
C PRO IA 66 61.64 42.40 48.85
N VAL IA 67 60.78 43.40 48.92
CA VAL IA 67 61.14 44.81 48.91
C VAL IA 67 60.60 45.41 50.19
N VAL IA 68 61.51 45.95 51.01
CA VAL IA 68 61.24 46.40 52.37
C VAL IA 68 61.51 47.90 52.48
N GLU IA 69 60.63 48.58 53.22
CA GLU IA 69 60.79 49.99 53.56
C GLU IA 69 61.10 50.12 55.04
N VAL IA 70 62.17 50.84 55.35
CA VAL IA 70 62.60 51.06 56.73
C VAL IA 70 62.56 52.55 57.01
N VAL IA 71 61.78 52.92 58.03
CA VAL IA 71 61.70 54.28 58.52
C VAL IA 71 61.91 54.20 60.03
N GLY IA 72 63.05 54.70 60.50
CA GLY IA 72 63.35 54.57 61.91
C GLY IA 72 63.45 53.11 62.28
N ASN IA 73 62.68 52.71 63.28
CA ASN IA 73 62.62 51.32 63.71
C ASN IA 73 61.47 50.57 63.08
N VAL IA 74 60.67 51.23 62.25
CA VAL IA 74 59.58 50.56 61.53
C VAL IA 74 60.15 49.92 60.28
N ARG IA 75 60.05 48.61 60.20
CA ARG IA 75 60.50 47.84 59.04
C ARG IA 75 59.30 47.08 58.51
N THR IA 76 58.95 47.33 57.25
CA THR IA 76 57.75 46.73 56.68
C THR IA 76 58.03 46.22 55.28
N THR IA 77 57.44 45.08 54.91
CA THR IA 77 57.59 44.55 53.57
C THR IA 77 56.61 45.26 52.64
N VAL IA 78 57.12 46.05 51.70
CA VAL IA 78 56.23 46.79 50.82
C VAL IA 78 55.68 45.89 49.72
N ARG IA 79 56.54 45.06 49.13
CA ARG IA 79 56.02 44.19 48.07
C ARG IA 79 56.96 42.99 47.93
N THR IA 80 56.49 41.97 47.21
CA THR IA 80 57.35 40.83 46.91
C THR IA 80 57.22 40.46 45.44
N LEU IA 81 58.31 39.92 44.91
CA LEU IA 81 58.32 39.29 43.59
C LEU IA 81 58.68 37.83 43.80
N THR IA 82 57.86 36.93 43.27
CA THR IA 82 58.13 35.51 43.44
C THR IA 82 58.17 34.80 42.10
N GLU IA 83 58.90 33.69 42.07
CA GLU IA 83 58.97 32.86 40.88
C GLU IA 83 58.98 31.41 41.33
N THR IA 84 58.12 30.58 40.77
CA THR IA 84 58.06 29.19 41.16
C THR IA 84 58.12 28.30 39.92
N THR IA 85 58.96 27.27 39.99
CA THR IA 85 59.25 26.36 38.88
C THR IA 85 58.88 24.94 39.29
N GLU IA 86 58.00 24.30 38.53
CA GLU IA 86 57.61 22.92 38.77
C GLU IA 86 57.97 22.05 37.58
N VAL IA 87 58.72 20.98 37.82
CA VAL IA 87 59.05 20.00 36.80
C VAL IA 87 58.37 18.68 37.18
N LEU IA 88 57.58 18.14 36.26
CA LEU IA 88 56.87 16.88 36.47
C LEU IA 88 57.45 15.82 35.56
N PHE IA 89 57.80 14.67 36.13
CA PHE IA 89 58.20 13.54 35.29
C PHE IA 89 57.71 12.23 35.90
N THR IA 90 57.54 11.23 35.03
CA THR IA 90 56.94 9.95 35.38
C THR IA 90 57.99 9.00 35.97
N GLN IA 91 57.48 7.95 36.63
CA GLN IA 91 58.35 7.00 37.31
C GLN IA 91 59.22 6.21 36.33
N ASP IA 92 58.74 6.00 35.10
CA ASP IA 92 59.47 5.24 34.10
C ASP IA 92 60.29 6.12 33.17
N SER IA 93 60.47 7.39 33.52
CA SER IA 93 61.21 8.29 32.64
C SER IA 93 62.71 7.96 32.65
N LEU IA 94 63.37 8.28 31.56
CA LEU IA 94 64.79 8.02 31.42
C LEU IA 94 65.60 9.22 31.89
N GLY IA 95 66.73 8.94 32.53
CA GLY IA 95 67.63 10.01 32.94
C GLY IA 95 68.01 10.90 31.77
N THR IA 96 68.19 10.30 30.59
CA THR IA 96 68.41 11.07 29.36
C THR IA 96 67.28 12.07 29.12
N GLU IA 97 66.05 11.59 29.23
CA GLU IA 97 64.89 12.45 28.99
C GLU IA 97 64.85 13.62 29.96
N ARG IA 98 64.95 13.34 31.26
CA ARG IA 98 64.84 14.46 32.18
C ARG IA 98 66.08 15.35 32.15
N GLN IA 99 67.21 14.86 31.65
CA GLN IA 99 68.34 15.76 31.43
C GLN IA 99 68.07 16.71 30.26
N ARG IA 100 67.46 16.21 29.18
CA ARG IA 100 67.03 17.12 28.12
C ARG IA 100 66.07 18.17 28.67
N VAL IA 101 65.15 17.76 29.53
CA VAL IA 101 64.20 18.71 30.10
C VAL IA 101 64.92 19.76 30.94
N ALA IA 102 65.90 19.34 31.74
CA ALA IA 102 66.64 20.30 32.55
C ALA IA 102 67.34 21.33 31.67
N ASN IA 103 67.97 20.88 30.58
CA ASN IA 103 68.66 21.82 29.71
C ASN IA 103 67.68 22.74 29.00
N LEU IA 104 66.52 22.22 28.60
CA LEU IA 104 65.51 23.07 27.98
C LEU IA 104 65.02 24.13 28.97
N THR IA 105 64.83 23.75 30.23
CA THR IA 105 64.42 24.72 31.23
C THR IA 105 65.47 25.82 31.37
N LYS IA 106 66.74 25.44 31.43
CA LYS IA 106 67.82 26.42 31.51
C LYS IA 106 67.80 27.35 30.29
N SER IA 107 67.59 26.80 29.10
CA SER IA 107 67.59 27.63 27.90
C SER IA 107 66.42 28.59 27.89
N LEU IA 108 65.22 28.11 28.24
CA LEU IA 108 64.06 28.99 28.33
C LEU IA 108 64.31 30.11 29.31
N ALA IA 109 64.74 29.78 30.53
CA ALA IA 109 64.97 30.80 31.54
C ALA IA 109 66.03 31.81 31.10
N GLY IA 110 66.95 31.41 30.23
CA GLY IA 110 67.88 32.39 29.70
C GLY IA 110 67.41 33.14 28.46
N HIS IA 111 66.33 32.70 27.83
CA HIS IA 111 65.93 33.24 26.53
C HIS IA 111 65.50 34.70 26.62
N ALA IA 112 65.97 35.50 25.67
CA ALA IA 112 65.77 36.94 25.72
C ALA IA 112 64.30 37.32 25.74
N THR IA 113 63.46 36.66 24.94
CA THR IA 113 62.05 37.09 24.90
C THR IA 113 61.31 36.66 26.16
N LEU IA 114 61.59 35.47 26.67
CA LEU IA 114 60.97 35.07 27.93
C LEU IA 114 61.36 36.01 29.06
N MET IA 115 62.63 36.43 29.10
CA MET IA 115 63.06 37.39 30.11
C MET IA 115 62.40 38.74 29.90
N SER IA 116 62.26 39.17 28.64
CA SER IA 116 61.61 40.46 28.37
C SER IA 116 60.16 40.46 28.79
N VAL IA 117 59.48 39.32 28.76
CA VAL IA 117 58.11 39.29 29.25
C VAL IA 117 58.04 39.79 30.69
N VAL IA 118 58.98 39.35 31.53
CA VAL IA 118 58.94 39.74 32.93
C VAL IA 118 59.54 41.13 33.12
N GLN IA 119 60.68 41.40 32.46
CA GLN IA 119 61.34 42.69 32.62
C GLN IA 119 60.45 43.83 32.18
N ASP IA 120 59.79 43.68 31.03
CA ASP IA 120 58.99 44.73 30.43
C ASP IA 120 57.50 44.59 30.74
N ALA IA 121 57.11 43.52 31.44
CA ALA IA 121 55.72 43.31 31.83
C ALA IA 121 54.76 43.48 30.66
N SER IA 122 55.17 42.97 29.50
CA SER IA 122 54.29 42.93 28.35
C SER IA 122 54.25 41.50 27.83
N PRO IA 123 53.13 41.07 27.28
CA PRO IA 123 53.04 39.71 26.74
C PRO IA 123 53.69 39.64 25.37
N ILE IA 124 53.58 38.46 24.77
CA ILE IA 124 54.11 38.19 23.44
C ILE IA 124 53.01 38.58 22.44
N TYR IA 125 53.35 39.50 21.53
CA TYR IA 125 52.41 40.02 20.53
C TYR IA 125 53.17 40.90 19.55
N GLY IA 126 52.74 40.89 18.30
CA GLY IA 126 53.31 41.78 17.30
C GLY IA 126 54.13 41.11 16.22
N PRO JA 1 49.09 32.10 10.88
CA PRO JA 1 50.12 33.13 10.80
C PRO JA 1 49.66 34.44 11.44
N LYS JA 2 50.54 35.45 11.50
CA LYS JA 2 50.13 36.75 12.00
C LYS JA 2 49.01 37.31 11.13
N ILE JA 3 47.92 37.74 11.78
CA ILE JA 3 46.82 38.33 11.03
C ILE JA 3 47.30 39.56 10.26
N ALA JA 4 46.87 39.67 9.01
CA ALA JA 4 47.33 40.75 8.15
C ALA JA 4 46.33 40.94 7.03
N ASN JA 5 46.63 41.90 6.16
CA ASN JA 5 45.83 42.08 4.96
C ASN JA 5 45.94 40.86 4.07
N ILE JA 6 44.85 40.55 3.38
CA ILE JA 6 44.81 39.47 2.41
C ILE JA 6 44.44 40.07 1.07
N VAL JA 7 45.34 39.97 0.10
CA VAL JA 7 45.12 40.55 -1.21
C VAL JA 7 44.81 39.43 -2.19
N ILE JA 8 43.59 39.44 -2.73
CA ILE JA 8 43.13 38.42 -3.67
C ILE JA 8 42.61 39.11 -4.91
N ASN JA 9 42.64 38.39 -6.03
CA ASN JA 9 42.27 38.94 -7.32
C ASN JA 9 40.92 38.39 -7.76
N ASP JA 10 40.05 39.27 -8.28
CA ASP JA 10 38.72 38.88 -8.73
C ASP JA 10 38.63 38.71 -10.25
N GLY JA 11 39.76 38.48 -10.90
CA GLY JA 11 39.80 38.33 -12.33
C GLY JA 11 40.06 39.61 -13.09
N THR JA 12 39.82 40.74 -12.47
CA THR JA 12 40.03 42.02 -13.14
C THR JA 12 40.91 42.97 -12.33
N LYS JA 13 40.78 42.98 -11.00
CA LYS JA 13 41.54 43.87 -10.15
C LYS JA 13 41.99 43.12 -8.89
N ASP JA 14 42.86 43.78 -8.12
CA ASP JA 14 43.25 43.27 -6.81
C ASP JA 14 42.39 43.90 -5.72
N ILE JA 15 41.95 43.06 -4.79
CA ILE JA 15 41.06 43.45 -3.70
C ILE JA 15 41.80 43.17 -2.41
N THR JA 16 41.83 44.17 -1.53
CA THR JA 16 42.52 44.08 -0.25
C THR JA 16 41.49 43.90 0.87
N LEU JA 17 41.63 42.82 1.63
CA LEU JA 17 40.77 42.52 2.75
C LEU JA 17 41.54 42.81 4.03
N GLN JA 18 41.07 43.77 4.80
CA GLN JA 18 41.62 44.27 6.04
C GLN JA 18 41.04 43.51 7.23
N PRO JA 19 41.90 43.23 8.21
CA PRO JA 19 41.44 42.56 9.42
C PRO JA 19 40.40 43.39 10.14
N VAL JA 20 39.43 42.70 10.72
CA VAL JA 20 38.27 43.39 11.26
C VAL JA 20 37.99 42.99 12.70
N ASN JA 21 38.01 41.70 12.98
CA ASN JA 21 37.55 41.21 14.26
C ASN JA 21 38.09 39.80 14.44
N ILE JA 22 38.15 39.35 15.69
CA ILE JA 22 38.50 37.97 16.00
C ILE JA 22 37.58 37.47 17.10
N ASP JA 23 36.78 36.44 16.77
CA ASP JA 23 35.76 35.90 17.65
C ASP JA 23 36.35 35.44 18.97
N ARG JA 24 35.44 35.11 19.90
CA ARG JA 24 35.83 34.26 21.01
C ARG JA 24 36.09 32.85 20.54
N GLU JA 25 35.49 32.44 19.43
CA GLU JA 25 35.73 31.12 18.84
C GLU JA 25 36.97 31.07 17.97
N GLY JA 26 37.64 32.20 17.74
CA GLY JA 26 38.89 32.22 17.02
C GLY JA 26 38.76 32.52 15.54
N VAL JA 27 37.56 32.86 15.06
CA VAL JA 27 37.35 33.18 13.66
C VAL JA 27 37.93 34.56 13.35
N ALA JA 28 38.73 34.63 12.30
CA ALA JA 28 39.27 35.90 11.85
C ALA JA 28 38.34 36.46 10.79
N HIS JA 29 37.78 37.65 11.04
CA HIS JA 29 36.91 38.32 10.09
C HIS JA 29 37.70 39.38 9.33
N PHE JA 30 37.36 39.56 8.05
CA PHE JA 30 38.00 40.55 7.21
C PHE JA 30 36.93 41.31 6.46
N ARG JA 31 37.34 42.42 5.85
CA ARG JA 31 36.38 43.21 5.08
C ARG JA 31 37.14 43.98 4.00
N GLU JA 32 36.44 44.28 2.91
CA GLU JA 32 37.07 44.93 1.77
C GLU JA 32 37.40 46.38 2.07
N LYS JA 33 38.53 46.82 1.53
CA LYS JA 33 39.07 48.15 1.78
C LYS JA 33 38.55 49.13 0.72
N ASP JA 34 38.28 50.37 1.16
CA ASP JA 34 37.92 51.47 0.26
C ASP JA 34 36.57 51.24 -0.43
N VAL JA 35 35.65 50.54 0.26
CA VAL JA 35 34.35 50.21 -0.30
C VAL JA 35 33.31 50.34 0.80
N SER JA 36 32.08 50.67 0.41
CA SER JA 36 31.00 50.79 1.37
C SER JA 36 30.87 49.54 2.20
N ILE JA 37 30.47 49.71 3.46
CA ILE JA 37 30.33 48.58 4.37
C ILE JA 37 29.38 47.54 3.79
N LEU JA 38 28.22 47.99 3.31
CA LEU JA 38 27.20 47.03 2.88
C LEU JA 38 27.64 46.25 1.65
N GLU JA 39 28.42 46.85 0.76
CA GLU JA 39 28.79 46.21 -0.49
C GLU JA 39 30.19 45.62 -0.48
N ALA JA 40 30.85 45.57 0.67
CA ALA JA 40 32.21 45.10 0.76
C ALA JA 40 32.24 43.59 0.88
N ILE JA 41 33.13 42.97 0.09
CA ILE JA 41 33.40 41.54 0.23
C ILE JA 41 33.92 41.26 1.62
N ARG JA 42 33.52 40.13 2.21
CA ARG JA 42 34.07 39.80 3.52
C ARG JA 42 34.43 38.31 3.60
N LEU JA 43 35.41 38.02 4.45
CA LEU JA 43 36.02 36.70 4.52
C LEU JA 43 36.26 36.30 5.96
N THR JA 44 35.82 35.11 6.34
CA THR JA 44 36.06 34.58 7.68
C THR JA 44 36.89 33.30 7.59
N VAL JA 45 37.86 33.17 8.49
CA VAL JA 45 38.82 32.07 8.47
C VAL JA 45 39.02 31.55 9.88
N GLN JA 46 38.69 30.28 10.13
CA GLN JA 46 38.87 29.69 11.45
C GLN JA 46 39.47 28.30 11.31
N LEU JA 47 40.04 27.81 12.41
CA LEU JA 47 40.58 26.45 12.46
C LEU JA 47 40.23 25.83 13.81
N ARG JA 48 39.17 25.02 13.84
CA ARG JA 48 38.81 24.22 14.99
C ARG JA 48 39.90 23.19 15.28
N GLN JA 49 40.56 23.39 16.42
CA GLN JA 49 41.42 22.38 17.02
C GLN JA 49 40.60 21.13 17.35
N PRO JA 50 41.24 19.98 17.48
CA PRO JA 50 40.50 18.76 17.79
C PRO JA 50 39.98 18.75 19.22
N SER JA 51 38.91 17.99 19.43
CA SER JA 51 38.35 17.81 20.77
C SER JA 51 39.33 17.06 21.66
N VAL JA 52 39.01 17.02 22.96
CA VAL JA 52 39.80 16.17 23.86
C VAL JA 52 39.53 14.71 23.57
N ASN JA 53 38.29 14.37 23.16
CA ASN JA 53 37.95 13.02 22.72
C ASN JA 53 37.93 12.87 21.21
N GLY JA 54 38.50 13.84 20.48
CA GLY JA 54 38.60 13.74 19.04
C GLY JA 54 40.03 13.96 18.57
N ASN JA 55 40.25 13.78 17.27
CA ASN JA 55 41.54 14.08 16.67
C ASN JA 55 41.39 14.75 15.31
N VAL JA 56 40.30 15.46 15.07
CA VAL JA 56 39.97 16.00 13.74
C VAL JA 56 40.06 17.52 13.77
N TYR JA 57 40.84 18.07 12.85
CA TYR JA 57 41.01 19.50 12.64
C TYR JA 57 40.11 19.95 11.49
N ARG JA 58 39.43 21.08 11.69
CA ARG JA 58 38.56 21.65 10.66
C ARG JA 58 38.98 23.09 10.37
N CYS JA 59 39.49 23.34 9.17
CA CYS JA 59 39.83 24.68 8.70
C CYS JA 59 38.73 25.16 7.76
N LYS JA 60 37.97 26.16 8.19
CA LYS JA 60 36.82 26.68 7.44
C LYS JA 60 37.09 28.11 7.00
N ALA JA 61 36.88 28.38 5.72
CA ALA JA 61 37.04 29.72 5.15
C ALA JA 61 35.81 30.05 4.31
N LYS JA 62 35.02 31.03 4.76
CA LYS JA 62 33.83 31.47 4.06
C LYS JA 62 34.06 32.85 3.47
N LEU JA 63 33.79 32.99 2.18
CA LEU JA 63 33.90 34.25 1.47
C LEU JA 63 32.51 34.64 0.99
N VAL JA 64 32.15 35.91 1.17
CA VAL JA 64 30.84 36.41 0.81
C VAL JA 64 31.00 37.64 -0.06
N VAL JA 65 30.31 37.64 -1.21
CA VAL JA 65 30.29 38.76 -2.15
C VAL JA 65 28.87 39.27 -2.27
N PRO JA 66 28.56 40.43 -1.71
CA PRO JA 66 27.22 40.99 -1.87
C PRO JA 66 27.08 41.74 -3.18
N VAL JA 67 25.83 41.98 -3.58
CA VAL JA 67 25.49 42.85 -4.69
C VAL JA 67 24.44 43.84 -4.20
N VAL JA 68 24.83 45.09 -4.03
CA VAL JA 68 23.94 46.13 -3.56
C VAL JA 68 23.43 46.91 -4.77
N GLU JA 69 22.14 47.23 -4.74
CA GLU JA 69 21.51 48.08 -5.74
C GLU JA 69 20.58 49.05 -5.02
N VAL JA 70 20.26 50.15 -5.70
CA VAL JA 70 19.46 51.22 -5.13
C VAL JA 70 17.98 50.92 -5.36
N VAL JA 71 17.26 50.54 -4.31
CA VAL JA 71 15.84 50.21 -4.37
C VAL JA 71 15.07 51.27 -3.61
N GLY JA 72 14.28 52.07 -4.32
CA GLY JA 72 13.55 53.15 -3.67
C GLY JA 72 14.46 54.19 -3.04
N ASN JA 73 15.55 54.54 -3.71
CA ASN JA 73 16.57 55.45 -3.19
C ASN JA 73 17.14 54.97 -1.86
N VAL JA 74 17.14 53.67 -1.62
CA VAL JA 74 17.69 53.04 -0.42
C VAL JA 74 18.56 51.88 -0.86
N ARG JA 75 19.86 51.98 -0.61
CA ARG JA 75 20.80 50.93 -1.01
C ARG JA 75 20.50 49.65 -0.24
N THR JA 76 20.15 48.58 -0.95
CA THR JA 76 19.86 47.30 -0.35
C THR JA 76 20.56 46.20 -1.14
N THR JA 77 20.83 45.09 -0.46
CA THR JA 77 21.55 43.96 -1.04
C THR JA 77 20.53 43.00 -1.66
N VAL JA 78 20.50 42.94 -2.99
CA VAL JA 78 19.55 42.07 -3.68
C VAL JA 78 19.94 40.61 -3.50
N ARG JA 79 21.21 40.29 -3.73
CA ARG JA 79 21.68 38.91 -3.73
C ARG JA 79 23.14 38.86 -3.28
N THR JA 80 23.47 37.79 -2.57
CA THR JA 80 24.83 37.51 -2.15
C THR JA 80 25.27 36.18 -2.73
N LEU JA 81 26.55 36.10 -3.09
CA LEU JA 81 27.17 34.89 -3.57
C LEU JA 81 28.19 34.41 -2.55
N THR JA 82 28.10 33.15 -2.16
CA THR JA 82 28.88 32.62 -1.06
C THR JA 82 29.80 31.50 -1.52
N GLU JA 83 30.93 31.34 -0.86
CA GLU JA 83 31.82 30.22 -1.13
C GLU JA 83 32.47 29.75 0.16
N THR JA 84 32.36 28.45 0.45
CA THR JA 84 32.87 27.85 1.67
C THR JA 84 33.88 26.77 1.34
N THR JA 85 35.08 26.88 1.89
CA THR JA 85 36.14 25.87 1.77
C THR JA 85 36.38 25.27 3.15
N GLU JA 86 36.22 23.96 3.27
CA GLU JA 86 36.52 23.24 4.51
C GLU JA 86 37.58 22.19 4.25
N VAL JA 87 38.74 22.36 4.86
CA VAL JA 87 39.81 21.37 4.83
C VAL JA 87 39.85 20.65 6.16
N LEU JA 88 40.01 19.34 6.12
CA LEU JA 88 39.79 18.52 7.29
C LEU JA 88 40.89 17.47 7.37
N PHE JA 89 41.64 17.48 8.46
CA PHE JA 89 42.76 16.54 8.61
C PHE JA 89 42.92 16.11 10.06
N THR JA 90 43.61 14.99 10.25
CA THR JA 90 43.70 14.34 11.55
C THR JA 90 44.96 14.76 12.31
N GLN JA 91 44.92 14.58 13.63
CA GLN JA 91 45.98 15.05 14.52
C GLN JA 91 47.30 14.35 14.23
N ASP JA 92 47.27 13.10 13.80
CA ASP JA 92 48.47 12.35 13.48
C ASP JA 92 48.93 12.56 12.05
N SER JA 93 48.43 13.58 11.36
CA SER JA 93 48.78 13.78 9.96
C SER JA 93 50.20 14.32 9.83
N LEU JA 94 50.84 14.00 8.71
CA LEU JA 94 52.20 14.44 8.44
C LEU JA 94 52.19 15.75 7.66
N GLY JA 95 53.23 16.56 7.89
CA GLY JA 95 53.32 17.87 7.26
C GLY JA 95 53.28 17.78 5.75
N THR JA 96 54.03 16.81 5.18
CA THR JA 96 54.00 16.61 3.74
C THR JA 96 52.59 16.33 3.23
N GLU JA 97 51.84 15.54 3.98
CA GLU JA 97 50.48 15.18 3.58
C GLU JA 97 49.58 16.41 3.53
N ARG JA 98 49.55 17.20 4.61
CA ARG JA 98 48.64 18.34 4.52
C ARG JA 98 49.15 19.40 3.55
N GLN JA 99 50.45 19.45 3.28
CA GLN JA 99 50.94 20.33 2.22
C GLN JA 99 50.44 19.88 0.85
N ARG JA 100 50.45 18.56 0.60
CA ARG JA 100 49.86 18.03 -0.63
C ARG JA 100 48.40 18.46 -0.75
N VAL JA 101 47.65 18.35 0.34
CA VAL JA 101 46.24 18.73 0.28
C VAL JA 101 46.08 20.20 -0.04
N ALA JA 102 46.91 21.04 0.57
CA ALA JA 102 46.86 22.47 0.29
C ALA JA 102 47.06 22.76 -1.19
N ASN JA 103 48.09 22.14 -1.79
CA ASN JA 103 48.38 22.40 -3.19
C ASN JA 103 47.32 21.81 -4.12
N LEU JA 104 46.75 20.67 -3.74
CA LEU JA 104 45.65 20.12 -4.51
C LEU JA 104 44.45 21.04 -4.49
N THR JA 105 44.13 21.60 -3.32
CA THR JA 105 43.05 22.57 -3.23
C THR JA 105 43.30 23.74 -4.17
N LYS JA 106 44.54 24.26 -4.17
CA LYS JA 106 44.89 25.35 -5.08
C LYS JA 106 44.65 24.98 -6.54
N SER JA 107 45.24 23.86 -6.98
CA SER JA 107 45.12 23.46 -8.38
C SER JA 107 43.68 23.20 -8.76
N LEU JA 108 42.92 22.58 -7.86
CA LEU JA 108 41.50 22.32 -8.07
C LEU JA 108 40.74 23.62 -8.33
N ALA JA 109 40.87 24.57 -7.40
CA ALA JA 109 40.14 25.83 -7.54
C ALA JA 109 40.62 26.67 -8.71
N GLY JA 110 41.81 26.39 -9.23
CA GLY JA 110 42.25 27.08 -10.43
C GLY JA 110 41.95 26.34 -11.72
N HIS JA 111 41.46 25.10 -11.63
CA HIS JA 111 41.27 24.29 -12.83
C HIS JA 111 40.10 24.80 -13.68
N ALA JA 112 40.36 24.91 -14.98
CA ALA JA 112 39.44 25.59 -15.88
C ALA JA 112 38.05 24.94 -15.90
N THR JA 113 37.98 23.61 -15.82
CA THR JA 113 36.68 22.96 -15.87
C THR JA 113 35.86 23.27 -14.62
N LEU JA 114 36.51 23.24 -13.45
CA LEU JA 114 35.82 23.58 -12.22
C LEU JA 114 35.35 25.02 -12.23
N MET JA 115 36.20 25.94 -12.67
CA MET JA 115 35.79 27.33 -12.76
C MET JA 115 34.61 27.48 -13.71
N SER JA 116 34.63 26.74 -14.82
CA SER JA 116 33.54 26.81 -15.80
C SER JA 116 32.24 26.26 -15.23
N VAL JA 117 32.31 25.30 -14.30
CA VAL JA 117 31.10 24.81 -13.64
C VAL JA 117 30.34 25.95 -12.98
N VAL JA 118 31.05 26.91 -12.39
CA VAL JA 118 30.36 28.01 -11.73
C VAL JA 118 30.08 29.15 -12.68
N GLN JA 119 31.05 29.47 -13.55
CA GLN JA 119 30.87 30.56 -14.49
C GLN JA 119 29.67 30.32 -15.41
N ASP JA 120 29.48 29.08 -15.84
CA ASP JA 120 28.45 28.72 -16.81
C ASP JA 120 27.23 28.06 -16.18
N ALA JA 121 27.24 27.80 -14.87
CA ALA JA 121 26.10 27.20 -14.17
C ALA JA 121 25.67 25.89 -14.82
N SER JA 122 26.65 25.03 -15.07
CA SER JA 122 26.42 23.79 -15.80
C SER JA 122 27.14 22.65 -15.08
N PRO JA 123 26.42 21.69 -14.48
CA PRO JA 123 27.13 20.59 -13.81
C PRO JA 123 28.00 19.85 -14.81
N ILE JA 124 28.87 18.99 -14.30
CA ILE JA 124 29.55 18.06 -15.18
C ILE JA 124 28.59 16.92 -15.52
N TYR JA 125 28.59 16.49 -16.79
CA TYR JA 125 27.51 15.64 -17.30
C TYR JA 125 28.02 14.63 -18.32
N GLY JA 126 27.21 13.58 -18.49
CA GLY JA 126 27.48 12.46 -19.37
C GLY JA 126 26.45 11.38 -19.10
N PRO KA 1 32.93 78.51 31.70
CA PRO KA 1 33.07 79.66 30.79
C PRO KA 1 31.72 80.22 30.35
N LYS KA 2 31.69 81.43 29.79
CA LYS KA 2 30.42 82.04 29.42
C LYS KA 2 29.77 81.27 28.28
N ILE KA 3 28.45 81.41 28.17
CA ILE KA 3 27.67 80.70 27.17
C ILE KA 3 27.60 81.55 25.91
N ALA KA 4 27.92 80.94 24.77
CA ALA KA 4 28.09 81.66 23.52
C ALA KA 4 28.12 80.66 22.37
N ASN KA 5 28.17 81.18 21.15
CA ASN KA 5 28.25 80.31 19.98
C ASN KA 5 29.51 79.47 20.04
N ILE KA 6 29.37 78.18 19.72
CA ILE KA 6 30.50 77.29 19.56
C ILE KA 6 30.66 77.04 18.08
N VAL KA 7 31.77 77.48 17.51
CA VAL KA 7 32.02 77.33 16.08
C VAL KA 7 33.05 76.23 15.90
N ILE KA 8 32.63 75.11 15.29
CA ILE KA 8 33.49 73.98 15.02
C ILE KA 8 33.58 73.80 13.50
N ASN KA 9 34.48 72.94 13.05
CA ASN KA 9 34.74 72.73 11.63
C ASN KA 9 34.63 71.24 11.30
N ASP KA 10 34.06 70.93 10.13
CA ASP KA 10 33.92 69.55 9.68
C ASP KA 10 34.91 69.17 8.59
N GLY KA 11 36.05 69.88 8.52
CA GLY KA 11 37.08 69.65 7.52
C GLY KA 11 36.87 70.42 6.24
N THR KA 12 35.65 70.86 5.98
CA THR KA 12 35.28 71.59 4.78
C THR KA 12 34.68 72.96 5.10
N LYS KA 13 33.74 73.00 6.02
CA LYS KA 13 32.92 74.16 6.35
C LYS KA 13 32.87 74.30 7.87
N ASP KA 14 32.71 75.52 8.36
CA ASP KA 14 32.55 75.76 9.79
C ASP KA 14 31.07 75.82 10.15
N ILE KA 15 30.66 74.93 11.04
CA ILE KA 15 29.31 74.88 11.54
C ILE KA 15 29.25 75.67 12.85
N THR KA 16 28.29 76.60 12.93
CA THR KA 16 28.06 77.43 14.10
C THR KA 16 26.92 76.86 14.91
N LEU KA 17 27.22 76.41 16.13
CA LEU KA 17 26.22 75.88 17.05
C LEU KA 17 25.84 76.99 18.03
N GLN KA 18 24.58 77.40 17.99
CA GLN KA 18 24.08 78.49 18.82
C GLN KA 18 23.55 77.94 20.14
N PRO KA 19 23.76 78.69 21.22
CA PRO KA 19 23.24 78.30 22.52
C PRO KA 19 21.72 78.36 22.53
N VAL KA 20 21.10 77.26 22.93
CA VAL KA 20 19.68 77.06 22.78
C VAL KA 20 19.00 76.79 24.11
N ASN KA 21 19.62 76.01 24.98
CA ASN KA 21 18.94 75.72 26.24
C ASN KA 21 19.97 75.44 27.31
N ILE KA 22 19.64 75.76 28.57
CA ILE KA 22 20.40 75.24 29.68
C ILE KA 22 19.45 74.37 30.49
N ASP KA 23 19.75 73.08 30.50
CA ASP KA 23 18.91 72.07 31.10
C ASP KA 23 18.71 72.33 32.59
N ARG KA 24 17.72 71.65 33.16
CA ARG KA 24 17.61 71.61 34.61
C ARG KA 24 18.67 70.73 35.25
N GLU KA 25 19.28 69.84 34.47
CA GLU KA 25 20.42 69.07 34.93
C GLU KA 25 21.74 69.80 34.74
N GLY KA 26 21.71 71.04 34.22
CA GLY KA 26 22.91 71.79 33.97
C GLY KA 26 23.47 71.64 32.57
N VAL KA 27 22.74 70.97 31.68
CA VAL KA 27 23.22 70.66 30.34
C VAL KA 27 23.03 71.87 29.43
N ALA KA 28 24.11 72.30 28.78
CA ALA KA 28 24.04 73.36 27.78
C ALA KA 28 23.76 72.70 26.43
N HIS KA 29 22.56 72.89 25.92
CA HIS KA 29 22.15 72.46 24.60
C HIS KA 29 22.44 73.55 23.58
N PHE KA 30 23.07 73.17 22.47
CA PHE KA 30 23.34 74.02 21.33
C PHE KA 30 22.72 73.35 20.10
N ARG KA 31 22.35 74.18 19.12
CA ARG KA 31 21.70 73.73 17.90
C ARG KA 31 22.36 74.39 16.71
N GLU KA 32 22.41 73.68 15.59
CA GLU KA 32 23.08 74.23 14.42
C GLU KA 32 22.32 75.44 13.90
N LYS KA 33 23.07 76.47 13.53
CA LYS KA 33 22.51 77.73 13.06
C LYS KA 33 22.09 77.62 11.59
N ASP KA 34 20.95 78.25 11.26
CA ASP KA 34 20.50 78.36 9.88
C ASP KA 34 20.14 77.01 9.27
N VAL KA 35 19.56 76.12 10.09
CA VAL KA 35 19.19 74.78 9.64
C VAL KA 35 17.92 74.38 10.37
N SER KA 36 17.04 73.65 9.66
CA SER KA 36 15.79 73.19 10.25
C SER KA 36 16.08 72.43 11.54
N ILE KA 37 15.16 72.55 12.49
CA ILE KA 37 15.31 71.91 13.79
C ILE KA 37 15.59 70.42 13.62
N LEU KA 38 14.90 69.76 12.68
CA LEU KA 38 15.06 68.32 12.52
C LEU KA 38 16.45 67.96 12.05
N GLU KA 39 17.00 68.71 11.09
CA GLU KA 39 18.27 68.37 10.47
C GLU KA 39 19.46 69.08 11.10
N ALA KA 40 19.26 69.86 12.15
CA ALA KA 40 20.36 70.59 12.73
C ALA KA 40 21.22 69.66 13.57
N ILE KA 41 22.53 69.92 13.52
CA ILE KA 41 23.50 69.26 14.38
C ILE KA 41 23.35 69.85 15.78
N ARG KA 42 23.29 68.98 16.79
CA ARG KA 42 23.12 69.51 18.14
C ARG KA 42 24.21 69.00 19.10
N LEU KA 43 24.54 69.83 20.08
CA LEU KA 43 25.65 69.57 21.00
C LEU KA 43 25.21 69.83 22.44
N THR KA 44 25.45 68.87 23.33
CA THR KA 44 25.12 69.04 24.75
C THR KA 44 26.38 68.91 25.60
N VAL KA 45 26.53 69.83 26.56
CA VAL KA 45 27.75 69.93 27.36
C VAL KA 45 27.38 70.18 28.82
N GLN KA 46 27.72 69.23 29.71
CA GLN KA 46 27.39 69.37 31.13
C GLN KA 46 28.56 68.98 32.01
N LEU KA 47 28.64 69.59 33.20
CA LEU KA 47 29.68 69.29 34.19
C LEU KA 47 29.01 68.89 35.49
N ARG KA 48 28.80 67.58 35.65
CA ARG KA 48 28.23 66.99 36.84
C ARG KA 48 29.24 67.08 37.97
N GLN KA 49 28.93 67.92 38.97
CA GLN KA 49 29.76 68.08 40.13
C GLN KA 49 29.57 66.89 41.07
N PRO KA 50 30.53 66.64 41.95
CA PRO KA 50 30.47 65.43 42.78
C PRO KA 50 29.39 65.51 43.85
N SER KA 51 29.00 64.32 44.33
CA SER KA 51 28.04 64.18 45.41
C SER KA 51 28.64 64.67 46.73
N VAL KA 52 27.79 64.75 47.77
CA VAL KA 52 28.30 65.11 49.09
C VAL KA 52 29.27 64.05 49.59
N ASN KA 53 28.99 62.77 49.28
CA ASN KA 53 29.88 61.69 49.71
C ASN KA 53 31.11 61.57 48.81
N GLY KA 54 30.93 61.75 47.49
CA GLY KA 54 32.00 61.55 46.54
C GLY KA 54 32.84 62.80 46.27
N ASN KA 55 33.83 62.64 45.40
CA ASN KA 55 34.67 63.75 44.96
C ASN KA 55 35.00 63.65 43.47
N VAL KA 56 34.07 63.17 42.66
CA VAL KA 56 34.35 62.88 41.25
C VAL KA 56 33.47 63.74 40.36
N TYR KA 57 34.13 64.58 39.54
CA TYR KA 57 33.49 65.37 38.51
C TYR KA 57 33.42 64.56 37.22
N ARG KA 58 32.28 64.67 36.53
CA ARG KA 58 32.07 64.11 35.18
C ARG KA 58 31.74 65.26 34.22
N CYS KA 59 32.53 65.39 33.17
CA CYS KA 59 32.28 66.38 32.12
C CYS KA 59 31.88 65.62 30.86
N LYS KA 60 30.61 65.74 30.48
CA LYS KA 60 30.05 64.99 29.36
C LYS KA 60 29.69 65.93 28.22
N ALA KA 61 30.06 65.55 27.00
CA ALA KA 61 29.78 66.32 25.80
C ALA KA 61 29.33 65.36 24.70
N LYS KA 62 28.08 65.52 24.26
CA LYS KA 62 27.49 64.68 23.20
C LYS KA 62 27.22 65.53 21.98
N LEU KA 63 27.85 65.17 20.86
CA LEU KA 63 27.56 65.74 19.55
C LEU KA 63 26.69 64.76 18.78
N VAL KA 64 25.63 65.27 18.15
CA VAL KA 64 24.76 64.46 17.32
C VAL KA 64 24.67 65.10 15.95
N VAL KA 65 25.02 64.32 14.92
CA VAL KA 65 24.93 64.73 13.52
C VAL KA 65 23.86 63.88 12.87
N PRO KA 66 22.74 64.46 12.44
CA PRO KA 66 21.76 63.71 11.67
C PRO KA 66 22.03 63.75 10.18
N VAL KA 67 21.52 62.72 9.49
CA VAL KA 67 21.58 62.62 8.04
C VAL KA 67 20.13 62.65 7.56
N VAL KA 68 19.71 63.79 7.01
CA VAL KA 68 18.34 63.98 6.59
C VAL KA 68 18.29 63.94 5.07
N GLU KA 69 17.47 63.04 4.55
CA GLU KA 69 17.18 62.95 3.12
C GLU KA 69 15.68 62.98 2.91
N VAL KA 70 15.27 63.46 1.74
CA VAL KA 70 13.85 63.62 1.43
C VAL KA 70 13.28 62.28 1.00
N VAL KA 71 12.22 61.82 1.68
CA VAL KA 71 11.49 60.61 1.36
C VAL KA 71 10.14 61.07 0.81
N GLY KA 72 9.91 60.88 -0.48
CA GLY KA 72 8.75 61.48 -1.10
C GLY KA 72 8.85 63.00 -1.05
N ASN KA 73 7.89 63.64 -0.40
CA ASN KA 73 7.93 65.07 -0.13
C ASN KA 73 8.23 65.39 1.33
N VAL KA 74 8.53 64.37 2.13
CA VAL KA 74 8.72 64.53 3.58
C VAL KA 74 10.21 64.40 3.90
N ARG KA 75 10.80 65.44 4.47
CA ARG KA 75 12.19 65.35 4.89
C ARG KA 75 12.26 64.45 6.12
N THR KA 76 13.14 63.45 6.08
CA THR KA 76 13.27 62.52 7.19
C THR KA 76 14.72 62.21 7.45
N THR KA 77 15.05 62.03 8.73
CA THR KA 77 16.39 61.65 9.16
C THR KA 77 16.57 60.16 8.91
N VAL KA 78 17.44 59.81 7.96
CA VAL KA 78 17.69 58.41 7.63
C VAL KA 78 18.46 57.73 8.77
N ARG KA 79 19.50 58.38 9.27
CA ARG KA 79 20.37 57.83 10.30
C ARG KA 79 21.04 58.98 11.02
N THR KA 80 21.71 58.65 12.11
CA THR KA 80 22.45 59.65 12.89
C THR KA 80 23.80 59.08 13.27
N LEU KA 81 24.77 59.97 13.41
CA LEU KA 81 26.09 59.65 13.95
C LEU KA 81 26.25 60.41 15.26
N THR KA 82 26.84 59.74 16.27
CA THR KA 82 26.92 60.34 17.61
C THR KA 82 28.32 60.23 18.15
N GLU KA 83 28.78 61.26 18.85
CA GLU KA 83 30.07 61.25 19.52
C GLU KA 83 29.89 61.74 20.95
N THR KA 84 30.50 61.02 21.90
CA THR KA 84 30.35 61.32 23.32
C THR KA 84 31.72 61.32 23.98
N THR KA 85 32.14 62.48 24.47
CA THR KA 85 33.37 62.63 25.24
C THR KA 85 33.00 62.76 26.71
N GLU KA 86 33.71 62.02 27.58
CA GLU KA 86 33.44 62.04 29.01
C GLU KA 86 34.75 62.08 29.77
N VAL KA 87 35.00 63.18 30.48
CA VAL KA 87 36.23 63.39 31.24
C VAL KA 87 35.92 63.31 32.73
N LEU KA 88 36.66 62.49 33.45
CA LEU KA 88 36.48 62.30 34.88
C LEU KA 88 37.70 62.80 35.64
N PHE KA 89 37.48 63.64 36.64
CA PHE KA 89 38.59 64.06 37.49
C PHE KA 89 38.11 64.31 38.90
N THR KA 90 39.03 64.19 39.85
CA THR KA 90 38.75 64.29 41.27
C THR KA 90 38.94 65.72 41.77
N GLN KA 91 38.36 65.99 42.95
CA GLN KA 91 38.38 67.35 43.49
C GLN KA 91 39.77 67.76 43.96
N ASP KA 92 40.62 66.79 44.30
CA ASP KA 92 41.98 67.13 44.69
C ASP KA 92 42.89 67.31 43.49
N SER KA 93 42.35 67.22 42.28
CA SER KA 93 43.16 67.33 41.08
C SER KA 93 43.67 68.76 40.88
N LEU KA 94 44.88 68.86 40.34
CA LEU KA 94 45.49 70.16 40.08
C LEU KA 94 45.04 70.71 38.73
N GLY KA 95 45.01 72.04 38.64
CA GLY KA 95 44.69 72.66 37.37
C GLY KA 95 45.65 72.26 36.27
N THR KA 96 46.93 72.18 36.60
CA THR KA 96 47.92 71.78 35.61
C THR KA 96 47.66 70.36 35.12
N GLU KA 97 47.24 69.48 36.03
CA GLU KA 97 46.91 68.11 35.62
C GLU KA 97 45.70 68.08 34.70
N ARG KA 98 44.63 68.78 35.10
CA ARG KA 98 43.44 68.83 34.24
C ARG KA 98 43.78 69.39 32.86
N GLN KA 99 44.66 70.40 32.81
CA GLN KA 99 45.04 71.01 31.54
C GLN KA 99 45.83 70.04 30.69
N ARG KA 100 46.78 69.34 31.31
CA ARG KA 100 47.51 68.28 30.63
C ARG KA 100 46.54 67.28 30.00
N VAL KA 101 45.49 66.89 30.73
CA VAL KA 101 44.55 65.91 30.20
C VAL KA 101 43.75 66.49 29.04
N ALA KA 102 43.35 67.75 29.16
CA ALA KA 102 42.60 68.37 28.07
C ALA KA 102 43.43 68.42 26.79
N ASN KA 103 44.70 68.81 26.90
CA ASN KA 103 45.58 68.84 25.73
C ASN KA 103 45.78 67.45 25.15
N LEU KA 104 45.94 66.44 26.00
CA LEU KA 104 46.04 65.07 25.51
C LEU KA 104 44.79 64.67 24.75
N THR KA 105 43.61 65.05 25.27
CA THR KA 105 42.36 64.74 24.58
C THR KA 105 42.34 65.38 23.20
N LYS KA 106 42.77 66.65 23.11
CA LYS KA 106 42.84 67.33 21.82
C LYS KA 106 43.77 66.60 20.87
N SER KA 107 45.01 66.33 21.31
CA SER KA 107 45.98 65.65 20.46
C SER KA 107 45.46 64.31 20.02
N LEU KA 108 44.77 63.61 20.91
CA LEU KA 108 44.24 62.28 20.61
C LEU KA 108 43.17 62.37 19.52
N ALA KA 109 42.19 63.24 19.70
CA ALA KA 109 41.13 63.38 18.72
C ALA KA 109 41.63 63.91 17.38
N GLY KA 110 42.79 64.56 17.36
CA GLY KA 110 43.35 64.94 16.08
C GLY KA 110 44.28 63.93 15.45
N HIS KA 111 44.55 62.81 16.11
CA HIS KA 111 45.58 61.89 15.66
C HIS KA 111 45.12 61.06 14.47
N ALA KA 112 46.03 60.92 13.51
CA ALA KA 112 45.70 60.32 12.21
C ALA KA 112 45.11 58.92 12.36
N THR KA 113 45.68 58.08 13.22
CA THR KA 113 45.24 56.69 13.28
C THR KA 113 43.85 56.56 13.88
N LEU KA 114 43.51 57.40 14.87
CA LEU KA 114 42.16 57.34 15.43
C LEU KA 114 41.13 57.89 14.45
N MET KA 115 41.47 59.02 13.82
CA MET KA 115 40.59 59.54 12.77
C MET KA 115 40.37 58.48 11.69
N SER KA 116 41.42 57.73 11.35
CA SER KA 116 41.29 56.66 10.37
C SER KA 116 40.41 55.54 10.88
N VAL KA 117 40.48 55.21 12.16
CA VAL KA 117 39.59 54.19 12.71
C VAL KA 117 38.13 54.57 12.45
N VAL KA 118 37.80 55.84 12.66
CA VAL KA 118 36.40 56.20 12.48
C VAL KA 118 36.04 56.37 11.00
N GLN KA 119 36.93 56.98 10.21
CA GLN KA 119 36.65 57.23 8.79
C GLN KA 119 36.53 55.91 8.02
N ASP KA 120 37.59 55.09 8.07
CA ASP KA 120 37.64 53.82 7.35
C ASP KA 120 36.85 52.72 8.03
N ALA KA 121 36.35 52.95 9.25
CA ALA KA 121 35.59 51.95 10.01
C ALA KA 121 36.36 50.64 10.20
N SER KA 122 37.70 50.71 10.23
CA SER KA 122 38.52 49.55 10.51
C SER KA 122 39.28 49.76 11.81
N PRO KA 123 39.26 48.82 12.74
CA PRO KA 123 39.95 49.00 14.01
C PRO KA 123 41.45 48.74 13.85
N ILE KA 124 42.15 48.89 14.97
CA ILE KA 124 43.60 48.68 15.00
C ILE KA 124 43.84 47.19 15.15
N TYR KA 125 44.51 46.58 14.18
CA TYR KA 125 44.87 45.17 14.20
C TYR KA 125 46.10 44.96 13.33
N GLY KA 126 47.00 44.09 13.78
CA GLY KA 126 48.20 43.74 13.03
C GLY KA 126 49.12 44.90 12.63
N PRO LA 1 43.48 50.38 11.53
CA PRO LA 1 44.76 50.29 10.83
C PRO LA 1 45.77 49.38 11.52
N LYS LA 2 47.03 49.55 11.16
CA LYS LA 2 48.10 48.72 11.69
C LYS LA 2 48.59 49.26 13.02
N ILE LA 3 48.79 48.36 13.98
CA ILE LA 3 49.16 48.76 15.32
C ILE LA 3 50.56 49.38 15.29
N ALA LA 4 50.71 50.52 15.96
CA ALA LA 4 51.98 51.24 15.95
C ALA LA 4 51.98 52.25 17.09
N ASN LA 5 53.12 52.91 17.26
CA ASN LA 5 53.26 53.92 18.30
C ASN LA 5 52.29 55.06 18.06
N ILE LA 6 51.75 55.59 19.14
CA ILE LA 6 50.86 56.75 19.09
C ILE LA 6 51.51 57.87 19.89
N VAL LA 7 51.89 58.94 19.21
CA VAL LA 7 52.52 60.08 19.88
C VAL LA 7 51.49 61.19 19.98
N ILE LA 8 51.26 61.67 21.20
CA ILE LA 8 50.32 62.76 21.44
C ILE LA 8 50.97 63.80 22.34
N ASN LA 9 50.53 65.04 22.22
CA ASN LA 9 51.09 66.15 22.95
C ASN LA 9 50.21 66.51 24.13
N ASP LA 10 50.84 66.87 25.26
CA ASP LA 10 50.12 67.27 26.46
C ASP LA 10 50.19 68.77 26.71
N GLY LA 11 50.56 69.55 25.70
CA GLY LA 11 50.70 70.98 25.83
C GLY LA 11 52.10 71.44 26.19
N THR LA 12 52.95 70.53 26.67
CA THR LA 12 54.31 70.90 27.05
C THR LA 12 55.33 70.03 26.35
N LYS LA 13 54.99 68.76 26.08
CA LYS LA 13 55.93 67.82 25.49
C LYS LA 13 55.17 66.72 24.77
N ASP LA 14 55.90 65.98 23.94
CA ASP LA 14 55.35 64.85 23.21
C ASP LA 14 55.50 63.56 24.03
N ILE LA 15 54.43 62.80 24.09
CA ILE LA 15 54.36 61.59 24.89
C ILE LA 15 54.11 60.41 23.95
N THR LA 16 54.98 59.42 24.02
CA THR LA 16 54.93 58.26 23.14
C THR LA 16 54.24 57.10 23.85
N LEU LA 17 53.18 56.57 23.26
CA LEU LA 17 52.46 55.43 23.79
C LEU LA 17 52.77 54.24 22.89
N GLN LA 18 53.48 53.27 23.42
CA GLN LA 18 53.88 52.05 22.73
C GLN LA 18 52.78 51.01 22.84
N PRO LA 19 52.54 50.27 21.76
CA PRO LA 19 51.53 49.22 21.80
C PRO LA 19 51.97 48.08 22.69
N VAL LA 20 51.00 47.46 23.34
CA VAL LA 20 51.23 46.35 24.25
C VAL LA 20 50.68 45.06 23.67
N ASN LA 21 49.39 45.03 23.36
CA ASN LA 21 48.73 43.85 22.81
C ASN LA 21 47.33 44.26 22.34
N ILE LA 22 46.56 43.26 21.90
CA ILE LA 22 45.15 43.42 21.55
C ILE LA 22 44.40 42.21 22.10
N ASP LA 23 43.47 42.45 23.03
CA ASP LA 23 42.86 41.39 23.82
C ASP LA 23 41.76 40.71 23.02
N ARG LA 24 41.07 39.74 23.66
CA ARG LA 24 40.08 38.96 22.95
C ARG LA 24 38.93 39.84 22.46
N GLU LA 25 38.58 40.90 23.21
CA GLU LA 25 37.47 41.76 22.85
C GLU LA 25 37.81 42.61 21.61
N GLY LA 26 39.09 42.82 21.32
CA GLY LA 26 39.51 43.67 20.23
C GLY LA 26 40.13 44.97 20.67
N VAL LA 27 40.23 45.20 21.99
CA VAL LA 27 40.81 46.43 22.51
C VAL LA 27 42.33 46.40 22.31
N ALA LA 28 42.86 47.44 21.68
CA ALA LA 28 44.29 47.62 21.54
C ALA LA 28 44.78 48.45 22.71
N HIS LA 29 45.77 47.93 23.44
CA HIS LA 29 46.29 48.59 24.64
C HIS LA 29 47.64 49.23 24.36
N PHE LA 30 47.82 50.45 24.87
CA PHE LA 30 49.05 51.22 24.73
C PHE LA 30 49.47 51.74 26.11
N ARG LA 31 50.79 51.82 26.29
CA ARG LA 31 51.41 52.18 27.56
C ARG LA 31 52.52 53.20 27.30
N GLU LA 32 52.63 54.18 28.20
CA GLU LA 32 53.62 55.24 28.02
C GLU LA 32 55.03 54.66 28.04
N LYS LA 33 55.86 55.17 27.13
CA LYS LA 33 57.23 54.68 26.99
C LYS LA 33 58.13 55.26 28.06
N ASP LA 34 59.04 54.43 28.59
CA ASP LA 34 60.13 54.89 29.45
C ASP LA 34 59.63 55.41 30.79
N VAL LA 35 58.48 54.92 31.25
CA VAL LA 35 57.91 55.33 32.53
C VAL LA 35 57.48 54.07 33.27
N SER LA 36 57.49 54.14 34.60
CA SER LA 36 57.08 53.00 35.42
C SER LA 36 55.67 52.56 35.06
N ILE LA 37 55.44 51.25 35.21
CA ILE LA 37 54.11 50.67 35.03
C ILE LA 37 53.05 51.46 35.79
N LEU LA 38 53.35 51.79 37.05
CA LEU LA 38 52.34 52.38 37.91
C LEU LA 38 51.94 53.77 37.44
N GLU LA 39 52.90 54.58 36.98
CA GLU LA 39 52.67 55.97 36.66
C GLU LA 39 52.53 56.24 35.17
N ALA LA 40 52.52 55.19 34.35
CA ALA LA 40 52.51 55.39 32.91
C ALA LA 40 51.10 55.68 32.43
N ILE LA 41 51.01 56.61 31.47
CA ILE LA 41 49.75 56.93 30.83
C ILE LA 41 49.33 55.76 29.95
N ARG LA 42 48.03 55.45 29.94
CA ARG LA 42 47.54 54.30 29.20
C ARG LA 42 46.41 54.70 28.25
N LEU LA 43 46.36 54.02 27.11
CA LEU LA 43 45.35 54.29 26.09
C LEU LA 43 44.79 52.99 25.55
N THR LA 44 43.46 52.91 25.46
CA THR LA 44 42.81 51.73 24.88
C THR LA 44 41.91 52.16 23.73
N VAL LA 45 41.95 51.42 22.63
CA VAL LA 45 41.20 51.74 21.42
C VAL LA 45 40.54 50.49 20.86
N GLN LA 46 39.21 50.53 20.67
CA GLN LA 46 38.51 49.40 20.07
C GLN LA 46 37.41 49.91 19.14
N LEU LA 47 37.04 49.06 18.18
CA LEU LA 47 35.95 49.32 17.25
C LEU LA 47 35.02 48.11 17.25
N ARG LA 48 34.04 48.14 18.15
CA ARG LA 48 33.10 47.05 18.33
C ARG LA 48 32.15 46.97 17.15
N GLN LA 49 32.16 45.81 16.49
CA GLN LA 49 31.26 45.52 15.38
C GLN LA 49 29.82 45.45 15.87
N PRO LA 50 28.86 45.63 14.97
CA PRO LA 50 27.47 45.39 15.34
C PRO LA 50 27.18 43.90 15.48
N SER LA 51 26.19 43.59 16.31
CA SER LA 51 25.74 42.21 16.47
C SER LA 51 25.08 41.72 15.18
N VAL LA 52 24.66 40.46 15.18
CA VAL LA 52 23.87 39.96 14.06
C VAL LA 52 22.53 40.69 14.01
N ASN LA 53 21.97 41.04 15.17
CA ASN LA 53 20.70 41.74 15.22
C ASN LA 53 20.86 43.23 14.90
N GLY LA 54 21.78 43.91 15.58
CA GLY LA 54 21.93 45.34 15.43
C GLY LA 54 22.71 45.73 14.19
N ASN LA 55 22.89 47.05 14.04
CA ASN LA 55 23.72 47.60 12.97
C ASN LA 55 24.52 48.81 13.45
N VAL LA 56 24.93 48.80 14.71
CA VAL LA 56 25.57 49.96 15.34
C VAL LA 56 27.02 49.65 15.66
N TYR LA 57 27.93 50.41 15.06
CA TYR LA 57 29.35 50.36 15.35
C TYR LA 57 29.66 51.30 16.50
N ARG LA 58 30.50 50.82 17.43
CA ARG LA 58 30.92 51.59 18.61
C ARG LA 58 32.46 51.70 18.61
N CYS LA 59 32.97 52.91 18.43
CA CYS LA 59 34.40 53.16 18.48
C CYS LA 59 34.74 53.83 19.82
N LYS LA 60 35.41 53.10 20.69
CA LYS LA 60 35.69 53.55 22.05
C LYS LA 60 37.19 53.76 22.25
N ALA LA 61 37.54 54.87 22.90
CA ALA LA 61 38.94 55.24 23.13
C ALA LA 61 39.07 55.85 24.53
N LYS LA 62 39.79 55.18 25.41
CA LYS LA 62 39.94 55.59 26.80
C LYS LA 62 41.39 55.96 27.11
N LEU LA 63 41.59 57.15 27.62
CA LEU LA 63 42.89 57.63 28.07
C LEU LA 63 42.88 57.74 29.59
N VAL LA 64 43.97 57.28 30.21
CA VAL LA 64 44.07 57.25 31.67
C VAL LA 64 45.41 57.84 32.07
N VAL LA 65 45.36 58.89 32.90
CA VAL LA 65 46.54 59.58 33.39
C VAL LA 65 46.58 59.45 34.91
N PRO LA 66 47.49 58.66 35.45
CA PRO LA 66 47.61 58.53 36.91
C PRO LA 66 48.52 59.60 37.50
N VAL LA 67 48.29 59.86 38.79
CA VAL LA 67 49.14 60.68 39.63
C VAL LA 67 49.57 59.81 40.80
N VAL LA 68 50.88 59.63 40.93
CA VAL LA 68 51.49 58.67 41.85
C VAL LA 68 52.35 59.42 42.87
N GLU LA 69 52.29 58.96 44.11
CA GLU LA 69 53.14 59.44 45.20
C GLU LA 69 54.14 58.36 45.58
N VAL LA 70 55.42 58.71 45.59
CA VAL LA 70 56.50 57.80 45.94
C VAL LA 70 57.20 58.31 47.18
N VAL LA 71 57.22 57.50 48.22
CA VAL LA 71 57.95 57.78 49.46
C VAL LA 71 58.78 56.54 49.74
N GLY LA 72 60.10 56.67 49.61
CA GLY LA 72 60.93 55.50 49.78
C GLY LA 72 60.61 54.46 48.73
N ASN LA 73 60.31 53.25 49.19
CA ASN LA 73 59.90 52.17 48.32
C ASN LA 73 58.38 52.04 48.22
N VAL LA 74 57.64 52.88 48.91
CA VAL LA 74 56.18 52.89 48.82
C VAL LA 74 55.78 53.72 47.61
N ARG LA 75 55.12 53.08 46.65
CA ARG LA 75 54.63 53.74 45.46
C ARG LA 75 53.13 53.51 45.41
N THR LA 76 52.37 54.61 45.40
CA THR LA 76 50.91 54.49 45.46
C THR LA 76 50.27 55.45 44.49
N THR LA 77 49.18 55.02 43.85
CA THR LA 77 48.44 55.90 42.94
C THR LA 77 47.52 56.81 43.75
N VAL LA 78 47.81 58.10 43.77
CA VAL LA 78 46.99 59.02 44.56
C VAL LA 78 45.68 59.33 43.85
N ARG LA 79 45.74 59.59 42.54
CA ARG LA 79 44.49 59.89 41.85
C ARG LA 79 44.65 59.60 40.37
N THR LA 80 43.55 59.56 39.64
CA THR LA 80 43.61 59.41 38.20
C THR LA 80 42.68 60.40 37.54
N LEU LA 81 43.05 60.81 36.33
CA LEU LA 81 42.20 61.58 35.44
C LEU LA 81 41.97 60.73 34.20
N THR LA 82 40.71 60.52 33.82
CA THR LA 82 40.44 59.70 32.65
C THR LA 82 39.55 60.45 31.67
N GLU LA 83 39.65 60.07 30.41
CA GLU LA 83 38.81 60.64 29.37
C GLU LA 83 38.45 59.51 28.41
N THR LA 84 37.16 59.36 28.11
CA THR LA 84 36.73 58.30 27.21
C THR LA 84 35.84 58.88 26.12
N THR LA 85 36.11 58.47 24.88
CA THR LA 85 35.45 58.99 23.68
C THR LA 85 34.79 57.84 22.95
N GLU LA 86 33.48 57.92 22.74
CA GLU LA 86 32.71 56.92 22.00
C GLU LA 86 32.08 57.54 20.76
N VAL LA 87 32.36 56.96 19.60
CA VAL LA 87 31.73 57.36 18.34
C VAL LA 87 30.85 56.22 17.86
N LEU LA 88 29.58 56.51 17.63
CA LEU LA 88 28.61 55.53 17.16
C LEU LA 88 28.20 55.87 15.73
N PHE LA 89 28.28 54.88 14.85
CA PHE LA 89 27.74 55.07 13.50
C PHE LA 89 27.10 53.79 12.98
N THR LA 90 26.16 53.95 12.07
CA THR LA 90 25.34 52.86 11.56
C THR LA 90 26.04 52.13 10.42
N GLN LA 91 25.54 50.93 10.12
CA GLN LA 91 26.14 50.07 9.12
C GLN LA 91 26.05 50.66 7.72
N ASP LA 92 25.02 51.45 7.45
CA ASP LA 92 24.81 52.06 6.14
C ASP LA 92 25.37 53.47 6.04
N SER LA 93 26.19 53.89 7.00
CA SER LA 93 26.72 55.24 6.98
C SER LA 93 27.76 55.40 5.87
N LEU LA 94 27.90 56.62 5.38
CA LEU LA 94 28.85 56.93 4.32
C LEU LA 94 30.19 57.34 4.91
N GLY LA 95 31.27 56.92 4.24
CA GLY LA 95 32.60 57.35 4.66
C GLY LA 95 32.71 58.85 4.74
N THR LA 96 32.04 59.55 3.82
CA THR LA 96 31.95 61.01 3.88
C THR LA 96 31.35 61.48 5.21
N GLU LA 97 30.25 60.85 5.61
CA GLU LA 97 29.58 61.23 6.83
C GLU LA 97 30.48 61.02 8.05
N ARG LA 98 31.05 59.83 8.19
CA ARG LA 98 31.85 59.64 9.39
C ARG LA 98 33.17 60.40 9.33
N GLN LA 99 33.62 60.81 8.15
CA GLN LA 99 34.76 61.72 8.11
C GLN LA 99 34.39 63.11 8.62
N ARG LA 100 33.22 63.61 8.25
CA ARG LA 100 32.75 64.86 8.86
C ARG LA 100 32.67 64.73 10.37
N VAL LA 101 32.19 63.59 10.86
CA VAL LA 101 32.09 63.39 12.31
C VAL LA 101 33.48 63.42 12.94
N ALA LA 102 34.45 62.75 12.31
CA ALA LA 102 35.81 62.75 12.86
C ALA LA 102 36.36 64.17 12.96
N ASN LA 103 36.17 64.98 11.91
CA ASN LA 103 36.67 66.34 11.95
C ASN LA 103 35.95 67.19 12.99
N LEU LA 104 34.64 66.98 13.14
CA LEU LA 104 33.91 67.70 14.17
C LEU LA 104 34.41 67.33 15.56
N THR LA 105 34.70 66.04 15.78
CA THR LA 105 35.24 65.63 17.07
C THR LA 105 36.57 66.33 17.33
N LYS LA 106 37.45 66.36 16.32
CA LYS LA 106 38.73 67.06 16.47
C LYS LA 106 38.52 68.53 16.80
N SER LA 107 37.57 69.19 16.13
CA SER LA 107 37.34 70.60 16.37
C SER LA 107 36.81 70.84 17.78
N LEU LA 108 35.84 70.03 18.22
CA LEU LA 108 35.33 70.14 19.57
C LEU LA 108 36.46 69.97 20.59
N ALA LA 109 37.23 68.90 20.47
CA ALA LA 109 38.30 68.64 21.42
C ALA LA 109 39.32 69.77 21.44
N GLY LA 110 39.47 70.48 20.33
CA GLY LA 110 40.35 71.65 20.35
C GLY LA 110 39.71 72.95 20.80
N HIS LA 111 38.39 73.00 20.90
CA HIS LA 111 37.67 74.25 21.13
C HIS LA 111 37.97 74.83 22.52
N ALA LA 112 38.22 76.14 22.54
CA ALA LA 112 38.68 76.80 23.76
C ALA LA 112 37.68 76.65 24.91
N THR LA 113 36.39 76.77 24.65
CA THR LA 113 35.44 76.71 25.76
C THR LA 113 35.27 75.29 26.27
N LEU LA 114 35.25 74.30 25.37
CA LEU LA 114 35.19 72.92 25.82
C LEU LA 114 36.42 72.56 26.65
N MET LA 115 37.59 73.04 26.24
CA MET LA 115 38.79 72.79 27.05
C MET LA 115 38.72 73.51 28.38
N SER LA 116 38.20 74.75 28.40
CA SER LA 116 38.09 75.49 29.65
C SER LA 116 37.16 74.81 30.63
N VAL LA 117 36.14 74.09 30.14
CA VAL LA 117 35.28 73.36 31.07
C VAL LA 117 36.10 72.41 31.93
N VAL LA 118 37.06 71.72 31.32
CA VAL LA 118 37.86 70.75 32.08
C VAL LA 118 38.97 71.45 32.83
N GLN LA 119 39.66 72.39 32.17
CA GLN LA 119 40.79 73.07 32.81
C GLN LA 119 40.34 73.83 34.05
N ASP LA 120 39.22 74.55 33.96
CA ASP LA 120 38.73 75.40 35.02
C ASP LA 120 37.66 74.73 35.88
N ALA LA 121 37.24 73.53 35.51
CA ALA LA 121 36.25 72.77 36.29
C ALA LA 121 35.02 73.60 36.60
N SER LA 122 34.59 74.40 35.62
CA SER LA 122 33.34 75.12 35.74
C SER LA 122 32.49 74.80 34.51
N PRO LA 123 31.18 74.78 34.67
CA PRO LA 123 30.30 74.50 33.53
C PRO LA 123 30.14 75.74 32.67
N ILE LA 124 29.30 75.60 31.66
CA ILE LA 124 28.97 76.68 30.73
C ILE LA 124 27.80 77.46 31.34
N TYR LA 125 28.00 78.76 31.56
CA TYR LA 125 27.01 79.64 32.19
C TYR LA 125 27.51 81.07 32.09
N GLY LA 126 26.58 82.01 31.95
CA GLY LA 126 26.91 83.42 31.98
C GLY LA 126 26.77 84.15 30.66
N PRO MA 1 16.65 82.76 25.10
CA PRO MA 1 17.85 83.60 25.27
C PRO MA 1 18.32 83.64 26.72
N LYS MA 2 19.44 84.31 26.99
CA LYS MA 2 19.89 84.47 28.37
C LYS MA 2 18.83 85.23 29.16
N ILE MA 3 18.46 84.68 30.32
CA ILE MA 3 17.48 85.34 31.17
C ILE MA 3 18.00 86.71 31.58
N ALA MA 4 17.12 87.71 31.52
CA ALA MA 4 17.51 89.08 31.79
C ALA MA 4 16.27 89.88 32.17
N ASN MA 5 16.49 91.16 32.44
CA ASN MA 5 15.38 92.06 32.66
C ASN MA 5 14.55 92.19 31.39
N ILE MA 6 13.24 92.35 31.58
CA ILE MA 6 12.31 92.58 30.48
C ILE MA 6 11.64 93.92 30.73
N VAL MA 7 11.85 94.87 29.83
CA VAL MA 7 11.30 96.21 29.98
C VAL MA 7 10.14 96.37 29.02
N ILE MA 8 8.93 96.53 29.56
CA ILE MA 8 7.73 96.68 28.77
C ILE MA 8 7.01 97.96 29.19
N ASN MA 9 6.20 98.50 28.29
CA ASN MA 9 5.54 99.77 28.50
C ASN MA 9 4.06 99.55 28.74
N ASP MA 10 3.49 100.22 29.74
CA ASP MA 10 2.06 100.10 30.08
C ASP MA 10 1.22 101.24 29.53
N GLY MA 11 1.70 101.91 28.48
CA GLY MA 11 1.00 103.03 27.90
C GLY MA 11 1.38 104.38 28.50
N THR MA 12 1.92 104.39 29.68
CA THR MA 12 2.30 105.65 30.30
C THR MA 12 3.76 105.67 30.76
N LYS MA 13 4.28 104.56 31.26
CA LYS MA 13 5.64 104.48 31.77
C LYS MA 13 6.28 103.17 31.34
N ASP MA 14 7.58 103.06 31.57
CA ASP MA 14 8.30 101.82 31.37
C ASP MA 14 8.40 101.04 32.68
N ILE MA 15 8.14 99.74 32.59
CA ILE MA 15 8.12 98.84 33.73
C ILE MA 15 9.20 97.80 33.50
N THR MA 16 10.04 97.59 34.52
CA THR MA 16 11.15 96.64 34.46
C THR MA 16 10.80 95.40 35.26
N LEU MA 17 10.83 94.24 34.60
CA LEU MA 17 10.55 92.96 35.23
C LEU MA 17 11.87 92.23 35.40
N GLN MA 18 12.25 91.99 36.65
CA GLN MA 18 13.47 91.34 37.09
C GLN MA 18 13.26 89.84 37.22
N PRO MA 19 14.29 89.09 36.83
CA PRO MA 19 14.22 87.63 36.95
C PRO MA 19 14.08 87.23 38.41
N VAL MA 20 13.33 86.17 38.64
CA VAL MA 20 12.94 85.83 39.99
C VAL MA 20 13.24 84.37 40.31
N ASN MA 21 12.86 83.48 39.40
CA ASN MA 21 12.90 82.06 39.71
C ASN MA 21 12.84 81.31 38.39
N ILE MA 22 13.29 80.05 38.41
CA ILE MA 22 13.15 79.17 37.25
C ILE MA 22 12.74 77.79 37.76
N ASP MA 23 11.55 77.35 37.34
CA ASP MA 23 10.95 76.11 37.80
C ASP MA 23 11.83 74.91 37.53
N ARG MA 24 11.43 73.78 38.09
CA ARG MA 24 11.91 72.50 37.58
C ARG MA 24 11.32 72.23 36.21
N GLU MA 25 10.15 72.80 35.91
CA GLU MA 25 9.54 72.65 34.60
C GLU MA 25 10.08 73.62 33.56
N GLY MA 26 10.95 74.55 33.96
CA GLY MA 26 11.60 75.44 33.02
C GLY MA 26 10.93 76.79 32.87
N VAL MA 27 9.90 77.08 33.66
CA VAL MA 27 9.21 78.35 33.58
C VAL MA 27 10.07 79.45 34.19
N ALA MA 28 10.24 80.55 33.46
CA ALA MA 28 10.96 81.70 33.96
C ALA MA 28 9.96 82.64 34.59
N HIS MA 29 10.13 82.92 35.88
CA HIS MA 29 9.27 83.86 36.58
C HIS MA 29 9.97 85.21 36.70
N PHE MA 30 9.17 86.28 36.64
CA PHE MA 30 9.67 87.63 36.73
C PHE MA 30 8.79 88.41 37.70
N ARG MA 31 9.27 89.59 38.11
CA ARG MA 31 8.49 90.42 39.02
C ARG MA 31 8.88 91.87 38.81
N GLU MA 32 7.95 92.76 39.11
CA GLU MA 32 8.16 94.18 38.87
C GLU MA 32 9.16 94.76 39.87
N LYS MA 33 9.96 95.69 39.38
CA LYS MA 33 11.05 96.29 40.15
C LYS MA 33 10.54 97.55 40.85
N ASP MA 34 11.04 97.77 42.08
CA ASP MA 34 10.77 99.01 42.83
C ASP MA 34 9.30 99.14 43.22
N VAL MA 35 8.62 98.02 43.45
CA VAL MA 35 7.21 98.01 43.78
C VAL MA 35 6.97 96.92 44.82
N SER MA 36 5.95 97.13 45.65
CA SER MA 36 5.59 96.17 46.69
C SER MA 36 5.38 94.80 46.07
N ILE MA 37 5.73 93.76 46.82
CA ILE MA 37 5.59 92.39 46.34
C ILE MA 37 4.15 92.12 45.93
N LEU MA 38 3.20 92.49 46.78
CA LEU MA 38 1.81 92.11 46.51
C LEU MA 38 1.26 92.82 45.28
N GLU MA 39 1.70 94.04 45.01
CA GLU MA 39 1.13 94.83 43.92
C GLU MA 39 2.00 94.83 42.67
N ALA MA 40 3.03 94.01 42.62
CA ALA MA 40 3.96 94.01 41.50
C ALA MA 40 3.42 93.13 40.38
N ILE MA 41 3.50 93.66 39.15
CA ILE MA 41 3.18 92.86 37.96
C ILE MA 41 4.14 91.69 37.89
N ARG MA 42 3.65 90.53 37.46
CA ARG MA 42 4.56 89.40 37.29
C ARG MA 42 4.28 88.65 36.00
N LEU MA 43 5.32 88.02 35.47
CA LEU MA 43 5.30 87.43 34.14
C LEU MA 43 6.00 86.08 34.16
N THR MA 44 5.36 85.05 33.63
CA THR MA 44 5.95 83.73 33.51
C THR MA 44 6.04 83.33 32.04
N VAL MA 45 7.16 82.73 31.66
CA VAL MA 45 7.46 82.40 30.26
C VAL MA 45 8.07 81.01 30.22
N GLN MA 46 7.42 80.08 29.52
CA GLN MA 46 7.94 78.72 29.38
C GLN MA 46 7.78 78.26 27.94
N LEU MA 47 8.54 77.22 27.59
CA LEU MA 47 8.44 76.60 26.26
C LEU MA 47 8.56 75.09 26.43
N ARG MA 48 7.40 74.41 26.43
CA ARG MA 48 7.34 72.96 26.39
C ARG MA 48 7.91 72.43 25.09
N GLN MA 49 9.04 71.74 25.22
CA GLN MA 49 9.59 70.92 24.15
C GLN MA 49 8.59 69.82 23.78
N PRO MA 50 8.70 69.27 22.59
CA PRO MA 50 7.75 68.21 22.19
C PRO MA 50 8.02 66.90 22.92
N SER MA 51 6.98 66.09 23.04
CA SER MA 51 7.08 64.77 23.65
C SER MA 51 7.97 63.87 22.80
N VAL MA 52 8.32 62.70 23.36
CA VAL MA 52 9.02 61.71 22.56
C VAL MA 52 8.06 61.12 21.51
N ASN MA 53 6.78 61.01 21.84
CA ASN MA 53 5.75 60.59 20.89
C ASN MA 53 4.96 61.76 20.31
N GLY MA 54 5.46 62.99 20.48
CA GLY MA 54 4.82 64.15 19.89
C GLY MA 54 5.82 64.97 19.10
N ASN MA 55 5.29 66.01 18.43
CA ASN MA 55 6.16 66.95 17.72
C ASN MA 55 5.66 68.39 17.87
N VAL MA 56 4.98 68.70 18.97
CA VAL MA 56 4.32 69.99 19.15
C VAL MA 56 5.02 70.77 20.25
N TYR MA 57 5.42 72.01 19.93
CA TYR MA 57 6.04 72.95 20.84
C TYR MA 57 4.98 73.93 21.34
N ARG MA 58 5.00 74.20 22.65
CA ARG MA 58 4.06 75.15 23.26
C ARG MA 58 4.84 76.22 24.01
N CYS MA 59 4.77 77.46 23.53
CA CYS MA 59 5.36 78.62 24.20
C CYS MA 59 4.26 79.40 24.89
N LYS MA 60 4.27 79.38 26.22
CA LYS MA 60 3.23 80.01 27.03
C LYS MA 60 3.82 81.17 27.83
N ALA MA 61 3.15 82.33 27.76
CA ALA MA 61 3.56 83.53 28.49
C ALA MA 61 2.33 84.11 29.18
N LYS MA 62 2.33 84.06 30.52
CA LYS MA 62 1.24 84.60 31.32
C LYS MA 62 1.71 85.86 32.05
N LEU MA 63 0.94 86.92 31.90
CA LEU MA 63 1.20 88.19 32.57
C LEU MA 63 0.05 88.48 33.51
N VAL MA 64 0.37 88.90 34.74
CA VAL MA 64 -0.63 89.15 35.76
C VAL MA 64 -0.41 90.56 36.32
N VAL MA 65 -1.48 91.34 36.36
CA VAL MA 65 -1.49 92.69 36.92
C VAL MA 65 -2.46 92.72 38.09
N PRO MA 66 -1.97 92.80 39.32
CA PRO MA 66 -2.87 92.91 40.47
C PRO MA 66 -3.28 94.36 40.70
N VAL MA 67 -4.36 94.52 41.47
CA VAL MA 67 -4.78 95.82 41.97
C VAL MA 67 -4.97 95.67 43.48
N VAL MA 68 -4.08 96.27 44.25
CA VAL MA 68 -4.14 96.22 45.71
C VAL MA 68 -4.79 97.50 46.21
N GLU MA 69 -5.65 97.36 47.21
CA GLU MA 69 -6.27 98.48 47.90
C GLU MA 69 -6.27 98.18 49.39
N VAL MA 70 -6.40 99.24 50.19
CA VAL MA 70 -6.32 99.13 51.64
C VAL MA 70 -7.72 98.84 52.19
N VAL MA 71 -7.93 97.60 52.66
CA VAL MA 71 -9.22 97.16 53.20
C VAL MA 71 -9.03 96.90 54.70
N GLY MA 72 -9.65 97.73 55.52
CA GLY MA 72 -9.49 97.60 56.97
C GLY MA 72 -8.05 97.81 57.41
N ASN MA 73 -7.37 98.78 56.83
CA ASN MA 73 -5.95 99.06 57.10
C ASN MA 73 -5.06 97.85 56.83
N VAL MA 74 -5.50 96.98 55.92
CA VAL MA 74 -4.75 95.79 55.51
C VAL MA 74 -4.75 95.75 53.99
N ARG MA 75 -3.58 95.88 53.39
CA ARG MA 75 -3.45 95.88 51.94
C ARG MA 75 -3.84 94.52 51.38
N THR MA 76 -4.89 94.48 50.56
CA THR MA 76 -5.35 93.25 49.94
C THR MA 76 -5.63 93.49 48.46
N THR MA 77 -5.54 92.41 47.69
CA THR MA 77 -5.72 92.47 46.23
C THR MA 77 -7.19 92.26 45.91
N VAL MA 78 -7.87 93.32 45.47
CA VAL MA 78 -9.28 93.23 45.14
C VAL MA 78 -9.48 92.41 43.87
N ARG MA 79 -8.72 92.73 42.82
CA ARG MA 79 -8.91 92.11 41.52
C ARG MA 79 -7.58 92.04 40.78
N THR MA 80 -7.43 90.98 40.00
CA THR MA 80 -6.28 90.81 39.13
C THR MA 80 -6.74 90.70 37.69
N LEU MA 81 -5.94 91.25 36.79
CA LEU MA 81 -6.18 91.15 35.36
C LEU MA 81 -5.09 90.30 34.73
N THR MA 82 -5.49 89.29 33.95
CA THR MA 82 -4.56 88.29 33.45
C THR MA 82 -4.54 88.31 31.93
N GLU MA 83 -3.39 87.93 31.36
CA GLU MA 83 -3.28 87.79 29.92
C GLU MA 83 -2.35 86.62 29.58
N THR MA 84 -2.84 85.68 28.77
CA THR MA 84 -2.11 84.49 28.41
C THR MA 84 -1.91 84.42 26.90
N THR MA 85 -0.65 84.30 26.47
CA THR MA 85 -0.30 84.12 25.06
C THR MA 85 0.30 82.72 24.89
N GLU MA 86 -0.31 81.90 24.03
CA GLU MA 86 0.22 80.59 23.71
C GLU MA 86 0.50 80.49 22.22
N VAL MA 87 1.77 80.34 21.86
CA VAL MA 87 2.18 80.10 20.49
C VAL MA 87 2.54 78.64 20.36
N LEU MA 88 2.13 78.02 19.26
CA LEU MA 88 2.17 76.57 19.14
C LEU MA 88 2.64 76.24 17.73
N PHE MA 89 3.75 75.50 17.64
CA PHE MA 89 4.31 75.15 16.34
C PHE MA 89 4.95 73.77 16.37
N THR MA 90 5.13 73.19 15.20
CA THR MA 90 5.55 71.79 15.05
C THR MA 90 7.05 71.67 14.88
N GLN MA 91 7.57 70.48 15.18
CA GLN MA 91 9.01 70.23 15.20
C GLN MA 91 9.64 70.41 13.83
N ASP MA 92 8.88 70.10 12.76
CA ASP MA 92 9.37 70.26 11.40
C ASP MA 92 9.14 71.66 10.84
N SER MA 93 8.85 72.64 11.69
CA SER MA 93 8.55 73.97 11.20
C SER MA 93 9.82 74.68 10.74
N LEU MA 94 9.67 75.58 9.78
CA LEU MA 94 10.78 76.34 9.24
C LEU MA 94 10.94 77.66 9.99
N GLY MA 95 12.19 78.13 10.07
CA GLY MA 95 12.50 79.35 10.80
C GLY MA 95 11.73 80.54 10.29
N THR MA 96 11.63 80.68 8.96
CA THR MA 96 10.87 81.76 8.37
C THR MA 96 9.41 81.71 8.82
N GLU MA 97 8.84 80.50 8.88
CA GLU MA 97 7.45 80.34 9.28
C GLU MA 97 7.22 80.83 10.71
N ARG MA 98 8.02 80.34 11.66
CA ARG MA 98 7.73 80.78 13.02
C ARG MA 98 8.11 82.25 13.22
N GLN MA 99 9.02 82.80 12.41
CA GLN MA 99 9.27 84.24 12.46
C GLN MA 99 8.04 85.02 11.98
N ARG MA 100 7.40 84.55 10.91
CA ARG MA 100 6.14 85.15 10.46
C ARG MA 100 5.11 85.14 11.58
N VAL MA 101 4.99 84.02 12.28
CA VAL MA 101 4.00 83.95 13.36
C VAL MA 101 4.35 84.93 14.47
N ALA MA 102 5.63 85.06 14.81
CA ALA MA 102 6.03 86.02 15.83
C ALA MA 102 5.59 87.43 15.46
N ASN MA 103 5.88 87.83 14.22
CA ASN MA 103 5.55 89.20 13.81
C ASN MA 103 4.05 89.42 13.69
N LEU MA 104 3.31 88.38 13.28
CA LEU MA 104 1.86 88.48 13.24
C LEU MA 104 1.31 88.68 14.65
N THR MA 105 1.83 87.92 15.62
CA THR MA 105 1.43 88.11 17.01
C THR MA 105 1.65 89.55 17.45
N LYS MA 106 2.83 90.10 17.12
CA LYS MA 106 3.13 91.49 17.46
C LYS MA 106 2.10 92.45 16.85
N SER MA 107 1.90 92.36 15.54
CA SER MA 107 0.99 93.28 14.86
C SER MA 107 -0.43 93.13 15.38
N LEU MA 108 -0.85 91.90 15.64
CA LEU MA 108 -2.17 91.63 16.20
C LEU MA 108 -2.34 92.33 17.53
N ALA MA 109 -1.43 92.09 18.47
CA ALA MA 109 -1.55 92.68 19.80
C ALA MA 109 -1.38 94.19 19.78
N GLY MA 110 -0.82 94.75 18.72
CA GLY MA 110 -0.75 96.20 18.61
C GLY MA 110 -1.89 96.81 17.82
N HIS MA 111 -2.74 95.98 17.20
CA HIS MA 111 -3.79 96.51 16.33
C HIS MA 111 -4.88 97.21 17.12
N ALA MA 112 -5.26 98.39 16.64
CA ALA MA 112 -6.12 99.28 17.41
C ALA MA 112 -7.48 98.65 17.71
N THR MA 113 -8.04 97.88 16.77
CA THR MA 113 -9.35 97.29 17.02
C THR MA 113 -9.28 96.23 18.11
N LEU MA 114 -8.23 95.40 18.09
CA LEU MA 114 -8.06 94.41 19.13
C LEU MA 114 -7.84 95.05 20.49
N MET MA 115 -7.00 96.09 20.54
CA MET MA 115 -6.81 96.79 21.80
C MET MA 115 -8.12 97.38 22.30
N SER MA 116 -8.93 97.91 21.38
CA SER MA 116 -10.21 98.51 21.76
C SER MA 116 -11.18 97.46 22.28
N VAL MA 117 -11.08 96.21 21.80
CA VAL MA 117 -11.92 95.15 22.34
C VAL MA 117 -11.75 95.01 23.85
N VAL MA 118 -10.53 95.19 24.34
CA VAL MA 118 -10.31 95.04 25.78
C VAL MA 118 -10.51 96.36 26.50
N GLN MA 119 -10.03 97.47 25.91
CA GLN MA 119 -10.17 98.77 26.54
C GLN MA 119 -11.63 99.13 26.77
N ASP MA 120 -12.49 98.80 25.81
CA ASP MA 120 -13.90 99.18 25.83
C ASP MA 120 -14.84 98.04 26.23
N ALA MA 121 -14.31 96.83 26.44
CA ALA MA 121 -15.11 95.68 26.87
C ALA MA 121 -16.29 95.44 25.93
N SER MA 122 -16.00 95.43 24.63
CA SER MA 122 -17.02 95.32 23.59
C SER MA 122 -16.58 94.31 22.56
N PRO MA 123 -17.25 93.16 22.43
CA PRO MA 123 -16.83 92.19 21.41
C PRO MA 123 -16.92 92.84 20.03
N ILE MA 124 -16.35 92.17 19.04
CA ILE MA 124 -16.60 92.57 17.67
C ILE MA 124 -17.98 92.05 17.26
N TYR MA 125 -18.75 92.87 16.53
CA TYR MA 125 -20.18 92.61 16.36
C TYR MA 125 -20.67 93.04 14.98
N GLY MA 126 -21.81 92.45 14.61
CA GLY MA 126 -22.46 92.66 13.34
C GLY MA 126 -23.58 91.64 13.19
N PRO NA 1 -84.90 66.74 -24.75
CA PRO NA 1 -85.57 66.78 -26.07
C PRO NA 1 -86.48 65.58 -26.27
N LYS NA 2 -87.37 65.63 -27.26
CA LYS NA 2 -88.32 64.54 -27.46
C LYS NA 2 -87.59 63.28 -27.92
N ILE NA 3 -88.23 62.14 -27.68
CA ILE NA 3 -87.64 60.85 -28.02
C ILE NA 3 -88.04 60.47 -29.44
N ALA NA 4 -87.05 60.10 -30.25
CA ALA NA 4 -87.26 59.90 -31.68
C ALA NA 4 -86.05 59.17 -32.24
N ASN NA 5 -86.12 58.82 -33.52
CA ASN NA 5 -85.01 58.16 -34.17
C ASN NA 5 -83.77 59.05 -34.14
N ILE NA 6 -82.63 58.44 -33.83
CA ILE NA 6 -81.34 59.12 -33.92
C ILE NA 6 -80.63 58.56 -35.13
N VAL NA 7 -80.40 59.40 -36.14
CA VAL NA 7 -79.75 58.95 -37.36
C VAL NA 7 -78.32 59.47 -37.36
N ILE NA 8 -77.36 58.55 -37.28
CA ILE NA 8 -75.94 58.87 -37.30
C ILE NA 8 -75.32 58.24 -38.54
N ASN NA 9 -74.08 58.61 -38.82
CA ASN NA 9 -73.38 58.16 -40.02
C ASN NA 9 -72.04 57.53 -39.66
N ASP NA 10 -71.68 56.45 -40.35
CA ASP NA 10 -70.40 55.76 -40.11
C ASP NA 10 -69.35 56.06 -41.18
N GLY NA 11 -69.48 57.20 -41.87
CA GLY NA 11 -68.58 57.61 -42.93
C GLY NA 11 -68.96 57.08 -44.30
N THR NA 12 -69.76 56.02 -44.35
CA THR NA 12 -70.20 55.40 -45.58
C THR NA 12 -71.72 55.38 -45.70
N LYS NA 13 -72.41 54.97 -44.64
CA LYS NA 13 -73.84 54.72 -44.62
C LYS NA 13 -74.42 55.35 -43.36
N ASP NA 14 -75.69 55.75 -43.42
CA ASP NA 14 -76.38 56.29 -42.25
C ASP NA 14 -77.14 55.18 -41.53
N ILE NA 15 -76.79 54.98 -40.27
CA ILE NA 15 -77.45 54.02 -39.41
C ILE NA 15 -78.53 54.73 -38.62
N THR NA 16 -79.74 54.18 -38.65
CA THR NA 16 -80.89 54.72 -37.94
C THR NA 16 -81.11 53.92 -36.66
N LEU NA 17 -80.94 54.58 -35.51
CA LEU NA 17 -81.16 53.97 -34.21
C LEU NA 17 -82.56 54.36 -33.73
N GLN NA 18 -83.42 53.37 -33.58
CA GLN NA 18 -84.81 53.58 -33.17
C GLN NA 18 -84.93 53.53 -31.65
N PRO NA 19 -85.80 54.38 -31.11
CA PRO NA 19 -86.05 54.38 -29.67
C PRO NA 19 -86.73 53.10 -29.25
N VAL NA 20 -86.13 52.44 -28.25
CA VAL NA 20 -86.52 51.09 -27.89
C VAL NA 20 -86.93 51.00 -26.42
N ASN NA 21 -86.26 51.70 -25.53
CA ASN NA 21 -86.65 51.58 -24.13
C ASN NA 21 -86.29 52.86 -23.40
N ILE NA 22 -87.05 53.19 -22.37
CA ILE NA 22 -86.62 54.19 -21.41
C ILE NA 22 -86.49 53.48 -20.06
N ASP NA 23 -85.26 53.40 -19.60
CA ASP NA 23 -84.90 52.65 -18.41
C ASP NA 23 -85.63 53.20 -17.19
N ARG NA 24 -85.60 52.40 -16.12
CA ARG NA 24 -86.03 52.91 -14.82
C ARG NA 24 -85.02 53.88 -14.22
N GLU NA 25 -83.78 53.83 -14.69
CA GLU NA 25 -82.77 54.81 -14.30
C GLU NA 25 -82.82 56.07 -15.16
N GLY NA 26 -83.74 56.14 -16.12
CA GLY NA 26 -83.84 57.27 -17.02
C GLY NA 26 -83.08 57.10 -18.31
N VAL NA 27 -82.53 55.92 -18.56
CA VAL NA 27 -81.69 55.68 -19.74
C VAL NA 27 -82.56 55.45 -20.97
N ALA NA 28 -82.29 56.21 -22.02
CA ALA NA 28 -82.95 56.01 -23.31
C ALA NA 28 -82.10 55.02 -24.10
N HIS NA 29 -82.63 53.81 -24.27
CA HIS NA 29 -82.04 52.77 -25.10
C HIS NA 29 -82.57 52.88 -26.52
N PHE NA 30 -81.66 52.86 -27.49
CA PHE NA 30 -81.95 52.82 -28.91
C PHE NA 30 -81.28 51.59 -29.49
N ARG NA 31 -81.87 51.07 -30.57
CA ARG NA 31 -81.39 49.86 -31.23
C ARG NA 31 -81.36 50.11 -32.73
N GLU NA 32 -80.40 49.47 -33.41
CA GLU NA 32 -80.27 49.68 -34.84
C GLU NA 32 -81.48 49.13 -35.58
N LYS NA 33 -81.95 49.90 -36.55
CA LYS NA 33 -83.13 49.55 -37.33
C LYS NA 33 -82.79 48.54 -38.41
N ASP NA 34 -83.71 47.58 -38.63
CA ASP NA 34 -83.60 46.61 -39.74
C ASP NA 34 -82.39 45.69 -39.56
N VAL NA 35 -82.10 45.30 -38.33
CA VAL NA 35 -80.96 44.44 -38.03
C VAL NA 35 -81.35 43.54 -36.86
N SER NA 36 -80.88 42.29 -36.91
CA SER NA 36 -81.15 41.34 -35.83
C SER NA 36 -80.75 41.93 -34.50
N ILE NA 37 -81.51 41.58 -33.46
CA ILE NA 37 -81.25 42.09 -32.11
C ILE NA 37 -79.81 41.87 -31.71
N LEU NA 38 -79.26 40.69 -32.03
CA LEU NA 38 -77.89 40.37 -31.61
C LEU NA 38 -76.87 41.28 -32.27
N GLU NA 39 -77.03 41.55 -33.57
CA GLU NA 39 -76.03 42.28 -34.33
C GLU NA 39 -76.33 43.77 -34.44
N ALA NA 40 -77.39 44.25 -33.81
CA ALA NA 40 -77.74 45.65 -33.95
C ALA NA 40 -76.83 46.51 -33.08
N ILE NA 41 -76.50 47.68 -33.62
CA ILE NA 41 -75.78 48.71 -32.90
C ILE NA 41 -76.74 49.34 -31.90
N ARG NA 42 -76.33 49.49 -30.65
CA ARG NA 42 -77.23 50.07 -29.66
C ARG NA 42 -76.62 51.28 -28.95
N LEU NA 43 -77.49 52.21 -28.56
CA LEU NA 43 -77.07 53.49 -27.99
C LEU NA 43 -77.88 53.80 -26.74
N THR NA 44 -77.21 54.14 -25.63
CA THR NA 44 -77.89 54.50 -24.40
C THR NA 44 -77.51 55.91 -23.98
N VAL NA 45 -78.52 56.70 -23.60
CA VAL NA 45 -78.35 58.13 -23.31
C VAL NA 45 -79.13 58.49 -22.04
N GLN NA 46 -78.43 58.92 -20.99
CA GLN NA 46 -79.09 59.27 -19.73
C GLN NA 46 -78.51 60.56 -19.16
N LEU NA 47 -79.35 61.29 -18.42
CA LEU NA 47 -78.96 62.54 -17.76
C LEU NA 47 -79.25 62.42 -16.27
N ARG NA 48 -78.26 61.95 -15.52
CA ARG NA 48 -78.33 61.80 -14.08
C ARG NA 48 -78.32 63.20 -13.46
N GLN NA 49 -79.45 63.57 -12.86
CA GLN NA 49 -79.59 64.84 -12.17
C GLN NA 49 -78.90 64.76 -10.82
N PRO NA 50 -78.55 65.90 -10.23
CA PRO NA 50 -77.76 65.87 -8.99
C PRO NA 50 -78.58 65.42 -7.79
N SER NA 51 -77.85 64.97 -6.76
CA SER NA 51 -78.43 64.58 -5.49
C SER NA 51 -78.98 65.78 -4.74
N VAL NA 52 -79.70 65.52 -3.64
CA VAL NA 52 -80.18 66.61 -2.81
C VAL NA 52 -79.00 67.39 -2.22
N ASN NA 53 -77.93 66.68 -1.86
CA ASN NA 53 -76.75 67.34 -1.30
C ASN NA 53 -75.88 67.98 -2.39
N GLY NA 54 -75.74 67.30 -3.54
CA GLY NA 54 -74.85 67.77 -4.58
C GLY NA 54 -75.52 68.71 -5.58
N ASN NA 55 -74.71 69.15 -6.55
CA ASN NA 55 -75.21 69.99 -7.65
C ASN NA 55 -74.55 69.61 -8.98
N VAL NA 56 -74.29 68.32 -9.20
CA VAL NA 56 -73.53 67.88 -10.36
C VAL NA 56 -74.37 66.98 -11.24
N TYR NA 57 -74.59 67.41 -12.48
CA TYR NA 57 -75.25 66.63 -13.52
C TYR NA 57 -74.19 65.81 -14.26
N ARG NA 58 -74.56 64.56 -14.56
CA ARG NA 58 -73.78 63.65 -15.41
C ARG NA 58 -74.63 63.26 -16.63
N CYS NA 59 -74.12 63.52 -17.81
CA CYS NA 59 -74.78 63.12 -19.05
C CYS NA 59 -73.92 62.04 -19.70
N LYS NA 60 -74.43 60.81 -19.70
CA LYS NA 60 -73.70 59.64 -20.19
C LYS NA 60 -74.34 59.09 -21.45
N ALA NA 61 -73.49 58.80 -22.45
CA ALA NA 61 -73.94 58.24 -23.72
C ALA NA 61 -72.98 57.12 -24.13
N LYS NA 62 -73.49 55.89 -24.20
CA LYS NA 62 -72.71 54.72 -24.57
C LYS NA 62 -73.21 54.18 -25.91
N LEU NA 63 -72.32 54.14 -26.88
CA LEU NA 63 -72.55 53.49 -28.17
C LEU NA 63 -71.84 52.15 -28.16
N VAL NA 64 -72.53 51.10 -28.60
CA VAL NA 64 -71.95 49.77 -28.71
C VAL NA 64 -72.14 49.28 -30.13
N VAL NA 65 -71.04 48.95 -30.79
CA VAL NA 65 -71.02 48.37 -32.13
C VAL NA 65 -70.54 46.94 -32.02
N PRO NA 66 -71.37 45.95 -32.30
CA PRO NA 66 -70.91 44.56 -32.34
C PRO NA 66 -70.41 44.17 -33.73
N VAL NA 67 -69.52 43.17 -33.73
CA VAL NA 67 -68.99 42.56 -34.95
C VAL NA 67 -69.49 41.12 -34.95
N VAL NA 68 -70.48 40.83 -35.78
CA VAL NA 68 -71.09 39.50 -35.82
C VAL NA 68 -70.63 38.81 -37.08
N GLU NA 69 -70.04 37.63 -36.91
CA GLU NA 69 -69.67 36.75 -38.01
C GLU NA 69 -70.26 35.37 -37.76
N VAL NA 70 -70.50 34.64 -38.85
CA VAL NA 70 -71.13 33.33 -38.76
C VAL NA 70 -70.08 32.29 -38.40
N VAL NA 71 -70.31 31.56 -37.30
CA VAL NA 71 -69.48 30.46 -36.86
C VAL NA 71 -70.27 29.17 -37.11
N GLY NA 72 -69.83 28.38 -38.09
CA GLY NA 72 -70.65 27.27 -38.53
C GLY NA 72 -71.93 27.78 -39.16
N ASN NA 73 -73.07 27.41 -38.58
CA ASN NA 73 -74.36 27.93 -38.98
C ASN NA 73 -74.93 28.90 -37.94
N VAL NA 74 -74.17 29.25 -36.91
CA VAL NA 74 -74.64 30.06 -35.80
C VAL NA 74 -74.00 31.44 -35.91
N ARG NA 75 -74.84 32.48 -36.04
CA ARG NA 75 -74.31 33.84 -36.04
C ARG NA 75 -73.85 34.19 -34.63
N THR NA 76 -72.60 34.66 -34.50
CA THR NA 76 -72.08 35.00 -33.19
C THR NA 76 -71.29 36.29 -33.26
N THR NA 77 -71.36 37.07 -32.18
CA THR NA 77 -70.61 38.30 -32.05
C THR NA 77 -69.17 37.96 -31.68
N VAL NA 78 -68.23 38.21 -32.61
CA VAL NA 78 -66.82 37.91 -32.36
C VAL NA 78 -66.25 38.88 -31.33
N ARG NA 79 -66.54 40.16 -31.49
CA ARG NA 79 -65.99 41.21 -30.63
C ARG NA 79 -66.91 42.41 -30.70
N THR NA 80 -66.68 43.37 -29.82
CA THR NA 80 -67.46 44.59 -29.80
C THR NA 80 -66.53 45.78 -29.61
N LEU NA 81 -66.93 46.92 -30.17
CA LEU NA 81 -66.27 48.19 -29.95
C LEU NA 81 -67.24 49.10 -29.19
N THR NA 82 -66.72 49.86 -28.23
CA THR NA 82 -67.58 50.66 -27.36
C THR NA 82 -67.06 52.09 -27.26
N GLU NA 83 -67.98 53.05 -27.23
CA GLU NA 83 -67.62 54.44 -27.03
C GLU NA 83 -68.53 55.04 -25.96
N THR NA 84 -67.94 55.77 -25.02
CA THR NA 84 -68.66 56.34 -23.89
C THR NA 84 -68.29 57.81 -23.73
N THR NA 85 -69.26 58.68 -23.92
CA THR NA 85 -69.11 60.12 -23.68
C THR NA 85 -69.79 60.47 -22.36
N GLU NA 86 -69.11 61.25 -21.52
CA GLU NA 86 -69.66 61.63 -20.22
C GLU NA 86 -69.36 63.12 -19.97
N VAL NA 87 -70.42 63.92 -19.91
CA VAL NA 87 -70.31 65.36 -19.71
C VAL NA 87 -70.81 65.71 -18.31
N LEU NA 88 -69.99 66.44 -17.56
CA LEU NA 88 -70.32 66.84 -16.20
C LEU NA 88 -70.46 68.35 -16.13
N PHE NA 89 -71.57 68.82 -15.56
CA PHE NA 89 -71.72 70.25 -15.34
C PHE NA 89 -72.54 70.51 -14.08
N THR NA 90 -72.33 71.68 -13.50
CA THR NA 90 -72.94 72.07 -12.24
C THR NA 90 -74.24 72.83 -12.47
N GLN NA 91 -75.06 72.91 -11.42
CA GLN NA 91 -76.38 73.52 -11.53
C GLN NA 91 -76.30 75.03 -11.71
N ASP NA 92 -75.22 75.65 -11.26
CA ASP NA 92 -75.06 77.08 -11.46
C ASP NA 92 -74.50 77.41 -12.83
N SER NA 93 -74.29 76.39 -13.68
CA SER NA 93 -73.71 76.61 -14.99
C SER NA 93 -74.68 77.35 -15.91
N LEU NA 94 -74.12 78.18 -16.78
CA LEU NA 94 -74.91 78.95 -17.73
C LEU NA 94 -75.19 78.13 -18.99
N GLY NA 95 -76.33 78.42 -19.61
CA GLY NA 95 -76.63 77.76 -20.88
C GLY NA 95 -75.57 78.01 -21.92
N THR NA 96 -75.07 79.24 -21.98
CA THR NA 96 -74.04 79.56 -22.96
C THR NA 96 -72.78 78.75 -22.70
N GLU NA 97 -72.44 78.53 -21.42
CA GLU NA 97 -71.27 77.72 -21.09
C GLU NA 97 -71.48 76.27 -21.52
N ARG NA 98 -72.65 75.69 -21.16
CA ARG NA 98 -72.93 74.31 -21.57
C ARG NA 98 -72.87 74.17 -23.09
N GLN NA 99 -73.37 75.17 -23.81
CA GLN NA 99 -73.38 75.12 -25.26
C GLN NA 99 -71.97 75.19 -25.82
N ARG NA 100 -71.15 76.08 -25.27
CA ARG NA 100 -69.74 76.13 -25.63
C ARG NA 100 -69.10 74.76 -25.45
N VAL NA 101 -69.40 74.08 -24.35
CA VAL NA 101 -68.78 72.77 -24.11
C VAL NA 101 -69.28 71.74 -25.11
N ALA NA 102 -70.57 71.78 -25.44
CA ALA NA 102 -71.11 70.83 -26.41
C ALA NA 102 -70.44 71.01 -27.78
N ASN NA 103 -70.28 72.26 -28.20
CA ASN NA 103 -69.62 72.52 -29.49
C ASN NA 103 -68.17 72.07 -29.46
N LEU NA 104 -67.47 72.30 -28.34
CA LEU NA 104 -66.10 71.82 -28.23
C LEU NA 104 -66.05 70.31 -28.33
N THR NA 105 -67.01 69.62 -27.70
CA THR NA 105 -67.05 68.16 -27.80
C THR NA 105 -67.22 67.72 -29.25
N LYS NA 106 -68.12 68.38 -29.98
CA LYS NA 106 -68.31 68.08 -31.40
C LYS NA 106 -67.02 68.28 -32.17
N SER NA 107 -66.41 69.47 -32.04
CA SER NA 107 -65.18 69.77 -32.77
C SER NA 107 -64.10 68.76 -32.43
N LEU NA 108 -64.04 68.36 -31.16
CA LEU NA 108 -63.02 67.42 -30.72
C LEU NA 108 -63.21 66.06 -31.36
N ALA NA 109 -64.43 65.51 -31.28
CA ALA NA 109 -64.70 64.21 -31.88
C ALA NA 109 -64.56 64.22 -33.39
N GLY NA 110 -64.65 65.38 -34.03
CA GLY NA 110 -64.39 65.43 -35.45
C GLY NA 110 -62.94 65.69 -35.84
N HIS NA 111 -62.06 65.90 -34.86
CA HIS NA 111 -60.71 66.36 -35.18
C HIS NA 111 -59.83 65.23 -35.71
N ALA NA 112 -59.06 65.57 -36.74
CA ALA NA 112 -58.31 64.57 -37.49
C ALA NA 112 -57.38 63.74 -36.60
N THR NA 113 -56.68 64.38 -35.67
CA THR NA 113 -55.66 63.65 -34.92
C THR NA 113 -56.30 62.67 -33.94
N LEU NA 114 -57.44 63.03 -33.35
CA LEU NA 114 -58.10 62.09 -32.44
C LEU NA 114 -58.73 60.94 -33.21
N MET NA 115 -59.38 61.25 -34.33
CA MET NA 115 -59.89 60.18 -35.18
C MET NA 115 -58.75 59.25 -35.60
N SER NA 116 -57.57 59.81 -35.87
CA SER NA 116 -56.42 58.99 -36.23
C SER NA 116 -55.96 58.14 -35.07
N VAL NA 117 -56.01 58.68 -33.84
CA VAL NA 117 -55.65 57.87 -32.67
C VAL NA 117 -56.50 56.60 -32.64
N VAL NA 118 -57.80 56.74 -32.90
CA VAL NA 118 -58.64 55.55 -32.78
C VAL NA 118 -58.50 54.65 -34.02
N GLN NA 119 -58.45 55.24 -35.22
CA GLN NA 119 -58.35 54.46 -36.45
C GLN NA 119 -57.05 53.68 -36.52
N ASP NA 120 -55.91 54.39 -36.45
CA ASP NA 120 -54.60 53.80 -36.55
C ASP NA 120 -54.15 53.10 -35.25
N ALA NA 121 -54.91 53.26 -34.17
CA ALA NA 121 -54.58 52.67 -32.86
C ALA NA 121 -53.18 53.06 -32.38
N SER NA 122 -52.71 54.24 -32.77
CA SER NA 122 -51.43 54.76 -32.28
C SER NA 122 -51.69 56.03 -31.49
N PRO NA 123 -51.15 56.15 -30.28
CA PRO NA 123 -51.38 57.35 -29.47
C PRO NA 123 -50.50 58.50 -29.94
N ILE NA 124 -50.67 59.63 -29.26
CA ILE NA 124 -49.90 60.84 -29.56
C ILE NA 124 -48.54 60.71 -28.86
N TYR NA 125 -47.46 60.71 -29.64
CA TYR NA 125 -46.11 60.65 -29.13
C TYR NA 125 -45.17 61.29 -30.15
N GLY NA 126 -44.18 62.03 -29.66
CA GLY NA 126 -43.17 62.65 -30.51
C GLY NA 126 -43.68 63.57 -31.62
N PRO OA 1 -50.41 59.70 -33.22
CA PRO OA 1 -49.62 60.48 -34.16
C PRO OA 1 -48.61 61.40 -33.48
N LYS OA 2 -48.15 62.40 -34.23
CA LYS OA 2 -47.13 63.31 -33.74
C LYS OA 2 -47.79 64.45 -32.98
N ILE OA 3 -47.20 64.80 -31.83
CA ILE OA 3 -47.77 65.80 -30.96
C ILE OA 3 -47.73 67.16 -31.65
N ALA OA 4 -48.85 67.88 -31.61
CA ALA OA 4 -48.95 69.16 -32.30
C ALA OA 4 -50.15 69.92 -31.75
N ASN OA 5 -50.30 71.15 -32.21
CA ASN OA 5 -51.41 71.99 -31.80
C ASN OA 5 -52.74 71.35 -32.20
N ILE OA 6 -53.73 71.49 -31.33
CA ILE OA 6 -55.08 71.02 -31.61
C ILE OA 6 -56.01 72.21 -31.60
N VAL OA 7 -56.60 72.53 -32.74
CA VAL OA 7 -57.50 73.67 -32.83
C VAL OA 7 -58.92 73.12 -32.92
N ILE OA 8 -59.78 73.57 -32.00
CA ILE OA 8 -61.18 73.15 -31.99
C ILE OA 8 -62.07 74.38 -31.84
N ASN OA 9 -63.29 74.27 -32.34
CA ASN OA 9 -64.23 75.38 -32.35
C ASN OA 9 -65.25 75.22 -31.23
N ASP OA 10 -65.62 76.33 -30.61
CA ASP OA 10 -66.61 76.34 -29.54
C ASP OA 10 -67.95 76.90 -29.99
N GLY OA 11 -68.18 76.99 -31.29
CA GLY OA 11 -69.40 77.57 -31.82
C GLY OA 11 -69.32 79.04 -32.12
N THR OA 12 -68.33 79.74 -31.57
CA THR OA 12 -68.20 81.18 -31.79
C THR OA 12 -66.82 81.52 -32.33
N LYS OA 13 -65.80 80.78 -31.93
CA LYS OA 13 -64.43 81.09 -32.31
C LYS OA 13 -63.57 79.82 -32.23
N ASP OA 14 -62.39 79.91 -32.84
CA ASP OA 14 -61.43 78.81 -32.83
C ASP OA 14 -60.50 78.95 -31.63
N ILE OA 15 -60.28 77.85 -30.93
CA ILE OA 15 -59.50 77.80 -29.72
C ILE OA 15 -58.32 76.88 -29.96
N THR OA 16 -57.12 77.40 -29.73
CA THR OA 16 -55.88 76.66 -29.98
C THR OA 16 -55.37 76.07 -28.67
N LEU OA 17 -55.17 74.76 -28.65
CA LEU OA 17 -54.63 74.05 -27.50
C LEU OA 17 -53.21 73.61 -27.85
N GLN OA 18 -52.23 74.20 -27.20
CA GLN OA 18 -50.82 73.92 -27.39
C GLN OA 18 -50.39 72.75 -26.53
N PRO OA 19 -49.55 71.87 -27.08
CA PRO OA 19 -49.07 70.73 -26.29
C PRO OA 19 -48.15 71.20 -25.18
N VAL OA 20 -48.20 70.47 -24.07
CA VAL OA 20 -47.40 70.77 -22.89
C VAL OA 20 -46.34 69.70 -22.67
N ASN OA 21 -46.77 68.44 -22.55
CA ASN OA 21 -45.86 67.32 -22.33
C ASN OA 21 -46.65 66.03 -22.49
N ILE OA 22 -45.97 64.90 -22.23
CA ILE OA 22 -46.59 63.58 -22.17
C ILE OA 22 -46.01 62.85 -20.97
N ASP OA 23 -46.87 62.51 -20.00
CA ASP OA 23 -46.42 62.04 -18.70
C ASP OA 23 -46.05 60.56 -18.76
N ARG OA 24 -45.69 59.99 -17.62
CA ARG OA 24 -45.22 58.61 -17.60
C ARG OA 24 -46.30 57.65 -18.06
N GLU OA 25 -47.58 57.95 -17.75
CA GLU OA 25 -48.68 57.06 -18.12
C GLU OA 25 -48.91 57.05 -19.62
N GLY OA 26 -48.48 58.09 -20.33
CA GLY OA 26 -48.74 58.21 -21.76
C GLY OA 26 -49.74 59.29 -22.11
N VAL OA 27 -50.27 59.99 -21.11
CA VAL OA 27 -51.25 61.05 -21.35
C VAL OA 27 -50.55 62.27 -21.95
N ALA OA 28 -51.05 62.73 -23.09
CA ALA OA 28 -50.57 63.95 -23.71
C ALA OA 28 -51.43 65.10 -23.21
N HIS OA 29 -50.78 66.12 -22.64
CA HIS OA 29 -51.48 67.26 -22.05
C HIS OA 29 -51.41 68.48 -22.97
N PHE OA 30 -52.54 69.18 -23.10
CA PHE OA 30 -52.66 70.39 -23.90
C PHE OA 30 -53.32 71.48 -23.07
N ARG OA 31 -52.91 72.72 -23.33
CA ARG OA 31 -53.34 73.89 -22.58
C ARG OA 31 -53.68 75.02 -23.55
N GLU OA 32 -54.75 75.75 -23.25
CA GLU OA 32 -55.20 76.81 -24.14
C GLU OA 32 -54.14 77.89 -24.29
N LYS OA 33 -53.96 78.36 -25.52
CA LYS OA 33 -52.94 79.34 -25.84
C LYS OA 33 -53.39 80.73 -25.43
N ASP OA 34 -52.45 81.52 -24.90
CA ASP OA 34 -52.63 82.96 -24.67
C ASP OA 34 -53.68 83.24 -23.59
N VAL OA 35 -53.87 82.32 -22.65
CA VAL OA 35 -54.82 82.48 -21.56
C VAL OA 35 -54.11 82.07 -20.27
N SER OA 36 -54.56 82.69 -19.17
CA SER OA 36 -53.98 82.38 -17.86
C SER OA 36 -54.06 80.89 -17.56
N ILE OA 37 -53.06 80.40 -16.81
CA ILE OA 37 -53.06 79.02 -16.34
C ILE OA 37 -54.39 78.65 -15.70
N LEU OA 38 -54.92 79.53 -14.85
CA LEU OA 38 -56.09 79.18 -14.07
C LEU OA 38 -57.33 79.01 -14.94
N GLU OA 39 -57.49 79.86 -15.96
CA GLU OA 39 -58.71 79.90 -16.76
C GLU OA 39 -58.56 79.21 -18.10
N ALA OA 40 -57.43 78.57 -18.36
CA ALA OA 40 -57.19 77.99 -19.68
C ALA OA 40 -57.89 76.65 -19.80
N ILE OA 41 -58.45 76.41 -20.99
CA ILE OA 41 -59.06 75.13 -21.31
C ILE OA 41 -57.97 74.08 -21.43
N ARG OA 42 -58.24 72.87 -20.92
CA ARG OA 42 -57.23 71.82 -20.94
C ARG OA 42 -57.76 70.56 -21.59
N LEU OA 43 -56.86 69.83 -22.26
CA LEU OA 43 -57.21 68.61 -22.97
C LEU OA 43 -56.18 67.53 -22.69
N THR OA 44 -56.62 66.32 -22.35
CA THR OA 44 -55.71 65.21 -22.16
C THR OA 44 -56.12 64.05 -23.05
N VAL OA 45 -55.13 63.41 -23.69
CA VAL OA 45 -55.37 62.33 -24.66
C VAL OA 45 -54.40 61.18 -24.40
N GLN OA 46 -54.92 59.97 -24.19
CA GLN OA 46 -54.07 58.81 -24.02
C GLN OA 46 -54.69 57.59 -24.71
N LEU OA 47 -53.83 56.64 -25.07
CA LEU OA 47 -54.24 55.36 -25.66
C LEU OA 47 -53.57 54.24 -24.87
N ARG OA 48 -54.26 53.79 -23.82
CA ARG OA 48 -53.74 52.76 -22.92
C ARG OA 48 -53.73 51.41 -23.62
N GLN OA 49 -52.53 50.83 -23.71
CA GLN OA 49 -52.33 49.51 -24.26
C GLN OA 49 -53.00 48.45 -23.38
N PRO OA 50 -53.29 47.29 -23.95
CA PRO OA 50 -53.77 46.18 -23.13
C PRO OA 50 -52.64 45.59 -22.29
N SER OA 51 -53.00 45.00 -21.16
CA SER OA 51 -52.04 44.32 -20.32
C SER OA 51 -51.52 43.06 -21.01
N VAL OA 52 -50.60 42.37 -20.35
CA VAL OA 52 -50.18 41.08 -20.88
C VAL OA 52 -51.34 40.08 -20.82
N ASN OA 53 -52.20 40.20 -19.81
CA ASN OA 53 -53.35 39.31 -19.70
C ASN OA 53 -54.47 39.71 -20.65
N GLY OA 54 -54.88 40.98 -20.62
CA GLY OA 54 -56.02 41.43 -21.40
C GLY OA 54 -55.68 41.67 -22.86
N ASN OA 55 -56.70 42.12 -23.60
CA ASN OA 55 -56.53 42.51 -25.00
C ASN OA 55 -57.38 43.73 -25.33
N VAL OA 56 -57.58 44.64 -24.37
CA VAL OA 56 -58.50 45.75 -24.51
C VAL OA 56 -57.72 47.06 -24.53
N TYR OA 57 -57.85 47.80 -25.63
CA TYR OA 57 -57.29 49.13 -25.79
C TYR OA 57 -58.31 50.16 -25.28
N ARG OA 58 -57.82 51.14 -24.52
CA ARG OA 58 -58.65 52.23 -23.98
C ARG OA 58 -58.12 53.57 -24.48
N CYS OA 59 -58.91 54.26 -25.29
CA CYS OA 59 -58.54 55.58 -25.77
C CYS OA 59 -59.37 56.62 -25.01
N LYS OA 60 -58.71 57.39 -24.14
CA LYS OA 60 -59.37 58.33 -23.25
C LYS OA 60 -59.01 59.76 -23.62
N ALA OA 61 -60.01 60.64 -23.64
CA ALA OA 61 -59.82 62.05 -24.00
C ALA OA 61 -60.70 62.92 -23.11
N LYS OA 62 -60.07 63.74 -22.27
CA LYS OA 62 -60.77 64.58 -21.30
C LYS OA 62 -60.57 66.05 -21.62
N LEU OA 63 -61.68 66.78 -21.74
CA LEU OA 63 -61.69 68.21 -21.95
C LEU OA 63 -62.23 68.89 -20.69
N VAL OA 64 -61.56 69.96 -20.28
CA VAL OA 64 -61.91 70.67 -19.05
C VAL OA 64 -61.99 72.16 -19.35
N VAL OA 65 -63.15 72.75 -19.08
CA VAL OA 65 -63.41 74.17 -19.28
C VAL OA 65 -63.72 74.82 -17.94
N PRO OA 66 -62.81 75.62 -17.41
CA PRO OA 66 -63.07 76.32 -16.15
C PRO OA 66 -63.79 77.64 -16.36
N VAL OA 67 -64.48 78.06 -15.29
CA VAL OA 67 -65.08 79.37 -15.17
C VAL OA 67 -64.49 80.01 -13.93
N VAL OA 68 -63.83 81.15 -14.12
CA VAL OA 68 -63.02 81.82 -13.12
C VAL OA 68 -63.61 83.20 -12.81
N GLU OA 69 -63.59 83.56 -11.53
CA GLU OA 69 -63.97 84.89 -11.06
C GLU OA 69 -62.73 85.61 -10.57
N VAL OA 70 -62.52 86.82 -11.08
CA VAL OA 70 -61.38 87.66 -10.71
C VAL OA 70 -61.90 88.94 -10.08
N VAL OA 71 -61.49 89.18 -8.84
CA VAL OA 71 -61.78 90.41 -8.12
C VAL OA 71 -60.46 90.93 -7.59
N GLY OA 72 -59.99 92.03 -8.15
CA GLY OA 72 -58.68 92.52 -7.76
C GLY OA 72 -57.62 91.52 -8.12
N ASN OA 73 -56.82 91.13 -7.12
CA ASN OA 73 -55.80 90.12 -7.29
C ASN OA 73 -56.28 88.73 -6.88
N VAL OA 74 -57.52 88.61 -6.42
CA VAL OA 74 -58.09 87.32 -6.07
C VAL OA 74 -58.63 86.67 -7.33
N ARG OA 75 -58.07 85.52 -7.69
CA ARG OA 75 -58.50 84.76 -8.86
C ARG OA 75 -58.91 83.38 -8.36
N THR OA 76 -60.17 83.01 -8.60
CA THR OA 76 -60.67 81.76 -8.07
C THR OA 76 -61.49 81.03 -9.12
N THR OA 77 -61.39 79.70 -9.17
CA THR OA 77 -62.19 78.91 -10.10
C THR OA 77 -63.58 78.70 -9.52
N VAL OA 78 -64.59 79.30 -10.15
CA VAL OA 78 -65.94 79.18 -9.61
C VAL OA 78 -66.55 77.83 -9.97
N ARG OA 79 -66.37 77.40 -11.21
CA ARG OA 79 -66.95 76.10 -11.57
C ARG OA 79 -66.20 75.54 -12.76
N THR OA 80 -66.41 74.25 -13.04
CA THR OA 80 -65.85 73.64 -14.24
C THR OA 80 -66.90 72.82 -14.95
N LEU OA 81 -66.75 72.74 -16.26
CA LEU OA 81 -67.51 71.82 -17.11
C LEU OA 81 -66.50 70.87 -17.74
N THR OA 82 -66.73 69.57 -17.61
CA THR OA 82 -65.80 68.61 -18.18
C THR OA 82 -66.54 67.62 -19.07
N GLU OA 83 -65.80 67.07 -20.02
CA GLU OA 83 -66.33 66.05 -20.91
C GLU OA 83 -65.24 65.02 -21.15
N THR OA 84 -65.54 63.75 -20.96
CA THR OA 84 -64.54 62.71 -21.15
C THR OA 84 -65.10 61.62 -22.07
N THR OA 85 -64.28 61.22 -23.05
CA THR OA 85 -64.66 60.28 -24.09
C THR OA 85 -63.72 59.08 -24.03
N GLU OA 86 -64.27 57.88 -23.87
CA GLU OA 86 -63.50 56.64 -23.85
C GLU OA 86 -63.94 55.74 -24.99
N VAL OA 87 -62.99 55.31 -25.82
CA VAL OA 87 -63.24 54.34 -26.88
C VAL OA 87 -62.47 53.07 -26.55
N LEU OA 88 -63.18 51.95 -26.50
CA LEU OA 88 -62.60 50.65 -26.20
C LEU OA 88 -62.65 49.77 -27.45
N PHE OA 89 -61.51 49.19 -27.81
CA PHE OA 89 -61.51 48.21 -28.88
C PHE OA 89 -60.51 47.10 -28.60
N THR OA 90 -60.77 45.93 -29.18
CA THR OA 90 -60.02 44.72 -28.91
C THR OA 90 -58.77 44.64 -29.78
N GLN OA 91 -57.85 43.76 -29.37
CA GLN OA 91 -56.57 43.62 -30.05
C GLN OA 91 -56.72 43.10 -31.47
N ASP OA 92 -57.75 42.30 -31.73
CA ASP OA 92 -57.98 41.72 -33.05
C ASP OA 92 -58.95 42.54 -33.90
N SER OA 93 -59.25 43.77 -33.50
CA SER OA 93 -60.20 44.59 -34.24
C SER OA 93 -59.58 45.05 -35.57
N LEU OA 94 -60.45 45.29 -36.54
CA LEU OA 94 -60.01 45.73 -37.86
C LEU OA 94 -59.99 47.24 -37.92
N GLY OA 95 -58.99 47.78 -38.64
CA GLY OA 95 -58.94 49.22 -38.86
C GLY OA 95 -60.22 49.76 -39.45
N THR OA 96 -60.84 48.97 -40.34
CA THR OA 96 -62.16 49.30 -40.88
C THR OA 96 -63.18 49.48 -39.77
N GLU OA 97 -63.21 48.53 -38.84
CA GLU OA 97 -64.18 48.58 -37.75
C GLU OA 97 -63.98 49.82 -36.88
N ARG OA 98 -62.73 50.06 -36.43
CA ARG OA 98 -62.59 51.21 -35.55
C ARG OA 98 -62.69 52.52 -36.31
N GLN OA 99 -62.53 52.53 -37.63
CA GLN OA 99 -62.83 53.74 -38.40
C GLN OA 99 -64.33 54.01 -38.43
N ARG OA 100 -65.14 52.96 -38.61
CA ARG OA 100 -66.59 53.16 -38.48
C ARG OA 100 -66.94 53.70 -37.10
N VAL OA 101 -66.30 53.19 -36.06
CA VAL OA 101 -66.58 53.68 -34.72
C VAL OA 101 -66.21 55.15 -34.60
N ALA OA 102 -65.06 55.54 -35.14
CA ALA OA 102 -64.66 56.95 -35.06
C ALA OA 102 -65.69 57.85 -35.74
N ASN OA 103 -66.16 57.45 -36.92
CA ASN OA 103 -67.15 58.27 -37.62
C ASN OA 103 -68.48 58.31 -36.87
N LEU OA 104 -68.88 57.19 -36.27
CA LEU OA 104 -70.10 57.18 -35.47
C LEU OA 104 -69.96 58.12 -34.28
N THR OA 105 -68.80 58.12 -33.64
CA THR OA 105 -68.58 59.03 -32.52
C THR OA 105 -68.72 60.48 -32.98
N LYS OA 106 -68.11 60.81 -34.11
CA LYS OA 106 -68.23 62.16 -34.66
C LYS OA 106 -69.68 62.52 -34.93
N SER OA 107 -70.44 61.59 -35.51
CA SER OA 107 -71.84 61.87 -35.83
C SER OA 107 -72.66 62.08 -34.57
N LEU OA 108 -72.48 61.21 -33.57
CA LEU OA 108 -73.18 61.38 -32.30
C LEU OA 108 -72.87 62.74 -31.69
N ALA OA 109 -71.58 63.07 -31.57
CA ALA OA 109 -71.20 64.34 -30.95
C ALA OA 109 -71.75 65.53 -31.72
N GLY OA 110 -72.00 65.38 -33.01
CA GLY OA 110 -72.65 66.46 -33.75
C GLY OA 110 -74.16 66.44 -33.73
N HIS OA 111 -74.78 65.35 -33.27
CA HIS OA 111 -76.23 65.18 -33.40
C HIS OA 111 -77.00 66.17 -32.54
N ALA OA 112 -78.04 66.75 -33.14
CA ALA OA 112 -78.78 67.85 -32.52
C ALA OA 112 -79.38 67.44 -31.18
N THR OA 113 -79.95 66.24 -31.08
CA THR OA 113 -80.60 65.88 -29.81
C THR OA 113 -79.57 65.58 -28.72
N LEU OA 114 -78.48 64.91 -29.08
CA LEU OA 114 -77.43 64.68 -28.09
C LEU OA 114 -76.86 66.00 -27.58
N MET OA 115 -76.67 66.97 -28.47
CA MET OA 115 -76.21 68.28 -28.04
C MET OA 115 -77.23 68.98 -27.18
N SER OA 116 -78.52 68.87 -27.54
CA SER OA 116 -79.57 69.51 -26.75
C SER OA 116 -79.65 68.95 -25.34
N VAL OA 117 -79.30 67.67 -25.16
CA VAL OA 117 -79.29 67.12 -23.80
C VAL OA 117 -78.38 67.95 -22.90
N VAL OA 118 -77.20 68.33 -23.41
CA VAL OA 118 -76.26 69.08 -22.58
C VAL OA 118 -76.62 70.56 -22.56
N GLN OA 119 -76.97 71.12 -23.74
CA GLN OA 119 -77.28 72.54 -23.80
C GLN OA 119 -78.48 72.89 -22.93
N ASP OA 120 -79.53 72.08 -22.99
CA ASP OA 120 -80.78 72.34 -22.29
C ASP OA 120 -80.88 71.61 -20.96
N ALA OA 121 -79.90 70.76 -20.64
CA ALA OA 121 -79.87 70.04 -19.36
C ALA OA 121 -81.20 69.33 -19.08
N SER OA 122 -81.77 68.76 -20.14
CA SER OA 122 -82.95 67.92 -19.97
C SER OA 122 -82.67 66.59 -20.63
N PRO OA 123 -83.24 65.51 -20.12
CA PRO OA 123 -83.02 64.19 -20.71
C PRO OA 123 -83.92 64.00 -21.93
N ILE OA 124 -83.84 62.80 -22.49
CA ILE OA 124 -84.65 62.42 -23.64
C ILE OA 124 -85.98 61.88 -23.10
N TYR OA 125 -87.09 62.49 -23.53
CA TYR OA 125 -88.43 62.14 -23.07
C TYR OA 125 -89.45 62.92 -23.90
N GLY OA 126 -90.60 62.30 -24.15
CA GLY OA 126 -91.69 62.98 -24.82
C GLY OA 126 -92.00 62.48 -26.22
N PRO PA 1 -93.35 51.00 -27.40
CA PRO PA 1 -93.63 52.32 -27.98
C PRO PA 1 -93.89 53.36 -26.89
N LYS PA 2 -94.09 54.63 -27.28
CA LYS PA 2 -94.44 55.65 -26.30
C LYS PA 2 -95.75 55.27 -25.62
N ILE PA 3 -95.77 55.30 -24.29
CA ILE PA 3 -96.99 54.99 -23.56
C ILE PA 3 -98.08 55.98 -23.94
N ALA PA 4 -99.29 55.46 -24.15
CA ALA PA 4 -100.39 56.29 -24.62
C ALA PA 4 -101.70 55.60 -24.27
N ASN PA 5 -102.79 56.24 -24.64
CA ASN PA 5 -104.10 55.61 -24.50
C ASN PA 5 -104.19 54.39 -25.40
N ILE PA 6 -104.91 53.39 -24.92
CA ILE PA 6 -105.18 52.18 -25.68
C ILE PA 6 -106.69 52.07 -25.84
N VAL PA 7 -107.16 52.11 -27.08
CA VAL PA 7 -108.59 52.07 -27.35
C VAL PA 7 -108.92 50.67 -27.91
N ILE PA 8 -109.71 49.92 -27.16
CA ILE PA 8 -110.11 48.57 -27.54
C ILE PA 8 -111.63 48.48 -27.51
N ASN PA 9 -112.18 47.54 -28.27
CA ASN PA 9 -113.61 47.41 -28.44
C ASN PA 9 -114.09 46.15 -27.70
N ASP PA 10 -115.20 46.28 -26.96
CA ASP PA 10 -115.77 45.16 -26.20
C ASP PA 10 -116.94 44.50 -26.91
N GLY PA 11 -117.03 44.65 -28.23
CA GLY PA 11 -118.12 44.10 -28.99
C GLY PA 11 -119.30 45.03 -29.17
N THR PA 12 -119.44 46.01 -28.33
CA THR PA 12 -120.55 46.94 -28.43
C THR PA 12 -120.10 48.40 -28.48
N LYS PA 13 -119.07 48.77 -27.73
CA LYS PA 13 -118.58 50.15 -27.67
C LYS PA 13 -117.06 50.16 -27.67
N ASP PA 14 -116.50 51.36 -27.80
CA ASP PA 14 -115.07 51.56 -27.66
C ASP PA 14 -114.73 51.99 -26.24
N ILE PA 15 -113.69 51.40 -25.69
CA ILE PA 15 -113.24 51.62 -24.32
C ILE PA 15 -111.84 52.18 -24.39
N THR PA 16 -111.60 53.27 -23.68
CA THR PA 16 -110.31 53.95 -23.66
C THR PA 16 -109.61 53.67 -22.34
N LEU PA 17 -108.41 53.10 -22.42
CA LEU PA 17 -107.59 52.79 -21.26
C LEU PA 17 -106.46 53.81 -21.20
N GLN PA 18 -106.46 54.61 -20.14
CA GLN PA 18 -105.53 55.68 -19.84
C GLN PA 18 -104.35 55.14 -19.03
N PRO PA 19 -103.16 55.67 -19.36
CA PRO PA 19 -101.97 55.27 -18.61
C PRO PA 19 -102.10 55.67 -17.16
N VAL PA 20 -101.56 54.84 -16.28
CA VAL PA 20 -101.80 54.99 -14.86
C VAL PA 20 -100.51 55.00 -14.07
N ASN PA 21 -99.64 54.04 -14.35
CA ASN PA 21 -98.47 53.83 -13.50
C ASN PA 21 -97.47 53.01 -14.29
N ILE PA 22 -96.21 53.07 -13.88
CA ILE PA 22 -95.17 52.22 -14.44
C ILE PA 22 -94.29 51.72 -13.32
N ASP PA 23 -94.28 50.40 -13.13
CA ASP PA 23 -93.59 49.74 -12.03
C ASP PA 23 -92.11 50.06 -12.03
N ARG PA 24 -91.44 49.66 -10.94
CA ARG PA 24 -89.99 49.51 -10.98
C ARG PA 24 -89.61 48.34 -11.87
N GLU PA 25 -90.49 47.35 -12.02
CA GLU PA 25 -90.25 46.22 -12.90
C GLU PA 25 -90.57 46.51 -14.36
N GLY PA 26 -91.13 47.68 -14.67
CA GLY PA 26 -91.37 48.07 -16.04
C GLY PA 26 -92.76 47.79 -16.55
N VAL PA 27 -93.66 47.33 -15.69
CA VAL PA 27 -95.02 47.02 -16.09
C VAL PA 27 -95.80 48.33 -16.29
N ALA PA 28 -96.46 48.45 -17.43
CA ALA PA 28 -97.31 49.60 -17.70
C ALA PA 28 -98.72 49.25 -17.27
N HIS PA 29 -99.26 50.02 -16.33
CA HIS PA 29 -100.63 49.84 -15.88
C HIS PA 29 -101.55 50.84 -16.55
N PHE PA 30 -102.77 50.41 -16.82
CA PHE PA 30 -103.77 51.25 -17.46
C PHE PA 30 -105.08 51.11 -16.69
N ARG PA 31 -106.01 52.02 -16.99
CA ARG PA 31 -107.32 51.96 -16.33
C ARG PA 31 -108.35 52.60 -17.24
N GLU PA 32 -109.61 52.16 -17.08
CA GLU PA 32 -110.67 52.61 -17.96
C GLU PA 32 -111.05 54.06 -17.64
N LYS PA 33 -111.38 54.79 -18.69
CA LYS PA 33 -111.69 56.21 -18.60
C LYS PA 33 -113.19 56.42 -18.39
N ASP PA 34 -113.53 57.43 -17.58
CA ASP PA 34 -114.91 57.85 -17.37
C ASP PA 34 -115.75 56.79 -16.67
N VAL PA 35 -115.12 55.99 -15.80
CA VAL PA 35 -115.79 54.91 -15.10
C VAL PA 35 -115.24 54.85 -13.67
N SER PA 36 -116.09 54.40 -12.75
CA SER PA 36 -115.69 54.28 -11.35
C SER PA 36 -114.41 53.46 -11.24
N ILE PA 37 -113.59 53.82 -10.25
CA ILE PA 37 -112.32 53.12 -10.06
C ILE PA 37 -112.56 51.63 -9.86
N LEU PA 38 -113.52 51.26 -9.01
CA LEU PA 38 -113.69 49.85 -8.67
C LEU PA 38 -114.17 49.03 -9.86
N GLU PA 39 -114.97 49.63 -10.74
CA GLU PA 39 -115.57 48.88 -11.84
C GLU PA 39 -114.86 49.10 -13.17
N ALA PA 40 -113.70 49.75 -13.16
CA ALA PA 40 -113.01 50.06 -14.39
C ALA PA 40 -112.14 48.88 -14.83
N ILE PA 41 -112.21 48.56 -16.13
CA ILE PA 41 -111.31 47.57 -16.71
C ILE PA 41 -109.89 48.05 -16.56
N ARG PA 42 -108.96 47.14 -16.30
CA ARG PA 42 -107.56 47.55 -16.22
C ARG PA 42 -106.65 46.55 -16.94
N LEU PA 43 -105.53 47.07 -17.42
CA LEU PA 43 -104.64 46.32 -18.31
C LEU PA 43 -103.19 46.57 -17.92
N THR PA 44 -102.41 45.50 -17.75
CA THR PA 44 -100.99 45.62 -17.47
C THR PA 44 -100.19 44.96 -18.59
N VAL PA 45 -99.10 45.61 -18.99
CA VAL PA 45 -98.29 45.19 -20.13
C VAL PA 45 -96.81 45.31 -19.77
N GLN PA 46 -96.08 44.20 -19.78
CA GLN PA 46 -94.66 44.22 -19.48
C GLN PA 46 -93.91 43.35 -20.47
N LEU PA 47 -92.60 43.58 -20.56
CA LEU PA 47 -91.71 42.77 -21.39
C LEU PA 47 -90.41 42.52 -20.65
N ARG PA 48 -90.30 41.36 -20.01
CA ARG PA 48 -89.06 40.89 -19.41
C ARG PA 48 -88.00 40.69 -20.48
N GLN PA 49 -86.96 41.53 -20.41
CA GLN PA 49 -85.73 41.33 -21.14
C GLN PA 49 -85.08 40.02 -20.69
N PRO PA 50 -84.21 39.44 -21.51
CA PRO PA 50 -83.56 38.18 -21.13
C PRO PA 50 -82.54 38.38 -20.03
N SER PA 51 -82.29 37.30 -19.27
CA SER PA 51 -81.28 37.31 -18.22
C SER PA 51 -79.89 37.47 -18.83
N VAL PA 52 -78.90 37.70 -17.96
CA VAL PA 52 -77.52 37.69 -18.43
C VAL PA 52 -77.11 36.27 -18.79
N ASN PA 53 -77.64 35.26 -18.08
CA ASN PA 53 -77.41 33.86 -18.42
C ASN PA 53 -78.59 33.25 -19.18
N GLY PA 54 -79.50 34.08 -19.71
CA GLY PA 54 -80.60 33.59 -20.51
C GLY PA 54 -80.67 34.33 -21.84
N ASN PA 55 -81.59 33.86 -22.70
CA ASN PA 55 -81.84 34.55 -23.95
C ASN PA 55 -83.34 34.58 -24.29
N VAL PA 56 -84.21 34.54 -23.28
CA VAL PA 56 -85.64 34.39 -23.47
C VAL PA 56 -86.36 35.68 -23.07
N TYR PA 57 -87.17 36.21 -23.98
CA TYR PA 57 -88.00 37.39 -23.79
C TYR PA 57 -89.42 36.95 -23.46
N ARG PA 58 -90.02 37.60 -22.46
CA ARG PA 58 -91.39 37.31 -22.06
C ARG PA 58 -92.22 38.59 -22.11
N CYS PA 59 -93.18 38.65 -23.02
CA CYS PA 59 -94.13 39.75 -23.12
C CYS PA 59 -95.46 39.30 -22.52
N LYS PA 60 -95.83 39.89 -21.38
CA LYS PA 60 -97.03 39.50 -20.64
C LYS PA 60 -98.02 40.66 -20.63
N ALA PA 61 -99.27 40.36 -20.99
CA ALA PA 61 -100.36 41.34 -20.98
C ALA PA 61 -101.56 40.74 -20.27
N LYS PA 62 -101.91 41.29 -19.12
CA LYS PA 62 -103.05 40.85 -18.33
C LYS PA 62 -104.15 41.89 -18.37
N LEU PA 63 -105.36 41.46 -18.73
CA LEU PA 63 -106.53 42.31 -18.77
C LEU PA 63 -107.52 41.80 -17.74
N VAL PA 64 -108.11 42.72 -16.97
CA VAL PA 64 -109.04 42.36 -15.91
C VAL PA 64 -110.32 43.16 -16.09
N VAL PA 65 -111.45 42.45 -16.07
CA VAL PA 65 -112.78 43.05 -16.16
C VAL PA 65 -113.54 42.72 -14.89
N PRO PA 66 -113.76 43.70 -14.01
CA PRO PA 66 -114.55 43.44 -12.81
C PRO PA 66 -116.04 43.56 -13.10
N VAL PA 67 -116.85 43.02 -12.19
CA VAL PA 67 -118.29 43.20 -12.18
C VAL PA 67 -118.67 43.65 -10.77
N VAL PA 68 -119.06 44.91 -10.63
CA VAL PA 68 -119.45 45.46 -9.34
C VAL PA 68 -120.97 45.46 -9.26
N GLU PA 69 -121.48 45.10 -8.09
CA GLU PA 69 -122.91 45.17 -7.80
C GLU PA 69 -123.07 45.73 -6.39
N VAL PA 70 -124.27 46.24 -6.12
CA VAL PA 70 -124.57 46.90 -4.86
C VAL PA 70 -125.05 45.85 -3.85
N VAL PA 71 -124.20 45.54 -2.86
CA VAL PA 71 -124.49 44.55 -1.83
C VAL PA 71 -124.62 45.28 -0.49
N GLY PA 72 -125.84 45.31 0.05
CA GLY PA 72 -126.06 46.04 1.29
C GLY PA 72 -125.79 47.52 1.17
N ASN PA 73 -126.18 48.14 0.05
CA ASN PA 73 -125.93 49.54 -0.26
C ASN PA 73 -124.43 49.86 -0.24
N VAL PA 74 -123.60 48.86 -0.52
CA VAL PA 74 -122.15 49.02 -0.59
C VAL PA 74 -121.66 48.36 -1.87
N ARG PA 75 -121.13 49.16 -2.80
CA ARG PA 75 -120.66 48.64 -4.08
C ARG PA 75 -119.47 47.70 -3.85
N THR PA 76 -119.64 46.43 -4.23
CA THR PA 76 -118.59 45.44 -4.11
C THR PA 76 -118.48 44.64 -5.39
N THR PA 77 -117.29 44.09 -5.62
CA THR PA 77 -117.00 43.34 -6.84
C THR PA 77 -117.33 41.86 -6.60
N VAL PA 78 -118.40 41.38 -7.23
CA VAL PA 78 -118.80 39.98 -7.05
C VAL PA 78 -117.81 39.04 -7.73
N ARG PA 79 -117.48 39.34 -8.99
CA ARG PA 79 -116.65 38.45 -9.79
C ARG PA 79 -115.83 39.26 -10.78
N THR PA 80 -114.62 38.78 -11.05
CA THR PA 80 -113.75 39.36 -12.05
C THR PA 80 -113.42 38.31 -13.10
N LEU PA 81 -113.32 38.76 -14.34
CA LEU PA 81 -112.93 37.92 -15.47
C LEU PA 81 -111.55 38.36 -15.96
N THR PA 82 -110.63 37.41 -16.09
CA THR PA 82 -109.23 37.72 -16.36
C THR PA 82 -108.79 37.11 -17.68
N GLU PA 83 -107.84 37.75 -18.35
CA GLU PA 83 -107.26 37.19 -19.55
C GLU PA 83 -105.78 37.54 -19.61
N THR PA 84 -104.93 36.52 -19.78
CA THR PA 84 -103.49 36.68 -19.79
C THR PA 84 -102.92 36.19 -21.12
N THR PA 85 -102.17 37.04 -21.80
CA THR PA 85 -101.46 36.70 -23.03
C THR PA 85 -99.97 36.78 -22.77
N GLU PA 86 -99.26 35.66 -22.98
CA GLU PA 86 -97.80 35.63 -22.85
C GLU PA 86 -97.19 35.21 -24.17
N VAL PA 87 -96.43 36.11 -24.78
CA VAL PA 87 -95.66 35.82 -25.98
C VAL PA 87 -94.20 35.68 -25.58
N LEU PA 88 -93.53 34.69 -26.13
CA LEU PA 88 -92.22 34.28 -25.65
C LEU PA 88 -91.33 34.00 -26.84
N PHE PA 89 -90.22 34.72 -26.93
CA PHE PA 89 -89.31 34.55 -28.07
C PHE PA 89 -87.86 34.75 -27.64
N THR PA 90 -86.94 34.25 -28.46
CA THR PA 90 -85.52 34.17 -28.11
C THR PA 90 -84.75 35.37 -28.65
N GLN PA 91 -83.60 35.63 -28.03
CA GLN PA 91 -82.80 36.82 -28.34
C GLN PA 91 -82.29 36.81 -29.79
N ASP PA 92 -82.04 35.63 -30.33
CA ASP PA 92 -81.58 35.51 -31.72
C ASP PA 92 -82.72 35.44 -32.71
N SER PA 93 -83.93 35.82 -32.31
CA SER PA 93 -85.07 35.69 -33.21
C SER PA 93 -85.03 36.79 -34.28
N LEU PA 94 -85.60 36.47 -35.44
CA LEU PA 94 -85.65 37.42 -36.55
C LEU PA 94 -86.94 38.23 -36.52
N GLY PA 95 -86.84 39.47 -37.01
CA GLY PA 95 -87.99 40.37 -36.99
C GLY PA 95 -89.20 39.80 -37.72
N THR PA 96 -88.97 39.20 -38.88
CA THR PA 96 -90.06 38.56 -39.62
C THR PA 96 -90.73 37.49 -38.79
N GLU PA 97 -89.94 36.71 -38.06
CA GLU PA 97 -90.48 35.62 -37.24
C GLU PA 97 -91.41 36.17 -36.15
N ARG PA 98 -90.92 37.14 -35.37
CA ARG PA 98 -91.83 37.59 -34.31
C ARG PA 98 -93.00 38.39 -34.86
N GLN PA 99 -92.87 38.98 -36.06
CA GLN PA 99 -94.03 39.59 -36.70
C GLN PA 99 -95.07 38.54 -37.08
N ARG PA 100 -94.62 37.40 -37.61
CA ARG PA 100 -95.53 36.29 -37.88
C ARG PA 100 -96.26 35.88 -36.61
N VAL PA 101 -95.54 35.78 -35.50
CA VAL PA 101 -96.19 35.37 -34.26
C VAL PA 101 -97.22 36.39 -33.82
N ALA PA 102 -96.90 37.68 -33.97
CA ALA PA 102 -97.86 38.72 -33.61
C ALA PA 102 -99.15 38.57 -34.40
N ASN PA 103 -99.04 38.39 -35.71
CA ASN PA 103 -100.23 38.30 -36.55
C ASN PA 103 -101.00 37.01 -36.30
N LEU PA 104 -100.29 35.92 -36.01
CA LEU PA 104 -100.96 34.68 -35.64
C LEU PA 104 -101.76 34.85 -34.36
N THR PA 105 -101.17 35.52 -33.36
CA THR PA 105 -101.90 35.81 -32.14
C THR PA 105 -103.17 36.58 -32.43
N LYS PA 106 -103.07 37.60 -33.29
CA LYS PA 106 -104.26 38.38 -33.68
C LYS PA 106 -105.33 37.49 -34.31
N SER PA 107 -104.96 36.72 -35.33
CA SER PA 107 -105.94 35.89 -36.03
C SER PA 107 -106.55 34.86 -35.10
N LEU PA 108 -105.72 34.27 -34.24
CA LEU PA 108 -106.18 33.31 -33.26
C LEU PA 108 -107.25 33.91 -32.36
N ALA PA 109 -106.94 35.03 -31.73
CA ALA PA 109 -107.88 35.66 -30.81
C ALA PA 109 -109.11 36.19 -31.51
N GLY PA 110 -109.06 36.38 -32.82
CA GLY PA 110 -110.25 36.77 -33.54
C GLY PA 110 -111.03 35.61 -34.14
N HIS PA 111 -110.48 34.40 -34.08
CA HIS PA 111 -111.12 33.26 -34.75
C HIS PA 111 -112.40 32.84 -34.03
N ALA PA 112 -113.45 32.63 -34.84
CA ALA PA 112 -114.78 32.45 -34.31
C ALA PA 112 -114.88 31.24 -33.37
N THR PA 113 -114.17 30.15 -33.70
CA THR PA 113 -114.27 28.96 -32.84
C THR PA 113 -113.64 29.22 -31.48
N LEU PA 114 -112.49 29.88 -31.46
CA LEU PA 114 -111.84 30.21 -30.19
C LEU PA 114 -112.71 31.15 -29.36
N MET PA 115 -113.27 32.17 -30.01
CA MET PA 115 -114.17 33.07 -29.28
C MET PA 115 -115.36 32.31 -28.72
N SER PA 116 -115.89 31.36 -29.49
CA SER PA 116 -117.03 30.58 -29.04
C SER PA 116 -116.68 29.68 -27.87
N VAL PA 117 -115.42 29.23 -27.78
CA VAL PA 117 -115.00 28.45 -26.62
C VAL PA 117 -115.24 29.21 -25.32
N VAL PA 118 -115.04 30.53 -25.33
CA VAL PA 118 -115.24 31.29 -24.10
C VAL PA 118 -116.67 31.78 -23.98
N GLN PA 119 -117.25 32.23 -25.10
CA GLN PA 119 -118.62 32.74 -25.08
C GLN PA 119 -119.60 31.66 -24.59
N ASP PA 120 -119.39 30.42 -25.03
CA ASP PA 120 -120.30 29.31 -24.76
C ASP PA 120 -119.82 28.37 -23.66
N ALA PA 121 -118.62 28.60 -23.12
CA ALA PA 121 -118.07 27.79 -22.03
C ALA PA 121 -118.08 26.30 -22.39
N SER PA 122 -117.57 25.99 -23.58
CA SER PA 122 -117.60 24.63 -24.12
C SER PA 122 -116.24 24.29 -24.72
N PRO PA 123 -115.49 23.36 -24.13
CA PRO PA 123 -114.19 23.03 -24.72
C PRO PA 123 -114.39 22.53 -26.15
N ILE PA 124 -113.28 22.42 -26.88
CA ILE PA 124 -113.35 21.72 -28.15
C ILE PA 124 -113.34 20.22 -27.88
N TYR PA 125 -114.16 19.46 -28.62
CA TYR PA 125 -114.47 18.09 -28.24
C TYR PA 125 -114.65 17.18 -29.46
N GLY PA 126 -114.51 15.89 -29.19
CA GLY PA 126 -114.59 14.84 -30.18
C GLY PA 126 -114.12 13.53 -29.54
N PRO QA 1 -28.91 -26.51 -59.74
CA PRO QA 1 -29.59 -26.74 -61.02
C PRO QA 1 -31.10 -26.60 -60.90
N LYS QA 2 -31.80 -26.49 -62.03
CA LYS QA 2 -33.25 -26.29 -61.97
C LYS QA 2 -33.95 -27.53 -61.42
N ILE QA 3 -35.14 -27.31 -60.88
CA ILE QA 3 -35.91 -28.39 -60.27
C ILE QA 3 -36.79 -29.05 -61.33
N ALA QA 4 -36.73 -30.37 -61.42
CA ALA QA 4 -37.36 -31.11 -62.51
C ALA QA 4 -37.39 -32.58 -62.12
N ASN QA 5 -38.04 -33.38 -62.97
CA ASN QA 5 -38.09 -34.82 -62.74
C ASN QA 5 -36.69 -35.40 -62.73
N ILE QA 6 -36.44 -36.28 -61.77
CA ILE QA 6 -35.20 -37.05 -61.70
C ILE QA 6 -35.56 -38.47 -62.11
N VAL QA 7 -35.02 -38.92 -63.24
CA VAL QA 7 -35.31 -40.27 -63.73
C VAL QA 7 -34.10 -41.14 -63.48
N ILE QA 8 -34.26 -42.13 -62.59
CA ILE QA 8 -33.20 -43.08 -62.26
C ILE QA 8 -33.66 -44.46 -62.68
N ASN QA 9 -32.74 -45.43 -62.64
CA ASN QA 9 -33.00 -46.78 -63.09
C ASN QA 9 -32.66 -47.78 -62.00
N ASP QA 10 -33.47 -48.83 -61.86
CA ASP QA 10 -33.24 -49.88 -60.86
C ASP QA 10 -32.68 -51.17 -61.46
N GLY QA 11 -32.03 -51.08 -62.63
CA GLY QA 11 -31.46 -52.21 -63.34
C GLY QA 11 -32.45 -52.89 -64.27
N THR QA 12 -33.73 -52.69 -64.07
CA THR QA 12 -34.79 -53.29 -64.86
C THR QA 12 -35.69 -52.24 -65.50
N LYS QA 13 -36.14 -51.27 -64.72
CA LYS QA 13 -37.14 -50.27 -65.09
C LYS QA 13 -36.64 -48.91 -64.64
N ASP QA 14 -37.07 -47.85 -65.35
CA ASP QA 14 -36.73 -46.49 -64.97
C ASP QA 14 -37.85 -45.91 -64.11
N ILE QA 15 -37.50 -45.51 -62.90
CA ILE QA 15 -38.41 -44.87 -61.98
C ILE QA 15 -38.25 -43.36 -62.12
N THR QA 16 -39.38 -42.67 -62.30
CA THR QA 16 -39.43 -41.22 -62.44
C THR QA 16 -39.86 -40.60 -61.10
N LEU QA 17 -38.95 -39.84 -60.49
CA LEU QA 17 -39.22 -39.15 -59.24
C LEU QA 17 -39.58 -37.70 -59.58
N GLN QA 18 -40.81 -37.32 -59.25
CA GLN QA 18 -41.33 -35.99 -59.55
C GLN QA 18 -41.04 -35.03 -58.38
N PRO QA 19 -40.74 -33.79 -58.71
CA PRO QA 19 -40.50 -32.77 -57.68
C PRO QA 19 -41.80 -32.48 -56.94
N VAL QA 20 -41.73 -32.58 -55.62
CA VAL QA 20 -42.91 -32.55 -54.78
C VAL QA 20 -42.86 -31.44 -53.75
N ASN QA 21 -41.70 -31.18 -53.16
CA ASN QA 21 -41.66 -30.14 -52.14
C ASN QA 21 -40.26 -29.54 -52.10
N ILE QA 22 -40.17 -28.26 -51.74
CA ILE QA 22 -38.91 -27.68 -51.34
C ILE QA 22 -39.05 -27.26 -49.90
N ASP QA 23 -38.30 -27.94 -49.05
CA ASP QA 23 -38.38 -27.78 -47.61
C ASP QA 23 -38.05 -26.35 -47.19
N ARG QA 24 -38.39 -26.03 -45.94
CA ARG QA 24 -37.90 -24.79 -45.34
C ARG QA 24 -36.43 -24.86 -45.01
N GLU QA 25 -35.87 -26.06 -44.89
CA GLU QA 25 -34.45 -26.24 -44.73
C GLU QA 25 -33.71 -26.28 -46.06
N GLY QA 26 -34.41 -26.10 -47.18
CA GLY QA 26 -33.80 -26.16 -48.49
C GLY QA 26 -33.83 -27.52 -49.14
N VAL QA 27 -34.52 -28.49 -48.54
CA VAL QA 27 -34.53 -29.87 -49.01
C VAL QA 27 -35.51 -30.01 -50.18
N ALA QA 28 -35.02 -30.54 -51.29
CA ALA QA 28 -35.87 -30.86 -52.43
C ALA QA 28 -36.38 -32.29 -52.24
N HIS QA 29 -37.67 -32.42 -51.94
CA HIS QA 29 -38.36 -33.70 -51.84
C HIS QA 29 -38.94 -34.08 -53.20
N PHE QA 30 -38.68 -35.31 -53.61
CA PHE QA 30 -39.24 -35.92 -54.81
C PHE QA 30 -39.97 -37.19 -54.39
N ARG QA 31 -40.98 -37.55 -55.18
CA ARG QA 31 -41.83 -38.71 -54.90
C ARG QA 31 -42.00 -39.50 -56.19
N GLU QA 32 -42.13 -40.82 -56.05
CA GLU QA 32 -42.25 -41.66 -57.23
C GLU QA 32 -43.55 -41.38 -57.96
N LYS QA 33 -43.45 -41.32 -59.28
CA LYS QA 33 -44.60 -41.01 -60.13
C LYS QA 33 -45.48 -42.23 -60.33
N ASP QA 34 -46.80 -42.02 -60.34
CA ASP QA 34 -47.77 -43.07 -60.67
C ASP QA 34 -47.78 -44.18 -59.63
N VAL QA 35 -47.61 -43.83 -58.36
CA VAL QA 35 -47.57 -44.80 -57.28
C VAL QA 35 -48.19 -44.16 -56.05
N SER QA 36 -48.92 -44.97 -55.27
CA SER QA 36 -49.55 -44.48 -54.06
C SER QA 36 -48.52 -43.81 -53.17
N ILE QA 37 -48.97 -42.78 -52.45
CA ILE QA 37 -48.08 -42.01 -51.58
C ILE QA 37 -47.34 -42.93 -50.62
N LEU QA 38 -48.04 -43.94 -50.07
CA LEU QA 38 -47.41 -44.82 -49.09
C LEU QA 38 -46.28 -45.64 -49.70
N GLU QA 39 -46.49 -46.18 -50.90
CA GLU QA 39 -45.55 -47.10 -51.51
C GLU QA 39 -44.58 -46.41 -52.47
N ALA QA 40 -44.64 -45.10 -52.60
CA ALA QA 40 -43.77 -44.44 -53.55
C ALA QA 40 -42.36 -44.31 -52.99
N ILE QA 41 -41.39 -44.46 -53.88
CA ILE QA 41 -39.98 -44.21 -53.58
C ILE QA 41 -39.78 -42.72 -53.48
N ARG QA 42 -39.11 -42.26 -52.42
CA ARG QA 42 -38.93 -40.82 -52.28
C ARG QA 42 -37.45 -40.44 -52.12
N LEU QA 43 -37.11 -39.24 -52.60
CA LEU QA 43 -35.73 -38.79 -52.65
C LEU QA 43 -35.63 -37.36 -52.14
N THR QA 44 -34.70 -37.10 -51.21
CA THR QA 44 -34.49 -35.76 -50.67
C THR QA 44 -33.06 -35.31 -50.94
N VAL QA 45 -32.91 -34.07 -51.40
CA VAL QA 45 -31.62 -33.53 -51.85
C VAL QA 45 -31.45 -32.11 -51.33
N GLN QA 46 -30.45 -31.88 -50.46
CA GLN QA 46 -30.23 -30.55 -49.91
C GLN QA 46 -28.75 -30.19 -49.91
N LEU QA 47 -28.46 -28.89 -50.01
CA LEU QA 47 -27.10 -28.37 -49.99
C LEU QA 47 -26.98 -27.34 -48.87
N ARG QA 48 -26.59 -27.82 -47.70
CA ARG QA 48 -26.38 -26.99 -46.52
C ARG QA 48 -25.13 -26.14 -46.73
N GLN QA 49 -25.33 -24.84 -46.88
CA GLN QA 49 -24.24 -23.90 -47.03
C GLN QA 49 -23.56 -23.66 -45.68
N PRO QA 50 -22.32 -23.19 -45.68
CA PRO QA 50 -21.58 -23.08 -44.42
C PRO QA 50 -22.10 -21.93 -43.55
N SER QA 51 -21.78 -22.05 -42.26
CA SER QA 51 -22.09 -21.03 -41.27
C SER QA 51 -21.26 -19.77 -41.50
N VAL QA 52 -21.60 -18.70 -40.77
CA VAL QA 52 -20.80 -17.48 -40.86
C VAL QA 52 -19.39 -17.74 -40.36
N ASN QA 53 -19.25 -18.59 -39.33
CA ASN QA 53 -17.92 -18.91 -38.80
C ASN QA 53 -17.20 -19.95 -39.66
N GLY QA 54 -17.93 -20.94 -40.17
CA GLY QA 54 -17.33 -22.04 -40.90
C GLY QA 54 -17.22 -21.80 -42.39
N ASN QA 55 -16.67 -22.80 -43.09
CA ASN QA 55 -16.57 -22.76 -44.55
C ASN QA 55 -16.83 -24.13 -45.15
N VAL QA 56 -17.75 -24.92 -44.58
CA VAL QA 56 -17.95 -26.30 -44.98
C VAL QA 56 -19.36 -26.49 -45.51
N TYR QA 57 -19.46 -26.89 -46.78
CA TYR QA 57 -20.71 -27.28 -47.42
C TYR QA 57 -20.96 -28.76 -47.20
N ARG QA 58 -22.22 -29.10 -46.94
CA ARG QA 58 -22.71 -30.48 -46.85
C ARG QA 58 -23.80 -30.68 -47.90
N CYS QA 59 -23.61 -31.64 -48.79
CA CYS QA 59 -24.60 -32.01 -49.79
C CYS QA 59 -25.14 -33.39 -49.43
N LYS QA 60 -26.39 -33.44 -48.97
CA LYS QA 60 -27.02 -34.67 -48.49
C LYS QA 60 -28.12 -35.11 -49.44
N ALA QA 61 -28.13 -36.41 -49.76
CA ALA QA 61 -29.14 -37.01 -50.62
C ALA QA 61 -29.58 -38.34 -50.02
N LYS QA 62 -30.85 -38.43 -49.64
CA LYS QA 62 -31.43 -39.64 -49.04
C LYS QA 62 -32.48 -40.22 -49.99
N LEU QA 63 -32.25 -41.45 -50.41
CA LEU QA 63 -33.21 -42.23 -51.16
C LEU QA 63 -33.86 -43.23 -50.22
N VAL QA 64 -35.19 -43.33 -50.28
CA VAL QA 64 -35.93 -44.29 -49.47
C VAL QA 64 -36.79 -45.14 -50.39
N VAL QA 65 -36.60 -46.45 -50.34
CA VAL QA 65 -37.38 -47.43 -51.09
C VAL QA 65 -38.21 -48.22 -50.09
N PRO QA 66 -39.52 -48.11 -50.12
CA PRO QA 66 -40.36 -48.96 -49.27
C PRO QA 66 -40.74 -50.26 -49.96
N VAL QA 67 -41.03 -51.27 -49.14
CA VAL QA 67 -41.51 -52.57 -49.58
C VAL QA 67 -42.92 -52.72 -49.03
N VAL QA 68 -43.92 -52.55 -49.88
CA VAL QA 68 -45.32 -52.58 -49.46
C VAL QA 68 -45.93 -53.89 -49.92
N GLU QA 69 -46.47 -54.63 -48.97
CA GLU QA 69 -47.23 -55.85 -49.25
C GLU QA 69 -48.59 -55.75 -48.57
N VAL QA 70 -49.57 -56.46 -49.13
CA VAL QA 70 -50.94 -56.39 -48.62
C VAL QA 70 -51.07 -57.33 -47.42
N VAL QA 71 -51.51 -56.78 -46.29
CA VAL QA 71 -51.78 -57.53 -45.07
C VAL QA 71 -53.30 -57.53 -44.90
N GLY QA 72 -53.91 -58.70 -45.09
CA GLY QA 72 -55.37 -58.72 -45.17
C GLY QA 72 -55.84 -57.95 -46.39
N ASN QA 73 -56.64 -56.92 -46.15
CA ASN QA 73 -57.06 -55.99 -47.20
C ASN QA 73 -56.35 -54.64 -47.10
N VAL QA 74 -55.39 -54.51 -46.18
CA VAL QA 74 -54.74 -53.23 -45.92
C VAL QA 74 -53.32 -53.28 -46.48
N ARG QA 75 -53.01 -52.37 -47.40
CA ARG QA 75 -51.64 -52.29 -47.91
C ARG QA 75 -50.75 -51.71 -46.82
N THR QA 76 -49.65 -52.39 -46.51
CA THR QA 76 -48.76 -51.92 -45.46
C THR QA 76 -47.30 -52.09 -45.91
N THR QA 77 -46.47 -51.14 -45.48
CA THR QA 77 -45.03 -51.19 -45.73
C THR QA 77 -44.40 -52.17 -44.75
N VAL QA 78 -43.92 -53.31 -45.27
CA VAL QA 78 -43.29 -54.32 -44.42
C VAL QA 78 -41.95 -53.82 -43.89
N ARG QA 79 -41.13 -53.24 -44.77
CA ARG QA 79 -39.79 -52.80 -44.43
C ARG QA 79 -39.39 -51.74 -45.44
N THR QA 80 -38.28 -51.07 -45.15
CA THR QA 80 -37.75 -50.05 -46.05
C THR QA 80 -36.24 -50.23 -46.17
N LEU QA 81 -35.71 -49.85 -47.33
CA LEU QA 81 -34.29 -49.76 -47.58
C LEU QA 81 -33.93 -48.29 -47.80
N THR QA 82 -32.80 -47.86 -47.25
CA THR QA 82 -32.43 -46.45 -47.28
C THR QA 82 -31.00 -46.28 -47.75
N GLU QA 83 -30.75 -45.25 -48.55
CA GLU QA 83 -29.40 -44.92 -48.99
C GLU QA 83 -29.17 -43.42 -48.77
N THR QA 84 -28.01 -43.06 -48.21
CA THR QA 84 -27.70 -41.68 -47.88
C THR QA 84 -26.30 -41.35 -48.36
N THR QA 85 -26.20 -40.43 -49.32
CA THR QA 85 -24.93 -39.91 -49.80
C THR QA 85 -24.71 -38.52 -49.20
N GLU QA 86 -23.50 -38.28 -48.70
CA GLU QA 86 -23.18 -36.99 -48.08
C GLU QA 86 -21.79 -36.55 -48.53
N VAL QA 87 -21.73 -35.46 -49.27
CA VAL QA 87 -20.49 -34.91 -49.82
C VAL QA 87 -20.15 -33.63 -49.08
N LEU QA 88 -18.91 -33.55 -48.58
CA LEU QA 88 -18.44 -32.38 -47.85
C LEU QA 88 -17.31 -31.71 -48.61
N PHE QA 89 -17.43 -30.40 -48.80
CA PHE QA 89 -16.33 -29.66 -49.42
C PHE QA 89 -16.28 -28.25 -48.86
N THR QA 90 -15.10 -27.66 -48.94
CA THR QA 90 -14.82 -26.35 -48.37
C THR QA 90 -15.01 -25.25 -49.42
N GLN QA 91 -15.14 -24.01 -48.92
CA GLN QA 91 -15.44 -22.89 -49.80
C GLN QA 91 -14.25 -22.52 -50.68
N ASP QA 92 -13.03 -22.84 -50.25
CA ASP QA 92 -11.87 -22.58 -51.09
C ASP QA 92 -11.65 -23.67 -52.13
N SER QA 93 -12.53 -24.67 -52.19
CA SER QA 93 -12.37 -25.77 -53.11
C SER QA 93 -12.58 -25.32 -54.56
N LEU QA 94 -11.83 -25.94 -55.46
CA LEU QA 94 -11.90 -25.63 -56.88
C LEU QA 94 -13.02 -26.43 -57.54
N GLY QA 95 -13.60 -25.85 -58.59
CA GLY QA 95 -14.61 -26.57 -59.35
C GLY QA 95 -14.07 -27.87 -59.90
N THR QA 96 -12.84 -27.86 -60.40
CA THR QA 96 -12.24 -29.06 -60.96
C THR QA 96 -12.11 -30.14 -59.88
N GLU QA 97 -11.78 -29.73 -58.65
CA GLU QA 97 -11.67 -30.68 -57.56
C GLU QA 97 -13.04 -31.28 -57.23
N ARG QA 98 -14.04 -30.42 -57.07
CA ARG QA 98 -15.39 -30.91 -56.79
C ARG QA 98 -15.86 -31.88 -57.87
N GLN QA 99 -15.54 -31.56 -59.14
CA GLN QA 99 -15.95 -32.41 -60.25
C GLN QA 99 -15.25 -33.76 -60.21
N ARG QA 100 -13.94 -33.74 -59.94
CA ARG QA 100 -13.19 -34.97 -59.73
C ARG QA 100 -13.86 -35.83 -58.66
N VAL QA 101 -14.30 -35.22 -57.56
CA VAL QA 101 -14.91 -35.99 -56.47
C VAL QA 101 -16.25 -36.55 -56.92
N ALA QA 102 -17.04 -35.76 -57.65
CA ALA QA 102 -18.33 -36.26 -58.13
C ALA QA 102 -18.16 -37.47 -59.04
N ASN QA 103 -17.20 -37.40 -59.96
CA ASN QA 103 -16.93 -38.53 -60.85
C ASN QA 103 -16.46 -39.75 -60.07
N LEU QA 104 -15.60 -39.54 -59.06
CA LEU QA 104 -15.19 -40.67 -58.23
C LEU QA 104 -16.38 -41.29 -57.52
N THR QA 105 -17.29 -40.46 -57.02
CA THR QA 105 -18.49 -40.98 -56.38
C THR QA 105 -19.30 -41.84 -57.34
N LYS QA 106 -19.47 -41.36 -58.57
CA LYS QA 106 -20.17 -42.15 -59.59
C LYS QA 106 -19.49 -43.49 -59.84
N SER QA 107 -18.17 -43.44 -60.13
CA SER QA 107 -17.43 -44.67 -60.39
C SER QA 107 -17.52 -45.63 -59.22
N LEU QA 108 -17.48 -45.09 -58.01
CA LEU QA 108 -17.53 -45.91 -56.81
C LEU QA 108 -18.88 -46.61 -56.68
N ALA QA 109 -19.97 -45.85 -56.80
CA ALA QA 109 -21.30 -46.45 -56.69
C ALA QA 109 -21.59 -47.41 -57.83
N GLY QA 110 -20.89 -47.31 -58.94
CA GLY QA 110 -21.06 -48.31 -59.98
C GLY QA 110 -20.15 -49.50 -59.89
N HIS QA 111 -19.22 -49.53 -58.93
CA HIS QA 111 -18.19 -50.55 -58.91
C HIS QA 111 -18.73 -51.90 -58.43
N ALA QA 112 -18.28 -52.95 -59.13
CA ALA QA 112 -18.82 -54.28 -58.94
C ALA QA 112 -18.73 -54.75 -57.48
N THR QA 113 -17.58 -54.52 -56.83
CA THR QA 113 -17.40 -55.10 -55.50
C THR QA 113 -18.28 -54.40 -54.46
N LEU QA 114 -18.50 -53.08 -54.60
CA LEU QA 114 -19.39 -52.41 -53.65
C LEU QA 114 -20.84 -52.79 -53.89
N MET QA 115 -21.24 -52.83 -55.16
CA MET QA 115 -22.58 -53.32 -55.46
C MET QA 115 -22.78 -54.72 -54.90
N SER QA 116 -21.74 -55.56 -54.98
CA SER QA 116 -21.83 -56.90 -54.42
C SER QA 116 -21.93 -56.88 -52.90
N VAL QA 117 -21.24 -55.95 -52.24
CA VAL QA 117 -21.38 -55.83 -50.79
C VAL QA 117 -22.84 -55.62 -50.43
N VAL QA 118 -23.53 -54.76 -51.17
CA VAL QA 118 -24.92 -54.49 -50.77
C VAL QA 118 -25.86 -55.61 -51.23
N GLN QA 119 -25.66 -56.13 -52.45
CA GLN QA 119 -26.54 -57.17 -52.98
C GLN QA 119 -26.43 -58.46 -52.16
N ASP QA 120 -25.21 -59.01 -52.05
CA ASP QA 120 -24.96 -60.25 -51.34
C ASP QA 120 -24.93 -60.08 -49.83
N ALA QA 121 -24.96 -58.85 -49.33
CA ALA QA 121 -24.91 -58.55 -47.89
C ALA QA 121 -23.69 -59.18 -47.21
N SER QA 122 -22.59 -59.33 -47.95
CA SER QA 122 -21.34 -59.81 -47.37
C SER QA 122 -20.29 -58.73 -47.49
N PRO QA 123 -19.58 -58.40 -46.42
CA PRO QA 123 -18.56 -57.34 -46.48
C PRO QA 123 -17.29 -57.86 -47.12
N ILE QA 124 -16.31 -56.96 -47.22
CA ILE QA 124 -15.01 -57.28 -47.79
C ILE QA 124 -14.17 -57.92 -46.69
N TYR QA 125 -13.76 -59.17 -46.92
CA TYR QA 125 -12.91 -59.92 -46.00
C TYR QA 125 -12.14 -60.96 -46.78
N GLY QA 126 -10.88 -61.16 -46.42
CA GLY QA 126 -10.03 -62.19 -47.03
C GLY QA 126 -9.86 -62.11 -48.54
N PRO RA 1 -17.12 -59.39 -50.25
CA PRO RA 1 -16.29 -60.25 -51.09
C PRO RA 1 -14.83 -60.27 -50.68
N LYS RA 2 -13.98 -60.71 -51.59
CA LYS RA 2 -12.56 -60.87 -51.32
C LYS RA 2 -11.85 -59.55 -51.54
N ILE RA 3 -10.95 -59.20 -50.61
CA ILE RA 3 -10.26 -57.92 -50.65
C ILE RA 3 -9.35 -57.88 -51.87
N ALA RA 4 -9.40 -56.78 -52.61
CA ALA RA 4 -8.63 -56.65 -53.84
C ALA RA 4 -8.56 -55.19 -54.23
N ASN RA 5 -7.79 -54.91 -55.28
CA ASN RA 5 -7.66 -53.55 -55.78
C ASN RA 5 -9.01 -53.02 -56.24
N ILE RA 6 -9.25 -51.74 -56.01
CA ILE RA 6 -10.46 -51.07 -56.47
C ILE RA 6 -10.03 -49.95 -57.40
N VAL RA 7 -10.40 -50.05 -58.67
CA VAL RA 7 -10.05 -49.04 -59.65
C VAL RA 7 -11.30 -48.23 -59.96
N ILE RA 8 -11.20 -46.91 -59.78
CA ILE RA 8 -12.31 -46.01 -60.06
C ILE RA 8 -11.81 -44.85 -60.90
N ASN RA 9 -12.71 -44.26 -61.67
CA ASN RA 9 -12.36 -43.19 -62.59
C ASN RA 9 -12.80 -41.84 -62.00
N ASP RA 10 -11.97 -40.82 -62.22
CA ASP RA 10 -12.25 -39.47 -61.74
C ASP RA 10 -12.68 -38.52 -62.87
N GLY RA 11 -13.06 -39.08 -64.02
CA GLY RA 11 -13.44 -38.27 -65.16
C GLY RA 11 -12.31 -37.99 -66.12
N THR RA 12 -11.06 -38.17 -65.69
CA THR RA 12 -9.92 -37.89 -66.55
C THR RA 12 -9.00 -39.11 -66.65
N LYS RA 13 -8.91 -39.89 -65.57
CA LYS RA 13 -7.98 -41.02 -65.54
C LYS RA 13 -8.47 -42.05 -64.52
N ASP RA 14 -7.90 -43.25 -64.62
CA ASP RA 14 -8.21 -44.33 -63.69
C ASP RA 14 -7.27 -44.29 -62.50
N ILE RA 15 -7.85 -44.43 -61.31
CA ILE RA 15 -7.13 -44.34 -60.06
C ILE RA 15 -7.26 -45.67 -59.35
N THR RA 16 -6.11 -46.26 -58.99
CA THR RA 16 -6.05 -47.56 -58.37
C THR RA 16 -5.90 -47.40 -56.86
N LEU RA 17 -6.82 -47.99 -56.09
CA LEU RA 17 -6.77 -47.99 -54.65
C LEU RA 17 -6.41 -49.39 -54.20
N GLN RA 18 -5.22 -49.54 -53.62
CA GLN RA 18 -4.69 -50.79 -53.12
C GLN RA 18 -5.17 -51.03 -51.68
N PRO RA 19 -5.51 -52.27 -51.37
CA PRO RA 19 -5.94 -52.58 -50.00
C PRO RA 19 -4.78 -52.46 -49.03
N VAL RA 20 -5.09 -52.03 -47.82
CA VAL RA 20 -4.11 -51.85 -46.76
C VAL RA 20 -4.31 -52.88 -45.66
N ASN RA 21 -5.50 -52.93 -45.07
CA ASN RA 21 -5.81 -53.88 -44.01
C ASN RA 21 -7.32 -53.83 -43.76
N ILE RA 22 -7.75 -54.57 -42.73
CA ILE RA 22 -9.12 -54.54 -42.23
C ILE RA 22 -9.06 -54.54 -40.71
N ASP RA 23 -9.57 -53.47 -40.10
CA ASP RA 23 -9.36 -53.22 -38.68
C ASP RA 23 -10.34 -54.05 -37.84
N ARG RA 24 -10.28 -53.86 -36.52
CA ARG RA 24 -11.10 -54.68 -35.63
C ARG RA 24 -12.58 -54.47 -35.89
N GLU RA 25 -12.99 -53.25 -36.27
CA GLU RA 25 -14.40 -52.95 -36.50
C GLU RA 25 -14.92 -53.63 -37.76
N GLY RA 26 -14.04 -54.01 -38.69
CA GLY RA 26 -14.45 -54.59 -39.95
C GLY RA 26 -14.26 -53.67 -41.14
N VAL RA 27 -13.75 -52.46 -40.92
CA VAL RA 27 -13.53 -51.50 -41.99
C VAL RA 27 -12.34 -51.95 -42.83
N ALA RA 28 -12.54 -52.07 -44.13
CA ALA RA 28 -11.47 -52.35 -45.07
C ALA RA 28 -10.92 -51.03 -45.58
N HIS RA 29 -9.61 -50.82 -45.41
CA HIS RA 29 -8.95 -49.57 -45.79
C HIS RA 29 -8.19 -49.71 -47.11
N PHE RA 30 -8.31 -48.71 -47.97
CA PHE RA 30 -7.64 -48.66 -49.26
C PHE RA 30 -6.94 -47.31 -49.40
N ARG RA 31 -5.79 -47.34 -50.10
CA ARG RA 31 -4.92 -46.18 -50.26
C ARG RA 31 -4.49 -46.09 -51.72
N GLU RA 32 -4.43 -44.86 -52.24
CA GLU RA 32 -4.08 -44.67 -53.65
C GLU RA 32 -2.67 -45.18 -53.93
N LYS RA 33 -2.52 -45.84 -55.06
CA LYS RA 33 -1.24 -46.44 -55.45
C LYS RA 33 -0.30 -45.39 -56.00
N ASP RA 34 0.99 -45.50 -55.64
CA ASP RA 34 2.07 -44.73 -56.27
C ASP RA 34 1.98 -43.24 -55.95
N VAL RA 35 1.38 -42.90 -54.82
CA VAL RA 35 1.24 -41.50 -54.40
C VAL RA 35 1.65 -41.43 -52.93
N SER RA 36 2.16 -40.25 -52.53
CA SER RA 36 2.58 -40.05 -51.15
C SER RA 36 1.42 -40.33 -50.18
N ILE RA 37 1.80 -40.81 -48.99
CA ILE RA 37 0.84 -41.03 -47.91
C ILE RA 37 -0.05 -39.80 -47.72
N LEU RA 38 0.56 -38.62 -47.69
CA LEU RA 38 -0.18 -37.42 -47.32
C LEU RA 38 -1.23 -37.06 -48.37
N GLU RA 39 -0.91 -37.22 -49.65
CA GLU RA 39 -1.77 -36.76 -50.73
C GLU RA 39 -2.56 -37.88 -51.38
N ALA RA 40 -2.49 -39.10 -50.85
CA ALA RA 40 -3.15 -40.23 -51.48
C ALA RA 40 -4.62 -40.25 -51.15
N ILE RA 41 -5.44 -40.60 -52.16
CA ILE RA 41 -6.86 -40.77 -51.98
C ILE RA 41 -7.11 -42.02 -51.14
N ARG RA 42 -8.07 -41.95 -50.23
CA ARG RA 42 -8.33 -43.07 -49.34
C ARG RA 42 -9.79 -43.49 -49.39
N LEU RA 43 -10.03 -44.80 -49.21
CA LEU RA 43 -11.37 -45.36 -49.27
C LEU RA 43 -11.56 -46.35 -48.13
N THR RA 44 -12.67 -46.26 -47.41
CA THR RA 44 -12.98 -47.22 -46.35
C THR RA 44 -14.36 -47.82 -46.61
N VAL RA 45 -14.47 -49.14 -46.43
CA VAL RA 45 -15.69 -49.89 -46.72
C VAL RA 45 -15.97 -50.86 -45.58
N GLN RA 46 -17.17 -50.78 -44.99
CA GLN RA 46 -17.57 -51.73 -43.95
C GLN RA 46 -19.04 -52.08 -44.09
N LEU RA 47 -19.40 -53.26 -43.56
CA LEU RA 47 -20.78 -53.74 -43.53
C LEU RA 47 -21.09 -54.17 -42.10
N ARG RA 48 -21.55 -53.21 -41.30
CA ARG RA 48 -21.85 -53.44 -39.90
C ARG RA 48 -23.08 -54.33 -39.74
N GLN RA 49 -22.89 -55.46 -39.07
CA GLN RA 49 -23.95 -56.39 -38.77
C GLN RA 49 -24.94 -55.76 -37.78
N PRO RA 50 -26.16 -56.27 -37.73
CA PRO RA 50 -27.09 -55.84 -36.70
C PRO RA 50 -26.70 -56.40 -35.34
N SER RA 51 -27.09 -55.68 -34.29
CA SER RA 51 -26.87 -56.14 -32.93
C SER RA 51 -27.74 -57.37 -32.64
N VAL RA 52 -27.60 -57.92 -31.44
CA VAL RA 52 -28.51 -58.98 -31.04
C VAL RA 52 -29.92 -58.45 -30.91
N ASN RA 53 -30.07 -57.18 -30.49
CA ASN RA 53 -31.39 -56.58 -30.36
C ASN RA 53 -31.95 -56.15 -31.71
N GLY RA 54 -31.18 -55.38 -32.49
CA GLY RA 54 -31.66 -54.83 -33.74
C GLY RA 54 -31.65 -55.83 -34.88
N ASN RA 55 -32.05 -55.34 -36.05
CA ASN RA 55 -32.01 -56.12 -37.29
C ASN RA 55 -31.61 -55.26 -38.48
N VAL RA 56 -30.77 -54.26 -38.25
CA VAL RA 56 -30.44 -53.26 -39.28
C VAL RA 56 -28.98 -53.40 -39.67
N TYR RA 57 -28.76 -53.68 -40.96
CA TYR RA 57 -27.43 -53.70 -41.55
C TYR RA 57 -27.07 -52.32 -42.05
N ARG RA 58 -25.83 -51.90 -41.78
CA ARG RA 58 -25.31 -50.59 -42.22
C ARG RA 58 -24.08 -50.80 -43.10
N CYS RA 59 -24.19 -50.44 -44.37
CA CYS RA 59 -23.06 -50.52 -45.29
C CYS RA 59 -22.52 -49.12 -45.53
N LYS RA 60 -21.33 -48.84 -45.00
CA LYS RA 60 -20.73 -47.51 -45.03
C LYS RA 60 -19.49 -47.49 -45.91
N ALA RA 61 -19.38 -46.45 -46.74
CA ALA RA 61 -18.25 -46.31 -47.67
C ALA RA 61 -17.84 -44.85 -47.73
N LYS RA 62 -16.63 -44.54 -47.28
CA LYS RA 62 -16.12 -43.17 -47.20
C LYS RA 62 -14.93 -43.00 -48.13
N LEU RA 63 -15.02 -41.99 -49.00
CA LEU RA 63 -13.95 -41.60 -49.90
C LEU RA 63 -13.40 -40.25 -49.46
N VAL RA 64 -12.07 -40.13 -49.45
CA VAL RA 64 -11.41 -38.92 -48.97
C VAL RA 64 -10.36 -38.51 -49.99
N VAL RA 65 -10.48 -37.28 -50.50
CA VAL RA 65 -9.57 -36.72 -51.48
C VAL RA 65 -8.89 -35.49 -50.88
N PRO RA 66 -7.61 -35.59 -50.54
CA PRO RA 66 -6.89 -34.43 -50.01
C PRO RA 66 -6.30 -33.55 -51.12
N VAL RA 67 -6.10 -32.29 -50.75
CA VAL RA 67 -5.38 -31.31 -51.55
C VAL RA 67 -4.23 -30.82 -50.69
N VAL RA 68 -3.01 -31.02 -51.18
CA VAL RA 68 -1.77 -30.80 -50.43
C VAL RA 68 -0.94 -29.72 -51.11
N GLU RA 69 -0.33 -28.87 -50.31
CA GLU RA 69 0.62 -27.86 -50.75
C GLU RA 69 2.02 -28.25 -50.29
N VAL RA 70 2.96 -28.27 -51.22
CA VAL RA 70 4.35 -28.61 -50.95
C VAL RA 70 5.23 -27.42 -51.30
N VAL RA 71 5.96 -26.93 -50.31
CA VAL RA 71 6.94 -25.87 -50.48
C VAL RA 71 8.23 -26.38 -49.85
N GLY RA 72 9.23 -26.65 -50.68
CA GLY RA 72 10.44 -27.23 -50.15
C GLY RA 72 10.16 -28.57 -49.53
N ASN RA 73 10.56 -28.73 -48.28
CA ASN RA 73 10.28 -29.94 -47.52
C ASN RA 73 9.04 -29.83 -46.66
N VAL RA 74 8.36 -28.68 -46.68
CA VAL RA 74 7.11 -28.52 -45.96
C VAL RA 74 5.98 -29.07 -46.81
N ARG RA 75 5.31 -30.09 -46.31
CA ARG RA 75 4.17 -30.70 -46.98
C ARG RA 75 2.98 -30.59 -46.04
N THR RA 76 1.92 -29.93 -46.49
CA THR RA 76 0.77 -29.68 -45.62
C THR RA 76 -0.53 -29.94 -46.38
N THR RA 77 -1.51 -30.50 -45.69
CA THR RA 77 -2.83 -30.72 -46.30
C THR RA 77 -3.63 -29.42 -46.25
N VAL RA 78 -3.88 -28.82 -47.40
CA VAL RA 78 -4.61 -27.55 -47.42
C VAL RA 78 -6.10 -27.78 -47.23
N ARG RA 79 -6.67 -28.78 -47.91
CA ARG RA 79 -8.10 -29.00 -47.73
C ARG RA 79 -8.42 -30.44 -48.10
N THR RA 80 -9.62 -30.89 -47.75
CA THR RA 80 -10.08 -32.21 -48.16
C THR RA 80 -11.49 -32.12 -48.68
N LEU RA 81 -11.81 -33.02 -49.61
CA LEU RA 81 -13.17 -33.25 -50.07
C LEU RA 81 -13.51 -34.69 -49.71
N THR RA 82 -14.63 -34.90 -49.03
CA THR RA 82 -15.00 -36.25 -48.64
C THR RA 82 -16.42 -36.56 -49.10
N GLU RA 83 -16.67 -37.85 -49.30
CA GLU RA 83 -18.01 -38.31 -49.67
C GLU RA 83 -18.25 -39.62 -48.93
N THR RA 84 -19.38 -39.73 -48.24
CA THR RA 84 -19.68 -40.94 -47.51
C THR RA 84 -21.08 -41.44 -47.86
N THR RA 85 -21.18 -42.75 -48.12
CA THR RA 85 -22.41 -43.39 -48.59
C THR RA 85 -22.80 -44.48 -47.59
N GLU RA 86 -24.01 -44.39 -47.05
CA GLU RA 86 -24.55 -45.38 -46.13
C GLU RA 86 -25.80 -46.02 -46.71
N VAL RA 87 -25.80 -47.35 -46.80
CA VAL RA 87 -26.97 -48.11 -47.22
C VAL RA 87 -27.46 -48.93 -46.04
N LEU RA 88 -28.73 -48.77 -45.68
CA LEU RA 88 -29.34 -49.49 -44.58
C LEU RA 88 -30.37 -50.46 -45.11
N PHE RA 89 -30.27 -51.73 -44.69
CA PHE RA 89 -31.32 -52.68 -45.02
C PHE RA 89 -31.55 -53.64 -43.87
N THR RA 90 -32.77 -54.19 -43.82
CA THR RA 90 -33.23 -55.02 -42.73
C THR RA 90 -32.80 -56.47 -42.91
N GLN RA 91 -32.88 -57.23 -41.81
CA GLN RA 91 -32.43 -58.61 -41.80
C GLN RA 91 -33.29 -59.50 -42.70
N ASP RA 92 -34.57 -59.16 -42.87
CA ASP RA 92 -35.48 -59.95 -43.69
C ASP RA 92 -35.60 -59.43 -45.12
N SER RA 93 -34.69 -58.55 -45.54
CA SER RA 93 -34.78 -57.99 -46.88
C SER RA 93 -34.40 -59.04 -47.92
N LEU RA 94 -34.95 -58.87 -49.13
CA LEU RA 94 -34.69 -59.79 -50.22
C LEU RA 94 -33.50 -59.32 -51.04
N GLY RA 95 -32.69 -60.29 -51.51
CA GLY RA 95 -31.59 -59.94 -52.39
C GLY RA 95 -32.05 -59.15 -53.59
N THR RA 96 -33.24 -59.47 -54.11
CA THR RA 96 -33.85 -58.69 -55.17
C THR RA 96 -34.00 -57.23 -54.77
N GLU RA 97 -34.54 -57.00 -53.58
CA GLU RA 97 -34.77 -55.65 -53.09
C GLU RA 97 -33.46 -54.87 -52.98
N ARG RA 98 -32.46 -55.44 -52.30
CA ARG RA 98 -31.25 -54.65 -52.15
C ARG RA 98 -30.47 -54.55 -53.45
N GLN RA 99 -30.71 -55.43 -54.43
CA GLN RA 99 -30.12 -55.22 -55.74
C GLN RA 99 -30.76 -54.04 -56.46
N ARG RA 100 -32.08 -53.90 -56.35
CA ARG RA 100 -32.72 -52.69 -56.88
C ARG RA 100 -32.14 -51.45 -56.21
N VAL RA 101 -31.92 -51.51 -54.91
CA VAL RA 101 -31.35 -50.35 -54.20
C VAL RA 101 -29.95 -50.04 -54.73
N ALA RA 102 -29.14 -51.07 -54.93
CA ALA RA 102 -27.79 -50.84 -55.45
C ALA RA 102 -27.83 -50.15 -56.81
N ASN RA 103 -28.71 -50.61 -57.70
CA ASN RA 103 -28.79 -50.00 -59.02
C ASN RA 103 -29.33 -48.57 -58.94
N LEU RA 104 -30.29 -48.32 -58.05
CA LEU RA 104 -30.78 -46.95 -57.86
C LEU RA 104 -29.67 -46.04 -57.36
N THR RA 105 -28.84 -46.54 -56.43
CA THR RA 105 -27.72 -45.73 -55.95
C THR RA 105 -26.77 -45.40 -57.10
N LYS RA 106 -26.45 -46.39 -57.92
CA LYS RA 106 -25.59 -46.15 -59.08
C LYS RA 106 -26.21 -45.10 -60.01
N SER RA 107 -27.51 -45.19 -60.26
CA SER RA 107 -28.16 -44.24 -61.16
C SER RA 107 -28.14 -42.83 -60.58
N LEU RA 108 -28.47 -42.69 -59.29
CA LEU RA 108 -28.41 -41.38 -58.65
C LEU RA 108 -27.01 -40.80 -58.75
N ALA RA 109 -26.00 -41.57 -58.35
CA ALA RA 109 -24.64 -41.05 -58.38
C ALA RA 109 -24.20 -40.67 -59.79
N GLY RA 110 -24.78 -41.29 -60.81
CA GLY RA 110 -24.49 -40.85 -62.17
C GLY RA 110 -25.35 -39.71 -62.70
N HIS RA 111 -26.44 -39.37 -62.01
CA HIS RA 111 -27.42 -38.43 -62.54
C HIS RA 111 -26.87 -37.02 -62.66
N ALA RA 112 -27.15 -36.39 -63.81
CA ALA RA 112 -26.54 -35.11 -64.15
C ALA RA 112 -26.87 -34.03 -63.11
N THR RA 113 -28.11 -33.97 -62.62
CA THR RA 113 -28.44 -32.88 -61.69
C THR RA 113 -27.82 -33.13 -60.31
N LEU RA 114 -27.81 -34.39 -59.85
CA LEU RA 114 -27.15 -34.67 -58.58
C LEU RA 114 -25.67 -34.34 -58.65
N MET RA 115 -25.03 -34.66 -59.78
CA MET RA 115 -23.62 -34.31 -59.94
C MET RA 115 -23.43 -32.80 -60.00
N SER RA 116 -24.34 -32.08 -60.69
CA SER RA 116 -24.23 -30.63 -60.78
C SER RA 116 -24.36 -29.97 -59.43
N VAL RA 117 -25.13 -30.56 -58.50
CA VAL RA 117 -25.20 -29.99 -57.16
C VAL RA 117 -23.81 -29.86 -56.55
N VAL RA 118 -22.97 -30.88 -56.71
CA VAL RA 118 -21.65 -30.85 -56.11
C VAL RA 118 -20.68 -30.06 -56.98
N GLN RA 119 -20.73 -30.27 -58.31
CA GLN RA 119 -19.80 -29.59 -59.21
C GLN RA 119 -19.99 -28.08 -59.13
N ASP RA 120 -21.23 -27.61 -59.15
CA ASP RA 120 -21.55 -26.20 -59.19
C ASP RA 120 -21.86 -25.62 -57.81
N ALA RA 121 -21.89 -26.45 -56.77
CA ALA RA 121 -22.12 -26.00 -55.40
C ALA RA 121 -23.35 -25.10 -55.31
N SER RA 122 -24.39 -25.48 -56.04
CA SER RA 122 -25.67 -24.80 -55.91
C SER RA 122 -26.73 -25.86 -55.64
N PRO RA 123 -27.77 -25.51 -54.89
CA PRO RA 123 -28.84 -26.46 -54.61
C PRO RA 123 -29.79 -26.57 -55.79
N ILE RA 124 -30.84 -27.36 -55.58
CA ILE RA 124 -31.88 -27.54 -56.57
C ILE RA 124 -32.92 -26.45 -56.36
N TYR RA 125 -33.18 -25.66 -57.41
CA TYR RA 125 -34.09 -24.52 -57.37
C TYR RA 125 -34.27 -23.97 -58.77
N GLY RA 126 -35.47 -23.48 -59.07
CA GLY RA 126 -35.72 -22.81 -60.33
C GLY RA 126 -36.63 -23.56 -61.28
N PRO SA 1 -46.71 -27.25 -56.83
CA PRO SA 1 -45.98 -26.90 -58.06
C PRO SA 1 -45.04 -25.72 -57.84
N LYS SA 2 -44.25 -25.36 -58.85
CA LYS SA 2 -43.40 -24.18 -58.73
C LYS SA 2 -44.27 -22.95 -58.49
N ILE SA 3 -43.91 -22.16 -57.47
CA ILE SA 3 -44.66 -20.94 -57.19
C ILE SA 3 -44.59 -20.01 -58.39
N ALA SA 4 -45.74 -19.42 -58.73
CA ALA SA 4 -45.83 -18.57 -59.92
C ALA SA 4 -47.02 -17.65 -59.76
N ASN SA 5 -47.23 -16.82 -60.77
CA ASN SA 5 -48.42 -16.00 -60.82
C ASN SA 5 -49.67 -16.87 -60.92
N ILE SA 6 -50.74 -16.41 -60.30
CA ILE SA 6 -52.04 -17.07 -60.38
C ILE SA 6 -53.01 -16.08 -60.99
N VAL SA 7 -53.56 -16.42 -62.15
CA VAL SA 7 -54.48 -15.54 -62.85
C VAL SA 7 -55.89 -16.09 -62.70
N ILE SA 8 -56.74 -15.34 -62.02
CA ILE SA 8 -58.13 -15.73 -61.78
C ILE SA 8 -59.04 -14.61 -62.24
N ASN SA 9 -60.28 -14.99 -62.56
CA ASN SA 9 -61.24 -14.05 -63.14
C ASN SA 9 -62.30 -13.71 -62.10
N ASP SA 10 -62.65 -12.43 -61.99
CA ASP SA 10 -63.65 -11.95 -61.04
C ASP SA 10 -65.01 -11.72 -61.68
N GLY SA 11 -65.28 -12.36 -62.82
CA GLY SA 11 -66.52 -12.18 -63.53
C GLY SA 11 -66.50 -11.08 -64.57
N THR SA 12 -65.59 -10.16 -64.45
CA THR SA 12 -65.51 -9.07 -65.42
C THR SA 12 -64.13 -8.91 -66.04
N LYS SA 13 -63.06 -9.12 -65.26
CA LYS SA 13 -61.70 -8.97 -65.74
C LYS SA 13 -60.83 -10.10 -65.20
N ASP SA 14 -59.61 -10.17 -65.72
CA ASP SA 14 -58.60 -11.09 -65.19
C ASP SA 14 -57.71 -10.37 -64.18
N ILE SA 15 -57.45 -11.04 -63.07
CA ILE SA 15 -56.68 -10.50 -61.96
C ILE SA 15 -55.47 -11.40 -61.78
N THR SA 16 -54.29 -10.77 -61.71
CA THR SA 16 -53.03 -11.49 -61.57
C THR SA 16 -52.52 -11.35 -60.14
N LEU SA 17 -52.31 -12.49 -59.48
CA LEU SA 17 -51.79 -12.53 -58.12
C LEU SA 17 -50.35 -12.97 -58.18
N GLN SA 18 -49.45 -12.09 -57.76
CA GLN SA 18 -48.01 -12.24 -57.74
C GLN SA 18 -47.55 -12.84 -56.41
N PRO SA 19 -46.56 -13.72 -56.49
CA PRO SA 19 -45.99 -14.32 -55.29
C PRO SA 19 -45.39 -13.25 -54.39
N VAL SA 20 -45.52 -13.45 -53.09
CA VAL SA 20 -45.18 -12.39 -52.15
C VAL SA 20 -44.25 -12.90 -51.07
N ASN SA 21 -44.58 -14.03 -50.48
CA ASN SA 21 -43.88 -14.49 -49.29
C ASN SA 21 -44.16 -15.98 -49.13
N ILE SA 22 -43.29 -16.64 -48.38
CA ILE SA 22 -43.51 -18.05 -48.01
C ILE SA 22 -43.13 -18.22 -46.55
N ASP SA 23 -44.11 -18.59 -45.72
CA ASP SA 23 -43.96 -18.70 -44.29
C ASP SA 23 -42.87 -19.68 -43.91
N ARG SA 24 -42.55 -19.69 -42.62
CA ARG SA 24 -41.85 -20.84 -42.06
C ARG SA 24 -42.77 -22.05 -42.01
N GLU SA 25 -44.09 -21.82 -41.94
CA GLU SA 25 -45.06 -22.90 -41.96
C GLU SA 25 -45.38 -23.39 -43.36
N GLY SA 26 -44.86 -22.75 -44.41
CA GLY SA 26 -45.03 -23.23 -45.76
C GLY SA 26 -46.16 -22.58 -46.52
N VAL SA 27 -46.83 -21.58 -45.93
CA VAL SA 27 -47.93 -20.89 -46.59
C VAL SA 27 -47.39 -20.00 -47.69
N ALA SA 28 -47.96 -20.10 -48.88
CA ALA SA 28 -47.60 -19.23 -49.99
C ALA SA 28 -48.57 -18.05 -49.98
N HIS SA 29 -48.03 -16.85 -49.85
CA HIS SA 29 -48.83 -15.64 -49.89
C HIS SA 29 -48.73 -15.00 -51.27
N PHE SA 30 -49.82 -14.39 -51.70
CA PHE SA 30 -49.89 -13.72 -52.99
C PHE SA 30 -50.55 -12.36 -52.79
N ARG SA 31 -50.44 -11.53 -53.82
CA ARG SA 31 -51.06 -10.20 -53.75
C ARG SA 31 -51.37 -9.73 -55.16
N GLU SA 32 -52.38 -8.86 -55.27
CA GLU SA 32 -52.84 -8.41 -56.57
C GLU SA 32 -51.84 -7.45 -57.20
N LYS SA 33 -51.71 -7.55 -58.51
CA LYS SA 33 -50.75 -6.77 -59.28
C LYS SA 33 -51.37 -5.47 -59.75
N ASP SA 34 -50.57 -4.41 -59.76
CA ASP SA 34 -50.97 -3.11 -60.32
C ASP SA 34 -52.10 -2.45 -59.53
N VAL SA 35 -52.14 -2.70 -58.22
CA VAL SA 35 -53.19 -2.18 -57.36
C VAL SA 35 -52.57 -1.79 -56.02
N SER SA 36 -53.18 -0.79 -55.37
CA SER SA 36 -52.70 -0.33 -54.08
C SER SA 36 -52.59 -1.50 -53.11
N ILE SA 37 -51.60 -1.42 -52.22
CA ILE SA 37 -51.38 -2.49 -51.26
C ILE SA 37 -52.64 -2.72 -50.43
N LEU SA 38 -53.24 -1.65 -49.92
CA LEU SA 38 -54.37 -1.82 -49.00
C LEU SA 38 -55.58 -2.43 -49.69
N GLU SA 39 -55.79 -2.14 -50.97
CA GLU SA 39 -57.00 -2.58 -51.66
C GLU SA 39 -56.76 -3.79 -52.56
N ALA SA 40 -55.59 -4.42 -52.46
CA ALA SA 40 -55.27 -5.54 -53.33
C ALA SA 40 -55.81 -6.84 -52.75
N ILE SA 41 -56.43 -7.63 -53.62
CA ILE SA 41 -56.86 -8.98 -53.26
C ILE SA 41 -55.62 -9.79 -52.86
N ARG SA 42 -55.76 -10.65 -51.85
CA ARG SA 42 -54.63 -11.49 -51.50
C ARG SA 42 -55.08 -12.93 -51.21
N LEU SA 43 -54.17 -13.87 -51.45
CA LEU SA 43 -54.48 -15.29 -51.43
C LEU SA 43 -53.36 -16.06 -50.75
N THR SA 44 -53.72 -16.90 -49.79
CA THR SA 44 -52.75 -17.75 -49.10
C THR SA 44 -53.10 -19.22 -49.36
N VAL SA 45 -52.08 -20.04 -49.61
CA VAL SA 45 -52.24 -21.44 -49.99
C VAL SA 45 -51.21 -22.27 -49.23
N GLN SA 46 -51.68 -23.21 -48.40
CA GLN SA 46 -50.78 -24.09 -47.67
C GLN SA 46 -51.30 -25.52 -47.72
N LEU SA 47 -50.40 -26.46 -47.43
CA LEU SA 47 -50.75 -27.88 -47.34
C LEU SA 47 -50.02 -28.50 -46.17
N ARG SA 48 -50.72 -28.63 -45.04
CA ARG SA 48 -50.23 -29.37 -43.89
C ARG SA 48 -50.05 -30.84 -44.22
N GLN SA 49 -48.79 -31.27 -44.23
CA GLN SA 49 -48.43 -32.68 -44.25
C GLN SA 49 -48.99 -33.36 -43.00
N PRO SA 50 -49.16 -34.68 -43.03
CA PRO SA 50 -49.69 -35.37 -41.86
C PRO SA 50 -48.67 -35.43 -40.72
N SER SA 51 -49.19 -35.55 -39.49
CA SER SA 51 -48.34 -35.71 -38.31
C SER SA 51 -47.59 -37.03 -38.36
N VAL SA 52 -46.63 -37.18 -37.45
CA VAL SA 52 -45.99 -38.48 -37.31
C VAL SA 52 -46.96 -39.49 -36.72
N ASN SA 53 -47.86 -39.06 -35.84
CA ASN SA 53 -48.93 -39.88 -35.31
C ASN SA 53 -50.27 -39.66 -36.01
N GLY SA 54 -50.27 -39.00 -37.17
CA GLY SA 54 -51.47 -38.82 -37.95
C GLY SA 54 -51.27 -39.27 -39.39
N ASN SA 55 -52.37 -39.24 -40.15
CA ASN SA 55 -52.29 -39.53 -41.58
C ASN SA 55 -53.19 -38.60 -42.39
N VAL SA 56 -53.45 -37.39 -41.90
CA VAL SA 56 -54.43 -36.50 -42.50
C VAL SA 56 -53.72 -35.29 -43.10
N TYR SA 57 -53.99 -35.02 -44.38
CA TYR SA 57 -53.48 -33.88 -45.12
C TYR SA 57 -54.55 -32.80 -45.17
N ARG SA 58 -54.12 -31.55 -44.92
CA ARG SA 58 -55.03 -30.40 -44.97
C ARG SA 58 -54.50 -29.36 -45.95
N CYS SA 59 -55.23 -29.16 -47.05
CA CYS SA 59 -54.91 -28.12 -48.03
C CYS SA 59 -55.87 -26.95 -47.82
N LYS SA 60 -55.33 -25.82 -47.36
CA LYS SA 60 -56.12 -24.64 -47.02
C LYS SA 60 -55.77 -23.50 -47.97
N ALA SA 61 -56.80 -22.88 -48.54
CA ALA SA 61 -56.64 -21.73 -49.43
C ALA SA 61 -57.62 -20.64 -49.01
N LYS SA 62 -57.08 -19.52 -48.51
CA LYS SA 62 -57.88 -18.39 -48.08
C LYS SA 62 -57.69 -17.23 -49.05
N LEU SA 63 -58.80 -16.69 -49.54
CA LEU SA 63 -58.81 -15.55 -50.44
C LEU SA 63 -59.51 -14.40 -49.73
N VAL SA 64 -58.93 -13.21 -49.81
CA VAL SA 64 -59.46 -12.03 -49.13
C VAL SA 64 -59.60 -10.90 -50.15
N VAL SA 65 -60.79 -10.29 -50.19
CA VAL SA 65 -61.10 -9.16 -51.04
C VAL SA 65 -61.46 -7.98 -50.16
N PRO SA 66 -60.60 -6.97 -50.05
CA PRO SA 66 -60.94 -5.79 -49.27
C PRO SA 66 -61.76 -4.80 -50.10
N VAL SA 67 -62.41 -3.88 -49.41
CA VAL SA 67 -63.08 -2.73 -50.02
C VAL SA 67 -62.59 -1.49 -49.29
N VAL SA 68 -61.78 -0.68 -49.95
CA VAL SA 68 -61.24 0.53 -49.38
C VAL SA 68 -62.07 1.71 -49.87
N GLU SA 69 -62.36 2.64 -48.96
CA GLU SA 69 -63.03 3.88 -49.27
C GLU SA 69 -62.33 5.01 -48.52
N VAL SA 70 -62.53 6.23 -49.00
CA VAL SA 70 -61.86 7.40 -48.46
C VAL SA 70 -62.70 7.98 -47.32
N VAL SA 71 -62.23 7.80 -46.08
CA VAL SA 71 -62.91 8.27 -44.88
C VAL SA 71 -62.07 9.37 -44.26
N GLY SA 72 -62.58 10.61 -44.29
CA GLY SA 72 -61.82 11.73 -43.78
C GLY SA 72 -60.54 11.98 -44.53
N ASN SA 73 -60.57 11.85 -45.86
CA ASN SA 73 -59.40 11.97 -46.72
C ASN SA 73 -58.29 10.99 -46.32
N VAL SA 74 -58.67 9.85 -45.73
CA VAL SA 74 -57.75 8.79 -45.34
C VAL SA 74 -58.33 7.47 -45.83
N ARG SA 75 -57.63 6.83 -46.77
CA ARG SA 75 -58.09 5.56 -47.33
C ARG SA 75 -58.11 4.48 -46.25
N THR SA 76 -59.29 3.94 -45.95
CA THR SA 76 -59.45 2.89 -44.96
C THR SA 76 -60.35 1.80 -45.52
N THR SA 77 -60.16 0.59 -45.00
CA THR SA 77 -60.89 -0.58 -45.45
C THR SA 77 -62.18 -0.72 -44.63
N VAL SA 78 -63.32 -0.46 -45.26
CA VAL SA 78 -64.60 -0.54 -44.56
C VAL SA 78 -64.96 -1.99 -44.26
N ARG SA 79 -64.85 -2.86 -45.26
CA ARG SA 79 -65.28 -4.24 -45.14
C ARG SA 79 -64.44 -5.14 -46.03
N THR SA 80 -64.19 -6.35 -45.55
CA THR SA 80 -63.51 -7.37 -46.31
C THR SA 80 -64.41 -8.58 -46.47
N LEU SA 81 -64.31 -9.21 -47.63
CA LEU SA 81 -65.03 -10.44 -47.93
C LEU SA 81 -64.04 -11.58 -48.05
N THR SA 82 -64.30 -12.68 -47.33
CA THR SA 82 -63.32 -13.75 -47.20
C THR SA 82 -63.91 -15.05 -47.75
N GLU SA 83 -63.03 -15.92 -48.26
CA GLU SA 83 -63.44 -17.24 -48.70
C GLU SA 83 -62.34 -18.25 -48.39
N THR SA 84 -62.71 -19.33 -47.69
CA THR SA 84 -61.78 -20.35 -47.26
C THR SA 84 -62.18 -21.70 -47.83
N THR SA 85 -61.25 -22.36 -48.54
CA THR SA 85 -61.44 -23.71 -49.07
C THR SA 85 -60.47 -24.63 -48.36
N GLU SA 86 -60.99 -25.66 -47.70
CA GLU SA 86 -60.16 -26.68 -47.05
C GLU SA 86 -60.48 -28.04 -47.64
N VAL SA 87 -59.49 -28.64 -48.30
CA VAL SA 87 -59.60 -30.00 -48.81
C VAL SA 87 -58.77 -30.90 -47.90
N LEU SA 88 -59.32 -32.06 -47.58
CA LEU SA 88 -58.78 -32.89 -46.53
C LEU SA 88 -58.80 -34.34 -46.99
N PHE SA 89 -57.62 -34.97 -47.01
CA PHE SA 89 -57.53 -36.35 -47.49
C PHE SA 89 -56.45 -37.11 -46.74
N THR SA 90 -56.54 -38.44 -46.78
CA THR SA 90 -55.71 -39.31 -45.96
C THR SA 90 -54.46 -39.78 -46.72
N GLN SA 91 -53.45 -40.19 -45.94
CA GLN SA 91 -52.15 -40.55 -46.50
C GLN SA 91 -52.23 -41.75 -47.43
N ASP SA 92 -53.16 -42.68 -47.18
CA ASP SA 92 -53.35 -43.84 -48.01
C ASP SA 92 -54.29 -43.59 -49.19
N SER SA 93 -54.58 -42.33 -49.50
CA SER SA 93 -55.54 -42.05 -50.56
C SER SA 93 -54.93 -42.30 -51.93
N LEU SA 94 -55.78 -42.65 -52.88
CA LEU SA 94 -55.36 -42.93 -54.25
C LEU SA 94 -55.45 -41.66 -55.10
N GLY SA 95 -54.54 -41.59 -56.09
CA GLY SA 95 -54.47 -40.41 -56.94
C GLY SA 95 -55.77 -40.13 -57.66
N THR SA 96 -56.42 -41.18 -58.17
CA THR SA 96 -57.72 -41.03 -58.82
C THR SA 96 -58.74 -40.42 -57.87
N GLU SA 97 -58.73 -40.86 -56.61
CA GLU SA 97 -59.67 -40.35 -55.62
C GLU SA 97 -59.49 -38.86 -55.38
N ARG SA 98 -58.25 -38.43 -55.09
CA ARG SA 98 -58.14 -37.00 -54.82
C ARG SA 98 -58.31 -36.17 -56.09
N GLN SA 99 -58.09 -36.75 -57.27
CA GLN SA 99 -58.42 -36.04 -58.50
C GLN SA 99 -59.93 -35.84 -58.64
N ARG SA 100 -60.69 -36.89 -58.32
CA ARG SA 100 -62.15 -36.75 -58.28
C ARG SA 100 -62.57 -35.63 -57.35
N VAL SA 101 -61.96 -35.55 -56.16
CA VAL SA 101 -62.34 -34.51 -55.22
C VAL SA 101 -62.00 -33.13 -55.78
N ALA SA 102 -60.85 -33.00 -56.44
CA ALA SA 102 -60.48 -31.72 -57.03
C ALA SA 102 -61.54 -31.26 -58.04
N ASN SA 103 -61.93 -32.18 -58.94
CA ASN SA 103 -62.90 -31.81 -59.97
C ASN SA 103 -64.28 -31.54 -59.39
N LEU SA 104 -64.66 -32.28 -58.35
CA LEU SA 104 -65.93 -32.00 -57.68
C LEU SA 104 -65.92 -30.62 -57.06
N THR SA 105 -64.80 -30.25 -56.41
CA THR SA 105 -64.67 -28.90 -55.87
C THR SA 105 -64.86 -27.86 -56.95
N LYS SA 106 -64.23 -28.07 -58.11
CA LYS SA 106 -64.37 -27.15 -59.23
C LYS SA 106 -65.84 -27.01 -59.66
N SER SA 107 -66.50 -28.14 -59.93
CA SER SA 107 -67.88 -28.10 -60.41
C SER SA 107 -68.80 -27.49 -59.37
N LEU SA 108 -68.57 -27.81 -58.11
CA LEU SA 108 -69.34 -27.25 -57.01
C LEU SA 108 -69.24 -25.73 -57.01
N ALA SA 109 -68.02 -25.20 -56.97
CA ALA SA 109 -67.84 -23.76 -56.91
C ALA SA 109 -68.29 -23.06 -58.19
N GLY SA 110 -68.44 -23.79 -59.28
CA GLY SA 110 -68.99 -23.18 -60.48
C GLY SA 110 -70.49 -23.35 -60.64
N HIS SA 111 -71.12 -24.14 -59.77
CA HIS SA 111 -72.54 -24.44 -59.94
C HIS SA 111 -73.41 -23.25 -59.64
N ALA SA 112 -74.38 -23.00 -60.54
CA ALA SA 112 -75.14 -21.76 -60.51
C ALA SA 112 -75.91 -21.58 -59.20
N THR SA 113 -76.45 -22.67 -58.64
CA THR SA 113 -77.21 -22.52 -57.40
C THR SA 113 -76.32 -22.12 -56.24
N LEU SA 114 -75.14 -22.73 -56.15
CA LEU SA 114 -74.21 -22.36 -55.09
C LEU SA 114 -73.73 -20.92 -55.24
N MET SA 115 -73.41 -20.51 -56.47
CA MET SA 115 -73.03 -19.11 -56.68
C MET SA 115 -74.16 -18.18 -56.30
N SER SA 116 -75.40 -18.56 -56.60
CA SER SA 116 -76.55 -17.73 -56.28
C SER SA 116 -76.76 -17.63 -54.76
N VAL SA 117 -76.38 -18.67 -54.01
CA VAL SA 117 -76.46 -18.60 -52.55
C VAL SA 117 -75.68 -17.40 -52.01
N VAL SA 118 -74.53 -17.10 -52.61
CA VAL SA 118 -73.73 -15.99 -52.12
C VAL SA 118 -74.12 -14.68 -52.80
N GLN SA 119 -74.37 -14.73 -54.12
CA GLN SA 119 -74.74 -13.52 -54.85
C GLN SA 119 -76.02 -12.90 -54.28
N ASP SA 120 -76.99 -13.73 -53.91
CA ASP SA 120 -78.31 -13.29 -53.46
C ASP SA 120 -78.49 -13.34 -51.96
N ALA SA 121 -77.50 -13.85 -51.21
CA ALA SA 121 -77.56 -13.91 -49.74
C ALA SA 121 -78.82 -14.63 -49.26
N SER SA 122 -79.08 -15.79 -49.85
CA SER SA 122 -80.30 -16.56 -49.60
C SER SA 122 -79.95 -18.02 -49.40
N PRO SA 123 -80.11 -18.58 -48.19
CA PRO SA 123 -79.80 -20.00 -48.01
C PRO SA 123 -80.64 -20.84 -48.94
N ILE SA 124 -80.30 -22.11 -49.05
CA ILE SA 124 -81.21 -23.05 -49.71
C ILE SA 124 -82.32 -23.42 -48.73
N TYR SA 125 -83.56 -23.49 -49.22
CA TYR SA 125 -84.72 -23.52 -48.33
C TYR SA 125 -85.84 -24.40 -48.89
N GLY SA 126 -86.71 -24.81 -47.96
CA GLY SA 126 -87.83 -25.68 -48.22
C GLY SA 126 -88.43 -26.12 -46.89
#